data_9BXU
#
_entry.id   9BXU
#
_cell.length_a   1.00
_cell.length_b   1.00
_cell.length_c   1.00
_cell.angle_alpha   90.00
_cell.angle_beta   90.00
_cell.angle_gamma   90.00
#
_symmetry.space_group_name_H-M   'P 1'
#
loop_
_entity.id
_entity.type
_entity.pdbx_description
1 polymer 'ATP synthase protein 8'
2 polymer 'ATP synthase subunit beta'
3 polymer 'ATP synthase subunit gamma'
4 polymer 'ATP synthase F1 subunit delta'
5 polymer 'ATP synthase F1 subunit epsilon'
6 polymer 'ATPase inhibitor, mitochondrial'
7 polymer 'ATP synthase lipid-binding protein'
8 polymer 'ATP synthase subunit O, mitochondrial'
9 polymer 'ATP synthase subunit'
10 polymer 'ATP synthase subunit e, mitochondrial'
11 polymer 'ATP synthase subunit b'
12 polymer 'ATP synthase subunit f, mitochondrial'
13 polymer 'ATP synthase subunit a'
14 polymer 'ATP synthase-coupling factor 6, mitochondrial'
15 polymer 'ATP synthase subunit d, mitochondrial'
16 polymer 'ATP synthase membrane subunit K, mitochondrial'
17 polymer 'unknow peptide'
18 polymer 'ATP synthase subunit alpha'
19 non-polymer "ADENOSINE-5'-DIPHOSPHATE"
20 non-polymer 'MAGNESIUM ION'
21 non-polymer "ADENOSINE-5'-TRIPHOSPHATE"
#
loop_
_entity_poly.entity_id
_entity_poly.type
_entity_poly.pdbx_seq_one_letter_code
_entity_poly.pdbx_strand_id
1 'polypeptide(L)' MPQLDTSTWFITITSMIMTLFILFQLKISNYSYPASPESIELKTQKHSTPWEMKWTKIYLPLLLPPR 8
2 'polypeptide(L)'
;MLRVISSKMIQRTCLLQSRPRPQLRGVGGQTAAALSLYPGSAMLGFVGRVASASASGALRGLSPSAPLPQAQLLLRAAPA
ALQPARDYATQPSPSPKAGAATGRIVAVIGAVVDVQFDEGLPPILNALEVQGRETRLVLEVAQHLGESTVRTIAMDGTEG
LVRGQKVLDSGAPIKIPVGPETLGRIMNVIGEPIDERGPIKTKQFAAIHAEAPEFMEMSVEQEILVTGIKVVDLLAPYAK
GGKIGLFGGAGVGKTVLIMELINNVAKAHGGYSVFAGVGERTREGNDLYHEMIESGVINLKDATSKVALVYGQMNEPPGA
RARVALTGLTVAEYFRDQEGQDVLLFIDNIFRFTQAGSEVSALLGRIPSAVGYQPTLATDMGTMQERITTTKKGSITSVQ
AIYVPADDLTDPAPATTFAHLDATTVLSRAIAELGIYPAVDPLDSTSRIMDPNIVGSEHYDVARGVQKILQDYKSLQDII
AILGMDELSEEDKLTVSRARKIQRFLSQPFQVAEVFTGHLGKLVPLKETIKGFQQILAGEYDHLPEQAFYMVGPIEEAVA
KADKLAEEHS
;
D,E,F
3 'polypeptide(L)'
;MATLKDITRRLKSIKNIQKITKSMKMVAAAKYARAERDLKPARVYGIGSLALYEKADIKVPEDKKKHLIIGVSSDRGLCG
AIHSSVAKQIKSEVANLTAAGKEVKIVGVGDKIRGILHRTHSDQFLVTFKEVGRKPPTFGDASVIALELLNSGYEFDEGS
IIFNRFRSVISYKTEEKPIFSLDTVASAESMSIYDDIDADVLRNYQEYSLANIIYYSLKESTTSEQSARMTAMDNASKNA
SEMIDKLTLTFNRTRQAVITKELIEIISGAAAL
;
G
4 'polypeptide(L)'
;MLPATLLRRSGLGRVVRQARAYAEAAAAPASAAGPGQMSFTFASPTQVFFNGANVRQVDVPTQTGAFGILASHVPTLQVL
RPGLVVVHAEDGTTSKYFVSSGSVTVNADSSVQLLAEEAVTLDMLDPGVAKANLEKAQSELLGAADEASRAEIQIRIEAN
EALVKALE
;
H
5 'polypeptide(L)'
;FPFNNCREQTNSLNCLGLQAAPRWTGAEGLRPLLPGLSLGTHPGLSRTSAACHGVGSPRPSWAARSEPTLTGPRDSTRRA
HSSDIMVAYWRQAGLSYIRYSQICAKAVRDALKAEFKANAEKTSGSNVKIVKVKKE
;
I
6 'polypeptide(L)'
;MAATALAVRSRIGAWSVWAMQSRGFSSDTPEGVRSGAGAVRDAGGAFGKKEQADEERYFRARAREQLAALKKHHENEISH
HVKEIERLQKEIERHKQSIKKLKNDDDD
;
J
7 'polypeptide(L)'
;MFACTKLACTPALIRAGSRVAYRPISASVLSRPEARPGEGSTVFNGAQNGVSQPIQREFQTSAVSRDIDTAAKFIGAGAA
TVGVAGSGAGIGTVFGSLIIGYARNPSLKQQLFSYAILGFALSEAMGLFCLMVAFLILFAM
;
K,L,M,N,O,P,Q,R
8 'polypeptide(L)'
;MASQAVSGLSRQVRCFSTSVVRPFAKLVRPPVQIYGIEGRYATALYSAASKQNKLEQVEKELLRVAQILKEPKVAASIMN
PYVKRSIKVKSLSDMTAKEKFSPLTSNLINLLAENGRLSSTPGVISAFSTMMSVHRGEVPCSVTTASPLDEATLTELKTV
LKSFLSKGQILKLEVKVDPSIMGGMIVRIGEKYVDMSAKTKIQKLSRAMREIF
;
S
9 'polypeptide(L)'
;MAQFVRNLAEKAPVLVNAAVTYSKPRLATFWHYAKVELVPPTPAEIPTAIQSLKKIVNSAQTGSFKQLTVKEALLNGLVA
TEVLMWFYVGEIIARAQHGIPTI
;
T
10 'polypeptide(L)' MVPPVQVSPLIKLGRYSALFLGVAYGAKRYNYLKPRAEEERRIAAEEKKKQDELKRIERELAEAQEDSILK U
11 'polypeptide(L)'
;ICIIATYRVLQATRIFHTGQPSLAPVPPLPEHGGKVRLGLIPEEFFQFLYPKTGVTGPYVLGTGLILYLLSKEIYVITAE
TFSAISTIGVLVYIVKKYGASIGAFADKLNEQKIAQLEEVKQASIKQIQDAIDLEKSQQALVQKRHYLFDVQRNNIAMAL
EVTYRERLHRVYKEIKNRLDYHISVQNMMRQKEQEHMIRWVEKHVVQSISAQQEKETIAKCIADLKLLAKKAQAQPVL
;
V
12 'polypeptide(L)'
;MASVVPLKDRRLLEVKLGELPSWILMRDFTPSGIAGAFQRGYYRYYNKYVNVKKGSVAGLSMVLAAYVVFNYCRSYKELK
HERLRKYH
;
W
13 'polypeptide(L)'
;MNENLFASFIAPTMMGLPIVTLIIMFPSLLFPTPKRLINNRTISIQQWLIQLTSKQMMAIHNQKGQTWSLMLMSLIMFIG
STNILGLLPHSFTPTTQLSMNLGMAIPLWSATVFTGFRYKTKTSLAHFLPQGTPALLIPMLVIIETISLFIQPVALAVRL
TANITAGHLLIHLIGGATLALLNINTMTAFITFTILILLTILEFAVALIQAYVFTLLVSLYLHDNT
;
a
14 'polypeptide(L)' NKELDPVQKLFVDKIREYRTKRQTSGGPVDAGPEYQQDLDRELFKLKQMYGKADMNTFPNFTFEDPKFEAVEKPQS c
15 'polypeptide(L)'
;FHDLKMAGRKLALKAIDWVAFGEIIPRNQKAIANSLKSWNETLSTRLAALPEKPPAIDWAYYKATVAKAGLVDDFEKKFN
ALKVPVPEDKYTALVDAEEQEDVKRCAEFLSLSKARIEAYEKELEKMKNIIPFDQMTIEDLNEVFPETKLDKKKYPYWPH
RPIESL
;
d
16 'polypeptide(L)' MAGPETDAQFQFTGIKKYFNSYTLTGRMNCVLATYGGIALLVLYFKLRSKKTPAVKAT i
17 'polypeptide(L)'
;(UNK)(UNK)(UNK)(UNK)(UNK)(UNK)(UNK)(UNK)(UNK)(UNK)(UNK)(UNK)(UNK)(UNK)(UNK)(UNK)
(UNK)(UNK)(UNK)(UNK)(UNK)(UNK)(UNK)(UNK)(UNK)(UNK)(UNK)(UNK)(UNK)
;
k
18 'polypeptide(L)'
;MISGPLKIMTADLLKGMVSKNALGSSFVAARNLHASNTRLQKTGTAEVSSILEERILGADTSVDLEETGRVLSIGDGIAR
VHGLRNVQAEEMVEFSSGLKGMSLNLEPDNVGVVVFGNDKLIKEGDIVKRTGAIVDVPVGEELLGRVVDALGNAIDGKGP
IGSKTRRRVGLKAPGIIPRISVREPMQTGIKAVDSLVPIGRGQRELIIGDRQTGKTSIAIDTIINQKRFNDGTDEKKKLY
CIYVAIGQKRSTVAQLVKRLTDADAMKYTIVVSATASDAAPLQYLAPYSGCSMGEYFRDNGKHALIIYDDLSKQAVAYRQ
MSLLLRRPPGREAYPGDVFYLHSRLLERAAKMNDAFGGGSLTALPVIETQAGDVSAYIPTNVISITDGQIFLETELFYKG
IRPAINVGLSVSRVGSAAQTRAMKQVAGTMKLELAQYREVAAFAQFGSDLDAATQQLLSRGVRLTELLKQGQYAPMAIEE
QVAVIYAGVRGYLDKLEPSKITKFENAFLSHVISQHQALLGKIRADGKISEETDAKLKEIVTNFLAGFEA
;
A,C,B
#
loop_
_chem_comp.id
_chem_comp.type
_chem_comp.name
_chem_comp.formula
ADP non-polymer ADENOSINE-5'-DIPHOSPHATE 'C10 H15 N5 O10 P2'
ATP non-polymer ADENOSINE-5'-TRIPHOSPHATE 'C10 H16 N5 O13 P3'
MG non-polymer 'MAGNESIUM ION' 'Mg 2'
#
# COMPACT_ATOMS: atom_id res chain seq x y z
N GLN A 3 -100.91 42.01 12.88
CA GLN A 3 -101.45 40.66 12.67
C GLN A 3 -100.81 39.67 13.62
N LEU A 4 -99.49 39.73 13.74
CA LEU A 4 -98.75 38.82 14.61
C LEU A 4 -98.92 39.16 16.08
N ASP A 5 -99.49 40.31 16.41
CA ASP A 5 -99.67 40.75 17.80
C ASP A 5 -101.17 40.84 18.07
N THR A 6 -101.74 39.73 18.57
CA THR A 6 -103.15 39.67 18.93
C THR A 6 -103.37 39.27 20.37
N SER A 7 -102.32 39.26 21.19
CA SER A 7 -102.42 39.04 22.64
C SER A 7 -103.13 37.72 22.97
N THR A 8 -102.75 36.65 22.27
CA THR A 8 -103.19 35.29 22.57
C THR A 8 -101.98 34.35 22.65
N TRP A 9 -100.99 34.75 23.43
CA TRP A 9 -99.65 34.15 23.39
C TRP A 9 -99.44 33.03 24.41
N PHE A 10 -100.46 32.69 25.20
CA PHE A 10 -100.27 31.72 26.29
C PHE A 10 -100.10 30.30 25.76
N ILE A 11 -100.96 29.89 24.81
CA ILE A 11 -101.00 28.51 24.37
C ILE A 11 -99.72 28.14 23.63
N THR A 12 -99.26 29.01 22.73
CA THR A 12 -98.08 28.70 21.93
C THR A 12 -96.85 28.53 22.82
N ILE A 13 -96.68 29.43 23.79
CA ILE A 13 -95.53 29.31 24.69
C ILE A 13 -95.60 28.02 25.48
N THR A 14 -96.78 27.69 26.00
CA THR A 14 -96.88 26.46 26.79
C THR A 14 -96.57 25.23 25.95
N SER A 15 -97.11 25.16 24.73
CA SER A 15 -96.89 23.98 23.90
C SER A 15 -95.45 23.89 23.44
N MET A 16 -94.83 25.02 23.11
CA MET A 16 -93.42 24.99 22.71
C MET A 16 -92.54 24.51 23.86
N ILE A 17 -92.78 25.02 25.07
CA ILE A 17 -91.97 24.58 26.21
C ILE A 17 -92.13 23.08 26.39
N MET A 18 -93.38 22.59 26.33
CA MET A 18 -93.62 21.16 26.53
C MET A 18 -92.86 20.34 25.49
N THR A 19 -93.04 20.66 24.20
CA THR A 19 -92.43 19.82 23.17
C THR A 19 -90.91 19.88 23.24
N LEU A 20 -90.35 21.08 23.33
CA LEU A 20 -88.90 21.21 23.30
C LEU A 20 -88.25 20.56 24.50
N PHE A 21 -88.82 20.72 25.69
CA PHE A 21 -88.16 20.23 26.89
C PHE A 21 -88.57 18.83 27.27
N ILE A 22 -89.47 18.18 26.53
CA ILE A 22 -89.74 16.78 26.83
C ILE A 22 -89.45 15.89 25.62
N LEU A 23 -90.15 16.15 24.51
CA LEU A 23 -90.17 15.17 23.43
C LEU A 23 -88.81 15.00 22.77
N PHE A 24 -88.19 16.11 22.36
CA PHE A 24 -86.98 16.00 21.54
C PHE A 24 -85.79 15.50 22.35
N GLN A 25 -85.64 15.95 23.60
CA GLN A 25 -84.53 15.49 24.42
C GLN A 25 -84.61 14.00 24.68
N LEU A 26 -85.81 13.49 24.93
CA LEU A 26 -85.97 12.06 25.24
C LEU A 26 -85.64 11.20 24.03
N LYS A 27 -86.10 11.60 22.84
CA LYS A 27 -85.79 10.83 21.64
C LYS A 27 -84.32 10.95 21.26
N ILE A 28 -83.73 12.12 21.45
CA ILE A 28 -82.33 12.32 21.08
C ILE A 28 -81.37 11.68 22.07
N SER A 29 -81.82 11.41 23.30
CA SER A 29 -80.94 10.79 24.29
C SER A 29 -80.58 9.36 23.92
N ASN A 30 -81.48 8.64 23.23
CA ASN A 30 -81.25 7.25 22.86
C ASN A 30 -80.42 7.15 21.58
N TYR A 31 -79.19 7.63 21.66
CA TYR A 31 -78.26 7.60 20.54
C TYR A 31 -76.90 7.12 21.02
N SER A 32 -76.12 6.60 20.07
CA SER A 32 -74.78 6.09 20.35
C SER A 32 -73.79 6.77 19.42
N TYR A 33 -72.54 6.80 19.86
CA TYR A 33 -71.48 7.41 19.06
C TYR A 33 -70.13 6.77 19.37
N ALA B 100 50.38 -54.99 -29.60
CA ALA B 100 51.51 -55.90 -29.65
C ALA B 100 52.60 -55.49 -28.66
N ALA B 101 52.23 -54.65 -27.70
CA ALA B 101 53.15 -54.17 -26.69
C ALA B 101 52.60 -54.47 -25.30
N THR B 102 53.50 -54.49 -24.32
CA THR B 102 53.15 -54.80 -22.94
C THR B 102 53.81 -53.79 -22.02
N GLY B 103 53.07 -53.35 -21.00
CA GLY B 103 53.55 -52.35 -20.07
C GLY B 103 53.28 -52.75 -18.63
N ARG B 104 53.63 -51.83 -17.73
CA ARG B 104 53.45 -52.04 -16.30
C ARG B 104 52.91 -50.78 -15.65
N ILE B 105 52.05 -50.96 -14.65
CA ILE B 105 51.49 -49.84 -13.90
C ILE B 105 52.51 -49.34 -12.89
N VAL B 106 52.69 -48.02 -12.83
CA VAL B 106 53.72 -47.44 -11.97
C VAL B 106 53.16 -46.40 -11.01
N ALA B 107 51.89 -46.01 -11.19
CA ALA B 107 51.30 -45.00 -10.33
C ALA B 107 49.79 -45.01 -10.47
N VAL B 108 49.09 -44.91 -9.34
CA VAL B 108 47.63 -44.88 -9.30
C VAL B 108 47.22 -43.77 -8.34
N ILE B 109 46.72 -42.67 -8.89
CA ILE B 109 46.25 -41.54 -8.09
C ILE B 109 44.83 -41.22 -8.54
N GLY B 110 43.86 -41.40 -7.66
CA GLY B 110 42.49 -41.06 -7.99
C GLY B 110 41.99 -41.91 -9.15
N ALA B 111 41.65 -41.25 -10.25
CA ALA B 111 41.18 -41.92 -11.46
C ALA B 111 42.15 -41.75 -12.62
N VAL B 112 43.42 -41.47 -12.34
CA VAL B 112 44.44 -41.27 -13.35
C VAL B 112 45.56 -42.27 -13.10
N VAL B 113 45.97 -42.98 -14.15
CA VAL B 113 46.95 -44.06 -14.04
C VAL B 113 48.07 -43.80 -15.03
N ASP B 114 49.28 -44.23 -14.66
CA ASP B 114 50.47 -44.07 -15.50
C ASP B 114 51.06 -45.44 -15.81
N VAL B 115 51.40 -45.65 -17.09
CA VAL B 115 51.90 -46.94 -17.58
C VAL B 115 53.21 -46.71 -18.30
N GLN B 116 54.14 -47.65 -18.13
CA GLN B 116 55.46 -47.57 -18.75
C GLN B 116 55.64 -48.72 -19.73
N PHE B 117 56.08 -48.40 -20.94
CA PHE B 117 56.25 -49.38 -22.01
C PHE B 117 57.73 -49.56 -22.34
N ASP B 118 58.12 -50.81 -22.59
CA ASP B 118 59.51 -51.15 -22.87
C ASP B 118 59.78 -51.49 -24.32
N GLU B 119 58.76 -51.79 -25.12
CA GLU B 119 58.96 -52.23 -26.49
C GLU B 119 58.44 -51.21 -27.51
N GLY B 120 57.17 -50.83 -27.40
CA GLY B 120 56.59 -49.87 -28.32
C GLY B 120 55.73 -48.87 -27.59
N LEU B 121 55.55 -47.71 -28.21
CA LEU B 121 54.79 -46.63 -27.61
C LEU B 121 53.47 -46.46 -28.35
N PRO B 122 52.33 -46.70 -27.71
CA PRO B 122 51.06 -46.54 -28.41
C PRO B 122 50.77 -45.08 -28.68
N PRO B 123 50.07 -44.77 -29.77
CA PRO B 123 49.71 -43.38 -30.06
C PRO B 123 48.61 -42.90 -29.13
N ILE B 124 48.42 -41.57 -29.14
CA ILE B 124 47.34 -40.96 -28.37
C ILE B 124 45.99 -41.42 -28.92
N LEU B 125 45.01 -41.51 -28.02
CA LEU B 125 43.66 -41.99 -28.33
C LEU B 125 43.71 -43.47 -28.75
N ASN B 126 44.25 -44.29 -27.86
CA ASN B 126 44.29 -45.73 -28.03
C ASN B 126 43.73 -46.40 -26.79
N ALA B 127 43.25 -47.63 -26.95
CA ALA B 127 42.62 -48.38 -25.88
C ALA B 127 43.58 -49.42 -25.33
N LEU B 128 43.66 -49.51 -24.01
CA LEU B 128 44.50 -50.49 -23.32
C LEU B 128 43.63 -51.34 -22.41
N GLU B 129 44.06 -52.57 -22.17
CA GLU B 129 43.30 -53.52 -21.36
C GLU B 129 44.19 -54.05 -20.25
N VAL B 130 43.66 -54.04 -19.03
CA VAL B 130 44.40 -54.50 -17.86
C VAL B 130 44.21 -56.00 -17.72
N GLN B 131 45.26 -56.69 -17.30
CA GLN B 131 45.27 -58.14 -17.19
C GLN B 131 45.13 -58.57 -15.74
N GLY B 132 44.26 -59.54 -15.48
CA GLY B 132 44.14 -60.14 -14.18
C GLY B 132 42.91 -59.77 -13.37
N ARG B 133 41.90 -59.15 -13.98
CA ARG B 133 40.69 -58.78 -13.28
C ARG B 133 39.53 -59.64 -13.73
N GLU B 134 38.56 -59.83 -12.83
CA GLU B 134 37.40 -60.64 -13.16
C GLU B 134 36.49 -59.95 -14.17
N THR B 135 36.40 -58.63 -14.11
CA THR B 135 35.65 -57.85 -15.08
C THR B 135 36.62 -57.22 -16.08
N ARG B 136 36.10 -56.36 -16.95
CA ARG B 136 36.89 -55.76 -18.02
C ARG B 136 37.15 -54.30 -17.68
N LEU B 137 38.44 -53.93 -17.62
CA LEU B 137 38.86 -52.56 -17.33
C LEU B 137 39.62 -52.03 -18.53
N VAL B 138 39.29 -50.81 -18.96
CA VAL B 138 39.83 -50.23 -20.18
C VAL B 138 40.42 -48.86 -19.86
N LEU B 139 41.61 -48.60 -20.38
CA LEU B 139 42.31 -47.34 -20.19
C LEU B 139 42.49 -46.63 -21.54
N GLU B 140 42.51 -45.31 -21.50
CA GLU B 140 42.63 -44.50 -22.70
C GLU B 140 43.80 -43.52 -22.53
N VAL B 141 44.65 -43.44 -23.55
CA VAL B 141 45.87 -42.64 -23.49
C VAL B 141 45.54 -41.17 -23.68
N ALA B 142 46.23 -40.31 -22.93
CA ALA B 142 46.03 -38.86 -23.01
C ALA B 142 47.29 -38.12 -23.40
N GLN B 143 48.43 -38.41 -22.76
CA GLN B 143 49.64 -37.62 -22.95
C GLN B 143 50.86 -38.54 -23.00
N HIS B 144 51.93 -38.03 -23.61
CA HIS B 144 53.26 -38.64 -23.57
C HIS B 144 54.14 -37.82 -22.64
N LEU B 145 54.62 -38.44 -21.57
CA LEU B 145 55.41 -37.74 -20.57
C LEU B 145 56.91 -37.85 -20.81
N GLY B 146 57.34 -38.57 -21.83
CA GLY B 146 58.74 -38.80 -22.06
C GLY B 146 59.28 -39.95 -21.22
N GLU B 147 60.44 -40.45 -21.63
CA GLU B 147 61.10 -41.56 -20.96
C GLU B 147 60.21 -42.81 -20.93
N SER B 148 59.49 -43.03 -22.04
CA SER B 148 58.65 -44.21 -22.22
C SER B 148 57.58 -44.32 -21.13
N THR B 149 56.71 -43.32 -21.08
CA THR B 149 55.63 -43.29 -20.10
C THR B 149 54.44 -42.57 -20.71
N VAL B 150 53.25 -42.98 -20.32
CA VAL B 150 52.00 -42.35 -20.74
C VAL B 150 51.13 -42.12 -19.51
N ARG B 151 50.19 -41.19 -19.64
CA ARG B 151 49.22 -40.89 -18.61
C ARG B 151 47.83 -41.15 -19.15
N THR B 152 47.05 -41.96 -18.42
CA THR B 152 45.79 -42.49 -18.92
C THR B 152 44.64 -42.14 -17.99
N ILE B 153 43.42 -42.41 -18.47
CA ILE B 153 42.19 -42.15 -17.74
C ILE B 153 41.36 -43.42 -17.73
N ALA B 154 40.84 -43.80 -16.56
CA ALA B 154 40.14 -45.06 -16.39
C ALA B 154 38.65 -44.90 -16.72
N MET B 155 38.05 -46.00 -17.18
CA MET B 155 36.64 -46.04 -17.53
C MET B 155 35.80 -46.79 -16.50
N ASP B 156 36.35 -47.07 -15.33
CA ASP B 156 35.62 -47.77 -14.28
C ASP B 156 36.41 -47.58 -12.97
N GLY B 157 36.01 -48.31 -11.94
CA GLY B 157 36.69 -48.20 -10.66
C GLY B 157 38.13 -48.69 -10.72
N THR B 158 38.99 -48.08 -9.90
CA THR B 158 40.41 -48.37 -9.90
C THR B 158 40.88 -49.06 -8.61
N GLU B 159 39.97 -49.42 -7.72
CA GLU B 159 40.37 -50.12 -6.50
C GLU B 159 40.87 -51.53 -6.83
N GLY B 160 41.84 -51.98 -6.05
CA GLY B 160 42.43 -53.29 -6.25
C GLY B 160 43.62 -53.34 -7.19
N LEU B 161 43.99 -52.21 -7.80
CA LEU B 161 45.15 -52.20 -8.67
C LEU B 161 46.45 -52.27 -7.87
N VAL B 162 47.45 -52.92 -8.46
CA VAL B 162 48.74 -53.13 -7.83
C VAL B 162 49.84 -52.65 -8.77
N ARG B 163 50.81 -51.92 -8.22
CA ARG B 163 51.94 -51.48 -9.01
C ARG B 163 52.69 -52.68 -9.59
N GLY B 164 53.04 -52.60 -10.86
CA GLY B 164 53.71 -53.69 -11.55
C GLY B 164 52.80 -54.64 -12.29
N GLN B 165 51.51 -54.35 -12.36
CA GLN B 165 50.56 -55.24 -13.02
C GLN B 165 50.63 -55.06 -14.54
N LYS B 166 50.50 -56.16 -15.26
CA LYS B 166 50.67 -56.14 -16.71
C LYS B 166 49.48 -55.51 -17.40
N VAL B 167 49.75 -54.80 -18.49
CA VAL B 167 48.73 -54.14 -19.30
C VAL B 167 49.01 -54.43 -20.77
N LEU B 168 47.97 -54.68 -21.55
CA LEU B 168 48.09 -55.00 -22.96
C LEU B 168 47.62 -53.83 -23.80
N ASP B 169 48.04 -53.85 -25.07
CA ASP B 169 47.70 -52.81 -26.03
C ASP B 169 46.84 -53.41 -27.14
N SER B 170 45.71 -52.77 -27.43
CA SER B 170 44.79 -53.26 -28.45
C SER B 170 45.17 -52.78 -29.85
N GLY B 171 45.69 -51.56 -29.97
CA GLY B 171 46.17 -51.06 -31.24
C GLY B 171 45.21 -50.17 -32.01
N ALA B 172 44.10 -49.77 -31.41
CA ALA B 172 43.11 -48.94 -32.09
C ALA B 172 42.25 -48.26 -31.04
N PRO B 173 41.56 -47.17 -31.40
CA PRO B 173 40.63 -46.54 -30.44
C PRO B 173 39.47 -47.46 -30.07
N ILE B 174 38.61 -46.98 -29.17
CA ILE B 174 37.48 -47.81 -28.73
C ILE B 174 36.58 -48.11 -29.92
N LYS B 175 36.21 -49.39 -30.06
CA LYS B 175 35.34 -49.84 -31.13
C LYS B 175 34.09 -50.46 -30.55
N ILE B 176 32.94 -50.17 -31.17
CA ILE B 176 31.64 -50.63 -30.69
C ILE B 176 30.87 -51.28 -31.83
N PRO B 177 29.94 -52.19 -31.55
CA PRO B 177 29.12 -52.74 -32.62
C PRO B 177 28.16 -51.69 -33.17
N VAL B 178 27.82 -51.85 -34.45
CA VAL B 178 26.90 -50.94 -35.12
C VAL B 178 26.20 -51.69 -36.24
N GLY B 179 24.99 -51.25 -36.58
CA GLY B 179 24.20 -51.88 -37.60
C GLY B 179 22.72 -51.88 -37.26
N PRO B 180 21.94 -52.67 -37.98
CA PRO B 180 20.50 -52.78 -37.68
C PRO B 180 20.14 -53.78 -36.59
N GLU B 181 21.11 -54.49 -36.02
CA GLU B 181 20.84 -55.44 -34.96
C GLU B 181 20.91 -54.83 -33.57
N THR B 182 21.11 -53.51 -33.46
CA THR B 182 21.17 -52.83 -32.18
C THR B 182 19.90 -52.06 -31.88
N LEU B 183 18.81 -52.36 -32.58
CA LEU B 183 17.53 -51.72 -32.33
C LEU B 183 16.77 -52.48 -31.25
N GLY B 184 16.35 -51.76 -30.21
CA GLY B 184 15.69 -52.40 -29.09
C GLY B 184 16.62 -53.03 -28.07
N ARG B 185 17.85 -52.57 -27.99
CA ARG B 185 18.83 -53.10 -27.04
C ARG B 185 19.48 -51.95 -26.30
N ILE B 186 19.90 -52.23 -25.06
CA ILE B 186 20.62 -51.27 -24.22
C ILE B 186 22.08 -51.69 -24.19
N MET B 187 22.97 -50.72 -24.40
CA MET B 187 24.40 -51.00 -24.44
C MET B 187 25.15 -50.01 -23.56
N ASN B 188 26.44 -50.24 -23.41
CA ASN B 188 27.30 -49.59 -22.43
C ASN B 188 28.06 -48.44 -23.09
N VAL B 189 28.99 -47.85 -22.33
CA VAL B 189 29.87 -46.85 -22.91
C VAL B 189 30.82 -47.48 -23.92
N ILE B 190 31.28 -48.71 -23.64
CA ILE B 190 32.21 -49.41 -24.51
C ILE B 190 31.51 -50.49 -25.32
N GLY B 191 30.19 -50.45 -25.40
CA GLY B 191 29.46 -51.38 -26.23
C GLY B 191 29.30 -52.77 -25.67
N GLU B 192 28.59 -52.89 -24.55
CA GLU B 192 28.31 -54.18 -23.94
C GLU B 192 26.84 -54.19 -23.53
N PRO B 193 26.10 -55.26 -23.81
CA PRO B 193 24.68 -55.29 -23.42
C PRO B 193 24.53 -55.26 -21.91
N ILE B 194 23.50 -54.54 -21.45
CA ILE B 194 23.20 -54.47 -20.03
C ILE B 194 21.72 -54.76 -19.79
N ASP B 195 21.09 -55.47 -20.72
CA ASP B 195 19.68 -55.82 -20.59
C ASP B 195 19.46 -57.31 -20.41
N GLU B 196 20.52 -58.11 -20.32
CA GLU B 196 20.45 -59.55 -20.01
C GLU B 196 19.62 -60.29 -21.05
N ARG B 197 20.07 -60.19 -22.31
CA ARG B 197 19.40 -60.91 -23.40
C ARG B 197 20.37 -61.55 -24.37
N GLY B 198 21.66 -61.66 -24.02
CA GLY B 198 22.63 -62.27 -24.90
C GLY B 198 23.45 -61.26 -25.67
N PRO B 199 24.46 -61.73 -26.41
CA PRO B 199 25.35 -60.82 -27.10
C PRO B 199 24.70 -60.18 -28.32
N ILE B 200 25.27 -59.06 -28.74
CA ILE B 200 24.81 -58.33 -29.92
C ILE B 200 25.60 -58.85 -31.11
N LYS B 201 24.92 -59.51 -32.04
CA LYS B 201 25.56 -60.16 -33.18
C LYS B 201 25.38 -59.31 -34.42
N THR B 202 26.41 -58.52 -34.75
CA THR B 202 26.46 -57.71 -35.95
C THR B 202 27.64 -58.16 -36.80
N LYS B 203 27.94 -57.40 -37.84
CA LYS B 203 29.04 -57.70 -38.74
C LYS B 203 30.04 -56.56 -38.89
N GLN B 204 29.79 -55.41 -38.28
CA GLN B 204 30.60 -54.23 -38.48
C GLN B 204 30.95 -53.60 -37.14
N PHE B 205 32.02 -52.80 -37.14
CA PHE B 205 32.46 -52.07 -35.97
C PHE B 205 32.92 -50.68 -36.39
N ALA B 206 32.88 -49.74 -35.45
CA ALA B 206 33.22 -48.36 -35.73
C ALA B 206 34.05 -47.79 -34.59
N ALA B 207 34.85 -46.78 -34.91
CA ALA B 207 35.66 -46.08 -33.92
C ALA B 207 34.98 -44.78 -33.53
N ILE B 208 34.97 -44.49 -32.22
CA ILE B 208 34.20 -43.37 -31.71
C ILE B 208 34.87 -42.03 -31.91
N HIS B 209 36.09 -42.00 -32.41
CA HIS B 209 36.82 -40.76 -32.66
C HIS B 209 36.96 -40.56 -34.17
N ALA B 210 36.21 -39.61 -34.71
CA ALA B 210 36.26 -39.31 -36.13
C ALA B 210 36.50 -37.81 -36.34
N GLU B 211 36.35 -37.32 -37.56
CA GLU B 211 36.53 -35.92 -37.87
C GLU B 211 35.29 -35.37 -38.57
N ALA B 212 35.11 -34.06 -38.45
CA ALA B 212 33.89 -33.40 -38.88
C ALA B 212 33.85 -33.23 -40.40
N PRO B 213 32.65 -33.11 -40.97
CA PRO B 213 32.53 -32.86 -42.40
C PRO B 213 33.10 -31.50 -42.78
N GLU B 214 33.43 -31.36 -44.06
CA GLU B 214 34.09 -30.17 -44.56
C GLU B 214 33.08 -29.14 -45.04
N PHE B 215 33.59 -28.01 -45.54
CA PHE B 215 32.73 -26.88 -45.89
C PHE B 215 31.86 -27.18 -47.11
N MET B 216 32.40 -27.92 -48.08
CA MET B 216 31.70 -28.18 -49.33
C MET B 216 30.71 -29.33 -49.25
N GLU B 217 30.29 -29.73 -48.05
CA GLU B 217 29.30 -30.79 -47.89
C GLU B 217 28.07 -30.32 -47.13
N MET B 218 27.97 -29.03 -46.82
CA MET B 218 26.84 -28.52 -46.07
C MET B 218 25.63 -28.30 -46.97
N SER B 219 24.46 -28.22 -46.35
CA SER B 219 23.19 -28.06 -47.04
C SER B 219 22.51 -26.79 -46.59
N VAL B 220 21.74 -26.19 -47.49
CA VAL B 220 21.00 -24.97 -47.22
C VAL B 220 19.53 -25.27 -47.49
N GLU B 221 18.81 -25.72 -46.47
CA GLU B 221 17.40 -26.05 -46.59
C GLU B 221 16.70 -25.68 -45.30
N GLN B 222 15.47 -25.17 -45.42
CA GLN B 222 14.70 -24.74 -44.26
C GLN B 222 13.23 -25.03 -44.52
N GLU B 223 12.64 -25.91 -43.72
CA GLU B 223 11.22 -26.17 -43.75
C GLU B 223 10.71 -26.27 -42.31
N ILE B 224 9.44 -25.95 -42.12
CA ILE B 224 8.88 -25.93 -40.77
C ILE B 224 8.49 -27.34 -40.34
N LEU B 225 8.57 -27.60 -39.04
CA LEU B 225 8.21 -28.88 -38.45
C LEU B 225 7.19 -28.61 -37.35
N VAL B 226 5.94 -28.94 -37.60
CA VAL B 226 4.87 -28.67 -36.65
C VAL B 226 4.85 -29.75 -35.57
N THR B 227 4.63 -29.33 -34.33
CA THR B 227 4.67 -30.23 -33.18
C THR B 227 3.33 -30.36 -32.48
N GLY B 228 2.53 -29.30 -32.42
CA GLY B 228 1.28 -29.31 -31.69
C GLY B 228 1.27 -28.49 -30.43
N ILE B 229 2.27 -27.64 -30.20
CA ILE B 229 2.36 -26.79 -29.02
C ILE B 229 2.27 -25.34 -29.47
N LYS B 230 1.41 -24.57 -28.80
CA LYS B 230 1.07 -23.23 -29.28
C LYS B 230 2.26 -22.29 -29.24
N VAL B 231 3.00 -22.26 -28.12
CA VAL B 231 4.09 -21.30 -27.95
C VAL B 231 5.19 -21.56 -28.98
N VAL B 232 5.58 -22.83 -29.13
CA VAL B 232 6.66 -23.15 -30.06
C VAL B 232 6.24 -22.87 -31.49
N ASP B 233 5.02 -23.25 -31.87
CA ASP B 233 4.57 -23.06 -33.24
C ASP B 233 4.20 -21.62 -33.55
N LEU B 234 4.10 -20.75 -32.56
CA LEU B 234 3.77 -19.35 -32.82
C LEU B 234 4.98 -18.43 -32.72
N LEU B 235 5.81 -18.57 -31.68
CA LEU B 235 6.87 -17.61 -31.42
C LEU B 235 8.27 -18.09 -31.79
N ALA B 236 8.46 -19.40 -31.98
CA ALA B 236 9.77 -19.93 -32.31
C ALA B 236 9.66 -21.27 -33.00
N PRO B 237 9.33 -21.30 -34.28
CA PRO B 237 9.12 -22.58 -34.97
C PRO B 237 10.42 -23.38 -35.10
N TYR B 238 10.27 -24.69 -35.15
CA TYR B 238 11.38 -25.59 -35.39
C TYR B 238 11.52 -25.86 -36.88
N ALA B 239 12.65 -26.46 -37.26
CA ALA B 239 12.93 -26.75 -38.66
C ALA B 239 13.42 -28.19 -38.80
N LYS B 240 13.13 -28.77 -39.97
CA LYS B 240 13.64 -30.10 -40.27
C LYS B 240 15.15 -30.04 -40.48
N GLY B 241 15.86 -31.04 -39.96
CA GLY B 241 17.31 -31.03 -40.06
C GLY B 241 17.96 -29.87 -39.36
N GLY B 242 17.50 -29.54 -38.16
CA GLY B 242 18.04 -28.42 -37.40
C GLY B 242 18.46 -28.86 -36.01
N LYS B 243 19.00 -27.89 -35.27
CA LYS B 243 19.48 -28.10 -33.91
C LYS B 243 18.64 -27.31 -32.93
N ILE B 244 18.26 -27.95 -31.83
CA ILE B 244 17.30 -27.40 -30.88
C ILE B 244 17.88 -27.49 -29.48
N GLY B 245 17.65 -26.45 -28.68
CA GLY B 245 18.12 -26.44 -27.30
C GLY B 245 17.02 -26.06 -26.34
N LEU B 246 17.05 -26.67 -25.16
CA LEU B 246 16.05 -26.47 -24.12
C LEU B 246 16.76 -26.01 -22.84
N PHE B 247 16.94 -24.71 -22.70
CA PHE B 247 17.61 -24.15 -21.53
C PHE B 247 16.66 -24.07 -20.35
N GLY B 248 17.18 -24.30 -19.15
CA GLY B 248 16.37 -24.20 -17.96
C GLY B 248 17.19 -24.53 -16.73
N GLY B 249 16.63 -24.19 -15.58
CA GLY B 249 17.23 -24.47 -14.29
C GLY B 249 16.84 -25.84 -13.77
N ALA B 250 16.81 -25.96 -12.45
CA ALA B 250 16.49 -27.22 -11.79
C ALA B 250 15.02 -27.22 -11.39
N GLY B 251 14.27 -28.20 -11.89
CA GLY B 251 12.87 -28.35 -11.53
C GLY B 251 11.89 -27.47 -12.26
N VAL B 252 12.16 -27.15 -13.52
CA VAL B 252 11.24 -26.34 -14.32
C VAL B 252 10.52 -27.14 -15.41
N GLY B 253 11.03 -28.31 -15.80
CA GLY B 253 10.28 -29.16 -16.70
C GLY B 253 10.94 -29.58 -18.00
N LYS B 254 12.27 -29.70 -18.03
CA LYS B 254 12.95 -30.11 -19.25
C LYS B 254 12.59 -31.54 -19.65
N THR B 255 12.56 -32.46 -18.68
CA THR B 255 12.39 -33.87 -19.00
C THR B 255 10.98 -34.17 -19.47
N VAL B 256 9.98 -33.55 -18.87
CA VAL B 256 8.61 -33.75 -19.30
C VAL B 256 8.43 -33.24 -20.74
N LEU B 257 9.01 -32.09 -21.05
CA LEU B 257 8.92 -31.57 -22.41
C LEU B 257 9.62 -32.47 -23.41
N ILE B 258 10.80 -33.00 -23.05
CA ILE B 258 11.49 -33.88 -23.98
C ILE B 258 10.79 -35.23 -24.11
N MET B 259 9.99 -35.63 -23.12
CA MET B 259 9.15 -36.82 -23.28
C MET B 259 7.94 -36.55 -24.16
N GLU B 260 7.34 -35.38 -24.04
CA GLU B 260 6.20 -35.05 -24.89
C GLU B 260 6.65 -34.86 -26.33
N LEU B 261 7.84 -34.32 -26.55
CA LEU B 261 8.37 -34.21 -27.91
C LEU B 261 8.52 -35.59 -28.54
N ILE B 262 9.05 -36.56 -27.78
CA ILE B 262 9.13 -37.93 -28.30
C ILE B 262 7.75 -38.46 -28.63
N ASN B 263 6.81 -38.32 -27.69
CA ASN B 263 5.49 -38.90 -27.88
C ASN B 263 4.77 -38.28 -29.07
N ASN B 264 5.04 -37.02 -29.39
CA ASN B 264 4.35 -36.39 -30.50
C ASN B 264 5.05 -36.57 -31.85
N VAL B 265 6.37 -36.48 -31.89
CA VAL B 265 7.10 -36.47 -33.15
C VAL B 265 7.61 -37.85 -33.53
N ALA B 266 8.10 -38.63 -32.56
CA ALA B 266 8.79 -39.87 -32.88
C ALA B 266 7.84 -40.90 -33.49
N LYS B 267 6.63 -41.03 -32.94
CA LYS B 267 5.74 -42.10 -33.37
C LYS B 267 5.25 -41.89 -34.80
N ALA B 268 5.15 -40.64 -35.25
CA ALA B 268 4.68 -40.34 -36.60
C ALA B 268 5.82 -40.18 -37.59
N HIS B 269 6.95 -40.87 -37.36
CA HIS B 269 8.14 -40.72 -38.17
C HIS B 269 8.50 -42.04 -38.84
N GLY B 270 8.85 -41.96 -40.12
CA GLY B 270 9.20 -43.16 -40.86
C GLY B 270 10.50 -43.80 -40.41
N GLY B 271 11.51 -42.98 -40.09
CA GLY B 271 12.84 -43.47 -39.83
C GLY B 271 13.04 -44.00 -38.42
N TYR B 272 14.30 -44.07 -38.03
CA TYR B 272 14.71 -44.62 -36.74
C TYR B 272 15.01 -43.48 -35.76
N SER B 273 15.41 -43.85 -34.54
CA SER B 273 15.70 -42.87 -33.51
C SER B 273 16.73 -43.42 -32.54
N VAL B 274 17.48 -42.51 -31.92
CA VAL B 274 18.50 -42.85 -30.93
C VAL B 274 18.30 -41.97 -29.71
N PHE B 275 18.47 -42.56 -28.53
CA PHE B 275 18.37 -41.82 -27.28
C PHE B 275 19.61 -42.10 -26.45
N ALA B 276 20.26 -41.04 -25.97
CA ALA B 276 21.45 -41.14 -25.15
C ALA B 276 21.22 -40.45 -23.82
N GLY B 277 21.56 -41.13 -22.73
CA GLY B 277 21.43 -40.57 -21.40
C GLY B 277 22.77 -40.32 -20.75
N VAL B 278 23.08 -39.06 -20.44
CA VAL B 278 24.38 -38.67 -19.94
C VAL B 278 24.21 -38.06 -18.56
N GLY B 279 24.74 -38.74 -17.54
CA GLY B 279 24.80 -38.19 -16.20
C GLY B 279 23.48 -37.87 -15.56
N GLU B 280 22.51 -38.79 -15.63
CA GLU B 280 21.20 -38.54 -15.04
C GLU B 280 20.78 -39.68 -14.12
N ARG B 281 19.54 -39.63 -13.62
CA ARG B 281 19.08 -40.63 -12.67
C ARG B 281 18.80 -41.96 -13.36
N THR B 282 19.12 -43.04 -12.65
CA THR B 282 18.81 -44.38 -13.16
C THR B 282 17.31 -44.67 -13.07
N ARG B 283 16.64 -44.12 -12.06
CA ARG B 283 15.22 -44.36 -11.86
C ARG B 283 14.40 -43.92 -13.06
N GLU B 284 14.81 -42.85 -13.75
CA GLU B 284 14.09 -42.42 -14.96
C GLU B 284 14.42 -43.31 -16.15
N GLY B 285 15.64 -43.86 -16.19
CA GLY B 285 15.99 -44.82 -17.22
C GLY B 285 15.29 -46.13 -17.07
N ASN B 286 14.83 -46.46 -15.87
CA ASN B 286 13.93 -47.59 -15.69
C ASN B 286 12.51 -47.27 -16.15
N ASP B 287 12.09 -46.01 -16.02
CA ASP B 287 10.74 -45.63 -16.44
C ASP B 287 10.62 -45.60 -17.96
N LEU B 288 11.60 -45.01 -18.64
CA LEU B 288 11.50 -44.87 -20.09
C LEU B 288 11.46 -46.23 -20.78
N TYR B 289 12.26 -47.18 -20.29
CA TYR B 289 12.34 -48.50 -20.91
C TYR B 289 11.00 -49.21 -20.88
N HIS B 290 10.32 -49.18 -19.73
CA HIS B 290 9.02 -49.82 -19.60
C HIS B 290 7.89 -49.00 -20.21
N GLU B 291 8.10 -47.70 -20.42
CA GLU B 291 7.10 -46.93 -21.13
C GLU B 291 7.13 -47.24 -22.62
N MET B 292 8.32 -47.42 -23.19
CA MET B 292 8.42 -47.70 -24.62
C MET B 292 8.03 -49.12 -24.99
N ILE B 293 7.84 -50.01 -24.01
CA ILE B 293 7.40 -51.37 -24.33
C ILE B 293 5.88 -51.42 -24.49
N GLU B 294 5.14 -50.74 -23.61
CA GLU B 294 3.69 -50.73 -23.71
C GLU B 294 3.23 -50.09 -25.02
N SER B 295 3.88 -49.00 -25.42
CA SER B 295 3.50 -48.29 -26.63
C SER B 295 3.79 -49.07 -27.90
N GLY B 296 4.57 -50.15 -27.82
CA GLY B 296 4.87 -50.97 -28.97
C GLY B 296 6.07 -50.53 -29.78
N VAL B 297 6.74 -49.45 -29.39
CA VAL B 297 7.91 -49.00 -30.14
C VAL B 297 9.06 -49.98 -29.99
N ILE B 298 9.18 -50.64 -28.84
CA ILE B 298 10.18 -51.66 -28.60
C ILE B 298 9.47 -53.00 -28.47
N ASN B 299 9.93 -53.98 -29.23
CA ASN B 299 9.32 -55.31 -29.26
C ASN B 299 10.35 -56.35 -28.84
N LEU B 300 9.91 -57.27 -27.97
CA LEU B 300 10.77 -58.32 -27.47
C LEU B 300 10.60 -59.64 -28.21
N LYS B 301 9.67 -59.71 -29.16
CA LYS B 301 9.41 -60.94 -29.89
C LYS B 301 9.64 -60.80 -31.38
N ASP B 302 9.16 -59.73 -31.99
CA ASP B 302 9.33 -59.50 -33.42
C ASP B 302 10.69 -58.83 -33.68
N ALA B 303 10.88 -58.36 -34.90
CA ALA B 303 12.08 -57.62 -35.29
C ALA B 303 11.70 -56.31 -35.95
N THR B 304 10.77 -55.58 -35.32
CA THR B 304 10.25 -54.32 -35.85
C THR B 304 10.43 -53.19 -34.85
N SER B 305 11.57 -53.15 -34.19
CA SER B 305 11.86 -52.06 -33.26
C SER B 305 12.25 -50.80 -34.02
N LYS B 306 12.27 -49.68 -33.31
CA LYS B 306 12.57 -48.40 -33.93
C LYS B 306 13.51 -47.51 -33.13
N VAL B 307 13.94 -47.92 -31.93
CA VAL B 307 14.76 -47.07 -31.07
C VAL B 307 15.93 -47.88 -30.55
N ALA B 308 17.08 -47.22 -30.41
CA ALA B 308 18.25 -47.77 -29.74
C ALA B 308 18.62 -46.89 -28.56
N LEU B 309 19.13 -47.51 -27.50
CA LEU B 309 19.38 -46.83 -26.24
C LEU B 309 20.83 -46.99 -25.80
N VAL B 310 21.42 -45.90 -25.32
CA VAL B 310 22.76 -45.90 -24.74
C VAL B 310 22.70 -45.13 -23.43
N TYR B 311 23.30 -45.67 -22.37
CA TYR B 311 23.14 -45.12 -21.03
C TYR B 311 24.45 -45.04 -20.27
N GLY B 312 24.71 -43.88 -19.68
CA GLY B 312 25.73 -43.72 -18.66
C GLY B 312 25.28 -42.68 -17.67
N GLN B 313 25.22 -43.04 -16.39
CA GLN B 313 24.50 -42.23 -15.40
C GLN B 313 25.45 -41.62 -14.39
N MET B 314 24.87 -40.98 -13.37
CA MET B 314 25.61 -40.17 -12.40
C MET B 314 26.24 -41.00 -11.29
N ASN B 315 26.20 -42.32 -11.37
CA ASN B 315 26.90 -43.17 -10.41
C ASN B 315 28.22 -43.69 -10.94
N GLU B 316 28.68 -43.17 -12.07
CA GLU B 316 29.87 -43.62 -12.76
C GLU B 316 31.04 -42.67 -12.52
N PRO B 317 32.27 -43.17 -12.62
CA PRO B 317 33.43 -42.29 -12.48
C PRO B 317 33.49 -41.27 -13.60
N PRO B 318 34.20 -40.15 -13.40
CA PRO B 318 34.20 -39.09 -14.42
C PRO B 318 34.72 -39.52 -15.78
N GLY B 319 35.52 -40.57 -15.85
CA GLY B 319 36.03 -41.01 -17.14
C GLY B 319 34.92 -41.48 -18.07
N ALA B 320 33.95 -42.23 -17.54
CA ALA B 320 32.89 -42.77 -18.37
C ALA B 320 31.89 -41.70 -18.79
N ARG B 321 31.54 -40.80 -17.86
CA ARG B 321 30.52 -39.79 -18.13
C ARG B 321 30.93 -38.80 -19.21
N ALA B 322 32.21 -38.73 -19.57
CA ALA B 322 32.70 -37.77 -20.54
C ALA B 322 32.88 -38.38 -21.93
N ARG B 323 32.37 -39.60 -22.16
CA ARG B 323 32.54 -40.27 -23.44
C ARG B 323 31.27 -40.87 -24.01
N VAL B 324 30.20 -40.99 -23.23
CA VAL B 324 29.00 -41.70 -23.70
C VAL B 324 28.34 -40.97 -24.87
N ALA B 325 28.50 -39.64 -24.94
CA ALA B 325 27.87 -38.88 -26.02
C ALA B 325 28.47 -39.25 -27.38
N LEU B 326 29.78 -39.44 -27.44
CA LEU B 326 30.41 -39.86 -28.69
C LEU B 326 29.93 -41.24 -29.12
N THR B 327 29.79 -42.16 -28.16
CA THR B 327 29.23 -43.47 -28.45
C THR B 327 27.80 -43.34 -28.96
N GLY B 328 27.02 -42.42 -28.40
CA GLY B 328 25.66 -42.24 -28.83
C GLY B 328 25.54 -41.68 -30.24
N LEU B 329 26.41 -40.74 -30.60
CA LEU B 329 26.31 -40.16 -31.94
C LEU B 329 27.00 -41.01 -33.01
N THR B 330 27.92 -41.88 -32.62
CA THR B 330 28.54 -42.77 -33.59
C THR B 330 27.51 -43.74 -34.17
N VAL B 331 26.54 -44.17 -33.37
CA VAL B 331 25.48 -45.02 -33.88
C VAL B 331 24.65 -44.28 -34.92
N ALA B 332 24.28 -43.03 -34.63
CA ALA B 332 23.41 -42.29 -35.54
C ALA B 332 24.13 -41.95 -36.84
N GLU B 333 25.44 -41.71 -36.80
CA GLU B 333 26.17 -41.46 -38.03
C GLU B 333 26.06 -42.63 -39.00
N TYR B 334 25.99 -43.86 -38.47
CA TYR B 334 25.83 -45.03 -39.35
C TYR B 334 24.50 -45.00 -40.09
N PHE B 335 23.41 -44.71 -39.37
CA PHE B 335 22.11 -44.63 -40.01
C PHE B 335 21.99 -43.43 -40.93
N ARG B 336 22.85 -42.41 -40.77
CA ARG B 336 22.80 -41.30 -41.71
C ARG B 336 23.60 -41.57 -42.98
N ASP B 337 24.80 -42.15 -42.86
CA ASP B 337 25.65 -42.31 -44.03
C ASP B 337 25.41 -43.62 -44.76
N GLN B 338 25.61 -44.75 -44.08
CA GLN B 338 25.53 -46.04 -44.75
C GLN B 338 24.13 -46.36 -45.26
N GLU B 339 23.11 -45.65 -44.77
CA GLU B 339 21.76 -45.76 -45.28
C GLU B 339 21.21 -44.35 -45.47
N GLY B 340 20.59 -44.10 -46.62
CA GLY B 340 20.03 -42.80 -46.89
C GLY B 340 18.68 -42.60 -46.22
N GLN B 341 18.69 -42.41 -44.91
CA GLN B 341 17.47 -42.28 -44.14
C GLN B 341 17.59 -41.15 -43.13
N ASP B 342 16.45 -40.57 -42.78
CA ASP B 342 16.41 -39.54 -41.75
C ASP B 342 16.42 -40.17 -40.37
N VAL B 343 17.13 -39.53 -39.44
CA VAL B 343 17.31 -40.05 -38.08
C VAL B 343 16.90 -38.96 -37.09
N LEU B 344 16.57 -39.39 -35.88
CA LEU B 344 16.29 -38.50 -34.77
C LEU B 344 17.27 -38.81 -33.64
N LEU B 345 17.69 -37.77 -32.92
CA LEU B 345 18.68 -37.93 -31.86
C LEU B 345 18.28 -37.06 -30.67
N PHE B 346 18.06 -37.71 -29.53
CA PHE B 346 17.71 -37.02 -28.29
C PHE B 346 18.82 -37.22 -27.27
N ILE B 347 19.22 -36.13 -26.62
CA ILE B 347 20.27 -36.15 -25.60
C ILE B 347 19.75 -35.45 -24.36
N ASP B 348 20.00 -36.04 -23.19
CA ASP B 348 19.50 -35.53 -21.93
C ASP B 348 20.69 -35.00 -21.12
N ASN B 349 20.70 -33.68 -20.89
CA ASN B 349 21.71 -33.00 -20.08
C ASN B 349 23.12 -33.20 -20.64
N ILE B 350 23.33 -32.59 -21.80
CA ILE B 350 24.66 -32.47 -22.38
C ILE B 350 25.59 -31.62 -21.52
N PHE B 351 25.07 -30.98 -20.48
CA PHE B 351 25.92 -30.21 -19.57
C PHE B 351 26.88 -31.09 -18.79
N ARG B 352 26.48 -32.34 -18.49
CA ARG B 352 27.36 -33.24 -17.76
C ARG B 352 28.59 -33.64 -18.56
N PHE B 353 28.58 -33.42 -19.88
CA PHE B 353 29.76 -33.70 -20.69
C PHE B 353 30.89 -32.73 -20.35
N THR B 354 30.56 -31.48 -20.00
CA THR B 354 31.56 -30.47 -19.67
C THR B 354 31.97 -30.54 -18.21
N GLN B 355 31.02 -30.75 -17.30
CA GLN B 355 31.35 -30.86 -15.88
C GLN B 355 32.28 -32.04 -15.62
N ALA B 356 32.09 -33.14 -16.35
CA ALA B 356 32.93 -34.32 -16.15
C ALA B 356 34.38 -34.05 -16.52
N GLY B 357 34.64 -33.15 -17.45
CA GLY B 357 36.00 -32.83 -17.83
C GLY B 357 36.73 -31.88 -16.91
N SER B 358 36.02 -31.27 -15.95
CA SER B 358 36.63 -30.37 -14.99
C SER B 358 37.10 -31.08 -13.73
N GLU B 359 36.76 -32.35 -13.56
CA GLU B 359 37.10 -33.09 -12.35
C GLU B 359 38.42 -33.82 -12.46
N VAL B 360 39.06 -33.80 -13.63
CA VAL B 360 40.35 -34.47 -13.83
C VAL B 360 41.40 -33.55 -14.41
N SER B 361 41.07 -32.29 -14.71
CA SER B 361 42.05 -31.41 -15.32
C SER B 361 43.20 -31.08 -14.38
N ALA B 362 42.90 -30.88 -13.09
CA ALA B 362 43.95 -30.57 -12.13
C ALA B 362 44.91 -31.73 -11.98
N LEU B 363 44.40 -32.97 -11.93
CA LEU B 363 45.27 -34.13 -11.80
C LEU B 363 46.12 -34.35 -13.05
N LEU B 364 45.76 -33.75 -14.18
CA LEU B 364 46.56 -33.83 -15.38
C LEU B 364 47.60 -32.71 -15.48
N GLY B 365 47.68 -31.84 -14.48
CA GLY B 365 48.68 -30.79 -14.46
C GLY B 365 48.34 -29.60 -15.33
N ARG B 366 47.25 -28.90 -15.00
CA ARG B 366 46.80 -27.74 -15.75
C ARG B 366 46.48 -26.59 -14.80
N ILE B 367 46.66 -25.37 -15.29
CA ILE B 367 46.32 -24.17 -14.53
C ILE B 367 44.85 -23.84 -14.78
N PRO B 368 44.04 -23.65 -13.74
CA PRO B 368 42.61 -23.42 -13.96
C PRO B 368 42.33 -22.08 -14.63
N SER B 369 41.25 -22.05 -15.40
CA SER B 369 40.75 -20.84 -16.02
C SER B 369 39.72 -20.20 -15.09
N ALA B 370 38.94 -19.25 -15.59
CA ALA B 370 37.96 -18.55 -14.77
C ALA B 370 36.91 -19.52 -14.23
N VAL B 371 36.29 -19.11 -13.12
CA VAL B 371 35.31 -19.88 -12.33
C VAL B 371 35.61 -21.37 -12.33
N GLY B 372 36.88 -21.74 -12.19
CA GLY B 372 37.25 -23.12 -11.98
C GLY B 372 36.92 -24.07 -13.12
N TYR B 373 37.10 -23.63 -14.37
CA TYR B 373 36.92 -24.49 -15.52
C TYR B 373 38.27 -24.78 -16.16
N GLN B 374 38.30 -25.85 -16.95
CA GLN B 374 39.52 -26.20 -17.67
C GLN B 374 39.77 -25.18 -18.78
N PRO B 375 41.04 -24.93 -19.12
CA PRO B 375 41.35 -23.95 -20.16
C PRO B 375 40.98 -24.38 -21.57
N THR B 376 40.47 -25.60 -21.75
CA THR B 376 40.16 -26.13 -23.07
C THR B 376 38.66 -26.39 -23.22
N LEU B 377 37.84 -25.44 -22.79
CA LEU B 377 36.39 -25.64 -22.80
C LEU B 377 35.83 -25.51 -24.20
N ALA B 378 36.05 -24.36 -24.84
CA ALA B 378 35.41 -24.07 -26.12
C ALA B 378 35.87 -25.03 -27.21
N THR B 379 37.17 -25.34 -27.25
CA THR B 379 37.67 -26.26 -28.27
C THR B 379 37.09 -27.65 -28.10
N ASP B 380 37.03 -28.15 -26.87
CA ASP B 380 36.47 -29.47 -26.63
C ASP B 380 34.99 -29.51 -26.99
N MET B 381 34.24 -28.46 -26.65
CA MET B 381 32.84 -28.42 -27.05
C MET B 381 32.69 -28.35 -28.56
N GLY B 382 33.51 -27.55 -29.23
CA GLY B 382 33.38 -27.39 -30.67
C GLY B 382 33.71 -28.66 -31.44
N THR B 383 34.70 -29.41 -30.96
CA THR B 383 35.09 -30.63 -31.68
C THR B 383 33.93 -31.62 -31.75
N MET B 384 33.19 -31.77 -30.65
CA MET B 384 32.08 -32.72 -30.63
C MET B 384 30.88 -32.19 -31.40
N GLN B 385 30.55 -30.91 -31.25
CA GLN B 385 29.30 -30.39 -31.78
C GLN B 385 29.29 -30.39 -33.31
N GLU B 386 30.45 -30.29 -33.94
CA GLU B 386 30.49 -30.18 -35.40
C GLU B 386 30.10 -31.46 -36.11
N ARG B 387 30.02 -32.59 -35.40
CA ARG B 387 29.67 -33.85 -36.04
C ARG B 387 28.18 -34.09 -36.12
N ILE B 388 27.36 -33.27 -35.46
CA ILE B 388 25.91 -33.40 -35.50
C ILE B 388 25.41 -32.42 -36.54
N THR B 389 25.36 -32.86 -37.80
CA THR B 389 24.96 -32.01 -38.90
C THR B 389 24.23 -32.84 -39.94
N THR B 390 23.50 -32.15 -40.82
CA THR B 390 22.81 -32.77 -41.95
C THR B 390 23.61 -32.48 -43.20
N THR B 391 24.42 -33.45 -43.63
CA THR B 391 25.21 -33.33 -44.83
C THR B 391 24.34 -33.64 -46.05
N LYS B 392 24.98 -33.81 -47.21
CA LYS B 392 24.24 -34.07 -48.44
C LYS B 392 23.89 -35.55 -48.63
N LYS B 393 24.33 -36.42 -47.73
CA LYS B 393 23.98 -37.84 -47.81
C LYS B 393 22.84 -38.24 -46.89
N GLY B 394 22.49 -37.40 -45.92
CA GLY B 394 21.42 -37.75 -45.00
C GLY B 394 21.08 -36.57 -44.12
N SER B 395 20.11 -36.78 -43.25
CA SER B 395 19.60 -35.74 -42.37
C SER B 395 19.58 -36.22 -40.93
N ILE B 396 19.94 -35.35 -40.00
CA ILE B 396 19.86 -35.60 -38.57
C ILE B 396 19.15 -34.44 -37.90
N THR B 397 18.09 -34.74 -37.16
CA THR B 397 17.36 -33.75 -36.38
C THR B 397 17.61 -34.02 -34.91
N SER B 398 18.19 -33.05 -34.22
CA SER B 398 18.69 -33.24 -32.86
C SER B 398 17.95 -32.35 -31.88
N VAL B 399 17.69 -32.88 -30.69
CA VAL B 399 17.10 -32.15 -29.58
C VAL B 399 17.98 -32.38 -28.36
N GLN B 400 18.43 -31.28 -27.75
CA GLN B 400 19.38 -31.35 -26.64
C GLN B 400 18.85 -30.57 -25.45
N ALA B 401 19.01 -31.14 -24.26
CA ALA B 401 18.60 -30.50 -23.02
C ALA B 401 19.83 -29.98 -22.29
N ILE B 402 19.76 -28.74 -21.82
CA ILE B 402 20.90 -28.05 -21.25
C ILE B 402 20.52 -27.52 -19.87
N TYR B 403 21.42 -27.71 -18.90
CA TYR B 403 21.19 -27.32 -17.52
C TYR B 403 21.92 -26.03 -17.21
N VAL B 404 21.23 -25.10 -16.56
CA VAL B 404 21.75 -23.78 -16.21
C VAL B 404 21.94 -23.74 -14.70
N PRO B 405 23.16 -23.63 -14.19
CA PRO B 405 23.38 -23.68 -12.73
C PRO B 405 22.89 -22.40 -12.06
N ALA B 406 21.99 -22.56 -11.09
CA ALA B 406 21.49 -21.47 -10.25
C ALA B 406 20.79 -20.39 -11.07
N ASP B 407 20.17 -20.77 -12.18
CA ASP B 407 19.38 -19.86 -13.01
C ASP B 407 20.21 -18.68 -13.51
N ASP B 408 21.48 -18.94 -13.82
CA ASP B 408 22.41 -17.90 -14.27
C ASP B 408 22.79 -18.18 -15.71
N LEU B 409 22.30 -17.35 -16.63
CA LEU B 409 22.55 -17.55 -18.05
C LEU B 409 23.87 -16.97 -18.52
N THR B 410 24.64 -16.33 -17.64
CA THR B 410 25.95 -15.81 -17.99
C THR B 410 27.07 -16.76 -17.59
N ASP B 411 26.73 -17.95 -17.10
CA ASP B 411 27.74 -18.92 -16.74
C ASP B 411 28.47 -19.41 -17.98
N PRO B 412 29.79 -19.65 -17.90
CA PRO B 412 30.54 -20.00 -19.10
C PRO B 412 30.10 -21.28 -19.78
N ALA B 413 29.41 -22.18 -19.09
CA ALA B 413 28.99 -23.42 -19.76
C ALA B 413 27.80 -23.17 -20.68
N PRO B 414 26.70 -22.57 -20.22
CA PRO B 414 25.62 -22.25 -21.18
C PRO B 414 25.93 -21.06 -22.07
N ALA B 415 26.86 -20.19 -21.69
CA ALA B 415 27.13 -19.01 -22.50
C ALA B 415 27.73 -19.38 -23.85
N THR B 416 28.63 -20.36 -23.89
CA THR B 416 29.29 -20.76 -25.12
C THR B 416 28.54 -21.86 -25.85
N THR B 417 27.24 -22.01 -25.60
CA THR B 417 26.42 -22.99 -26.29
C THR B 417 25.37 -22.37 -27.21
N PHE B 418 25.05 -21.09 -27.03
CA PHE B 418 24.07 -20.44 -27.88
C PHE B 418 24.50 -20.39 -29.33
N ALA B 419 25.82 -20.38 -29.58
CA ALA B 419 26.31 -20.22 -30.95
C ALA B 419 26.12 -21.46 -31.81
N HIS B 420 25.84 -22.61 -31.20
CA HIS B 420 25.81 -23.88 -31.92
C HIS B 420 24.40 -24.33 -32.29
N LEU B 421 23.39 -23.48 -32.10
CA LEU B 421 22.00 -23.89 -32.24
C LEU B 421 21.28 -23.06 -33.28
N ASP B 422 20.13 -23.57 -33.71
CA ASP B 422 19.25 -22.87 -34.64
C ASP B 422 17.95 -22.39 -34.02
N ALA B 423 17.55 -22.96 -32.88
CA ALA B 423 16.34 -22.54 -32.20
C ALA B 423 16.50 -22.83 -30.71
N THR B 424 16.09 -21.88 -29.88
CA THR B 424 16.25 -21.99 -28.44
C THR B 424 14.92 -21.75 -27.74
N THR B 425 14.66 -22.52 -26.69
CA THR B 425 13.54 -22.29 -25.79
C THR B 425 14.09 -22.17 -24.37
N VAL B 426 13.70 -21.10 -23.68
CA VAL B 426 14.21 -20.80 -22.35
C VAL B 426 13.07 -20.94 -21.37
N LEU B 427 13.25 -21.83 -20.38
CA LEU B 427 12.27 -22.02 -19.33
C LEU B 427 12.63 -21.16 -18.13
N SER B 428 11.61 -20.66 -17.44
CA SER B 428 11.82 -19.71 -16.35
C SER B 428 11.04 -20.16 -15.11
N ARG B 429 11.58 -19.81 -13.95
CA ARG B 429 10.98 -20.17 -12.67
C ARG B 429 9.90 -19.19 -12.24
N ALA B 430 9.98 -17.93 -12.66
CA ALA B 430 8.95 -16.95 -12.31
C ALA B 430 7.61 -17.33 -12.89
N ILE B 431 7.59 -17.78 -14.16
CA ILE B 431 6.34 -18.15 -14.80
C ILE B 431 5.76 -19.40 -14.16
N ALA B 432 6.62 -20.35 -13.76
CA ALA B 432 6.14 -21.59 -13.17
C ALA B 432 5.44 -21.35 -11.84
N GLU B 433 5.83 -20.30 -11.11
CA GLU B 433 5.19 -20.02 -9.83
C GLU B 433 3.80 -19.42 -9.99
N LEU B 434 3.46 -18.91 -11.17
CA LEU B 434 2.09 -18.50 -11.44
C LEU B 434 1.19 -19.68 -11.78
N GLY B 435 1.76 -20.86 -12.02
CA GLY B 435 0.98 -22.03 -12.35
C GLY B 435 0.78 -22.27 -13.82
N ILE B 436 1.54 -21.61 -14.69
CA ILE B 436 1.40 -21.74 -16.13
C ILE B 436 2.44 -22.73 -16.64
N TYR B 437 1.98 -23.81 -17.27
CA TYR B 437 2.84 -24.83 -17.83
C TYR B 437 2.51 -25.07 -19.29
N PRO B 438 3.51 -25.24 -20.16
CA PRO B 438 4.95 -25.22 -19.89
C PRO B 438 5.48 -23.81 -19.63
N ALA B 439 6.47 -23.68 -18.75
CA ALA B 439 6.94 -22.37 -18.31
C ALA B 439 7.97 -21.81 -19.29
N VAL B 440 7.48 -21.50 -20.49
CA VAL B 440 8.31 -20.94 -21.55
C VAL B 440 8.27 -19.43 -21.47
N ASP B 441 9.44 -18.81 -21.49
CA ASP B 441 9.54 -17.36 -21.45
C ASP B 441 9.27 -16.79 -22.84
N PRO B 442 8.20 -16.03 -23.04
CA PRO B 442 7.84 -15.61 -24.40
C PRO B 442 8.70 -14.50 -24.98
N LEU B 443 9.44 -13.77 -24.15
CA LEU B 443 10.28 -12.68 -24.62
C LEU B 443 11.76 -13.05 -24.65
N ASP B 444 12.10 -14.34 -24.56
CA ASP B 444 13.50 -14.75 -24.55
C ASP B 444 13.71 -16.02 -25.36
N SER B 445 12.86 -16.27 -26.36
CA SER B 445 13.01 -17.40 -27.25
C SER B 445 13.17 -16.90 -28.69
N THR B 446 13.98 -17.60 -29.46
CA THR B 446 14.35 -17.14 -30.80
C THR B 446 14.38 -18.32 -31.76
N SER B 447 14.23 -18.01 -33.04
CA SER B 447 14.36 -18.98 -34.11
C SER B 447 14.90 -18.29 -35.34
N ARG B 448 15.45 -19.10 -36.26
CA ARG B 448 16.09 -18.56 -37.45
C ARG B 448 15.13 -18.41 -38.63
N ILE B 449 14.04 -19.17 -38.66
CA ILE B 449 13.10 -19.13 -39.77
C ILE B 449 11.92 -18.21 -39.47
N MET B 450 12.04 -17.32 -38.48
CA MET B 450 11.01 -16.33 -38.19
C MET B 450 11.25 -15.14 -39.13
N ASP B 451 10.85 -15.32 -40.39
CA ASP B 451 11.06 -14.34 -41.43
C ASP B 451 9.78 -14.23 -42.26
N PRO B 452 9.44 -13.04 -42.74
CA PRO B 452 8.19 -12.89 -43.52
C PRO B 452 8.17 -13.69 -44.81
N ASN B 453 9.33 -14.06 -45.36
CA ASN B 453 9.40 -14.75 -46.63
C ASN B 453 9.36 -16.27 -46.49
N ILE B 454 9.35 -16.79 -45.26
CA ILE B 454 9.36 -18.22 -45.02
C ILE B 454 8.05 -18.69 -44.38
N VAL B 455 7.48 -17.90 -43.48
CA VAL B 455 6.25 -18.26 -42.78
C VAL B 455 5.07 -17.41 -43.18
N GLY B 456 5.22 -16.51 -44.14
CA GLY B 456 4.15 -15.64 -44.54
C GLY B 456 4.07 -14.38 -43.70
N SER B 457 3.14 -13.50 -44.08
CA SER B 457 2.99 -12.21 -43.42
C SER B 457 2.03 -12.25 -42.24
N GLU B 458 0.93 -13.00 -42.36
CA GLU B 458 -0.06 -13.06 -41.29
C GLU B 458 0.52 -13.68 -40.03
N HIS B 459 1.20 -14.83 -40.18
CA HIS B 459 1.83 -15.51 -39.06
C HIS B 459 2.86 -14.63 -38.39
N TYR B 460 3.62 -13.87 -39.18
CA TYR B 460 4.66 -12.99 -38.64
C TYR B 460 4.06 -11.82 -37.88
N ASP B 461 3.04 -11.18 -38.46
CA ASP B 461 2.42 -10.03 -37.80
C ASP B 461 1.76 -10.43 -36.49
N VAL B 462 1.15 -11.61 -36.44
CA VAL B 462 0.47 -12.00 -35.20
C VAL B 462 1.47 -12.14 -34.06
N ALA B 463 2.61 -12.79 -34.31
CA ALA B 463 3.61 -12.98 -33.28
C ALA B 463 4.22 -11.66 -32.84
N ARG B 464 4.53 -10.77 -33.79
CA ARG B 464 5.09 -9.49 -33.38
C ARG B 464 4.08 -8.68 -32.58
N GLY B 465 2.80 -8.74 -32.95
CA GLY B 465 1.78 -8.03 -32.20
C GLY B 465 1.62 -8.56 -30.80
N VAL B 466 1.75 -9.88 -30.62
CA VAL B 466 1.68 -10.44 -29.28
C VAL B 466 2.87 -9.96 -28.43
N GLN B 467 4.07 -10.02 -29.00
CA GLN B 467 5.25 -9.64 -28.23
C GLN B 467 5.22 -8.17 -27.84
N LYS B 468 4.72 -7.30 -28.73
CA LYS B 468 4.67 -5.87 -28.39
C LYS B 468 3.79 -5.61 -27.19
N ILE B 469 2.60 -6.22 -27.14
CA ILE B 469 1.72 -5.96 -26.00
C ILE B 469 2.25 -6.61 -24.74
N LEU B 470 2.94 -7.75 -24.87
CA LEU B 470 3.54 -8.36 -23.68
C LEU B 470 4.67 -7.50 -23.12
N GLN B 471 5.41 -6.81 -24.00
CA GLN B 471 6.42 -5.89 -23.52
C GLN B 471 5.79 -4.66 -22.89
N ASP B 472 4.69 -4.16 -23.48
CA ASP B 472 4.04 -2.99 -22.93
C ASP B 472 3.39 -3.26 -21.58
N TYR B 473 3.03 -4.51 -21.30
CA TYR B 473 2.42 -4.83 -20.01
C TYR B 473 3.36 -4.54 -18.86
N LYS B 474 4.66 -4.80 -19.05
CA LYS B 474 5.62 -4.67 -17.95
C LYS B 474 5.71 -3.23 -17.43
N SER B 475 5.71 -2.25 -18.34
CA SER B 475 5.90 -0.87 -17.92
C SER B 475 4.73 -0.36 -17.08
N LEU B 476 3.52 -0.88 -17.31
CA LEU B 476 2.37 -0.42 -16.55
C LEU B 476 2.38 -0.93 -15.12
N GLN B 477 3.17 -1.96 -14.80
CA GLN B 477 3.18 -2.53 -13.46
C GLN B 477 3.98 -1.70 -12.47
N ASP B 478 4.80 -0.76 -12.94
CA ASP B 478 5.48 0.16 -12.02
C ASP B 478 4.51 1.21 -11.47
N ILE B 479 3.63 1.73 -12.33
CA ILE B 479 2.69 2.76 -11.91
C ILE B 479 1.72 2.20 -10.86
N ILE B 480 1.24 0.98 -11.09
CA ILE B 480 0.26 0.37 -10.19
C ILE B 480 0.84 0.15 -8.79
N ALA B 481 2.16 0.03 -8.67
CA ALA B 481 2.75 -0.17 -7.35
C ALA B 481 2.55 1.05 -6.45
N ILE B 482 2.69 2.25 -7.00
CA ILE B 482 2.58 3.47 -6.18
C ILE B 482 1.13 3.91 -6.09
N LEU B 483 0.54 4.26 -7.23
CA LEU B 483 -0.88 4.58 -7.26
C LEU B 483 -1.69 3.32 -7.55
N GLY B 484 -2.87 3.24 -6.96
CA GLY B 484 -3.66 2.03 -7.02
C GLY B 484 -4.13 1.70 -8.42
N MET B 485 -4.82 0.55 -8.50
CA MET B 485 -5.27 0.06 -9.79
C MET B 485 -6.37 0.94 -10.40
N ASP B 486 -7.21 1.54 -9.57
CA ASP B 486 -8.40 2.23 -10.07
C ASP B 486 -8.11 3.62 -10.62
N GLU B 487 -6.93 4.20 -10.35
CA GLU B 487 -6.62 5.52 -10.87
C GLU B 487 -6.15 5.50 -12.32
N LEU B 488 -5.95 4.33 -12.91
CA LEU B 488 -5.50 4.26 -14.29
C LEU B 488 -6.60 4.70 -15.25
N SER B 489 -6.17 5.15 -16.43
CA SER B 489 -7.13 5.51 -17.46
C SER B 489 -7.77 4.25 -18.05
N GLU B 490 -8.88 4.44 -18.77
CA GLU B 490 -9.61 3.29 -19.28
C GLU B 490 -8.82 2.53 -20.35
N GLU B 491 -8.03 3.24 -21.15
CA GLU B 491 -7.23 2.58 -22.18
C GLU B 491 -6.18 1.66 -21.55
N ASP B 492 -5.56 2.11 -20.46
CA ASP B 492 -4.61 1.26 -19.76
C ASP B 492 -5.28 0.03 -19.18
N LYS B 493 -6.49 0.21 -18.63
CA LYS B 493 -7.22 -0.95 -18.12
C LYS B 493 -7.57 -1.93 -19.22
N LEU B 494 -7.93 -1.44 -20.41
CA LEU B 494 -8.22 -2.35 -21.51
C LEU B 494 -6.96 -3.07 -21.96
N THR B 495 -5.81 -2.36 -21.98
CA THR B 495 -4.56 -2.99 -22.35
C THR B 495 -4.20 -4.11 -21.37
N VAL B 496 -4.35 -3.84 -20.07
CA VAL B 496 -4.03 -4.83 -19.05
C VAL B 496 -4.97 -6.03 -19.16
N SER B 497 -6.26 -5.77 -19.39
CA SER B 497 -7.22 -6.86 -19.49
C SER B 497 -6.93 -7.76 -20.69
N ARG B 498 -6.55 -7.18 -21.82
CA ARG B 498 -6.19 -8.00 -22.97
C ARG B 498 -4.90 -8.77 -22.73
N ALA B 499 -3.91 -8.14 -22.09
CA ALA B 499 -2.63 -8.81 -21.87
C ALA B 499 -2.79 -10.00 -20.94
N ARG B 500 -3.60 -9.86 -19.88
CA ARG B 500 -3.80 -10.98 -18.96
C ARG B 500 -4.46 -12.16 -19.65
N LYS B 501 -5.41 -11.90 -20.56
CA LYS B 501 -6.06 -12.98 -21.28
C LYS B 501 -5.11 -13.63 -22.28
N ILE B 502 -4.24 -12.84 -22.92
CA ILE B 502 -3.24 -13.41 -23.81
C ILE B 502 -2.31 -14.33 -23.04
N GLN B 503 -1.94 -13.94 -21.81
CA GLN B 503 -0.99 -14.74 -21.04
C GLN B 503 -1.55 -16.12 -20.71
N ARG B 504 -2.83 -16.20 -20.34
CA ARG B 504 -3.40 -17.48 -19.94
C ARG B 504 -3.49 -18.45 -21.11
N PHE B 505 -3.81 -17.96 -22.30
CA PHE B 505 -4.10 -18.81 -23.44
C PHE B 505 -2.88 -19.57 -23.94
N LEU B 506 -1.68 -19.23 -23.49
CA LEU B 506 -0.47 -19.92 -23.90
C LEU B 506 -0.24 -21.23 -23.17
N SER B 507 -0.94 -21.47 -22.05
CA SER B 507 -0.79 -22.73 -21.34
C SER B 507 -1.58 -23.84 -22.03
N GLN B 508 -1.20 -25.09 -21.74
CA GLN B 508 -1.79 -26.21 -22.43
C GLN B 508 -1.57 -27.49 -21.63
N PRO B 509 -2.57 -28.37 -21.53
CA PRO B 509 -2.37 -29.64 -20.82
C PRO B 509 -1.68 -30.67 -21.71
N PHE B 510 -0.68 -31.33 -21.14
CA PHE B 510 0.06 -32.35 -21.86
C PHE B 510 -0.54 -33.73 -21.63
N GLN B 511 -0.08 -34.71 -22.41
CA GLN B 511 -0.60 -36.06 -22.32
C GLN B 511 0.22 -36.94 -21.37
N VAL B 512 1.50 -36.63 -21.18
CA VAL B 512 2.33 -37.38 -20.24
C VAL B 512 2.21 -36.84 -18.82
N ALA B 513 1.42 -35.78 -18.60
CA ALA B 513 1.25 -35.18 -17.30
C ALA B 513 -0.17 -35.37 -16.77
N GLU B 514 -0.84 -36.46 -17.17
CA GLU B 514 -2.20 -36.71 -16.70
C GLU B 514 -2.23 -37.03 -15.22
N VAL B 515 -1.13 -37.57 -14.67
CA VAL B 515 -1.10 -37.86 -13.24
C VAL B 515 -1.03 -36.57 -12.43
N PHE B 516 -0.29 -35.58 -12.91
CA PHE B 516 -0.15 -34.33 -12.16
C PHE B 516 -1.42 -33.50 -12.26
N THR B 517 -1.78 -33.06 -13.47
CA THR B 517 -2.90 -32.14 -13.62
C THR B 517 -4.24 -32.86 -13.44
N GLY B 518 -4.38 -34.06 -13.98
CA GLY B 518 -5.63 -34.77 -13.93
C GLY B 518 -6.54 -34.55 -15.11
N HIS B 519 -6.04 -33.99 -16.20
CA HIS B 519 -6.81 -33.76 -17.41
C HIS B 519 -6.21 -34.55 -18.56
N LEU B 520 -7.01 -34.74 -19.61
CA LEU B 520 -6.49 -35.37 -20.82
C LEU B 520 -5.79 -34.34 -21.70
N GLY B 521 -4.79 -34.81 -22.43
CA GLY B 521 -3.98 -33.92 -23.25
C GLY B 521 -4.71 -33.45 -24.50
N LYS B 522 -4.11 -32.45 -25.15
CA LYS B 522 -4.68 -31.86 -26.35
C LYS B 522 -3.58 -31.59 -27.36
N LEU B 523 -3.96 -31.58 -28.63
CA LEU B 523 -3.09 -31.15 -29.72
C LEU B 523 -3.82 -30.12 -30.57
N VAL B 524 -3.11 -29.09 -30.98
CA VAL B 524 -3.69 -27.97 -31.72
C VAL B 524 -2.95 -27.81 -33.03
N PRO B 525 -3.64 -27.78 -34.18
CA PRO B 525 -2.97 -27.45 -35.44
C PRO B 525 -2.53 -25.99 -35.50
N LEU B 526 -1.90 -25.59 -36.61
CA LEU B 526 -1.30 -24.27 -36.72
C LEU B 526 -2.33 -23.17 -37.01
N LYS B 527 -3.32 -23.46 -37.86
CA LYS B 527 -4.28 -22.43 -38.26
C LYS B 527 -5.13 -21.96 -37.09
N GLU B 528 -5.55 -22.89 -36.22
CA GLU B 528 -6.28 -22.51 -35.03
C GLU B 528 -5.42 -21.69 -34.09
N THR B 529 -4.12 -22.01 -34.00
CA THR B 529 -3.21 -21.23 -33.18
C THR B 529 -3.13 -19.80 -33.68
N ILE B 530 -3.05 -19.60 -34.99
CA ILE B 530 -2.99 -18.24 -35.52
C ILE B 530 -4.31 -17.51 -35.26
N LYS B 531 -5.43 -18.17 -35.57
CA LYS B 531 -6.73 -17.51 -35.53
C LYS B 531 -7.16 -17.16 -34.11
N GLY B 532 -6.83 -17.99 -33.13
CA GLY B 532 -7.24 -17.72 -31.77
C GLY B 532 -6.60 -16.45 -31.23
N PHE B 533 -5.31 -16.26 -31.48
CA PHE B 533 -4.64 -15.05 -31.03
C PHE B 533 -5.05 -13.84 -31.86
N GLN B 534 -5.31 -14.02 -33.16
CA GLN B 534 -5.77 -12.90 -33.96
C GLN B 534 -7.12 -12.38 -33.47
N GLN B 535 -8.01 -13.29 -33.05
CA GLN B 535 -9.31 -12.86 -32.55
C GLN B 535 -9.20 -12.15 -31.20
N ILE B 536 -8.35 -12.66 -30.30
CA ILE B 536 -8.19 -12.00 -29.00
C ILE B 536 -7.54 -10.62 -29.18
N LEU B 537 -6.60 -10.51 -30.12
CA LEU B 537 -6.04 -9.19 -30.41
C LEU B 537 -7.07 -8.25 -31.00
N ALA B 538 -8.01 -8.76 -31.81
CA ALA B 538 -9.04 -7.90 -32.37
C ALA B 538 -9.95 -7.33 -31.29
N GLY B 539 -10.36 -8.16 -30.35
CA GLY B 539 -11.22 -7.69 -29.27
C GLY B 539 -12.62 -8.28 -29.31
N GLU B 540 -12.73 -9.51 -29.81
CA GLU B 540 -14.02 -10.17 -29.94
C GLU B 540 -14.45 -10.92 -28.69
N TYR B 541 -13.62 -10.96 -27.66
CA TYR B 541 -13.93 -11.70 -26.44
C TYR B 541 -13.65 -10.84 -25.21
N ASP B 542 -14.10 -9.59 -25.25
CA ASP B 542 -13.95 -8.69 -24.11
C ASP B 542 -15.05 -8.87 -23.08
N HIS B 543 -16.00 -9.77 -23.31
CA HIS B 543 -17.13 -9.98 -22.40
C HIS B 543 -17.05 -11.33 -21.69
N LEU B 544 -15.85 -11.86 -21.52
CA LEU B 544 -15.66 -13.14 -20.85
C LEU B 544 -14.63 -13.01 -19.74
N PRO B 545 -14.75 -13.81 -18.70
CA PRO B 545 -13.76 -13.80 -17.62
C PRO B 545 -12.46 -14.48 -18.03
N GLU B 546 -11.42 -14.25 -17.23
CA GLU B 546 -10.10 -14.77 -17.55
C GLU B 546 -10.06 -16.29 -17.43
N GLN B 547 -10.77 -16.86 -16.46
CA GLN B 547 -10.62 -18.27 -16.15
C GLN B 547 -11.02 -19.19 -17.29
N ALA B 548 -11.74 -18.68 -18.28
CA ALA B 548 -12.17 -19.53 -19.40
C ALA B 548 -11.04 -19.83 -20.37
N PHE B 549 -9.92 -19.13 -20.30
CA PHE B 549 -8.81 -19.31 -21.22
C PHE B 549 -7.66 -20.11 -20.62
N TYR B 550 -7.89 -20.78 -19.49
CA TYR B 550 -6.83 -21.44 -18.74
C TYR B 550 -6.91 -22.95 -18.96
N MET B 551 -5.83 -23.53 -19.47
CA MET B 551 -5.70 -24.98 -19.66
C MET B 551 -6.75 -25.53 -20.62
N VAL B 552 -6.73 -24.99 -21.84
CA VAL B 552 -7.62 -25.44 -22.91
C VAL B 552 -6.81 -25.64 -24.18
N GLY B 553 -7.48 -26.17 -25.20
CA GLY B 553 -6.86 -26.41 -26.48
C GLY B 553 -7.16 -25.30 -27.46
N PRO B 554 -8.06 -25.55 -28.41
CA PRO B 554 -8.43 -24.51 -29.37
C PRO B 554 -9.22 -23.38 -28.74
N ILE B 555 -9.63 -22.40 -29.55
CA ILE B 555 -10.42 -21.29 -29.02
C ILE B 555 -11.87 -21.68 -28.80
N GLU B 556 -12.36 -22.73 -29.48
CA GLU B 556 -13.75 -23.14 -29.36
C GLU B 556 -14.10 -23.67 -27.98
N GLU B 557 -13.12 -24.09 -27.19
CA GLU B 557 -13.40 -24.70 -25.88
C GLU B 557 -13.55 -23.67 -24.77
N ALA B 558 -13.02 -22.46 -24.94
CA ALA B 558 -13.08 -21.46 -23.87
C ALA B 558 -14.51 -20.97 -23.66
N VAL B 559 -15.25 -20.75 -24.74
CA VAL B 559 -16.64 -20.32 -24.59
C VAL B 559 -17.50 -21.45 -24.04
N ALA B 560 -17.25 -22.69 -24.45
CA ALA B 560 -17.95 -23.82 -23.87
C ALA B 560 -17.63 -24.01 -22.39
N LYS B 561 -16.44 -23.62 -21.95
CA LYS B 561 -16.11 -23.63 -20.53
C LYS B 561 -16.82 -22.50 -19.79
N ALA B 562 -16.88 -21.33 -20.41
CA ALA B 562 -17.55 -20.19 -19.79
C ALA B 562 -19.05 -20.42 -19.65
N ASP B 563 -19.67 -21.09 -20.63
CA ASP B 563 -21.09 -21.39 -20.53
C ASP B 563 -21.38 -22.33 -19.36
N LYS B 564 -20.54 -23.36 -19.18
CA LYS B 564 -20.71 -24.25 -18.04
C LYS B 564 -20.46 -23.52 -16.73
N LEU B 565 -19.48 -22.61 -16.70
CA LEU B 565 -19.24 -21.82 -15.50
C LEU B 565 -20.44 -20.94 -15.17
N ALA B 566 -21.06 -20.34 -16.20
CA ALA B 566 -22.27 -19.56 -15.98
C ALA B 566 -23.41 -20.43 -15.49
N GLU B 567 -23.55 -21.63 -16.05
CA GLU B 567 -24.63 -22.53 -15.63
C GLU B 567 -24.46 -22.96 -14.18
N GLU B 568 -23.23 -23.20 -13.74
CA GLU B 568 -23.01 -23.68 -12.38
C GLU B 568 -23.02 -22.56 -11.35
N HIS B 569 -23.10 -21.30 -11.76
CA HIS B 569 -23.08 -20.18 -10.82
C HIS B 569 -24.40 -20.04 -10.05
N ALA C 100 83.33 -2.03 -21.90
CA ALA C 100 82.07 -2.45 -22.47
C ALA C 100 82.11 -3.93 -22.83
N ALA C 101 81.68 -4.78 -21.89
CA ALA C 101 81.69 -6.21 -22.11
C ALA C 101 80.58 -6.61 -23.09
N THR C 102 80.69 -7.83 -23.60
CA THR C 102 79.72 -8.38 -24.53
C THR C 102 79.11 -9.66 -23.97
N GLY C 103 77.79 -9.80 -24.13
CA GLY C 103 77.08 -10.97 -23.68
C GLY C 103 76.38 -11.67 -24.84
N ARG C 104 75.63 -12.71 -24.48
CA ARG C 104 74.92 -13.53 -25.44
C ARG C 104 73.50 -13.77 -24.96
N ILE C 105 72.55 -13.76 -25.90
CA ILE C 105 71.16 -14.05 -25.56
C ILE C 105 71.00 -15.54 -25.31
N VAL C 106 70.30 -15.88 -24.23
CA VAL C 106 70.08 -17.27 -23.87
C VAL C 106 68.61 -17.65 -23.76
N ALA C 107 67.69 -16.69 -23.72
CA ALA C 107 66.28 -17.00 -23.62
C ALA C 107 65.45 -15.83 -24.12
N VAL C 108 64.38 -16.13 -24.85
CA VAL C 108 63.44 -15.14 -25.36
C VAL C 108 62.04 -15.67 -25.12
N ILE C 109 61.29 -15.03 -24.24
CA ILE C 109 59.92 -15.42 -23.92
C ILE C 109 59.07 -14.15 -23.98
N GLY C 110 58.41 -13.92 -25.11
CA GLY C 110 57.59 -12.74 -25.27
C GLY C 110 58.39 -11.46 -25.37
N ALA C 111 58.32 -10.62 -24.34
CA ALA C 111 59.06 -9.36 -24.29
C ALA C 111 60.06 -9.34 -23.13
N VAL C 112 60.58 -10.50 -22.76
CA VAL C 112 61.59 -10.62 -21.70
C VAL C 112 62.77 -11.39 -22.27
N VAL C 113 63.97 -10.85 -22.07
CA VAL C 113 65.19 -11.41 -22.65
C VAL C 113 66.21 -11.60 -21.54
N ASP C 114 66.97 -12.70 -21.60
CA ASP C 114 68.04 -12.99 -20.66
C ASP C 114 69.38 -12.97 -21.36
N VAL C 115 70.38 -12.39 -20.71
CA VAL C 115 71.71 -12.23 -21.27
C VAL C 115 72.74 -12.72 -20.26
N GLN C 116 73.78 -13.41 -20.75
CA GLN C 116 74.83 -13.94 -19.91
C GLN C 116 76.15 -13.29 -20.26
N PHE C 117 76.90 -12.86 -19.24
CA PHE C 117 78.16 -12.16 -19.42
C PHE C 117 79.32 -13.01 -18.91
N ASP C 118 80.40 -13.08 -19.69
CA ASP C 118 81.57 -13.85 -19.29
C ASP C 118 82.31 -13.15 -18.16
N GLU C 119 82.53 -11.84 -18.29
CA GLU C 119 83.20 -11.05 -17.26
C GLU C 119 82.42 -9.77 -17.03
N GLY C 120 82.47 -9.28 -15.80
CA GLY C 120 81.74 -8.07 -15.46
C GLY C 120 80.25 -8.30 -15.38
N LEU C 121 79.51 -7.30 -14.93
CA LEU C 121 78.06 -7.41 -14.83
C LEU C 121 77.45 -6.01 -14.80
N PRO C 122 76.52 -5.69 -15.69
CA PRO C 122 75.91 -4.37 -15.69
C PRO C 122 75.04 -4.16 -14.48
N PRO C 123 75.11 -3.00 -13.84
CA PRO C 123 74.22 -2.71 -12.70
C PRO C 123 72.79 -2.55 -13.16
N ILE C 124 71.89 -2.59 -12.17
CA ILE C 124 70.46 -2.49 -12.46
C ILE C 124 70.14 -1.11 -13.02
N LEU C 125 69.05 -1.04 -13.79
CA LEU C 125 68.58 0.17 -14.45
C LEU C 125 69.60 0.70 -15.46
N ASN C 126 70.26 -0.22 -16.16
CA ASN C 126 71.21 0.11 -17.20
C ASN C 126 70.65 -0.29 -18.55
N ALA C 127 71.19 0.30 -19.61
CA ALA C 127 70.71 0.10 -20.97
C ALA C 127 71.70 -0.72 -21.77
N LEU C 128 71.19 -1.66 -22.56
CA LEU C 128 71.99 -2.53 -23.39
C LEU C 128 71.62 -2.35 -24.85
N GLU C 129 72.56 -2.70 -25.73
CA GLU C 129 72.39 -2.57 -27.17
C GLU C 129 72.56 -3.92 -27.83
N VAL C 130 71.61 -4.29 -28.70
CA VAL C 130 71.62 -5.56 -29.39
C VAL C 130 72.19 -5.36 -30.79
N GLN C 131 73.11 -6.23 -31.19
CA GLN C 131 73.84 -6.08 -32.44
C GLN C 131 73.22 -6.90 -33.55
N GLY C 132 73.28 -6.36 -34.77
CA GLY C 132 72.86 -7.10 -35.95
C GLY C 132 71.41 -6.92 -36.35
N ARG C 133 70.90 -5.70 -36.25
CA ARG C 133 69.52 -5.43 -36.64
C ARG C 133 69.48 -4.12 -37.44
N GLU C 134 68.42 -3.99 -38.24
CA GLU C 134 68.28 -2.81 -39.08
C GLU C 134 67.86 -1.57 -38.31
N THR C 135 67.36 -1.74 -37.09
CA THR C 135 66.94 -0.62 -36.26
C THR C 135 67.41 -0.85 -34.84
N ARG C 136 67.44 0.22 -34.05
CA ARG C 136 67.89 0.12 -32.67
C ARG C 136 66.93 -0.73 -31.84
N LEU C 137 67.49 -1.38 -30.83
CA LEU C 137 66.69 -2.19 -29.90
C LEU C 137 67.40 -2.17 -28.56
N VAL C 138 66.87 -1.42 -27.61
CA VAL C 138 67.49 -1.26 -26.29
C VAL C 138 66.76 -2.14 -25.29
N LEU C 139 67.51 -2.57 -24.27
CA LEU C 139 66.98 -3.38 -23.19
C LEU C 139 67.39 -2.76 -21.86
N GLU C 140 66.55 -2.93 -20.85
CA GLU C 140 66.78 -2.34 -19.53
C GLU C 140 66.88 -3.45 -18.49
N VAL C 141 67.92 -3.40 -17.67
CA VAL C 141 68.18 -4.44 -16.69
C VAL C 141 67.16 -4.35 -15.56
N ALA C 142 66.70 -5.50 -15.09
CA ALA C 142 65.72 -5.55 -14.01
C ALA C 142 66.19 -6.33 -12.79
N GLN C 143 66.87 -7.46 -12.98
CA GLN C 143 67.24 -8.33 -11.88
C GLN C 143 68.60 -8.96 -12.16
N HIS C 144 69.18 -9.53 -11.11
CA HIS C 144 70.38 -10.36 -11.21
C HIS C 144 70.01 -11.77 -10.75
N LEU C 145 69.52 -12.58 -11.69
CA LEU C 145 69.19 -13.97 -11.42
C LEU C 145 70.32 -14.72 -10.73
N GLY C 146 71.50 -14.67 -11.33
CA GLY C 146 72.65 -15.40 -10.82
C GLY C 146 73.41 -16.06 -11.93
N GLU C 147 74.54 -16.69 -11.61
CA GLU C 147 75.41 -17.34 -12.60
C GLU C 147 75.71 -16.39 -13.76
N SER C 148 76.01 -15.13 -13.41
CA SER C 148 76.33 -14.08 -14.37
C SER C 148 75.27 -13.96 -15.46
N THR C 149 74.00 -13.95 -15.04
CA THR C 149 72.87 -13.82 -15.94
C THR C 149 71.92 -12.76 -15.41
N VAL C 150 71.36 -11.95 -16.31
CA VAL C 150 70.45 -10.87 -15.95
C VAL C 150 69.16 -11.02 -16.73
N ARG C 151 68.10 -10.43 -16.20
CA ARG C 151 66.78 -10.44 -16.82
C ARG C 151 66.37 -9.02 -17.16
N THR C 152 65.99 -8.79 -18.42
CA THR C 152 65.74 -7.47 -18.94
C THR C 152 64.34 -7.39 -19.55
N ILE C 153 63.94 -6.17 -19.92
CA ILE C 153 62.70 -5.92 -20.63
C ILE C 153 63.03 -5.17 -21.91
N ALA C 154 62.17 -5.33 -22.91
CA ALA C 154 62.43 -4.81 -24.25
C ALA C 154 61.61 -3.55 -24.52
N MET C 155 62.21 -2.60 -25.23
CA MET C 155 61.57 -1.34 -25.57
C MET C 155 61.02 -1.32 -26.99
N ASP C 156 60.99 -2.45 -27.67
CA ASP C 156 60.48 -2.52 -29.03
C ASP C 156 60.15 -3.98 -29.34
N GLY C 157 59.79 -4.26 -30.59
CA GLY C 157 59.37 -5.59 -30.95
C GLY C 157 60.48 -6.61 -30.83
N THR C 158 60.09 -7.84 -30.51
CA THR C 158 61.03 -8.94 -30.25
C THR C 158 60.64 -10.12 -31.13
N GLU C 159 61.17 -10.15 -32.34
CA GLU C 159 60.98 -11.30 -33.23
C GLU C 159 62.18 -11.39 -34.16
N GLY C 160 62.54 -12.61 -34.52
CA GLY C 160 63.71 -12.84 -35.33
C GLY C 160 65.01 -12.89 -34.56
N LEU C 161 64.97 -12.89 -33.23
CA LEU C 161 66.17 -13.02 -32.43
C LEU C 161 66.55 -14.49 -32.30
N VAL C 162 67.86 -14.72 -32.16
CA VAL C 162 68.41 -16.08 -32.11
C VAL C 162 69.17 -16.24 -30.80
N ARG C 163 69.16 -17.46 -30.27
CA ARG C 163 69.88 -17.77 -29.04
C ARG C 163 71.38 -17.77 -29.29
N GLY C 164 72.04 -16.64 -29.06
CA GLY C 164 73.47 -16.54 -29.30
C GLY C 164 73.90 -15.19 -29.83
N GLN C 165 72.95 -14.33 -30.16
CA GLN C 165 73.29 -13.01 -30.67
C GLN C 165 74.06 -12.21 -29.63
N LYS C 166 75.02 -11.42 -30.09
CA LYS C 166 75.86 -10.64 -29.20
C LYS C 166 75.14 -9.38 -28.75
N VAL C 167 75.49 -8.92 -27.54
CA VAL C 167 74.90 -7.73 -26.94
C VAL C 167 76.04 -6.84 -26.46
N LEU C 168 75.70 -5.57 -26.22
CA LEU C 168 76.69 -4.60 -25.79
C LEU C 168 76.15 -3.81 -24.60
N ASP C 169 77.06 -3.33 -23.76
CA ASP C 169 76.72 -2.56 -22.58
C ASP C 169 77.09 -1.10 -22.81
N SER C 170 76.11 -0.21 -22.63
CA SER C 170 76.35 1.22 -22.86
C SER C 170 77.12 1.85 -21.70
N GLY C 171 76.93 1.38 -20.48
CA GLY C 171 77.63 1.89 -19.33
C GLY C 171 76.83 2.83 -18.44
N ALA C 172 75.64 3.23 -18.86
CA ALA C 172 74.82 4.16 -18.11
C ALA C 172 73.37 4.00 -18.57
N PRO C 173 72.41 4.45 -17.76
CA PRO C 173 71.00 4.39 -18.21
C PRO C 173 70.74 5.26 -19.42
N ILE C 174 69.49 5.25 -19.91
CA ILE C 174 69.17 5.90 -21.17
C ILE C 174 69.47 7.39 -21.09
N LYS C 175 70.13 7.91 -22.11
CA LYS C 175 70.46 9.33 -22.21
C LYS C 175 69.77 9.95 -23.41
N ILE C 176 69.30 11.17 -23.26
CA ILE C 176 68.56 11.87 -24.30
C ILE C 176 69.14 13.27 -24.48
N PRO C 177 68.95 13.88 -25.64
CA PRO C 177 69.39 15.27 -25.82
C PRO C 177 68.53 16.24 -25.00
N VAL C 178 69.19 17.19 -24.36
CA VAL C 178 68.52 18.25 -23.61
C VAL C 178 69.17 19.57 -23.98
N GLY C 179 68.35 20.58 -24.25
CA GLY C 179 68.84 21.89 -24.60
C GLY C 179 67.78 22.75 -25.25
N PRO C 180 68.16 23.96 -25.66
CA PRO C 180 67.21 24.88 -26.28
C PRO C 180 66.91 24.61 -27.75
N GLU C 181 67.46 23.54 -28.33
CA GLU C 181 67.13 23.16 -29.70
C GLU C 181 66.10 22.05 -29.75
N THR C 182 65.49 21.69 -28.63
CA THR C 182 64.41 20.72 -28.59
C THR C 182 63.04 21.36 -28.72
N LEU C 183 62.98 22.68 -28.86
CA LEU C 183 61.70 23.38 -28.96
C LEU C 183 61.18 23.28 -30.39
N GLY C 184 59.98 22.73 -30.54
CA GLY C 184 59.39 22.54 -31.86
C GLY C 184 59.70 21.22 -32.52
N ARG C 185 60.11 20.21 -31.76
CA ARG C 185 60.46 18.91 -32.31
C ARG C 185 59.65 17.82 -31.63
N ILE C 186 59.73 16.61 -32.18
CA ILE C 186 59.07 15.42 -31.64
C ILE C 186 60.11 14.33 -31.47
N MET C 187 60.10 13.68 -30.31
CA MET C 187 61.02 12.59 -30.02
C MET C 187 60.27 11.47 -29.32
N ASN C 188 60.79 10.25 -29.46
CA ASN C 188 60.21 9.09 -28.81
C ASN C 188 60.89 8.85 -27.46
N VAL C 189 60.67 7.68 -26.87
CA VAL C 189 61.13 7.43 -25.50
C VAL C 189 62.65 7.48 -25.41
N ILE C 190 63.35 6.89 -26.38
CA ILE C 190 64.81 6.84 -26.32
C ILE C 190 65.46 8.10 -26.88
N GLY C 191 64.68 9.07 -27.32
CA GLY C 191 65.22 10.36 -27.70
C GLY C 191 65.79 10.45 -29.10
N GLU C 192 64.99 10.12 -30.11
CA GLU C 192 65.38 10.33 -31.50
C GLU C 192 64.20 10.87 -32.28
N PRO C 193 64.46 11.74 -33.26
CA PRO C 193 63.35 12.43 -33.94
C PRO C 193 62.48 11.49 -34.75
N ILE C 194 61.18 11.79 -34.77
CA ILE C 194 60.22 11.03 -35.56
C ILE C 194 59.38 11.96 -36.41
N ASP C 195 59.93 13.12 -36.79
CA ASP C 195 59.20 14.07 -37.61
C ASP C 195 59.88 14.37 -38.94
N GLU C 196 60.96 13.66 -39.27
CA GLU C 196 61.62 13.76 -40.57
C GLU C 196 62.10 15.19 -40.84
N ARG C 197 62.97 15.68 -39.96
CA ARG C 197 63.61 16.97 -40.16
C ARG C 197 65.11 16.96 -39.93
N GLY C 198 65.67 15.86 -39.42
CA GLY C 198 67.11 15.77 -39.24
C GLY C 198 67.48 15.52 -37.79
N PRO C 199 68.79 15.49 -37.52
CA PRO C 199 69.25 15.27 -36.15
C PRO C 199 68.98 16.46 -35.26
N ILE C 200 68.98 16.21 -33.96
CA ILE C 200 68.79 17.25 -32.94
C ILE C 200 70.18 17.55 -32.40
N LYS C 201 70.82 18.58 -32.97
CA LYS C 201 72.20 18.90 -32.63
C LYS C 201 72.22 19.77 -31.37
N THR C 202 72.60 19.17 -30.25
CA THR C 202 72.72 19.85 -28.97
C THR C 202 74.14 19.68 -28.44
N LYS C 203 74.36 20.11 -27.20
CA LYS C 203 75.69 20.08 -26.60
C LYS C 203 75.81 19.17 -25.38
N GLN C 204 74.72 18.64 -24.86
CA GLN C 204 74.80 17.88 -23.62
C GLN C 204 73.70 16.83 -23.59
N PHE C 205 73.89 15.84 -22.72
CA PHE C 205 72.96 14.72 -22.57
C PHE C 205 72.73 14.46 -21.09
N ALA C 206 71.58 13.89 -20.76
CA ALA C 206 71.21 13.62 -19.38
C ALA C 206 70.47 12.29 -19.30
N ALA C 207 70.58 11.65 -18.14
CA ALA C 207 69.90 10.40 -17.88
C ALA C 207 68.50 10.65 -17.34
N ILE C 208 67.63 9.66 -17.49
CA ILE C 208 66.23 9.81 -17.11
C ILE C 208 65.93 9.34 -15.69
N HIS C 209 66.82 8.56 -15.08
CA HIS C 209 66.64 8.11 -13.70
C HIS C 209 67.47 9.01 -12.79
N ALA C 210 66.79 9.77 -11.93
CA ALA C 210 67.44 10.69 -11.01
C ALA C 210 66.78 10.55 -9.65
N GLU C 211 67.07 11.48 -8.75
CA GLU C 211 66.53 11.46 -7.40
C GLU C 211 65.94 12.82 -7.04
N ALA C 212 65.00 12.80 -6.10
CA ALA C 212 64.30 14.00 -5.71
C ALA C 212 65.24 14.93 -4.93
N PRO C 213 64.95 16.23 -4.93
CA PRO C 213 65.81 17.17 -4.20
C PRO C 213 65.81 16.89 -2.70
N GLU C 214 66.93 17.22 -2.06
CA GLU C 214 67.12 16.94 -0.64
C GLU C 214 66.19 17.81 0.21
N PHE C 215 66.24 17.58 1.53
CA PHE C 215 65.37 18.28 2.45
C PHE C 215 65.71 19.76 2.56
N MET C 216 66.98 20.12 2.36
CA MET C 216 67.44 21.48 2.61
C MET C 216 67.30 22.40 1.41
N GLU C 217 66.75 21.92 0.31
CA GLU C 217 66.55 22.75 -0.89
C GLU C 217 65.09 23.10 -1.14
N MET C 218 64.20 22.77 -0.21
CA MET C 218 62.79 23.05 -0.39
C MET C 218 62.47 24.48 0.05
N SER C 219 61.42 25.04 -0.52
CA SER C 219 60.93 26.34 -0.11
C SER C 219 59.97 26.19 1.05
N VAL C 220 60.08 27.10 2.02
CA VAL C 220 59.27 27.04 3.23
C VAL C 220 58.05 27.93 3.15
N GLU C 221 57.76 28.48 1.97
CA GLU C 221 56.60 29.34 1.77
C GLU C 221 55.80 28.86 0.57
N GLN C 222 54.54 29.24 0.54
CA GLN C 222 53.65 28.91 -0.57
C GLN C 222 53.22 30.18 -1.28
N GLU C 223 53.18 30.12 -2.61
CA GLU C 223 52.83 31.30 -3.41
C GLU C 223 51.76 30.94 -4.44
N ILE C 224 51.47 31.88 -5.33
CA ILE C 224 50.41 31.72 -6.33
C ILE C 224 50.98 32.03 -7.70
N LEU C 225 50.70 31.16 -8.67
CA LEU C 225 51.05 31.40 -10.06
C LEU C 225 49.83 32.01 -10.76
N VAL C 226 50.02 33.18 -11.35
CA VAL C 226 48.93 33.94 -11.98
C VAL C 226 48.93 33.63 -13.47
N THR C 227 47.79 33.19 -13.99
CA THR C 227 47.67 32.78 -15.38
C THR C 227 47.01 33.82 -16.27
N GLY C 228 46.21 34.72 -15.72
CA GLY C 228 45.53 35.72 -16.51
C GLY C 228 44.12 35.38 -16.92
N ILE C 229 43.52 34.35 -16.35
CA ILE C 229 42.13 33.97 -16.61
C ILE C 229 41.32 34.29 -15.38
N LYS C 230 40.17 34.95 -15.57
CA LYS C 230 39.43 35.50 -14.44
C LYS C 230 38.93 34.40 -13.51
N VAL C 231 38.31 33.36 -14.07
CA VAL C 231 37.62 32.38 -13.24
C VAL C 231 38.62 31.56 -12.43
N VAL C 232 39.73 31.14 -13.06
CA VAL C 232 40.74 30.35 -12.35
C VAL C 232 41.46 31.21 -11.31
N ASP C 233 41.87 32.41 -11.68
CA ASP C 233 42.58 33.26 -10.74
C ASP C 233 41.70 33.83 -9.64
N LEU C 234 40.37 33.74 -9.78
CA LEU C 234 39.50 34.24 -8.73
C LEU C 234 38.93 33.15 -7.83
N LEU C 235 38.56 32.01 -8.38
CA LEU C 235 37.88 30.97 -7.62
C LEU C 235 38.74 29.77 -7.26
N ALA C 236 39.64 29.34 -8.15
CA ALA C 236 40.49 28.17 -7.91
C ALA C 236 41.91 28.50 -8.35
N PRO C 237 42.63 29.31 -7.59
CA PRO C 237 43.99 29.68 -8.01
C PRO C 237 44.93 28.49 -8.01
N TYR C 238 45.86 28.50 -8.98
CA TYR C 238 46.89 27.48 -9.06
C TYR C 238 48.03 27.80 -8.10
N ALA C 239 48.68 26.75 -7.62
CA ALA C 239 49.80 26.88 -6.69
C ALA C 239 51.11 26.67 -7.43
N LYS C 240 52.07 27.56 -7.20
CA LYS C 240 53.37 27.43 -7.84
C LYS C 240 54.09 26.19 -7.34
N GLY C 241 54.57 25.37 -8.28
CA GLY C 241 55.14 24.10 -7.92
C GLY C 241 54.15 23.11 -7.35
N GLY C 242 52.96 23.01 -7.96
CA GLY C 242 51.94 22.11 -7.49
C GLY C 242 51.38 21.26 -8.63
N LYS C 243 50.40 20.43 -8.26
CA LYS C 243 49.77 19.51 -9.20
C LYS C 243 48.31 19.89 -9.37
N ILE C 244 47.82 19.81 -10.60
CA ILE C 244 46.46 20.19 -10.96
C ILE C 244 45.80 19.02 -11.65
N GLY C 245 44.55 18.74 -11.29
CA GLY C 245 43.77 17.68 -11.90
C GLY C 245 42.70 18.28 -12.81
N LEU C 246 42.70 17.84 -14.06
CA LEU C 246 41.82 18.38 -15.09
C LEU C 246 40.77 17.34 -15.45
N PHE C 247 39.58 17.48 -14.86
CA PHE C 247 38.45 16.62 -15.19
C PHE C 247 37.74 17.19 -16.41
N GLY C 248 37.59 16.38 -17.45
CA GLY C 248 36.97 16.86 -18.67
C GLY C 248 36.86 15.78 -19.70
N GLY C 249 36.61 16.20 -20.93
CA GLY C 249 36.46 15.27 -22.04
C GLY C 249 36.58 15.93 -23.40
N ALA C 250 35.73 15.54 -24.34
CA ALA C 250 35.77 16.06 -25.69
C ALA C 250 34.54 16.92 -25.95
N GLY C 251 34.74 17.96 -26.76
CA GLY C 251 33.67 18.88 -27.09
C GLY C 251 33.48 20.03 -26.13
N VAL C 252 34.42 20.24 -25.21
CA VAL C 252 34.29 21.32 -24.23
C VAL C 252 35.55 22.18 -24.23
N GLY C 253 36.28 22.21 -25.34
CA GLY C 253 37.38 23.14 -25.52
C GLY C 253 38.61 22.94 -24.66
N LYS C 254 39.13 21.72 -24.60
CA LYS C 254 40.29 21.41 -23.76
C LYS C 254 41.60 21.86 -24.40
N THR C 255 41.74 21.66 -25.72
CA THR C 255 43.00 21.98 -26.39
C THR C 255 43.23 23.48 -26.47
N VAL C 256 42.16 24.25 -26.64
CA VAL C 256 42.28 25.70 -26.67
C VAL C 256 42.77 26.21 -25.32
N LEU C 257 42.27 25.62 -24.23
CA LEU C 257 42.74 25.99 -22.91
C LEU C 257 44.22 25.64 -22.73
N ILE C 258 44.63 24.48 -23.22
CA ILE C 258 46.04 24.09 -23.11
C ILE C 258 46.92 25.10 -23.83
N MET C 259 46.57 25.43 -25.07
CA MET C 259 47.38 26.37 -25.84
C MET C 259 47.33 27.78 -25.26
N GLU C 260 46.22 28.18 -24.65
CA GLU C 260 46.14 29.51 -24.04
C GLU C 260 47.01 29.60 -22.80
N LEU C 261 47.05 28.53 -22.00
CA LEU C 261 47.99 28.50 -20.88
C LEU C 261 49.43 28.58 -21.40
N ILE C 262 49.73 27.85 -22.47
CA ILE C 262 51.08 27.87 -23.03
C ILE C 262 51.48 29.27 -23.44
N ASN C 263 50.54 30.01 -24.06
CA ASN C 263 50.85 31.37 -24.49
C ASN C 263 50.99 32.32 -23.31
N ASN C 264 50.07 32.23 -22.33
CA ASN C 264 50.07 33.17 -21.22
C ASN C 264 51.30 33.02 -20.34
N VAL C 265 51.70 31.78 -20.04
CA VAL C 265 52.87 31.62 -19.17
C VAL C 265 54.13 32.10 -19.87
N ALA C 266 54.20 32.01 -21.20
CA ALA C 266 55.36 32.51 -21.92
C ALA C 266 55.37 34.02 -22.01
N LYS C 267 54.19 34.65 -22.03
CA LYS C 267 54.16 36.11 -22.11
C LYS C 267 54.41 36.75 -20.75
N ALA C 268 53.68 36.32 -19.72
CA ALA C 268 53.71 37.05 -18.46
C ALA C 268 54.89 36.70 -17.57
N HIS C 269 55.58 35.59 -17.80
CA HIS C 269 56.68 35.23 -16.92
C HIS C 269 57.97 34.93 -17.67
N GLY C 270 57.89 34.37 -18.87
CA GLY C 270 59.09 34.01 -19.60
C GLY C 270 59.50 32.57 -19.36
N GLY C 271 58.57 31.64 -19.53
CA GLY C 271 58.86 30.24 -19.33
C GLY C 271 58.47 29.42 -20.54
N TYR C 272 59.01 28.20 -20.59
CA TYR C 272 58.75 27.25 -21.66
C TYR C 272 57.90 26.10 -21.14
N SER C 273 57.48 25.23 -22.05
CA SER C 273 56.54 24.17 -21.70
C SER C 273 56.95 22.87 -22.37
N VAL C 274 56.50 21.75 -21.79
CA VAL C 274 56.75 20.43 -22.31
C VAL C 274 55.44 19.64 -22.29
N PHE C 275 55.20 18.88 -23.36
CA PHE C 275 53.99 18.07 -23.49
C PHE C 275 54.40 16.61 -23.63
N ALA C 276 53.76 15.74 -22.88
CA ALA C 276 54.06 14.31 -22.89
C ALA C 276 52.77 13.54 -23.13
N GLY C 277 52.78 12.66 -24.13
CA GLY C 277 51.63 11.83 -24.44
C GLY C 277 51.86 10.38 -24.10
N VAL C 278 51.23 9.91 -23.03
CA VAL C 278 51.39 8.53 -22.56
C VAL C 278 50.21 7.71 -23.10
N GLY C 279 50.50 6.74 -23.95
CA GLY C 279 49.45 5.99 -24.60
C GLY C 279 48.62 6.87 -25.51
N GLU C 280 49.25 7.38 -26.57
CA GLU C 280 48.65 8.38 -27.44
C GLU C 280 48.17 7.72 -28.73
N ARG C 281 46.93 8.04 -29.12
CA ARG C 281 46.46 7.63 -30.43
C ARG C 281 47.17 8.44 -31.52
N THR C 282 47.53 7.76 -32.61
CA THR C 282 48.31 8.41 -33.66
C THR C 282 47.52 9.52 -34.35
N ARG C 283 46.24 9.25 -34.64
CA ARG C 283 45.43 10.22 -35.37
C ARG C 283 45.26 11.51 -34.58
N GLU C 284 45.00 11.40 -33.28
CA GLU C 284 44.83 12.60 -32.46
C GLU C 284 46.14 13.33 -32.26
N GLY C 285 47.26 12.61 -32.20
CA GLY C 285 48.55 13.26 -32.14
C GLY C 285 48.91 14.02 -33.42
N ASN C 286 48.54 13.48 -34.58
CA ASN C 286 48.74 14.21 -35.83
C ASN C 286 47.85 15.44 -35.88
N ASP C 287 46.60 15.30 -35.44
CA ASP C 287 45.71 16.46 -35.40
C ASP C 287 46.23 17.53 -34.46
N LEU C 288 46.72 17.14 -33.28
CA LEU C 288 47.27 18.11 -32.34
C LEU C 288 48.52 18.79 -32.90
N TYR C 289 49.39 18.02 -33.56
CA TYR C 289 50.61 18.59 -34.12
C TYR C 289 50.28 19.62 -35.19
N HIS C 290 49.31 19.31 -36.05
CA HIS C 290 48.91 20.28 -37.07
C HIS C 290 48.08 21.42 -36.50
N GLU C 291 47.41 21.22 -35.38
CA GLU C 291 46.63 22.30 -34.77
C GLU C 291 47.53 23.31 -34.08
N MET C 292 48.66 22.87 -33.53
CA MET C 292 49.56 23.79 -32.85
C MET C 292 50.34 24.69 -33.82
N ILE C 293 50.49 24.28 -35.08
CA ILE C 293 51.27 25.08 -36.02
C ILE C 293 50.52 26.36 -36.40
N GLU C 294 49.23 26.25 -36.68
CA GLU C 294 48.50 27.42 -37.17
C GLU C 294 48.23 28.44 -36.07
N SER C 295 48.13 28.01 -34.81
CA SER C 295 47.89 28.96 -33.73
C SER C 295 49.12 29.82 -33.47
N GLY C 296 50.31 29.28 -33.69
CA GLY C 296 51.54 30.04 -33.56
C GLY C 296 52.48 29.59 -32.45
N VAL C 297 52.13 28.57 -31.65
CA VAL C 297 53.03 28.14 -30.59
C VAL C 297 54.20 27.31 -31.10
N ILE C 298 54.12 26.80 -32.32
CA ILE C 298 55.22 26.11 -32.98
C ILE C 298 55.48 26.78 -34.31
N ASN C 299 56.75 27.11 -34.57
CA ASN C 299 57.15 27.79 -35.79
C ASN C 299 58.16 26.94 -36.54
N LEU C 300 57.95 26.78 -37.84
CA LEU C 300 58.79 25.92 -38.67
C LEU C 300 59.78 26.70 -39.52
N LYS C 301 59.90 28.02 -39.32
CA LYS C 301 60.76 28.85 -40.15
C LYS C 301 61.90 29.53 -39.41
N ASP C 302 61.84 29.61 -38.09
CA ASP C 302 62.89 30.29 -37.33
C ASP C 302 62.88 29.74 -35.90
N ALA C 303 63.60 30.42 -35.00
CA ALA C 303 63.72 30.01 -33.61
C ALA C 303 62.77 30.86 -32.77
N THR C 304 61.50 30.44 -32.75
CA THR C 304 60.49 31.13 -31.95
C THR C 304 59.53 30.15 -31.28
N SER C 305 59.81 28.86 -31.32
CA SER C 305 58.91 27.87 -30.75
C SER C 305 58.90 27.96 -29.23
N LYS C 306 57.85 27.40 -28.63
CA LYS C 306 57.68 27.43 -27.18
C LYS C 306 57.44 26.07 -26.55
N VAL C 307 57.13 25.03 -27.32
CA VAL C 307 56.78 23.74 -26.75
C VAL C 307 57.66 22.65 -27.35
N ALA C 308 57.97 21.65 -26.53
CA ALA C 308 58.64 20.44 -26.96
C ALA C 308 57.72 19.26 -26.74
N LEU C 309 57.62 18.38 -27.74
CA LEU C 309 56.68 17.28 -27.72
C LEU C 309 57.41 15.95 -27.58
N VAL C 310 56.87 15.08 -26.72
CA VAL C 310 57.38 13.72 -26.54
C VAL C 310 56.18 12.77 -26.65
N TYR C 311 56.32 11.74 -27.48
CA TYR C 311 55.21 10.86 -27.81
C TYR C 311 55.53 9.41 -27.49
N GLY C 312 54.58 8.72 -26.87
CA GLY C 312 54.61 7.27 -26.73
C GLY C 312 53.25 6.71 -27.10
N GLN C 313 53.20 5.91 -28.16
CA GLN C 313 51.94 5.55 -28.80
C GLN C 313 51.41 4.22 -28.27
N MET C 314 50.21 3.87 -28.71
CA MET C 314 49.49 2.72 -28.15
C MET C 314 50.05 1.39 -28.62
N ASN C 315 50.67 1.33 -29.80
CA ASN C 315 51.10 0.07 -30.38
C ASN C 315 52.55 -0.27 -30.03
N GLU C 316 53.01 0.15 -28.87
CA GLU C 316 54.35 -0.15 -28.38
C GLU C 316 54.28 -1.07 -27.16
N PRO C 317 55.34 -1.82 -26.89
CA PRO C 317 55.30 -2.77 -25.77
C PRO C 317 55.15 -2.05 -24.44
N PRO C 318 54.62 -2.74 -23.42
CA PRO C 318 54.31 -2.04 -22.16
C PRO C 318 55.51 -1.40 -21.49
N GLY C 319 56.70 -1.95 -21.65
CA GLY C 319 57.88 -1.34 -21.06
C GLY C 319 58.17 0.04 -21.60
N ALA C 320 57.85 0.27 -22.87
CA ALA C 320 58.09 1.58 -23.49
C ALA C 320 57.09 2.62 -23.05
N ARG C 321 55.84 2.23 -22.77
CA ARG C 321 54.81 3.19 -22.39
C ARG C 321 54.87 3.58 -20.92
N ALA C 322 55.78 3.00 -20.14
CA ALA C 322 55.90 3.32 -18.73
C ALA C 322 57.07 4.24 -18.42
N ARG C 323 57.89 4.60 -19.41
CA ARG C 323 59.06 5.45 -19.20
C ARG C 323 58.97 6.79 -19.90
N VAL C 324 57.89 7.06 -20.64
CA VAL C 324 57.82 8.30 -21.41
C VAL C 324 57.73 9.51 -20.48
N ALA C 325 57.06 9.35 -19.33
CA ALA C 325 56.88 10.48 -18.42
C ALA C 325 58.20 10.95 -17.82
N LEU C 326 59.11 10.02 -17.51
CA LEU C 326 60.42 10.43 -17.01
C LEU C 326 61.22 11.13 -18.11
N THR C 327 61.05 10.71 -19.36
CA THR C 327 61.69 11.41 -20.48
C THR C 327 61.17 12.82 -20.61
N GLY C 328 59.86 13.02 -20.40
CA GLY C 328 59.30 14.37 -20.43
C GLY C 328 59.67 15.21 -19.22
N LEU C 329 59.96 14.58 -18.09
CA LEU C 329 60.37 15.33 -16.90
C LEU C 329 61.83 15.75 -16.96
N THR C 330 62.68 14.92 -17.58
CA THR C 330 64.10 15.23 -17.65
C THR C 330 64.38 16.44 -18.53
N VAL C 331 63.55 16.67 -19.56
CA VAL C 331 63.74 17.83 -20.41
C VAL C 331 63.46 19.13 -19.65
N ALA C 332 62.42 19.13 -18.81
CA ALA C 332 62.07 20.34 -18.06
C ALA C 332 63.03 20.59 -16.90
N GLU C 333 63.61 19.53 -16.33
CA GLU C 333 64.58 19.77 -15.25
C GLU C 333 65.79 20.57 -15.73
N TYR C 334 66.15 20.49 -17.00
CA TYR C 334 67.25 21.30 -17.51
C TYR C 334 66.89 22.78 -17.51
N PHE C 335 65.70 23.12 -18.00
CA PHE C 335 65.26 24.51 -17.97
C PHE C 335 65.17 25.02 -16.55
N ARG C 336 64.79 24.16 -15.60
CA ARG C 336 64.70 24.61 -14.22
C ARG C 336 66.07 24.86 -13.61
N ASP C 337 67.03 23.95 -13.84
CA ASP C 337 68.27 24.06 -13.10
C ASP C 337 69.34 24.88 -13.81
N GLN C 338 69.49 24.71 -15.13
CA GLN C 338 70.58 25.37 -15.84
C GLN C 338 70.23 26.77 -16.34
N GLU C 339 68.98 27.20 -16.19
CA GLU C 339 68.57 28.53 -16.61
C GLU C 339 67.75 29.28 -15.57
N GLY C 340 67.27 28.61 -14.53
CA GLY C 340 66.58 29.29 -13.44
C GLY C 340 65.29 29.98 -13.82
N GLN C 341 64.43 29.28 -14.56
CA GLN C 341 63.13 29.83 -14.94
C GLN C 341 62.04 28.85 -14.54
N ASP C 342 60.79 29.29 -14.70
CA ASP C 342 59.62 28.49 -14.37
C ASP C 342 59.11 27.77 -15.60
N VAL C 343 58.67 26.53 -15.41
CA VAL C 343 58.29 25.65 -16.51
C VAL C 343 56.87 25.13 -16.27
N LEU C 344 56.24 24.67 -17.33
CA LEU C 344 54.95 24.01 -17.28
C LEU C 344 55.05 22.64 -17.93
N LEU C 345 54.43 21.64 -17.32
CA LEU C 345 54.50 20.27 -17.80
C LEU C 345 53.09 19.70 -17.91
N PHE C 346 52.77 19.11 -19.06
CA PHE C 346 51.49 18.47 -19.27
C PHE C 346 51.67 16.96 -19.41
N ILE C 347 50.67 16.22 -18.97
CA ILE C 347 50.64 14.77 -19.11
C ILE C 347 49.29 14.38 -19.70
N ASP C 348 49.31 13.57 -20.76
CA ASP C 348 48.07 13.23 -21.47
C ASP C 348 47.09 12.52 -20.55
N ASN C 349 47.46 11.34 -20.07
CA ASN C 349 46.62 10.63 -19.12
C ASN C 349 47.50 10.01 -18.03
N ILE C 350 47.12 10.26 -16.78
CA ILE C 350 47.87 9.70 -15.66
C ILE C 350 47.43 8.27 -15.35
N PHE C 351 46.27 7.84 -15.84
CA PHE C 351 45.75 6.50 -15.60
C PHE C 351 46.47 5.44 -16.44
N ARG C 352 46.72 5.73 -17.71
CA ARG C 352 47.45 4.79 -18.55
C ARG C 352 48.88 4.59 -18.07
N PHE C 353 49.43 5.58 -17.38
CA PHE C 353 50.72 5.43 -16.73
C PHE C 353 50.68 4.36 -15.65
N THR C 354 49.55 4.24 -14.96
CA THR C 354 49.39 3.17 -13.97
C THR C 354 49.17 1.83 -14.64
N GLN C 355 48.36 1.80 -15.71
CA GLN C 355 48.08 0.53 -16.38
C GLN C 355 49.33 -0.07 -17.01
N ALA C 356 50.14 0.77 -17.67
CA ALA C 356 51.36 0.28 -18.30
C ALA C 356 52.33 -0.27 -17.27
N GLY C 357 52.41 0.36 -16.10
CA GLY C 357 53.23 -0.17 -15.04
C GLY C 357 52.66 -1.40 -14.38
N SER C 358 51.33 -1.56 -14.45
CA SER C 358 50.69 -2.77 -13.94
C SER C 358 50.93 -3.98 -14.83
N GLU C 359 51.14 -3.78 -16.13
CA GLU C 359 51.41 -4.92 -17.00
C GLU C 359 52.83 -5.47 -16.83
N VAL C 360 53.80 -4.61 -16.50
CA VAL C 360 55.19 -5.05 -16.39
C VAL C 360 55.37 -6.00 -15.21
N SER C 361 54.72 -5.70 -14.08
CA SER C 361 54.84 -6.58 -12.91
C SER C 361 54.27 -7.96 -13.20
N ALA C 362 53.16 -8.00 -13.94
CA ALA C 362 52.60 -9.29 -14.35
C ALA C 362 53.56 -10.04 -15.26
N LEU C 363 54.21 -9.32 -16.19
CA LEU C 363 55.19 -9.98 -17.05
C LEU C 363 56.37 -10.52 -16.27
N LEU C 364 56.83 -9.79 -15.26
CA LEU C 364 57.99 -10.22 -14.47
C LEU C 364 57.65 -11.32 -13.48
N GLY C 365 56.39 -11.70 -13.36
CA GLY C 365 55.99 -12.77 -12.45
C GLY C 365 55.96 -12.43 -10.99
N ARG C 366 55.08 -11.52 -10.60
CA ARG C 366 54.89 -11.12 -9.21
C ARG C 366 53.43 -11.25 -8.83
N ILE C 367 53.17 -11.62 -7.59
CA ILE C 367 51.79 -11.89 -7.14
C ILE C 367 51.01 -10.57 -7.12
N PRO C 368 49.82 -10.51 -7.71
CA PRO C 368 49.09 -9.24 -7.77
C PRO C 368 48.52 -8.85 -6.41
N SER C 369 48.29 -7.55 -6.27
CA SER C 369 47.68 -6.93 -5.11
C SER C 369 46.17 -6.86 -5.29
N ALA C 370 45.50 -6.09 -4.44
CA ALA C 370 44.04 -5.98 -4.50
C ALA C 370 43.58 -5.42 -5.84
N VAL C 371 42.43 -5.94 -6.31
CA VAL C 371 41.80 -5.54 -7.56
C VAL C 371 42.79 -5.67 -8.72
N GLY C 372 43.73 -6.60 -8.61
CA GLY C 372 44.63 -6.90 -9.71
C GLY C 372 45.57 -5.77 -10.10
N TYR C 373 46.13 -5.07 -9.12
CA TYR C 373 47.16 -4.08 -9.37
C TYR C 373 48.51 -4.59 -8.85
N GLN C 374 49.57 -3.87 -9.20
CA GLN C 374 50.89 -4.27 -8.78
C GLN C 374 51.09 -4.01 -7.29
N PRO C 375 51.93 -4.81 -6.62
CA PRO C 375 52.20 -4.56 -5.19
C PRO C 375 52.89 -3.23 -4.93
N THR C 376 53.55 -2.65 -5.92
CA THR C 376 54.31 -1.42 -5.77
C THR C 376 53.56 -0.22 -6.33
N LEU C 377 52.24 -0.17 -6.15
CA LEU C 377 51.44 0.90 -6.74
C LEU C 377 51.80 2.25 -6.15
N ALA C 378 52.06 2.31 -4.85
CA ALA C 378 52.29 3.60 -4.20
C ALA C 378 53.70 4.13 -4.39
N THR C 379 54.71 3.27 -4.43
CA THR C 379 56.08 3.76 -4.58
C THR C 379 56.41 4.17 -6.01
N ASP C 380 55.84 3.49 -7.00
CA ASP C 380 56.05 3.91 -8.39
C ASP C 380 55.46 5.30 -8.63
N MET C 381 54.28 5.57 -8.09
CA MET C 381 53.73 6.92 -8.17
C MET C 381 54.50 7.91 -7.33
N GLY C 382 55.01 7.50 -6.16
CA GLY C 382 55.76 8.42 -5.33
C GLY C 382 57.08 8.86 -5.95
N THR C 383 57.83 7.93 -6.54
CA THR C 383 59.14 8.30 -7.06
C THR C 383 59.04 9.31 -8.19
N MET C 384 57.96 9.27 -8.98
CA MET C 384 57.80 10.19 -10.09
C MET C 384 57.31 11.56 -9.62
N GLN C 385 56.27 11.57 -8.78
CA GLN C 385 55.63 12.83 -8.41
C GLN C 385 56.48 13.69 -7.50
N GLU C 386 57.50 13.14 -6.86
CA GLU C 386 58.30 13.91 -5.92
C GLU C 386 59.40 14.72 -6.59
N ARG C 387 59.55 14.61 -7.91
CA ARG C 387 60.53 15.39 -8.65
C ARG C 387 59.95 16.69 -9.19
N ILE C 388 58.65 16.94 -8.98
CA ILE C 388 58.01 18.17 -9.40
C ILE C 388 57.76 19.05 -8.18
N THR C 389 58.70 19.92 -7.87
CA THR C 389 58.61 20.78 -6.69
C THR C 389 59.17 22.15 -7.02
N THR C 390 59.40 22.94 -5.98
CA THR C 390 59.95 24.29 -6.10
C THR C 390 61.25 24.36 -5.29
N THR C 391 62.39 24.35 -5.97
CA THR C 391 63.67 24.51 -5.32
C THR C 391 64.05 25.99 -5.31
N LYS C 392 65.30 26.28 -4.94
CA LYS C 392 65.73 27.68 -4.86
C LYS C 392 65.97 28.29 -6.24
N LYS C 393 66.40 27.49 -7.21
CA LYS C 393 66.69 28.02 -8.54
C LYS C 393 65.42 28.30 -9.34
N GLY C 394 64.41 27.44 -9.22
CA GLY C 394 63.19 27.60 -9.98
C GLY C 394 62.08 26.68 -9.53
N SER C 395 61.15 26.35 -10.44
CA SER C 395 60.03 25.49 -10.08
C SER C 395 59.45 24.85 -11.32
N ILE C 396 58.72 23.77 -11.10
CA ILE C 396 58.00 23.05 -12.16
C ILE C 396 56.55 22.89 -11.71
N THR C 397 55.62 23.17 -12.62
CA THR C 397 54.19 23.03 -12.35
C THR C 397 53.60 22.06 -13.37
N SER C 398 52.66 21.23 -12.93
CA SER C 398 52.12 20.17 -13.77
C SER C 398 50.61 20.24 -13.84
N VAL C 399 50.07 19.95 -15.02
CA VAL C 399 48.63 19.80 -15.23
C VAL C 399 48.38 18.40 -15.77
N GLN C 400 47.49 17.66 -15.11
CA GLN C 400 47.29 16.25 -15.41
C GLN C 400 45.81 15.97 -15.62
N ALA C 401 45.53 15.01 -16.50
CA ALA C 401 44.16 14.61 -16.84
C ALA C 401 43.85 13.27 -16.19
N ILE C 402 42.64 13.17 -15.64
CA ILE C 402 42.24 12.02 -14.82
C ILE C 402 41.05 11.33 -15.47
N TYR C 403 41.07 10.00 -15.44
CA TYR C 403 39.95 9.17 -15.87
C TYR C 403 39.60 8.22 -14.74
N VAL C 404 38.34 8.22 -14.34
CA VAL C 404 37.86 7.42 -13.21
C VAL C 404 37.21 6.17 -13.76
N PRO C 405 37.71 4.97 -13.44
CA PRO C 405 37.10 3.74 -13.97
C PRO C 405 35.81 3.40 -13.24
N ALA C 406 34.76 3.11 -14.01
CA ALA C 406 33.47 2.66 -13.50
C ALA C 406 32.79 3.68 -12.60
N ASP C 407 33.19 4.95 -12.68
CA ASP C 407 32.60 6.02 -11.89
C ASP C 407 32.66 5.74 -10.40
N ASP C 408 33.77 5.13 -9.96
CA ASP C 408 33.99 4.78 -8.56
C ASP C 408 35.20 5.57 -8.08
N LEU C 409 34.96 6.51 -7.17
CA LEU C 409 36.03 7.38 -6.69
C LEU C 409 36.89 6.74 -5.61
N THR C 410 36.54 5.53 -5.16
CA THR C 410 37.33 4.81 -4.17
C THR C 410 38.17 3.70 -4.79
N ASP C 411 38.26 3.65 -6.11
CA ASP C 411 39.11 2.68 -6.77
C ASP C 411 40.58 2.97 -6.45
N PRO C 412 41.41 1.94 -6.34
CA PRO C 412 42.82 2.17 -5.96
C PRO C 412 43.61 3.01 -6.94
N ALA C 413 43.18 3.12 -8.19
CA ALA C 413 43.95 3.90 -9.16
C ALA C 413 43.77 5.40 -8.94
N PRO C 414 42.54 5.94 -8.90
CA PRO C 414 42.41 7.38 -8.66
C PRO C 414 42.55 7.79 -7.21
N ALA C 415 42.36 6.87 -6.26
CA ALA C 415 42.50 7.24 -4.85
C ALA C 415 43.94 7.51 -4.47
N THR C 416 44.88 6.80 -5.10
CA THR C 416 46.30 7.05 -4.83
C THR C 416 46.73 8.39 -5.43
N THR C 417 46.16 8.76 -6.57
CA THR C 417 46.55 10.00 -7.25
C THR C 417 46.07 11.22 -6.48
N PHE C 418 44.88 11.14 -5.88
CA PHE C 418 44.29 12.29 -5.22
C PHE C 418 45.08 12.75 -3.99
N ALA C 419 46.02 11.95 -3.50
CA ALA C 419 46.82 12.35 -2.35
C ALA C 419 47.87 13.39 -2.73
N HIS C 420 48.18 13.55 -4.02
CA HIS C 420 49.20 14.47 -4.46
C HIS C 420 48.64 15.75 -5.08
N LEU C 421 47.34 15.84 -5.27
CA LEU C 421 46.75 16.97 -6.00
C LEU C 421 46.55 18.17 -5.10
N ASP C 422 46.67 19.36 -5.71
CA ASP C 422 46.48 20.62 -5.00
C ASP C 422 45.34 21.47 -5.55
N ALA C 423 44.69 21.04 -6.63
CA ALA C 423 43.59 21.81 -7.21
C ALA C 423 42.86 20.91 -8.20
N THR C 424 41.68 21.36 -8.62
CA THR C 424 40.89 20.68 -9.64
C THR C 424 40.26 21.71 -10.55
N THR C 425 40.00 21.29 -11.79
CA THR C 425 39.32 22.12 -12.77
C THR C 425 38.34 21.24 -13.54
N VAL C 426 37.06 21.58 -13.49
CA VAL C 426 36.01 20.76 -14.06
C VAL C 426 35.41 21.50 -15.25
N LEU C 427 35.40 20.83 -16.40
CA LEU C 427 34.79 21.36 -17.62
C LEU C 427 33.50 20.59 -17.89
N SER C 428 32.41 21.32 -18.10
CA SER C 428 31.10 20.71 -18.30
C SER C 428 30.50 21.14 -19.62
N ARG C 429 29.49 20.38 -20.06
CA ARG C 429 28.80 20.66 -21.31
C ARG C 429 27.59 21.55 -21.14
N ALA C 430 26.94 21.51 -19.96
CA ALA C 430 25.81 22.39 -19.71
C ALA C 430 26.23 23.86 -19.74
N ILE C 431 27.40 24.17 -19.19
CA ILE C 431 27.92 25.53 -19.28
C ILE C 431 28.14 25.91 -20.74
N ALA C 432 28.66 24.99 -21.54
CA ALA C 432 28.88 25.27 -22.95
C ALA C 432 27.58 25.46 -23.71
N GLU C 433 26.49 24.87 -23.22
CA GLU C 433 25.19 25.06 -23.88
C GLU C 433 24.75 26.51 -23.82
N LEU C 434 24.95 27.17 -22.68
CA LEU C 434 24.53 28.56 -22.54
C LEU C 434 25.34 29.51 -23.40
N GLY C 435 26.51 29.08 -23.88
CA GLY C 435 27.36 29.96 -24.66
C GLY C 435 28.41 30.65 -23.82
N ILE C 436 29.00 29.92 -22.89
CA ILE C 436 30.02 30.43 -21.98
C ILE C 436 31.35 29.79 -22.34
N TYR C 437 32.39 30.60 -22.49
CA TYR C 437 33.70 30.10 -22.85
C TYR C 437 34.78 30.91 -22.15
N PRO C 438 35.71 30.26 -21.43
CA PRO C 438 35.84 28.80 -21.25
C PRO C 438 34.76 28.21 -20.35
N ALA C 439 34.40 26.95 -20.55
CA ALA C 439 33.30 26.32 -19.84
C ALA C 439 33.82 25.64 -18.57
N VAL C 440 34.15 26.49 -17.59
CA VAL C 440 34.62 26.04 -16.29
C VAL C 440 33.49 26.15 -15.29
N ASP C 441 33.21 25.07 -14.59
CA ASP C 441 32.15 25.06 -13.58
C ASP C 441 32.63 25.79 -12.34
N PRO C 442 31.97 26.85 -11.91
CA PRO C 442 32.48 27.63 -10.77
C PRO C 442 32.21 26.99 -9.42
N LEU C 443 31.08 26.31 -9.28
CA LEU C 443 30.70 25.71 -8.01
C LEU C 443 31.28 24.31 -7.80
N ASP C 444 31.86 23.71 -8.84
CA ASP C 444 32.33 22.33 -8.76
C ASP C 444 33.85 22.20 -8.66
N SER C 445 34.59 23.23 -9.05
CA SER C 445 36.05 23.19 -8.98
C SER C 445 36.53 23.77 -7.65
N THR C 446 37.68 23.28 -7.19
CA THR C 446 38.18 23.61 -5.86
C THR C 446 39.69 23.83 -5.92
N SER C 447 40.20 24.48 -4.89
CA SER C 447 41.63 24.68 -4.69
C SER C 447 41.98 24.40 -3.24
N ARG C 448 43.24 24.59 -2.90
CA ARG C 448 43.71 24.33 -1.54
C ARG C 448 44.46 25.49 -0.90
N ILE C 449 44.92 26.47 -1.67
CA ILE C 449 45.58 27.64 -1.10
C ILE C 449 44.53 28.71 -0.86
N MET C 450 43.25 28.34 -0.97
CA MET C 450 42.14 29.26 -0.75
C MET C 450 41.93 29.41 0.75
N ASP C 451 42.84 30.15 1.38
CA ASP C 451 42.85 30.34 2.81
C ASP C 451 43.29 31.76 3.11
N PRO C 452 42.70 32.40 4.13
CA PRO C 452 43.09 33.79 4.44
C PRO C 452 44.56 33.97 4.77
N ASN C 453 45.20 32.95 5.34
CA ASN C 453 46.61 33.09 5.73
C ASN C 453 47.56 33.12 4.54
N ILE C 454 47.09 32.82 3.34
CA ILE C 454 47.98 32.71 2.19
C ILE C 454 47.64 33.75 1.14
N VAL C 455 46.39 33.75 0.66
CA VAL C 455 46.01 34.66 -0.41
C VAL C 455 45.62 36.04 0.07
N GLY C 456 45.36 36.22 1.37
CA GLY C 456 44.95 37.50 1.90
C GLY C 456 43.51 37.48 2.41
N SER C 457 43.05 38.67 2.78
CA SER C 457 41.72 38.84 3.36
C SER C 457 40.68 39.33 2.37
N GLU C 458 41.02 40.31 1.54
CA GLU C 458 40.06 40.88 0.59
C GLU C 458 39.70 39.88 -0.50
N HIS C 459 40.71 39.20 -1.05
CA HIS C 459 40.52 38.19 -2.07
C HIS C 459 39.58 37.10 -1.60
N TYR C 460 39.77 36.64 -0.36
CA TYR C 460 38.98 35.54 0.18
C TYR C 460 37.53 35.95 0.38
N ASP C 461 37.27 37.16 0.88
CA ASP C 461 35.90 37.59 1.09
C ASP C 461 35.17 37.78 -0.23
N VAL C 462 35.84 38.34 -1.24
CA VAL C 462 35.18 38.52 -2.53
C VAL C 462 34.82 37.16 -3.13
N ALA C 463 35.78 36.22 -3.11
CA ALA C 463 35.52 34.90 -3.67
C ALA C 463 34.50 34.12 -2.86
N ARG C 464 34.30 34.44 -1.59
CA ARG C 464 33.23 33.82 -0.82
C ARG C 464 31.87 34.37 -1.22
N GLY C 465 31.78 35.69 -1.39
CA GLY C 465 30.50 36.29 -1.74
C GLY C 465 29.98 35.85 -3.09
N VAL C 466 30.89 35.75 -4.08
CA VAL C 466 30.42 35.31 -5.40
C VAL C 466 29.82 33.90 -5.33
N GLN C 467 30.45 33.00 -4.56
CA GLN C 467 29.91 31.65 -4.42
C GLN C 467 28.59 31.67 -3.69
N LYS C 468 28.45 32.52 -2.66
CA LYS C 468 27.19 32.57 -1.92
C LYS C 468 26.03 32.97 -2.84
N ILE C 469 26.21 34.05 -3.60
CA ILE C 469 25.11 34.51 -4.45
C ILE C 469 24.79 33.49 -5.53
N LEU C 470 25.83 32.93 -6.18
CA LEU C 470 25.58 31.95 -7.23
C LEU C 470 24.97 30.66 -6.69
N GLN C 471 25.19 30.36 -5.41
CA GLN C 471 24.58 29.18 -4.82
C GLN C 471 23.10 29.42 -4.53
N ASP C 472 22.74 30.60 -4.00
CA ASP C 472 21.33 30.79 -3.68
C ASP C 472 20.48 31.01 -4.92
N TYR C 473 21.05 31.56 -5.99
CA TYR C 473 20.28 31.71 -7.22
C TYR C 473 19.81 30.37 -7.77
N LYS C 474 20.63 29.33 -7.66
CA LYS C 474 20.27 28.00 -8.17
C LYS C 474 19.16 27.35 -7.35
N SER C 475 19.14 27.58 -6.04
CA SER C 475 18.04 27.08 -5.22
C SER C 475 16.75 27.81 -5.54
N LEU C 476 16.81 29.12 -5.72
CA LEU C 476 15.56 29.83 -6.00
C LEU C 476 15.06 29.58 -7.43
N GLN C 477 15.92 29.12 -8.34
CA GLN C 477 15.46 28.78 -9.68
C GLN C 477 14.45 27.63 -9.67
N ASP C 478 14.49 26.78 -8.65
CA ASP C 478 13.53 25.68 -8.57
C ASP C 478 12.13 26.19 -8.25
N ILE C 479 12.03 27.23 -7.42
CA ILE C 479 10.73 27.79 -7.06
C ILE C 479 10.03 28.39 -8.28
N ILE C 480 10.78 29.08 -9.13
CA ILE C 480 10.21 29.77 -10.27
C ILE C 480 9.59 28.82 -11.28
N ALA C 481 9.88 27.52 -11.18
CA ALA C 481 9.33 26.54 -12.11
C ALA C 481 8.14 25.78 -11.54
N ILE C 482 7.70 26.09 -10.32
CA ILE C 482 6.56 25.41 -9.72
C ILE C 482 5.49 26.42 -9.35
N LEU C 483 5.81 27.34 -8.44
CA LEU C 483 4.84 28.31 -7.96
C LEU C 483 4.60 29.42 -8.96
N GLY C 484 5.58 29.74 -9.79
CA GLY C 484 5.49 30.85 -10.72
C GLY C 484 6.38 32.01 -10.30
N MET C 485 6.52 32.95 -11.24
CA MET C 485 7.43 34.07 -11.01
C MET C 485 6.86 35.12 -10.06
N ASP C 486 5.54 35.10 -9.83
CA ASP C 486 4.92 36.12 -8.99
C ASP C 486 5.15 35.91 -7.51
N GLU C 487 5.52 34.69 -7.09
CA GLU C 487 5.77 34.44 -5.68
C GLU C 487 7.09 35.05 -5.20
N LEU C 488 7.93 35.53 -6.11
CA LEU C 488 9.20 36.11 -5.72
C LEU C 488 8.98 37.43 -4.98
N SER C 489 9.65 37.59 -3.84
CA SER C 489 9.62 38.85 -3.12
C SER C 489 10.46 39.90 -3.84
N GLU C 490 10.60 41.07 -3.22
CA GLU C 490 11.31 42.17 -3.86
C GLU C 490 12.82 41.92 -3.90
N GLU C 491 13.38 41.37 -2.83
CA GLU C 491 14.83 41.13 -2.79
C GLU C 491 15.26 40.05 -3.78
N ASP C 492 14.40 39.04 -3.98
CA ASP C 492 14.74 37.95 -4.89
C ASP C 492 14.94 38.47 -6.31
N LYS C 493 14.09 39.40 -6.75
CA LYS C 493 14.20 39.97 -8.09
C LYS C 493 15.49 40.75 -8.27
N LEU C 494 16.10 41.23 -7.20
CA LEU C 494 17.38 41.92 -7.29
C LEU C 494 18.55 40.93 -7.29
N THR C 495 18.47 39.91 -6.42
CA THR C 495 19.52 38.91 -6.39
C THR C 495 19.59 38.15 -7.71
N VAL C 496 18.45 37.91 -8.35
CA VAL C 496 18.45 37.20 -9.62
C VAL C 496 19.21 37.99 -10.68
N SER C 497 18.97 39.30 -10.75
CA SER C 497 19.65 40.12 -11.74
C SER C 497 21.15 40.18 -11.48
N ARG C 498 21.54 40.32 -10.20
CA ARG C 498 22.98 40.37 -9.93
C ARG C 498 23.64 39.05 -10.29
N ALA C 499 23.00 37.92 -9.98
CA ALA C 499 23.55 36.62 -10.37
C ALA C 499 23.64 36.48 -11.88
N ARG C 500 22.62 36.96 -12.60
CA ARG C 500 22.61 36.84 -14.06
C ARG C 500 23.70 37.69 -14.68
N LYS C 501 24.05 38.82 -14.07
CA LYS C 501 25.17 39.61 -14.58
C LYS C 501 26.51 38.94 -14.28
N ILE C 502 26.64 38.40 -13.06
CA ILE C 502 27.91 37.77 -12.68
C ILE C 502 28.18 36.55 -13.54
N GLN C 503 27.14 35.76 -13.85
CA GLN C 503 27.36 34.58 -14.68
C GLN C 503 27.85 34.91 -16.07
N ARG C 504 27.71 36.16 -16.51
CA ARG C 504 28.24 36.56 -17.80
C ARG C 504 29.54 37.35 -17.72
N PHE C 505 29.87 37.90 -16.55
CA PHE C 505 31.18 38.54 -16.45
C PHE C 505 32.33 37.55 -16.40
N LEU C 506 32.06 36.25 -16.27
CA LEU C 506 33.12 35.26 -16.15
C LEU C 506 33.69 34.79 -17.48
N SER C 507 33.07 35.14 -18.61
CA SER C 507 33.59 34.70 -19.90
C SER C 507 34.70 35.64 -20.37
N GLN C 508 35.45 35.18 -21.38
CA GLN C 508 36.62 35.91 -21.83
C GLN C 508 37.10 35.41 -23.19
N PRO C 509 37.50 36.30 -24.09
CA PRO C 509 38.06 35.86 -25.38
C PRO C 509 39.52 35.49 -25.27
N PHE C 510 39.93 34.56 -26.13
CA PHE C 510 41.29 34.04 -26.14
C PHE C 510 42.02 34.47 -27.40
N GLN C 511 43.34 34.57 -27.29
CA GLN C 511 44.16 35.02 -28.41
C GLN C 511 44.37 33.93 -29.45
N VAL C 512 44.48 32.67 -29.00
CA VAL C 512 44.76 31.57 -29.94
C VAL C 512 43.62 31.32 -30.90
N ALA C 513 42.43 31.88 -30.65
CA ALA C 513 41.31 31.81 -31.57
C ALA C 513 41.01 33.18 -32.16
N GLU C 514 42.07 33.96 -32.42
CA GLU C 514 41.89 35.32 -32.90
C GLU C 514 41.29 35.37 -34.30
N VAL C 515 41.85 34.58 -35.21
CA VAL C 515 41.45 34.67 -36.62
C VAL C 515 40.02 34.17 -36.81
N PHE C 516 39.63 33.13 -36.08
CA PHE C 516 38.33 32.51 -36.30
C PHE C 516 37.19 33.45 -35.95
N THR C 517 37.28 34.14 -34.81
CA THR C 517 36.20 35.00 -34.33
C THR C 517 36.48 36.48 -34.51
N GLY C 518 37.70 36.87 -34.90
CA GLY C 518 37.99 38.26 -35.14
C GLY C 518 37.88 39.16 -33.92
N HIS C 519 38.34 38.69 -32.77
CA HIS C 519 38.34 39.48 -31.54
C HIS C 519 39.71 39.40 -30.88
N LEU C 520 40.18 40.54 -30.39
CA LEU C 520 41.47 40.59 -29.72
C LEU C 520 41.44 39.81 -28.41
N GLY C 521 42.58 39.21 -28.08
CA GLY C 521 42.70 38.51 -26.82
C GLY C 521 42.96 39.46 -25.67
N LYS C 522 42.54 39.04 -24.48
CA LYS C 522 42.65 39.87 -23.27
C LYS C 522 43.37 39.09 -22.18
N LEU C 523 44.23 39.80 -21.44
CA LEU C 523 45.01 39.21 -20.35
C LEU C 523 44.86 40.12 -19.14
N VAL C 524 43.95 39.75 -18.24
CA VAL C 524 43.59 40.60 -17.10
C VAL C 524 44.49 40.31 -15.90
N PRO C 525 45.13 41.32 -15.33
CA PRO C 525 45.85 41.12 -14.06
C PRO C 525 44.88 40.82 -12.92
N LEU C 526 45.46 40.36 -11.81
CA LEU C 526 44.67 39.92 -10.66
C LEU C 526 43.92 41.06 -9.99
N LYS C 527 44.56 42.24 -9.89
CA LYS C 527 43.95 43.37 -9.21
C LYS C 527 42.68 43.82 -9.90
N GLU C 528 42.70 43.88 -11.23
CA GLU C 528 41.51 44.28 -11.97
C GLU C 528 40.39 43.28 -11.82
N THR C 529 40.71 41.98 -11.69
CA THR C 529 39.69 40.98 -11.46
C THR C 529 39.04 41.17 -10.09
N ILE C 530 39.86 41.38 -9.06
CA ILE C 530 39.32 41.57 -7.72
C ILE C 530 38.43 42.80 -7.68
N LYS C 531 38.91 43.92 -8.24
CA LYS C 531 38.14 45.16 -8.22
C LYS C 531 36.85 45.04 -9.03
N GLY C 532 36.92 44.42 -10.20
CA GLY C 532 35.75 44.32 -11.06
C GLY C 532 34.65 43.48 -10.43
N PHE C 533 35.03 42.36 -9.80
CA PHE C 533 34.00 41.57 -9.15
C PHE C 533 33.50 42.24 -7.87
N GLN C 534 34.38 42.95 -7.15
CA GLN C 534 33.95 43.63 -5.92
C GLN C 534 32.93 44.71 -6.21
N GLN C 535 33.14 45.47 -7.29
CA GLN C 535 32.23 46.57 -7.60
C GLN C 535 30.88 46.06 -8.13
N ILE C 536 30.86 44.93 -8.81
CA ILE C 536 29.58 44.34 -9.18
C ILE C 536 28.86 43.81 -7.94
N LEU C 537 29.62 43.22 -7.01
CA LEU C 537 29.00 42.72 -5.79
C LEU C 537 28.43 43.83 -4.94
N ALA C 538 29.04 45.02 -4.97
CA ALA C 538 28.52 46.14 -4.20
C ALA C 538 27.13 46.54 -4.68
N GLY C 539 26.92 46.58 -5.99
CA GLY C 539 25.64 46.97 -6.56
C GLY C 539 25.74 48.27 -7.32
N GLU C 540 26.97 48.69 -7.61
CA GLU C 540 27.20 49.98 -8.25
C GLU C 540 26.69 49.98 -9.70
N TYR C 541 27.06 48.97 -10.48
CA TYR C 541 26.66 48.90 -11.88
C TYR C 541 25.34 48.16 -12.03
N ASP C 542 24.30 48.72 -11.42
CA ASP C 542 22.99 48.09 -11.38
C ASP C 542 22.00 48.70 -12.37
N HIS C 543 22.48 49.50 -13.33
CA HIS C 543 21.62 50.12 -14.32
C HIS C 543 21.97 49.73 -15.75
N LEU C 544 23.20 49.31 -16.03
CA LEU C 544 23.58 48.90 -17.36
C LEU C 544 22.93 47.56 -17.71
N PRO C 545 22.66 47.30 -18.98
CA PRO C 545 22.02 46.03 -19.37
C PRO C 545 22.98 44.85 -19.23
N GLU C 546 22.40 43.66 -19.31
CA GLU C 546 23.17 42.43 -19.10
C GLU C 546 24.26 42.26 -20.15
N GLN C 547 23.92 42.49 -21.42
CA GLN C 547 24.81 42.14 -22.51
C GLN C 547 26.08 42.99 -22.56
N ALA C 548 26.21 44.00 -21.71
CA ALA C 548 27.43 44.78 -21.67
C ALA C 548 28.60 44.03 -21.05
N PHE C 549 28.33 42.99 -20.28
CA PHE C 549 29.36 42.22 -19.60
C PHE C 549 29.80 41.00 -20.38
N TYR C 550 29.24 40.76 -21.56
CA TYR C 550 29.49 39.52 -22.31
C TYR C 550 30.74 39.67 -23.17
N MET C 551 31.67 38.74 -23.00
CA MET C 551 32.88 38.66 -23.81
C MET C 551 33.68 39.96 -23.77
N VAL C 552 34.12 40.33 -22.58
CA VAL C 552 34.90 41.54 -22.36
C VAL C 552 36.08 41.21 -21.44
N GLY C 553 37.00 42.15 -21.37
CA GLY C 553 38.15 42.03 -20.50
C GLY C 553 37.91 42.68 -19.16
N PRO C 554 38.61 43.77 -18.88
CA PRO C 554 38.40 44.51 -17.62
C PRO C 554 37.03 45.16 -17.55
N ILE C 555 36.78 45.90 -16.46
CA ILE C 555 35.45 46.44 -16.21
C ILE C 555 35.13 47.64 -17.09
N GLU C 556 36.14 48.38 -17.55
CA GLU C 556 35.89 49.60 -18.32
C GLU C 556 35.24 49.30 -19.66
N GLU C 557 35.68 48.23 -20.32
CA GLU C 557 35.11 47.91 -21.62
C GLU C 557 33.64 47.56 -21.52
N ALA C 558 33.17 47.12 -20.36
CA ALA C 558 31.75 46.83 -20.20
C ALA C 558 30.92 48.11 -20.22
N VAL C 559 31.37 49.15 -19.52
CA VAL C 559 30.64 50.40 -19.54
C VAL C 559 30.74 51.07 -20.91
N ALA C 560 31.90 50.95 -21.56
CA ALA C 560 32.02 51.48 -22.92
C ALA C 560 31.07 50.76 -23.90
N LYS C 561 31.00 49.43 -23.81
CA LYS C 561 30.13 48.66 -24.69
C LYS C 561 28.66 48.94 -24.39
N ALA C 562 28.32 49.18 -23.12
CA ALA C 562 26.96 49.58 -22.79
C ALA C 562 26.65 50.98 -23.30
N ASP C 563 27.66 51.85 -23.33
CA ASP C 563 27.48 53.17 -23.93
C ASP C 563 27.17 53.05 -25.41
N LYS C 564 27.87 52.15 -26.12
CA LYS C 564 27.62 52.01 -27.55
C LYS C 564 26.22 51.48 -27.83
N LEU C 565 25.75 50.52 -27.05
CA LEU C 565 24.39 49.99 -27.23
C LEU C 565 23.37 51.06 -26.87
N ALA C 566 22.32 51.15 -27.67
CA ALA C 566 21.22 52.10 -27.44
C ALA C 566 21.73 53.53 -27.35
N ALA D 100 68.53 -35.62 28.11
CA ALA D 100 68.52 -37.00 27.62
C ALA D 100 69.36 -37.13 26.35
N ALA D 101 69.19 -36.17 25.43
CA ALA D 101 69.93 -36.16 24.19
C ALA D 101 70.11 -34.72 23.74
N THR D 102 71.11 -34.51 22.89
CA THR D 102 71.47 -33.17 22.45
C THR D 102 71.36 -33.07 20.92
N GLY D 103 70.92 -31.90 20.45
CA GLY D 103 70.81 -31.65 19.03
C GLY D 103 71.52 -30.38 18.60
N ARG D 104 71.30 -29.96 17.36
CA ARG D 104 71.92 -28.76 16.83
C ARG D 104 70.89 -27.99 16.01
N ILE D 105 70.87 -26.66 16.19
CA ILE D 105 69.94 -25.82 15.44
C ILE D 105 70.42 -25.70 14.00
N VAL D 106 69.50 -25.91 13.05
CA VAL D 106 69.86 -25.92 11.64
C VAL D 106 69.23 -24.75 10.87
N ALA D 107 68.07 -24.25 11.30
CA ALA D 107 67.43 -23.16 10.60
C ALA D 107 66.49 -22.42 11.53
N VAL D 108 66.48 -21.09 11.41
CA VAL D 108 65.60 -20.23 12.20
C VAL D 108 64.89 -19.28 11.25
N ILE D 109 63.55 -19.36 11.23
CA ILE D 109 62.72 -18.47 10.42
C ILE D 109 61.54 -18.05 11.28
N GLY D 110 61.55 -16.80 11.73
CA GLY D 110 60.43 -16.27 12.50
C GLY D 110 60.26 -16.96 13.84
N ALA D 111 59.19 -17.75 13.97
CA ALA D 111 58.92 -18.48 15.21
C ALA D 111 59.03 -19.99 15.01
N VAL D 112 59.72 -20.44 13.97
CA VAL D 112 59.86 -21.85 13.65
C VAL D 112 61.35 -22.19 13.61
N VAL D 113 61.73 -23.24 14.34
CA VAL D 113 63.13 -23.66 14.44
C VAL D 113 63.22 -25.15 14.16
N ASP D 114 64.27 -25.55 13.44
CA ASP D 114 64.52 -26.95 13.10
C ASP D 114 65.78 -27.44 13.80
N VAL D 115 65.71 -28.65 14.36
CA VAL D 115 66.81 -29.24 15.11
C VAL D 115 67.15 -30.60 14.50
N GLN D 116 68.42 -30.96 14.58
CA GLN D 116 68.91 -32.24 14.08
C GLN D 116 69.53 -33.05 15.21
N PHE D 117 69.07 -34.28 15.38
CA PHE D 117 69.52 -35.15 16.47
C PHE D 117 70.40 -36.26 15.91
N ASP D 118 71.56 -36.47 16.54
CA ASP D 118 72.42 -37.57 16.15
C ASP D 118 71.80 -38.92 16.54
N GLU D 119 71.31 -39.01 17.78
CA GLU D 119 70.64 -40.21 18.24
C GLU D 119 69.58 -39.83 19.27
N GLY D 120 68.59 -40.69 19.43
CA GLY D 120 67.51 -40.44 20.36
C GLY D 120 66.53 -39.39 19.88
N LEU D 121 65.82 -39.69 18.80
CA LEU D 121 64.87 -38.74 18.23
C LEU D 121 63.68 -38.58 19.16
N PRO D 122 63.34 -37.35 19.58
CA PRO D 122 62.26 -37.18 20.53
C PRO D 122 60.92 -37.39 19.87
N PRO D 123 59.90 -37.80 20.61
CA PRO D 123 58.56 -37.94 20.05
C PRO D 123 57.84 -36.60 19.97
N ILE D 124 56.68 -36.62 19.30
CA ILE D 124 55.90 -35.40 19.11
C ILE D 124 55.32 -34.95 20.44
N LEU D 125 55.19 -33.63 20.59
CA LEU D 125 54.60 -32.91 21.74
C LEU D 125 55.52 -32.85 22.95
N ASN D 126 56.79 -33.23 22.81
CA ASN D 126 57.74 -33.07 23.91
C ASN D 126 58.33 -31.67 23.93
N ALA D 127 58.84 -31.27 25.08
CA ALA D 127 59.45 -29.97 25.27
C ALA D 127 60.97 -30.08 25.23
N LEU D 128 61.61 -29.02 24.72
CA LEU D 128 63.05 -28.96 24.60
C LEU D 128 63.56 -27.65 25.19
N GLU D 129 64.82 -27.67 25.64
CA GLU D 129 65.43 -26.53 26.31
C GLU D 129 66.64 -26.05 25.53
N VAL D 130 66.79 -24.73 25.43
CA VAL D 130 67.90 -24.12 24.72
C VAL D 130 69.01 -23.79 25.71
N GLN D 131 70.26 -23.99 25.30
CA GLN D 131 71.41 -23.82 26.19
C GLN D 131 72.12 -22.52 25.85
N GLY D 132 72.41 -21.73 26.88
CA GLY D 132 73.19 -20.52 26.72
C GLY D 132 72.37 -19.26 26.59
N ARG D 133 71.33 -19.11 27.41
CA ARG D 133 70.49 -17.93 27.38
C ARG D 133 70.22 -17.46 28.80
N GLU D 134 69.93 -16.15 28.93
CA GLU D 134 69.65 -15.59 30.24
C GLU D 134 68.30 -16.04 30.77
N THR D 135 67.29 -16.10 29.90
CA THR D 135 65.94 -16.47 30.29
C THR D 135 65.55 -17.79 29.64
N ARG D 136 64.76 -18.57 30.36
CA ARG D 136 64.37 -19.90 29.89
C ARG D 136 63.56 -19.79 28.59
N LEU D 137 63.91 -20.62 27.62
CA LEU D 137 63.23 -20.69 26.33
C LEU D 137 62.94 -22.14 26.01
N VAL D 138 61.68 -22.44 25.69
CA VAL D 138 61.19 -23.80 25.52
C VAL D 138 60.63 -23.96 24.12
N LEU D 139 60.90 -25.12 23.51
CA LEU D 139 60.41 -25.47 22.18
C LEU D 139 59.52 -26.71 22.26
N GLU D 140 58.62 -26.84 21.30
CA GLU D 140 57.67 -27.94 21.25
C GLU D 140 57.76 -28.63 19.90
N VAL D 141 57.86 -29.96 19.90
CA VAL D 141 58.00 -30.73 18.67
C VAL D 141 56.66 -30.80 17.95
N ALA D 142 56.69 -30.62 16.64
CA ALA D 142 55.46 -30.63 15.83
C ALA D 142 55.48 -31.64 14.69
N GLN D 143 56.63 -31.86 14.04
CA GLN D 143 56.68 -32.75 12.89
C GLN D 143 58.00 -33.51 12.89
N HIS D 144 57.98 -34.67 12.23
CA HIS D 144 59.18 -35.45 11.91
C HIS D 144 59.41 -35.35 10.41
N LEU D 145 60.47 -34.63 10.02
CA LEU D 145 60.69 -34.37 8.60
C LEU D 145 61.36 -35.55 7.92
N GLY D 146 62.45 -36.06 8.46
CA GLY D 146 63.24 -37.09 7.84
C GLY D 146 64.72 -36.75 7.93
N GLU D 147 65.56 -37.77 7.77
CA GLU D 147 67.01 -37.63 7.90
C GLU D 147 67.39 -37.10 9.29
N SER D 148 66.65 -37.55 10.31
CA SER D 148 66.92 -37.20 11.70
C SER D 148 66.81 -35.69 11.93
N THR D 149 65.65 -35.15 11.57
CA THR D 149 65.38 -33.73 11.75
C THR D 149 63.93 -33.55 12.17
N VAL D 150 63.70 -32.53 13.00
CA VAL D 150 62.36 -32.21 13.49
C VAL D 150 62.11 -30.72 13.30
N ARG D 151 60.84 -30.35 13.30
CA ARG D 151 60.42 -28.96 13.19
C ARG D 151 59.61 -28.59 14.42
N THR D 152 59.98 -27.48 15.06
CA THR D 152 59.46 -27.12 16.37
C THR D 152 58.81 -25.74 16.33
N ILE D 153 58.20 -25.36 17.45
CA ILE D 153 57.55 -24.07 17.61
C ILE D 153 58.00 -23.47 18.94
N ALA D 154 58.43 -22.21 18.90
CA ALA D 154 58.96 -21.54 20.08
C ALA D 154 57.85 -20.89 20.90
N MET D 155 58.11 -20.75 22.20
CA MET D 155 57.16 -20.11 23.11
C MET D 155 57.65 -18.74 23.60
N ASP D 156 58.66 -18.18 22.94
CA ASP D 156 59.19 -16.88 23.33
C ASP D 156 59.96 -16.30 22.15
N GLY D 157 60.51 -15.11 22.34
CA GLY D 157 61.24 -14.45 21.26
C GLY D 157 62.48 -15.24 20.86
N THR D 158 62.80 -15.19 19.57
CA THR D 158 63.92 -15.97 19.04
C THR D 158 64.99 -15.09 18.41
N GLU D 159 65.35 -14.00 19.08
CA GLU D 159 66.39 -13.10 18.58
C GLU D 159 67.70 -13.43 19.28
N GLY D 160 68.77 -13.57 18.49
CA GLY D 160 70.07 -13.92 19.02
C GLY D 160 70.48 -15.36 18.85
N LEU D 161 69.67 -16.17 18.17
CA LEU D 161 70.00 -17.58 17.98
C LEU D 161 70.95 -17.75 16.81
N VAL D 162 71.92 -18.66 16.97
CA VAL D 162 72.95 -18.91 15.97
C VAL D 162 72.89 -20.38 15.56
N ARG D 163 73.07 -20.63 14.27
CA ARG D 163 73.15 -22.00 13.78
C ARG D 163 74.32 -22.73 14.42
N GLY D 164 74.08 -23.94 14.90
CA GLY D 164 75.07 -24.71 15.60
C GLY D 164 74.88 -24.78 17.09
N GLN D 165 73.96 -23.99 17.64
CA GLN D 165 73.74 -23.96 19.08
C GLN D 165 73.12 -25.28 19.55
N LYS D 166 73.27 -25.54 20.85
CA LYS D 166 72.89 -26.82 21.44
C LYS D 166 71.48 -26.77 22.01
N VAL D 167 70.76 -27.88 21.84
CA VAL D 167 69.39 -28.03 22.34
C VAL D 167 69.32 -29.35 23.10
N LEU D 168 68.68 -29.33 24.26
CA LEU D 168 68.61 -30.49 25.14
C LEU D 168 67.17 -30.98 25.24
N ASP D 169 67.02 -32.28 25.45
CA ASP D 169 65.72 -32.92 25.53
C ASP D 169 65.30 -33.10 26.99
N SER D 170 64.00 -33.06 27.23
CA SER D 170 63.43 -33.19 28.57
C SER D 170 62.81 -34.56 28.81
N GLY D 171 61.95 -35.02 27.90
CA GLY D 171 61.35 -36.32 28.00
C GLY D 171 59.87 -36.36 28.31
N ALA D 172 59.20 -35.22 28.37
CA ALA D 172 57.79 -35.17 28.73
C ALA D 172 57.21 -33.87 28.22
N PRO D 173 55.89 -33.78 28.07
CA PRO D 173 55.27 -32.51 27.64
C PRO D 173 55.38 -31.42 28.69
N ILE D 174 54.83 -30.24 28.38
CA ILE D 174 54.87 -29.12 29.32
C ILE D 174 54.06 -29.47 30.56
N LYS D 175 54.65 -29.22 31.72
CA LYS D 175 54.00 -29.51 32.99
C LYS D 175 53.92 -28.24 33.82
N ILE D 176 52.80 -28.06 34.53
CA ILE D 176 52.53 -26.85 35.30
C ILE D 176 52.11 -27.23 36.71
N PRO D 177 52.33 -26.38 37.71
CA PRO D 177 51.90 -26.70 39.08
C PRO D 177 50.39 -26.55 39.21
N VAL D 178 49.74 -27.59 39.74
CA VAL D 178 48.30 -27.59 39.91
C VAL D 178 47.97 -28.10 41.31
N GLY D 179 46.93 -27.54 41.91
CA GLY D 179 46.55 -27.90 43.25
C GLY D 179 45.75 -26.79 43.93
N PRO D 180 45.58 -26.90 45.24
CA PRO D 180 44.80 -25.89 45.98
C PRO D 180 45.58 -24.64 46.35
N GLU D 181 46.86 -24.56 45.99
CA GLU D 181 47.69 -23.41 46.34
C GLU D 181 47.87 -22.45 45.18
N THR D 182 47.15 -22.65 44.08
CA THR D 182 47.15 -21.71 42.98
C THR D 182 46.10 -20.62 43.11
N LEU D 183 45.31 -20.65 44.19
CA LEU D 183 44.29 -19.64 44.41
C LEU D 183 44.93 -18.35 44.89
N GLY D 184 44.64 -17.26 44.20
CA GLY D 184 45.19 -15.97 44.53
C GLY D 184 46.51 -15.62 43.86
N ARG D 185 47.00 -16.46 42.96
CA ARG D 185 48.27 -16.24 42.29
C ARG D 185 48.05 -15.98 40.81
N ILE D 186 49.11 -15.54 40.14
CA ILE D 186 49.09 -15.24 38.71
C ILE D 186 50.20 -16.04 38.04
N MET D 187 49.85 -16.76 36.98
CA MET D 187 50.77 -17.60 36.24
C MET D 187 50.91 -17.09 34.81
N ASN D 188 51.62 -17.85 33.99
CA ASN D 188 51.80 -17.53 32.58
C ASN D 188 51.72 -18.83 31.80
N VAL D 189 52.19 -18.81 30.55
CA VAL D 189 51.99 -19.92 29.63
C VAL D 189 52.61 -21.20 30.18
N ILE D 190 53.85 -21.11 30.67
CA ILE D 190 54.56 -22.29 31.13
C ILE D 190 54.58 -22.37 32.67
N GLY D 191 53.61 -21.75 33.33
CA GLY D 191 53.46 -21.88 34.76
C GLY D 191 54.55 -21.26 35.61
N GLU D 192 54.98 -20.04 35.28
CA GLU D 192 55.90 -19.34 36.15
C GLU D 192 55.21 -18.14 36.79
N PRO D 193 55.43 -17.90 38.08
CA PRO D 193 54.72 -16.81 38.76
C PRO D 193 55.20 -15.46 38.27
N ILE D 194 54.25 -14.57 37.99
CA ILE D 194 54.54 -13.20 37.57
C ILE D 194 53.94 -12.18 38.53
N ASP D 195 53.69 -12.57 39.79
CA ASP D 195 53.12 -11.68 40.79
C ASP D 195 54.12 -11.32 41.88
N GLU D 196 55.41 -11.57 41.63
CA GLU D 196 56.52 -11.25 42.55
C GLU D 196 56.18 -11.58 44.00
N ARG D 197 55.87 -12.86 44.23
CA ARG D 197 55.58 -13.30 45.59
C ARG D 197 56.23 -14.65 45.90
N GLY D 198 57.24 -15.06 45.14
CA GLY D 198 57.93 -16.29 45.44
C GLY D 198 57.40 -17.47 44.64
N PRO D 199 58.00 -18.64 44.84
CA PRO D 199 57.57 -19.83 44.10
C PRO D 199 56.25 -20.37 44.62
N ILE D 200 55.63 -21.23 43.81
CA ILE D 200 54.36 -21.87 44.14
C ILE D 200 54.65 -23.30 44.58
N LYS D 201 54.35 -23.61 45.84
CA LYS D 201 54.72 -24.88 46.44
C LYS D 201 53.51 -25.80 46.44
N THR D 202 53.31 -26.53 45.35
CA THR D 202 52.27 -27.55 45.26
C THR D 202 52.92 -28.93 45.31
N LYS D 203 52.07 -29.94 45.50
CA LYS D 203 52.57 -31.31 45.66
C LYS D 203 52.74 -32.04 44.34
N GLN D 204 51.85 -31.81 43.38
CA GLN D 204 51.86 -32.55 42.11
C GLN D 204 51.82 -31.58 40.94
N PHE D 205 52.08 -32.12 39.75
CA PHE D 205 52.07 -31.38 38.50
C PHE D 205 51.18 -32.12 37.50
N ALA D 206 50.91 -31.47 36.38
CA ALA D 206 50.07 -32.07 35.35
C ALA D 206 50.52 -31.57 33.99
N ALA D 207 50.26 -32.38 32.96
CA ALA D 207 50.62 -32.05 31.59
C ALA D 207 49.48 -31.33 30.90
N ILE D 208 49.84 -30.49 29.94
CA ILE D 208 48.84 -29.67 29.24
C ILE D 208 47.94 -30.53 28.36
N HIS D 209 48.53 -31.42 27.57
CA HIS D 209 47.80 -32.17 26.57
C HIS D 209 47.21 -33.43 27.17
N ALA D 210 45.91 -33.64 26.94
CA ALA D 210 45.20 -34.81 27.43
C ALA D 210 44.13 -35.15 26.40
N GLU D 211 43.16 -35.99 26.78
CA GLU D 211 42.11 -36.42 25.88
C GLU D 211 40.74 -36.14 26.47
N ALA D 212 39.75 -36.03 25.59
CA ALA D 212 38.42 -35.64 25.98
C ALA D 212 37.72 -36.76 26.74
N PRO D 213 36.74 -36.44 27.59
CA PRO D 213 35.99 -37.48 28.29
C PRO D 213 35.21 -38.36 27.32
N GLU D 214 35.00 -39.61 27.72
CA GLU D 214 34.39 -40.60 26.87
C GLU D 214 32.87 -40.41 26.82
N PHE D 215 32.20 -41.29 26.06
CA PHE D 215 30.77 -41.13 25.82
C PHE D 215 29.93 -41.53 27.02
N MET D 216 30.43 -42.44 27.85
CA MET D 216 29.64 -42.98 28.96
C MET D 216 29.74 -42.14 30.23
N GLU D 217 30.43 -41.00 30.19
CA GLU D 217 30.60 -40.15 31.36
C GLU D 217 29.76 -38.89 31.30
N MET D 218 28.85 -38.78 30.33
CA MET D 218 28.10 -37.55 30.15
C MET D 218 26.90 -37.48 31.09
N SER D 219 26.52 -36.25 31.43
CA SER D 219 25.33 -35.97 32.23
C SER D 219 24.33 -35.20 31.40
N VAL D 220 23.05 -35.38 31.69
CA VAL D 220 21.98 -34.83 30.87
C VAL D 220 20.97 -34.06 31.69
N GLU D 221 21.37 -33.56 32.86
CA GLU D 221 20.47 -32.75 33.66
C GLU D 221 20.47 -31.30 33.18
N GLN D 222 19.31 -30.65 33.36
CA GLN D 222 19.13 -29.27 32.91
C GLN D 222 18.38 -28.47 33.95
N GLU D 223 18.86 -27.26 34.24
CA GLU D 223 18.21 -26.34 35.16
C GLU D 223 18.33 -24.94 34.58
N ILE D 224 18.04 -23.94 35.42
CA ILE D 224 18.05 -22.55 34.99
C ILE D 224 18.96 -21.75 35.91
N LEU D 225 19.51 -20.66 35.37
CA LEU D 225 20.36 -19.74 36.12
C LEU D 225 19.82 -18.33 35.93
N VAL D 226 19.66 -17.62 37.04
CA VAL D 226 19.04 -16.29 37.04
C VAL D 226 20.13 -15.24 37.10
N THR D 227 20.09 -14.28 36.17
CA THR D 227 21.15 -13.29 36.03
C THR D 227 20.74 -11.88 36.43
N GLY D 228 19.44 -11.59 36.50
CA GLY D 228 19.01 -10.25 36.79
C GLY D 228 18.96 -9.31 35.60
N ILE D 229 19.06 -9.84 34.39
CA ILE D 229 19.00 -9.05 33.16
C ILE D 229 17.76 -9.48 32.40
N LYS D 230 16.96 -8.50 31.96
CA LYS D 230 15.62 -8.79 31.45
C LYS D 230 15.66 -9.57 30.15
N VAL D 231 16.51 -9.17 29.21
CA VAL D 231 16.50 -9.80 27.88
C VAL D 231 16.89 -11.27 27.99
N VAL D 232 17.94 -11.57 28.75
CA VAL D 232 18.43 -12.95 28.83
C VAL D 232 17.40 -13.85 29.51
N ASP D 233 16.85 -13.40 30.63
CA ASP D 233 15.89 -14.22 31.36
C ASP D 233 14.60 -14.41 30.57
N LEU D 234 14.13 -13.36 29.88
CA LEU D 234 12.86 -13.47 29.18
C LEU D 234 12.99 -14.27 27.90
N LEU D 235 14.05 -14.06 27.12
CA LEU D 235 14.12 -14.60 25.76
C LEU D 235 14.99 -15.84 25.64
N ALA D 236 16.23 -15.80 26.13
CA ALA D 236 17.16 -16.92 25.98
C ALA D 236 17.84 -17.19 27.31
N PRO D 237 17.16 -17.88 28.22
CA PRO D 237 17.75 -18.12 29.55
C PRO D 237 18.94 -19.05 29.50
N TYR D 238 19.82 -18.91 30.49
CA TYR D 238 21.01 -19.74 30.59
C TYR D 238 20.68 -21.03 31.31
N ALA D 239 21.71 -21.80 31.65
CA ALA D 239 21.54 -23.06 32.37
C ALA D 239 22.77 -23.30 33.22
N LYS D 240 22.67 -24.31 34.09
CA LYS D 240 23.78 -24.70 34.96
C LYS D 240 24.55 -25.85 34.32
N GLY D 241 25.87 -25.74 34.30
CA GLY D 241 26.70 -26.73 33.65
C GLY D 241 26.57 -26.75 32.14
N GLY D 242 26.49 -25.57 31.52
CA GLY D 242 26.38 -25.47 30.07
C GLY D 242 27.38 -24.47 29.51
N LYS D 243 27.39 -24.39 28.19
CA LYS D 243 28.29 -23.48 27.49
C LYS D 243 27.52 -22.26 27.00
N ILE D 244 28.14 -21.09 27.13
CA ILE D 244 27.53 -19.82 26.79
C ILE D 244 28.52 -19.02 25.95
N GLY D 245 28.01 -18.36 24.91
CA GLY D 245 28.84 -17.57 24.04
C GLY D 245 28.25 -16.20 23.80
N LEU D 246 29.13 -15.21 23.68
CA LEU D 246 28.74 -13.82 23.46
C LEU D 246 29.41 -13.33 22.19
N PHE D 247 28.60 -13.07 21.16
CA PHE D 247 29.08 -12.62 19.86
C PHE D 247 28.92 -11.10 19.75
N GLY D 248 29.90 -10.46 19.14
CA GLY D 248 29.81 -9.03 18.93
C GLY D 248 31.01 -8.53 18.17
N GLY D 249 30.84 -7.36 17.55
CA GLY D 249 31.90 -6.72 16.80
C GLY D 249 32.90 -6.03 17.69
N ALA D 250 33.42 -4.89 17.24
CA ALA D 250 34.41 -4.13 17.98
C ALA D 250 33.76 -2.86 18.53
N GLY D 251 33.89 -2.65 19.83
CA GLY D 251 33.31 -1.48 20.46
C GLY D 251 31.85 -1.59 20.85
N VAL D 252 31.28 -2.79 20.86
CA VAL D 252 29.86 -2.95 21.15
C VAL D 252 29.56 -3.38 22.58
N GLY D 253 30.56 -3.87 23.33
CA GLY D 253 30.34 -4.09 24.75
C GLY D 253 30.31 -5.51 25.29
N LYS D 254 31.24 -6.37 24.84
CA LYS D 254 31.27 -7.74 25.37
C LYS D 254 31.85 -7.78 26.78
N THR D 255 32.92 -7.05 27.04
CA THR D 255 33.60 -7.17 28.32
C THR D 255 32.86 -6.49 29.45
N VAL D 256 32.10 -5.43 29.17
CA VAL D 256 31.22 -4.85 30.18
C VAL D 256 30.20 -5.88 30.64
N LEU D 257 29.63 -6.62 29.68
CA LEU D 257 28.71 -7.69 30.04
C LEU D 257 29.39 -8.81 30.82
N ILE D 258 30.64 -9.13 30.47
CA ILE D 258 31.33 -10.17 31.22
C ILE D 258 31.59 -9.72 32.65
N MET D 259 31.94 -8.45 32.86
CA MET D 259 32.16 -7.96 34.21
C MET D 259 30.86 -7.84 34.99
N GLU D 260 29.76 -7.50 34.33
CA GLU D 260 28.47 -7.50 35.01
C GLU D 260 28.07 -8.91 35.44
N LEU D 261 28.29 -9.90 34.57
CA LEU D 261 28.01 -11.27 34.95
C LEU D 261 28.89 -11.73 36.10
N ILE D 262 30.16 -11.34 36.09
CA ILE D 262 31.04 -11.67 37.22
C ILE D 262 30.48 -11.06 38.50
N ASN D 263 30.12 -9.78 38.46
CA ASN D 263 29.65 -9.10 39.66
C ASN D 263 28.36 -9.73 40.17
N ASN D 264 27.46 -10.13 39.28
CA ASN D 264 26.18 -10.65 39.72
C ASN D 264 26.22 -12.11 40.16
N VAL D 265 27.04 -12.95 39.54
CA VAL D 265 26.99 -14.39 39.81
C VAL D 265 28.16 -14.85 40.67
N ALA D 266 29.37 -14.37 40.38
CA ALA D 266 30.57 -14.94 40.99
C ALA D 266 30.58 -14.77 42.51
N LYS D 267 30.10 -13.63 43.00
CA LYS D 267 30.23 -13.32 44.42
C LYS D 267 29.46 -14.32 45.28
N ALA D 268 28.23 -14.65 44.88
CA ALA D 268 27.40 -15.53 45.69
C ALA D 268 27.71 -17.00 45.50
N HIS D 269 28.61 -17.35 44.58
CA HIS D 269 28.93 -18.74 44.31
C HIS D 269 29.69 -19.35 45.50
N GLY D 270 29.44 -20.64 45.74
CA GLY D 270 30.10 -21.33 46.82
C GLY D 270 31.37 -22.04 46.41
N GLY D 271 31.54 -22.28 45.12
CA GLY D 271 32.71 -22.96 44.59
C GLY D 271 33.80 -22.00 44.19
N TYR D 272 34.74 -22.52 43.40
CA TYR D 272 35.88 -21.74 42.94
C TYR D 272 35.59 -21.15 41.56
N SER D 273 36.54 -20.35 41.08
CA SER D 273 36.41 -19.69 39.78
C SER D 273 37.79 -19.57 39.16
N VAL D 274 37.82 -19.54 37.83
CA VAL D 274 39.06 -19.40 37.07
C VAL D 274 38.83 -18.39 35.94
N PHE D 275 39.75 -17.44 35.80
CA PHE D 275 39.68 -16.45 34.74
C PHE D 275 40.92 -16.57 33.87
N ALA D 276 40.72 -16.75 32.57
CA ALA D 276 41.80 -16.86 31.60
C ALA D 276 41.68 -15.72 30.59
N GLY D 277 42.77 -14.97 30.40
CA GLY D 277 42.78 -13.88 29.46
C GLY D 277 43.72 -14.13 28.30
N VAL D 278 43.20 -14.13 27.08
CA VAL D 278 43.97 -14.46 25.89
C VAL D 278 43.87 -13.31 24.91
N GLY D 279 45.02 -12.73 24.58
CA GLY D 279 45.09 -11.71 23.54
C GLY D 279 44.31 -10.43 23.81
N GLU D 280 44.45 -9.87 25.01
CA GLU D 280 43.72 -8.66 25.35
C GLU D 280 44.64 -7.57 25.91
N ARG D 281 44.06 -6.51 26.45
CA ARG D 281 44.83 -5.41 27.00
C ARG D 281 45.37 -5.76 28.39
N THR D 282 46.58 -5.29 28.68
CA THR D 282 47.21 -5.55 29.98
C THR D 282 46.59 -4.70 31.08
N ARG D 283 46.31 -3.43 30.78
CA ARG D 283 45.79 -2.53 31.80
C ARG D 283 44.47 -3.03 32.39
N GLU D 284 43.65 -3.69 31.57
CA GLU D 284 42.42 -4.28 32.09
C GLU D 284 42.72 -5.39 33.08
N GLY D 285 43.75 -6.20 32.83
CA GLY D 285 44.15 -7.21 33.80
C GLY D 285 44.61 -6.58 35.11
N ASN D 286 45.38 -5.49 35.02
CA ASN D 286 45.80 -4.80 36.22
C ASN D 286 44.61 -4.24 36.99
N ASP D 287 43.64 -3.68 36.29
CA ASP D 287 42.43 -3.17 36.93
C ASP D 287 41.68 -4.30 37.63
N LEU D 288 41.55 -5.44 36.95
CA LEU D 288 40.85 -6.56 37.54
C LEU D 288 41.55 -7.06 38.79
N TYR D 289 42.88 -7.16 38.75
CA TYR D 289 43.62 -7.61 39.92
C TYR D 289 43.43 -6.67 41.09
N HIS D 290 43.51 -5.35 40.85
CA HIS D 290 43.38 -4.42 41.96
C HIS D 290 41.96 -4.39 42.52
N GLU D 291 40.94 -4.46 41.66
CA GLU D 291 39.58 -4.46 42.19
C GLU D 291 39.22 -5.78 42.87
N MET D 292 39.83 -6.89 42.45
CA MET D 292 39.62 -8.14 43.19
C MET D 292 40.35 -8.14 44.52
N ILE D 293 41.47 -7.43 44.61
CA ILE D 293 42.08 -7.22 45.92
C ILE D 293 41.15 -6.41 46.81
N GLU D 294 40.57 -5.34 46.26
CA GLU D 294 39.74 -4.47 47.09
C GLU D 294 38.48 -5.16 47.56
N SER D 295 37.82 -5.93 46.69
CA SER D 295 36.53 -6.53 47.07
C SER D 295 36.69 -7.52 48.21
N GLY D 296 37.71 -8.37 48.17
CA GLY D 296 37.91 -9.41 49.17
C GLY D 296 37.95 -10.80 48.60
N VAL D 297 37.79 -10.98 47.29
CA VAL D 297 37.93 -12.30 46.69
C VAL D 297 39.36 -12.80 46.83
N ILE D 298 40.34 -11.92 46.65
CA ILE D 298 41.75 -12.25 46.83
C ILE D 298 42.21 -11.72 48.17
N ASN D 299 42.75 -12.59 49.00
CA ASN D 299 43.26 -12.23 50.31
C ASN D 299 44.75 -12.56 50.37
N LEU D 300 45.55 -11.57 50.73
CA LEU D 300 47.00 -11.70 50.67
C LEU D 300 47.63 -12.17 51.99
N LYS D 301 46.85 -12.34 53.05
CA LYS D 301 47.40 -12.67 54.36
C LYS D 301 46.86 -13.98 54.92
N ASP D 302 46.09 -14.74 54.15
CA ASP D 302 45.57 -16.02 54.60
C ASP D 302 45.25 -16.88 53.38
N ALA D 303 44.46 -17.93 53.59
CA ALA D 303 44.19 -18.90 52.52
C ALA D 303 42.71 -18.97 52.19
N THR D 304 42.06 -17.82 52.03
CA THR D 304 40.63 -17.76 51.75
C THR D 304 40.34 -17.09 50.40
N SER D 305 41.18 -17.32 49.41
CA SER D 305 40.94 -16.81 48.06
C SER D 305 40.13 -17.84 47.27
N LYS D 306 39.38 -17.34 46.27
CA LYS D 306 38.50 -18.20 45.49
C LYS D 306 38.58 -17.88 44.01
N VAL D 307 39.78 -17.62 43.50
CA VAL D 307 39.96 -17.36 42.08
C VAL D 307 41.44 -17.51 41.74
N ALA D 308 41.71 -17.99 40.53
CA ALA D 308 43.06 -18.11 40.00
C ALA D 308 43.10 -17.46 38.61
N LEU D 309 44.23 -16.86 38.28
CA LEU D 309 44.37 -16.06 37.08
C LEU D 309 45.52 -16.56 36.20
N VAL D 310 45.26 -16.67 34.91
CA VAL D 310 46.28 -17.02 33.91
C VAL D 310 46.18 -16.01 32.78
N TYR D 311 47.32 -15.46 32.37
CA TYR D 311 47.33 -14.36 31.41
C TYR D 311 48.38 -14.57 30.33
N GLY D 312 47.99 -14.35 29.08
CA GLY D 312 48.92 -14.03 28.03
C GLY D 312 48.28 -13.04 27.08
N GLN D 313 48.86 -11.86 26.96
CA GLN D 313 48.20 -10.72 26.34
C GLN D 313 48.70 -10.53 24.89
N MET D 314 48.32 -9.40 24.29
CA MET D 314 48.56 -9.14 22.88
C MET D 314 49.95 -8.59 22.60
N ASN D 315 50.86 -8.66 23.57
CA ASN D 315 52.24 -8.25 23.35
C ASN D 315 53.18 -9.44 23.24
N GLU D 316 52.65 -10.67 23.12
CA GLU D 316 53.38 -11.91 23.10
C GLU D 316 53.47 -12.47 21.68
N PRO D 317 54.52 -13.23 21.37
CA PRO D 317 54.63 -13.84 20.05
C PRO D 317 53.54 -14.89 19.84
N PRO D 318 53.22 -15.20 18.58
CA PRO D 318 52.06 -16.08 18.32
C PRO D 318 52.18 -17.47 18.92
N GLY D 319 53.40 -17.95 19.19
CA GLY D 319 53.54 -19.26 19.79
C GLY D 319 52.90 -19.33 21.17
N ALA D 320 53.04 -18.27 21.96
CA ALA D 320 52.48 -18.27 23.31
C ALA D 320 50.96 -18.18 23.29
N ARG D 321 50.41 -17.30 22.46
CA ARG D 321 48.97 -17.06 22.42
C ARG D 321 48.19 -18.26 21.90
N ALA D 322 48.84 -19.25 21.31
CA ALA D 322 48.16 -20.44 20.83
C ALA D 322 48.05 -21.53 21.90
N ARG D 323 48.51 -21.28 23.12
CA ARG D 323 48.60 -22.33 24.13
C ARG D 323 48.10 -21.96 25.52
N VAL D 324 47.65 -20.72 25.73
CA VAL D 324 47.28 -20.29 27.07
C VAL D 324 45.98 -20.96 27.53
N ALA D 325 45.02 -21.10 26.61
CA ALA D 325 43.71 -21.60 26.98
C ALA D 325 43.80 -23.01 27.56
N LEU D 326 44.72 -23.83 27.06
CA LEU D 326 44.91 -25.16 27.65
C LEU D 326 45.51 -25.06 29.04
N THR D 327 46.38 -24.08 29.27
CA THR D 327 46.91 -23.86 30.62
C THR D 327 45.80 -23.51 31.60
N GLY D 328 44.82 -22.72 31.16
CA GLY D 328 43.65 -22.47 31.99
C GLY D 328 42.80 -23.71 32.16
N LEU D 329 42.64 -24.48 31.08
CA LEU D 329 41.78 -25.67 31.13
C LEU D 329 42.31 -26.69 32.13
N THR D 330 43.63 -26.84 32.22
CA THR D 330 44.19 -27.85 33.13
C THR D 330 43.85 -27.53 34.58
N VAL D 331 44.04 -26.27 35.00
CA VAL D 331 43.74 -25.90 36.37
C VAL D 331 42.24 -25.88 36.60
N ALA D 332 41.45 -25.70 35.54
CA ALA D 332 40.01 -25.86 35.68
C ALA D 332 39.62 -27.31 35.91
N GLU D 333 40.28 -28.25 35.22
CA GLU D 333 39.91 -29.65 35.32
C GLU D 333 40.37 -30.30 36.62
N TYR D 334 41.46 -29.81 37.22
CA TYR D 334 41.89 -30.42 38.48
C TYR D 334 40.83 -30.28 39.56
N PHE D 335 40.21 -29.10 39.68
CA PHE D 335 39.18 -28.91 40.69
C PHE D 335 37.92 -29.71 40.40
N ARG D 336 37.74 -30.18 39.17
CA ARG D 336 36.57 -30.99 38.85
C ARG D 336 36.80 -32.46 39.13
N ASP D 337 37.98 -32.98 38.81
CA ASP D 337 38.21 -34.42 38.94
C ASP D 337 38.64 -34.82 40.34
N GLN D 338 39.77 -34.29 40.82
CA GLN D 338 40.31 -34.73 42.09
C GLN D 338 39.41 -34.34 43.26
N GLU D 339 38.80 -33.16 43.19
CA GLU D 339 37.89 -32.69 44.22
C GLU D 339 36.48 -32.58 43.63
N GLY D 340 35.48 -32.73 44.49
CA GLY D 340 34.10 -32.54 44.06
C GLY D 340 33.66 -31.11 44.24
N GLN D 341 33.73 -30.32 43.17
CA GLN D 341 33.44 -28.90 43.26
C GLN D 341 32.79 -28.43 41.97
N ASP D 342 32.09 -27.31 42.06
CA ASP D 342 31.51 -26.64 40.90
C ASP D 342 32.40 -25.46 40.53
N VAL D 343 32.73 -25.36 39.25
CA VAL D 343 33.75 -24.43 38.77
C VAL D 343 33.12 -23.51 37.73
N LEU D 344 33.49 -22.23 37.78
CA LEU D 344 33.13 -21.24 36.78
C LEU D 344 34.37 -20.86 36.01
N LEU D 345 34.29 -20.90 34.68
CA LEU D 345 35.42 -20.61 33.80
C LEU D 345 35.04 -19.47 32.87
N PHE D 346 35.82 -18.39 32.91
CA PHE D 346 35.63 -17.25 32.03
C PHE D 346 36.83 -17.12 31.10
N ILE D 347 36.57 -17.10 29.79
CA ILE D 347 37.61 -16.95 28.77
C ILE D 347 37.28 -15.72 27.93
N ASP D 348 38.28 -14.86 27.74
CA ASP D 348 38.08 -13.59 27.03
C ASP D 348 38.70 -13.70 25.65
N ASN D 349 37.86 -13.60 24.62
CA ASN D 349 38.27 -13.59 23.22
C ASN D 349 39.03 -14.86 22.85
N ILE D 350 38.30 -15.97 22.89
CA ILE D 350 38.80 -17.24 22.37
C ILE D 350 39.05 -17.20 20.86
N PHE D 351 38.65 -16.11 20.19
CA PHE D 351 38.95 -15.97 18.77
C PHE D 351 40.44 -15.86 18.50
N ARG D 352 41.19 -15.26 19.43
CA ARG D 352 42.63 -15.13 19.25
C ARG D 352 43.35 -16.47 19.27
N PHE D 353 42.70 -17.52 19.79
CA PHE D 353 43.28 -18.85 19.72
C PHE D 353 43.33 -19.33 18.27
N THR D 354 42.33 -18.98 17.47
CA THR D 354 42.29 -19.40 16.08
C THR D 354 43.20 -18.55 15.20
N GLN D 355 43.16 -17.22 15.38
CA GLN D 355 43.96 -16.34 14.55
C GLN D 355 45.45 -16.60 14.73
N ALA D 356 45.88 -16.85 15.96
CA ALA D 356 47.31 -17.09 16.21
C ALA D 356 47.79 -18.37 15.53
N GLY D 357 46.90 -19.33 15.30
CA GLY D 357 47.28 -20.56 14.64
C GLY D 357 47.50 -20.42 13.15
N SER D 358 46.92 -19.40 12.52
CA SER D 358 47.10 -19.19 11.10
C SER D 358 48.33 -18.35 10.77
N GLU D 359 48.96 -17.73 11.77
CA GLU D 359 50.19 -16.99 11.53
C GLU D 359 51.39 -17.91 11.39
N VAL D 360 51.28 -19.16 11.82
CA VAL D 360 52.37 -20.12 11.72
C VAL D 360 52.10 -21.20 10.68
N SER D 361 50.88 -21.29 10.16
CA SER D 361 50.56 -22.34 9.20
C SER D 361 51.37 -22.19 7.92
N ALA D 362 51.57 -20.95 7.45
CA ALA D 362 52.34 -20.73 6.24
C ALA D 362 53.79 -21.17 6.42
N LEU D 363 54.38 -20.86 7.58
CA LEU D 363 55.78 -21.22 7.83
C LEU D 363 55.97 -22.72 7.96
N LEU D 364 54.92 -23.47 8.27
CA LEU D 364 55.01 -24.92 8.37
C LEU D 364 54.90 -25.61 7.02
N GLY D 365 54.62 -24.88 5.95
CA GLY D 365 54.54 -25.48 4.63
C GLY D 365 53.22 -26.18 4.34
N ARG D 366 52.13 -25.42 4.34
CA ARG D 366 50.81 -25.94 4.02
C ARG D 366 50.16 -25.08 2.96
N ILE D 367 49.12 -25.62 2.33
CA ILE D 367 48.34 -24.91 1.33
C ILE D 367 47.17 -24.22 2.05
N PRO D 368 47.02 -22.90 1.93
CA PRO D 368 45.88 -22.23 2.56
C PRO D 368 44.57 -22.66 1.95
N SER D 369 43.51 -22.69 2.77
CA SER D 369 42.22 -23.17 2.31
C SER D 369 41.30 -22.04 1.84
N ALA D 370 40.91 -21.15 2.75
CA ALA D 370 39.88 -20.18 2.41
C ALA D 370 40.07 -18.92 3.24
N VAL D 371 40.02 -17.77 2.58
CA VAL D 371 40.24 -16.46 3.21
C VAL D 371 41.56 -16.49 3.97
N GLY D 372 42.51 -17.30 3.52
CA GLY D 372 43.82 -17.38 4.11
C GLY D 372 43.95 -18.23 5.34
N TYR D 373 42.89 -18.91 5.77
CA TYR D 373 42.95 -19.74 6.97
C TYR D 373 43.63 -21.07 6.68
N GLN D 374 44.10 -21.73 7.74
CA GLN D 374 44.78 -23.01 7.62
C GLN D 374 43.78 -24.13 7.33
N PRO D 375 44.23 -25.20 6.67
CA PRO D 375 43.31 -26.30 6.36
C PRO D 375 42.73 -26.99 7.59
N THR D 376 43.47 -27.03 8.70
CA THR D 376 43.03 -27.72 9.92
C THR D 376 42.46 -26.67 10.88
N LEU D 377 41.23 -26.26 10.60
CA LEU D 377 40.55 -25.24 11.41
C LEU D 377 39.46 -25.80 12.30
N ALA D 378 38.72 -26.80 11.86
CA ALA D 378 37.64 -27.37 12.67
C ALA D 378 38.13 -28.44 13.62
N THR D 379 39.11 -29.24 13.22
CA THR D 379 39.55 -30.37 14.05
C THR D 379 40.29 -29.89 15.29
N ASP D 380 41.19 -28.91 15.13
CA ASP D 380 41.92 -28.42 16.29
C ASP D 380 41.06 -27.57 17.21
N MET D 381 39.97 -27.00 16.70
CA MET D 381 39.02 -26.35 17.60
C MET D 381 38.18 -27.39 18.33
N GLY D 382 37.78 -28.46 17.64
CA GLY D 382 37.05 -29.52 18.30
C GLY D 382 37.86 -30.24 19.36
N THR D 383 39.18 -30.35 19.16
CA THR D 383 40.03 -30.98 20.17
C THR D 383 40.03 -30.19 21.46
N MET D 384 40.07 -28.87 21.37
CA MET D 384 40.13 -28.02 22.56
C MET D 384 38.77 -27.90 23.24
N GLN D 385 37.69 -27.78 22.46
CA GLN D 385 36.39 -27.48 23.05
C GLN D 385 35.79 -28.65 23.78
N GLU D 386 36.06 -29.88 23.35
CA GLU D 386 35.42 -31.05 23.93
C GLU D 386 35.85 -31.32 25.37
N ARG D 387 36.91 -30.68 25.84
CA ARG D 387 37.37 -30.91 27.20
C ARG D 387 36.60 -30.08 28.22
N ILE D 388 35.96 -28.99 27.81
CA ILE D 388 35.21 -28.12 28.71
C ILE D 388 33.78 -28.67 28.76
N THR D 389 33.55 -29.64 29.63
CA THR D 389 32.25 -30.29 29.71
C THR D 389 31.89 -30.56 31.17
N THR D 390 30.74 -31.19 31.36
CA THR D 390 30.25 -31.62 32.66
C THR D 390 30.11 -33.13 32.65
N THR D 391 30.72 -33.79 33.64
CA THR D 391 30.75 -35.24 33.71
C THR D 391 30.06 -35.72 34.98
N LYS D 392 30.15 -37.02 35.24
CA LYS D 392 29.58 -37.63 36.42
C LYS D 392 30.44 -37.46 37.66
N LYS D 393 31.44 -36.57 37.62
CA LYS D 393 32.24 -36.25 38.79
C LYS D 393 32.14 -34.78 39.21
N GLY D 394 31.68 -33.90 38.34
CA GLY D 394 31.57 -32.50 38.69
C GLY D 394 30.86 -31.73 37.62
N SER D 395 30.86 -30.41 37.77
CA SER D 395 30.22 -29.51 36.82
C SER D 395 31.15 -28.36 36.48
N ILE D 396 31.02 -27.85 35.26
CA ILE D 396 31.75 -26.68 34.80
C ILE D 396 30.79 -25.79 34.02
N THR D 397 30.78 -24.50 34.36
CA THR D 397 29.97 -23.52 33.66
C THR D 397 30.89 -22.55 32.93
N SER D 398 30.68 -22.40 31.63
CA SER D 398 31.58 -21.65 30.77
C SER D 398 30.91 -20.39 30.24
N VAL D 399 31.63 -19.29 30.26
CA VAL D 399 31.21 -18.03 29.63
C VAL D 399 32.36 -17.55 28.76
N GLN D 400 32.12 -17.46 27.45
CA GLN D 400 33.15 -17.14 26.49
C GLN D 400 32.75 -15.93 25.65
N ALA D 401 33.72 -15.08 25.36
CA ALA D 401 33.51 -13.92 24.50
C ALA D 401 34.14 -14.19 23.13
N ILE D 402 33.39 -13.90 22.07
CA ILE D 402 33.82 -14.22 20.71
C ILE D 402 33.79 -12.94 19.87
N TYR D 403 34.69 -12.87 18.91
CA TYR D 403 34.90 -11.69 18.08
C TYR D 403 34.58 -12.02 16.62
N VAL D 404 33.96 -11.07 15.92
CA VAL D 404 33.58 -11.24 14.53
C VAL D 404 34.32 -10.19 13.69
N PRO D 405 35.14 -10.60 12.73
CA PRO D 405 35.90 -9.61 11.95
C PRO D 405 35.00 -8.85 10.98
N ALA D 406 35.16 -7.52 10.98
CA ALA D 406 34.47 -6.63 10.05
C ALA D 406 32.96 -6.85 10.06
N ASP D 407 32.41 -7.03 11.25
CA ASP D 407 30.97 -7.21 11.48
C ASP D 407 30.37 -8.20 10.49
N ASP D 408 30.98 -9.39 10.42
CA ASP D 408 30.58 -10.43 9.48
C ASP D 408 30.37 -11.73 10.23
N LEU D 409 29.16 -12.28 10.16
CA LEU D 409 28.82 -13.51 10.85
C LEU D 409 29.01 -14.76 10.00
N THR D 410 29.39 -14.61 8.73
CA THR D 410 29.63 -15.74 7.85
C THR D 410 31.12 -16.05 7.70
N ASP D 411 31.96 -15.37 8.45
CA ASP D 411 33.38 -15.65 8.41
C ASP D 411 33.65 -17.05 8.95
N PRO D 412 34.62 -17.79 8.39
CA PRO D 412 34.81 -19.18 8.82
C PRO D 412 35.13 -19.35 10.29
N ALA D 413 35.71 -18.34 10.94
CA ALA D 413 36.10 -18.53 12.34
C ALA D 413 34.90 -18.52 13.28
N PRO D 414 34.03 -17.50 13.29
CA PRO D 414 32.88 -17.54 14.21
C PRO D 414 31.71 -18.38 13.73
N ALA D 415 31.77 -18.91 12.50
CA ALA D 415 30.66 -19.70 11.98
C ALA D 415 30.76 -21.18 12.35
N THR D 416 31.87 -21.63 12.92
CA THR D 416 32.00 -23.00 13.38
C THR D 416 31.90 -23.12 14.90
N THR D 417 31.74 -22.01 15.60
CA THR D 417 31.56 -22.05 17.05
C THR D 417 30.11 -22.17 17.47
N PHE D 418 29.17 -21.97 16.55
CA PHE D 418 27.75 -22.08 16.90
C PHE D 418 27.38 -23.51 17.29
N ALA D 419 28.10 -24.50 16.78
CA ALA D 419 27.77 -25.89 17.04
C ALA D 419 28.32 -26.40 18.37
N HIS D 420 29.06 -25.58 19.11
CA HIS D 420 29.64 -25.97 20.38
C HIS D 420 29.01 -25.24 21.57
N LEU D 421 27.81 -24.71 21.42
CA LEU D 421 27.20 -23.88 22.44
C LEU D 421 25.80 -24.37 22.77
N ASP D 422 25.36 -24.03 23.99
CA ASP D 422 24.00 -24.30 24.44
C ASP D 422 23.16 -23.04 24.59
N ALA D 423 23.76 -21.86 24.47
CA ALA D 423 23.04 -20.60 24.55
C ALA D 423 23.84 -19.54 23.83
N THR D 424 23.16 -18.69 23.08
CA THR D 424 23.80 -17.71 22.22
C THR D 424 23.25 -16.32 22.51
N THR D 425 24.14 -15.32 22.49
CA THR D 425 23.75 -13.93 22.67
C THR D 425 24.50 -13.09 21.64
N VAL D 426 23.77 -12.47 20.72
CA VAL D 426 24.36 -11.76 19.59
C VAL D 426 24.15 -10.27 19.80
N LEU D 427 25.23 -9.50 19.63
CA LEU D 427 25.21 -8.06 19.79
C LEU D 427 25.29 -7.36 18.43
N SER D 428 24.63 -6.20 18.33
CA SER D 428 24.49 -5.49 17.07
C SER D 428 24.92 -4.04 17.23
N ARG D 429 25.57 -3.50 16.18
CA ARG D 429 26.00 -2.11 16.19
C ARG D 429 24.86 -1.14 15.92
N ALA D 430 23.89 -1.55 15.09
CA ALA D 430 22.77 -0.68 14.77
C ALA D 430 21.93 -0.37 16.00
N ILE D 431 21.69 -1.37 16.84
CA ILE D 431 20.96 -1.12 18.08
C ILE D 431 21.74 -0.19 18.99
N ALA D 432 23.06 -0.39 19.08
CA ALA D 432 23.88 0.48 19.90
C ALA D 432 23.87 1.91 19.39
N GLU D 433 23.67 2.10 18.09
CA GLU D 433 23.58 3.45 17.54
C GLU D 433 22.33 4.17 18.06
N LEU D 434 21.21 3.44 18.19
CA LEU D 434 19.98 4.05 18.67
C LEU D 434 20.01 4.35 20.16
N GLY D 435 21.03 3.88 20.89
CA GLY D 435 21.15 4.17 22.29
C GLY D 435 20.59 3.14 23.23
N ILE D 436 20.27 1.94 22.74
CA ILE D 436 19.75 0.87 23.58
C ILE D 436 20.90 0.03 24.09
N TYR D 437 21.09 0.02 25.41
CA TYR D 437 22.11 -0.79 26.04
C TYR D 437 21.49 -1.71 27.07
N PRO D 438 21.84 -3.01 27.08
CA PRO D 438 22.80 -3.69 26.18
C PRO D 438 22.24 -3.89 24.78
N ALA D 439 23.10 -3.89 23.76
CA ALA D 439 22.66 -3.96 22.38
C ALA D 439 22.51 -5.41 21.94
N VAL D 440 21.50 -6.07 22.51
CA VAL D 440 21.23 -7.48 22.24
C VAL D 440 20.14 -7.57 21.19
N ASP D 441 20.39 -8.35 20.14
CA ASP D 441 19.40 -8.55 19.09
C ASP D 441 18.37 -9.57 19.55
N PRO D 442 17.09 -9.20 19.63
CA PRO D 442 16.09 -10.12 20.18
C PRO D 442 15.59 -11.16 19.18
N LEU D 443 15.90 -11.02 17.90
CA LEU D 443 15.45 -11.96 16.88
C LEU D 443 16.58 -12.87 16.41
N ASP D 444 17.68 -12.93 17.15
CA ASP D 444 18.81 -13.76 16.76
C ASP D 444 19.47 -14.49 17.93
N SER D 445 18.81 -14.56 19.08
CA SER D 445 19.36 -15.22 20.26
C SER D 445 18.49 -16.42 20.63
N THR D 446 19.15 -17.53 20.96
CA THR D 446 18.48 -18.79 21.22
C THR D 446 18.97 -19.40 22.53
N SER D 447 18.21 -20.37 23.02
CA SER D 447 18.62 -21.18 24.15
C SER D 447 17.99 -22.56 24.02
N ARG D 448 18.62 -23.54 24.67
CA ARG D 448 18.20 -24.93 24.53
C ARG D 448 17.06 -25.31 25.47
N ILE D 449 16.82 -24.54 26.52
CA ILE D 449 15.83 -24.91 27.52
C ILE D 449 14.57 -24.06 27.42
N MET D 450 14.31 -23.47 26.25
CA MET D 450 13.08 -22.70 26.03
C MET D 450 12.02 -23.65 25.50
N ASP D 451 11.36 -24.35 26.42
CA ASP D 451 10.26 -25.23 26.10
C ASP D 451 9.29 -25.23 27.27
N PRO D 452 8.00 -25.49 27.04
CA PRO D 452 7.02 -25.36 28.12
C PRO D 452 7.27 -26.27 29.30
N ASN D 453 7.88 -27.43 29.10
CA ASN D 453 8.01 -28.43 30.16
C ASN D 453 9.16 -28.16 31.11
N ILE D 454 9.95 -27.10 30.88
CA ILE D 454 11.04 -26.73 31.77
C ILE D 454 10.81 -25.37 32.42
N VAL D 455 10.47 -24.36 31.62
CA VAL D 455 10.28 -23.02 32.16
C VAL D 455 8.84 -22.70 32.52
N GLY D 456 7.89 -23.56 32.18
CA GLY D 456 6.51 -23.28 32.45
C GLY D 456 5.79 -22.70 31.25
N SER D 457 4.45 -22.77 31.29
CA SER D 457 3.64 -22.37 30.15
C SER D 457 3.57 -20.86 30.00
N GLU D 458 3.41 -20.13 31.11
CA GLU D 458 3.17 -18.70 31.08
C GLU D 458 4.36 -17.94 30.52
N HIS D 459 5.56 -18.27 31.00
CA HIS D 459 6.80 -17.68 30.52
C HIS D 459 6.95 -17.88 29.02
N TYR D 460 6.69 -19.09 28.55
CA TYR D 460 6.83 -19.43 27.13
C TYR D 460 5.82 -18.66 26.28
N ASP D 461 4.57 -18.55 26.75
CA ASP D 461 3.59 -17.79 25.99
C ASP D 461 3.97 -16.32 25.89
N VAL D 462 4.48 -15.74 26.98
CA VAL D 462 4.84 -14.33 26.95
C VAL D 462 5.99 -14.11 25.98
N ALA D 463 7.00 -14.99 26.01
CA ALA D 463 8.14 -14.84 25.11
C ALA D 463 7.72 -14.98 23.65
N ARG D 464 6.86 -15.94 23.34
CA ARG D 464 6.45 -16.10 21.95
C ARG D 464 5.60 -14.92 21.48
N GLY D 465 4.76 -14.37 22.36
CA GLY D 465 3.99 -13.20 21.96
C GLY D 465 4.86 -11.99 21.68
N VAL D 466 5.85 -11.73 22.54
CA VAL D 466 6.70 -10.57 22.31
C VAL D 466 7.53 -10.76 21.04
N GLN D 467 8.01 -11.99 20.78
CA GLN D 467 8.76 -12.21 19.56
C GLN D 467 7.90 -12.04 18.31
N LYS D 468 6.64 -12.50 18.34
CA LYS D 468 5.76 -12.30 17.19
C LYS D 468 5.51 -10.82 16.94
N ILE D 469 5.25 -10.06 18.01
CA ILE D 469 5.01 -8.63 17.84
C ILE D 469 6.25 -7.96 17.26
N LEU D 470 7.44 -8.34 17.73
CA LEU D 470 8.66 -7.74 17.21
C LEU D 470 8.86 -8.09 15.74
N GLN D 471 8.55 -9.33 15.34
CA GLN D 471 8.73 -9.71 13.94
C GLN D 471 7.79 -8.94 13.03
N ASP D 472 6.53 -8.73 13.45
CA ASP D 472 5.56 -8.10 12.57
C ASP D 472 5.97 -6.66 12.21
N TYR D 473 6.49 -5.92 13.19
CA TYR D 473 6.85 -4.52 12.94
C TYR D 473 8.02 -4.39 11.96
N LYS D 474 8.87 -5.41 11.86
CA LYS D 474 10.01 -5.33 10.96
C LYS D 474 9.62 -5.40 9.49
N SER D 475 8.46 -5.95 9.17
CA SER D 475 8.03 -6.15 7.80
C SER D 475 7.36 -4.93 7.19
N LEU D 476 7.17 -3.86 7.96
CA LEU D 476 6.57 -2.63 7.47
C LEU D 476 7.58 -1.53 7.20
N GLN D 477 8.88 -1.81 7.34
CA GLN D 477 9.89 -0.75 7.30
C GLN D 477 9.95 -0.08 5.92
N ASP D 478 9.83 -0.86 4.85
CA ASP D 478 9.98 -0.30 3.51
C ASP D 478 8.88 0.71 3.21
N ILE D 479 7.65 0.40 3.61
CA ILE D 479 6.54 1.30 3.31
C ILE D 479 6.64 2.57 4.14
N ILE D 480 7.00 2.45 5.42
CA ILE D 480 7.12 3.61 6.29
C ILE D 480 8.27 4.51 5.83
N ALA D 481 9.35 3.91 5.34
CA ALA D 481 10.53 4.69 4.97
C ALA D 481 10.28 5.58 3.76
N ILE D 482 9.23 5.34 2.99
CA ILE D 482 8.98 6.13 1.79
C ILE D 482 7.62 6.81 1.87
N LEU D 483 6.56 6.02 1.95
CA LEU D 483 5.21 6.57 1.89
C LEU D 483 4.82 7.29 3.18
N GLY D 484 5.21 6.77 4.32
CA GLY D 484 4.98 7.41 5.59
C GLY D 484 3.93 6.71 6.43
N MET D 485 3.73 7.25 7.63
CA MET D 485 2.84 6.64 8.61
C MET D 485 1.36 6.77 8.23
N ASP D 486 1.00 7.78 7.44
CA ASP D 486 -0.40 8.05 7.17
C ASP D 486 -1.07 6.97 6.33
N GLU D 487 -0.30 6.18 5.58
CA GLU D 487 -0.90 5.19 4.70
C GLU D 487 -1.38 3.95 5.46
N LEU D 488 -0.92 3.75 6.69
CA LEU D 488 -1.31 2.58 7.46
C LEU D 488 -2.75 2.71 7.96
N SER D 489 -3.37 1.57 8.22
CA SER D 489 -4.68 1.55 8.86
C SER D 489 -4.49 1.71 10.37
N GLU D 490 -5.57 1.52 11.13
CA GLU D 490 -5.50 1.73 12.57
C GLU D 490 -4.74 0.62 13.28
N GLU D 491 -4.98 -0.64 12.89
CA GLU D 491 -4.33 -1.76 13.56
C GLU D 491 -2.83 -1.71 13.36
N ASP D 492 -2.37 -1.34 12.17
CA ASP D 492 -0.94 -1.23 11.93
C ASP D 492 -0.32 -0.13 12.78
N LYS D 493 -1.01 1.00 12.93
CA LYS D 493 -0.49 2.04 13.82
C LYS D 493 -0.41 1.55 15.26
N LEU D 494 -1.41 0.77 15.69
CA LEU D 494 -1.40 0.23 17.04
C LEU D 494 -0.23 -0.74 17.25
N THR D 495 0.02 -1.60 16.26
CA THR D 495 1.14 -2.52 16.38
C THR D 495 2.47 -1.78 16.36
N VAL D 496 2.57 -0.72 15.56
CA VAL D 496 3.81 0.07 15.54
C VAL D 496 4.04 0.72 16.89
N SER D 497 2.99 1.28 17.49
CA SER D 497 3.16 1.92 18.80
C SER D 497 3.53 0.91 19.87
N ARG D 498 2.90 -0.27 19.86
CA ARG D 498 3.22 -1.27 20.88
C ARG D 498 4.62 -1.82 20.71
N ALA D 499 5.06 -2.06 19.46
CA ALA D 499 6.42 -2.55 19.26
C ALA D 499 7.45 -1.50 19.67
N ARG D 500 7.19 -0.23 19.36
CA ARG D 500 8.12 0.82 19.77
C ARG D 500 8.15 1.00 21.28
N LYS D 501 7.02 0.74 21.95
CA LYS D 501 7.04 0.77 23.41
C LYS D 501 7.80 -0.41 23.98
N ILE D 502 7.67 -1.59 23.36
CA ILE D 502 8.35 -2.78 23.88
C ILE D 502 9.86 -2.65 23.71
N GLN D 503 10.31 -2.05 22.60
CA GLN D 503 11.75 -1.94 22.38
C GLN D 503 12.45 -1.17 23.49
N ARG D 504 11.83 -0.09 23.97
CA ARG D 504 12.45 0.72 25.02
C ARG D 504 12.63 -0.06 26.31
N PHE D 505 11.64 -0.87 26.68
CA PHE D 505 11.64 -1.51 28.00
C PHE D 505 12.70 -2.60 28.14
N LEU D 506 13.36 -2.99 27.05
CA LEU D 506 14.40 -4.01 27.13
C LEU D 506 15.74 -3.47 27.60
N SER D 507 15.94 -2.15 27.61
CA SER D 507 17.18 -1.58 28.08
C SER D 507 17.20 -1.53 29.61
N GLN D 508 18.39 -1.38 30.17
CA GLN D 508 18.58 -1.48 31.61
C GLN D 508 19.88 -0.82 31.99
N PRO D 509 19.96 -0.19 33.17
CA PRO D 509 21.23 0.35 33.64
C PRO D 509 22.04 -0.66 34.43
N PHE D 510 23.34 -0.71 34.15
CA PHE D 510 24.26 -1.61 34.83
C PHE D 510 24.98 -0.89 35.96
N GLN D 511 25.38 -1.66 36.97
CA GLN D 511 26.08 -1.08 38.11
C GLN D 511 27.53 -0.75 37.79
N VAL D 512 28.17 -1.57 36.96
CA VAL D 512 29.57 -1.33 36.63
C VAL D 512 29.76 -0.16 35.68
N ALA D 513 28.68 0.40 35.14
CA ALA D 513 28.75 1.55 34.26
C ALA D 513 28.29 2.84 34.92
N GLU D 514 28.05 2.82 36.24
CA GLU D 514 27.57 4.02 36.92
C GLU D 514 28.60 5.15 36.88
N VAL D 515 29.88 4.81 36.76
CA VAL D 515 30.92 5.82 36.88
C VAL D 515 30.87 6.81 35.72
N PHE D 516 30.57 6.33 34.52
CA PHE D 516 30.60 7.20 33.34
C PHE D 516 29.22 7.38 32.71
N THR D 517 28.15 7.06 33.43
CA THR D 517 26.80 7.28 32.92
C THR D 517 25.90 8.13 33.82
N GLY D 518 26.25 8.32 35.08
CA GLY D 518 25.43 9.11 35.98
C GLY D 518 24.06 8.51 36.24
N HIS D 519 24.03 7.20 36.54
CA HIS D 519 22.78 6.51 36.87
C HIS D 519 23.05 5.62 38.07
N LEU D 520 22.08 4.77 38.38
CA LEU D 520 22.19 3.81 39.48
C LEU D 520 21.82 2.43 38.97
N GLY D 521 22.58 1.42 39.40
CA GLY D 521 22.35 0.07 38.92
C GLY D 521 21.06 -0.51 39.45
N LYS D 522 20.50 -1.45 38.67
CA LYS D 522 19.25 -2.10 39.01
C LYS D 522 19.38 -3.60 38.79
N LEU D 523 18.52 -4.35 39.47
CA LEU D 523 18.52 -5.81 39.39
C LEU D 523 17.08 -6.29 39.55
N VAL D 524 16.53 -6.89 38.51
CA VAL D 524 15.10 -7.22 38.45
C VAL D 524 14.93 -8.72 38.73
N PRO D 525 13.96 -9.11 39.55
CA PRO D 525 13.58 -10.52 39.61
C PRO D 525 12.76 -10.94 38.41
N LEU D 526 12.65 -12.27 38.24
CA LEU D 526 12.05 -12.85 37.04
C LEU D 526 10.55 -12.57 36.96
N LYS D 527 9.84 -12.72 38.09
CA LYS D 527 8.38 -12.56 38.09
C LYS D 527 7.97 -11.16 37.68
N GLU D 528 8.71 -10.15 38.15
CA GLU D 528 8.39 -8.77 37.79
C GLU D 528 8.55 -8.53 36.30
N THR D 529 9.59 -9.11 35.68
CA THR D 529 9.74 -8.98 34.23
C THR D 529 8.60 -9.66 33.49
N ILE D 530 8.22 -10.86 33.92
CA ILE D 530 7.12 -11.56 33.25
C ILE D 530 5.84 -10.75 33.34
N LYS D 531 5.53 -10.24 34.53
CA LYS D 531 4.30 -9.48 34.72
C LYS D 531 4.33 -8.15 33.98
N GLY D 532 5.48 -7.48 33.97
CA GLY D 532 5.58 -6.21 33.26
C GLY D 532 5.39 -6.37 31.77
N PHE D 533 5.92 -7.46 31.20
CA PHE D 533 5.70 -7.66 29.77
C PHE D 533 4.28 -8.12 29.47
N GLN D 534 3.67 -8.90 30.37
CA GLN D 534 2.26 -9.23 30.20
C GLN D 534 1.39 -7.99 30.17
N GLN D 535 1.64 -7.06 31.10
CA GLN D 535 0.82 -5.86 31.18
C GLN D 535 0.94 -5.00 29.94
N ILE D 536 2.14 -4.88 29.38
CA ILE D 536 2.30 -4.13 28.14
C ILE D 536 1.59 -4.84 27.00
N LEU D 537 1.71 -6.17 26.92
CA LEU D 537 1.04 -6.90 25.85
C LEU D 537 -0.48 -6.76 25.94
N ALA D 538 -1.02 -6.60 27.15
CA ALA D 538 -2.46 -6.48 27.30
C ALA D 538 -3.00 -5.09 26.97
N GLY D 539 -2.12 -4.11 26.77
CA GLY D 539 -2.57 -2.78 26.39
C GLY D 539 -2.99 -1.89 27.54
N GLU D 540 -2.58 -2.22 28.77
CA GLU D 540 -2.98 -1.42 29.93
C GLU D 540 -2.27 -0.07 30.00
N TYR D 541 -1.18 0.11 29.24
CA TYR D 541 -0.39 1.33 29.31
C TYR D 541 -0.35 2.06 27.96
N ASP D 542 -1.45 2.03 27.21
CA ASP D 542 -1.49 2.71 25.93
C ASP D 542 -1.60 4.22 26.06
N HIS D 543 -1.85 4.74 27.26
CA HIS D 543 -2.02 6.17 27.47
C HIS D 543 -0.74 6.85 27.96
N LEU D 544 0.38 6.13 27.97
CA LEU D 544 1.63 6.72 28.42
C LEU D 544 2.54 7.04 27.23
N PRO D 545 3.40 8.04 27.36
CA PRO D 545 4.36 8.32 26.29
C PRO D 545 5.40 7.21 26.19
N GLU D 546 5.94 7.03 24.99
CA GLU D 546 6.90 5.97 24.75
C GLU D 546 8.27 6.25 25.38
N GLN D 547 8.52 7.47 25.81
CA GLN D 547 9.80 7.83 26.40
C GLN D 547 9.90 7.51 27.88
N ALA D 548 8.82 7.01 28.49
CA ALA D 548 8.82 6.67 29.90
C ALA D 548 9.35 5.27 30.19
N PHE D 549 9.49 4.43 29.16
CA PHE D 549 9.97 3.06 29.33
C PHE D 549 11.46 2.94 29.05
N TYR D 550 12.23 4.00 29.24
CA TYR D 550 13.62 4.05 28.84
C TYR D 550 14.52 4.07 30.07
N MET D 551 15.39 3.06 30.18
CA MET D 551 16.41 2.98 31.23
C MET D 551 15.79 3.00 32.63
N VAL D 552 14.92 2.02 32.88
CA VAL D 552 14.32 1.82 34.19
C VAL D 552 14.39 0.34 34.54
N GLY D 553 14.02 0.03 35.78
CA GLY D 553 14.00 -1.34 36.24
C GLY D 553 12.63 -1.95 36.16
N PRO D 554 11.99 -2.18 37.31
CA PRO D 554 10.64 -2.75 37.31
C PRO D 554 9.63 -1.76 36.75
N ILE D 555 8.44 -2.30 36.43
CA ILE D 555 7.43 -1.53 35.70
C ILE D 555 6.94 -0.35 36.51
N GLU D 556 7.00 -0.43 37.84
CA GLU D 556 6.48 0.65 38.68
C GLU D 556 7.24 1.95 38.46
N GLU D 557 8.50 1.88 38.02
CA GLU D 557 9.27 3.09 37.79
C GLU D 557 8.86 3.81 36.51
N ALA D 558 8.14 3.15 35.60
CA ALA D 558 7.72 3.81 34.38
C ALA D 558 6.58 4.79 34.64
N VAL D 559 5.62 4.42 35.50
CA VAL D 559 4.50 5.29 35.75
C VAL D 559 4.93 6.54 36.52
N ALA D 560 5.90 6.40 37.43
CA ALA D 560 6.36 7.56 38.19
C ALA D 560 7.15 8.52 37.31
N LYS D 561 8.01 8.00 36.45
CA LYS D 561 8.75 8.86 35.53
C LYS D 561 7.81 9.51 34.53
N ALA D 562 6.75 8.82 34.12
CA ALA D 562 5.75 9.43 33.26
C ALA D 562 4.98 10.51 34.01
N ASP D 563 4.68 10.29 35.29
CA ASP D 563 3.96 11.27 36.10
C ASP D 563 4.77 12.54 36.28
N LYS D 564 6.07 12.41 36.55
CA LYS D 564 6.92 13.60 36.62
C LYS D 564 6.97 14.31 35.27
N LEU D 565 7.13 13.54 34.19
CA LEU D 565 7.19 14.11 32.85
C LEU D 565 5.77 14.28 32.32
N ALA D 566 5.07 15.24 32.91
CA ALA D 566 3.70 15.54 32.51
C ALA D 566 3.68 16.44 31.28
N ALA E 2 22.93 -10.55 0.76
CA ALA E 2 24.24 -9.91 0.87
C ALA E 2 25.10 -10.24 -0.33
N THR E 3 24.51 -10.87 -1.33
CA THR E 3 25.21 -11.14 -2.58
C THR E 3 25.09 -9.94 -3.51
N LEU E 4 25.76 -10.02 -4.65
CA LEU E 4 25.76 -8.91 -5.60
C LEU E 4 24.42 -8.79 -6.33
N LYS E 5 23.77 -9.91 -6.62
CA LYS E 5 22.50 -9.88 -7.36
C LYS E 5 21.41 -9.19 -6.55
N ASP E 6 21.31 -9.48 -5.26
CA ASP E 6 20.29 -8.86 -4.43
C ASP E 6 20.47 -7.35 -4.37
N ILE E 7 21.71 -6.90 -4.18
CA ILE E 7 21.98 -5.47 -4.16
C ILE E 7 21.58 -4.84 -5.48
N THR E 8 21.91 -5.48 -6.59
CA THR E 8 21.59 -4.91 -7.89
C THR E 8 20.08 -4.77 -8.07
N ARG E 9 19.32 -5.81 -7.75
CA ARG E 9 17.88 -5.75 -7.92
C ARG E 9 17.25 -4.69 -7.02
N ARG E 10 17.67 -4.65 -5.75
CA ARG E 10 17.11 -3.69 -4.82
C ARG E 10 17.42 -2.26 -5.23
N LEU E 11 18.59 -2.01 -5.80
CA LEU E 11 18.89 -0.67 -6.33
C LEU E 11 17.99 -0.34 -7.51
N LYS E 12 17.80 -1.30 -8.42
CA LYS E 12 17.03 -1.02 -9.63
C LYS E 12 15.55 -0.80 -9.36
N SER E 13 15.02 -1.30 -8.25
CA SER E 13 13.61 -1.00 -7.92
C SER E 13 13.43 0.45 -7.47
N ILE E 14 14.28 0.91 -6.56
CA ILE E 14 14.13 2.27 -6.02
C ILE E 14 14.42 3.29 -7.11
N LYS E 15 15.32 2.97 -8.05
CA LYS E 15 15.58 3.91 -9.13
C LYS E 15 14.31 4.24 -9.92
N ASN E 16 13.39 3.29 -10.07
CA ASN E 16 12.12 3.56 -10.75
C ASN E 16 11.12 4.26 -9.84
N ILE E 17 11.08 3.86 -8.57
CA ILE E 17 10.10 4.47 -7.66
C ILE E 17 10.31 5.98 -7.57
N GLN E 18 11.58 6.41 -7.51
CA GLN E 18 11.87 7.83 -7.39
C GLN E 18 11.34 8.62 -8.59
N LYS E 19 11.56 8.10 -9.80
CA LYS E 19 11.11 8.82 -10.98
C LYS E 19 9.58 8.87 -11.05
N ILE E 20 8.91 7.81 -10.61
CA ILE E 20 7.44 7.86 -10.63
C ILE E 20 6.94 8.99 -9.71
N THR E 21 7.49 9.08 -8.49
CA THR E 21 7.05 10.15 -7.59
C THR E 21 7.38 11.53 -8.16
N LYS E 22 8.59 11.68 -8.72
CA LYS E 22 9.01 12.96 -9.26
C LYS E 22 8.10 13.41 -10.38
N SER E 23 7.69 12.48 -11.26
CA SER E 23 6.76 12.86 -12.32
C SER E 23 5.37 13.14 -11.78
N MET E 24 4.98 12.52 -10.67
CA MET E 24 3.65 12.77 -10.13
C MET E 24 3.52 14.11 -9.41
N LYS E 25 4.63 14.73 -9.02
CA LYS E 25 4.54 16.03 -8.33
C LYS E 25 4.03 17.17 -9.23
N MET E 26 4.49 17.22 -10.48
CA MET E 26 4.17 18.36 -11.35
C MET E 26 2.68 18.40 -11.69
N VAL E 27 2.05 17.23 -11.84
CA VAL E 27 0.62 17.19 -12.14
C VAL E 27 -0.19 17.82 -11.02
N ALA E 28 0.17 17.53 -9.76
CA ALA E 28 -0.51 18.17 -8.65
C ALA E 28 -0.27 19.67 -8.61
N ALA E 29 0.93 20.13 -8.99
CA ALA E 29 1.11 21.59 -9.06
C ALA E 29 0.21 22.22 -10.13
N ALA E 30 0.11 21.57 -11.30
CA ALA E 30 -0.70 22.10 -12.38
C ALA E 30 -2.17 22.12 -12.00
N LYS E 31 -2.65 21.08 -11.31
CA LYS E 31 -4.03 21.08 -10.83
C LYS E 31 -4.26 22.13 -9.75
N TYR E 32 -3.29 22.32 -8.85
CA TYR E 32 -3.46 23.29 -7.78
C TYR E 32 -3.58 24.71 -8.33
N ALA E 33 -2.87 25.01 -9.42
CA ALA E 33 -2.99 26.35 -10.00
C ALA E 33 -4.42 26.65 -10.42
N ARG E 34 -5.03 25.74 -11.18
CA ARG E 34 -6.41 25.95 -11.62
C ARG E 34 -7.38 25.91 -10.43
N ALA E 35 -7.12 25.05 -9.45
CA ALA E 35 -8.00 24.98 -8.29
C ALA E 35 -7.99 26.29 -7.52
N GLU E 36 -6.82 26.92 -7.40
CA GLU E 36 -6.73 28.21 -6.74
C GLU E 36 -7.42 29.30 -7.56
N ARG E 37 -7.33 29.23 -8.90
CA ARG E 37 -7.88 30.29 -9.71
C ARG E 37 -9.38 30.48 -9.50
N ASP E 38 -10.13 29.39 -9.41
CA ASP E 38 -11.58 29.46 -9.38
C ASP E 38 -12.16 29.69 -7.99
N LEU E 39 -11.32 29.77 -6.95
CA LEU E 39 -11.85 29.88 -5.60
C LEU E 39 -12.41 31.26 -5.32
N LYS E 40 -11.77 32.29 -5.85
CA LYS E 40 -12.17 33.67 -5.53
C LYS E 40 -13.60 33.99 -5.96
N PRO E 41 -14.03 33.72 -7.20
CA PRO E 41 -15.43 34.00 -7.54
C PRO E 41 -16.43 33.26 -6.68
N ALA E 42 -16.11 32.04 -6.23
CA ALA E 42 -17.04 31.27 -5.42
C ALA E 42 -17.04 31.70 -3.96
N ARG E 43 -15.97 32.34 -3.48
CA ARG E 43 -15.91 32.77 -2.09
C ARG E 43 -16.96 33.85 -1.80
N VAL E 44 -17.10 34.82 -2.70
CA VAL E 44 -18.07 35.90 -2.48
C VAL E 44 -19.50 35.36 -2.53
N TYR E 45 -19.78 34.44 -3.46
CA TYR E 45 -21.10 33.81 -3.51
C TYR E 45 -21.39 33.04 -2.23
N GLY E 46 -20.42 32.27 -1.76
CA GLY E 46 -20.63 31.50 -0.54
C GLY E 46 -20.86 32.37 0.68
N ILE E 47 -20.10 33.47 0.79
CA ILE E 47 -20.30 34.37 1.92
C ILE E 47 -21.63 35.11 1.79
N GLY E 48 -22.00 35.50 0.57
CA GLY E 48 -23.27 36.19 0.38
C GLY E 48 -24.49 35.34 0.67
N SER E 49 -24.36 34.02 0.51
CA SER E 49 -25.49 33.14 0.81
C SER E 49 -25.86 33.19 2.29
N LEU E 50 -24.87 33.37 3.17
CA LEU E 50 -25.07 33.19 4.60
C LEU E 50 -25.24 34.51 5.37
N ALA E 51 -25.44 35.64 4.67
CA ALA E 51 -25.49 36.93 5.36
C ALA E 51 -26.73 37.05 6.24
N LEU E 52 -27.87 36.52 5.79
CA LEU E 52 -29.12 36.66 6.53
C LEU E 52 -29.05 35.99 7.89
N TYR E 53 -28.57 34.74 7.93
CA TYR E 53 -28.41 34.05 9.21
C TYR E 53 -27.43 34.78 10.11
N GLU E 54 -26.43 35.45 9.52
CA GLU E 54 -25.46 36.18 10.32
C GLU E 54 -26.09 37.40 10.98
N LYS E 55 -26.84 38.18 10.21
CA LYS E 55 -27.38 39.43 10.74
C LYS E 55 -28.42 39.18 11.82
N ALA E 56 -29.39 38.30 11.56
CA ALA E 56 -30.43 37.96 12.52
C ALA E 56 -30.05 36.64 13.18
N ASP E 57 -29.60 36.71 14.43
CA ASP E 57 -29.15 35.52 15.14
C ASP E 57 -30.33 34.56 15.36
N ILE E 58 -30.12 33.30 15.03
CA ILE E 58 -31.12 32.26 15.23
C ILE E 58 -30.46 31.12 16.00
N LYS E 59 -31.09 30.69 17.09
CA LYS E 59 -30.58 29.62 17.94
C LYS E 59 -31.59 28.49 17.99
N VAL E 60 -31.10 27.26 17.81
CA VAL E 60 -31.97 26.08 17.83
C VAL E 60 -32.36 25.77 19.27
N PRO E 61 -33.58 25.30 19.52
CA PRO E 61 -33.97 24.92 20.88
C PRO E 61 -33.52 23.50 21.23
N GLU E 62 -33.92 23.01 22.40
CA GLU E 62 -33.59 21.66 22.83
C GLU E 62 -34.72 20.74 22.38
N ASP E 63 -34.55 20.15 21.19
CA ASP E 63 -35.51 19.22 20.62
C ASP E 63 -34.86 17.85 20.47
N LYS E 64 -35.61 16.92 19.88
CA LYS E 64 -35.16 15.54 19.75
C LYS E 64 -35.43 15.00 18.35
N LYS E 65 -35.26 15.85 17.34
CA LYS E 65 -35.41 15.43 15.95
C LYS E 65 -34.07 15.01 15.33
N LYS E 66 -33.00 15.00 16.12
CA LYS E 66 -31.68 14.51 15.72
C LYS E 66 -31.03 15.39 14.66
N HIS E 67 -29.76 15.13 14.38
CA HIS E 67 -28.95 15.96 13.50
C HIS E 67 -28.84 15.33 12.11
N LEU E 68 -28.10 16.01 11.24
CA LEU E 68 -27.74 15.50 9.92
C LEU E 68 -26.32 15.97 9.65
N ILE E 69 -25.35 15.13 9.97
CA ILE E 69 -23.94 15.48 9.86
C ILE E 69 -23.45 15.10 8.47
N ILE E 70 -22.81 16.06 7.79
CA ILE E 70 -22.31 15.87 6.43
C ILE E 70 -20.81 16.07 6.45
N GLY E 71 -20.07 15.08 5.95
CA GLY E 71 -18.62 15.18 5.81
C GLY E 71 -18.24 15.07 4.35
N VAL E 72 -17.28 15.90 3.93
CA VAL E 72 -16.88 16.01 2.54
C VAL E 72 -15.43 15.54 2.40
N SER E 73 -15.16 14.74 1.38
CA SER E 73 -13.83 14.25 1.08
C SER E 73 -13.80 13.80 -0.38
N SER E 74 -12.78 13.04 -0.75
CA SER E 74 -12.62 12.54 -2.11
C SER E 74 -12.48 11.02 -2.08
N ASP E 75 -12.11 10.45 -3.23
CA ASP E 75 -11.93 9.01 -3.36
C ASP E 75 -10.47 8.61 -3.54
N ARG E 76 -9.54 9.54 -3.36
CA ARG E 76 -8.12 9.28 -3.59
C ARG E 76 -7.32 9.50 -2.31
N GLY E 77 -6.30 8.68 -2.12
CA GLY E 77 -5.39 8.79 -1.00
C GLY E 77 -4.15 9.58 -1.32
N LEU E 78 -3.08 9.30 -0.58
CA LEU E 78 -1.78 9.95 -0.76
C LEU E 78 -1.91 11.46 -0.59
N CYS E 79 -2.59 11.88 0.47
CA CYS E 79 -2.83 13.29 0.73
C CYS E 79 -2.60 13.64 2.19
N GLY E 80 -1.63 12.98 2.82
CA GLY E 80 -1.35 13.26 4.21
C GLY E 80 -2.51 12.84 5.10
N ALA E 81 -2.88 13.73 6.03
CA ALA E 81 -3.91 13.45 7.03
C ALA E 81 -5.19 14.24 6.76
N ILE E 82 -5.58 14.35 5.48
CA ILE E 82 -6.76 15.14 5.14
C ILE E 82 -8.03 14.46 5.64
N HIS E 83 -8.20 13.16 5.37
CA HIS E 83 -9.44 12.49 5.72
C HIS E 83 -9.53 12.18 7.21
N SER E 84 -8.38 11.91 7.85
CA SER E 84 -8.38 11.52 9.25
C SER E 84 -8.88 12.66 10.14
N SER E 85 -8.56 13.90 9.77
CA SER E 85 -8.99 15.03 10.58
C SER E 85 -10.51 15.15 10.60
N VAL E 86 -11.15 14.96 9.45
CA VAL E 86 -12.61 15.03 9.39
C VAL E 86 -13.23 13.85 10.14
N ALA E 87 -12.69 12.64 9.91
CA ALA E 87 -13.23 11.46 10.58
C ALA E 87 -13.01 11.51 12.08
N LYS E 88 -12.05 12.31 12.55
CA LYS E 88 -11.83 12.47 13.98
C LYS E 88 -12.97 13.23 14.64
N GLN E 89 -13.39 14.35 14.05
CA GLN E 89 -14.46 15.14 14.64
C GLN E 89 -15.84 14.55 14.39
N ILE E 90 -16.01 13.79 13.31
CA ILE E 90 -17.32 13.18 13.06
C ILE E 90 -17.71 12.29 14.22
N LYS E 91 -16.78 11.44 14.68
CA LYS E 91 -17.08 10.55 15.80
C LYS E 91 -17.05 11.27 17.14
N SER E 92 -16.42 12.44 17.21
CA SER E 92 -16.44 13.20 18.46
C SER E 92 -17.82 13.80 18.71
N GLU E 93 -18.46 14.34 17.67
CA GLU E 93 -19.73 15.03 17.88
C GLU E 93 -20.84 14.06 18.29
N VAL E 94 -20.81 12.83 17.78
CA VAL E 94 -21.91 11.91 18.02
C VAL E 94 -22.01 11.51 19.48
N ALA E 95 -20.89 11.52 20.21
CA ALA E 95 -20.94 11.18 21.64
C ALA E 95 -21.72 12.23 22.42
N ASN E 96 -21.46 13.52 22.16
CA ASN E 96 -22.23 14.58 22.79
C ASN E 96 -23.69 14.52 22.35
N LEU E 97 -23.94 14.21 21.07
CA LEU E 97 -25.31 14.14 20.60
C LEU E 97 -26.08 13.01 21.29
N THR E 98 -25.44 11.86 21.47
CA THR E 98 -26.09 10.72 22.13
C THR E 98 -26.15 10.89 23.65
N ALA E 99 -25.35 11.79 24.21
CA ALA E 99 -25.50 12.11 25.63
C ALA E 99 -26.88 12.69 25.91
N ALA E 100 -27.36 13.59 25.05
CA ALA E 100 -28.73 14.07 25.18
C ALA E 100 -29.73 13.02 24.69
N GLY E 101 -29.38 12.32 23.61
CA GLY E 101 -30.22 11.26 23.09
C GLY E 101 -31.02 11.67 21.86
N LYS E 102 -30.52 11.32 20.69
CA LYS E 102 -31.18 11.64 19.43
C LYS E 102 -30.93 10.51 18.44
N GLU E 103 -31.76 10.46 17.40
CA GLU E 103 -31.64 9.43 16.36
C GLU E 103 -30.75 9.91 15.21
N VAL E 104 -29.54 10.35 15.55
CA VAL E 104 -28.68 11.03 14.58
C VAL E 104 -28.25 10.06 13.48
N LYS E 105 -28.11 10.60 12.28
CA LYS E 105 -27.65 9.86 11.11
C LYS E 105 -26.52 10.64 10.46
N ILE E 106 -25.61 9.91 9.82
CA ILE E 106 -24.43 10.50 9.19
C ILE E 106 -24.48 10.21 7.70
N VAL E 107 -24.29 11.25 6.89
CA VAL E 107 -24.21 11.14 5.45
C VAL E 107 -22.86 11.64 5.00
N GLY E 108 -22.14 10.82 4.23
CA GLY E 108 -20.81 11.20 3.78
C GLY E 108 -20.66 11.18 2.27
N VAL E 109 -20.11 12.26 1.72
CA VAL E 109 -19.78 12.33 0.31
C VAL E 109 -18.29 12.10 0.16
N GLY E 110 -17.92 11.06 -0.57
CA GLY E 110 -16.54 10.62 -0.63
C GLY E 110 -16.39 9.21 -0.09
N ASP E 111 -15.70 8.34 -0.83
CA ASP E 111 -15.64 6.93 -0.47
C ASP E 111 -14.78 6.69 0.76
N LYS E 112 -13.70 7.47 0.93
CA LYS E 112 -12.81 7.24 2.06
C LYS E 112 -13.52 7.47 3.39
N ILE E 113 -14.41 8.47 3.44
CA ILE E 113 -15.16 8.72 4.66
C ILE E 113 -16.04 7.53 5.02
N ARG E 114 -16.71 6.95 4.02
CA ARG E 114 -17.50 5.76 4.26
C ARG E 114 -16.63 4.60 4.72
N GLY E 115 -15.45 4.45 4.12
CA GLY E 115 -14.59 3.33 4.46
C GLY E 115 -14.00 3.41 5.86
N ILE E 116 -13.61 4.61 6.30
CA ILE E 116 -12.93 4.76 7.58
C ILE E 116 -13.87 4.44 8.73
N LEU E 117 -15.08 5.01 8.70
CA LEU E 117 -16.01 4.94 9.82
C LEU E 117 -17.04 3.84 9.68
N HIS E 118 -16.87 2.93 8.72
CA HIS E 118 -17.87 1.89 8.50
C HIS E 118 -17.97 0.94 9.68
N ARG E 119 -16.83 0.60 10.30
CA ARG E 119 -16.81 -0.48 11.28
C ARG E 119 -17.66 -0.15 12.50
N THR E 120 -17.58 1.08 13.01
CA THR E 120 -18.24 1.43 14.26
C THR E 120 -19.54 2.19 14.09
N HIS E 121 -19.85 2.65 12.87
CA HIS E 121 -21.04 3.47 12.65
C HIS E 121 -21.75 3.01 11.38
N SER E 122 -21.90 1.69 11.23
CA SER E 122 -22.52 1.15 10.01
C SER E 122 -24.02 1.46 9.95
N ASP E 123 -24.69 1.47 11.10
CA ASP E 123 -26.14 1.64 11.11
C ASP E 123 -26.54 3.09 10.87
N GLN E 124 -25.79 4.05 11.40
CA GLN E 124 -26.17 5.45 11.27
C GLN E 124 -26.06 5.97 9.84
N PHE E 125 -25.44 5.23 8.93
CA PHE E 125 -25.31 5.69 7.56
C PHE E 125 -26.68 5.77 6.90
N LEU E 126 -26.99 6.94 6.34
CA LEU E 126 -28.25 7.16 5.64
C LEU E 126 -28.11 7.03 4.13
N VAL E 127 -27.14 7.70 3.54
CA VAL E 127 -26.87 7.61 2.12
C VAL E 127 -25.46 8.13 1.87
N THR E 128 -24.80 7.58 0.86
CA THR E 128 -23.43 7.97 0.52
C THR E 128 -23.33 8.17 -0.99
N PHE E 129 -22.37 8.98 -1.39
CA PHE E 129 -22.14 9.33 -2.79
C PHE E 129 -20.77 8.82 -3.23
N LYS E 130 -20.49 9.01 -4.53
CA LYS E 130 -19.31 8.43 -5.13
C LYS E 130 -18.92 9.29 -6.34
N GLU E 131 -17.77 8.96 -6.94
CA GLU E 131 -17.25 9.66 -8.11
C GLU E 131 -16.99 11.13 -7.82
N VAL E 132 -16.15 11.37 -6.81
CA VAL E 132 -15.79 12.70 -6.37
C VAL E 132 -14.28 12.84 -6.44
N GLY E 133 -13.82 13.96 -7.02
CA GLY E 133 -12.42 14.31 -7.04
C GLY E 133 -11.71 14.05 -8.35
N ARG E 134 -12.28 13.21 -9.23
CA ARG E 134 -11.63 12.94 -10.50
C ARG E 134 -11.61 14.18 -11.39
N LYS E 135 -12.69 14.94 -11.39
CA LYS E 135 -12.82 16.18 -12.14
C LYS E 135 -13.34 17.28 -11.22
N PRO E 136 -13.05 18.53 -11.54
CA PRO E 136 -13.43 19.64 -10.64
C PRO E 136 -14.93 19.67 -10.39
N PRO E 137 -15.35 19.98 -9.17
CA PRO E 137 -16.78 20.01 -8.86
C PRO E 137 -17.49 21.18 -9.52
N THR E 138 -18.80 21.02 -9.68
CA THR E 138 -19.66 22.03 -10.28
C THR E 138 -20.94 22.17 -9.46
N PHE E 139 -21.71 23.21 -9.79
CA PHE E 139 -22.95 23.47 -9.07
C PHE E 139 -23.97 22.36 -9.27
N GLY E 140 -23.95 21.70 -10.43
CA GLY E 140 -24.89 20.63 -10.68
C GLY E 140 -24.76 19.48 -9.71
N ASP E 141 -23.54 19.21 -9.25
CA ASP E 141 -23.34 18.15 -8.27
C ASP E 141 -23.99 18.49 -6.94
N ALA E 142 -23.86 19.75 -6.51
CA ALA E 142 -24.53 20.19 -5.29
C ALA E 142 -26.05 20.14 -5.46
N SER E 143 -26.54 20.50 -6.65
CA SER E 143 -27.97 20.37 -6.92
C SER E 143 -28.43 18.92 -6.79
N VAL E 144 -27.65 17.98 -7.36
CA VAL E 144 -28.04 16.58 -7.29
C VAL E 144 -28.04 16.10 -5.85
N ILE E 145 -27.02 16.47 -5.08
CA ILE E 145 -26.95 16.04 -3.68
C ILE E 145 -28.11 16.60 -2.88
N ALA E 146 -28.40 17.89 -3.05
CA ALA E 146 -29.50 18.50 -2.30
C ALA E 146 -30.84 17.90 -2.71
N LEU E 147 -31.03 17.62 -4.01
CA LEU E 147 -32.26 17.00 -4.46
C LEU E 147 -32.45 15.62 -3.86
N GLU E 148 -31.38 14.82 -3.83
CA GLU E 148 -31.47 13.49 -3.26
C GLU E 148 -31.56 13.51 -1.74
N LEU E 149 -31.18 14.61 -1.10
CA LEU E 149 -31.24 14.67 0.36
C LEU E 149 -32.65 14.92 0.89
N LEU E 150 -33.45 15.72 0.18
CA LEU E 150 -34.79 16.04 0.67
C LEU E 150 -35.77 14.89 0.49
N ASN E 151 -35.60 14.06 -0.53
CA ASN E 151 -36.54 12.97 -0.78
C ASN E 151 -36.50 11.90 0.31
N SER E 152 -35.45 11.86 1.12
CA SER E 152 -35.39 10.90 2.22
C SER E 152 -36.49 11.18 3.23
N GLY E 153 -37.11 10.12 3.73
CA GLY E 153 -38.17 10.27 4.72
C GLY E 153 -37.70 10.80 6.05
N TYR E 154 -36.39 10.74 6.31
CA TYR E 154 -35.85 11.26 7.56
C TYR E 154 -36.06 12.77 7.65
N GLU E 155 -36.43 13.23 8.84
CA GLU E 155 -36.64 14.65 9.10
C GLU E 155 -35.78 15.05 10.29
N PHE E 156 -35.27 16.27 10.25
CA PHE E 156 -34.34 16.76 11.25
C PHE E 156 -34.72 18.17 11.68
N ASP E 157 -34.31 18.52 12.89
CA ASP E 157 -34.40 19.89 13.38
C ASP E 157 -33.06 20.62 13.35
N GLU E 158 -31.95 19.89 13.34
CA GLU E 158 -30.62 20.47 13.37
C GLU E 158 -29.72 19.72 12.41
N GLY E 159 -28.59 20.32 12.08
CA GLY E 159 -27.64 19.69 11.19
C GLY E 159 -26.39 20.54 11.07
N SER E 160 -25.32 19.89 10.62
CA SER E 160 -24.04 20.56 10.45
C SER E 160 -23.27 19.89 9.32
N ILE E 161 -22.32 20.62 8.77
CA ILE E 161 -21.47 20.15 7.68
C ILE E 161 -20.02 20.43 8.03
N ILE E 162 -19.16 19.45 7.80
CA ILE E 162 -17.75 19.52 8.20
C ILE E 162 -16.88 19.46 6.95
N PHE E 163 -15.86 20.31 6.91
CA PHE E 163 -14.99 20.42 5.74
C PHE E 163 -13.65 21.01 6.17
N ASN E 164 -12.68 20.94 5.26
CA ASN E 164 -11.37 21.53 5.46
C ASN E 164 -11.31 22.84 4.69
N ARG E 165 -10.83 23.90 5.35
CA ARG E 165 -10.79 25.23 4.76
C ARG E 165 -9.37 25.57 4.36
N PHE E 166 -9.21 25.99 3.10
CA PHE E 166 -7.89 26.36 2.60
C PHE E 166 -7.44 27.67 3.21
N ARG E 167 -6.30 27.65 3.90
CA ARG E 167 -5.75 28.82 4.56
C ARG E 167 -4.46 29.29 3.91
N SER E 168 -3.51 28.38 3.68
CA SER E 168 -2.25 28.73 3.04
C SER E 168 -1.76 27.52 2.27
N VAL E 169 -0.77 27.76 1.40
CA VAL E 169 -0.18 26.71 0.59
C VAL E 169 0.47 25.62 1.44
N ILE E 170 0.65 25.86 2.74
CA ILE E 170 1.28 24.88 3.62
C ILE E 170 0.43 24.56 4.85
N SER E 171 -0.76 25.14 4.98
CA SER E 171 -1.58 24.89 6.16
C SER E 171 -3.06 24.98 5.82
N TYR E 172 -3.87 24.35 6.65
CA TYR E 172 -5.31 24.38 6.50
C TYR E 172 -5.96 24.20 7.87
N LYS E 173 -7.25 24.52 7.96
CA LYS E 173 -7.99 24.46 9.21
C LYS E 173 -9.29 23.69 9.01
N THR E 174 -9.64 22.87 9.99
CA THR E 174 -10.89 22.12 9.97
C THR E 174 -11.96 22.89 10.74
N GLU E 175 -13.16 22.95 10.17
CA GLU E 175 -14.24 23.73 10.77
C GLU E 175 -15.57 23.17 10.30
N GLU E 176 -16.64 23.64 10.93
CA GLU E 176 -18.00 23.25 10.58
C GLU E 176 -18.92 24.45 10.71
N LYS E 177 -20.07 24.38 10.05
CA LYS E 177 -21.04 25.45 10.07
C LYS E 177 -22.43 24.90 10.37
N PRO E 178 -23.23 25.63 11.15
CA PRO E 178 -24.56 25.13 11.52
C PRO E 178 -25.57 25.35 10.40
N ILE E 179 -26.64 24.55 10.46
CA ILE E 179 -27.75 24.65 9.53
C ILE E 179 -29.03 24.81 10.33
N PHE E 180 -29.80 25.85 10.00
CA PHE E 180 -31.10 26.10 10.61
C PHE E 180 -32.22 25.95 9.59
N SER E 181 -32.13 24.96 8.72
CA SER E 181 -33.09 24.79 7.64
C SER E 181 -34.48 24.43 8.12
N LEU E 182 -34.64 24.05 9.39
CA LEU E 182 -35.95 23.80 9.94
C LEU E 182 -36.80 25.07 9.89
N ASP E 183 -38.03 24.94 9.37
CA ASP E 183 -38.89 26.11 9.24
C ASP E 183 -39.33 26.63 10.59
N THR E 184 -39.66 25.73 11.52
CA THR E 184 -40.21 26.16 12.81
C THR E 184 -39.21 27.00 13.60
N VAL E 185 -37.95 26.57 13.63
CA VAL E 185 -36.95 27.33 14.37
C VAL E 185 -36.67 28.65 13.66
N ALA E 186 -36.82 28.69 12.34
CA ALA E 186 -36.60 29.93 11.60
C ALA E 186 -37.60 30.99 11.99
N SER E 187 -38.86 30.61 12.19
CA SER E 187 -39.92 31.56 12.56
C SER E 187 -39.74 31.93 14.02
N ALA E 188 -39.01 33.01 14.26
CA ALA E 188 -38.73 33.47 15.62
C ALA E 188 -39.03 34.96 15.74
N GLU E 189 -38.71 35.55 16.90
CA GLU E 189 -39.03 36.95 17.14
C GLU E 189 -38.25 37.86 16.20
N SER E 190 -36.96 37.57 15.99
CA SER E 190 -36.12 38.47 15.21
C SER E 190 -36.56 38.59 13.76
N MET E 191 -37.34 37.63 13.26
CA MET E 191 -37.81 37.66 11.88
C MET E 191 -39.02 38.56 11.67
N SER E 192 -39.57 39.15 12.74
CA SER E 192 -40.74 40.00 12.60
C SER E 192 -40.45 41.27 11.81
N ILE E 193 -39.18 41.67 11.71
CA ILE E 193 -38.84 42.88 10.98
C ILE E 193 -39.16 42.71 9.49
N TYR E 194 -38.92 41.51 8.95
CA TYR E 194 -39.32 41.23 7.58
C TYR E 194 -40.83 41.04 7.51
N ASP E 195 -41.48 41.78 6.60
CA ASP E 195 -42.93 41.94 6.64
C ASP E 195 -43.59 41.61 5.32
N ASP E 196 -43.01 40.70 4.54
CA ASP E 196 -43.67 40.20 3.34
C ASP E 196 -43.43 38.71 3.17
N ILE E 197 -43.50 37.96 4.26
CA ILE E 197 -43.11 36.57 4.27
C ILE E 197 -44.35 35.68 4.31
N ASP E 198 -44.15 34.39 4.04
CA ASP E 198 -45.18 33.37 4.07
C ASP E 198 -44.48 32.03 4.25
N ALA E 199 -45.26 31.00 4.60
CA ALA E 199 -44.67 29.68 4.84
C ALA E 199 -44.02 29.12 3.57
N ASP E 200 -44.69 29.28 2.44
CA ASP E 200 -44.16 28.78 1.17
C ASP E 200 -42.83 29.45 0.84
N VAL E 201 -42.75 30.76 1.05
CA VAL E 201 -41.54 31.51 0.73
C VAL E 201 -40.37 31.02 1.58
N LEU E 202 -40.60 30.84 2.88
CA LEU E 202 -39.51 30.38 3.74
C LEU E 202 -39.09 28.96 3.40
N ARG E 203 -40.03 28.09 3.02
CA ARG E 203 -39.66 26.75 2.61
C ARG E 203 -38.74 26.76 1.39
N ASN E 204 -39.09 27.58 0.39
CA ASN E 204 -38.23 27.68 -0.78
C ASN E 204 -36.87 28.28 -0.44
N TYR E 205 -36.85 29.28 0.46
CA TYR E 205 -35.60 29.93 0.82
C TYR E 205 -34.64 28.97 1.52
N GLN E 206 -35.14 28.15 2.45
CA GLN E 206 -34.28 27.16 3.09
C GLN E 206 -33.80 26.12 2.07
N GLU E 207 -34.70 25.73 1.15
CA GLU E 207 -34.29 24.82 0.10
C GLU E 207 -33.09 25.35 -0.67
N TYR E 208 -33.10 26.64 -1.02
CA TYR E 208 -31.96 27.18 -1.77
C TYR E 208 -30.70 27.30 -0.90
N SER E 209 -30.85 27.68 0.35
CA SER E 209 -29.68 27.87 1.20
C SER E 209 -28.90 26.56 1.38
N LEU E 210 -29.60 25.42 1.39
CA LEU E 210 -28.89 24.14 1.56
C LEU E 210 -27.92 23.89 0.40
N ALA E 211 -28.38 24.07 -0.84
CA ALA E 211 -27.50 23.84 -1.99
C ALA E 211 -26.35 24.83 -2.00
N ASN E 212 -26.62 26.08 -1.62
CA ASN E 212 -25.54 27.05 -1.58
C ASN E 212 -24.43 26.62 -0.63
N ILE E 213 -24.80 26.18 0.59
CA ILE E 213 -23.75 25.81 1.52
C ILE E 213 -22.97 24.60 1.01
N ILE E 214 -23.66 23.65 0.37
CA ILE E 214 -22.97 22.45 -0.09
C ILE E 214 -21.92 22.81 -1.15
N TYR E 215 -22.31 23.67 -2.10
CA TYR E 215 -21.39 24.05 -3.16
C TYR E 215 -20.17 24.77 -2.59
N TYR E 216 -20.39 25.68 -1.63
CA TYR E 216 -19.27 26.40 -1.04
C TYR E 216 -18.30 25.45 -0.34
N SER E 217 -18.83 24.46 0.38
CA SER E 217 -17.95 23.52 1.07
C SER E 217 -17.10 22.71 0.09
N LEU E 218 -17.71 22.23 -1.00
CA LEU E 218 -16.92 21.43 -1.95
C LEU E 218 -15.80 22.26 -2.58
N LYS E 219 -16.12 23.49 -3.02
CA LYS E 219 -15.11 24.33 -3.64
C LYS E 219 -14.03 24.77 -2.66
N GLU E 220 -14.33 24.79 -1.36
CA GLU E 220 -13.26 25.01 -0.40
C GLU E 220 -12.36 23.79 -0.25
N SER E 221 -12.92 22.59 -0.21
CA SER E 221 -12.14 21.41 0.16
C SER E 221 -11.14 21.00 -0.94
N THR E 222 -11.53 21.17 -2.21
CA THR E 222 -10.69 20.60 -3.27
C THR E 222 -9.27 21.18 -3.27
N THR E 223 -9.15 22.50 -3.07
CA THR E 223 -7.84 23.15 -3.15
C THR E 223 -6.89 22.64 -2.07
N SER E 224 -7.39 22.47 -0.85
CA SER E 224 -6.56 21.96 0.23
C SER E 224 -6.10 20.55 -0.08
N GLU E 225 -6.98 19.71 -0.65
CA GLU E 225 -6.54 18.37 -0.99
C GLU E 225 -5.37 18.38 -1.98
N GLN E 226 -5.47 19.20 -3.03
CA GLN E 226 -4.39 19.26 -4.01
C GLN E 226 -3.09 19.77 -3.38
N SER E 227 -3.19 20.84 -2.59
CA SER E 227 -2.00 21.43 -1.99
C SER E 227 -1.33 20.49 -0.98
N ALA E 228 -2.07 19.55 -0.39
CA ALA E 228 -1.43 18.56 0.47
C ALA E 228 -0.75 17.45 -0.33
N ARG E 229 -1.38 17.01 -1.43
CA ARG E 229 -0.77 15.95 -2.22
C ARG E 229 0.57 16.37 -2.79
N MET E 230 0.71 17.65 -3.18
CA MET E 230 1.99 18.09 -3.73
C MET E 230 3.13 17.92 -2.73
N THR E 231 2.90 18.32 -1.47
CA THR E 231 3.93 18.19 -0.45
C THR E 231 4.27 16.74 -0.16
N ALA E 232 3.25 15.87 -0.10
CA ALA E 232 3.54 14.46 0.14
C ALA E 232 4.44 13.88 -0.96
N MET E 233 4.11 14.20 -2.22
CA MET E 233 4.91 13.67 -3.33
C MET E 233 6.30 14.29 -3.38
N ASP E 234 6.51 15.45 -2.77
CA ASP E 234 7.87 15.96 -2.66
C ASP E 234 8.70 15.20 -1.62
N ASN E 235 8.10 14.92 -0.45
CA ASN E 235 8.86 14.25 0.59
C ASN E 235 9.21 12.82 0.21
N ALA E 236 8.34 12.14 -0.55
CA ALA E 236 8.65 10.77 -0.94
C ALA E 236 9.90 10.70 -1.83
N SER E 237 10.04 11.64 -2.75
CA SER E 237 11.21 11.66 -3.62
C SER E 237 12.46 12.04 -2.83
N LYS E 238 12.33 12.89 -1.81
CA LYS E 238 13.49 13.15 -0.97
C LYS E 238 13.97 11.86 -0.30
N ASN E 239 13.04 11.06 0.23
CA ASN E 239 13.47 9.82 0.90
C ASN E 239 14.10 8.84 -0.08
N ALA E 240 13.54 8.71 -1.28
CA ALA E 240 14.12 7.79 -2.26
C ALA E 240 15.54 8.21 -2.66
N SER E 241 15.74 9.52 -2.85
CA SER E 241 17.08 10.00 -3.13
C SER E 241 18.03 9.73 -1.97
N GLU E 242 17.53 9.73 -0.74
CA GLU E 242 18.40 9.39 0.38
C GLU E 242 18.82 7.92 0.37
N MET E 243 17.92 7.01 -0.02
CA MET E 243 18.25 5.59 0.01
C MET E 243 19.23 5.20 -1.09
N ILE E 244 19.02 5.72 -2.31
CA ILE E 244 19.83 5.31 -3.44
C ILE E 244 21.28 5.75 -3.32
N ASP E 245 21.63 6.51 -2.28
CA ASP E 245 23.01 6.96 -2.10
C ASP E 245 23.84 5.99 -1.28
N LYS E 246 23.25 5.36 -0.25
CA LYS E 246 23.97 4.32 0.47
C LYS E 246 24.05 3.02 -0.33
N LEU E 247 23.00 2.73 -1.13
CA LEU E 247 23.08 1.46 -1.84
C LEU E 247 24.22 1.43 -2.86
N THR E 248 24.56 2.57 -3.45
CA THR E 248 25.65 2.60 -4.44
C THR E 248 27.00 2.30 -3.81
N LEU E 249 27.28 2.86 -2.64
CA LEU E 249 28.54 2.58 -1.97
C LEU E 249 28.65 1.11 -1.60
N THR E 250 27.56 0.52 -1.09
CA THR E 250 27.60 -0.90 -0.79
C THR E 250 27.89 -1.72 -2.04
N PHE E 251 27.27 -1.36 -3.16
CA PHE E 251 27.48 -2.06 -4.41
C PHE E 251 28.94 -1.99 -4.86
N ASN E 252 29.55 -0.80 -4.75
CA ASN E 252 30.94 -0.66 -5.19
C ASN E 252 31.89 -1.53 -4.36
N ARG E 253 31.69 -1.52 -3.03
CA ARG E 253 32.57 -2.33 -2.18
C ARG E 253 32.45 -3.81 -2.53
N THR E 254 31.23 -4.30 -2.72
CA THR E 254 31.05 -5.71 -3.07
C THR E 254 31.70 -6.03 -4.42
N ARG E 255 31.60 -5.10 -5.37
CA ARG E 255 32.18 -5.34 -6.69
C ARG E 255 33.69 -5.50 -6.62
N GLN E 256 34.37 -4.69 -5.80
CA GLN E 256 35.82 -4.88 -5.67
C GLN E 256 36.16 -6.20 -4.97
N ALA E 257 35.40 -6.54 -3.93
CA ALA E 257 35.71 -7.76 -3.18
C ALA E 257 35.60 -9.01 -4.04
N VAL E 258 34.65 -9.04 -4.97
CA VAL E 258 34.48 -10.24 -5.79
C VAL E 258 35.71 -10.47 -6.66
N ILE E 259 36.27 -9.40 -7.25
CA ILE E 259 37.43 -9.55 -8.10
C ILE E 259 38.63 -10.04 -7.30
N THR E 260 38.84 -9.48 -6.11
CA THR E 260 40.00 -9.93 -5.35
C THR E 260 39.89 -11.40 -4.95
N LYS E 261 38.68 -11.82 -4.55
CA LYS E 261 38.49 -13.21 -4.14
C LYS E 261 38.69 -14.16 -5.31
N GLU E 262 38.22 -13.78 -6.50
CA GLU E 262 38.37 -14.70 -7.63
C GLU E 262 39.79 -14.73 -8.19
N LEU E 263 40.62 -13.70 -7.94
CA LEU E 263 42.01 -13.77 -8.38
C LEU E 263 42.87 -14.64 -7.46
N ILE E 264 42.57 -14.62 -6.16
CA ILE E 264 43.40 -15.39 -5.22
C ILE E 264 43.35 -16.88 -5.54
N GLU E 265 42.18 -17.40 -5.95
CA GLU E 265 42.03 -18.82 -6.23
C GLU E 265 42.92 -19.27 -7.39
N ILE E 266 42.96 -18.48 -8.46
CA ILE E 266 43.80 -18.83 -9.59
C ILE E 266 45.26 -18.85 -9.17
N ILE E 267 45.69 -17.86 -8.38
CA ILE E 267 47.08 -17.88 -7.96
C ILE E 267 47.38 -19.12 -7.12
N SER E 268 46.48 -19.46 -6.20
CA SER E 268 46.73 -20.60 -5.31
C SER E 268 46.73 -21.92 -6.08
N GLY E 269 45.85 -22.07 -7.06
CA GLY E 269 45.85 -23.28 -7.85
C GLY E 269 46.99 -23.37 -8.85
N ALA E 270 47.59 -22.23 -9.21
CA ALA E 270 48.80 -22.26 -10.03
C ALA E 270 50.05 -22.59 -9.23
N ALA E 271 50.09 -22.21 -7.95
CA ALA E 271 51.30 -22.45 -7.18
C ALA E 271 51.51 -23.91 -6.80
N ALA E 272 50.43 -24.68 -6.65
CA ALA E 272 50.51 -26.03 -6.09
C ALA E 272 50.97 -27.09 -7.08
N LEU E 273 51.11 -26.75 -8.36
CA LEU E 273 51.53 -27.72 -9.37
C LEU E 273 52.96 -28.18 -9.14
N GLN F 37 -25.91 55.21 -1.26
CA GLN F 37 -26.75 54.68 -0.18
C GLN F 37 -27.25 53.29 -0.51
N MET F 38 -26.35 52.43 -0.96
CA MET F 38 -26.68 51.06 -1.33
C MET F 38 -25.38 50.30 -1.58
N SER F 39 -25.40 49.00 -1.28
CA SER F 39 -24.27 48.11 -1.54
C SER F 39 -24.82 46.88 -2.26
N PHE F 40 -24.72 46.88 -3.59
CA PHE F 40 -25.34 45.87 -4.42
C PHE F 40 -24.31 44.86 -4.87
N THR F 41 -24.65 43.57 -4.74
CA THR F 41 -23.75 42.46 -5.09
C THR F 41 -24.53 41.47 -5.94
N PHE F 42 -24.31 41.51 -7.25
CA PHE F 42 -25.01 40.64 -8.21
C PHE F 42 -24.04 39.55 -8.62
N ALA F 43 -24.01 38.46 -7.85
CA ALA F 43 -23.04 37.40 -8.02
C ALA F 43 -23.67 36.17 -8.66
N SER F 44 -22.80 35.30 -9.17
CA SER F 44 -23.17 34.06 -9.82
C SER F 44 -22.22 32.98 -9.34
N PRO F 45 -22.61 31.70 -9.46
CA PRO F 45 -21.68 30.62 -9.12
C PRO F 45 -20.40 30.62 -9.95
N THR F 46 -20.31 31.43 -11.00
CA THR F 46 -19.13 31.47 -11.85
C THR F 46 -18.40 32.79 -11.80
N GLN F 47 -19.08 33.91 -12.04
CA GLN F 47 -18.44 35.22 -12.12
C GLN F 47 -19.18 36.22 -11.24
N VAL F 48 -18.62 37.43 -11.16
CA VAL F 48 -19.14 38.51 -10.32
C VAL F 48 -19.36 39.73 -11.21
N PHE F 49 -20.52 40.37 -11.07
CA PHE F 49 -20.84 41.59 -11.79
C PHE F 49 -20.63 42.84 -10.95
N PHE F 50 -21.12 42.85 -9.73
CA PHE F 50 -20.92 43.95 -8.79
C PHE F 50 -20.50 43.39 -7.44
N ASN F 51 -19.72 44.17 -6.70
CA ASN F 51 -19.26 43.80 -5.37
C ASN F 51 -19.25 45.06 -4.51
N GLY F 52 -20.36 45.29 -3.80
CA GLY F 52 -20.47 46.47 -2.96
C GLY F 52 -20.66 47.76 -3.72
N ALA F 53 -21.10 47.70 -4.97
CA ALA F 53 -21.32 48.91 -5.76
C ALA F 53 -22.52 49.68 -5.24
N ASN F 54 -22.49 50.99 -5.41
CA ASN F 54 -23.55 51.89 -4.98
C ASN F 54 -24.33 52.36 -6.20
N VAL F 55 -25.61 51.97 -6.26
CA VAL F 55 -26.50 52.40 -7.34
C VAL F 55 -27.78 52.95 -6.71
N ARG F 56 -28.50 53.75 -7.52
CA ARG F 56 -29.68 54.42 -6.99
C ARG F 56 -30.87 53.47 -6.82
N GLN F 57 -31.10 52.59 -7.79
CA GLN F 57 -32.24 51.68 -7.70
C GLN F 57 -32.00 50.45 -8.54
N VAL F 58 -32.71 49.38 -8.19
CA VAL F 58 -32.67 48.11 -8.92
C VAL F 58 -34.09 47.58 -9.03
N ASP F 59 -34.48 47.16 -10.22
CA ASP F 59 -35.79 46.59 -10.47
C ASP F 59 -35.65 45.09 -10.72
N VAL F 60 -36.40 44.29 -9.97
CA VAL F 60 -36.26 42.84 -9.98
C VAL F 60 -37.62 42.23 -10.36
N PRO F 61 -37.67 41.32 -11.33
CA PRO F 61 -38.92 40.60 -11.62
C PRO F 61 -39.06 39.32 -10.80
N THR F 62 -39.36 39.49 -9.51
CA THR F 62 -39.44 38.36 -8.60
C THR F 62 -40.77 37.64 -8.75
N GLN F 63 -40.98 36.63 -7.91
CA GLN F 63 -42.29 36.01 -7.80
C GLN F 63 -43.26 36.96 -7.11
N THR F 64 -44.55 36.66 -7.25
CA THR F 64 -45.62 37.46 -6.66
C THR F 64 -45.51 38.93 -7.06
N GLY F 65 -45.39 39.17 -8.35
CA GLY F 65 -45.36 40.51 -8.89
C GLY F 65 -43.97 41.09 -8.99
N ALA F 66 -43.90 42.30 -9.55
CA ALA F 66 -42.64 43.00 -9.76
C ALA F 66 -42.19 43.64 -8.45
N PHE F 67 -41.17 44.48 -8.52
CA PHE F 67 -40.61 45.09 -7.32
C PHE F 67 -39.82 46.33 -7.71
N GLY F 68 -39.61 47.20 -6.71
CA GLY F 68 -38.77 48.37 -6.86
C GLY F 68 -38.02 48.67 -5.59
N ILE F 69 -36.70 48.85 -5.68
CA ILE F 69 -35.84 49.01 -4.52
C ILE F 69 -35.19 50.38 -4.59
N LEU F 70 -35.42 51.20 -3.57
CA LEU F 70 -34.77 52.50 -3.45
C LEU F 70 -34.58 52.85 -1.98
N ALA F 71 -33.48 53.52 -1.67
CA ALA F 71 -33.19 54.11 -0.36
C ALA F 71 -33.36 53.05 0.71
N SER F 72 -34.13 53.30 1.78
CA SER F 72 -34.30 52.34 2.88
C SER F 72 -35.63 51.63 2.69
N HIS F 73 -35.64 50.67 1.77
CA HIS F 73 -36.81 49.84 1.55
C HIS F 73 -37.02 48.92 2.76
N VAL F 74 -38.26 48.48 2.94
CA VAL F 74 -38.61 47.58 4.03
C VAL F 74 -37.95 46.22 3.79
N PRO F 75 -37.54 45.51 4.83
CA PRO F 75 -36.90 44.20 4.63
C PRO F 75 -37.85 43.20 3.97
N THR F 76 -37.29 42.36 3.10
CA THR F 76 -38.06 41.37 2.37
C THR F 76 -37.15 40.21 2.01
N LEU F 77 -37.75 39.05 1.73
CA LEU F 77 -37.05 37.86 1.28
C LEU F 77 -37.93 37.15 0.26
N GLN F 78 -37.51 37.16 -1.01
CA GLN F 78 -38.30 36.57 -2.07
C GLN F 78 -37.41 35.93 -3.12
N VAL F 79 -37.90 34.83 -3.70
CA VAL F 79 -37.23 34.14 -4.80
C VAL F 79 -37.59 34.82 -6.11
N LEU F 80 -36.88 34.47 -7.19
CA LEU F 80 -37.06 35.10 -8.48
C LEU F 80 -37.83 34.20 -9.44
N ARG F 81 -38.12 34.74 -10.61
CA ARG F 81 -38.72 34.04 -11.73
C ARG F 81 -38.02 34.50 -13.00
N PRO F 82 -38.06 33.71 -14.06
CA PRO F 82 -37.38 34.09 -15.31
C PRO F 82 -37.85 35.45 -15.81
N GLY F 83 -36.91 36.37 -15.96
CA GLY F 83 -37.25 37.71 -16.38
C GLY F 83 -36.00 38.54 -16.56
N LEU F 84 -36.21 39.83 -16.77
CA LEU F 84 -35.12 40.78 -17.00
C LEU F 84 -34.99 41.71 -15.80
N VAL F 85 -33.76 41.89 -15.33
CA VAL F 85 -33.44 42.77 -14.22
C VAL F 85 -32.65 43.95 -14.76
N VAL F 86 -33.05 45.16 -14.37
CA VAL F 86 -32.37 46.39 -14.78
C VAL F 86 -31.85 47.08 -13.53
N VAL F 87 -30.63 47.61 -13.64
CA VAL F 87 -29.99 48.34 -12.56
C VAL F 87 -29.65 49.74 -13.06
N HIS F 88 -30.09 50.75 -12.31
CA HIS F 88 -29.88 52.15 -12.68
C HIS F 88 -28.66 52.67 -11.94
N ALA F 89 -27.63 53.05 -12.69
CA ALA F 89 -26.39 53.53 -12.10
C ALA F 89 -26.56 54.96 -11.59
N GLU F 90 -25.59 55.40 -10.78
CA GLU F 90 -25.64 56.76 -10.26
C GLU F 90 -25.53 57.79 -11.37
N ASP F 91 -24.73 57.50 -12.40
CA ASP F 91 -24.64 58.39 -13.54
C ASP F 91 -25.97 58.49 -14.26
N GLY F 92 -26.67 57.37 -14.40
CA GLY F 92 -27.98 57.37 -15.03
C GLY F 92 -28.17 56.22 -16.01
N THR F 93 -27.08 55.60 -16.44
CA THR F 93 -27.16 54.49 -17.38
C THR F 93 -27.81 53.28 -16.73
N THR F 94 -28.43 52.45 -17.56
CA THR F 94 -29.15 51.26 -17.10
C THR F 94 -28.50 50.02 -17.69
N SER F 95 -28.07 49.11 -16.83
CA SER F 95 -27.51 47.84 -17.24
C SER F 95 -28.57 46.75 -17.11
N LYS F 96 -28.59 45.83 -18.07
CA LYS F 96 -29.62 44.81 -18.14
C LYS F 96 -29.00 43.42 -18.13
N TYR F 97 -29.66 42.50 -17.44
CA TYR F 97 -29.24 41.11 -17.39
C TYR F 97 -30.48 40.22 -17.35
N PHE F 98 -30.30 38.96 -17.69
CA PHE F 98 -31.38 37.98 -17.67
C PHE F 98 -31.11 36.94 -16.59
N VAL F 99 -32.09 36.71 -15.74
CA VAL F 99 -31.95 35.85 -14.57
C VAL F 99 -32.97 34.72 -14.67
N SER F 100 -32.52 33.50 -14.33
CA SER F 100 -33.37 32.32 -14.39
C SER F 100 -34.00 31.99 -13.03
N SER F 101 -33.19 31.94 -11.98
CA SER F 101 -33.70 31.65 -10.63
C SER F 101 -32.63 32.05 -9.62
N GLY F 102 -33.06 32.19 -8.37
CA GLY F 102 -32.14 32.58 -7.31
C GLY F 102 -32.81 33.03 -6.03
N SER F 103 -32.22 34.04 -5.38
CA SER F 103 -32.78 34.58 -4.14
C SER F 103 -32.50 36.07 -4.07
N VAL F 104 -33.37 36.78 -3.36
CA VAL F 104 -33.23 38.21 -3.12
C VAL F 104 -33.27 38.45 -1.62
N THR F 105 -32.42 39.35 -1.14
CA THR F 105 -32.38 39.67 0.28
C THR F 105 -32.03 41.14 0.47
N VAL F 106 -32.91 41.88 1.12
CA VAL F 106 -32.66 43.27 1.50
C VAL F 106 -32.67 43.33 3.03
N ASN F 107 -31.55 43.72 3.61
CA ASN F 107 -31.35 43.63 5.05
C ASN F 107 -31.77 44.92 5.72
N ALA F 108 -31.44 45.07 7.01
CA ALA F 108 -31.84 46.25 7.76
C ALA F 108 -31.23 47.52 7.16
N ASP F 109 -29.94 47.47 6.83
CA ASP F 109 -29.29 48.59 6.18
C ASP F 109 -29.58 48.54 4.68
N SER F 110 -28.90 49.37 3.90
CA SER F 110 -29.09 49.39 2.45
C SER F 110 -28.12 48.44 1.77
N SER F 111 -28.18 47.18 2.21
CA SER F 111 -27.35 46.11 1.67
C SER F 111 -28.27 45.08 1.00
N VAL F 112 -28.02 44.81 -0.28
CA VAL F 112 -28.84 43.90 -1.06
C VAL F 112 -27.92 42.84 -1.67
N GLN F 113 -28.31 41.58 -1.51
CA GLN F 113 -27.59 40.44 -2.07
C GLN F 113 -28.49 39.73 -3.05
N LEU F 114 -28.11 39.71 -4.33
CA LEU F 114 -28.89 39.07 -5.38
C LEU F 114 -28.05 37.96 -5.99
N LEU F 115 -28.27 36.73 -5.52
CA LEU F 115 -27.52 35.57 -5.98
C LEU F 115 -28.40 34.75 -6.92
N ALA F 116 -27.94 34.57 -8.15
CA ALA F 116 -28.73 33.91 -9.19
C ALA F 116 -27.98 32.72 -9.75
N GLU F 117 -28.72 31.65 -10.05
CA GLU F 117 -28.10 30.49 -10.68
C GLU F 117 -27.58 30.82 -12.07
N GLU F 118 -28.31 31.65 -12.81
CA GLU F 118 -27.93 32.04 -14.16
C GLU F 118 -27.87 33.55 -14.27
N ALA F 119 -26.99 34.03 -15.14
CA ALA F 119 -26.85 35.46 -15.41
C ALA F 119 -26.25 35.61 -16.81
N VAL F 120 -27.06 36.05 -17.76
CA VAL F 120 -26.66 36.09 -19.17
C VAL F 120 -27.10 37.41 -19.78
N THR F 121 -26.53 37.73 -20.94
CA THR F 121 -26.87 38.92 -21.70
C THR F 121 -27.45 38.52 -23.05
N LEU F 122 -28.33 39.37 -23.57
CA LEU F 122 -29.07 39.04 -24.79
C LEU F 122 -28.16 38.89 -26.00
N ASP F 123 -27.00 39.56 -26.00
CA ASP F 123 -26.15 39.60 -27.19
C ASP F 123 -25.63 38.22 -27.58
N MET F 124 -25.68 37.24 -26.68
CA MET F 124 -25.25 35.89 -26.98
C MET F 124 -26.43 34.93 -27.13
N LEU F 125 -27.58 35.45 -27.56
CA LEU F 125 -28.80 34.66 -27.69
C LEU F 125 -29.31 34.73 -29.13
N ASP F 126 -30.07 33.70 -29.51
CA ASP F 126 -30.69 33.64 -30.83
C ASP F 126 -32.21 33.66 -30.69
N PRO F 127 -32.90 34.70 -31.18
CA PRO F 127 -34.37 34.69 -31.13
C PRO F 127 -35.01 33.58 -31.94
N GLY F 128 -34.40 33.19 -33.06
CA GLY F 128 -35.01 32.16 -33.90
C GLY F 128 -35.08 30.81 -33.22
N VAL F 129 -33.99 30.42 -32.56
CA VAL F 129 -34.01 29.14 -31.85
C VAL F 129 -34.98 29.21 -30.68
N ALA F 130 -35.14 30.40 -30.08
CA ALA F 130 -36.15 30.58 -29.05
C ALA F 130 -37.54 30.33 -29.59
N LYS F 131 -37.85 30.88 -30.77
CA LYS F 131 -39.16 30.65 -31.36
C LYS F 131 -39.36 29.19 -31.73
N ALA F 132 -38.32 28.52 -32.23
CA ALA F 132 -38.44 27.10 -32.56
C ALA F 132 -38.70 26.27 -31.31
N ASN F 133 -37.97 26.55 -30.23
CA ASN F 133 -38.20 25.83 -28.97
C ASN F 133 -39.60 26.07 -28.45
N LEU F 134 -40.10 27.31 -28.56
CA LEU F 134 -41.47 27.59 -28.17
C LEU F 134 -42.46 26.82 -29.02
N GLU F 135 -42.21 26.74 -30.33
CA GLU F 135 -43.11 26.05 -31.23
C GLU F 135 -43.21 24.56 -30.89
N LYS F 136 -42.08 23.94 -30.58
CA LYS F 136 -42.12 22.54 -30.15
C LYS F 136 -42.80 22.37 -28.80
N ALA F 137 -42.49 23.28 -27.86
CA ALA F 137 -43.08 23.19 -26.52
C ALA F 137 -44.59 23.35 -26.57
N GLN F 138 -45.11 24.03 -27.59
CA GLN F 138 -46.57 24.16 -27.73
C GLN F 138 -47.23 22.79 -27.90
N SER F 139 -46.77 22.00 -28.86
CA SER F 139 -47.32 20.67 -29.07
C SER F 139 -46.96 19.71 -27.94
N GLU F 140 -45.86 19.97 -27.23
CA GLU F 140 -45.51 19.13 -26.09
C GLU F 140 -46.61 19.11 -25.04
N LEU F 141 -47.44 20.14 -24.96
CA LEU F 141 -48.53 20.16 -23.99
C LEU F 141 -49.52 19.04 -24.26
N LEU F 142 -50.02 18.95 -25.49
CA LEU F 142 -50.94 17.87 -25.84
C LEU F 142 -50.23 16.52 -25.87
N GLY F 143 -48.92 16.51 -26.14
CA GLY F 143 -48.19 15.26 -26.09
C GLY F 143 -48.13 14.64 -24.70
N ALA F 144 -48.22 15.47 -23.66
CA ALA F 144 -48.09 14.98 -22.29
C ALA F 144 -49.29 14.13 -21.88
N ALA F 145 -49.05 13.16 -20.99
CA ALA F 145 -50.08 12.27 -20.48
C ALA F 145 -50.41 12.55 -19.01
N ASP F 146 -49.39 12.54 -18.15
CA ASP F 146 -49.61 12.71 -16.71
C ASP F 146 -49.38 14.16 -16.29
N GLU F 147 -50.08 14.55 -15.22
CA GLU F 147 -50.12 15.95 -14.83
C GLU F 147 -48.78 16.44 -14.29
N ALA F 148 -47.98 15.54 -13.69
CA ALA F 148 -46.65 15.95 -13.23
C ALA F 148 -45.72 16.21 -14.42
N SER F 149 -45.69 15.30 -15.38
CA SER F 149 -44.87 15.53 -16.57
C SER F 149 -45.38 16.74 -17.35
N ARG F 150 -46.71 16.91 -17.43
CA ARG F 150 -47.24 18.09 -18.07
C ARG F 150 -46.94 19.35 -17.27
N ALA F 151 -46.78 19.23 -15.94
CA ALA F 151 -46.34 20.37 -15.14
C ALA F 151 -44.92 20.76 -15.51
N GLU F 152 -44.05 19.77 -15.71
CA GLU F 152 -42.71 20.07 -16.20
C GLU F 152 -42.77 20.72 -17.58
N ILE F 153 -43.62 20.20 -18.45
CA ILE F 153 -43.79 20.78 -19.79
C ILE F 153 -44.30 22.21 -19.69
N GLN F 154 -45.20 22.47 -18.73
CA GLN F 154 -45.72 23.81 -18.52
C GLN F 154 -44.62 24.75 -18.05
N ILE F 155 -43.73 24.27 -17.19
CA ILE F 155 -42.57 25.09 -16.82
C ILE F 155 -41.71 25.37 -18.04
N ARG F 156 -41.56 24.38 -18.91
CA ARG F 156 -40.81 24.58 -20.15
C ARG F 156 -41.44 25.68 -21.01
N ILE F 157 -42.75 25.59 -21.24
CA ILE F 157 -43.42 26.57 -22.08
C ILE F 157 -43.44 27.93 -21.41
N GLU F 158 -43.52 27.96 -20.08
CA GLU F 158 -43.47 29.23 -19.35
C GLU F 158 -42.13 29.91 -19.54
N ALA F 159 -41.03 29.14 -19.43
CA ALA F 159 -39.71 29.72 -19.64
C ALA F 159 -39.54 30.18 -21.08
N ASN F 160 -39.97 29.36 -22.04
CA ASN F 160 -39.80 29.71 -23.45
C ASN F 160 -40.61 30.95 -23.81
N GLU F 161 -41.86 31.02 -23.35
CA GLU F 161 -42.69 32.18 -23.63
C GLU F 161 -42.18 33.43 -22.92
N ALA F 162 -41.61 33.27 -21.73
CA ALA F 162 -41.08 34.43 -21.01
C ALA F 162 -39.90 35.06 -21.74
N LEU F 163 -38.99 34.23 -22.27
CA LEU F 163 -37.77 34.76 -22.84
C LEU F 163 -37.96 35.37 -24.23
N VAL F 164 -38.92 34.88 -25.01
CA VAL F 164 -39.09 35.38 -26.38
C VAL F 164 -39.60 36.81 -26.44
N LYS F 165 -40.09 37.35 -25.33
CA LYS F 165 -40.62 38.71 -25.34
C LYS F 165 -39.55 39.73 -25.69
N ALA F 166 -38.36 39.58 -25.15
CA ALA F 166 -37.27 40.51 -25.42
C ALA F 166 -36.00 39.78 -25.80
N VAL G 87 -48.28 29.14 -3.55
CA VAL G 87 -48.53 27.90 -4.26
C VAL G 87 -48.85 28.19 -5.73
N ALA G 88 -48.13 27.52 -6.62
CA ALA G 88 -48.34 27.64 -8.06
C ALA G 88 -48.67 26.27 -8.63
N TYR G 89 -48.75 26.20 -9.96
CA TYR G 89 -49.05 24.93 -10.61
C TYR G 89 -47.91 23.93 -10.43
N TRP G 90 -46.66 24.40 -10.47
CA TRP G 90 -45.53 23.49 -10.28
C TRP G 90 -45.55 22.88 -8.89
N ARG G 91 -45.89 23.68 -7.87
CA ARG G 91 -46.12 23.12 -6.55
C ARG G 91 -47.44 22.35 -6.56
N GLN G 92 -47.56 21.40 -5.62
CA GLN G 92 -48.68 20.47 -5.58
C GLN G 92 -48.75 19.65 -6.86
N ALA G 93 -47.59 19.39 -7.48
CA ALA G 93 -47.52 18.57 -8.68
C ALA G 93 -46.31 17.65 -8.66
N GLY G 94 -45.71 17.43 -7.49
CA GLY G 94 -44.53 16.59 -7.39
C GLY G 94 -43.24 17.26 -7.81
N LEU G 95 -43.22 18.59 -7.91
CA LEU G 95 -42.04 19.33 -8.31
C LEU G 95 -41.55 20.20 -7.16
N SER G 96 -40.24 20.21 -6.95
CA SER G 96 -39.61 21.04 -5.93
C SER G 96 -39.02 22.29 -6.57
N TYR G 97 -38.66 23.25 -5.72
CA TYR G 97 -38.09 24.50 -6.21
C TYR G 97 -36.75 24.25 -6.89
N ILE G 98 -35.95 23.32 -6.37
CA ILE G 98 -34.69 22.99 -6.99
C ILE G 98 -34.91 22.39 -8.38
N ARG G 99 -35.90 21.51 -8.51
CA ARG G 99 -36.23 20.93 -9.81
C ARG G 99 -36.64 22.02 -10.80
N TYR G 100 -37.48 22.95 -10.35
CA TYR G 100 -37.90 24.06 -11.21
C TYR G 100 -36.74 24.93 -11.61
N SER G 101 -35.81 25.19 -10.67
CA SER G 101 -34.62 25.96 -11.01
C SER G 101 -33.77 25.23 -12.04
N GLN G 102 -33.61 23.92 -11.89
CA GLN G 102 -32.87 23.15 -12.88
C GLN G 102 -33.51 23.25 -14.25
N ILE G 103 -34.83 23.11 -14.31
CA ILE G 103 -35.53 23.15 -15.58
C ILE G 103 -35.37 24.51 -16.24
N CYS G 104 -35.57 25.59 -15.47
CA CYS G 104 -35.47 26.92 -16.05
C CYS G 104 -34.04 27.24 -16.48
N ALA G 105 -33.06 26.83 -15.68
CA ALA G 105 -31.66 27.05 -16.06
C ALA G 105 -31.31 26.31 -17.35
N LYS G 106 -31.77 25.06 -17.46
CA LYS G 106 -31.54 24.31 -18.70
C LYS G 106 -32.21 24.99 -19.88
N ALA G 107 -33.44 25.47 -19.69
CA ALA G 107 -34.14 26.13 -20.78
C ALA G 107 -33.42 27.39 -21.23
N VAL G 108 -32.91 28.18 -20.27
CA VAL G 108 -32.18 29.39 -20.63
C VAL G 108 -30.90 29.04 -21.36
N ARG G 109 -30.17 28.03 -20.88
CA ARG G 109 -28.90 27.67 -21.50
C ARG G 109 -29.10 27.14 -22.92
N ASP G 110 -30.25 26.55 -23.20
CA ASP G 110 -30.51 26.04 -24.55
C ASP G 110 -30.57 27.19 -25.57
N ALA G 111 -31.14 28.32 -25.18
CA ALA G 111 -31.38 29.42 -26.10
C ALA G 111 -30.10 30.14 -26.52
N LEU G 112 -28.97 29.85 -25.90
CA LEU G 112 -27.73 30.55 -26.22
C LEU G 112 -27.29 30.25 -27.65
N LYS G 113 -26.50 31.17 -28.21
CA LYS G 113 -25.94 30.97 -29.53
C LYS G 113 -24.97 29.79 -29.52
N ALA G 114 -24.83 29.15 -30.70
CA ALA G 114 -23.98 27.98 -30.80
C ALA G 114 -22.52 28.31 -30.52
N GLU G 115 -22.10 29.56 -30.80
CA GLU G 115 -20.73 29.95 -30.53
C GLU G 115 -20.43 29.93 -29.03
N PHE G 116 -21.39 30.40 -28.22
CA PHE G 116 -21.21 30.50 -26.78
C PHE G 116 -21.62 29.24 -26.04
N LYS G 117 -21.93 28.16 -26.75
CA LYS G 117 -22.41 26.93 -26.13
C LYS G 117 -21.32 26.14 -25.41
N ALA G 118 -20.12 26.71 -25.23
CA ALA G 118 -19.08 26.04 -24.46
C ALA G 118 -19.37 26.06 -22.96
N ASN G 119 -20.38 26.81 -22.51
CA ASN G 119 -20.72 26.85 -21.10
C ASN G 119 -21.37 25.56 -20.61
N ALA G 120 -21.82 24.69 -21.52
CA ALA G 120 -22.29 23.38 -21.10
C ALA G 120 -21.16 22.57 -20.47
N GLU G 121 -19.93 22.74 -20.99
CA GLU G 121 -18.76 22.12 -20.37
C GLU G 121 -18.57 22.63 -18.95
N LYS G 122 -18.75 23.93 -18.74
CA LYS G 122 -18.58 24.49 -17.40
C LYS G 122 -19.65 23.99 -16.44
N THR G 123 -20.90 23.89 -16.90
CA THR G 123 -21.98 23.41 -16.05
C THR G 123 -21.73 21.95 -15.67
N SER G 124 -21.79 21.05 -16.65
CA SER G 124 -21.45 19.63 -16.50
C SER G 124 -21.92 19.07 -15.15
N GLY G 125 -23.22 19.19 -14.92
CA GLY G 125 -23.76 18.88 -13.61
C GLY G 125 -23.79 17.40 -13.27
N SER G 126 -23.49 16.53 -14.21
CA SER G 126 -23.62 15.08 -14.03
C SER G 126 -22.22 14.47 -13.93
N ASN G 127 -21.70 14.43 -12.70
CA ASN G 127 -20.45 13.73 -12.44
C ASN G 127 -20.47 12.97 -11.11
N VAL G 128 -21.61 12.93 -10.42
CA VAL G 128 -21.71 12.29 -9.12
C VAL G 128 -22.69 11.14 -9.24
N LYS G 129 -22.25 9.94 -8.86
CA LYS G 129 -23.10 8.77 -8.83
C LYS G 129 -23.67 8.59 -7.43
N ILE G 130 -24.75 7.80 -7.36
CA ILE G 130 -25.48 7.58 -6.12
C ILE G 130 -25.41 6.10 -5.78
N VAL G 131 -24.94 5.78 -4.57
CA VAL G 131 -24.89 4.42 -4.07
C VAL G 131 -25.70 4.39 -2.78
N LYS G 132 -26.80 3.65 -2.80
CA LYS G 132 -27.66 3.54 -1.63
C LYS G 132 -27.08 2.55 -0.63
N VAL G 133 -27.70 2.51 0.56
CA VAL G 133 -27.26 1.58 1.59
C VAL G 133 -27.44 0.15 1.13
N LYS G 134 -28.59 -0.15 0.51
CA LYS G 134 -28.85 -1.48 -0.02
C LYS G 134 -29.44 -1.40 -1.42
N PRO H 30 27.04 5.35 -18.90
CA PRO H 30 27.16 3.96 -19.35
C PRO H 30 27.84 3.07 -18.31
N GLU H 31 28.75 3.64 -17.52
CA GLU H 31 29.48 2.85 -16.54
C GLU H 31 28.61 2.49 -15.35
N GLY H 32 27.68 3.35 -14.96
CA GLY H 32 26.88 3.14 -13.79
C GLY H 32 25.82 2.07 -13.98
N VAL H 33 24.98 1.93 -12.97
CA VAL H 33 23.89 0.96 -12.98
C VAL H 33 22.67 1.59 -13.62
N ARG H 34 22.16 0.96 -14.67
CA ARG H 34 21.00 1.43 -15.40
C ARG H 34 19.84 0.47 -15.20
N SER H 35 18.68 1.00 -14.85
CA SER H 35 17.50 0.19 -14.59
C SER H 35 16.71 -0.04 -15.88
N GLY H 36 15.66 -0.85 -15.79
CA GLY H 36 14.83 -1.15 -16.94
C GLY H 36 13.35 -1.16 -16.60
N ALA H 37 12.59 -1.96 -17.34
CA ALA H 37 11.14 -2.05 -17.16
C ALA H 37 10.79 -3.33 -16.41
N GLY H 38 9.94 -3.20 -15.39
CA GLY H 38 9.55 -4.35 -14.61
C GLY H 38 10.49 -4.69 -13.47
N ALA H 39 11.39 -3.78 -13.12
CA ALA H 39 12.35 -4.05 -12.05
C ALA H 39 11.69 -4.06 -10.68
N VAL H 40 10.53 -3.43 -10.52
CA VAL H 40 9.88 -3.38 -9.22
C VAL H 40 9.38 -4.77 -8.81
N ARG H 41 8.87 -5.54 -9.77
CA ARG H 41 8.31 -6.84 -9.46
C ARG H 41 9.32 -7.97 -9.54
N ASP H 42 10.55 -7.69 -9.96
CA ASP H 42 11.59 -8.71 -10.00
C ASP H 42 12.33 -8.87 -8.68
N ALA H 43 12.42 -7.81 -7.88
CA ALA H 43 13.13 -7.90 -6.61
C ALA H 43 12.35 -8.71 -5.58
N GLY H 44 11.02 -8.74 -5.69
CA GLY H 44 10.21 -9.49 -4.74
C GLY H 44 10.22 -8.95 -3.34
N GLY H 45 10.20 -7.64 -3.18
CA GLY H 45 10.11 -6.99 -1.89
C GLY H 45 8.68 -6.83 -1.45
N ALA H 46 8.44 -5.82 -0.60
CA ALA H 46 7.07 -5.53 -0.18
C ALA H 46 6.23 -5.01 -1.33
N PHE H 47 6.80 -4.13 -2.14
CA PHE H 47 6.02 -3.47 -3.17
C PHE H 47 5.54 -4.44 -4.25
N GLY H 48 6.32 -5.49 -4.54
CA GLY H 48 5.87 -6.45 -5.55
C GLY H 48 4.64 -7.21 -5.14
N LYS H 49 4.60 -7.72 -3.91
CA LYS H 49 3.44 -8.44 -3.43
C LYS H 49 2.25 -7.51 -3.23
N LYS H 50 2.52 -6.28 -2.76
CA LYS H 50 1.47 -5.29 -2.66
C LYS H 50 0.86 -4.98 -4.02
N GLU H 51 1.69 -4.93 -5.06
CA GLU H 51 1.20 -4.71 -6.42
C GLU H 51 0.37 -5.90 -6.90
N GLN H 52 0.82 -7.12 -6.60
CA GLN H 52 0.14 -8.31 -7.11
C GLN H 52 -1.25 -8.48 -6.50
N ALA H 53 -1.38 -8.27 -5.19
CA ALA H 53 -2.67 -8.51 -4.54
C ALA H 53 -3.75 -7.55 -5.06
N ASP H 54 -3.38 -6.32 -5.37
CA ASP H 54 -4.37 -5.34 -5.84
C ASP H 54 -4.96 -5.75 -7.18
N GLU H 55 -4.10 -6.18 -8.13
CA GLU H 55 -4.60 -6.67 -9.40
C GLU H 55 -5.47 -7.90 -9.20
N GLU H 56 -5.05 -8.80 -8.30
CA GLU H 56 -5.85 -9.99 -8.06
C GLU H 56 -7.26 -9.62 -7.59
N ARG H 57 -7.36 -8.70 -6.63
CA ARG H 57 -8.68 -8.30 -6.15
C ARG H 57 -9.50 -7.61 -7.25
N TYR H 58 -8.88 -6.67 -7.97
CA TYR H 58 -9.63 -5.88 -8.93
C TYR H 58 -10.19 -6.76 -10.04
N PHE H 59 -9.43 -7.74 -10.49
CA PHE H 59 -9.94 -8.62 -11.53
C PHE H 59 -10.72 -9.81 -10.99
N ARG H 60 -10.69 -10.04 -9.67
CA ARG H 60 -11.64 -10.97 -9.08
C ARG H 60 -13.01 -10.36 -8.98
N ALA H 61 -13.09 -9.02 -8.96
CA ALA H 61 -14.39 -8.38 -8.80
C ALA H 61 -15.24 -8.43 -10.07
N ARG H 62 -14.63 -8.28 -11.26
CA ARG H 62 -15.41 -8.11 -12.49
C ARG H 62 -16.02 -9.40 -13.02
N ALA H 63 -15.43 -10.55 -12.70
CA ALA H 63 -15.89 -11.82 -13.28
C ALA H 63 -17.32 -12.14 -12.85
N ARG H 64 -17.71 -11.74 -11.64
CA ARG H 64 -19.08 -11.98 -11.20
C ARG H 64 -20.08 -11.24 -12.07
N GLU H 65 -19.82 -9.96 -12.36
CA GLU H 65 -20.71 -9.21 -13.23
C GLU H 65 -20.76 -9.81 -14.62
N GLN H 66 -19.61 -10.21 -15.15
CA GLN H 66 -19.60 -10.78 -16.50
C GLN H 66 -20.38 -12.09 -16.55
N LEU H 67 -20.22 -12.95 -15.53
CA LEU H 67 -20.97 -14.20 -15.52
C LEU H 67 -22.46 -13.97 -15.36
N ALA H 68 -22.85 -13.02 -14.50
CA ALA H 68 -24.27 -12.72 -14.32
C ALA H 68 -24.88 -12.21 -15.62
N ALA H 69 -24.17 -11.33 -16.33
CA ALA H 69 -24.68 -10.85 -17.61
C ALA H 69 -24.70 -11.95 -18.67
N LEU H 70 -23.77 -12.91 -18.63
CA LEU H 70 -23.84 -14.04 -19.55
C LEU H 70 -25.09 -14.86 -19.29
N LYS H 71 -25.37 -15.17 -18.02
CA LYS H 71 -26.55 -15.96 -17.70
C LYS H 71 -27.82 -15.24 -18.11
N LYS H 72 -27.91 -13.93 -17.82
CA LYS H 72 -29.11 -13.20 -18.21
C LYS H 72 -29.28 -13.17 -19.73
N HIS H 73 -28.19 -12.95 -20.47
CA HIS H 73 -28.29 -12.92 -21.92
C HIS H 73 -28.77 -14.26 -22.46
N HIS H 74 -28.17 -15.35 -21.99
CA HIS H 74 -28.52 -16.67 -22.51
C HIS H 74 -29.93 -17.08 -22.11
N GLU H 75 -30.37 -16.72 -20.90
CA GLU H 75 -31.74 -17.02 -20.51
C GLU H 75 -32.74 -16.22 -21.34
N ASN H 76 -32.41 -14.97 -21.66
CA ASN H 76 -33.34 -14.12 -22.39
C ASN H 76 -33.62 -14.66 -23.80
N GLU H 77 -32.57 -15.11 -24.50
CA GLU H 77 -32.75 -15.59 -25.86
C GLU H 77 -32.82 -17.12 -25.90
N ILE I 68 -96.10 77.72 6.43
CA ILE I 68 -95.60 78.75 7.33
C ILE I 68 -94.09 78.66 7.46
N ASP I 69 -93.51 79.56 8.26
CA ASP I 69 -92.06 79.62 8.40
C ASP I 69 -91.52 78.51 9.30
N THR I 70 -92.27 78.14 10.34
CA THR I 70 -91.78 77.16 11.30
C THR I 70 -91.55 75.80 10.65
N ALA I 71 -92.49 75.36 9.81
CA ALA I 71 -92.32 74.09 9.12
C ALA I 71 -91.12 74.13 8.19
N ALA I 72 -90.91 75.26 7.51
CA ALA I 72 -89.74 75.41 6.66
C ALA I 72 -88.46 75.30 7.46
N LYS I 73 -88.40 75.97 8.62
CA LYS I 73 -87.22 75.89 9.46
C LYS I 73 -86.97 74.46 9.91
N PHE I 74 -88.03 73.76 10.34
CA PHE I 74 -87.89 72.39 10.80
C PHE I 74 -87.36 71.49 9.69
N ILE I 75 -87.96 71.56 8.51
CA ILE I 75 -87.53 70.69 7.41
C ILE I 75 -86.10 71.01 6.99
N GLY I 76 -85.78 72.30 6.88
CA GLY I 76 -84.44 72.67 6.46
C GLY I 76 -83.38 72.23 7.45
N ALA I 77 -83.64 72.42 8.74
CA ALA I 77 -82.70 71.98 9.76
C ALA I 77 -82.55 70.46 9.75
N GLY I 78 -83.66 69.73 9.59
CA GLY I 78 -83.58 68.29 9.58
C GLY I 78 -82.82 67.73 8.40
N ALA I 79 -83.03 68.30 7.22
CA ALA I 79 -82.36 67.80 6.02
C ALA I 79 -80.88 68.16 6.02
N ALA I 80 -80.53 69.33 6.53
CA ALA I 80 -79.15 69.81 6.44
C ALA I 80 -78.23 69.06 7.39
N THR I 81 -78.73 68.62 8.55
CA THR I 81 -77.89 68.01 9.57
C THR I 81 -77.50 66.57 9.24
N VAL I 82 -77.75 66.09 8.02
CA VAL I 82 -77.43 64.72 7.66
C VAL I 82 -76.07 64.58 6.99
N GLY I 83 -75.35 65.69 6.80
CA GLY I 83 -74.06 65.63 6.13
C GLY I 83 -72.90 65.26 7.03
N VAL I 84 -73.17 64.46 8.06
CA VAL I 84 -72.13 64.06 9.00
C VAL I 84 -71.65 62.63 8.78
N ALA I 85 -72.36 61.83 7.98
CA ALA I 85 -71.93 60.46 7.72
C ALA I 85 -70.57 60.41 7.05
N GLY I 86 -70.30 61.37 6.15
CA GLY I 86 -69.02 61.40 5.48
C GLY I 86 -67.86 61.54 6.44
N SER I 87 -68.02 62.40 7.47
CA SER I 87 -66.96 62.56 8.45
C SER I 87 -66.70 61.28 9.22
N GLY I 88 -67.76 60.58 9.61
CA GLY I 88 -67.60 59.31 10.31
C GLY I 88 -66.87 58.29 9.45
N ALA I 89 -67.27 58.18 8.19
CA ALA I 89 -66.60 57.24 7.28
C ALA I 89 -65.13 57.61 7.11
N GLY I 90 -64.85 58.91 7.00
CA GLY I 90 -63.46 59.34 6.87
C GLY I 90 -62.62 59.00 8.08
N ILE I 91 -63.16 59.23 9.29
CA ILE I 91 -62.42 58.89 10.50
C ILE I 91 -62.14 57.39 10.54
N GLY I 92 -63.15 56.59 10.18
CA GLY I 92 -62.95 55.13 10.14
C GLY I 92 -61.77 54.76 9.26
N THR I 93 -61.75 55.24 8.02
CA THR I 93 -60.67 54.86 7.07
C THR I 93 -59.30 55.30 7.61
N VAL I 94 -59.19 56.54 8.09
CA VAL I 94 -57.87 57.05 8.54
C VAL I 94 -57.30 56.11 9.60
N PHE I 95 -58.08 55.78 10.63
CA PHE I 95 -57.55 54.94 11.73
C PHE I 95 -57.22 53.55 11.20
N GLY I 96 -58.04 53.03 10.30
CA GLY I 96 -57.78 51.71 9.69
C GLY I 96 -56.41 51.69 9.02
N SER I 97 -56.12 52.71 8.22
CA SER I 97 -54.83 52.79 7.50
C SER I 97 -53.69 52.85 8.51
N LEU I 98 -53.85 53.65 9.57
CA LEU I 98 -52.76 53.84 10.56
C LEU I 98 -52.36 52.49 11.14
N ILE I 99 -53.33 51.69 11.61
CA ILE I 99 -52.98 50.42 12.30
C ILE I 99 -52.26 49.50 11.30
N ILE I 100 -52.80 49.37 10.08
CA ILE I 100 -52.17 48.49 9.05
C ILE I 100 -50.76 49.02 8.77
N GLY I 101 -50.62 50.34 8.60
CA GLY I 101 -49.31 50.92 8.25
C GLY I 101 -48.26 50.65 9.33
N TYR I 102 -48.60 50.94 10.59
CA TYR I 102 -47.67 50.67 11.71
C TYR I 102 -47.40 49.18 11.78
N ALA I 103 -48.46 48.37 11.65
CA ALA I 103 -48.29 46.91 11.66
C ALA I 103 -47.19 46.52 10.67
N ARG I 104 -47.23 47.10 9.46
CA ARG I 104 -46.22 46.66 8.48
C ARG I 104 -44.83 47.15 8.86
N ASN I 105 -44.64 48.47 8.91
CA ASN I 105 -43.32 49.05 9.14
C ASN I 105 -43.30 49.77 10.48
N PRO I 106 -42.73 49.18 11.53
CA PRO I 106 -42.64 49.89 12.81
C PRO I 106 -41.57 50.97 12.79
N SER I 107 -41.37 51.63 13.94
CA SER I 107 -40.34 52.67 14.10
C SER I 107 -40.52 53.82 13.11
N LEU I 108 -41.78 54.13 12.78
CA LEU I 108 -42.10 55.30 11.96
C LEU I 108 -43.36 55.99 12.49
N LYS I 109 -43.58 55.93 13.80
CA LYS I 109 -44.85 56.38 14.37
C LYS I 109 -45.08 57.87 14.20
N GLN I 110 -44.01 58.67 14.15
CA GLN I 110 -44.17 60.12 14.12
C GLN I 110 -44.91 60.58 12.87
N GLN I 111 -44.37 60.18 11.71
CA GLN I 111 -44.99 60.56 10.41
C GLN I 111 -46.38 59.91 10.32
N LEU I 112 -46.47 58.62 10.63
CA LEU I 112 -47.76 57.91 10.52
C LEU I 112 -48.81 58.62 11.39
N PHE I 113 -48.46 58.91 12.64
CA PHE I 113 -49.39 59.64 13.54
C PHE I 113 -49.66 61.03 12.96
N SER I 114 -48.62 61.68 12.44
CA SER I 114 -48.80 63.04 11.85
C SER I 114 -49.86 62.99 10.75
N TYR I 115 -49.73 62.06 9.80
CA TYR I 115 -50.70 62.01 8.68
C TYR I 115 -52.09 61.76 9.25
N ALA I 116 -52.19 60.87 10.24
CA ALA I 116 -53.50 60.52 10.81
C ALA I 116 -54.20 61.79 11.34
N ILE I 117 -53.48 62.60 12.13
CA ILE I 117 -54.08 63.82 12.73
C ILE I 117 -54.60 64.71 11.61
N LEU I 118 -53.74 65.02 10.63
CA LEU I 118 -54.14 65.90 9.54
C LEU I 118 -55.45 65.45 8.91
N GLY I 119 -55.57 64.15 8.63
CA GLY I 119 -56.79 63.66 8.03
C GLY I 119 -58.02 63.82 8.93
N PHE I 120 -57.85 63.52 10.22
CA PHE I 120 -58.95 63.68 11.16
C PHE I 120 -59.39 65.13 11.23
N ALA I 121 -58.43 66.06 11.28
CA ALA I 121 -58.78 67.48 11.33
C ALA I 121 -59.53 67.91 10.07
N LEU I 122 -59.06 67.46 8.91
CA LEU I 122 -59.73 67.84 7.67
C LEU I 122 -61.17 67.35 7.64
N SER I 123 -61.38 66.08 7.99
CA SER I 123 -62.74 65.54 7.97
C SER I 123 -63.64 66.24 8.98
N GLU I 124 -63.11 66.53 10.18
CA GLU I 124 -63.93 67.20 11.19
C GLU I 124 -64.30 68.61 10.75
N ALA I 125 -63.37 69.32 10.10
CA ALA I 125 -63.71 70.64 9.58
C ALA I 125 -64.79 70.55 8.51
N MET I 126 -64.70 69.54 7.64
CA MET I 126 -65.72 69.37 6.62
C MET I 126 -67.09 69.15 7.24
N GLY I 127 -67.17 68.35 8.30
CA GLY I 127 -68.45 68.16 8.99
C GLY I 127 -68.93 69.41 9.72
N LEU I 128 -67.99 70.13 10.34
CA LEU I 128 -68.36 71.34 11.07
C LEU I 128 -68.93 72.40 10.14
N PHE I 129 -68.49 72.42 8.88
CA PHE I 129 -69.10 73.34 7.92
C PHE I 129 -70.61 73.09 7.81
N CYS I 130 -71.00 71.83 7.64
CA CYS I 130 -72.41 71.50 7.52
C CYS I 130 -73.16 71.81 8.81
N LEU I 131 -72.51 71.57 9.96
CA LEU I 131 -73.14 71.92 11.23
C LEU I 131 -73.42 73.41 11.31
N MET I 132 -72.46 74.24 10.89
CA MET I 132 -72.67 75.69 10.87
C MET I 132 -73.78 76.07 9.91
N VAL I 133 -73.87 75.39 8.77
CA VAL I 133 -74.95 75.66 7.82
C VAL I 133 -76.30 75.38 8.47
N ALA I 134 -76.40 74.27 9.20
CA ALA I 134 -77.65 73.97 9.90
C ALA I 134 -77.97 75.03 10.94
N PHE I 135 -76.95 75.48 11.69
CA PHE I 135 -77.15 76.55 12.66
C PHE I 135 -77.69 77.80 11.99
N LEU I 136 -77.11 78.18 10.86
CA LEU I 136 -77.57 79.37 10.14
C LEU I 136 -79.01 79.20 9.66
N ILE I 137 -79.34 78.02 9.13
CA ILE I 137 -80.69 77.79 8.63
C ILE I 137 -81.71 77.91 9.77
N LEU I 138 -81.40 77.33 10.93
CA LEU I 138 -82.34 77.39 12.05
C LEU I 138 -82.53 78.83 12.51
N PHE I 139 -81.47 79.61 12.54
CA PHE I 139 -81.57 81.01 12.98
C PHE I 139 -81.17 81.98 11.88
N ILE J 68 -100.04 71.95 12.88
CA ILE J 68 -99.12 71.98 11.76
C ILE J 68 -97.68 71.91 12.28
N ASP J 69 -97.46 72.45 13.48
CA ASP J 69 -96.14 72.41 14.09
C ASP J 69 -95.73 70.99 14.44
N THR J 70 -96.70 70.17 14.89
CA THR J 70 -96.39 68.79 15.23
C THR J 70 -95.93 68.01 14.00
N ALA J 71 -96.54 68.27 12.85
CA ALA J 71 -96.11 67.64 11.61
C ALA J 71 -94.67 68.02 11.28
N ALA J 72 -94.33 69.31 11.44
CA ALA J 72 -92.98 69.76 11.18
C ALA J 72 -91.99 69.08 12.12
N LYS J 73 -92.34 68.96 13.40
CA LYS J 73 -91.45 68.28 14.34
C LYS J 73 -91.25 66.81 13.96
N PHE J 74 -92.34 66.15 13.56
CA PHE J 74 -92.23 64.74 13.20
C PHE J 74 -91.35 64.53 11.97
N ILE J 75 -91.55 65.35 10.94
CA ILE J 75 -90.76 65.17 9.73
C ILE J 75 -89.31 65.57 9.96
N GLY J 76 -89.07 66.60 10.77
CA GLY J 76 -87.71 66.96 11.11
C GLY J 76 -87.00 65.86 11.87
N ALA J 77 -87.70 65.22 12.81
CA ALA J 77 -87.12 64.08 13.52
C ALA J 77 -86.83 62.93 12.55
N GLY J 78 -87.78 62.65 11.65
CA GLY J 78 -87.61 61.56 10.70
C GLY J 78 -86.51 61.80 9.68
N ALA J 79 -86.15 63.05 9.43
CA ALA J 79 -85.06 63.34 8.51
C ALA J 79 -83.71 63.40 9.22
N ALA J 80 -83.66 63.93 10.44
CA ALA J 80 -82.40 64.07 11.15
C ALA J 80 -81.84 62.74 11.64
N THR J 81 -82.70 61.73 11.81
CA THR J 81 -82.24 60.43 12.31
C THR J 81 -81.37 59.68 11.32
N VAL J 82 -81.30 60.12 10.06
CA VAL J 82 -80.55 59.40 9.05
C VAL J 82 -79.04 59.52 9.28
N GLY J 83 -78.60 60.58 9.96
CA GLY J 83 -77.18 60.87 10.03
C GLY J 83 -76.34 59.83 10.74
N VAL J 84 -76.97 58.91 11.48
CA VAL J 84 -76.22 57.88 12.20
C VAL J 84 -75.78 56.74 11.30
N ALA J 85 -76.09 56.81 10.00
CA ALA J 85 -75.77 55.70 9.11
C ALA J 85 -74.27 55.48 8.99
N GLY J 86 -73.49 56.57 8.98
CA GLY J 86 -72.06 56.45 8.75
C GLY J 86 -71.30 55.77 9.88
N SER J 87 -71.89 55.70 11.07
CA SER J 87 -71.19 55.08 12.19
C SER J 87 -70.95 53.60 11.94
N GLY J 88 -71.93 52.91 11.35
CA GLY J 88 -71.75 51.50 11.06
C GLY J 88 -70.61 51.23 10.09
N ALA J 89 -70.50 52.04 9.04
CA ALA J 89 -69.44 51.85 8.07
C ALA J 89 -68.07 52.06 8.69
N GLY J 90 -67.92 53.10 9.51
CA GLY J 90 -66.65 53.32 10.17
C GLY J 90 -66.26 52.20 11.11
N ILE J 91 -67.24 51.69 11.88
CA ILE J 91 -66.98 50.58 12.79
C ILE J 91 -66.55 49.35 12.01
N GLY J 92 -67.24 49.05 10.91
CA GLY J 92 -66.84 47.92 10.09
C GLY J 92 -65.44 48.08 9.54
N THR J 93 -65.10 49.31 9.13
CA THR J 93 -63.73 49.56 8.59
C THR J 93 -62.67 49.31 9.67
N VAL J 94 -62.79 49.94 10.84
CA VAL J 94 -61.72 49.81 11.87
C VAL J 94 -61.53 48.34 12.28
N PHE J 95 -62.63 47.63 12.54
CA PHE J 95 -62.51 46.22 13.01
C PHE J 95 -61.82 45.37 11.94
N GLY J 96 -62.18 45.60 10.67
CA GLY J 96 -61.54 44.85 9.57
C GLY J 96 -60.04 45.07 9.58
N SER J 97 -59.61 46.31 9.78
CA SER J 97 -58.16 46.62 9.80
C SER J 97 -57.47 45.86 10.93
N LEU J 98 -58.11 45.77 12.11
CA LEU J 98 -57.49 45.08 13.26
C LEU J 98 -57.23 43.62 12.87
N ILE J 99 -58.22 42.96 12.25
CA ILE J 99 -58.09 41.54 11.85
C ILE J 99 -56.82 41.38 11.00
N ILE J 100 -56.73 42.12 9.88
CA ILE J 100 -55.57 41.93 8.96
C ILE J 100 -54.28 42.34 9.67
N GLY J 101 -54.32 43.41 10.47
CA GLY J 101 -53.11 43.89 11.17
C GLY J 101 -52.56 42.83 12.11
N TYR J 102 -53.43 42.17 12.87
CA TYR J 102 -53.00 41.15 13.85
C TYR J 102 -52.29 40.00 13.12
N ALA J 103 -52.77 39.66 11.93
CA ALA J 103 -52.20 38.50 11.19
C ALA J 103 -50.68 38.65 11.01
N ARG J 104 -50.18 39.87 10.77
CA ARG J 104 -48.76 40.00 10.49
C ARG J 104 -47.91 39.94 11.75
N ASN J 105 -48.28 40.70 12.77
CA ASN J 105 -47.47 40.83 13.99
C ASN J 105 -48.34 40.53 15.21
N PRO J 106 -48.56 39.24 15.51
CA PRO J 106 -49.32 38.90 16.72
C PRO J 106 -48.64 39.34 17.99
N SER J 107 -47.33 39.59 17.97
CA SER J 107 -46.63 40.04 19.16
C SER J 107 -47.12 41.41 19.61
N LEU J 108 -47.39 42.31 18.65
CA LEU J 108 -47.76 43.68 18.94
C LEU J 108 -49.26 43.88 19.13
N LYS J 109 -49.99 42.82 19.49
CA LYS J 109 -51.44 42.95 19.63
C LYS J 109 -51.84 43.87 20.77
N GLN J 110 -50.92 44.14 21.71
CA GLN J 110 -51.25 45.02 22.83
C GLN J 110 -51.48 46.45 22.35
N GLN J 111 -50.59 46.96 21.49
CA GLN J 111 -50.69 48.37 21.08
C GLN J 111 -51.80 48.57 20.04
N LEU J 112 -52.02 47.57 19.18
CA LEU J 112 -53.02 47.73 18.09
C LEU J 112 -54.39 48.09 18.68
N PHE J 113 -54.82 47.40 19.74
CA PHE J 113 -56.17 47.64 20.31
C PHE J 113 -56.37 49.13 20.65
N SER J 114 -55.46 49.71 21.41
CA SER J 114 -55.63 51.12 21.87
C SER J 114 -56.08 51.98 20.68
N TYR J 115 -55.37 51.86 19.54
CA TYR J 115 -55.76 52.60 18.33
C TYR J 115 -57.19 52.22 17.94
N ALA J 116 -57.48 50.92 17.82
CA ALA J 116 -58.82 50.47 17.37
C ALA J 116 -59.89 51.08 18.27
N ILE J 117 -59.74 50.93 19.59
CA ILE J 117 -60.77 51.46 20.54
C ILE J 117 -60.97 52.95 20.25
N LEU J 118 -59.88 53.72 20.18
CA LEU J 118 -59.97 55.15 19.93
C LEU J 118 -60.86 55.45 18.74
N GLY J 119 -60.62 54.77 17.61
CA GLY J 119 -61.41 55.02 16.43
C GLY J 119 -62.88 54.65 16.61
N PHE J 120 -63.14 53.48 17.21
CA PHE J 120 -64.50 53.05 17.46
C PHE J 120 -65.25 54.07 18.32
N ALA J 121 -64.61 54.51 19.40
CA ALA J 121 -65.23 55.48 20.30
C ALA J 121 -65.51 56.79 19.58
N LEU J 122 -64.57 57.26 18.77
CA LEU J 122 -64.76 58.53 18.07
C LEU J 122 -65.95 58.47 17.12
N SER J 123 -66.02 57.40 16.32
CA SER J 123 -67.13 57.28 15.38
C SER J 123 -68.47 57.16 16.10
N GLU J 124 -68.52 56.36 17.16
CA GLU J 124 -69.77 56.22 17.90
C GLU J 124 -70.16 57.53 18.57
N ALA J 125 -69.18 58.33 19.00
CA ALA J 125 -69.48 59.64 19.58
C ALA J 125 -70.10 60.56 18.54
N MET J 126 -69.57 60.54 17.30
CA MET J 126 -70.17 61.35 16.25
C MET J 126 -71.62 60.93 15.98
N GLY J 127 -71.86 59.62 15.91
CA GLY J 127 -73.21 59.14 15.72
C GLY J 127 -74.15 59.55 16.85
N LEU J 128 -73.66 59.45 18.09
CA LEU J 128 -74.46 59.87 19.24
C LEU J 128 -74.76 61.35 19.19
N PHE J 129 -73.80 62.18 18.75
CA PHE J 129 -74.05 63.61 18.61
C PHE J 129 -75.18 63.87 17.62
N CYS J 130 -75.15 63.19 16.47
CA CYS J 130 -76.24 63.36 15.51
C CYS J 130 -77.58 62.92 16.10
N LEU J 131 -77.57 61.80 16.83
CA LEU J 131 -78.81 61.32 17.45
C LEU J 131 -79.34 62.33 18.48
N MET J 132 -78.45 62.95 19.24
CA MET J 132 -78.86 63.95 20.21
C MET J 132 -79.48 65.16 19.53
N VAL J 133 -78.89 65.57 18.40
CA VAL J 133 -79.48 66.68 17.63
C VAL J 133 -80.89 66.30 17.17
N ALA J 134 -81.06 65.07 16.70
CA ALA J 134 -82.39 64.63 16.29
C ALA J 134 -83.38 64.64 17.45
N PHE J 135 -82.94 64.17 18.62
CA PHE J 135 -83.81 64.19 19.78
C PHE J 135 -84.19 65.61 20.19
N LEU J 136 -83.23 66.54 20.10
CA LEU J 136 -83.53 67.93 20.41
C LEU J 136 -84.54 68.51 19.44
N ILE J 137 -84.40 68.22 18.15
CA ILE J 137 -85.37 68.77 17.20
C ILE J 137 -86.74 68.12 17.39
N LEU J 138 -86.79 66.88 17.85
CA LEU J 138 -88.08 66.27 18.14
C LEU J 138 -88.77 66.97 19.32
N PHE J 139 -88.02 67.30 20.36
CA PHE J 139 -88.58 67.95 21.53
C PHE J 139 -88.20 69.44 21.58
N ILE K 68 -104.29 64.27 9.53
CA ILE K 68 -103.09 64.92 8.99
C ILE K 68 -101.90 64.67 9.92
N ASP K 69 -102.13 64.83 11.22
CA ASP K 69 -101.07 64.55 12.19
C ASP K 69 -100.64 63.09 12.10
N THR K 70 -101.60 62.18 11.97
CA THR K 70 -101.27 60.78 11.77
C THR K 70 -100.51 60.58 10.47
N ALA K 71 -100.91 61.31 9.42
CA ALA K 71 -100.18 61.24 8.15
C ALA K 71 -98.74 61.71 8.31
N ALA K 72 -98.54 62.78 9.10
CA ALA K 72 -97.19 63.23 9.38
C ALA K 72 -96.39 62.18 10.12
N LYS K 73 -97.00 61.52 11.11
CA LYS K 73 -96.32 60.44 11.81
C LYS K 73 -95.93 59.33 10.86
N PHE K 74 -96.84 58.95 9.96
CA PHE K 74 -96.55 57.88 9.02
C PHE K 74 -95.40 58.24 8.09
N ILE K 75 -95.41 59.46 7.55
CA ILE K 75 -94.35 59.84 6.62
C ILE K 75 -93.01 59.96 7.34
N GLY K 76 -93.02 60.47 8.58
CA GLY K 76 -91.79 60.55 9.35
C GLY K 76 -91.22 59.18 9.67
N ALA K 77 -92.10 58.24 10.04
CA ALA K 77 -91.64 56.88 10.29
C ALA K 77 -91.10 56.24 9.01
N GLY K 78 -91.75 56.48 7.88
CA GLY K 78 -91.27 55.92 6.63
C GLY K 78 -89.91 56.46 6.23
N ALA K 79 -89.68 57.75 6.44
CA ALA K 79 -88.39 58.34 6.11
C ALA K 79 -87.32 58.04 7.15
N ALA K 80 -87.70 57.57 8.33
CA ALA K 80 -86.73 57.34 9.39
C ALA K 80 -85.92 56.06 9.16
N THR K 81 -86.52 55.06 8.52
CA THR K 81 -85.88 53.74 8.42
C THR K 81 -84.69 53.72 7.49
N VAL K 82 -84.48 54.75 6.67
CA VAL K 82 -83.45 54.70 5.64
C VAL K 82 -82.04 54.69 6.19
N GLY K 83 -81.88 54.97 7.48
CA GLY K 83 -80.55 55.00 8.06
C GLY K 83 -79.93 53.65 8.36
N VAL K 84 -80.70 52.57 8.20
CA VAL K 84 -80.21 51.23 8.52
C VAL K 84 -79.23 50.70 7.48
N ALA K 85 -79.07 51.39 6.35
CA ALA K 85 -78.19 50.89 5.30
C ALA K 85 -76.74 50.84 5.73
N GLY K 86 -76.37 51.58 6.78
CA GLY K 86 -74.99 51.54 7.26
C GLY K 86 -74.60 50.19 7.81
N SER K 87 -75.55 49.47 8.41
CA SER K 87 -75.24 48.17 9.01
C SER K 87 -74.77 47.17 7.95
N GLY K 88 -75.41 47.18 6.78
CA GLY K 88 -75.03 46.23 5.74
C GLY K 88 -73.60 46.40 5.28
N ALA K 89 -73.19 47.65 5.02
CA ALA K 89 -71.84 47.91 4.55
C ALA K 89 -70.80 47.52 5.60
N GLY K 90 -71.05 47.86 6.86
CA GLY K 90 -70.12 47.50 7.92
C GLY K 90 -69.99 46.00 8.09
N ILE K 91 -71.12 45.29 8.06
CA ILE K 91 -71.09 43.84 8.16
C ILE K 91 -70.31 43.25 6.98
N GLY K 92 -70.55 43.77 5.78
CA GLY K 92 -69.83 43.26 4.63
C GLY K 92 -68.33 43.47 4.73
N THR K 93 -67.92 44.64 5.22
CA THR K 93 -66.49 44.92 5.36
C THR K 93 -65.85 44.01 6.41
N VAL K 94 -66.44 43.93 7.60
CA VAL K 94 -65.78 43.14 8.69
C VAL K 94 -65.57 41.69 8.22
N PHE K 95 -66.60 41.07 7.64
CA PHE K 95 -66.47 39.64 7.24
C PHE K 95 -65.46 39.50 6.10
N GLY K 96 -65.43 40.48 5.20
CA GLY K 96 -64.48 40.44 4.06
C GLY K 96 -63.04 40.39 4.55
N SER K 97 -62.74 41.06 5.66
CA SER K 97 -61.36 41.07 6.21
C SER K 97 -61.02 39.70 6.80
N LEU K 98 -61.97 39.07 7.49
CA LEU K 98 -61.68 37.78 8.17
C LEU K 98 -61.17 36.75 7.14
N ILE K 99 -61.85 36.61 6.01
CA ILE K 99 -61.45 35.56 5.03
C ILE K 99 -60.01 35.83 4.55
N ILE K 100 -59.72 37.04 4.12
CA ILE K 100 -58.36 37.32 3.55
C ILE K 100 -57.31 37.17 4.66
N GLY K 101 -57.62 37.64 5.87
CA GLY K 101 -56.67 37.53 6.99
C GLY K 101 -56.39 36.09 7.34
N TYR K 102 -57.45 35.27 7.45
CA TYR K 102 -57.28 33.83 7.74
C TYR K 102 -56.44 33.19 6.63
N ALA K 103 -56.75 33.51 5.38
CA ALA K 103 -56.01 32.92 4.26
C ALA K 103 -54.52 33.22 4.37
N ARG K 104 -54.17 34.41 4.87
CA ARG K 104 -52.76 34.74 5.04
C ARG K 104 -52.10 33.83 6.09
N ASN K 105 -52.72 33.72 7.26
CA ASN K 105 -52.13 33.00 8.40
C ASN K 105 -53.16 32.04 8.98
N PRO K 106 -53.27 30.83 8.41
CA PRO K 106 -54.25 29.84 8.87
C PRO K 106 -53.86 29.15 10.17
N SER K 107 -53.49 29.94 11.17
CA SER K 107 -53.11 29.42 12.49
C SER K 107 -53.99 29.94 13.60
N LEU K 108 -54.29 31.24 13.59
CA LEU K 108 -55.02 31.89 14.69
C LEU K 108 -56.50 32.02 14.34
N LYS K 109 -57.17 30.87 14.22
CA LYS K 109 -58.61 30.89 13.93
C LYS K 109 -59.41 31.48 15.08
N GLN K 110 -59.04 31.12 16.32
CA GLN K 110 -59.87 31.46 17.47
C GLN K 110 -59.93 32.96 17.71
N GLN K 111 -58.76 33.62 17.75
CA GLN K 111 -58.74 35.06 17.98
C GLN K 111 -59.44 35.80 16.85
N LEU K 112 -59.20 35.35 15.62
CA LEU K 112 -59.83 36.01 14.45
C LEU K 112 -61.36 35.93 14.59
N PHE K 113 -61.88 34.74 14.89
CA PHE K 113 -63.32 34.58 14.97
C PHE K 113 -63.90 35.36 16.15
N SER K 114 -63.17 35.40 17.27
CA SER K 114 -63.64 36.19 18.41
C SER K 114 -63.74 37.65 18.05
N TYR K 115 -62.73 38.19 17.37
CA TYR K 115 -62.76 39.60 16.98
C TYR K 115 -63.87 39.86 15.97
N ALA K 116 -64.06 38.92 15.03
CA ALA K 116 -65.14 39.07 14.05
C ALA K 116 -66.48 39.16 14.79
N ILE K 117 -66.72 38.22 15.71
CA ILE K 117 -67.99 38.19 16.45
C ILE K 117 -68.17 39.49 17.23
N LEU K 118 -67.11 39.98 17.87
CA LEU K 118 -67.20 41.25 18.57
C LEU K 118 -67.60 42.38 17.63
N GLY K 119 -66.98 42.42 16.45
CA GLY K 119 -67.30 43.47 15.49
C GLY K 119 -68.74 43.39 15.02
N PHE K 120 -69.21 42.19 14.71
CA PHE K 120 -70.59 42.03 14.26
C PHE K 120 -71.57 42.40 15.35
N ALA K 121 -71.24 42.08 16.60
CA ALA K 121 -72.12 42.45 17.71
C ALA K 121 -72.18 43.97 17.89
N LEU K 122 -71.04 44.64 17.79
CA LEU K 122 -71.04 46.09 18.01
C LEU K 122 -71.64 46.86 16.84
N SER K 123 -71.49 46.36 15.62
CA SER K 123 -71.94 47.10 14.44
C SER K 123 -73.46 47.10 14.29
N GLU K 124 -74.15 46.13 14.90
CA GLU K 124 -75.60 46.04 14.73
C GLU K 124 -76.35 47.10 15.54
N ALA K 125 -75.67 47.75 16.50
CA ALA K 125 -76.37 48.61 17.44
C ALA K 125 -77.04 49.80 16.76
N MET K 126 -76.37 50.41 15.78
CA MET K 126 -76.87 51.64 15.20
C MET K 126 -78.14 51.41 14.38
N GLY K 127 -78.15 50.38 13.53
CA GLY K 127 -79.31 50.15 12.68
C GLY K 127 -80.55 49.82 13.48
N LEU K 128 -80.42 48.92 14.47
CA LEU K 128 -81.56 48.61 15.32
C LEU K 128 -81.96 49.83 16.15
N PHE K 129 -81.01 50.69 16.49
CA PHE K 129 -81.36 51.93 17.20
C PHE K 129 -82.25 52.81 16.33
N CYS K 130 -81.88 52.98 15.06
CA CYS K 130 -82.71 53.78 14.16
C CYS K 130 -84.07 53.15 13.96
N LEU K 131 -84.12 51.82 13.82
CA LEU K 131 -85.40 51.14 13.65
C LEU K 131 -86.28 51.31 14.89
N MET K 132 -85.66 51.26 16.09
CA MET K 132 -86.41 51.48 17.32
C MET K 132 -86.95 52.90 17.37
N VAL K 133 -86.15 53.88 16.94
CA VAL K 133 -86.64 55.27 16.91
C VAL K 133 -87.84 55.39 15.98
N ALA K 134 -87.77 54.77 14.82
CA ALA K 134 -88.90 54.81 13.89
C ALA K 134 -90.14 54.14 14.48
N PHE K 135 -89.96 52.99 15.15
CA PHE K 135 -91.10 52.33 15.77
C PHE K 135 -91.71 53.19 16.87
N LEU K 136 -90.87 53.83 17.69
CA LEU K 136 -91.37 54.68 18.76
C LEU K 136 -92.13 55.88 18.21
N ILE K 137 -91.59 56.53 17.18
CA ILE K 137 -92.24 57.72 16.66
C ILE K 137 -93.55 57.36 15.96
N LEU K 138 -93.61 56.22 15.28
CA LEU K 138 -94.87 55.84 14.63
C LEU K 138 -95.96 55.57 15.66
N PHE K 139 -95.63 54.90 16.76
CA PHE K 139 -96.63 54.58 17.78
C PHE K 139 -96.35 55.34 19.07
N ILE L 68 -105.22 62.57 2.12
CA ILE L 68 -105.30 62.72 3.58
C ILE L 68 -104.27 61.82 4.26
N ASP L 69 -104.36 60.51 4.02
CA ASP L 69 -103.46 59.56 4.64
C ASP L 69 -102.89 58.60 3.61
N THR L 70 -103.62 58.38 2.52
CA THR L 70 -103.14 57.47 1.48
C THR L 70 -101.83 57.97 0.88
N ALA L 71 -101.78 59.26 0.55
CA ALA L 71 -100.56 59.83 -0.03
C ALA L 71 -99.39 59.74 0.94
N ALA L 72 -99.63 60.05 2.22
CA ALA L 72 -98.55 59.99 3.20
C ALA L 72 -98.03 58.58 3.36
N LYS L 73 -98.93 57.60 3.43
CA LYS L 73 -98.49 56.20 3.55
C LYS L 73 -97.71 55.77 2.33
N PHE L 74 -98.17 56.14 1.13
CA PHE L 74 -97.47 55.73 -0.07
C PHE L 74 -96.08 56.36 -0.16
N ILE L 75 -95.96 57.65 0.15
CA ILE L 75 -94.65 58.28 0.09
C ILE L 75 -93.74 57.76 1.19
N GLY L 76 -94.29 57.46 2.37
CA GLY L 76 -93.48 56.86 3.42
C GLY L 76 -92.96 55.48 3.03
N ALA L 77 -93.80 54.68 2.39
CA ALA L 77 -93.35 53.38 1.89
C ALA L 77 -92.27 53.55 0.81
N GLY L 78 -92.47 54.50 -0.11
CA GLY L 78 -91.49 54.72 -1.15
C GLY L 78 -90.15 55.20 -0.61
N ALA L 79 -90.18 56.00 0.46
CA ALA L 79 -88.93 56.44 1.07
C ALA L 79 -88.27 55.31 1.85
N ALA L 80 -89.06 54.47 2.52
CA ALA L 80 -88.51 53.42 3.36
C ALA L 80 -87.84 52.33 2.53
N THR L 81 -88.25 52.13 1.28
CA THR L 81 -87.71 51.06 0.44
C THR L 81 -86.30 51.32 -0.04
N VAL L 82 -85.58 52.34 0.41
CA VAL L 82 -84.25 52.63 -0.08
C VAL L 82 -83.17 52.02 0.81
N GLY L 83 -83.54 51.17 1.76
CA GLY L 83 -82.58 50.57 2.67
C GLY L 83 -81.87 49.35 2.12
N VAL L 84 -82.12 48.97 0.87
CA VAL L 84 -81.49 47.79 0.30
C VAL L 84 -80.09 48.06 -0.25
N ALA L 85 -79.69 49.33 -0.32
CA ALA L 85 -78.38 49.65 -0.87
C ALA L 85 -77.26 49.07 -0.01
N GLY L 86 -77.41 49.14 1.32
CA GLY L 86 -76.38 48.63 2.20
C GLY L 86 -76.14 47.15 2.03
N SER L 87 -77.22 46.36 1.91
CA SER L 87 -77.07 44.93 1.71
C SER L 87 -76.39 44.62 0.38
N GLY L 88 -76.77 45.34 -0.68
CA GLY L 88 -76.11 45.13 -1.96
C GLY L 88 -74.62 45.41 -1.89
N ALA L 89 -74.25 46.53 -1.26
CA ALA L 89 -72.84 46.85 -1.12
C ALA L 89 -72.12 45.80 -0.29
N GLY L 90 -72.75 45.33 0.78
CA GLY L 90 -72.10 44.34 1.63
C GLY L 90 -71.87 43.02 0.92
N ILE L 91 -72.88 42.53 0.19
CA ILE L 91 -72.71 41.27 -0.51
C ILE L 91 -71.69 41.41 -1.63
N GLY L 92 -71.68 42.55 -2.31
CA GLY L 92 -70.65 42.79 -3.30
C GLY L 92 -69.26 42.77 -2.68
N THR L 93 -69.10 43.41 -1.53
CA THR L 93 -67.80 43.44 -0.86
C THR L 93 -67.35 42.04 -0.44
N VAL L 94 -68.25 41.27 0.18
CA VAL L 94 -67.82 39.94 0.72
C VAL L 94 -67.34 39.03 -0.42
N PHE L 95 -68.16 38.87 -1.47
CA PHE L 95 -67.79 37.94 -2.57
C PHE L 95 -66.49 38.44 -3.21
N GLY L 96 -66.33 39.75 -3.33
CA GLY L 96 -65.09 40.32 -3.90
C GLY L 96 -63.89 39.91 -3.09
N SER L 97 -63.99 39.95 -1.75
CA SER L 97 -62.86 39.53 -0.89
C SER L 97 -62.59 38.04 -1.08
N LEU L 98 -63.64 37.23 -1.26
CA LEU L 98 -63.48 35.76 -1.40
C LEU L 98 -62.57 35.45 -2.58
N ILE L 99 -62.81 36.05 -3.75
CA ILE L 99 -62.02 35.69 -4.96
C ILE L 99 -60.54 36.02 -4.71
N ILE L 100 -60.24 37.17 -4.10
CA ILE L 100 -58.83 37.57 -3.82
C ILE L 100 -58.23 36.58 -2.82
N GLY L 101 -58.99 36.24 -1.77
CA GLY L 101 -58.50 35.29 -0.76
C GLY L 101 -58.22 33.92 -1.36
N TYR L 102 -59.13 33.44 -2.21
CA TYR L 102 -58.93 32.12 -2.87
C TYR L 102 -57.63 32.17 -3.68
N ALA L 103 -57.40 33.27 -4.39
CA ALA L 103 -56.22 33.33 -5.23
C ALA L 103 -54.92 33.23 -4.43
N ARG L 104 -54.97 33.43 -3.12
CA ARG L 104 -53.78 33.31 -2.30
C ARG L 104 -53.24 31.89 -2.34
N ASN L 105 -54.12 30.90 -2.17
CA ASN L 105 -53.75 29.49 -2.25
C ASN L 105 -54.97 28.68 -2.65
N PRO L 106 -54.91 27.93 -3.75
CA PRO L 106 -56.10 27.19 -4.20
C PRO L 106 -56.61 26.17 -3.22
N SER L 107 -55.79 25.74 -2.27
CA SER L 107 -56.27 24.85 -1.23
C SER L 107 -57.23 25.58 -0.30
N LEU L 108 -58.01 24.79 0.45
CA LEU L 108 -58.98 25.28 1.43
C LEU L 108 -60.13 26.06 0.78
N LYS L 109 -60.36 25.86 -0.53
CA LYS L 109 -61.38 26.65 -1.21
C LYS L 109 -62.78 26.42 -0.62
N GLN L 110 -63.05 25.21 -0.14
CA GLN L 110 -64.36 24.93 0.45
C GLN L 110 -64.54 25.69 1.76
N GLN L 111 -63.49 25.80 2.56
CA GLN L 111 -63.59 26.50 3.84
C GLN L 111 -63.90 27.99 3.63
N LEU L 112 -63.09 28.63 2.78
CA LEU L 112 -63.33 30.06 2.47
C LEU L 112 -64.73 30.21 1.84
N PHE L 113 -65.12 29.27 0.97
CA PHE L 113 -66.46 29.33 0.40
C PHE L 113 -67.54 29.28 1.47
N SER L 114 -67.36 28.44 2.49
CA SER L 114 -68.30 28.39 3.60
C SER L 114 -68.36 29.73 4.32
N TYR L 115 -67.19 30.33 4.55
CA TYR L 115 -67.16 31.64 5.19
C TYR L 115 -67.90 32.68 4.35
N ALA L 116 -67.68 32.63 3.02
CA ALA L 116 -68.35 33.60 2.12
C ALA L 116 -69.87 33.43 2.21
N ILE L 117 -70.35 32.18 2.13
CA ILE L 117 -71.79 31.94 2.17
C ILE L 117 -72.38 32.41 3.48
N LEU L 118 -71.70 32.14 4.59
CA LEU L 118 -72.18 32.63 5.88
C LEU L 118 -72.27 34.15 5.88
N GLY L 119 -71.25 34.82 5.35
CA GLY L 119 -71.26 36.28 5.33
C GLY L 119 -72.39 36.84 4.48
N PHE L 120 -72.61 36.26 3.30
CA PHE L 120 -73.69 36.73 2.43
C PHE L 120 -75.04 36.54 3.09
N ALA L 121 -75.27 35.37 3.71
CA ALA L 121 -76.54 35.13 4.36
C ALA L 121 -76.76 36.11 5.52
N LEU L 122 -75.71 36.37 6.29
CA LEU L 122 -75.83 37.31 7.41
C LEU L 122 -76.15 38.70 6.91
N SER L 123 -75.50 39.16 5.85
CA SER L 123 -75.80 40.48 5.31
C SER L 123 -77.24 40.55 4.81
N GLU L 124 -77.70 39.50 4.12
CA GLU L 124 -79.07 39.47 3.63
C GLU L 124 -80.06 39.54 4.78
N ALA L 125 -79.81 38.80 5.86
CA ALA L 125 -80.69 38.87 7.03
C ALA L 125 -80.69 40.26 7.64
N MET L 126 -79.50 40.89 7.71
CA MET L 126 -79.41 42.23 8.30
C MET L 126 -80.06 43.29 7.43
N GLY L 127 -80.25 43.03 6.14
CA GLY L 127 -80.84 44.04 5.28
C GLY L 127 -82.25 43.76 4.79
N LEU L 128 -82.77 42.55 5.05
CA LEU L 128 -84.06 42.18 4.50
C LEU L 128 -85.22 42.78 5.28
N PHE L 129 -85.08 42.99 6.59
CA PHE L 129 -86.25 43.46 7.33
C PHE L 129 -86.59 44.92 7.06
N CYS L 130 -85.93 45.56 6.10
CA CYS L 130 -86.33 46.90 5.69
C CYS L 130 -87.64 46.87 4.92
N LEU L 131 -87.78 45.92 3.99
CA LEU L 131 -88.98 45.86 3.17
C LEU L 131 -90.21 45.47 3.98
N MET L 132 -90.00 44.80 5.12
CA MET L 132 -91.14 44.42 5.96
C MET L 132 -91.88 45.64 6.46
N VAL L 133 -91.14 46.71 6.80
CA VAL L 133 -91.79 47.95 7.21
C VAL L 133 -92.59 48.56 6.08
N ALA L 134 -92.07 48.47 4.85
CA ALA L 134 -92.80 48.98 3.70
C ALA L 134 -94.11 48.22 3.51
N PHE L 135 -94.06 46.89 3.59
CA PHE L 135 -95.28 46.11 3.46
C PHE L 135 -96.24 46.38 4.61
N LEU L 136 -95.69 46.63 5.81
CA LEU L 136 -96.53 46.94 6.96
C LEU L 136 -97.28 48.26 6.75
N ILE L 137 -96.57 49.28 6.25
CA ILE L 137 -97.22 50.57 6.01
C ILE L 137 -98.22 50.46 4.86
N LEU L 138 -97.91 49.66 3.84
CA LEU L 138 -98.84 49.47 2.73
C LEU L 138 -100.13 48.81 3.21
N PHE L 139 -100.02 47.83 4.11
CA PHE L 139 -101.19 47.13 4.62
C PHE L 139 -101.13 46.98 6.13
N ILE M 68 -105.29 63.95 -7.33
CA ILE M 68 -104.61 64.02 -6.06
C ILE M 68 -104.01 62.67 -5.71
N ASP M 69 -104.63 61.60 -6.23
CA ASP M 69 -104.18 60.25 -5.91
C ASP M 69 -103.02 59.80 -6.80
N THR M 70 -103.24 59.80 -8.12
CA THR M 70 -102.19 59.39 -9.05
C THR M 70 -100.99 60.33 -8.98
N ALA M 71 -101.26 61.63 -8.82
CA ALA M 71 -100.18 62.59 -8.69
C ALA M 71 -99.34 62.31 -7.45
N ALA M 72 -99.98 62.00 -6.33
CA ALA M 72 -99.25 61.67 -5.11
C ALA M 72 -98.52 60.34 -5.23
N LYS M 73 -99.07 59.40 -5.99
CA LYS M 73 -98.36 58.14 -6.20
C LYS M 73 -97.17 58.29 -7.13
N PHE M 74 -97.18 59.32 -7.99
CA PHE M 74 -96.06 59.51 -8.90
C PHE M 74 -94.75 59.73 -8.16
N ILE M 75 -94.77 60.58 -7.13
CA ILE M 75 -93.55 60.85 -6.38
C ILE M 75 -93.14 59.63 -5.56
N GLY M 76 -94.11 58.96 -4.94
CA GLY M 76 -93.80 57.79 -4.15
C GLY M 76 -93.15 56.68 -4.96
N ALA M 77 -93.68 56.44 -6.17
CA ALA M 77 -93.08 55.44 -7.05
C ALA M 77 -91.70 55.87 -7.51
N GLY M 78 -91.53 57.16 -7.82
CA GLY M 78 -90.24 57.64 -8.27
C GLY M 78 -89.18 57.58 -7.18
N ALA M 79 -89.57 57.81 -5.93
CA ALA M 79 -88.63 57.81 -4.82
C ALA M 79 -88.26 56.41 -4.36
N ALA M 80 -88.88 55.36 -4.91
CA ALA M 80 -88.56 53.99 -4.57
C ALA M 80 -87.64 53.34 -5.59
N THR M 81 -87.08 54.10 -6.52
CA THR M 81 -86.13 53.60 -7.51
C THR M 81 -84.71 54.02 -7.20
N VAL M 82 -84.40 54.30 -5.93
CA VAL M 82 -83.07 54.72 -5.53
C VAL M 82 -82.31 53.50 -5.02
N GLY M 83 -83.05 52.49 -4.54
CA GLY M 83 -82.42 51.28 -4.05
C GLY M 83 -81.58 50.55 -5.08
N VAL M 84 -81.89 50.74 -6.37
CA VAL M 84 -81.09 50.14 -7.42
C VAL M 84 -79.70 50.78 -7.50
N ALA M 85 -79.55 52.00 -7.00
CA ALA M 85 -78.23 52.65 -7.05
C ALA M 85 -77.22 51.91 -6.20
N GLY M 86 -77.64 51.38 -5.05
CA GLY M 86 -76.73 50.60 -4.23
C GLY M 86 -76.21 49.36 -4.93
N SER M 87 -77.03 48.77 -5.81
CA SER M 87 -76.57 47.66 -6.62
C SER M 87 -75.53 48.06 -7.65
N GLY M 88 -75.34 49.36 -7.87
CA GLY M 88 -74.35 49.82 -8.84
C GLY M 88 -72.93 49.91 -8.32
N ALA M 89 -72.72 49.70 -7.02
CA ALA M 89 -71.39 49.73 -6.43
C ALA M 89 -70.83 48.33 -6.18
N GLY M 90 -71.68 47.40 -5.76
CA GLY M 90 -71.21 46.04 -5.53
C GLY M 90 -70.66 45.40 -6.79
N ILE M 91 -71.30 45.65 -7.92
CA ILE M 91 -70.83 45.10 -9.19
C ILE M 91 -69.43 45.62 -9.51
N GLY M 92 -69.23 46.94 -9.35
CA GLY M 92 -67.92 47.50 -9.61
C GLY M 92 -66.86 46.94 -8.67
N THR M 93 -67.19 46.82 -7.38
CA THR M 93 -66.23 46.25 -6.44
C THR M 93 -65.89 44.81 -6.81
N VAL M 94 -66.89 44.04 -7.22
CA VAL M 94 -66.67 42.60 -7.57
C VAL M 94 -65.69 42.51 -8.75
N PHE M 95 -66.01 43.14 -9.87
CA PHE M 95 -65.15 43.02 -11.07
C PHE M 95 -63.75 43.57 -10.77
N GLY M 96 -63.66 44.64 -9.98
CA GLY M 96 -62.35 45.20 -9.60
C GLY M 96 -61.51 44.15 -8.91
N SER M 97 -62.10 43.42 -7.95
CA SER M 97 -61.36 42.37 -7.21
C SER M 97 -60.90 41.29 -8.19
N LEU M 98 -61.73 40.96 -9.17
CA LEU M 98 -61.35 39.93 -10.18
C LEU M 98 -60.05 40.37 -10.85
N ILE M 99 -59.97 41.63 -11.29
CA ILE M 99 -58.76 42.12 -12.01
C ILE M 99 -57.53 41.90 -11.14
N ILE M 100 -57.54 42.41 -9.90
CA ILE M 100 -56.33 42.33 -9.03
C ILE M 100 -56.13 40.87 -8.60
N GLY M 101 -57.21 40.15 -8.34
CA GLY M 101 -57.10 38.76 -7.84
C GLY M 101 -56.32 37.88 -8.80
N TYR M 102 -56.63 37.94 -10.10
CA TYR M 102 -55.98 37.04 -11.07
C TYR M 102 -54.61 37.61 -11.47
N ALA M 103 -54.42 38.92 -11.31
CA ALA M 103 -53.15 39.51 -11.72
C ALA M 103 -51.96 38.82 -11.09
N ARG M 104 -52.10 38.39 -9.83
CA ARG M 104 -51.00 37.70 -9.17
C ARG M 104 -50.94 36.21 -9.47
N ASN M 105 -52.06 35.62 -9.90
CA ASN M 105 -52.12 34.21 -10.28
C ASN M 105 -52.76 34.12 -11.66
N PRO M 106 -51.95 34.14 -12.72
CA PRO M 106 -52.52 34.19 -14.08
C PRO M 106 -53.35 32.98 -14.45
N SER M 107 -53.18 31.85 -13.78
CA SER M 107 -53.96 30.66 -14.07
C SER M 107 -55.28 30.70 -13.31
N LEU M 108 -56.06 29.62 -13.40
CA LEU M 108 -57.32 29.48 -12.67
C LEU M 108 -58.32 30.57 -13.05
N LYS M 109 -58.34 30.93 -14.33
CA LYS M 109 -59.24 31.99 -14.79
C LYS M 109 -60.70 31.55 -14.70
N GLN M 110 -60.99 30.28 -15.00
CA GLN M 110 -62.37 29.85 -15.16
C GLN M 110 -63.15 29.90 -13.84
N GLN M 111 -62.56 29.39 -12.76
CA GLN M 111 -63.24 29.41 -11.47
C GLN M 111 -63.46 30.85 -10.98
N LEU M 112 -62.45 31.69 -11.20
CA LEU M 112 -62.55 33.11 -10.83
C LEU M 112 -63.73 33.72 -11.60
N PHE M 113 -63.80 33.47 -12.91
CA PHE M 113 -64.88 34.03 -13.72
C PHE M 113 -66.23 33.54 -13.24
N SER M 114 -66.33 32.26 -12.88
CA SER M 114 -67.58 31.73 -12.37
C SER M 114 -68.00 32.43 -11.08
N TYR M 115 -67.04 32.63 -10.17
CA TYR M 115 -67.36 33.31 -8.91
C TYR M 115 -67.80 34.74 -9.16
N ALA M 116 -67.11 35.43 -10.07
CA ALA M 116 -67.49 36.82 -10.41
C ALA M 116 -68.92 36.83 -10.93
N ILE M 117 -69.23 35.93 -11.87
CA ILE M 117 -70.57 35.89 -12.45
C ILE M 117 -71.61 35.64 -11.37
N LEU M 118 -71.33 34.72 -10.45
CA LEU M 118 -72.26 34.46 -9.36
C LEU M 118 -72.51 35.71 -8.53
N GLY M 119 -71.43 36.42 -8.17
CA GLY M 119 -71.59 37.63 -7.36
C GLY M 119 -72.38 38.70 -8.08
N PHE M 120 -72.07 38.92 -9.37
CA PHE M 120 -72.79 39.93 -10.13
C PHE M 120 -74.27 39.60 -10.25
N ALA M 121 -74.59 38.33 -10.51
CA ALA M 121 -75.99 37.93 -10.60
C ALA M 121 -76.71 38.14 -9.28
N LEU M 122 -76.06 37.78 -8.17
CA LEU M 122 -76.70 37.94 -6.86
C LEU M 122 -76.98 39.41 -6.56
N SER M 123 -76.00 40.28 -6.82
CA SER M 123 -76.20 41.70 -6.55
C SER M 123 -77.30 42.29 -7.43
N GLU M 124 -77.32 41.92 -8.71
CA GLU M 124 -78.34 42.47 -9.59
C GLU M 124 -79.72 41.93 -9.23
N ALA M 125 -79.81 40.70 -8.71
CA ALA M 125 -81.10 40.22 -8.20
C ALA M 125 -81.54 41.03 -7.00
N MET M 126 -80.61 41.37 -6.11
CA MET M 126 -80.95 42.22 -4.98
C MET M 126 -81.48 43.57 -5.45
N GLY M 127 -80.91 44.11 -6.53
CA GLY M 127 -81.45 45.34 -7.11
C GLY M 127 -82.83 45.15 -7.73
N LEU M 128 -83.02 44.03 -8.43
CA LEU M 128 -84.32 43.74 -9.04
C LEU M 128 -85.41 43.62 -7.98
N PHE M 129 -85.05 43.24 -6.76
CA PHE M 129 -86.01 43.27 -5.67
C PHE M 129 -86.62 44.67 -5.51
N CYS M 130 -85.77 45.69 -5.39
CA CYS M 130 -86.27 47.06 -5.23
C CYS M 130 -87.01 47.51 -6.48
N LEU M 131 -86.53 47.10 -7.65
CA LEU M 131 -87.23 47.46 -8.88
C LEU M 131 -88.64 46.89 -8.91
N MET M 132 -88.81 45.65 -8.46
CA MET M 132 -90.13 45.04 -8.41
C MET M 132 -91.03 45.75 -7.40
N VAL M 133 -90.47 46.15 -6.26
CA VAL M 133 -91.27 46.90 -5.29
C VAL M 133 -91.74 48.21 -5.90
N ALA M 134 -90.85 48.90 -6.64
CA ALA M 134 -91.22 50.13 -7.30
C ALA M 134 -92.32 49.90 -8.33
N PHE M 135 -92.23 48.79 -9.08
CA PHE M 135 -93.27 48.45 -10.04
C PHE M 135 -94.61 48.22 -9.35
N LEU M 136 -94.59 47.53 -8.21
CA LEU M 136 -95.83 47.26 -7.49
C LEU M 136 -96.46 48.54 -6.95
N ILE M 137 -95.63 49.49 -6.51
CA ILE M 137 -96.16 50.70 -5.88
C ILE M 137 -97.08 51.45 -6.83
N LEU M 138 -96.73 51.51 -8.12
CA LEU M 138 -97.51 52.30 -9.06
C LEU M 138 -98.94 51.79 -9.19
N PHE M 139 -99.12 50.46 -9.28
CA PHE M 139 -100.44 49.88 -9.46
C PHE M 139 -101.01 49.39 -8.14
N ILE N 68 -102.19 70.76 -9.07
CA ILE N 68 -101.75 69.83 -8.03
C ILE N 68 -101.02 68.64 -8.67
N ASP N 69 -101.52 68.17 -9.80
CA ASP N 69 -100.88 67.06 -10.49
C ASP N 69 -99.48 67.44 -10.96
N THR N 70 -99.33 68.64 -11.53
CA THR N 70 -98.01 69.13 -11.89
C THR N 70 -97.17 69.40 -10.66
N ALA N 71 -97.79 69.93 -9.59
CA ALA N 71 -97.07 70.18 -8.36
C ALA N 71 -96.53 68.88 -7.76
N ALA N 72 -97.33 67.82 -7.78
CA ALA N 72 -96.87 66.51 -7.31
C ALA N 72 -95.93 65.84 -8.31
N LYS N 73 -95.84 66.34 -9.53
CA LYS N 73 -94.82 65.88 -10.46
C LYS N 73 -93.56 66.74 -10.32
N PHE N 74 -92.49 66.29 -10.99
CA PHE N 74 -91.20 66.96 -11.02
C PHE N 74 -90.48 66.81 -9.68
N ILE N 75 -91.15 66.24 -8.69
CA ILE N 75 -90.48 65.93 -7.43
C ILE N 75 -90.03 64.48 -7.42
N GLY N 76 -90.84 63.58 -7.96
CA GLY N 76 -90.36 62.23 -8.22
C GLY N 76 -89.25 62.21 -9.27
N ALA N 77 -89.38 63.08 -10.28
CA ALA N 77 -88.32 63.20 -11.28
C ALA N 77 -87.02 63.67 -10.65
N GLY N 78 -87.10 64.63 -9.72
CA GLY N 78 -85.91 65.07 -9.01
C GLY N 78 -85.35 63.98 -8.11
N ALA N 79 -86.22 63.21 -7.46
CA ALA N 79 -85.76 62.14 -6.58
C ALA N 79 -85.25 60.94 -7.34
N ALA N 80 -85.61 60.80 -8.61
CA ALA N 80 -85.20 59.64 -9.40
C ALA N 80 -83.84 59.82 -10.05
N THR N 81 -83.27 61.01 -10.02
CA THR N 81 -81.95 61.26 -10.60
C THR N 81 -80.83 61.12 -9.60
N VAL N 82 -81.15 60.83 -8.33
CA VAL N 82 -80.11 60.63 -7.31
C VAL N 82 -79.49 59.24 -7.40
N GLY N 83 -79.94 58.40 -8.33
CA GLY N 83 -79.43 57.06 -8.47
C GLY N 83 -78.12 56.93 -9.21
N VAL N 84 -77.55 58.04 -9.69
CA VAL N 84 -76.30 57.99 -10.42
C VAL N 84 -75.09 57.92 -9.49
N ALA N 85 -75.28 58.10 -8.18
CA ALA N 85 -74.15 58.08 -7.27
C ALA N 85 -73.47 56.73 -7.25
N GLY N 86 -74.25 55.64 -7.20
CA GLY N 86 -73.65 54.32 -7.18
C GLY N 86 -72.86 54.01 -8.43
N SER N 87 -73.37 54.42 -9.58
CA SER N 87 -72.65 54.21 -10.84
C SER N 87 -71.32 54.94 -10.83
N GLY N 88 -71.30 56.19 -10.34
CA GLY N 88 -70.05 56.91 -10.23
C GLY N 88 -69.07 56.23 -9.29
N ALA N 89 -69.56 55.76 -8.14
CA ALA N 89 -68.67 55.07 -7.21
C ALA N 89 -68.08 53.81 -7.82
N GLY N 90 -68.91 53.02 -8.52
CA GLY N 90 -68.39 51.82 -9.15
C GLY N 90 -67.40 52.11 -10.26
N ILE N 91 -67.69 53.12 -11.08
CA ILE N 91 -66.79 53.48 -12.16
C ILE N 91 -65.45 53.97 -11.60
N GLY N 92 -65.48 54.65 -10.45
CA GLY N 92 -64.23 54.98 -9.80
C GLY N 92 -63.50 53.76 -9.28
N THR N 93 -64.23 52.83 -8.66
CA THR N 93 -63.61 51.67 -8.02
C THR N 93 -62.93 50.77 -9.03
N VAL N 94 -63.55 50.55 -10.19
CA VAL N 94 -62.99 49.58 -11.17
C VAL N 94 -61.65 50.09 -11.71
N PHE N 95 -61.62 51.31 -12.26
CA PHE N 95 -60.36 51.82 -12.88
C PHE N 95 -59.24 51.84 -11.84
N GLY N 96 -59.57 52.15 -10.59
CA GLY N 96 -58.55 52.15 -9.52
C GLY N 96 -57.94 50.77 -9.37
N SER N 97 -58.75 49.73 -9.33
CA SER N 97 -58.25 48.35 -9.16
C SER N 97 -57.31 47.99 -10.32
N LEU N 98 -57.63 48.47 -11.53
CA LEU N 98 -56.79 48.17 -12.71
C LEU N 98 -55.39 48.77 -12.51
N ILE N 99 -55.31 50.01 -12.02
CA ILE N 99 -53.99 50.67 -11.85
C ILE N 99 -53.08 49.77 -11.01
N ILE N 100 -53.50 49.43 -9.79
CA ILE N 100 -52.63 48.63 -8.88
C ILE N 100 -52.39 47.25 -9.50
N GLY N 101 -53.39 46.69 -10.17
CA GLY N 101 -53.23 45.38 -10.83
C GLY N 101 -52.16 45.44 -11.90
N TYR N 102 -52.17 46.48 -12.73
CA TYR N 102 -51.16 46.63 -13.80
C TYR N 102 -49.77 46.74 -13.16
N ALA N 103 -49.66 47.54 -12.09
CA ALA N 103 -48.35 47.73 -11.50
C ALA N 103 -47.78 46.43 -10.96
N ARG N 104 -48.65 45.50 -10.56
CA ARG N 104 -48.18 44.22 -10.05
C ARG N 104 -47.50 43.39 -11.13
N ASN N 105 -48.06 43.37 -12.34
CA ASN N 105 -47.56 42.51 -13.41
C ASN N 105 -47.83 43.18 -14.74
N PRO N 106 -46.84 43.90 -15.29
CA PRO N 106 -47.05 44.59 -16.56
C PRO N 106 -47.30 43.66 -17.73
N SER N 107 -46.94 42.38 -17.63
CA SER N 107 -47.05 41.48 -18.78
C SER N 107 -48.50 41.30 -19.21
N LEU N 108 -49.41 41.11 -18.27
CA LEU N 108 -50.82 40.87 -18.58
C LEU N 108 -51.53 42.22 -18.62
N LYS N 109 -51.57 42.83 -19.80
CA LYS N 109 -52.14 44.14 -19.99
C LYS N 109 -53.42 44.14 -20.81
N GLN N 110 -53.40 43.48 -21.98
CA GLN N 110 -54.57 43.49 -22.86
C GLN N 110 -55.77 42.84 -22.19
N GLN N 111 -55.57 41.70 -21.52
CA GLN N 111 -56.66 41.05 -20.83
C GLN N 111 -57.20 41.92 -19.71
N LEU N 112 -56.29 42.56 -18.97
CA LEU N 112 -56.72 43.49 -17.89
C LEU N 112 -57.61 44.57 -18.50
N PHE N 113 -57.15 45.19 -19.61
CA PHE N 113 -57.91 46.27 -20.22
C PHE N 113 -59.28 45.79 -20.69
N SER N 114 -59.34 44.58 -21.25
CA SER N 114 -60.63 44.03 -21.66
C SER N 114 -61.56 43.85 -20.48
N TYR N 115 -61.05 43.31 -19.38
CA TYR N 115 -61.87 43.14 -18.18
C TYR N 115 -62.35 44.49 -17.65
N ALA N 116 -61.45 45.47 -17.62
CA ALA N 116 -61.83 46.82 -17.13
C ALA N 116 -62.95 47.37 -18.02
N ILE N 117 -62.78 47.30 -19.34
CA ILE N 117 -63.78 47.85 -20.25
C ILE N 117 -65.12 47.17 -20.04
N LEU N 118 -65.12 45.85 -19.89
CA LEU N 118 -66.36 45.12 -19.65
C LEU N 118 -67.02 45.60 -18.36
N GLY N 119 -66.23 45.73 -17.29
CA GLY N 119 -66.79 46.17 -16.02
C GLY N 119 -67.36 47.58 -16.09
N PHE N 120 -66.62 48.51 -16.70
CA PHE N 120 -67.11 49.87 -16.82
C PHE N 120 -68.38 49.95 -17.66
N ALA N 121 -68.42 49.20 -18.77
CA ALA N 121 -69.61 49.21 -19.61
C ALA N 121 -70.82 48.68 -18.84
N LEU N 122 -70.65 47.58 -18.12
CA LEU N 122 -71.76 47.02 -17.36
C LEU N 122 -72.23 47.99 -16.27
N SER N 123 -71.28 48.60 -15.56
CA SER N 123 -71.64 49.52 -14.48
C SER N 123 -72.38 50.74 -15.01
N GLU N 124 -71.90 51.31 -16.12
CA GLU N 124 -72.58 52.46 -16.69
C GLU N 124 -73.95 52.08 -17.24
N ALA N 125 -74.08 50.87 -17.81
CA ALA N 125 -75.38 50.41 -18.26
C ALA N 125 -76.37 50.31 -17.11
N MET N 126 -75.91 49.82 -15.95
CA MET N 126 -76.78 49.77 -14.78
C MET N 126 -77.16 51.17 -14.31
N GLY N 127 -76.22 52.12 -14.38
CA GLY N 127 -76.48 53.45 -13.87
C GLY N 127 -77.51 54.21 -14.66
N LEU N 128 -77.52 54.07 -15.98
CA LEU N 128 -78.39 54.85 -16.84
C LEU N 128 -79.86 54.53 -16.66
N PHE N 129 -80.20 53.45 -15.96
CA PHE N 129 -81.60 53.09 -15.77
C PHE N 129 -82.35 54.17 -15.01
N CYS N 130 -81.71 54.78 -14.01
CA CYS N 130 -82.36 55.84 -13.26
C CYS N 130 -82.69 57.04 -14.13
N LEU N 131 -81.76 57.42 -15.02
CA LEU N 131 -82.04 58.52 -15.93
C LEU N 131 -83.21 58.22 -16.84
N MET N 132 -83.29 56.98 -17.33
CA MET N 132 -84.41 56.59 -18.20
C MET N 132 -85.73 56.69 -17.47
N VAL N 133 -85.78 56.21 -16.23
CA VAL N 133 -87.01 56.28 -15.45
C VAL N 133 -87.40 57.73 -15.19
N ALA N 134 -86.42 58.56 -14.82
CA ALA N 134 -86.71 59.97 -14.57
C ALA N 134 -87.25 60.65 -15.82
N PHE N 135 -86.64 60.40 -16.97
CA PHE N 135 -87.11 61.03 -18.20
C PHE N 135 -88.50 60.54 -18.59
N LEU N 136 -88.76 59.24 -18.46
CA LEU N 136 -90.06 58.73 -18.88
C LEU N 136 -91.17 59.22 -17.94
N ILE N 137 -90.87 59.35 -16.65
CA ILE N 137 -91.85 59.93 -15.74
C ILE N 137 -92.04 61.41 -16.05
N LEU N 138 -90.95 62.09 -16.42
CA LEU N 138 -91.03 63.52 -16.73
C LEU N 138 -91.95 63.78 -17.92
N PHE N 139 -91.84 62.97 -18.96
CA PHE N 139 -92.71 63.11 -20.13
C PHE N 139 -93.66 61.93 -20.24
N ILE O 68 -98.29 77.09 -7.05
CA ILE O 68 -97.75 76.06 -6.18
C ILE O 68 -96.71 75.24 -6.94
N ASP O 69 -96.70 75.41 -8.27
CA ASP O 69 -95.73 74.71 -9.10
C ASP O 69 -94.31 75.19 -8.84
N THR O 70 -94.14 76.45 -8.46
CA THR O 70 -92.79 76.95 -8.17
C THR O 70 -92.18 76.20 -6.99
N ALA O 71 -93.00 75.91 -5.98
CA ALA O 71 -92.52 75.09 -4.87
C ALA O 71 -92.04 73.73 -5.36
N ALA O 72 -92.79 73.11 -6.28
CA ALA O 72 -92.38 71.84 -6.83
C ALA O 72 -91.05 71.97 -7.56
N LYS O 73 -90.88 73.03 -8.35
CA LYS O 73 -89.63 73.25 -9.05
C LYS O 73 -88.46 73.37 -8.07
N PHE O 74 -88.64 74.16 -7.01
CA PHE O 74 -87.58 74.37 -6.05
C PHE O 74 -87.19 73.08 -5.34
N ILE O 75 -88.19 72.34 -4.85
CA ILE O 75 -87.85 71.12 -4.10
C ILE O 75 -87.32 70.04 -5.02
N GLY O 76 -87.79 69.98 -6.27
CA GLY O 76 -87.23 69.02 -7.21
C GLY O 76 -85.79 69.33 -7.56
N ALA O 77 -85.46 70.61 -7.75
CA ALA O 77 -84.08 70.99 -7.97
C ALA O 77 -83.22 70.66 -6.76
N GLY O 78 -83.73 70.91 -5.56
CA GLY O 78 -83.00 70.57 -4.35
C GLY O 78 -82.76 69.08 -4.20
N ALA O 79 -83.72 68.26 -4.62
CA ALA O 79 -83.59 66.81 -4.47
C ALA O 79 -82.61 66.23 -5.48
N ALA O 80 -82.61 66.76 -6.70
CA ALA O 80 -81.71 66.25 -7.74
C ALA O 80 -80.27 66.66 -7.53
N THR O 81 -80.00 67.60 -6.63
CA THR O 81 -78.63 68.05 -6.39
C THR O 81 -77.78 66.99 -5.71
N VAL O 82 -78.40 66.04 -5.00
CA VAL O 82 -77.69 65.09 -4.16
C VAL O 82 -76.98 64.03 -5.02
N GLY O 83 -77.11 64.16 -6.35
CA GLY O 83 -76.51 63.18 -7.23
C GLY O 83 -75.01 63.26 -7.40
N VAL O 84 -74.36 64.25 -6.78
CA VAL O 84 -72.92 64.45 -6.95
C VAL O 84 -72.11 63.72 -5.89
N ALA O 85 -72.75 63.10 -4.90
CA ALA O 85 -71.99 62.40 -3.87
C ALA O 85 -71.18 61.26 -4.45
N GLY O 86 -71.74 60.56 -5.43
CA GLY O 86 -71.03 59.44 -6.02
C GLY O 86 -69.73 59.86 -6.67
N SER O 87 -69.74 60.97 -7.41
CA SER O 87 -68.52 61.43 -8.07
C SER O 87 -67.48 61.86 -7.05
N GLY O 88 -67.89 62.59 -6.02
CA GLY O 88 -66.95 63.03 -5.00
C GLY O 88 -66.33 61.86 -4.26
N ALA O 89 -67.11 60.82 -4.00
CA ALA O 89 -66.56 59.64 -3.35
C ALA O 89 -65.70 58.81 -4.31
N GLY O 90 -66.02 58.81 -5.59
CA GLY O 90 -65.26 58.03 -6.55
C GLY O 90 -63.91 58.65 -6.88
N ILE O 91 -63.83 59.98 -6.86
CA ILE O 91 -62.59 60.65 -7.25
C ILE O 91 -61.44 60.21 -6.34
N GLY O 92 -61.69 60.10 -5.04
CA GLY O 92 -60.61 59.81 -4.10
C GLY O 92 -59.98 58.44 -4.28
N THR O 93 -60.76 57.45 -4.68
CA THR O 93 -60.22 56.09 -4.78
C THR O 93 -59.21 56.00 -5.91
N VAL O 94 -59.48 56.70 -7.01
CA VAL O 94 -58.56 56.65 -8.19
C VAL O 94 -57.21 57.25 -7.77
N PHE O 95 -57.22 58.48 -7.26
CA PHE O 95 -55.95 59.15 -6.86
C PHE O 95 -55.28 58.34 -5.76
N GLY O 96 -56.07 57.82 -4.81
CA GLY O 96 -55.50 56.99 -3.74
C GLY O 96 -54.80 55.77 -4.30
N SER O 97 -55.48 55.03 -5.19
CA SER O 97 -54.86 53.83 -5.82
C SER O 97 -53.55 54.23 -6.49
N LEU O 98 -53.50 55.41 -7.12
CA LEU O 98 -52.30 55.82 -7.88
C LEU O 98 -51.08 55.85 -6.94
N ILE O 99 -51.24 56.44 -5.75
CA ILE O 99 -50.09 56.56 -4.81
C ILE O 99 -49.57 55.15 -4.49
N ILE O 100 -50.46 54.22 -4.18
CA ILE O 100 -50.04 52.83 -3.79
C ILE O 100 -49.29 52.19 -4.97
N GLY O 101 -49.86 52.27 -6.18
CA GLY O 101 -49.25 51.62 -7.36
C GLY O 101 -47.87 52.20 -7.66
N TYR O 102 -47.71 53.51 -7.47
CA TYR O 102 -46.42 54.17 -7.78
C TYR O 102 -45.35 53.73 -6.78
N ALA O 103 -45.73 53.59 -5.50
CA ALA O 103 -44.73 53.25 -4.47
C ALA O 103 -44.00 51.94 -4.81
N ARG O 104 -44.74 50.90 -5.19
CA ARG O 104 -44.09 49.57 -5.45
C ARG O 104 -43.20 49.63 -6.69
N ASN O 105 -43.67 50.27 -7.77
CA ASN O 105 -42.89 50.30 -9.03
C ASN O 105 -42.79 51.74 -9.55
N PRO O 106 -41.85 52.57 -9.05
CA PRO O 106 -41.76 53.97 -9.45
C PRO O 106 -41.46 54.12 -10.95
N SER O 107 -40.60 53.26 -11.50
CA SER O 107 -40.19 53.38 -12.93
C SER O 107 -41.39 53.72 -13.83
N LEU O 108 -42.37 52.82 -13.92
CA LEU O 108 -43.49 53.03 -14.83
C LEU O 108 -44.42 54.14 -14.35
N LYS O 109 -43.84 55.31 -14.07
CA LYS O 109 -44.64 56.44 -13.55
C LYS O 109 -45.51 57.04 -14.66
N GLN O 110 -45.10 56.92 -15.92
CA GLN O 110 -45.83 57.58 -16.99
C GLN O 110 -47.16 56.91 -17.27
N GLN O 111 -47.15 55.59 -17.46
CA GLN O 111 -48.40 54.89 -17.89
C GLN O 111 -49.49 55.00 -16.81
N LEU O 112 -49.12 54.91 -15.53
CA LEU O 112 -50.14 54.91 -14.45
C LEU O 112 -51.06 56.13 -14.58
N PHE O 113 -50.56 57.24 -15.14
CA PHE O 113 -51.36 58.49 -15.20
C PHE O 113 -52.54 58.37 -16.18
N SER O 114 -52.28 58.02 -17.44
CA SER O 114 -53.34 58.00 -18.44
C SER O 114 -54.59 57.35 -17.88
N TYR O 115 -54.44 56.18 -17.24
CA TYR O 115 -55.59 55.51 -16.65
C TYR O 115 -56.20 56.33 -15.54
N ALA O 116 -55.35 56.93 -14.71
CA ALA O 116 -55.85 57.74 -13.57
C ALA O 116 -56.72 58.90 -14.10
N ILE O 117 -56.21 59.62 -15.11
CA ILE O 117 -56.92 60.78 -15.62
C ILE O 117 -58.17 60.35 -16.40
N LEU O 118 -58.13 59.18 -17.04
CA LEU O 118 -59.33 58.66 -17.70
C LEU O 118 -60.43 58.42 -16.68
N GLY O 119 -60.11 57.76 -15.58
CA GLY O 119 -61.10 57.54 -14.53
C GLY O 119 -61.64 58.82 -13.96
N PHE O 120 -60.75 59.80 -13.71
CA PHE O 120 -61.20 61.07 -13.17
C PHE O 120 -62.14 61.79 -14.13
N ALA O 121 -61.81 61.79 -15.43
CA ALA O 121 -62.67 62.45 -16.41
C ALA O 121 -64.04 61.79 -16.46
N LEU O 122 -64.07 60.44 -16.43
CA LEU O 122 -65.35 59.75 -16.45
C LEU O 122 -66.20 60.12 -15.23
N SER O 123 -65.58 60.14 -14.04
CA SER O 123 -66.33 60.45 -12.84
C SER O 123 -66.87 61.89 -12.87
N GLU O 124 -66.04 62.84 -13.28
CA GLU O 124 -66.51 64.22 -13.31
C GLU O 124 -67.60 64.42 -14.36
N ALA O 125 -67.54 63.69 -15.48
CA ALA O 125 -68.64 63.75 -16.44
C ALA O 125 -69.93 63.22 -15.83
N MET O 126 -69.84 62.13 -15.08
CA MET O 126 -71.04 61.58 -14.45
C MET O 126 -71.65 62.57 -13.46
N GLY O 127 -70.81 63.29 -12.71
CA GLY O 127 -71.33 64.34 -11.85
C GLY O 127 -71.95 65.50 -12.61
N LEU O 128 -71.29 65.93 -13.69
CA LEU O 128 -71.78 67.03 -14.49
C LEU O 128 -73.14 66.70 -15.10
N PHE O 129 -73.42 65.42 -15.35
CA PHE O 129 -74.75 65.05 -15.84
C PHE O 129 -75.84 65.43 -14.84
N CYS O 130 -75.65 65.09 -13.57
CA CYS O 130 -76.62 65.45 -12.54
C CYS O 130 -76.73 66.96 -12.40
N LEU O 131 -75.60 67.66 -12.48
CA LEU O 131 -75.66 69.12 -12.47
C LEU O 131 -76.54 69.64 -13.59
N MET O 132 -76.36 69.09 -14.80
CA MET O 132 -77.12 69.55 -15.95
C MET O 132 -78.61 69.28 -15.79
N VAL O 133 -78.98 68.10 -15.29
CA VAL O 133 -80.40 67.79 -15.14
C VAL O 133 -81.03 68.68 -14.07
N ALA O 134 -80.29 68.97 -13.00
CA ALA O 134 -80.82 69.88 -11.98
C ALA O 134 -81.02 71.28 -12.57
N PHE O 135 -80.06 71.77 -13.36
CA PHE O 135 -80.22 73.07 -13.98
C PHE O 135 -81.40 73.10 -14.93
N LEU O 136 -81.59 72.04 -15.71
CA LEU O 136 -82.73 71.99 -16.62
C LEU O 136 -84.05 72.02 -15.86
N ILE O 137 -84.14 71.27 -14.76
CA ILE O 137 -85.38 71.28 -13.97
C ILE O 137 -85.63 72.66 -13.38
N LEU O 138 -84.59 73.30 -12.85
CA LEU O 138 -84.78 74.61 -12.24
C LEU O 138 -85.13 75.69 -13.25
N PHE O 139 -84.88 75.46 -14.53
CA PHE O 139 -85.22 76.43 -15.57
C PHE O 139 -85.96 75.77 -16.72
N ILE P 68 -95.80 81.11 0.73
CA ILE P 68 -95.67 79.69 0.45
C ILE P 68 -94.32 79.40 -0.20
N ASP P 69 -93.95 80.26 -1.16
CA ASP P 69 -92.69 80.05 -1.88
C ASP P 69 -91.49 80.10 -0.97
N THR P 70 -91.55 80.89 0.11
CA THR P 70 -90.44 80.98 1.04
C THR P 70 -90.17 79.65 1.73
N ALA P 71 -91.23 78.94 2.12
CA ALA P 71 -91.05 77.64 2.77
C ALA P 71 -90.38 76.65 1.82
N ALA P 72 -90.82 76.62 0.57
CA ALA P 72 -90.19 75.74 -0.41
C ALA P 72 -88.73 76.14 -0.63
N LYS P 73 -88.44 77.44 -0.65
CA LYS P 73 -87.07 77.89 -0.78
C LYS P 73 -86.21 77.36 0.36
N PHE P 74 -86.71 77.46 1.59
CA PHE P 74 -85.97 76.97 2.73
C PHE P 74 -85.74 75.46 2.66
N ILE P 75 -86.78 74.71 2.30
CA ILE P 75 -86.66 73.26 2.23
C ILE P 75 -85.65 72.86 1.16
N GLY P 76 -85.73 73.49 -0.02
CA GLY P 76 -84.79 73.16 -1.08
C GLY P 76 -83.36 73.54 -0.74
N ALA P 77 -83.17 74.68 -0.08
CA ALA P 77 -81.83 75.07 0.34
C ALA P 77 -81.28 74.08 1.36
N GLY P 78 -82.11 73.63 2.30
CA GLY P 78 -81.66 72.65 3.27
C GLY P 78 -81.31 71.31 2.65
N ALA P 79 -82.10 70.88 1.67
CA ALA P 79 -81.87 69.58 1.05
C ALA P 79 -80.65 69.56 0.14
N ALA P 80 -80.23 70.72 -0.38
CA ALA P 80 -79.15 70.75 -1.35
C ALA P 80 -77.81 70.38 -0.74
N THR P 81 -77.60 70.72 0.53
CA THR P 81 -76.29 70.54 1.15
C THR P 81 -75.96 69.08 1.45
N VAL P 82 -76.90 68.15 1.25
CA VAL P 82 -76.68 66.76 1.60
C VAL P 82 -75.53 66.18 0.78
N GLY P 83 -75.42 66.57 -0.50
CA GLY P 83 -74.48 65.96 -1.41
C GLY P 83 -73.02 66.18 -1.08
N VAL P 84 -72.71 67.07 -0.13
CA VAL P 84 -71.31 67.37 0.19
C VAL P 84 -70.65 66.28 1.01
N ALA P 85 -71.36 65.21 1.35
CA ALA P 85 -70.76 64.13 2.13
C ALA P 85 -69.72 63.36 1.33
N GLY P 86 -69.71 63.50 0.00
CA GLY P 86 -68.74 62.75 -0.80
C GLY P 86 -67.31 63.16 -0.52
N SER P 87 -67.05 64.45 -0.39
CA SER P 87 -65.69 64.92 -0.14
C SER P 87 -65.16 64.41 1.20
N GLY P 88 -65.99 64.46 2.23
CA GLY P 88 -65.58 63.97 3.53
C GLY P 88 -65.24 62.49 3.51
N ALA P 89 -65.94 61.71 2.69
CA ALA P 89 -65.62 60.29 2.56
C ALA P 89 -64.30 60.10 1.81
N GLY P 90 -64.03 60.93 0.80
CA GLY P 90 -62.86 60.74 -0.03
C GLY P 90 -61.56 61.20 0.59
N ILE P 91 -61.62 62.23 1.44
CA ILE P 91 -60.39 62.74 2.06
C ILE P 91 -59.75 61.68 2.93
N GLY P 92 -60.56 60.95 3.70
CA GLY P 92 -60.02 59.89 4.53
C GLY P 92 -59.35 58.81 3.72
N THR P 93 -59.96 58.41 2.61
CA THR P 93 -59.35 57.41 1.74
C THR P 93 -58.03 57.91 1.17
N VAL P 94 -58.00 59.18 0.75
CA VAL P 94 -56.77 59.76 0.13
C VAL P 94 -55.62 59.72 1.15
N PHE P 95 -55.80 60.36 2.31
CA PHE P 95 -54.72 60.43 3.32
C PHE P 95 -54.41 59.02 3.81
N GLY P 96 -55.41 58.14 3.84
CA GLY P 96 -55.16 56.74 4.23
C GLY P 96 -54.19 56.08 3.27
N SER P 97 -54.36 56.31 1.97
CA SER P 97 -53.43 55.76 0.96
C SER P 97 -52.01 56.28 1.23
N LEU P 98 -51.89 57.56 1.61
CA LEU P 98 -50.55 58.14 1.88
C LEU P 98 -49.86 57.33 2.99
N ILE P 99 -50.58 57.07 4.08
CA ILE P 99 -49.96 56.34 5.23
C ILE P 99 -49.43 54.99 4.74
N ILE P 100 -50.28 54.18 4.11
CA ILE P 100 -49.86 52.81 3.69
C ILE P 100 -48.80 52.94 2.58
N GLY P 101 -48.92 53.95 1.73
CA GLY P 101 -47.93 54.16 0.65
C GLY P 101 -46.57 54.53 1.22
N TYR P 102 -46.54 55.46 2.18
CA TYR P 102 -45.25 55.87 2.80
C TYR P 102 -44.65 54.67 3.54
N ALA P 103 -45.50 53.76 4.02
CA ALA P 103 -44.98 52.59 4.74
C ALA P 103 -43.86 51.93 3.92
N ARG P 104 -44.00 51.91 2.59
CA ARG P 104 -42.95 51.34 1.71
C ARG P 104 -42.11 52.48 1.13
N ASN P 105 -40.88 52.18 0.70
CA ASN P 105 -40.00 53.21 0.08
C ASN P 105 -40.25 54.57 0.73
N PRO P 106 -39.93 54.76 2.04
CA PRO P 106 -40.23 56.00 2.73
C PRO P 106 -39.51 57.21 2.10
N SER P 107 -38.25 57.04 1.72
CA SER P 107 -37.46 58.19 1.19
C SER P 107 -38.19 58.83 0.02
N LEU P 108 -38.76 58.03 -0.88
CA LEU P 108 -39.58 58.59 -1.99
C LEU P 108 -40.84 59.19 -1.35
N LYS P 109 -40.77 60.45 -0.90
CA LYS P 109 -41.93 61.05 -0.18
C LYS P 109 -42.45 62.28 -0.93
N GLN P 110 -41.54 63.09 -1.49
CA GLN P 110 -41.98 64.36 -2.12
C GLN P 110 -43.07 64.09 -3.17
N GLN P 111 -42.82 63.14 -4.08
CA GLN P 111 -43.81 62.88 -5.17
C GLN P 111 -45.12 62.39 -4.56
N LEU P 112 -45.03 61.52 -3.54
CA LEU P 112 -46.26 60.96 -2.92
C LEU P 112 -47.12 62.12 -2.39
N PHE P 113 -46.52 63.05 -1.65
CA PHE P 113 -47.29 64.16 -1.05
C PHE P 113 -47.90 64.99 -2.19
N SER P 114 -47.13 65.22 -3.24
CA SER P 114 -47.64 66.04 -4.38
C SER P 114 -48.92 65.40 -4.93
N TYR P 115 -48.89 64.09 -5.21
CA TYR P 115 -50.06 63.40 -5.81
C TYR P 115 -51.29 63.65 -4.93
N ALA P 116 -51.17 63.44 -3.62
CA ALA P 116 -52.32 63.60 -2.70
C ALA P 116 -52.90 65.00 -2.82
N ILE P 117 -52.06 66.02 -2.56
CA ILE P 117 -52.53 67.41 -2.61
C ILE P 117 -53.50 67.60 -3.76
N LEU P 118 -53.16 67.07 -4.94
CA LEU P 118 -54.03 67.22 -6.10
C LEU P 118 -55.39 66.56 -5.87
N GLY P 119 -55.39 65.35 -5.32
CA GLY P 119 -56.65 64.67 -5.06
C GLY P 119 -57.51 65.41 -4.05
N PHE P 120 -56.90 65.88 -2.96
CA PHE P 120 -57.65 66.66 -1.98
C PHE P 120 -58.23 67.91 -2.60
N ALA P 121 -57.44 68.62 -3.42
CA ALA P 121 -57.93 69.82 -4.05
C ALA P 121 -59.11 69.53 -4.97
N LEU P 122 -59.02 68.46 -5.77
CA LEU P 122 -60.12 68.14 -6.67
C LEU P 122 -61.37 67.74 -5.92
N SER P 123 -61.23 66.94 -4.85
CA SER P 123 -62.39 66.53 -4.07
C SER P 123 -63.08 67.73 -3.44
N GLU P 124 -62.29 68.63 -2.85
CA GLU P 124 -62.88 69.82 -2.23
C GLU P 124 -63.48 70.75 -3.28
N ALA P 125 -62.88 70.82 -4.47
CA ALA P 125 -63.46 71.63 -5.54
C ALA P 125 -64.82 71.08 -5.95
N MET P 126 -64.94 69.75 -6.07
CA MET P 126 -66.23 69.16 -6.37
C MET P 126 -67.24 69.45 -5.26
N GLY P 127 -66.81 69.35 -4.00
CA GLY P 127 -67.70 69.64 -2.90
C GLY P 127 -68.20 71.07 -2.92
N LEU P 128 -67.30 72.03 -3.17
CA LEU P 128 -67.70 73.43 -3.26
C LEU P 128 -68.62 73.67 -4.44
N PHE P 129 -68.34 73.03 -5.58
CA PHE P 129 -69.21 73.16 -6.75
C PHE P 129 -70.61 72.68 -6.42
N CYS P 130 -70.73 71.62 -5.62
CA CYS P 130 -72.04 71.17 -5.17
C CYS P 130 -72.72 72.22 -4.30
N LEU P 131 -71.95 72.87 -3.41
CA LEU P 131 -72.54 73.74 -2.40
C LEU P 131 -73.13 75.01 -3.00
N MET P 132 -72.44 75.61 -3.99
CA MET P 132 -72.78 76.96 -4.43
C MET P 132 -74.22 77.07 -4.89
N VAL P 133 -74.81 75.98 -5.37
CA VAL P 133 -76.21 76.04 -5.82
C VAL P 133 -77.15 76.34 -4.67
N ALA P 134 -76.76 75.97 -3.44
CA ALA P 134 -77.62 76.25 -2.29
C ALA P 134 -77.73 77.76 -2.05
N PHE P 135 -76.60 78.47 -2.07
CA PHE P 135 -76.65 79.92 -1.92
C PHE P 135 -77.35 80.56 -3.11
N LEU P 136 -77.12 80.02 -4.32
CA LEU P 136 -77.79 80.56 -5.50
C LEU P 136 -79.30 80.45 -5.39
N ILE P 137 -79.80 79.28 -4.98
CA ILE P 137 -81.24 79.10 -4.88
C ILE P 137 -81.80 79.87 -3.70
N LEU P 138 -81.03 80.03 -2.62
CA LEU P 138 -81.51 80.80 -1.49
C LEU P 138 -81.65 82.28 -1.85
N PHE P 139 -80.74 82.80 -2.66
CA PHE P 139 -80.80 84.19 -3.08
C PHE P 139 -80.64 84.31 -4.59
N PHE Q 24 65.11 -42.76 -29.64
CA PHE Q 24 66.07 -43.04 -28.58
C PHE Q 24 66.24 -44.55 -28.39
N ALA Q 25 67.49 -45.01 -28.37
CA ALA Q 25 67.75 -46.43 -28.19
C ALA Q 25 67.37 -46.88 -26.79
N LYS Q 26 66.88 -48.11 -26.69
CA LYS Q 26 66.47 -48.66 -25.40
C LYS Q 26 67.69 -48.96 -24.55
N LEU Q 27 67.49 -48.93 -23.23
CA LEU Q 27 68.57 -49.11 -22.27
C LEU Q 27 68.24 -50.27 -21.33
N VAL Q 28 69.30 -50.86 -20.77
CA VAL Q 28 69.16 -51.96 -19.82
C VAL Q 28 68.74 -51.39 -18.47
N ARG Q 29 67.73 -52.01 -17.86
CA ARG Q 29 67.15 -51.52 -16.62
C ARG Q 29 67.87 -52.14 -15.42
N PRO Q 30 68.38 -51.32 -14.49
CA PRO Q 30 68.92 -51.87 -13.26
C PRO Q 30 67.81 -52.47 -12.41
N PRO Q 31 68.13 -53.47 -11.58
CA PRO Q 31 67.08 -54.13 -10.78
C PRO Q 31 66.50 -53.25 -9.68
N VAL Q 32 67.35 -52.59 -8.89
CA VAL Q 32 66.87 -51.90 -7.71
C VAL Q 32 66.01 -50.69 -8.08
N GLN Q 33 66.44 -49.92 -9.07
CA GLN Q 33 65.65 -48.82 -9.65
C GLN Q 33 65.29 -47.77 -8.59
N ILE Q 34 66.31 -47.08 -8.11
CA ILE Q 34 66.13 -45.95 -7.20
C ILE Q 34 65.79 -44.71 -8.02
N TYR Q 35 65.29 -43.67 -7.35
CA TYR Q 35 64.77 -42.49 -8.02
C TYR Q 35 65.43 -41.23 -7.47
N GLY Q 36 65.42 -40.18 -8.28
CA GLY Q 36 66.07 -38.93 -7.98
C GLY Q 36 67.08 -38.58 -9.06
N ILE Q 37 67.69 -37.40 -8.88
CA ILE Q 37 68.71 -36.93 -9.82
C ILE Q 37 69.90 -37.88 -9.81
N GLU Q 38 70.35 -38.26 -8.60
CA GLU Q 38 71.37 -39.29 -8.48
C GLU Q 38 70.89 -40.60 -9.10
N GLY Q 39 69.61 -40.92 -8.93
CA GLY Q 39 69.07 -42.10 -9.57
C GLY Q 39 69.16 -42.03 -11.08
N ARG Q 40 68.85 -40.86 -11.66
CA ARG Q 40 68.95 -40.69 -13.11
C ARG Q 40 70.37 -40.91 -13.58
N TYR Q 41 71.33 -40.24 -12.95
CA TYR Q 41 72.72 -40.38 -13.39
C TYR Q 41 73.22 -41.81 -13.20
N ALA Q 42 72.87 -42.45 -12.08
CA ALA Q 42 73.32 -43.82 -11.84
C ALA Q 42 72.72 -44.79 -12.85
N THR Q 43 71.43 -44.61 -13.19
CA THR Q 43 70.81 -45.47 -14.18
C THR Q 43 71.45 -45.30 -15.55
N ALA Q 44 71.74 -44.04 -15.94
CA ALA Q 44 72.42 -43.83 -17.22
C ALA Q 44 73.79 -44.47 -17.22
N LEU Q 45 74.55 -44.32 -16.13
CA LEU Q 45 75.87 -44.92 -16.07
C LEU Q 45 75.81 -46.44 -16.08
N TYR Q 46 74.82 -47.02 -15.40
CA TYR Q 46 74.66 -48.47 -15.40
C TYR Q 46 74.33 -48.98 -16.79
N SER Q 47 73.45 -48.29 -17.51
CA SER Q 47 73.15 -48.67 -18.89
C SER Q 47 74.39 -48.56 -19.77
N ALA Q 48 75.19 -47.52 -19.55
CA ALA Q 48 76.44 -47.37 -20.30
C ALA Q 48 77.41 -48.51 -19.99
N ALA Q 49 77.49 -48.92 -18.73
CA ALA Q 49 78.44 -49.95 -18.34
C ALA Q 49 78.00 -51.35 -18.75
N SER Q 50 76.69 -51.61 -18.77
CA SER Q 50 76.21 -52.91 -19.23
C SER Q 50 76.61 -53.14 -20.67
N LYS Q 51 76.50 -52.12 -21.51
CA LYS Q 51 77.16 -52.16 -22.81
C LYS Q 51 78.67 -52.07 -22.60
N GLN Q 52 79.41 -52.80 -23.44
CA GLN Q 52 80.87 -52.84 -23.39
C GLN Q 52 81.39 -53.56 -22.15
N ASN Q 53 80.50 -53.97 -21.25
CA ASN Q 53 80.80 -54.96 -20.20
C ASN Q 53 81.97 -54.52 -19.34
N LYS Q 54 81.77 -53.41 -18.62
CA LYS Q 54 82.83 -52.86 -17.77
C LYS Q 54 82.28 -52.48 -16.40
N LEU Q 55 81.44 -53.34 -15.82
CA LEU Q 55 80.81 -53.02 -14.54
C LEU Q 55 81.83 -52.98 -13.40
N GLU Q 56 82.63 -54.03 -13.27
CA GLU Q 56 83.57 -54.11 -12.15
C GLU Q 56 84.65 -53.03 -12.27
N GLN Q 57 85.16 -52.82 -13.48
CA GLN Q 57 86.17 -51.79 -13.69
C GLN Q 57 85.64 -50.41 -13.35
N VAL Q 58 84.40 -50.12 -13.76
CA VAL Q 58 83.85 -48.80 -13.48
C VAL Q 58 83.57 -48.65 -11.98
N GLU Q 59 83.19 -49.73 -11.30
CA GLU Q 59 83.01 -49.64 -9.84
C GLU Q 59 84.33 -49.32 -9.15
N LYS Q 60 85.40 -50.02 -9.56
CA LYS Q 60 86.71 -49.75 -8.96
C LYS Q 60 87.17 -48.32 -9.24
N GLU Q 61 86.95 -47.85 -10.46
CA GLU Q 61 87.35 -46.49 -10.81
C GLU Q 61 86.53 -45.45 -10.05
N LEU Q 62 85.24 -45.73 -9.83
CA LEU Q 62 84.43 -44.83 -9.02
C LEU Q 62 84.94 -44.79 -7.58
N LEU Q 63 85.35 -45.95 -7.04
CA LEU Q 63 85.94 -45.95 -5.70
C LEU Q 63 87.21 -45.10 -5.67
N ARG Q 64 88.05 -45.22 -6.70
CA ARG Q 64 89.28 -44.42 -6.73
C ARG Q 64 88.96 -42.93 -6.85
N VAL Q 65 87.94 -42.58 -7.63
CA VAL Q 65 87.53 -41.17 -7.75
C VAL Q 65 87.05 -40.65 -6.40
N ALA Q 66 86.26 -41.46 -5.69
CA ALA Q 66 85.86 -41.09 -4.34
C ALA Q 66 87.08 -40.89 -3.44
N GLN Q 67 88.11 -41.69 -3.65
CA GLN Q 67 89.34 -41.53 -2.88
C GLN Q 67 90.01 -40.19 -3.16
N ILE Q 68 90.05 -39.77 -4.43
CA ILE Q 68 90.85 -38.60 -4.79
C ILE Q 68 90.12 -37.28 -4.58
N LEU Q 69 88.80 -37.29 -4.45
CA LEU Q 69 88.05 -36.05 -4.31
C LEU Q 69 87.91 -35.60 -2.85
N LYS Q 70 88.43 -36.35 -1.90
CA LYS Q 70 88.34 -35.99 -0.50
C LYS Q 70 89.44 -35.02 -0.07
N GLU Q 71 90.34 -34.64 -0.98
CA GLU Q 71 91.39 -33.69 -0.64
C GLU Q 71 90.80 -32.31 -0.35
N PRO Q 72 91.12 -31.70 0.79
CA PRO Q 72 90.54 -30.38 1.10
C PRO Q 72 90.86 -29.30 0.08
N LYS Q 73 92.00 -29.37 -0.59
CA LYS Q 73 92.32 -28.36 -1.60
C LYS Q 73 91.35 -28.42 -2.78
N VAL Q 74 91.18 -29.62 -3.36
CA VAL Q 74 90.26 -29.76 -4.47
C VAL Q 74 88.82 -29.59 -4.00
N ALA Q 75 88.53 -29.95 -2.74
CA ALA Q 75 87.21 -29.67 -2.17
C ALA Q 75 86.95 -28.16 -2.09
N ALA Q 76 87.96 -27.39 -1.69
CA ALA Q 76 87.81 -25.94 -1.65
C ALA Q 76 87.60 -25.38 -3.06
N SER Q 77 88.31 -25.94 -4.04
CA SER Q 77 88.10 -25.53 -5.41
C SER Q 77 86.70 -25.90 -5.90
N ILE Q 78 86.15 -27.02 -5.42
CA ILE Q 78 84.86 -27.51 -5.89
C ILE Q 78 83.68 -26.94 -5.12
N MET Q 79 83.92 -26.30 -3.98
CA MET Q 79 82.86 -25.80 -3.12
C MET Q 79 82.85 -24.27 -3.05
N ASN Q 80 83.35 -23.61 -4.08
CA ASN Q 80 83.35 -22.15 -4.16
C ASN Q 80 82.50 -21.71 -5.33
N PRO Q 81 81.32 -21.11 -5.11
CA PRO Q 81 80.48 -20.70 -6.23
C PRO Q 81 80.98 -19.46 -6.96
N TYR Q 82 82.01 -18.79 -6.45
CA TYR Q 82 82.50 -17.57 -7.11
C TYR Q 82 83.38 -17.90 -8.31
N VAL Q 83 84.08 -19.04 -8.29
CA VAL Q 83 84.99 -19.36 -9.38
C VAL Q 83 84.21 -19.67 -10.65
N LYS Q 84 84.89 -19.53 -11.80
CA LYS Q 84 84.19 -19.73 -13.11
C LYS Q 84 84.00 -21.23 -13.38
N ARG Q 85 82.92 -21.60 -14.05
CA ARG Q 85 82.65 -23.02 -14.39
C ARG Q 85 83.76 -23.53 -15.31
N SER Q 86 84.20 -22.70 -16.26
CA SER Q 86 85.24 -23.12 -17.24
C SER Q 86 86.49 -23.59 -16.48
N ILE Q 87 86.94 -22.80 -15.50
CA ILE Q 87 88.16 -23.16 -14.72
C ILE Q 87 87.95 -24.53 -14.08
N LYS Q 88 86.79 -24.74 -13.48
CA LYS Q 88 86.50 -26.03 -12.79
C LYS Q 88 86.60 -27.18 -13.80
N VAL Q 89 86.02 -27.00 -14.99
CA VAL Q 89 86.00 -28.09 -16.01
C VAL Q 89 87.44 -28.52 -16.33
N LYS Q 90 88.30 -27.56 -16.69
CA LYS Q 90 89.69 -27.93 -17.10
C LYS Q 90 90.41 -28.59 -15.92
N SER Q 91 90.30 -28.01 -14.72
CA SER Q 91 90.97 -28.58 -13.53
C SER Q 91 90.61 -30.06 -13.40
N LEU Q 92 89.33 -30.39 -13.54
CA LEU Q 92 88.88 -31.77 -13.40
C LEU Q 92 89.30 -32.62 -14.59
N SER Q 93 89.28 -32.03 -15.80
CA SER Q 93 89.73 -32.76 -16.97
C SER Q 93 91.20 -33.14 -16.86
N ASP Q 94 92.04 -32.19 -16.41
CA ASP Q 94 93.46 -32.50 -16.24
C ASP Q 94 93.66 -33.58 -15.19
N MET Q 95 92.93 -33.49 -14.07
CA MET Q 95 93.09 -34.50 -13.02
C MET Q 95 92.68 -35.88 -13.52
N THR Q 96 91.56 -35.97 -14.24
CA THR Q 96 91.10 -37.26 -14.73
C THR Q 96 91.86 -37.74 -15.95
N ALA Q 97 92.67 -36.88 -16.58
CA ALA Q 97 93.51 -37.32 -17.68
C ALA Q 97 94.92 -37.70 -17.25
N LYS Q 98 95.38 -37.22 -16.08
CA LYS Q 98 96.71 -37.57 -15.60
C LYS Q 98 96.70 -38.56 -14.44
N GLU Q 99 95.53 -38.91 -13.89
CA GLU Q 99 95.51 -39.78 -12.72
C GLU Q 99 95.88 -41.21 -13.09
N LYS Q 100 95.31 -41.74 -14.19
CA LYS Q 100 95.47 -43.12 -14.61
C LYS Q 100 94.49 -43.49 -15.72
N PHE Q 101 93.22 -43.66 -15.35
CA PHE Q 101 92.23 -44.30 -16.20
C PHE Q 101 91.56 -43.30 -17.14
N SER Q 102 91.16 -43.79 -18.31
CA SER Q 102 90.34 -43.02 -19.24
C SER Q 102 89.17 -43.86 -19.77
N PRO Q 103 88.28 -44.33 -18.90
CA PRO Q 103 87.01 -44.88 -19.38
C PRO Q 103 85.97 -43.79 -19.54
N LEU Q 104 84.72 -44.17 -19.80
CA LEU Q 104 83.63 -43.21 -19.86
C LEU Q 104 83.41 -42.46 -18.55
N THR Q 105 84.09 -42.85 -17.47
CA THR Q 105 83.99 -42.09 -16.23
C THR Q 105 84.47 -40.66 -16.41
N SER Q 106 85.44 -40.44 -17.29
CA SER Q 106 85.86 -39.08 -17.59
C SER Q 106 84.72 -38.29 -18.22
N ASN Q 107 83.97 -38.92 -19.12
CA ASN Q 107 82.80 -38.27 -19.69
C ASN Q 107 81.77 -37.97 -18.61
N LEU Q 108 81.57 -38.90 -17.68
CA LEU Q 108 80.64 -38.67 -16.58
C LEU Q 108 81.06 -37.46 -15.76
N ILE Q 109 82.33 -37.38 -15.41
CA ILE Q 109 82.83 -36.26 -14.60
C ILE Q 109 82.66 -34.96 -15.36
N ASN Q 110 82.99 -34.96 -16.65
CA ASN Q 110 82.86 -33.73 -17.44
C ASN Q 110 81.42 -33.28 -17.52
N LEU Q 111 80.49 -34.21 -17.72
CA LEU Q 111 79.08 -33.85 -17.80
C LEU Q 111 78.58 -33.31 -16.47
N LEU Q 112 78.96 -33.94 -15.36
CA LEU Q 112 78.56 -33.43 -14.05
C LEU Q 112 79.12 -32.04 -13.81
N ALA Q 113 80.37 -31.80 -14.21
CA ALA Q 113 80.93 -30.47 -14.05
C ALA Q 113 80.20 -29.44 -14.90
N GLU Q 114 79.86 -29.79 -16.14
CA GLU Q 114 79.15 -28.85 -17.01
C GLU Q 114 77.77 -28.51 -16.47
N ASN Q 115 77.04 -29.50 -15.96
CA ASN Q 115 75.71 -29.24 -15.43
C ASN Q 115 75.74 -28.73 -13.99
N GLY Q 116 76.91 -28.63 -13.38
CA GLY Q 116 77.02 -28.09 -12.03
C GLY Q 116 76.39 -28.96 -10.97
N ARG Q 117 76.48 -30.28 -11.11
CA ARG Q 117 75.94 -31.22 -10.13
C ARG Q 117 77.04 -31.90 -9.32
N LEU Q 118 78.16 -31.21 -9.13
CA LEU Q 118 79.31 -31.79 -8.44
C LEU Q 118 79.06 -32.01 -6.95
N SER Q 119 77.98 -31.48 -6.40
CA SER Q 119 77.72 -31.63 -4.98
C SER Q 119 77.22 -33.02 -4.62
N SER Q 120 76.48 -33.66 -5.52
CA SER Q 120 75.83 -34.93 -5.23
C SER Q 120 76.62 -36.14 -5.74
N THR Q 121 77.89 -35.95 -6.08
CA THR Q 121 78.71 -37.08 -6.52
C THR Q 121 78.78 -38.22 -5.50
N PRO Q 122 78.95 -37.97 -4.19
CA PRO Q 122 78.86 -39.09 -3.25
C PRO Q 122 77.55 -39.84 -3.32
N GLY Q 123 76.44 -39.13 -3.52
CA GLY Q 123 75.16 -39.81 -3.70
C GLY Q 123 75.15 -40.69 -4.92
N VAL Q 124 75.70 -40.21 -6.03
CA VAL Q 124 75.71 -40.99 -7.27
C VAL Q 124 76.55 -42.25 -7.09
N ILE Q 125 77.73 -42.12 -6.50
CA ILE Q 125 78.59 -43.29 -6.35
C ILE Q 125 78.00 -44.28 -5.36
N SER Q 126 77.36 -43.79 -4.29
CA SER Q 126 76.69 -44.70 -3.36
C SER Q 126 75.53 -45.42 -4.03
N ALA Q 127 74.76 -44.71 -4.86
CA ALA Q 127 73.66 -45.34 -5.59
C ALA Q 127 74.19 -46.41 -6.53
N PHE Q 128 75.29 -46.13 -7.22
CA PHE Q 128 75.87 -47.15 -8.10
C PHE Q 128 76.39 -48.33 -7.28
N SER Q 129 76.93 -48.07 -6.10
CA SER Q 129 77.43 -49.15 -5.25
C SER Q 129 76.31 -50.08 -4.82
N THR Q 130 75.21 -49.52 -4.32
CA THR Q 130 74.09 -50.38 -3.92
C THR Q 130 73.44 -51.02 -5.13
N MET Q 131 73.46 -50.36 -6.28
CA MET Q 131 72.95 -50.97 -7.51
C MET Q 131 73.76 -52.20 -7.90
N MET Q 132 75.08 -52.12 -7.80
CA MET Q 132 75.93 -53.26 -8.10
C MET Q 132 75.82 -54.35 -7.05
N SER Q 133 75.57 -53.97 -5.80
CA SER Q 133 75.44 -54.98 -4.74
C SER Q 133 74.25 -55.89 -4.99
N VAL Q 134 73.11 -55.32 -5.39
CA VAL Q 134 71.93 -56.13 -5.68
C VAL Q 134 72.04 -56.89 -6.99
N HIS Q 135 73.05 -56.60 -7.81
CA HIS Q 135 73.26 -57.38 -9.02
C HIS Q 135 73.55 -58.82 -8.69
N ARG Q 136 74.30 -59.07 -7.62
CA ARG Q 136 74.46 -60.38 -7.02
C ARG Q 136 73.86 -60.38 -5.60
N GLY Q 137 72.68 -59.77 -5.47
CA GLY Q 137 72.09 -59.39 -4.20
C GLY Q 137 72.28 -60.30 -3.02
N GLU Q 138 72.67 -59.72 -1.89
CA GLU Q 138 72.97 -60.48 -0.68
C GLU Q 138 71.78 -60.64 0.25
N VAL Q 139 70.63 -60.04 -0.07
CA VAL Q 139 69.41 -60.16 0.71
C VAL Q 139 69.69 -59.79 2.16
N PRO Q 140 69.82 -58.51 2.48
CA PRO Q 140 70.17 -58.11 3.85
C PRO Q 140 69.14 -58.58 4.86
N CYS Q 141 69.62 -58.93 6.05
CA CYS Q 141 68.79 -59.43 7.13
C CYS Q 141 69.18 -58.75 8.43
N SER Q 142 68.38 -58.96 9.47
CA SER Q 142 68.64 -58.36 10.77
C SER Q 142 68.04 -59.22 11.86
N VAL Q 143 68.76 -59.34 12.97
CA VAL Q 143 68.30 -60.06 14.15
C VAL Q 143 68.46 -59.14 15.36
N THR Q 144 67.41 -59.03 16.16
CA THR Q 144 67.40 -58.18 17.34
C THR Q 144 67.10 -59.03 18.57
N THR Q 145 67.85 -58.78 19.65
CA THR Q 145 67.70 -59.54 20.88
C THR Q 145 67.93 -58.63 22.07
N ALA Q 146 67.36 -59.02 23.21
CA ALA Q 146 67.52 -58.23 24.43
C ALA Q 146 68.91 -58.42 25.02
N SER Q 147 69.43 -59.65 24.98
CA SER Q 147 70.74 -59.96 25.53
C SER Q 147 71.62 -60.61 24.47
N PRO Q 148 72.94 -60.44 24.54
CA PRO Q 148 73.82 -60.98 23.49
C PRO Q 148 73.86 -62.51 23.48
N LEU Q 149 73.35 -63.10 22.41
CA LEU Q 149 73.34 -64.55 22.28
C LEU Q 149 74.75 -65.08 22.03
N ASP Q 150 74.93 -66.36 22.35
CA ASP Q 150 76.23 -67.00 22.19
C ASP Q 150 76.57 -67.21 20.72
N GLU Q 151 77.87 -67.24 20.42
CA GLU Q 151 78.31 -67.37 19.03
C GLU Q 151 77.96 -68.73 18.44
N ALA Q 152 77.92 -69.78 19.25
CA ALA Q 152 77.45 -71.07 18.74
C ALA Q 152 75.98 -71.00 18.35
N THR Q 153 75.16 -70.37 19.18
CA THR Q 153 73.78 -70.12 18.77
C THR Q 153 73.74 -69.22 17.56
N LEU Q 154 74.72 -68.33 17.42
CA LEU Q 154 74.78 -67.46 16.26
C LEU Q 154 75.02 -68.25 14.97
N THR Q 155 75.94 -69.22 15.00
CA THR Q 155 76.19 -70.00 13.78
C THR Q 155 75.05 -70.97 13.50
N GLU Q 156 74.37 -71.47 14.54
CA GLU Q 156 73.16 -72.24 14.30
C GLU Q 156 72.10 -71.38 13.61
N LEU Q 157 71.94 -70.14 14.08
CA LEU Q 157 70.99 -69.23 13.47
C LEU Q 157 71.36 -68.93 12.02
N LYS Q 158 72.66 -68.76 11.75
CA LYS Q 158 73.09 -68.57 10.37
C LYS Q 158 72.77 -69.79 9.52
N THR Q 159 72.95 -70.98 10.09
CA THR Q 159 72.69 -72.21 9.35
C THR Q 159 71.22 -72.32 8.95
N VAL Q 160 70.32 -71.94 9.87
CA VAL Q 160 68.89 -72.01 9.52
C VAL Q 160 68.46 -70.81 8.65
N LEU Q 161 69.07 -69.64 8.83
CA LEU Q 161 68.72 -68.49 8.01
C LEU Q 161 69.13 -68.70 6.56
N LYS Q 162 70.25 -69.38 6.32
CA LYS Q 162 70.60 -69.75 4.95
C LYS Q 162 69.57 -70.71 4.37
N SER Q 163 69.02 -71.61 5.20
CA SER Q 163 67.96 -72.50 4.74
C SER Q 163 66.75 -71.71 4.29
N PHE Q 164 66.36 -70.68 5.04
CA PHE Q 164 65.27 -69.84 4.57
C PHE Q 164 65.66 -69.06 3.32
N LEU Q 165 66.93 -68.67 3.20
CA LEU Q 165 67.35 -67.83 2.08
C LEU Q 165 67.14 -68.54 0.75
N SER Q 166 67.45 -69.83 0.69
CA SER Q 166 67.35 -70.62 -0.53
C SER Q 166 68.13 -69.99 -1.67
N LYS Q 167 67.45 -69.66 -2.77
CA LYS Q 167 68.13 -69.10 -3.93
C LYS Q 167 68.51 -67.65 -3.66
N GLY Q 168 69.80 -67.35 -3.79
CA GLY Q 168 70.30 -66.01 -3.53
C GLY Q 168 71.80 -66.05 -3.28
N GLN Q 169 72.25 -65.14 -2.43
CA GLN Q 169 73.67 -65.06 -2.08
C GLN Q 169 73.85 -65.01 -0.57
N ILE Q 170 75.08 -64.72 -0.13
CA ILE Q 170 75.39 -64.74 1.30
C ILE Q 170 74.56 -63.67 2.00
N LEU Q 171 73.81 -64.09 3.01
CA LEU Q 171 72.99 -63.15 3.77
C LEU Q 171 73.87 -62.21 4.58
N LYS Q 172 73.38 -60.99 4.77
CA LYS Q 172 74.06 -59.99 5.57
C LYS Q 172 73.36 -59.89 6.92
N LEU Q 173 74.08 -60.24 7.99
CA LEU Q 173 73.50 -60.33 9.32
C LEU Q 173 73.95 -59.14 10.16
N GLU Q 174 72.97 -58.36 10.63
CA GLU Q 174 73.22 -57.26 11.56
C GLU Q 174 72.72 -57.69 12.93
N VAL Q 175 73.64 -57.93 13.85
CA VAL Q 175 73.29 -58.31 15.22
C VAL Q 175 73.14 -57.06 16.06
N LYS Q 176 71.98 -56.92 16.68
CA LYS Q 176 71.65 -55.75 17.49
C LYS Q 176 71.14 -56.21 18.85
N VAL Q 177 71.60 -55.53 19.90
CA VAL Q 177 71.25 -55.89 21.28
C VAL Q 177 70.46 -54.71 21.85
N ASP Q 178 69.14 -54.87 21.93
CA ASP Q 178 68.26 -53.86 22.51
C ASP Q 178 67.59 -54.43 23.74
N PRO Q 179 68.03 -54.06 24.95
CA PRO Q 179 67.42 -54.59 26.17
C PRO Q 179 66.07 -53.99 26.51
N SER Q 180 65.52 -53.14 25.64
CA SER Q 180 64.21 -52.55 25.92
C SER Q 180 63.14 -53.62 26.01
N ILE Q 181 63.17 -54.60 25.09
CA ILE Q 181 62.26 -55.73 25.19
C ILE Q 181 62.62 -56.56 26.41
N MET Q 182 61.59 -57.14 27.04
CA MET Q 182 61.85 -58.06 28.15
C MET Q 182 62.65 -59.27 27.67
N GLY Q 183 62.27 -59.82 26.52
CA GLY Q 183 63.01 -60.94 25.96
C GLY Q 183 62.36 -61.41 24.68
N GLY Q 184 63.12 -62.19 23.92
CA GLY Q 184 62.61 -62.75 22.68
C GLY Q 184 63.58 -62.65 21.53
N MET Q 185 63.05 -62.46 20.32
CA MET Q 185 63.87 -62.42 19.11
C MET Q 185 63.07 -61.82 17.95
N ILE Q 186 63.66 -60.88 17.22
CA ILE Q 186 63.02 -60.23 16.09
C ILE Q 186 63.88 -60.45 14.86
N VAL Q 187 63.26 -60.89 13.77
CA VAL Q 187 63.97 -61.24 12.54
C VAL Q 187 63.34 -60.49 11.38
N ARG Q 188 64.19 -59.89 10.54
CA ARG Q 188 63.78 -59.29 9.28
C ARG Q 188 64.60 -59.91 8.16
N ILE Q 189 63.92 -60.33 7.09
CA ILE Q 189 64.55 -60.93 5.92
C ILE Q 189 63.92 -60.26 4.71
N GLY Q 190 64.62 -59.27 4.13
CA GLY Q 190 64.05 -58.52 3.04
C GLY Q 190 62.83 -57.72 3.49
N GLU Q 191 61.67 -58.00 2.90
CA GLU Q 191 60.42 -57.42 3.35
C GLU Q 191 59.65 -58.33 4.30
N LYS Q 192 60.12 -59.55 4.52
CA LYS Q 192 59.47 -60.42 5.49
C LYS Q 192 59.78 -59.96 6.91
N TYR Q 193 58.91 -60.34 7.84
CA TYR Q 193 58.99 -59.82 9.20
C TYR Q 193 58.23 -60.74 10.13
N VAL Q 194 58.92 -61.27 11.14
CA VAL Q 194 58.31 -62.10 12.18
C VAL Q 194 58.71 -61.53 13.54
N ASP Q 195 57.72 -61.25 14.37
CA ASP Q 195 57.94 -60.66 15.68
C ASP Q 195 57.60 -61.69 16.75
N MET Q 196 58.61 -62.09 17.53
CA MET Q 196 58.44 -63.02 18.64
C MET Q 196 59.19 -62.43 19.83
N SER Q 197 58.51 -61.62 20.62
CA SER Q 197 59.14 -60.91 21.72
C SER Q 197 58.09 -60.72 22.83
N ALA Q 198 58.38 -59.83 23.77
CA ALA Q 198 57.47 -59.51 24.85
C ALA Q 198 56.31 -58.62 24.41
N LYS Q 199 56.06 -58.55 23.10
CA LYS Q 199 54.88 -57.86 22.59
C LYS Q 199 53.58 -58.57 22.97
N THR Q 200 53.67 -59.80 23.44
CA THR Q 200 52.49 -60.56 23.85
C THR Q 200 51.81 -59.99 25.08
N LYS Q 201 52.45 -59.09 25.81
CA LYS Q 201 51.79 -58.44 26.95
C LYS Q 201 50.57 -57.66 26.49
N ILE Q 202 50.63 -57.05 25.30
CA ILE Q 202 49.47 -56.36 24.75
C ILE Q 202 48.35 -57.36 24.50
N GLN Q 203 48.69 -58.54 23.99
CA GLN Q 203 47.69 -59.58 23.78
C GLN Q 203 47.03 -59.98 25.10
N LYS Q 204 47.82 -60.12 26.15
CA LYS Q 204 47.25 -60.47 27.45
C LYS Q 204 46.46 -59.31 28.04
N LEU Q 205 46.88 -58.07 27.75
CA LEU Q 205 46.11 -56.92 28.22
C LEU Q 205 44.75 -56.83 27.55
N SER Q 206 44.63 -57.33 26.32
CA SER Q 206 43.37 -57.26 25.58
C SER Q 206 42.27 -58.09 26.24
N ARG Q 207 42.62 -58.97 27.19
CA ARG Q 207 41.59 -59.67 27.96
C ARG Q 207 40.66 -58.69 28.67
N ALA Q 208 41.21 -57.56 29.13
CA ALA Q 208 40.39 -56.58 29.82
C ALA Q 208 39.29 -56.04 28.91
N MET Q 209 39.61 -55.80 27.64
CA MET Q 209 38.58 -55.41 26.68
C MET Q 209 37.56 -56.52 26.48
N ARG Q 210 38.04 -57.76 26.32
CA ARG Q 210 37.17 -58.90 26.12
C ARG Q 210 37.94 -60.20 26.33
N VAL R 16 -89.67 12.48 -30.52
CA VAL R 16 -89.82 11.54 -31.62
C VAL R 16 -89.61 10.11 -31.12
N ASN R 17 -88.43 9.84 -30.57
CA ASN R 17 -88.13 8.50 -30.07
C ASN R 17 -89.06 8.13 -28.92
N ALA R 18 -89.33 9.08 -28.02
CA ALA R 18 -90.31 8.84 -26.96
C ALA R 18 -91.69 8.57 -27.55
N ALA R 19 -92.03 9.26 -28.64
CA ALA R 19 -93.26 8.94 -29.35
C ALA R 19 -93.23 7.53 -29.89
N VAL R 20 -92.07 7.08 -30.38
CA VAL R 20 -91.96 5.71 -30.88
C VAL R 20 -92.17 4.72 -29.74
N THR R 21 -91.64 5.03 -28.56
CA THR R 21 -91.69 4.10 -27.42
C THR R 21 -92.99 4.17 -26.63
N TYR R 22 -93.82 5.20 -26.83
CA TYR R 22 -95.09 5.30 -26.12
C TYR R 22 -96.30 5.29 -27.05
N SER R 23 -96.34 6.17 -28.05
CA SER R 23 -97.50 6.28 -28.91
C SER R 23 -97.69 5.03 -29.77
N LYS R 24 -96.60 4.45 -30.27
CA LYS R 24 -96.72 3.15 -30.92
C LYS R 24 -97.20 2.08 -29.95
N PRO R 25 -96.65 1.96 -28.73
CA PRO R 25 -97.34 1.15 -27.73
C PRO R 25 -98.72 1.67 -27.36
N ARG R 26 -98.99 2.96 -27.53
CA ARG R 26 -100.36 3.44 -27.34
C ARG R 26 -101.29 2.84 -28.39
N LEU R 27 -100.81 2.70 -29.62
CA LEU R 27 -101.62 2.15 -30.70
C LEU R 27 -101.55 0.62 -30.80
N ALA R 28 -100.66 -0.04 -30.05
CA ALA R 28 -100.58 -1.49 -30.07
C ALA R 28 -100.90 -2.12 -28.73
N THR R 29 -100.17 -1.77 -27.67
CA THR R 29 -100.40 -2.31 -26.34
C THR R 29 -101.59 -1.63 -25.66
N PHE R 30 -101.55 -0.31 -25.54
CA PHE R 30 -102.66 0.42 -24.95
C PHE R 30 -103.94 0.26 -25.78
N TRP R 31 -103.79 0.12 -27.09
CA TRP R 31 -104.96 -0.06 -27.95
C TRP R 31 -105.69 -1.36 -27.63
N HIS R 32 -104.95 -2.46 -27.50
CA HIS R 32 -105.60 -3.72 -27.15
C HIS R 32 -106.02 -3.74 -25.69
N TYR R 33 -105.32 -3.00 -24.82
CA TYR R 33 -105.72 -2.90 -23.43
C TYR R 33 -107.08 -2.23 -23.29
N ALA R 34 -107.31 -1.15 -24.05
CA ALA R 34 -108.49 -0.31 -23.87
C ALA R 34 -109.64 -0.68 -24.80
N LYS R 35 -109.35 -0.85 -26.10
CA LYS R 35 -110.41 -1.07 -27.08
C LYS R 35 -111.24 -2.30 -26.75
N VAL R 36 -110.63 -3.32 -26.16
CA VAL R 36 -111.39 -4.48 -25.71
C VAL R 36 -112.40 -4.08 -24.63
N GLU R 37 -111.96 -3.25 -23.68
CA GLU R 37 -112.80 -2.88 -22.55
C GLU R 37 -113.47 -1.51 -22.72
N LEU R 38 -113.08 -0.73 -23.72
CA LEU R 38 -113.64 0.61 -23.95
C LEU R 38 -114.15 0.69 -25.38
N VAL R 39 -115.40 0.30 -25.58
CA VAL R 39 -116.03 0.26 -26.90
C VAL R 39 -117.53 0.13 -26.67
N PRO R 40 -118.37 0.75 -27.49
CA PRO R 40 -119.83 0.54 -27.36
C PRO R 40 -120.18 -0.93 -27.50
N PRO R 41 -121.11 -1.43 -26.70
CA PRO R 41 -121.38 -2.86 -26.67
C PRO R 41 -122.26 -3.33 -27.83
N THR R 42 -122.15 -4.61 -28.12
CA THR R 42 -123.03 -5.25 -29.10
C THR R 42 -124.45 -5.29 -28.55
N PRO R 43 -125.46 -5.12 -29.40
CA PRO R 43 -126.85 -5.24 -28.92
C PRO R 43 -127.18 -6.61 -28.35
N ALA R 44 -126.40 -7.65 -28.68
CA ALA R 44 -126.69 -8.99 -28.20
C ALA R 44 -126.53 -9.14 -26.69
N GLU R 45 -125.79 -8.23 -26.05
CA GLU R 45 -125.59 -8.30 -24.60
C GLU R 45 -126.70 -7.62 -23.81
N ILE R 46 -127.61 -6.91 -24.48
CA ILE R 46 -128.70 -6.26 -23.77
C ILE R 46 -129.54 -7.25 -22.97
N PRO R 47 -129.93 -8.42 -23.50
CA PRO R 47 -130.60 -9.40 -22.64
C PRO R 47 -129.76 -9.86 -21.46
N THR R 48 -128.43 -9.94 -21.63
CA THR R 48 -127.57 -10.29 -20.51
C THR R 48 -127.65 -9.23 -19.41
N ALA R 49 -127.63 -7.96 -19.80
CA ALA R 49 -127.75 -6.89 -18.82
C ALA R 49 -129.12 -6.93 -18.15
N ILE R 50 -130.17 -7.26 -18.91
CA ILE R 50 -131.50 -7.38 -18.32
C ILE R 50 -131.53 -8.51 -17.28
N GLN R 51 -130.88 -9.64 -17.61
CA GLN R 51 -130.77 -10.73 -16.64
C GLN R 51 -130.01 -10.29 -15.40
N SER R 52 -128.99 -9.46 -15.57
CA SER R 52 -128.29 -8.89 -14.43
C SER R 52 -129.20 -7.98 -13.62
N LEU R 53 -130.09 -7.24 -14.29
CA LEU R 53 -131.08 -6.44 -13.57
C LEU R 53 -132.00 -7.34 -12.75
N LYS R 54 -132.39 -8.48 -13.32
CA LYS R 54 -133.16 -9.47 -12.56
C LYS R 54 -132.37 -9.98 -11.36
N LYS R 55 -131.07 -10.17 -11.54
CA LYS R 55 -130.21 -10.56 -10.42
C LYS R 55 -130.26 -9.51 -9.32
N ILE R 56 -130.23 -8.24 -9.70
CA ILE R 56 -130.32 -7.16 -8.71
C ILE R 56 -131.68 -7.20 -8.01
N VAL R 57 -132.75 -7.38 -8.78
CA VAL R 57 -134.11 -7.34 -8.23
C VAL R 57 -134.31 -8.48 -7.22
N ASN R 58 -133.78 -9.66 -7.52
CA ASN R 58 -133.98 -10.81 -6.64
C ASN R 58 -133.47 -10.52 -5.23
N SER R 59 -132.28 -9.93 -5.12
CA SER R 59 -131.77 -9.53 -3.82
C SER R 59 -132.53 -8.33 -3.27
N ALA R 60 -132.97 -7.42 -4.14
CA ALA R 60 -133.65 -6.22 -3.68
C ALA R 60 -134.93 -6.57 -2.93
N GLN R 61 -135.68 -7.55 -3.43
CA GLN R 61 -136.92 -7.94 -2.75
C GLN R 61 -136.62 -8.57 -1.39
N THR R 62 -135.73 -9.55 -1.36
CA THR R 62 -135.34 -10.19 -0.11
C THR R 62 -133.90 -10.68 -0.24
N GLY R 63 -133.21 -10.78 0.89
CA GLY R 63 -131.83 -11.18 0.89
C GLY R 63 -130.88 -10.00 0.88
N SER R 64 -130.92 -9.23 -0.21
CA SER R 64 -130.12 -8.01 -0.35
C SER R 64 -128.65 -8.27 -0.03
N PHE R 65 -128.18 -7.73 1.10
CA PHE R 65 -126.81 -7.96 1.51
C PHE R 65 -126.57 -9.45 1.80
N LYS R 66 -127.52 -10.10 2.48
CA LYS R 66 -127.43 -11.51 2.81
C LYS R 66 -126.15 -11.83 3.59
N GLN R 67 -125.68 -10.87 4.39
CA GLN R 67 -124.46 -11.01 5.18
C GLN R 67 -123.27 -11.38 4.29
N LEU R 68 -123.03 -10.56 3.27
CA LEU R 68 -121.92 -10.77 2.35
C LEU R 68 -120.71 -9.95 2.81
N THR R 69 -119.62 -10.06 2.05
CA THR R 69 -118.37 -9.39 2.39
C THR R 69 -118.44 -7.90 2.06
N VAL R 70 -117.80 -7.09 2.89
CA VAL R 70 -117.76 -5.64 2.65
C VAL R 70 -116.97 -5.34 1.38
N LYS R 71 -115.94 -6.14 1.10
CA LYS R 71 -115.07 -5.90 -0.05
C LYS R 71 -115.84 -5.89 -1.36
N GLU R 72 -116.78 -6.82 -1.52
CA GLU R 72 -117.59 -6.86 -2.74
C GLU R 72 -118.43 -5.59 -2.91
N ALA R 73 -119.02 -5.11 -1.81
CA ALA R 73 -119.77 -3.87 -1.85
C ALA R 73 -118.86 -2.70 -2.22
N LEU R 74 -117.63 -2.68 -1.70
CA LEU R 74 -116.69 -1.63 -2.07
C LEU R 74 -116.36 -1.69 -3.56
N LEU R 75 -116.18 -2.89 -4.11
CA LEU R 75 -115.95 -3.02 -5.56
C LEU R 75 -117.12 -2.41 -6.33
N ASN R 76 -118.35 -2.78 -5.96
CA ASN R 76 -119.52 -2.28 -6.67
C ASN R 76 -119.61 -0.76 -6.58
N GLY R 77 -119.36 -0.20 -5.39
CA GLY R 77 -119.43 1.24 -5.23
C GLY R 77 -118.38 1.96 -6.04
N LEU R 78 -117.16 1.41 -6.09
CA LEU R 78 -116.10 2.05 -6.87
C LEU R 78 -116.45 2.07 -8.36
N VAL R 79 -116.97 0.96 -8.87
CA VAL R 79 -117.36 0.95 -10.28
C VAL R 79 -118.50 1.93 -10.52
N ALA R 80 -119.42 2.05 -9.55
CA ALA R 80 -120.51 3.00 -9.68
C ALA R 80 -120.00 4.43 -9.74
N THR R 81 -118.98 4.74 -8.95
CA THR R 81 -118.40 6.09 -9.00
C THR R 81 -117.71 6.35 -10.33
N GLU R 82 -116.99 5.35 -10.86
CA GLU R 82 -116.44 5.50 -12.20
C GLU R 82 -117.54 5.83 -13.20
N VAL R 83 -118.68 5.14 -13.10
CA VAL R 83 -119.80 5.45 -13.97
C VAL R 83 -120.28 6.88 -13.74
N LEU R 84 -120.27 7.33 -12.49
CA LEU R 84 -120.72 8.69 -12.17
C LEU R 84 -119.87 9.74 -12.88
N MET R 85 -118.58 9.45 -13.11
CA MET R 85 -117.70 10.49 -13.65
C MET R 85 -118.05 10.91 -15.08
N TRP R 86 -118.55 9.96 -15.89
CA TRP R 86 -118.78 10.26 -17.31
C TRP R 86 -119.83 11.35 -17.49
N PHE R 87 -120.85 11.38 -16.63
CA PHE R 87 -121.85 12.43 -16.71
C PHE R 87 -121.24 13.80 -16.50
N TYR R 88 -120.26 13.89 -15.59
CA TYR R 88 -119.52 15.14 -15.43
C TYR R 88 -118.76 15.48 -16.71
N VAL R 89 -118.15 14.47 -17.33
CA VAL R 89 -117.39 14.74 -18.56
C VAL R 89 -118.32 15.30 -19.65
N GLY R 90 -119.55 14.80 -19.71
CA GLY R 90 -120.48 15.26 -20.73
C GLY R 90 -120.79 16.74 -20.61
N GLU R 91 -120.88 17.25 -19.39
CA GLU R 91 -121.13 18.68 -19.20
C GLU R 91 -120.00 19.51 -19.77
N ILE R 92 -118.75 19.09 -19.56
CA ILE R 92 -117.62 19.79 -20.16
C ILE R 92 -117.70 19.73 -21.67
N ILE R 93 -118.06 18.57 -22.21
CA ILE R 93 -118.18 18.44 -23.67
C ILE R 93 -119.19 19.44 -24.21
N ALA R 94 -120.32 19.57 -23.54
CA ALA R 94 -121.36 20.49 -24.02
C ALA R 94 -120.99 21.96 -23.76
N ARG R 95 -120.17 22.21 -22.73
CA ARG R 95 -119.83 23.59 -22.38
C ARG R 95 -119.00 24.25 -23.47
N ALA R 96 -118.06 23.52 -24.05
CA ALA R 96 -117.14 24.05 -25.07
C ALA R 96 -116.38 25.27 -24.56
N PRO S 3 -101.97 -8.24 -20.09
CA PRO S 3 -103.06 -9.21 -19.95
C PRO S 3 -104.45 -8.57 -20.02
N PRO S 4 -104.85 -8.15 -21.22
CA PRO S 4 -106.17 -7.52 -21.37
C PRO S 4 -107.29 -8.47 -20.96
N VAL S 5 -108.31 -7.90 -20.32
CA VAL S 5 -109.44 -8.66 -19.80
C VAL S 5 -110.73 -8.01 -20.26
N GLN S 6 -111.61 -8.81 -20.85
CA GLN S 6 -112.92 -8.32 -21.23
C GLN S 6 -113.73 -7.99 -19.98
N VAL S 7 -114.49 -6.89 -20.05
CA VAL S 7 -115.25 -6.42 -18.91
C VAL S 7 -116.72 -6.76 -19.11
N SER S 8 -117.51 -6.60 -18.05
CA SER S 8 -118.93 -6.88 -18.11
C SER S 8 -119.62 -5.91 -19.05
N PRO S 9 -120.33 -6.39 -20.08
CA PRO S 9 -121.00 -5.47 -21.01
C PRO S 9 -122.06 -4.60 -20.35
N LEU S 10 -122.63 -5.06 -19.23
CA LEU S 10 -123.67 -4.31 -18.53
C LEU S 10 -123.16 -2.93 -18.14
N ILE S 11 -121.96 -2.87 -17.54
CA ILE S 11 -121.35 -1.58 -17.23
C ILE S 11 -120.97 -0.84 -18.51
N LYS S 12 -120.61 -1.59 -19.55
CA LYS S 12 -120.11 -1.00 -20.78
C LYS S 12 -121.15 -0.13 -21.46
N LEU S 13 -122.41 -0.58 -21.48
CA LEU S 13 -123.47 0.25 -22.06
C LEU S 13 -123.82 1.43 -21.15
N GLY S 14 -123.82 1.19 -19.84
CA GLY S 14 -124.19 2.23 -18.90
C GLY S 14 -123.25 3.42 -18.93
N ARG S 15 -121.98 3.20 -19.26
CA ARG S 15 -121.06 4.33 -19.40
C ARG S 15 -121.47 5.28 -20.53
N TYR S 16 -121.68 4.72 -21.72
CA TYR S 16 -121.99 5.56 -22.88
C TYR S 16 -123.34 6.24 -22.75
N SER S 17 -124.31 5.57 -22.12
CA SER S 17 -125.62 6.22 -21.94
C SER S 17 -125.49 7.49 -21.11
N ALA S 18 -124.73 7.43 -20.02
CA ALA S 18 -124.51 8.60 -19.19
C ALA S 18 -123.71 9.66 -19.94
N LEU S 19 -122.78 9.26 -20.80
CA LEU S 19 -122.05 10.26 -21.59
C LEU S 19 -123.01 11.07 -22.47
N PHE S 20 -123.90 10.38 -23.19
CA PHE S 20 -124.85 11.09 -24.05
C PHE S 20 -125.77 11.99 -23.22
N LEU S 21 -126.27 11.49 -22.09
CA LEU S 21 -127.18 12.28 -21.27
C LEU S 21 -126.50 13.51 -20.69
N GLY S 22 -125.23 13.38 -20.29
CA GLY S 22 -124.51 14.55 -19.82
C GLY S 22 -124.33 15.60 -20.89
N VAL S 23 -124.03 15.17 -22.12
CA VAL S 23 -123.92 16.14 -23.21
C VAL S 23 -125.24 16.89 -23.38
N ALA S 24 -126.36 16.15 -23.35
CA ALA S 24 -127.66 16.78 -23.52
C ALA S 24 -127.93 17.80 -22.41
N TYR S 25 -127.65 17.42 -21.16
CA TYR S 25 -127.92 18.35 -20.06
C TYR S 25 -127.06 19.60 -20.17
N GLY S 26 -125.79 19.43 -20.53
CA GLY S 26 -124.93 20.59 -20.66
C GLY S 26 -125.43 21.56 -21.72
N ALA S 27 -125.84 21.03 -22.87
CA ALA S 27 -126.35 21.89 -23.93
C ALA S 27 -127.60 22.65 -23.47
N LYS S 28 -128.55 21.93 -22.86
CA LYS S 28 -129.79 22.57 -22.46
C LYS S 28 -129.55 23.64 -21.39
N ARG S 29 -128.68 23.35 -20.41
CA ARG S 29 -128.43 24.31 -19.35
C ARG S 29 -127.71 25.54 -19.89
N TYR S 30 -126.78 25.35 -20.84
CA TYR S 30 -126.13 26.50 -21.47
C TYR S 30 -127.15 27.37 -22.18
N ASN S 31 -128.08 26.75 -22.91
CA ASN S 31 -129.11 27.52 -23.60
C ASN S 31 -129.98 28.27 -22.61
N TYR S 32 -130.33 27.65 -21.48
CA TYR S 32 -131.16 28.32 -20.48
C TYR S 32 -130.44 29.50 -19.85
N LEU S 33 -129.16 29.35 -19.53
CA LEU S 33 -128.43 30.37 -18.79
C LEU S 33 -127.84 31.46 -19.67
N LYS S 34 -127.78 31.27 -20.99
CA LYS S 34 -127.23 32.32 -21.84
C LYS S 34 -127.99 33.64 -21.76
N PRO S 35 -129.33 33.68 -21.90
CA PRO S 35 -130.02 34.99 -21.86
C PRO S 35 -130.10 35.57 -20.47
N ARG S 36 -130.21 34.72 -19.46
CA ARG S 36 -130.33 35.19 -18.08
C ARG S 36 -129.08 35.97 -17.66
N ALA S 37 -127.90 35.47 -18.05
CA ALA S 37 -126.66 36.15 -17.69
C ALA S 37 -126.59 37.54 -18.31
N GLU S 38 -126.96 37.64 -19.59
CA GLU S 38 -126.97 38.94 -20.25
C GLU S 38 -127.98 39.88 -19.62
N GLU S 39 -129.15 39.34 -19.26
CA GLU S 39 -130.18 40.17 -18.60
C GLU S 39 -129.67 40.71 -17.27
N GLU S 40 -129.03 39.85 -16.47
CA GLU S 40 -128.49 40.30 -15.20
C GLU S 40 -127.39 41.33 -15.38
N ARG S 41 -126.52 41.13 -16.37
CA ARG S 41 -125.44 42.08 -16.61
C ARG S 41 -126.00 43.43 -17.06
N ARG S 42 -127.01 43.42 -17.93
CA ARG S 42 -127.63 44.66 -18.37
C ARG S 42 -128.34 45.38 -17.22
N ILE S 43 -129.03 44.62 -16.36
CA ILE S 43 -129.70 45.21 -15.21
C ILE S 43 -128.69 45.82 -14.25
N ALA S 44 -127.51 45.19 -14.11
CA ALA S 44 -126.48 45.76 -13.25
C ALA S 44 -126.01 47.12 -13.73
N ALA S 45 -126.15 47.42 -15.02
CA ALA S 45 -125.74 48.71 -15.56
C ALA S 45 -126.67 49.82 -15.06
N PRO T 25 -82.29 -10.33 21.03
CA PRO T 25 -82.29 -11.23 19.88
C PRO T 25 -83.43 -10.93 18.91
N VAL T 26 -83.42 -9.72 18.35
CA VAL T 26 -84.50 -9.31 17.44
C VAL T 26 -84.32 -10.04 16.11
N PRO T 27 -85.38 -10.62 15.54
CA PRO T 27 -85.26 -11.32 14.26
C PRO T 27 -84.90 -10.36 13.15
N PRO T 28 -84.27 -10.85 12.08
CA PRO T 28 -83.83 -9.96 11.00
C PRO T 28 -85.01 -9.35 10.25
N LEU T 29 -84.75 -8.16 9.69
CA LEU T 29 -85.75 -7.41 8.95
C LEU T 29 -85.98 -8.01 7.57
N PRO T 30 -87.17 -7.85 7.01
CA PRO T 30 -87.37 -8.23 5.61
C PRO T 30 -86.60 -7.33 4.67
N GLU T 31 -86.26 -7.87 3.49
CA GLU T 31 -85.41 -7.15 2.56
C GLU T 31 -86.14 -5.99 1.89
N HIS T 32 -87.46 -6.09 1.71
CA HIS T 32 -88.21 -5.06 1.02
C HIS T 32 -89.54 -4.82 1.73
N GLY T 33 -90.15 -3.69 1.42
CA GLY T 33 -91.45 -3.35 1.96
C GLY T 33 -92.56 -3.59 0.96
N GLY T 34 -93.03 -2.53 0.31
CA GLY T 34 -94.07 -2.64 -0.68
C GLY T 34 -93.72 -1.92 -1.96
N LYS T 35 -94.44 -2.27 -3.02
CA LYS T 35 -94.25 -1.66 -4.34
C LYS T 35 -95.28 -0.56 -4.55
N VAL T 36 -94.82 0.58 -5.04
CA VAL T 36 -95.66 1.76 -5.20
C VAL T 36 -95.50 2.28 -6.64
N ARG T 37 -96.62 2.55 -7.29
CA ARG T 37 -96.60 3.17 -8.62
C ARG T 37 -96.63 4.68 -8.48
N LEU T 38 -95.89 5.35 -9.36
CA LEU T 38 -95.74 6.81 -9.37
C LEU T 38 -95.09 7.36 -8.11
N GLY T 39 -94.61 6.49 -7.23
CA GLY T 39 -94.05 6.93 -5.97
C GLY T 39 -95.07 7.40 -4.96
N LEU T 40 -96.37 7.35 -5.28
CA LEU T 40 -97.41 7.84 -4.39
C LEU T 40 -98.61 6.91 -4.26
N ILE T 41 -98.83 5.99 -5.20
CA ILE T 41 -99.99 5.12 -5.20
C ILE T 41 -99.52 3.68 -5.13
N PRO T 42 -99.96 2.90 -4.14
CA PRO T 42 -99.51 1.51 -4.03
C PRO T 42 -100.16 0.61 -5.08
N GLU T 43 -99.59 -0.60 -5.21
CA GLU T 43 -100.07 -1.58 -6.18
C GLU T 43 -101.34 -2.30 -5.73
N GLU T 44 -101.62 -2.32 -4.43
CA GLU T 44 -102.78 -3.08 -3.94
C GLU T 44 -104.08 -2.50 -4.48
N PHE T 45 -104.15 -1.17 -4.65
CA PHE T 45 -105.34 -0.56 -5.24
C PHE T 45 -105.52 -0.99 -6.68
N PHE T 46 -104.43 -1.07 -7.45
CA PHE T 46 -104.52 -1.58 -8.81
C PHE T 46 -104.98 -3.04 -8.82
N GLN T 47 -104.45 -3.85 -7.91
CA GLN T 47 -104.84 -5.25 -7.85
C GLN T 47 -106.29 -5.43 -7.44
N PHE T 48 -106.81 -4.54 -6.59
CA PHE T 48 -108.15 -4.69 -6.06
C PHE T 48 -109.22 -4.56 -7.14
N LEU T 49 -109.05 -3.60 -8.06
CA LEU T 49 -110.03 -3.35 -9.10
C LEU T 49 -109.74 -4.06 -10.41
N TYR T 50 -108.71 -4.90 -10.45
CA TYR T 50 -108.33 -5.55 -11.71
C TYR T 50 -109.42 -6.43 -12.31
N PRO T 51 -110.06 -7.34 -11.57
CA PRO T 51 -111.05 -8.23 -12.21
C PRO T 51 -112.22 -7.49 -12.84
N LYS T 52 -112.65 -6.36 -12.26
CA LYS T 52 -113.82 -5.64 -12.77
C LYS T 52 -113.41 -4.56 -13.77
N THR T 53 -112.57 -3.62 -13.33
CA THR T 53 -112.22 -2.49 -14.19
C THR T 53 -111.33 -2.94 -15.35
N GLY T 54 -110.38 -3.82 -15.08
CA GLY T 54 -109.44 -4.28 -16.08
C GLY T 54 -108.05 -3.73 -15.86
N VAL T 55 -107.25 -3.78 -16.92
CA VAL T 55 -105.87 -3.31 -16.85
C VAL T 55 -105.81 -1.80 -16.70
N THR T 56 -106.61 -1.08 -17.49
CA THR T 56 -106.53 0.38 -17.57
C THR T 56 -107.69 1.08 -16.90
N GLY T 57 -108.44 0.39 -16.04
CA GLY T 57 -109.62 0.95 -15.41
C GLY T 57 -109.37 2.15 -14.50
N PRO T 58 -108.57 1.95 -13.44
CA PRO T 58 -108.45 3.01 -12.42
C PRO T 58 -107.88 4.33 -12.92
N TYR T 59 -107.03 4.31 -13.95
CA TYR T 59 -106.49 5.57 -14.46
C TYR T 59 -107.61 6.48 -14.96
N VAL T 60 -108.63 5.89 -15.60
CA VAL T 60 -109.77 6.66 -16.06
C VAL T 60 -110.50 7.29 -14.88
N LEU T 61 -110.65 6.53 -13.79
CA LEU T 61 -111.28 7.08 -12.60
C LEU T 61 -110.49 8.26 -12.04
N GLY T 62 -109.17 8.15 -12.03
CA GLY T 62 -108.35 9.26 -11.56
C GLY T 62 -108.51 10.50 -12.41
N THR T 63 -108.46 10.32 -13.74
CA THR T 63 -108.61 11.47 -14.64
C THR T 63 -109.99 12.10 -14.49
N GLY T 64 -111.02 11.28 -14.37
CA GLY T 64 -112.36 11.80 -14.17
C GLY T 64 -112.50 12.54 -12.86
N LEU T 65 -111.85 12.04 -11.80
CA LEU T 65 -111.86 12.76 -10.53
C LEU T 65 -111.21 14.13 -10.67
N ILE T 66 -110.08 14.19 -11.38
CA ILE T 66 -109.43 15.49 -11.58
C ILE T 66 -110.35 16.43 -12.34
N LEU T 67 -110.98 15.94 -13.41
CA LEU T 67 -111.83 16.80 -14.22
C LEU T 67 -113.04 17.28 -13.44
N TYR T 68 -113.66 16.40 -12.65
CA TYR T 68 -114.80 16.81 -11.85
C TYR T 68 -114.39 17.83 -10.79
N LEU T 69 -113.24 17.63 -10.14
CA LEU T 69 -112.80 18.59 -9.15
C LEU T 69 -112.56 19.95 -9.78
N LEU T 70 -111.97 19.98 -10.98
CA LEU T 70 -111.71 21.27 -11.61
C LEU T 70 -112.99 21.94 -12.08
N SER T 71 -113.93 21.19 -12.64
CA SER T 71 -115.08 21.80 -13.30
C SER T 71 -115.97 22.55 -12.31
N LYS T 72 -116.21 21.98 -11.14
CA LYS T 72 -117.19 22.51 -10.20
C LYS T 72 -116.60 23.46 -9.18
N GLU T 73 -115.38 23.94 -9.41
CA GLU T 73 -114.74 24.96 -8.57
C GLU T 73 -114.56 24.49 -7.13
N ILE T 74 -114.42 23.18 -6.92
CA ILE T 74 -114.07 22.68 -5.60
C ILE T 74 -112.64 23.08 -5.27
N TYR T 75 -111.73 22.95 -6.23
CA TYR T 75 -110.35 23.40 -6.10
C TYR T 75 -110.19 24.68 -6.90
N VAL T 76 -109.70 25.72 -6.23
CA VAL T 76 -109.64 27.07 -6.81
C VAL T 76 -108.23 27.36 -7.28
N ILE T 77 -108.11 27.94 -8.46
CA ILE T 77 -106.83 28.34 -9.01
C ILE T 77 -106.48 29.73 -8.46
N THR T 78 -105.36 29.81 -7.76
CA THR T 78 -104.93 31.05 -7.12
C THR T 78 -103.43 31.21 -7.33
N ALA T 79 -102.87 32.26 -6.71
CA ALA T 79 -101.43 32.51 -6.83
C ALA T 79 -100.60 31.40 -6.20
N GLU T 80 -101.15 30.71 -5.20
CA GLU T 80 -100.40 29.67 -4.50
C GLU T 80 -100.15 28.43 -5.37
N THR T 81 -100.94 28.25 -6.43
CA THR T 81 -100.81 27.04 -7.24
C THR T 81 -99.46 26.97 -7.94
N PHE T 82 -99.00 28.09 -8.52
CA PHE T 82 -97.71 28.09 -9.20
C PHE T 82 -96.56 27.85 -8.22
N SER T 83 -96.67 28.42 -7.02
CA SER T 83 -95.67 28.16 -5.99
C SER T 83 -95.63 26.69 -5.63
N ALA T 84 -96.80 26.06 -5.54
CA ALA T 84 -96.84 24.62 -5.29
C ALA T 84 -96.18 23.85 -6.42
N ILE T 85 -96.42 24.25 -7.67
CA ILE T 85 -95.80 23.57 -8.80
C ILE T 85 -94.28 23.65 -8.70
N SER T 86 -93.76 24.84 -8.43
CA SER T 86 -92.32 25.03 -8.34
C SER T 86 -91.72 24.21 -7.19
N THR T 87 -92.39 24.24 -6.03
CA THR T 87 -91.90 23.51 -4.88
C THR T 87 -91.85 22.02 -5.13
N ILE T 88 -92.88 21.48 -5.78
CA ILE T 88 -92.87 20.04 -6.10
C ILE T 88 -91.79 19.73 -7.12
N GLY T 89 -91.61 20.59 -8.12
CA GLY T 89 -90.62 20.33 -9.15
C GLY T 89 -89.21 20.25 -8.59
N VAL T 90 -88.87 21.13 -7.66
CA VAL T 90 -87.51 21.10 -7.10
C VAL T 90 -87.23 19.76 -6.42
N LEU T 91 -88.18 19.30 -5.60
CA LEU T 91 -88.00 18.04 -4.90
C LEU T 91 -87.91 16.87 -5.88
N VAL T 92 -88.75 16.87 -6.90
CA VAL T 92 -88.70 15.78 -7.87
C VAL T 92 -87.35 15.72 -8.55
N TYR T 93 -86.81 16.89 -8.94
CA TYR T 93 -85.49 16.92 -9.56
C TYR T 93 -84.42 16.38 -8.62
N ILE T 94 -84.46 16.81 -7.35
CA ILE T 94 -83.43 16.36 -6.41
C ILE T 94 -83.50 14.85 -6.23
N VAL T 95 -84.71 14.31 -6.06
CA VAL T 95 -84.85 12.88 -5.86
C VAL T 95 -84.33 12.11 -7.07
N LYS T 96 -84.72 12.54 -8.27
CA LYS T 96 -84.34 11.80 -9.47
C LYS T 96 -82.85 11.89 -9.74
N LYS T 97 -82.20 12.99 -9.35
CA LYS T 97 -80.78 13.13 -9.66
C LYS T 97 -79.85 12.70 -8.54
N TYR T 98 -80.38 12.36 -7.35
CA TYR T 98 -79.48 11.91 -6.29
C TYR T 98 -80.01 10.73 -5.48
N GLY T 99 -81.02 10.00 -5.96
CA GLY T 99 -81.61 8.94 -5.14
C GLY T 99 -80.65 7.80 -4.82
N ALA T 100 -79.95 7.29 -5.83
CA ALA T 100 -79.18 6.06 -5.65
C ALA T 100 -77.94 6.28 -4.78
N SER T 101 -77.26 7.42 -4.97
CA SER T 101 -76.02 7.67 -4.25
C SER T 101 -76.25 7.71 -2.74
N ILE T 102 -77.35 8.32 -2.31
CA ILE T 102 -77.66 8.37 -0.88
C ILE T 102 -77.87 6.96 -0.33
N GLY T 103 -78.56 6.10 -1.07
CA GLY T 103 -78.75 4.74 -0.61
C GLY T 103 -77.45 3.96 -0.48
N ALA T 104 -76.59 4.06 -1.49
CA ALA T 104 -75.31 3.33 -1.41
C ALA T 104 -74.47 3.85 -0.25
N PHE T 105 -74.45 5.18 -0.06
CA PHE T 105 -73.73 5.76 1.07
C PHE T 105 -74.31 5.27 2.39
N ALA T 106 -75.62 5.04 2.44
CA ALA T 106 -76.23 4.51 3.65
C ALA T 106 -75.77 3.08 3.93
N ASP T 107 -75.64 2.26 2.87
CA ASP T 107 -75.20 0.88 3.07
C ASP T 107 -73.75 0.81 3.58
N LYS T 108 -72.90 1.68 3.04
CA LYS T 108 -71.46 1.56 3.30
C LYS T 108 -71.13 1.66 4.80
N LEU T 109 -71.86 2.50 5.55
CA LEU T 109 -71.55 2.69 6.96
C LEU T 109 -71.79 1.41 7.76
N ASN T 110 -72.93 0.76 7.52
CA ASN T 110 -73.20 -0.50 8.21
C ASN T 110 -72.15 -1.54 7.86
N GLU T 111 -71.72 -1.57 6.58
CA GLU T 111 -70.65 -2.49 6.21
C GLU T 111 -69.39 -2.24 7.06
N GLN T 112 -68.99 -0.98 7.21
CA GLN T 112 -67.77 -0.65 7.95
C GLN T 112 -67.88 -1.07 9.42
N LYS T 113 -69.02 -0.78 10.04
CA LYS T 113 -69.20 -1.13 11.45
C LYS T 113 -69.08 -2.63 11.66
N ILE T 114 -69.72 -3.40 10.77
CA ILE T 114 -69.67 -4.86 10.91
C ILE T 114 -68.23 -5.35 10.80
N ALA T 115 -67.47 -4.80 9.84
CA ALA T 115 -66.09 -5.24 9.67
C ALA T 115 -65.26 -4.99 10.92
N GLN T 116 -65.41 -3.80 11.52
CA GLN T 116 -64.62 -3.49 12.71
C GLN T 116 -64.87 -4.49 13.83
N LEU T 117 -66.16 -4.74 14.13
CA LEU T 117 -66.45 -5.62 15.26
C LEU T 117 -65.94 -7.05 15.01
N GLU T 118 -66.10 -7.54 13.77
CA GLU T 118 -65.61 -8.88 13.47
C GLU T 118 -64.10 -9.00 13.67
N GLU T 119 -63.36 -7.97 13.25
CA GLU T 119 -61.91 -8.02 13.43
C GLU T 119 -61.53 -8.10 14.91
N VAL T 120 -62.24 -7.34 15.75
CA VAL T 120 -61.94 -7.41 17.18
C VAL T 120 -62.12 -8.83 17.69
N LYS T 121 -63.22 -9.48 17.29
CA LYS T 121 -63.47 -10.85 17.74
C LYS T 121 -62.33 -11.79 17.33
N GLN T 122 -61.87 -11.68 16.10
CA GLN T 122 -60.80 -12.57 15.63
C GLN T 122 -59.53 -12.38 16.46
N ALA T 123 -59.21 -11.12 16.80
CA ALA T 123 -58.01 -10.88 17.62
C ALA T 123 -58.13 -11.58 18.98
N SER T 124 -59.31 -11.51 19.59
CA SER T 124 -59.47 -12.20 20.88
C SER T 124 -59.24 -13.70 20.73
N ILE T 125 -59.75 -14.30 19.65
CA ILE T 125 -59.52 -15.74 19.44
C ILE T 125 -58.03 -16.04 19.38
N LYS T 126 -57.28 -15.23 18.64
CA LYS T 126 -55.85 -15.47 18.50
C LYS T 126 -55.14 -15.43 19.85
N GLN T 127 -55.49 -14.45 20.69
CA GLN T 127 -54.84 -14.34 21.99
C GLN T 127 -55.06 -15.59 22.83
N ILE T 128 -56.30 -16.10 22.85
CA ILE T 128 -56.56 -17.28 23.68
C ILE T 128 -55.75 -18.47 23.17
N GLN T 129 -55.69 -18.65 21.84
CA GLN T 129 -54.93 -19.77 21.30
C GLN T 129 -53.46 -19.68 21.70
N ASP T 130 -52.89 -18.47 21.65
CA ASP T 130 -51.49 -18.32 22.01
C ASP T 130 -51.24 -18.69 23.46
N ALA T 131 -52.13 -18.29 24.37
CA ALA T 131 -51.94 -18.65 25.77
C ALA T 131 -51.96 -20.17 25.97
N ILE T 132 -52.89 -20.85 25.31
CA ILE T 132 -52.97 -22.31 25.46
C ILE T 132 -51.68 -22.96 24.97
N ASP T 133 -51.20 -22.54 23.80
CA ASP T 133 -50.00 -23.14 23.24
C ASP T 133 -48.78 -22.89 24.12
N LEU T 134 -48.69 -21.69 24.71
CA LEU T 134 -47.56 -21.41 25.60
C LEU T 134 -47.56 -22.36 26.79
N GLU T 135 -48.72 -22.56 27.41
CA GLU T 135 -48.75 -23.48 28.55
C GLU T 135 -48.34 -24.90 28.15
N LYS T 136 -48.89 -25.38 27.03
CA LYS T 136 -48.57 -26.75 26.61
C LYS T 136 -47.08 -26.90 26.29
N SER T 137 -46.49 -25.90 25.64
CA SER T 137 -45.07 -25.96 25.33
C SER T 137 -44.23 -25.97 26.61
N GLN T 138 -44.60 -25.13 27.59
CA GLN T 138 -43.84 -25.14 28.84
C GLN T 138 -43.96 -26.45 29.60
N GLN T 139 -45.02 -27.22 29.37
CA GLN T 139 -45.13 -28.51 30.06
C GLN T 139 -44.01 -29.46 29.68
N ALA T 140 -43.60 -29.47 28.40
CA ALA T 140 -42.65 -30.48 27.92
C ALA T 140 -41.28 -30.34 28.58
N LEU T 141 -40.78 -29.11 28.72
CA LEU T 141 -39.42 -28.92 29.24
C LEU T 141 -39.29 -29.39 30.68
N VAL T 142 -40.40 -29.43 31.41
CA VAL T 142 -40.37 -29.88 32.81
C VAL T 142 -40.01 -31.35 32.90
N GLN T 143 -40.43 -32.15 31.92
CA GLN T 143 -40.30 -33.60 32.02
C GLN T 143 -38.84 -34.04 32.07
N LYS T 144 -37.98 -33.41 31.27
CA LYS T 144 -36.60 -33.85 31.12
C LYS T 144 -35.66 -33.21 32.15
N ARG T 145 -36.18 -32.78 33.30
CA ARG T 145 -35.36 -32.12 34.31
C ARG T 145 -34.39 -33.08 35.00
N HIS T 146 -34.51 -34.38 34.77
CA HIS T 146 -33.70 -35.36 35.49
C HIS T 146 -32.22 -35.32 35.11
N TYR T 147 -31.87 -34.67 34.01
CA TYR T 147 -30.50 -34.80 33.48
C TYR T 147 -29.45 -34.21 34.42
N LEU T 148 -29.79 -33.14 35.15
CA LEU T 148 -28.81 -32.47 36.00
C LEU T 148 -28.30 -33.39 37.11
N PHE T 149 -29.20 -34.11 37.77
CA PHE T 149 -28.81 -34.97 38.87
C PHE T 149 -27.89 -36.08 38.39
N ASP T 150 -28.16 -36.64 37.21
CA ASP T 150 -27.29 -37.66 36.65
C ASP T 150 -25.88 -37.12 36.45
N VAL T 151 -25.76 -35.88 35.96
CA VAL T 151 -24.45 -35.29 35.76
C VAL T 151 -23.72 -35.16 37.09
N GLN T 152 -24.42 -34.69 38.12
CA GLN T 152 -23.78 -34.57 39.44
C GLN T 152 -23.28 -35.92 39.93
N ARG T 153 -24.13 -36.96 39.84
CA ARG T 153 -23.75 -38.28 40.33
C ARG T 153 -22.54 -38.82 39.59
N ASN T 154 -22.56 -38.76 38.26
CA ASN T 154 -21.45 -39.31 37.48
C ASN T 154 -20.16 -38.56 37.77
N ASN T 155 -20.23 -37.23 37.86
CA ASN T 155 -19.01 -36.46 38.10
C ASN T 155 -18.39 -36.83 39.45
N ILE T 156 -19.21 -36.90 40.50
CA ILE T 156 -18.63 -37.17 41.82
C ILE T 156 -18.06 -38.58 41.86
N ALA T 157 -18.76 -39.56 41.29
CA ALA T 157 -18.28 -40.94 41.35
C ALA T 157 -16.95 -41.11 40.61
N MET T 158 -16.88 -40.59 39.37
CA MET T 158 -15.64 -40.73 38.59
C MET T 158 -14.48 -40.02 39.28
N ALA T 159 -14.75 -38.80 39.78
CA ALA T 159 -13.70 -38.05 40.48
C ALA T 159 -13.17 -38.83 41.67
N LEU T 160 -14.06 -39.52 42.39
CA LEU T 160 -13.60 -40.25 43.56
C LEU T 160 -12.78 -41.49 43.18
N GLU T 161 -13.17 -42.20 42.13
CA GLU T 161 -12.43 -43.43 41.77
C GLU T 161 -11.04 -43.12 41.21
N VAL T 162 -10.90 -41.97 40.54
CA VAL T 162 -9.63 -41.63 39.91
C VAL T 162 -8.48 -41.68 40.91
N THR T 163 -8.68 -41.05 42.07
CA THR T 163 -7.64 -41.04 43.09
C THR T 163 -7.39 -42.43 43.68
N TYR T 164 -8.39 -43.31 43.67
CA TYR T 164 -8.20 -44.66 44.19
C TYR T 164 -7.17 -45.42 43.37
N ARG T 165 -7.21 -45.29 42.05
CA ARG T 165 -6.27 -46.08 41.23
C ARG T 165 -4.81 -45.64 41.44
N GLU T 166 -4.61 -44.33 41.61
CA GLU T 166 -3.25 -43.80 41.71
C GLU T 166 -2.49 -44.39 42.89
N ARG T 167 -3.21 -44.81 43.94
CA ARG T 167 -2.54 -45.39 45.10
C ARG T 167 -1.86 -46.71 44.76
N LEU T 168 -2.54 -47.57 44.00
CA LEU T 168 -1.90 -48.80 43.55
C LEU T 168 -0.67 -48.49 42.71
N HIS T 169 -0.81 -47.53 41.79
CA HIS T 169 0.35 -47.20 40.97
C HIS T 169 1.52 -46.70 41.83
N ARG T 170 1.22 -45.83 42.79
CA ARG T 170 2.24 -45.25 43.67
C ARG T 170 2.96 -46.32 44.47
N VAL T 171 2.19 -47.24 45.06
CA VAL T 171 2.81 -48.28 45.90
C VAL T 171 3.73 -49.16 45.07
N TYR T 172 3.28 -49.55 43.87
CA TYR T 172 4.13 -50.41 43.05
C TYR T 172 5.44 -49.71 42.69
N LYS T 173 5.37 -48.44 42.29
CA LYS T 173 6.58 -47.72 41.92
C LYS T 173 7.54 -47.59 43.11
N GLU T 174 7.00 -47.25 44.28
CA GLU T 174 7.83 -47.15 45.48
C GLU T 174 8.51 -48.46 45.78
N ILE T 175 7.80 -49.58 45.60
CA ILE T 175 8.41 -50.88 45.86
C ILE T 175 9.56 -51.15 44.90
N LYS T 176 9.38 -50.82 43.61
CA LYS T 176 10.38 -51.15 42.60
C LYS T 176 11.70 -50.40 42.84
N ASN T 177 11.61 -49.13 43.23
CA ASN T 177 12.83 -48.32 43.35
C ASN T 177 13.82 -48.91 44.35
N ARG T 178 13.28 -49.46 45.45
CA ARG T 178 14.13 -49.96 46.53
C ARG T 178 15.02 -51.11 46.06
N LEU T 179 14.45 -52.03 45.28
CA LEU T 179 15.25 -53.11 44.71
C LEU T 179 16.30 -52.58 43.76
N ASP T 180 15.91 -51.61 42.91
CA ASP T 180 16.85 -51.11 41.91
C ASP T 180 18.10 -50.51 42.55
N TYR T 181 17.93 -49.77 43.65
CA TYR T 181 19.06 -49.10 44.29
C TYR T 181 20.13 -50.09 44.74
N HIS T 182 19.73 -51.12 45.49
CA HIS T 182 20.69 -52.09 46.00
C HIS T 182 21.37 -52.83 44.87
N ILE T 183 20.60 -53.23 43.84
CA ILE T 183 21.21 -53.98 42.76
C ILE T 183 22.31 -53.15 42.08
N SER T 184 22.03 -51.86 41.84
CA SER T 184 23.02 -51.01 41.20
C SER T 184 24.30 -50.91 42.04
N VAL T 185 24.15 -50.73 43.36
CA VAL T 185 25.34 -50.58 44.19
C VAL T 185 26.21 -51.83 44.13
N GLN T 186 25.58 -53.01 44.22
CA GLN T 186 26.35 -54.24 44.18
C GLN T 186 27.10 -54.39 42.86
N ASN T 187 26.44 -54.07 41.74
CA ASN T 187 27.09 -54.19 40.44
C ASN T 187 28.31 -53.28 40.35
N MET T 188 28.20 -52.05 40.87
CA MET T 188 29.34 -51.14 40.84
C MET T 188 30.53 -51.72 41.61
N MET T 189 30.26 -52.31 42.79
CA MET T 189 31.35 -52.91 43.55
C MET T 189 32.04 -54.01 42.76
N ARG T 190 31.25 -54.87 42.10
CA ARG T 190 31.85 -55.96 41.33
C ARG T 190 32.77 -55.42 40.23
N GLN T 191 32.32 -54.38 39.52
CA GLN T 191 33.13 -53.82 38.44
C GLN T 191 34.46 -53.28 38.97
N LYS T 192 34.42 -52.54 40.08
CA LYS T 192 35.65 -52.00 40.64
C LYS T 192 36.64 -53.10 40.99
N GLU T 193 36.15 -54.17 41.64
CA GLU T 193 37.06 -55.24 42.04
C GLU T 193 37.69 -55.93 40.85
N GLN T 194 36.92 -56.16 39.77
CA GLN T 194 37.49 -56.79 38.59
C GLN T 194 38.61 -55.94 38.01
N GLU T 195 38.38 -54.62 37.90
CA GLU T 195 39.41 -53.76 37.32
C GLU T 195 40.70 -53.81 38.14
N HIS T 196 40.57 -53.69 39.47
CA HIS T 196 41.79 -53.69 40.28
C HIS T 196 42.53 -55.01 40.20
N MET T 197 41.81 -56.14 40.16
CA MET T 197 42.48 -57.42 40.04
C MET T 197 43.27 -57.52 38.74
N ILE T 198 42.67 -57.05 37.64
CA ILE T 198 43.39 -57.09 36.36
C ILE T 198 44.67 -56.27 36.46
N ARG T 199 44.58 -55.07 37.03
CA ARG T 199 45.77 -54.22 37.15
C ARG T 199 46.85 -54.90 37.99
N TRP T 200 46.45 -55.49 39.11
CA TRP T 200 47.43 -56.14 39.98
C TRP T 200 48.13 -57.28 39.25
N VAL T 201 47.37 -58.08 38.50
CA VAL T 201 47.97 -59.21 37.80
C VAL T 201 48.98 -58.73 36.77
N GLU T 202 48.61 -57.71 35.98
CA GLU T 202 49.55 -57.23 34.97
C GLU T 202 50.82 -56.67 35.59
N LYS T 203 50.67 -55.84 36.62
CA LYS T 203 51.83 -55.23 37.24
C LYS T 203 52.74 -56.28 37.86
N HIS T 204 52.17 -57.29 38.51
CA HIS T 204 53.00 -58.34 39.09
C HIS T 204 53.63 -59.23 38.03
N VAL T 205 53.00 -59.35 36.86
CA VAL T 205 53.68 -60.05 35.76
C VAL T 205 54.95 -59.29 35.37
N VAL T 206 54.83 -57.97 35.21
CA VAL T 206 56.01 -57.18 34.86
C VAL T 206 57.07 -57.29 35.95
N GLN T 207 56.63 -57.16 37.20
CA GLN T 207 57.56 -57.19 38.34
C GLN T 207 58.25 -58.53 38.47
N SER T 208 57.51 -59.63 38.31
CA SER T 208 58.06 -60.95 38.52
C SER T 208 59.12 -61.29 37.47
N ILE T 209 58.91 -60.85 36.24
CA ILE T 209 59.86 -61.10 35.16
C ILE T 209 61.20 -60.49 35.55
N SER T 210 62.18 -61.34 35.78
CA SER T 210 63.49 -60.94 36.27
C SER T 210 64.56 -61.28 35.24
N ALA T 211 65.70 -60.62 35.37
CA ALA T 211 66.77 -60.76 34.39
C ALA T 211 67.23 -62.20 34.27
N GLN T 212 67.37 -62.90 35.39
CA GLN T 212 67.75 -64.31 35.36
C GLN T 212 66.66 -65.16 34.72
N GLN T 213 65.40 -64.90 35.07
CA GLN T 213 64.29 -65.53 34.38
C GLN T 213 64.37 -65.26 32.90
N GLU T 214 64.70 -64.01 32.54
CA GLU T 214 64.81 -63.66 31.12
C GLU T 214 65.92 -64.45 30.46
N LYS T 215 67.06 -64.64 31.13
CA LYS T 215 68.16 -65.40 30.55
C LYS T 215 67.75 -66.85 30.30
N GLU T 216 67.19 -67.51 31.32
CA GLU T 216 66.84 -68.91 31.17
C GLU T 216 65.70 -69.09 30.17
N THR T 217 64.68 -68.24 30.25
CA THR T 217 63.56 -68.29 29.33
C THR T 217 64.00 -67.97 27.91
N ILE T 218 64.96 -67.07 27.76
CA ILE T 218 65.48 -66.73 26.43
C ILE T 218 66.29 -67.87 25.86
N ALA T 219 66.99 -68.64 26.70
CA ALA T 219 67.63 -69.85 26.20
C ALA T 219 66.58 -70.87 25.73
N LYS T 220 65.56 -71.10 26.56
CA LYS T 220 64.47 -72.00 26.15
C LYS T 220 63.81 -71.47 24.89
N CYS T 221 63.63 -70.15 24.80
CA CYS T 221 63.04 -69.54 23.63
C CYS T 221 63.97 -69.61 22.43
N ILE T 222 65.29 -69.57 22.66
CA ILE T 222 66.19 -69.76 21.53
C ILE T 222 65.94 -71.11 20.90
N ALA T 223 65.86 -72.15 21.73
CA ALA T 223 65.53 -73.47 21.19
C ALA T 223 64.15 -73.47 20.53
N ASP T 224 63.16 -72.91 21.21
CA ASP T 224 61.78 -72.97 20.73
C ASP T 224 61.60 -72.17 19.44
N LEU T 225 62.11 -70.94 19.41
CA LEU T 225 61.97 -70.06 18.26
C LEU T 225 62.84 -70.53 17.09
N LYS T 226 63.99 -71.14 17.37
CA LYS T 226 64.74 -71.77 16.28
C LYS T 226 63.94 -72.91 15.66
N LEU T 227 63.29 -73.73 16.50
CA LEU T 227 62.42 -74.76 15.96
C LEU T 227 61.23 -74.15 15.21
N LEU T 228 60.66 -73.07 15.74
CA LEU T 228 59.54 -72.40 15.06
C LEU T 228 59.97 -71.83 13.73
N ALA T 229 61.15 -71.24 13.66
CA ALA T 229 61.69 -70.76 12.39
C ALA T 229 61.91 -71.92 11.43
N LYS T 230 62.38 -73.05 11.93
CA LYS T 230 62.49 -74.24 11.09
C LYS T 230 61.13 -74.66 10.57
N LYS T 231 60.10 -74.61 11.42
CA LYS T 231 58.74 -74.96 11.01
C LYS T 231 58.24 -74.02 9.92
N ALA T 232 58.45 -72.71 10.10
CA ALA T 232 57.99 -71.74 9.12
C ALA T 232 58.75 -71.88 7.80
N GLN T 233 60.07 -72.07 7.87
CA GLN T 233 60.88 -72.28 6.68
C GLN T 233 60.57 -73.59 5.99
N ALA T 234 60.00 -74.56 6.70
CA ALA T 234 59.59 -75.80 6.09
C ALA T 234 58.39 -75.62 5.15
N GLN T 235 57.77 -74.44 5.17
CA GLN T 235 56.63 -74.13 4.31
C GLN T 235 57.05 -73.06 3.31
N PRO T 236 57.57 -73.45 2.13
CA PRO T 236 58.02 -72.48 1.11
C PRO T 236 56.87 -71.71 0.48
N LYS U 8 -117.94 -11.36 13.82
CA LYS U 8 -117.21 -11.82 14.99
C LYS U 8 -116.01 -10.90 15.26
N ASP U 9 -114.90 -11.49 15.70
CA ASP U 9 -113.70 -10.73 16.04
C ASP U 9 -112.76 -10.56 14.85
N ARG U 10 -113.16 -11.02 13.67
CA ARG U 10 -112.32 -10.86 12.48
C ARG U 10 -112.25 -9.39 12.08
N ARG U 11 -111.44 -9.12 11.06
CA ARG U 11 -111.25 -7.76 10.58
C ARG U 11 -112.55 -7.21 9.99
N LEU U 12 -112.73 -5.90 10.13
CA LEU U 12 -113.95 -5.25 9.66
C LEU U 12 -114.15 -5.47 8.17
N LEU U 13 -113.06 -5.47 7.40
CA LEU U 13 -113.16 -5.77 5.97
C LEU U 13 -113.58 -7.21 5.70
N GLU U 14 -113.58 -8.07 6.72
CA GLU U 14 -114.00 -9.46 6.57
C GLU U 14 -115.37 -9.75 7.19
N VAL U 15 -115.87 -8.86 8.04
CA VAL U 15 -117.17 -9.08 8.67
C VAL U 15 -118.28 -9.01 7.61
N LYS U 16 -119.33 -9.80 7.81
CA LYS U 16 -120.45 -9.82 6.89
C LYS U 16 -121.24 -8.51 6.99
N LEU U 17 -121.94 -8.19 5.89
CA LEU U 17 -122.71 -6.95 5.83
C LEU U 17 -123.82 -6.95 6.88
N GLY U 18 -124.55 -8.05 6.98
CA GLY U 18 -125.59 -8.15 8.01
C GLY U 18 -125.05 -8.34 9.41
N GLU U 19 -123.77 -8.66 9.55
CA GLU U 19 -123.13 -8.81 10.85
C GLU U 19 -122.54 -7.52 11.36
N LEU U 20 -122.73 -6.40 10.66
CA LEU U 20 -122.24 -5.11 11.14
C LEU U 20 -122.73 -4.78 12.54
N PRO U 21 -124.02 -4.91 12.88
CA PRO U 21 -124.40 -4.73 14.30
C PRO U 21 -123.74 -5.75 15.22
N SER U 22 -123.51 -6.97 14.75
CA SER U 22 -122.78 -7.95 15.55
C SER U 22 -121.35 -7.48 15.81
N TRP U 23 -120.67 -6.98 14.77
CA TRP U 23 -119.31 -6.49 14.96
C TRP U 23 -119.26 -5.22 15.79
N ILE U 24 -120.35 -4.45 15.83
CA ILE U 24 -120.42 -3.31 16.74
C ILE U 24 -120.30 -3.79 18.18
N LEU U 25 -120.97 -4.91 18.51
CA LEU U 25 -120.76 -5.54 19.80
C LEU U 25 -119.32 -6.03 19.96
N MET U 26 -118.69 -6.43 18.85
CA MET U 26 -117.30 -6.83 18.87
C MET U 26 -116.34 -5.65 18.78
N ARG U 27 -116.85 -4.43 18.62
CA ARG U 27 -116.01 -3.24 18.63
C ARG U 27 -115.40 -2.96 19.99
N ASP U 28 -115.84 -3.67 21.03
CA ASP U 28 -115.23 -3.52 22.34
C ASP U 28 -113.74 -3.84 22.26
N PHE U 29 -112.93 -2.99 22.90
CA PHE U 29 -111.48 -3.14 22.99
C PHE U 29 -110.79 -2.83 21.65
N THR U 30 -111.58 -2.65 20.59
CA THR U 30 -110.98 -2.21 19.33
C THR U 30 -110.36 -0.82 19.46
N PRO U 31 -111.03 0.20 20.01
CA PRO U 31 -110.30 1.43 20.36
C PRO U 31 -109.22 1.19 21.41
N SER U 32 -109.45 0.25 22.33
CA SER U 32 -108.53 -0.03 23.43
C SER U 32 -108.22 1.24 24.21
N GLY U 33 -109.28 1.88 24.67
CA GLY U 33 -109.15 3.21 25.24
C GLY U 33 -108.73 4.24 24.20
N ILE U 34 -109.23 4.10 22.98
CA ILE U 34 -108.92 4.99 21.86
C ILE U 34 -107.44 4.91 21.50
N ALA U 35 -106.57 5.16 22.48
CA ALA U 35 -105.13 5.19 22.22
C ALA U 35 -104.61 3.87 21.68
N GLY U 36 -105.22 2.75 22.07
CA GLY U 36 -104.74 1.46 21.58
C GLY U 36 -104.85 1.31 20.08
N ALA U 37 -105.95 1.80 19.51
CA ALA U 37 -106.12 1.72 18.05
C ALA U 37 -105.06 2.54 17.34
N PHE U 38 -104.74 3.73 17.85
CA PHE U 38 -103.66 4.51 17.27
C PHE U 38 -102.32 3.81 17.44
N GLN U 39 -102.12 3.14 18.57
CA GLN U 39 -100.89 2.38 18.79
C GLN U 39 -100.74 1.29 17.74
N ARG U 40 -101.83 0.58 17.44
CA ARG U 40 -101.79 -0.42 16.38
C ARG U 40 -101.53 0.23 15.02
N GLY U 41 -102.22 1.33 14.74
CA GLY U 41 -102.16 1.93 13.41
C GLY U 41 -100.80 2.50 13.07
N TYR U 42 -100.13 3.09 14.06
CA TYR U 42 -98.80 3.64 13.79
C TYR U 42 -97.82 2.54 13.39
N TYR U 43 -97.79 1.45 14.15
CA TYR U 43 -96.86 0.38 13.87
C TYR U 43 -97.21 -0.38 12.60
N ARG U 44 -98.49 -0.47 12.25
CA ARG U 44 -98.86 -1.18 11.04
C ARG U 44 -98.19 -0.56 9.81
N TYR U 45 -98.22 0.76 9.72
CA TYR U 45 -97.57 1.45 8.60
C TYR U 45 -96.06 1.48 8.76
N TYR U 46 -95.58 1.77 9.98
CA TYR U 46 -94.14 1.94 10.18
C TYR U 46 -93.38 0.65 9.91
N ASN U 47 -93.92 -0.49 10.34
CA ASN U 47 -93.24 -1.76 10.16
C ASN U 47 -93.40 -2.33 8.76
N LYS U 48 -94.21 -1.70 7.92
CA LYS U 48 -94.42 -2.18 6.56
C LYS U 48 -93.70 -1.36 5.51
N TYR U 49 -93.66 -0.03 5.64
CA TYR U 49 -93.06 0.79 4.60
C TYR U 49 -91.75 1.46 4.99
N VAL U 50 -91.31 1.35 6.24
CA VAL U 50 -90.11 2.02 6.71
C VAL U 50 -89.10 1.03 7.29
N ASN U 51 -89.56 0.14 8.17
CA ASN U 51 -88.66 -0.74 8.92
C ASN U 51 -88.32 -1.98 8.10
N VAL U 52 -87.55 -1.76 7.03
CA VAL U 52 -87.08 -2.82 6.16
C VAL U 52 -85.58 -2.65 5.95
N LYS U 53 -84.98 -3.64 5.27
CA LYS U 53 -83.54 -3.58 5.01
C LYS U 53 -83.18 -2.39 4.15
N LYS U 54 -83.99 -2.09 3.13
CA LYS U 54 -83.74 -0.95 2.26
C LYS U 54 -85.08 -0.39 1.80
N GLY U 55 -85.43 0.80 2.29
CA GLY U 55 -86.63 1.48 1.87
C GLY U 55 -86.35 2.52 0.78
N SER U 56 -87.40 3.19 0.37
CA SER U 56 -87.33 4.19 -0.68
C SER U 56 -87.99 5.49 -0.21
N VAL U 57 -88.09 6.45 -1.12
CA VAL U 57 -88.69 7.74 -0.78
C VAL U 57 -90.18 7.61 -0.51
N ALA U 58 -90.79 6.50 -0.90
CA ALA U 58 -92.22 6.31 -0.67
C ALA U 58 -92.57 6.22 0.82
N GLY U 59 -91.58 6.08 1.68
CA GLY U 59 -91.87 6.00 3.11
C GLY U 59 -92.41 7.30 3.68
N LEU U 60 -91.91 8.44 3.20
CA LEU U 60 -92.30 9.75 3.73
C LEU U 60 -93.27 10.50 2.84
N SER U 61 -93.30 10.19 1.54
CA SER U 61 -94.14 10.94 0.61
C SER U 61 -95.62 10.83 0.95
N MET U 62 -96.05 9.66 1.42
CA MET U 62 -97.45 9.49 1.80
C MET U 62 -97.82 10.41 2.95
N VAL U 63 -96.98 10.47 3.97
CA VAL U 63 -97.24 11.34 5.11
C VAL U 63 -97.25 12.80 4.69
N LEU U 64 -96.30 13.20 3.85
CA LEU U 64 -96.25 14.59 3.43
C LEU U 64 -97.48 14.97 2.60
N ALA U 65 -97.92 14.08 1.71
CA ALA U 65 -99.12 14.35 0.92
C ALA U 65 -100.35 14.44 1.82
N ALA U 66 -100.44 13.55 2.81
CA ALA U 66 -101.56 13.61 3.74
C ALA U 66 -101.55 14.93 4.51
N TYR U 67 -100.37 15.39 4.92
CA TYR U 67 -100.27 16.68 5.58
C TYR U 67 -100.72 17.82 4.68
N VAL U 68 -100.32 17.77 3.41
CA VAL U 68 -100.70 18.83 2.47
C VAL U 68 -102.21 18.86 2.27
N VAL U 69 -102.83 17.70 2.10
CA VAL U 69 -104.27 17.66 1.88
C VAL U 69 -105.02 18.09 3.15
N PHE U 70 -104.52 17.70 4.32
CA PHE U 70 -105.14 18.17 5.56
C PHE U 70 -105.05 19.68 5.67
N ASN U 71 -103.92 20.26 5.29
CA ASN U 71 -103.79 21.72 5.33
C ASN U 71 -104.74 22.37 4.35
N TYR U 72 -104.90 21.78 3.15
CA TYR U 72 -105.82 22.37 2.19
C TYR U 72 -107.25 22.31 2.69
N CYS U 73 -107.59 21.30 3.48
CA CYS U 73 -108.96 21.19 3.98
C CYS U 73 -109.32 22.34 4.91
N ARG U 74 -108.34 22.91 5.63
CA ARG U 74 -108.64 23.95 6.61
C ARG U 74 -108.97 25.29 5.96
N SER U 75 -108.24 25.67 4.91
CA SER U 75 -108.34 27.00 4.34
C SER U 75 -109.46 27.15 3.32
N TYR U 76 -110.22 26.08 3.07
CA TYR U 76 -111.26 26.15 2.00
C TYR U 76 -112.14 27.38 2.22
N LYS U 77 -112.58 27.61 3.46
CA LYS U 77 -113.51 28.74 3.76
C LYS U 77 -113.07 30.01 3.01
N GLU U 78 -111.85 30.50 3.26
CA GLU U 78 -111.41 31.78 2.66
C GLU U 78 -111.33 31.66 1.13
N LEU U 79 -110.78 30.56 0.62
CA LEU U 79 -110.58 30.45 -0.85
C LEU U 79 -111.93 30.61 -1.56
N LYS U 80 -112.89 29.73 -1.29
CA LYS U 80 -114.19 29.77 -2.01
C LYS U 80 -114.89 31.10 -1.70
N HIS U 81 -114.51 31.76 -0.61
CA HIS U 81 -115.18 33.02 -0.20
C HIS U 81 -115.03 34.07 -1.32
N GLU U 82 -113.85 34.17 -1.94
CA GLU U 82 -113.68 35.26 -2.95
C GLU U 82 -112.81 34.81 -4.12
N ARG U 83 -111.99 33.77 -3.93
CA ARG U 83 -111.06 33.37 -4.99
C ARG U 83 -111.76 32.74 -6.18
N LEU U 84 -113.07 32.52 -6.09
CA LEU U 84 -113.83 31.89 -7.21
C LEU U 84 -113.69 32.77 -8.46
N ARG U 85 -113.44 32.15 -9.62
CA ARG U 85 -113.24 32.88 -10.87
C ARG U 85 -114.58 33.26 -11.49
N LYS U 86 -115.41 32.28 -11.82
CA LYS U 86 -116.67 32.49 -12.52
C LYS U 86 -117.84 32.17 -11.60
N TYR U 87 -119.04 32.30 -12.15
CA TYR U 87 -120.27 32.00 -11.43
C TYR U 87 -121.08 31.00 -12.25
N HIS U 88 -121.52 29.92 -11.61
CA HIS U 88 -122.27 28.86 -12.25
C HIS U 88 -121.44 28.18 -13.34
N ASN V 4 -105.99 39.68 3.22
CA ASN V 4 -105.48 39.08 1.99
C ASN V 4 -104.11 38.44 2.22
N LEU V 5 -103.06 39.23 2.05
CA LEU V 5 -101.71 38.71 2.22
C LEU V 5 -101.47 38.27 3.66
N PHE V 6 -101.90 39.08 4.62
CA PHE V 6 -101.71 38.75 6.03
C PHE V 6 -102.80 37.82 6.53
N ALA V 7 -103.00 36.69 5.84
CA ALA V 7 -103.99 35.70 6.23
C ALA V 7 -103.37 34.51 6.94
N SER V 8 -102.28 33.96 6.38
CA SER V 8 -101.64 32.81 7.00
C SER V 8 -101.02 33.16 8.34
N PHE V 9 -100.38 34.33 8.43
CA PHE V 9 -99.68 34.70 9.65
C PHE V 9 -100.64 34.85 10.82
N ILE V 10 -101.69 35.67 10.65
CA ILE V 10 -102.71 35.84 11.68
C ILE V 10 -103.76 34.76 11.42
N ALA V 11 -103.44 33.55 11.86
CA ALA V 11 -104.33 32.40 11.75
C ALA V 11 -103.81 31.29 12.66
N PRO V 12 -103.99 31.40 13.97
CA PRO V 12 -103.44 30.37 14.86
C PRO V 12 -104.18 29.05 14.71
N THR V 13 -104.05 28.43 13.54
CA THR V 13 -104.68 27.14 13.23
C THR V 13 -106.18 27.20 13.49
N MET V 14 -106.84 28.02 12.68
CA MET V 14 -108.27 28.26 12.80
C MET V 14 -109.05 26.96 12.81
N MET V 15 -109.86 26.76 13.85
CA MET V 15 -110.70 25.60 14.01
C MET V 15 -111.65 25.88 15.18
N GLY V 16 -112.64 25.01 15.35
CA GLY V 16 -113.54 25.14 16.49
C GLY V 16 -112.78 25.09 17.80
N LEU V 17 -111.77 24.24 17.89
CA LEU V 17 -110.85 24.20 19.00
C LEU V 17 -109.44 24.46 18.46
N PRO V 18 -108.67 25.35 19.07
CA PRO V 18 -107.32 25.63 18.55
C PRO V 18 -106.46 24.37 18.53
N ILE V 19 -105.69 24.23 17.47
CA ILE V 19 -104.86 23.04 17.28
C ILE V 19 -103.42 23.44 17.03
N VAL V 20 -102.99 24.56 17.61
CA VAL V 20 -101.59 24.97 17.49
C VAL V 20 -100.68 23.94 18.13
N THR V 21 -101.14 23.28 19.20
CA THR V 21 -100.34 22.23 19.83
C THR V 21 -100.11 21.07 18.88
N LEU V 22 -101.16 20.65 18.15
CA LEU V 22 -100.99 19.57 17.19
C LEU V 22 -100.03 19.95 16.08
N ILE V 23 -100.15 21.18 15.58
CA ILE V 23 -99.26 21.62 14.50
C ILE V 23 -97.82 21.67 14.97
N ILE V 24 -97.59 22.16 16.19
CA ILE V 24 -96.21 22.33 16.65
C ILE V 24 -95.60 21.01 17.15
N MET V 25 -96.42 20.04 17.56
CA MET V 25 -95.90 18.76 17.99
C MET V 25 -95.73 17.75 16.86
N PHE V 26 -96.29 18.04 15.68
CA PHE V 26 -96.17 17.11 14.55
C PHE V 26 -94.74 16.80 14.13
N PRO V 27 -93.80 17.75 14.05
CA PRO V 27 -92.47 17.41 13.51
C PRO V 27 -91.76 16.31 14.27
N SER V 28 -92.08 16.10 15.54
CA SER V 28 -91.41 15.06 16.31
C SER V 28 -91.70 13.66 15.78
N LEU V 29 -92.77 13.48 15.02
CA LEU V 29 -93.10 12.18 14.45
C LEU V 29 -92.36 11.95 13.14
N LEU V 30 -91.06 12.22 13.14
CA LEU V 30 -90.20 11.93 12.00
C LEU V 30 -88.83 11.42 12.42
N PHE V 31 -88.59 11.21 13.71
CA PHE V 31 -87.28 10.80 14.22
C PHE V 31 -87.47 9.55 15.07
N PRO V 32 -87.57 8.38 14.46
CA PRO V 32 -87.69 7.14 15.24
C PRO V 32 -86.49 6.93 16.13
N THR V 33 -86.74 6.38 17.31
CA THR V 33 -85.63 6.14 18.24
C THR V 33 -84.97 4.79 17.96
N PRO V 34 -83.64 4.73 18.02
CA PRO V 34 -82.96 3.46 17.72
C PRO V 34 -83.31 2.38 18.74
N LYS V 35 -83.36 1.14 18.25
CA LYS V 35 -83.69 0.01 19.12
C LYS V 35 -82.88 -1.25 18.81
N ARG V 36 -81.90 -1.17 17.91
CA ARG V 36 -81.09 -2.34 17.56
C ARG V 36 -79.70 -1.89 17.17
N LEU V 37 -78.75 -2.82 17.20
CA LEU V 37 -77.37 -2.50 16.87
C LEU V 37 -77.23 -2.04 15.43
N ILE V 38 -77.89 -2.72 14.50
CA ILE V 38 -77.89 -2.35 13.08
C ILE V 38 -79.33 -2.08 12.67
N ASN V 39 -79.57 -0.92 12.09
CA ASN V 39 -80.92 -0.45 11.78
C ASN V 39 -81.05 -0.15 10.28
N ASN V 40 -82.23 0.33 9.90
CA ASN V 40 -82.53 0.61 8.51
C ASN V 40 -81.79 1.87 8.05
N ARG V 41 -82.02 2.24 6.79
CA ARG V 41 -81.29 3.36 6.21
C ARG V 41 -81.76 4.70 6.74
N THR V 42 -83.04 4.81 7.10
CA THR V 42 -83.61 6.12 7.41
C THR V 42 -83.10 6.70 8.72
N ILE V 43 -82.58 5.88 9.63
CA ILE V 43 -82.16 6.37 10.94
C ILE V 43 -80.64 6.45 11.00
N SER V 44 -79.97 5.64 10.18
CA SER V 44 -78.51 5.70 10.13
C SER V 44 -78.04 7.05 9.64
N ILE V 45 -78.70 7.60 8.62
CA ILE V 45 -78.34 8.93 8.14
C ILE V 45 -78.58 9.97 9.22
N GLN V 46 -79.68 9.83 9.97
CA GLN V 46 -79.97 10.79 11.03
C GLN V 46 -78.88 10.78 12.09
N GLN V 47 -78.48 9.59 12.55
CA GLN V 47 -77.46 9.54 13.59
C GLN V 47 -76.10 9.97 13.08
N TRP V 48 -75.78 9.66 11.82
CA TRP V 48 -74.53 10.14 11.24
C TRP V 48 -74.51 11.66 11.18
N LEU V 49 -75.62 12.27 10.78
CA LEU V 49 -75.70 13.73 10.72
C LEU V 49 -75.56 14.33 12.12
N ILE V 50 -76.21 13.73 13.10
CA ILE V 50 -76.12 14.25 14.47
C ILE V 50 -74.68 14.16 14.97
N GLN V 51 -74.01 13.04 14.71
CA GLN V 51 -72.61 12.91 15.10
C GLN V 51 -71.74 13.95 14.40
N LEU V 52 -71.96 14.16 13.09
CA LEU V 52 -71.13 15.09 12.35
C LEU V 52 -71.31 16.52 12.86
N THR V 53 -72.55 16.92 13.15
CA THR V 53 -72.79 18.28 13.62
C THR V 53 -72.26 18.50 15.03
N SER V 54 -72.30 17.46 15.87
CA SER V 54 -71.90 17.62 17.26
C SER V 54 -70.41 17.97 17.38
N LYS V 55 -69.56 17.29 16.61
CA LYS V 55 -68.12 17.46 16.75
C LYS V 55 -67.62 18.79 16.21
N GLN V 56 -68.47 19.57 15.52
CA GLN V 56 -68.03 20.81 14.91
C GLN V 56 -68.35 22.04 15.75
N MET V 57 -69.23 21.93 16.75
CA MET V 57 -69.67 23.09 17.50
C MET V 57 -69.31 23.01 18.98
N MET V 58 -69.54 21.87 19.62
CA MET V 58 -69.30 21.72 21.05
C MET V 58 -67.86 21.34 21.38
N ALA V 59 -66.92 21.59 20.47
CA ALA V 59 -65.53 21.22 20.66
C ALA V 59 -64.68 22.40 21.15
N ILE V 60 -65.28 23.34 21.88
CA ILE V 60 -64.57 24.50 22.40
C ILE V 60 -64.63 24.55 23.93
N HIS V 61 -65.80 24.31 24.51
CA HIS V 61 -65.95 24.37 25.96
C HIS V 61 -65.13 23.28 26.63
N ASN V 62 -64.67 23.58 27.85
CA ASN V 62 -63.69 22.69 28.49
C ASN V 62 -64.36 21.49 29.15
N GLN V 63 -65.12 21.72 30.21
CA GLN V 63 -65.86 20.63 30.84
C GLN V 63 -67.30 20.97 31.14
N LYS V 64 -67.58 22.20 31.58
CA LYS V 64 -68.94 22.54 31.99
C LYS V 64 -69.84 22.73 30.78
N GLY V 65 -69.30 23.25 29.68
CA GLY V 65 -70.09 23.42 28.47
C GLY V 65 -70.44 22.13 27.78
N GLN V 66 -69.71 21.05 28.06
CA GLN V 66 -70.08 19.74 27.51
C GLN V 66 -71.42 19.26 28.04
N THR V 67 -71.85 19.75 29.21
CA THR V 67 -73.14 19.35 29.75
C THR V 67 -74.30 19.85 28.90
N TRP V 68 -74.14 21.02 28.30
CA TRP V 68 -75.20 21.65 27.50
C TRP V 68 -75.38 21.01 26.13
N SER V 69 -74.65 19.93 25.82
CA SER V 69 -74.62 19.42 24.46
C SER V 69 -76.01 18.97 24.00
N LEU V 70 -76.73 18.24 24.86
CA LEU V 70 -78.03 17.71 24.45
C LEU V 70 -79.02 18.83 24.15
N MET V 71 -79.02 19.88 24.97
CA MET V 71 -79.96 20.97 24.79
C MET V 71 -79.74 21.67 23.44
N LEU V 72 -78.48 21.95 23.11
CA LEU V 72 -78.18 22.65 21.86
C LEU V 72 -78.54 21.82 20.64
N MET V 73 -78.23 20.52 20.66
CA MET V 73 -78.57 19.67 19.54
C MET V 73 -80.09 19.57 19.37
N SER V 74 -80.80 19.42 20.49
CA SER V 74 -82.27 19.41 20.41
C SER V 74 -82.80 20.71 19.83
N LEU V 75 -82.23 21.84 20.26
CA LEU V 75 -82.69 23.14 19.78
C LEU V 75 -82.48 23.28 18.28
N ILE V 76 -81.27 22.96 17.80
CA ILE V 76 -80.97 23.14 16.38
C ILE V 76 -81.83 22.21 15.54
N MET V 77 -81.98 20.95 15.96
CA MET V 77 -82.82 20.04 15.20
C MET V 77 -84.26 20.51 15.17
N PHE V 78 -84.78 21.01 16.30
CA PHE V 78 -86.16 21.46 16.35
C PHE V 78 -86.39 22.64 15.41
N ILE V 79 -85.54 23.66 15.49
CA ILE V 79 -85.76 24.84 14.65
C ILE V 79 -85.59 24.48 13.18
N GLY V 80 -84.58 23.66 12.86
CA GLY V 80 -84.38 23.28 11.48
C GLY V 80 -85.53 22.48 10.91
N SER V 81 -86.08 21.56 11.71
CA SER V 81 -87.23 20.79 11.25
C SER V 81 -88.46 21.66 11.10
N THR V 82 -88.67 22.62 12.00
CA THR V 82 -89.83 23.50 11.89
C THR V 82 -89.76 24.36 10.64
N ASN V 83 -88.57 24.88 10.32
CA ASN V 83 -88.46 25.80 9.18
C ASN V 83 -88.63 25.08 7.84
N ILE V 84 -88.05 23.89 7.70
CA ILE V 84 -88.10 23.21 6.40
C ILE V 84 -89.51 22.76 6.07
N LEU V 85 -90.27 22.32 7.08
CA LEU V 85 -91.63 21.86 6.85
C LEU V 85 -92.56 22.97 6.38
N GLY V 86 -92.18 24.23 6.60
CA GLY V 86 -93.05 25.34 6.23
C GLY V 86 -93.07 25.67 4.76
N LEU V 87 -92.17 25.10 3.97
CA LEU V 87 -92.14 25.38 2.54
C LEU V 87 -93.28 24.70 1.80
N LEU V 88 -94.04 23.83 2.46
CA LEU V 88 -95.15 23.16 1.79
C LEU V 88 -96.23 24.17 1.41
N PRO V 89 -97.03 23.86 0.37
CA PRO V 89 -97.88 24.90 -0.23
C PRO V 89 -98.83 25.60 0.72
N HIS V 90 -99.44 24.89 1.66
CA HIS V 90 -100.43 25.50 2.54
C HIS V 90 -100.09 25.30 4.01
N SER V 91 -98.81 25.27 4.34
CA SER V 91 -98.38 25.02 5.71
C SER V 91 -98.55 26.27 6.55
N PHE V 92 -98.20 26.16 7.83
CA PHE V 92 -98.25 27.26 8.78
C PHE V 92 -97.03 27.15 9.68
N THR V 93 -96.05 28.01 9.46
CA THR V 93 -94.79 27.93 10.20
C THR V 93 -94.95 28.57 11.58
N PRO V 94 -94.79 27.81 12.66
CA PRO V 94 -94.89 28.42 14.00
C PRO V 94 -93.82 29.46 14.26
N THR V 95 -92.66 29.36 13.62
CA THR V 95 -91.60 30.34 13.84
C THR V 95 -91.99 31.73 13.36
N THR V 96 -93.04 31.83 12.54
CA THR V 96 -93.52 33.15 12.12
C THR V 96 -93.99 33.97 13.32
N GLN V 97 -94.69 33.35 14.25
CA GLN V 97 -95.21 34.06 15.41
C GLN V 97 -94.08 34.54 16.31
N LEU V 98 -94.23 35.76 16.83
CA LEU V 98 -93.24 36.34 17.73
C LEU V 98 -93.32 35.77 19.14
N SER V 99 -94.44 35.16 19.51
CA SER V 99 -94.64 34.71 20.89
C SER V 99 -93.61 33.67 21.29
N MET V 100 -93.45 32.62 20.47
CA MET V 100 -92.51 31.57 20.83
C MET V 100 -91.06 32.01 20.65
N ASN V 101 -90.77 32.88 19.69
CA ASN V 101 -89.42 33.43 19.59
C ASN V 101 -89.05 34.22 20.84
N LEU V 102 -90.00 34.98 21.40
CA LEU V 102 -89.76 35.67 22.67
C LEU V 102 -89.69 34.70 23.85
N GLY V 103 -90.42 33.59 23.79
CA GLY V 103 -90.32 32.60 24.83
C GLY V 103 -89.13 31.67 24.73
N MET V 104 -88.37 31.76 23.65
CA MET V 104 -87.15 30.98 23.49
C MET V 104 -85.89 31.72 23.93
N ALA V 105 -85.75 32.99 23.57
CA ALA V 105 -84.48 33.69 23.78
C ALA V 105 -84.25 34.00 25.25
N ILE V 106 -85.27 34.52 25.94
CA ILE V 106 -85.07 35.04 27.30
C ILE V 106 -84.57 33.99 28.27
N PRO V 107 -85.16 32.78 28.35
CA PRO V 107 -84.70 31.83 29.39
C PRO V 107 -83.23 31.47 29.28
N LEU V 108 -82.76 31.11 28.08
CA LEU V 108 -81.37 30.69 27.93
C LEU V 108 -80.40 31.84 28.17
N TRP V 109 -80.73 33.03 27.66
CA TRP V 109 -79.88 34.20 27.89
C TRP V 109 -79.76 34.51 29.37
N SER V 110 -80.89 34.48 30.08
CA SER V 110 -80.86 34.71 31.52
C SER V 110 -80.05 33.63 32.23
N ALA V 111 -80.23 32.38 31.80
CA ALA V 111 -79.47 31.28 32.39
C ALA V 111 -77.97 31.55 32.28
N THR V 112 -77.51 31.93 31.09
CA THR V 112 -76.08 32.20 30.92
C THR V 112 -75.63 33.38 31.77
N VAL V 113 -76.42 34.47 31.77
CA VAL V 113 -75.94 35.70 32.41
C VAL V 113 -75.85 35.54 33.92
N PHE V 114 -76.83 34.87 34.55
CA PHE V 114 -76.69 34.70 35.99
C PHE V 114 -76.02 33.37 36.37
N THR V 115 -75.63 32.55 35.40
CA THR V 115 -74.66 31.50 35.69
C THR V 115 -73.25 32.08 35.76
N GLY V 116 -72.96 33.06 34.91
CA GLY V 116 -71.64 33.68 34.93
C GLY V 116 -71.34 34.35 36.25
N PHE V 117 -72.33 35.03 36.84
CA PHE V 117 -72.11 35.76 38.08
C PHE V 117 -71.97 34.83 39.27
N ARG V 118 -72.61 33.66 39.22
CA ARG V 118 -72.65 32.78 40.38
C ARG V 118 -71.27 32.24 40.74
N TYR V 119 -70.47 31.86 39.74
CA TYR V 119 -69.20 31.19 39.99
C TYR V 119 -67.98 32.07 39.78
N LYS V 120 -68.05 33.03 38.86
CA LYS V 120 -66.89 33.84 38.47
C LYS V 120 -67.20 35.32 38.62
N THR V 121 -67.76 35.72 39.77
CA THR V 121 -68.25 37.07 39.93
C THR V 121 -67.16 38.11 39.67
N LYS V 122 -65.94 37.86 40.16
CA LYS V 122 -64.86 38.81 39.96
C LYS V 122 -64.56 39.01 38.48
N THR V 123 -64.41 37.90 37.74
CA THR V 123 -64.12 38.02 36.31
C THR V 123 -65.36 38.39 35.51
N SER V 124 -66.53 37.87 35.89
CA SER V 124 -67.75 38.20 35.18
C SER V 124 -68.08 39.68 35.28
N LEU V 125 -67.66 40.33 36.37
CA LEU V 125 -67.87 41.77 36.47
C LEU V 125 -66.85 42.55 35.63
N ALA V 126 -65.68 41.95 35.37
CA ALA V 126 -64.62 42.64 34.65
C ALA V 126 -64.86 42.72 33.15
N HIS V 127 -65.65 41.80 32.58
CA HIS V 127 -65.82 41.75 31.14
C HIS V 127 -66.46 43.02 30.57
N PHE V 128 -67.14 43.80 31.40
CA PHE V 128 -67.72 45.06 30.93
C PHE V 128 -66.63 46.01 30.45
N LEU V 129 -65.60 46.20 31.24
CA LEU V 129 -64.47 47.01 30.81
C LEU V 129 -63.61 46.21 29.84
N PRO V 130 -63.35 46.71 28.64
CA PRO V 130 -62.51 45.96 27.69
C PRO V 130 -61.13 45.70 28.25
N GLN V 131 -60.59 44.53 27.93
CA GLN V 131 -59.28 44.15 28.41
C GLN V 131 -58.22 45.10 27.86
N GLY V 132 -57.14 45.28 28.61
CA GLY V 132 -56.13 46.24 28.25
C GLY V 132 -56.53 47.64 28.65
N THR V 133 -55.61 48.58 28.42
CA THR V 133 -55.84 49.97 28.79
C THR V 133 -56.52 50.69 27.63
N PRO V 134 -57.77 51.11 27.76
CA PRO V 134 -58.45 51.87 26.69
C PRO V 134 -58.27 53.38 26.81
N ALA V 135 -57.02 53.81 26.92
CA ALA V 135 -56.66 55.24 27.05
C ALA V 135 -57.35 55.78 28.30
N LEU V 136 -57.93 56.97 28.25
CA LEU V 136 -58.59 57.58 29.41
C LEU V 136 -60.08 57.76 29.20
N LEU V 137 -60.68 57.00 28.28
CA LEU V 137 -62.10 57.11 27.95
C LEU V 137 -62.97 56.10 28.70
N ILE V 138 -62.55 55.69 29.90
CA ILE V 138 -63.23 54.58 30.58
C ILE V 138 -64.72 54.82 30.79
N PRO V 139 -65.16 55.93 31.40
CA PRO V 139 -66.60 56.08 31.67
C PRO V 139 -67.45 56.11 30.42
N MET V 140 -66.88 56.51 29.29
CA MET V 140 -67.66 56.61 28.06
C MET V 140 -68.02 55.23 27.51
N LEU V 141 -67.04 54.32 27.45
CA LEU V 141 -67.29 52.98 26.92
C LEU V 141 -67.93 52.04 27.93
N VAL V 142 -67.81 52.35 29.23
CA VAL V 142 -68.47 51.52 30.23
C VAL V 142 -69.96 51.53 30.02
N ILE V 143 -70.54 52.69 29.69
CA ILE V 143 -71.97 52.75 29.42
C ILE V 143 -72.32 52.23 28.04
N ILE V 144 -71.33 52.04 27.16
CA ILE V 144 -71.62 51.49 25.84
C ILE V 144 -71.83 49.98 25.93
N GLU V 145 -70.90 49.28 26.56
CA GLU V 145 -71.02 47.83 26.50
C GLU V 145 -72.15 47.29 27.38
N THR V 146 -72.53 48.01 28.43
CA THR V 146 -73.61 47.53 29.29
C THR V 146 -74.96 47.63 28.59
N ILE V 147 -75.19 48.71 27.83
CA ILE V 147 -76.41 48.77 27.03
C ILE V 147 -76.33 47.79 25.87
N SER V 148 -75.12 47.56 25.34
CA SER V 148 -74.96 46.52 24.33
C SER V 148 -75.36 45.15 24.85
N LEU V 149 -75.23 44.92 26.16
CA LEU V 149 -75.59 43.63 26.71
C LEU V 149 -77.07 43.32 26.52
N PHE V 150 -77.94 44.30 26.75
CA PHE V 150 -79.38 44.00 26.81
C PHE V 150 -80.02 43.79 25.44
N ILE V 151 -79.33 44.17 24.35
CA ILE V 151 -79.95 44.10 23.03
C ILE V 151 -79.90 42.71 22.42
N GLN V 152 -79.15 41.79 23.01
CA GLN V 152 -78.95 40.48 22.39
C GLN V 152 -80.25 39.71 22.20
N PRO V 153 -81.09 39.49 23.22
CA PRO V 153 -82.32 38.72 22.98
C PRO V 153 -83.26 39.36 21.99
N VAL V 154 -83.35 40.70 22.00
CA VAL V 154 -84.29 41.40 21.14
C VAL V 154 -83.95 41.16 19.67
N ALA V 155 -82.69 41.38 19.30
CA ALA V 155 -82.26 41.11 17.93
C ALA V 155 -82.37 39.64 17.60
N LEU V 156 -81.97 38.78 18.54
CA LEU V 156 -81.98 37.33 18.32
C LEU V 156 -83.37 36.83 17.99
N ALA V 157 -84.40 37.46 18.55
CA ALA V 157 -85.77 37.08 18.20
C ALA V 157 -86.25 37.79 16.94
N VAL V 158 -85.94 39.09 16.80
CA VAL V 158 -86.57 39.89 15.76
C VAL V 158 -86.10 39.47 14.38
N ARG V 159 -84.82 39.09 14.24
CA ARG V 159 -84.36 38.71 12.91
C ARG V 159 -85.07 37.46 12.40
N LEU V 160 -85.25 36.47 13.28
CA LEU V 160 -86.01 35.28 12.91
C LEU V 160 -87.45 35.62 12.62
N THR V 161 -88.07 36.49 13.42
CA THR V 161 -89.46 36.83 13.17
C THR V 161 -89.63 37.58 11.84
N ALA V 162 -88.57 38.25 11.38
CA ALA V 162 -88.72 39.10 10.19
C ALA V 162 -88.41 38.37 8.88
N ASN V 163 -87.30 37.64 8.83
CA ASN V 163 -86.82 37.15 7.54
C ASN V 163 -87.78 36.15 6.90
N ILE V 164 -88.37 35.25 7.68
CA ILE V 164 -89.28 34.26 7.13
C ILE V 164 -90.52 34.92 6.54
N THR V 165 -91.07 35.90 7.26
CA THR V 165 -92.22 36.63 6.75
C THR V 165 -91.88 37.36 5.46
N ALA V 166 -90.69 37.96 5.40
CA ALA V 166 -90.29 38.66 4.17
C ALA V 166 -90.22 37.68 3.01
N GLY V 167 -89.63 36.51 3.23
CA GLY V 167 -89.53 35.52 2.17
C GLY V 167 -90.89 35.07 1.67
N HIS V 168 -91.79 34.75 2.60
CA HIS V 168 -93.12 34.30 2.18
C HIS V 168 -93.88 35.40 1.44
N LEU V 169 -93.74 36.65 1.89
CA LEU V 169 -94.37 37.77 1.19
C LEU V 169 -93.86 37.85 -0.24
N LEU V 170 -92.55 37.72 -0.43
CA LEU V 170 -92.00 37.77 -1.77
C LEU V 170 -92.56 36.65 -2.64
N ILE V 171 -92.62 35.44 -2.10
CA ILE V 171 -93.12 34.31 -2.89
C ILE V 171 -94.57 34.56 -3.30
N HIS V 172 -95.41 34.99 -2.35
CA HIS V 172 -96.81 35.20 -2.65
C HIS V 172 -97.00 36.30 -3.68
N LEU V 173 -96.25 37.40 -3.54
CA LEU V 173 -96.40 38.50 -4.50
C LEU V 173 -95.95 38.09 -5.89
N ILE V 174 -94.85 37.34 -6.01
CA ILE V 174 -94.40 36.93 -7.32
C ILE V 174 -95.39 35.94 -7.94
N GLY V 175 -96.00 35.08 -7.12
CA GLY V 175 -97.04 34.21 -7.64
C GLY V 175 -98.24 34.99 -8.15
N GLY V 176 -98.68 35.99 -7.38
CA GLY V 176 -99.76 36.84 -7.85
C GLY V 176 -99.42 37.55 -9.15
N ALA V 177 -98.17 38.01 -9.27
CA ALA V 177 -97.75 38.69 -10.48
C ALA V 177 -97.76 37.75 -11.68
N THR V 178 -97.25 36.54 -11.51
CA THR V 178 -97.22 35.60 -12.63
C THR V 178 -98.61 35.10 -12.98
N LEU V 179 -99.56 35.14 -12.03
CA LEU V 179 -100.93 34.82 -12.37
C LEU V 179 -101.58 35.92 -13.21
N ALA V 180 -101.34 37.18 -12.85
CA ALA V 180 -102.01 38.29 -13.52
C ALA V 180 -101.57 38.41 -14.98
N LEU V 181 -100.29 38.22 -15.26
CA LEU V 181 -99.77 38.41 -16.60
C LEU V 181 -100.17 37.31 -17.57
N LEU V 182 -100.91 36.29 -17.12
CA LEU V 182 -101.42 35.30 -18.06
C LEU V 182 -102.43 35.92 -19.03
N ASN V 183 -103.33 36.76 -18.51
CA ASN V 183 -104.36 37.37 -19.35
C ASN V 183 -103.74 38.31 -20.38
N ILE V 184 -102.76 39.11 -19.98
CA ILE V 184 -102.15 40.11 -20.84
C ILE V 184 -100.78 39.60 -21.26
N ASN V 185 -100.65 39.27 -22.55
CA ASN V 185 -99.38 38.83 -23.14
C ASN V 185 -98.91 37.52 -22.52
N THR V 186 -97.70 37.09 -22.90
CA THR V 186 -97.13 35.83 -22.42
C THR V 186 -95.73 36.10 -21.90
N MET V 187 -95.48 35.73 -20.65
CA MET V 187 -94.18 35.95 -20.02
C MET V 187 -93.92 34.85 -19.01
N THR V 188 -93.01 33.95 -19.33
CA THR V 188 -92.53 32.94 -18.40
C THR V 188 -91.33 33.41 -17.59
N ALA V 189 -90.93 34.66 -17.75
CA ALA V 189 -89.85 35.19 -16.92
C ALA V 189 -90.22 35.19 -15.45
N PHE V 190 -91.50 35.39 -15.13
CA PHE V 190 -91.92 35.44 -13.73
C PHE V 190 -91.87 34.08 -13.06
N ILE V 191 -92.32 33.03 -13.75
CA ILE V 191 -92.20 31.70 -13.18
C ILE V 191 -90.73 31.29 -13.09
N THR V 192 -89.90 31.77 -14.01
CA THR V 192 -88.46 31.55 -13.91
C THR V 192 -87.90 32.22 -12.66
N PHE V 193 -88.34 33.44 -12.37
CA PHE V 193 -87.94 34.11 -11.13
C PHE V 193 -88.38 33.30 -9.92
N THR V 194 -89.61 32.78 -9.95
CA THR V 194 -90.11 32.00 -8.82
C THR V 194 -89.25 30.75 -8.59
N ILE V 195 -89.01 29.98 -9.64
CA ILE V 195 -88.24 28.74 -9.49
C ILE V 195 -86.81 29.04 -9.10
N LEU V 196 -86.27 30.18 -9.53
CA LEU V 196 -84.90 30.53 -9.13
C LEU V 196 -84.84 30.96 -7.66
N ILE V 197 -85.80 31.75 -7.22
CA ILE V 197 -85.83 32.21 -5.84
C ILE V 197 -86.09 31.08 -4.87
N LEU V 198 -86.83 30.05 -5.31
CA LEU V 198 -87.16 28.95 -4.41
C LEU V 198 -85.91 28.24 -3.88
N LEU V 199 -84.85 28.15 -4.68
CA LEU V 199 -83.63 27.54 -4.18
C LEU V 199 -83.06 28.32 -3.00
N THR V 200 -82.99 29.64 -3.14
CA THR V 200 -82.45 30.47 -2.07
C THR V 200 -83.33 30.41 -0.83
N ILE V 201 -84.65 30.43 -1.01
CA ILE V 201 -85.50 30.34 0.17
C ILE V 201 -85.37 28.97 0.83
N LEU V 202 -85.13 27.92 0.03
CA LEU V 202 -84.97 26.59 0.61
C LEU V 202 -83.70 26.48 1.41
N GLU V 203 -82.61 27.09 0.93
CA GLU V 203 -81.35 26.99 1.65
C GLU V 203 -81.09 28.12 2.63
N PHE V 204 -82.00 29.09 2.74
CA PHE V 204 -81.80 30.19 3.69
C PHE V 204 -82.22 29.85 5.11
N ALA V 205 -83.01 28.80 5.34
CA ALA V 205 -83.46 28.49 6.69
C ALA V 205 -82.33 27.92 7.54
N VAL V 206 -81.57 26.97 6.97
CA VAL V 206 -80.57 26.25 7.75
C VAL V 206 -79.46 27.20 8.20
N ALA V 207 -79.12 28.19 7.37
CA ALA V 207 -78.17 29.21 7.79
C ALA V 207 -78.68 29.96 9.02
N LEU V 208 -79.97 30.28 9.05
CA LEU V 208 -80.53 30.95 10.21
C LEU V 208 -80.48 30.05 11.45
N ILE V 209 -80.76 28.76 11.29
CA ILE V 209 -80.66 27.84 12.42
C ILE V 209 -79.24 27.85 12.96
N GLN V 210 -78.25 27.75 12.06
CA GLN V 210 -76.86 27.70 12.46
C GLN V 210 -76.44 28.97 13.19
N ALA V 211 -76.83 30.13 12.65
CA ALA V 211 -76.47 31.39 13.29
C ALA V 211 -77.10 31.52 14.66
N TYR V 212 -78.38 31.15 14.78
CA TYR V 212 -79.07 31.22 16.06
C TYR V 212 -78.38 30.35 17.10
N VAL V 213 -77.99 29.14 16.73
CA VAL V 213 -77.33 28.27 17.70
C VAL V 213 -75.92 28.78 18.03
N PHE V 214 -75.18 29.23 17.01
CA PHE V 214 -73.80 29.62 17.20
C PHE V 214 -73.66 30.83 18.10
N THR V 215 -74.56 31.82 17.96
CA THR V 215 -74.49 32.99 18.83
C THR V 215 -74.66 32.60 20.29
N LEU V 216 -75.60 31.70 20.57
CA LEU V 216 -75.80 31.24 21.94
C LEU V 216 -74.59 30.44 22.42
N LEU V 217 -73.98 29.65 21.54
CA LEU V 217 -72.76 28.93 21.92
C LEU V 217 -71.68 29.90 22.36
N VAL V 218 -71.48 30.96 21.57
CA VAL V 218 -70.45 31.94 21.90
C VAL V 218 -70.78 32.63 23.22
N SER V 219 -72.04 33.01 23.41
CA SER V 219 -72.42 33.70 24.64
C SER V 219 -72.20 32.82 25.86
N LEU V 220 -72.54 31.53 25.76
CA LEU V 220 -72.32 30.63 26.89
C LEU V 220 -70.85 30.46 27.19
N TYR V 221 -70.01 30.33 26.16
CA TYR V 221 -68.59 30.09 26.37
C TYR V 221 -67.93 31.28 27.06
N LEU V 222 -68.47 32.48 26.91
CA LEU V 222 -67.88 33.65 27.53
C LEU V 222 -67.91 33.56 29.04
N HIS V 223 -69.03 33.09 29.60
CA HIS V 223 -69.22 33.03 31.05
C HIS V 223 -69.05 31.62 31.60
N ASP V 224 -68.23 30.80 30.96
CA ASP V 224 -68.04 29.42 31.39
C ASP V 224 -66.56 29.05 31.44
N GLN W 8 52.62 -69.05 25.15
CA GLN W 8 52.26 -70.09 26.09
C GLN W 8 52.93 -69.85 27.45
N LYS W 9 54.20 -69.47 27.41
CA LYS W 9 54.95 -69.23 28.64
C LYS W 9 54.39 -68.05 29.40
N LEU W 10 54.13 -66.94 28.70
CA LEU W 10 53.52 -65.79 29.35
C LEU W 10 52.12 -66.12 29.86
N PHE W 11 51.37 -66.91 29.09
CA PHE W 11 50.02 -67.28 29.51
C PHE W 11 50.04 -68.07 30.80
N VAL W 12 50.94 -69.06 30.91
CA VAL W 12 51.00 -69.87 32.11
C VAL W 12 51.51 -69.05 33.29
N ASP W 13 52.46 -68.13 33.05
CA ASP W 13 52.92 -67.27 34.13
C ASP W 13 51.78 -66.41 34.67
N LYS W 14 50.99 -65.81 33.78
CA LYS W 14 49.87 -64.99 34.22
C LYS W 14 48.80 -65.84 34.90
N ILE W 15 48.59 -67.07 34.44
CA ILE W 15 47.64 -67.96 35.13
C ILE W 15 48.11 -68.26 36.55
N ARG W 16 49.42 -68.51 36.71
CA ARG W 16 49.96 -68.75 38.04
C ARG W 16 49.78 -67.54 38.94
N GLU W 17 50.01 -66.34 38.41
CA GLU W 17 49.82 -65.15 39.23
C GLU W 17 48.36 -64.89 39.54
N TYR W 18 47.45 -65.22 38.61
CA TYR W 18 46.03 -65.11 38.91
C TYR W 18 45.63 -66.08 40.02
N ARG W 19 46.18 -67.30 40.00
CA ARG W 19 45.94 -68.23 41.09
C ARG W 19 46.53 -67.72 42.39
N THR W 20 47.69 -67.06 42.33
CA THR W 20 48.24 -66.42 43.52
C THR W 20 47.30 -65.37 44.07
N LYS W 21 46.69 -64.58 43.18
CA LYS W 21 45.68 -63.61 43.60
C LYS W 21 44.49 -64.31 44.24
N ARG W 22 44.09 -65.46 43.69
CA ARG W 22 43.02 -66.25 44.29
C ARG W 22 43.42 -66.85 45.63
N GLN W 23 44.72 -67.00 45.90
CA GLN W 23 45.17 -67.52 47.18
C GLN W 23 44.89 -66.55 48.33
N THR W 24 44.65 -65.28 48.03
CA THR W 24 44.32 -64.33 49.08
C THR W 24 43.04 -64.73 49.79
N SER W 25 43.03 -64.55 51.11
CA SER W 25 41.85 -64.89 51.90
C SER W 25 40.64 -64.08 51.47
N GLY W 26 40.84 -62.78 51.25
CA GLY W 26 39.77 -61.92 50.80
C GLY W 26 40.24 -60.54 50.41
N GLY W 27 39.58 -59.93 49.43
CA GLY W 27 39.94 -58.61 48.98
C GLY W 27 41.22 -58.60 48.16
N PRO W 28 41.60 -57.44 47.66
CA PRO W 28 42.84 -57.35 46.88
C PRO W 28 44.06 -57.52 47.76
N VAL W 29 45.16 -57.96 47.13
CA VAL W 29 46.44 -58.05 47.83
C VAL W 29 46.87 -56.65 48.28
N ASP W 30 46.75 -55.67 47.40
CA ASP W 30 46.97 -54.28 47.73
C ASP W 30 45.60 -53.65 47.99
N ALA W 31 45.26 -53.48 49.26
CA ALA W 31 43.96 -52.92 49.61
C ALA W 31 43.82 -51.49 49.08
N GLY W 32 44.88 -50.70 49.19
CA GLY W 32 44.88 -49.35 48.66
C GLY W 32 44.43 -48.33 49.70
N PRO W 33 45.31 -47.38 50.01
CA PRO W 33 44.92 -46.32 50.95
C PRO W 33 43.75 -45.49 50.47
N GLU W 34 43.60 -45.31 49.16
CA GLU W 34 42.55 -44.48 48.59
C GLU W 34 41.44 -45.27 47.91
N TYR W 35 41.58 -46.59 47.78
CA TYR W 35 40.52 -47.38 47.15
C TYR W 35 39.24 -47.32 47.97
N GLN W 36 39.35 -47.48 49.29
CA GLN W 36 38.19 -47.38 50.15
C GLN W 36 37.57 -45.99 50.10
N GLN W 37 38.41 -44.95 50.09
CA GLN W 37 37.90 -43.58 50.01
C GLN W 37 37.17 -43.34 48.69
N ASP W 38 37.73 -43.83 47.58
CA ASP W 38 37.08 -43.66 46.29
C ASP W 38 35.76 -44.41 46.25
N LEU W 39 35.72 -45.63 46.78
CA LEU W 39 34.48 -46.39 46.83
C LEU W 39 33.44 -45.69 47.67
N ASP W 40 33.84 -45.13 48.81
CA ASP W 40 32.90 -44.40 49.67
C ASP W 40 32.37 -43.17 48.96
N ARG W 41 33.23 -42.43 48.25
CA ARG W 41 32.78 -41.26 47.52
C ARG W 41 31.79 -41.64 46.42
N GLU W 42 32.08 -42.71 45.68
CA GLU W 42 31.16 -43.15 44.64
C GLU W 42 29.82 -43.59 45.23
N LEU W 43 29.86 -44.31 46.36
CA LEU W 43 28.63 -44.73 47.01
C LEU W 43 27.82 -43.54 47.49
N PHE W 44 28.49 -42.53 48.05
CA PHE W 44 27.79 -41.33 48.50
C PHE W 44 27.16 -40.60 47.32
N LYS W 45 27.88 -40.51 46.20
CA LYS W 45 27.32 -39.86 45.01
C LYS W 45 26.10 -40.63 44.50
N LEU W 46 26.18 -41.96 44.47
CA LEU W 46 25.05 -42.76 44.02
C LEU W 46 23.85 -42.59 44.94
N LYS W 47 24.10 -42.56 46.26
CA LYS W 47 23.01 -42.38 47.22
C LYS W 47 22.36 -41.01 47.04
N GLN W 48 23.17 -39.97 46.83
CA GLN W 48 22.62 -38.63 46.63
C GLN W 48 21.80 -38.57 45.34
N MET W 49 22.31 -39.16 44.26
CA MET W 49 21.62 -39.10 42.98
C MET W 49 20.31 -39.88 43.02
N TYR W 50 20.35 -41.11 43.54
CA TYR W 50 19.17 -41.96 43.58
C TYR W 50 18.25 -41.64 44.75
N GLY W 51 18.71 -40.87 45.72
CA GLY W 51 17.90 -40.56 46.88
C GLY W 51 18.13 -41.52 48.02
N LYS W 52 17.87 -41.04 49.24
CA LYS W 52 18.04 -41.86 50.42
C LYS W 52 16.97 -42.95 50.48
N ALA W 53 17.40 -44.17 50.80
CA ALA W 53 16.51 -45.32 50.88
C ALA W 53 16.92 -46.19 52.04
N ASP W 54 15.93 -46.66 52.81
CA ASP W 54 16.18 -47.59 53.89
C ASP W 54 16.24 -49.02 53.34
N MET W 55 16.50 -49.97 54.24
CA MET W 55 16.60 -51.36 53.82
C MET W 55 15.26 -51.92 53.34
N ASN W 56 14.20 -51.73 54.14
CA ASN W 56 12.91 -52.30 53.79
C ASN W 56 11.74 -51.37 54.13
N THR W 57 11.98 -50.07 54.26
CA THR W 57 10.91 -49.15 54.64
C THR W 57 9.88 -49.05 53.53
N PHE W 58 8.62 -49.30 53.87
CA PHE W 58 7.51 -49.23 52.93
C PHE W 58 6.41 -48.38 53.54
N PRO W 59 6.53 -47.05 53.45
CA PRO W 59 5.48 -46.18 54.00
C PRO W 59 4.17 -46.36 53.26
N ASN W 60 3.07 -46.14 53.99
CA ASN W 60 1.73 -46.29 53.43
C ASN W 60 0.84 -45.23 54.08
N PHE W 61 0.68 -44.09 53.40
CA PHE W 61 -0.20 -43.03 53.85
C PHE W 61 -1.12 -42.64 52.71
N THR W 62 -2.42 -42.59 52.98
CA THR W 62 -3.42 -42.30 51.97
C THR W 62 -4.09 -40.96 52.29
N PHE W 63 -4.16 -40.08 51.30
CA PHE W 63 -4.80 -38.78 51.45
C PHE W 63 -6.30 -38.90 51.21
N GLU W 64 -7.01 -37.82 51.52
CA GLU W 64 -8.45 -37.76 51.33
C GLU W 64 -8.76 -37.31 49.90
N ASP W 65 -10.03 -37.06 49.62
CA ASP W 65 -10.43 -36.62 48.29
C ASP W 65 -10.03 -35.16 48.09
N PRO W 66 -9.23 -34.83 47.07
CA PRO W 66 -8.78 -33.45 46.89
C PRO W 66 -9.71 -32.64 46.00
N LYS W 67 -10.00 -31.42 46.44
CA LYS W 67 -10.84 -30.46 45.71
C LYS W 67 -12.21 -31.08 45.39
N PHE W 68 -12.93 -31.44 46.45
CA PHE W 68 -14.24 -32.05 46.30
C PHE W 68 -15.22 -31.04 45.73
N GLU W 69 -15.73 -31.32 44.52
CA GLU W 69 -16.70 -30.47 43.86
C GLU W 69 -18.11 -30.97 44.16
N ALA W 70 -18.99 -30.05 44.53
CA ALA W 70 -20.34 -30.39 44.94
C ALA W 70 -21.34 -29.49 44.21
N VAL W 71 -22.62 -29.80 44.40
CA VAL W 71 -23.71 -28.98 43.90
C VAL W 71 -24.20 -27.98 44.94
N GLU W 72 -23.45 -27.82 46.04
CA GLU W 72 -23.84 -26.88 47.09
C GLU W 72 -23.73 -25.45 46.58
N LYS W 73 -24.89 -24.81 46.39
CA LYS W 73 -24.95 -23.44 45.92
C LYS W 73 -26.29 -22.86 46.33
N PRO W 74 -26.42 -21.53 46.37
CA PRO W 74 -27.70 -20.92 46.75
C PRO W 74 -28.86 -21.30 45.83
N GLN W 75 -28.60 -21.50 44.54
CA GLN W 75 -29.64 -21.82 43.59
C GLN W 75 -29.97 -23.31 43.54
N SER W 76 -29.24 -24.15 44.28
CA SER W 76 -29.48 -25.59 44.28
C SER W 76 -30.82 -25.93 44.92
N ARG X 9 -10.63 -49.06 38.44
CA ARG X 9 -11.92 -49.65 38.81
C ARG X 9 -12.93 -49.48 37.68
N LYS X 10 -14.05 -50.20 37.78
CA LYS X 10 -15.11 -50.12 36.79
C LYS X 10 -16.07 -48.98 37.12
N LEU X 11 -16.60 -48.37 36.07
CA LEU X 11 -17.51 -47.23 36.21
C LEU X 11 -18.81 -47.51 35.47
N ALA X 12 -19.90 -46.94 35.99
CA ALA X 12 -21.22 -47.03 35.39
C ALA X 12 -21.83 -45.63 35.41
N LEU X 13 -21.58 -44.88 34.35
CA LEU X 13 -22.11 -43.52 34.22
C LEU X 13 -23.25 -43.49 33.21
N LYS X 14 -23.98 -42.38 33.22
CA LYS X 14 -25.16 -42.21 32.38
C LYS X 14 -24.88 -41.21 31.28
N ALA X 15 -25.15 -41.61 30.03
CA ALA X 15 -24.97 -40.70 28.91
C ALA X 15 -26.00 -39.58 28.96
N ILE X 16 -25.56 -38.37 28.61
CA ILE X 16 -26.40 -37.18 28.69
C ILE X 16 -26.35 -36.45 27.36
N ASP X 17 -27.39 -35.64 27.12
CA ASP X 17 -27.44 -34.74 25.98
C ASP X 17 -27.20 -33.32 26.49
N TRP X 18 -26.04 -32.74 26.15
CA TRP X 18 -25.71 -31.41 26.62
C TRP X 18 -26.59 -30.34 26.00
N VAL X 19 -27.12 -30.58 24.79
CA VAL X 19 -28.02 -29.63 24.15
C VAL X 19 -29.28 -29.47 24.98
N ALA X 20 -29.84 -30.59 25.45
CA ALA X 20 -30.98 -30.51 26.35
C ALA X 20 -30.55 -30.10 27.76
N PHE X 21 -29.31 -30.42 28.14
CA PHE X 21 -28.82 -30.01 29.46
C PHE X 21 -28.79 -28.50 29.61
N GLY X 22 -28.40 -27.79 28.54
CA GLY X 22 -28.45 -26.35 28.58
C GLY X 22 -29.85 -25.79 28.66
N GLU X 23 -30.85 -26.56 28.25
CA GLU X 23 -32.23 -26.08 28.28
C GLU X 23 -32.81 -26.09 29.69
N ILE X 24 -32.33 -26.97 30.57
CA ILE X 24 -32.78 -26.97 31.95
C ILE X 24 -32.51 -25.61 32.58
N ILE X 25 -33.28 -25.28 33.62
CA ILE X 25 -33.33 -23.94 34.21
C ILE X 25 -31.93 -23.39 34.43
N PRO X 26 -31.50 -22.41 33.64
CA PRO X 26 -30.12 -21.92 33.74
C PRO X 26 -29.99 -20.65 34.56
N ARG X 27 -31.13 -20.08 34.97
CA ARG X 27 -31.11 -18.80 35.67
C ARG X 27 -30.34 -18.93 36.98
N ASN X 28 -29.40 -18.02 37.20
CA ASN X 28 -28.50 -18.00 38.36
C ASN X 28 -27.66 -19.27 38.47
N GLN X 29 -27.66 -20.12 37.45
CA GLN X 29 -26.93 -21.37 37.46
C GLN X 29 -25.98 -21.51 36.28
N LYS X 30 -25.77 -20.44 35.51
CA LYS X 30 -24.87 -20.52 34.36
C LYS X 30 -23.44 -20.83 34.81
N ALA X 31 -22.99 -20.20 35.89
CA ALA X 31 -21.63 -20.44 36.37
C ALA X 31 -21.44 -21.89 36.81
N ILE X 32 -22.46 -22.45 37.47
CA ILE X 32 -22.37 -23.84 37.93
C ILE X 32 -22.24 -24.78 36.73
N ALA X 33 -23.05 -24.55 35.70
CA ALA X 33 -22.96 -25.38 34.50
C ALA X 33 -21.61 -25.21 33.81
N ASN X 34 -21.09 -23.99 33.78
CA ASN X 34 -19.79 -23.75 33.17
C ASN X 34 -18.69 -24.52 33.90
N SER X 35 -18.73 -24.51 35.23
CA SER X 35 -17.78 -25.32 36.00
C SER X 35 -17.99 -26.81 35.74
N LEU X 36 -19.25 -27.23 35.67
CA LEU X 36 -19.54 -28.64 35.45
C LEU X 36 -19.01 -29.13 34.11
N LYS X 37 -19.05 -28.29 33.08
CA LYS X 37 -18.48 -28.70 31.80
C LYS X 37 -17.00 -29.04 31.94
N SER X 38 -16.24 -28.15 32.59
CA SER X 38 -14.81 -28.38 32.77
C SER X 38 -14.56 -29.63 33.58
N TRP X 39 -15.28 -29.79 34.71
CA TRP X 39 -15.06 -30.95 35.55
C TRP X 39 -15.38 -32.24 34.80
N ASN X 40 -16.54 -32.27 34.12
CA ASN X 40 -16.98 -33.50 33.46
C ASN X 40 -16.02 -33.88 32.33
N GLU X 41 -15.55 -32.91 31.56
CA GLU X 41 -14.62 -33.23 30.48
C GLU X 41 -13.26 -33.66 31.03
N THR X 42 -12.71 -32.88 31.97
CA THR X 42 -11.35 -33.12 32.42
C THR X 42 -11.23 -34.41 33.21
N LEU X 43 -12.20 -34.72 34.07
CA LEU X 43 -12.13 -35.97 34.83
C LEU X 43 -12.21 -37.17 33.90
N SER X 44 -13.05 -37.10 32.86
CA SER X 44 -13.12 -38.17 31.89
C SER X 44 -11.79 -38.33 31.15
N THR X 45 -11.16 -37.21 30.77
CA THR X 45 -9.86 -37.30 30.11
C THR X 45 -8.83 -37.95 31.01
N ARG X 46 -8.78 -37.54 32.28
CA ARG X 46 -7.81 -38.12 33.22
C ARG X 46 -8.06 -39.61 33.43
N LEU X 47 -9.34 -39.99 33.57
CA LEU X 47 -9.67 -41.40 33.75
C LEU X 47 -9.25 -42.23 32.54
N ALA X 48 -9.52 -41.73 31.33
CA ALA X 48 -9.12 -42.46 30.14
C ALA X 48 -7.61 -42.52 29.99
N ALA X 49 -6.89 -41.52 30.52
CA ALA X 49 -5.44 -41.51 30.38
C ALA X 49 -4.79 -42.70 31.09
N LEU X 50 -5.27 -43.03 32.29
CA LEU X 50 -4.65 -44.11 33.04
C LEU X 50 -5.54 -45.34 33.05
N PRO X 51 -4.96 -46.54 32.92
CA PRO X 51 -5.78 -47.75 32.91
C PRO X 51 -6.53 -47.95 34.22
N GLU X 52 -7.77 -48.43 34.10
CA GLU X 52 -8.57 -48.71 35.28
C GLU X 52 -8.02 -49.91 36.04
N LYS X 53 -7.51 -50.90 35.31
CA LYS X 53 -6.89 -52.05 35.96
C LYS X 53 -5.64 -51.64 36.72
N PRO X 54 -5.34 -52.31 37.82
CA PRO X 54 -4.15 -51.96 38.59
C PRO X 54 -2.89 -52.24 37.77
N PRO X 55 -1.81 -51.53 38.06
CA PRO X 55 -0.58 -51.73 37.29
C PRO X 55 -0.02 -53.13 37.48
N ALA X 56 0.98 -53.46 36.68
CA ALA X 56 1.62 -54.76 36.75
C ALA X 56 2.46 -54.83 38.02
N ILE X 57 1.98 -55.60 39.01
CA ILE X 57 2.71 -55.81 40.25
C ILE X 57 3.48 -57.13 40.22
N ASP X 58 3.75 -57.66 39.03
CA ASP X 58 4.43 -58.93 38.85
C ASP X 58 5.91 -58.86 39.19
N TRP X 59 6.40 -57.74 39.73
CA TRP X 59 7.81 -57.62 40.05
C TRP X 59 8.25 -58.59 41.14
N ALA X 60 7.32 -59.07 41.97
CA ALA X 60 7.68 -59.99 43.04
C ALA X 60 8.28 -61.27 42.49
N TYR X 61 7.70 -61.81 41.41
CA TYR X 61 8.30 -62.95 40.73
C TYR X 61 9.64 -62.58 40.13
N TYR X 62 9.75 -61.38 39.57
CA TYR X 62 11.03 -60.92 39.04
C TYR X 62 12.06 -60.79 40.15
N LYS X 63 11.64 -60.30 41.32
CA LYS X 63 12.55 -60.23 42.46
C LYS X 63 13.06 -61.61 42.86
N ALA X 64 12.18 -62.61 42.82
CA ALA X 64 12.62 -63.98 43.06
C ALA X 64 13.62 -64.43 41.99
N THR X 65 13.36 -64.10 40.73
CA THR X 65 14.35 -64.37 39.68
C THR X 65 15.57 -63.48 39.84
N VAL X 66 15.39 -62.24 40.33
CA VAL X 66 16.51 -61.37 40.62
C VAL X 66 17.43 -62.05 41.63
N ALA X 67 18.75 -61.88 41.45
CA ALA X 67 19.72 -62.51 42.33
C ALA X 67 19.47 -62.15 43.79
N LYS X 68 19.18 -60.88 44.07
CA LYS X 68 18.81 -60.45 45.42
C LYS X 68 17.35 -60.83 45.64
N ALA X 69 17.14 -62.03 46.16
CA ALA X 69 15.80 -62.57 46.37
C ALA X 69 15.49 -62.98 47.81
N GLY X 70 16.51 -63.22 48.64
CA GLY X 70 16.31 -63.75 49.97
C GLY X 70 15.46 -62.90 50.90
N LEU X 71 16.01 -61.77 51.36
CA LEU X 71 15.23 -60.86 52.20
C LEU X 71 14.09 -60.22 51.41
N VAL X 72 14.27 -60.10 50.10
CA VAL X 72 13.20 -59.60 49.26
C VAL X 72 11.99 -60.53 49.32
N ASP X 73 12.22 -61.83 49.56
CA ASP X 73 11.10 -62.74 49.76
C ASP X 73 10.31 -62.38 51.02
N ASP X 74 11.00 -62.07 52.12
CA ASP X 74 10.29 -61.64 53.33
C ASP X 74 9.54 -60.34 53.07
N PHE X 75 10.17 -59.42 52.33
CA PHE X 75 9.51 -58.16 52.04
C PHE X 75 8.30 -58.36 51.14
N GLU X 76 8.37 -59.32 50.21
CA GLU X 76 7.20 -59.68 49.40
C GLU X 76 6.09 -60.24 50.27
N LYS X 77 6.45 -61.09 51.25
CA LYS X 77 5.47 -61.55 52.21
C LYS X 77 4.82 -60.38 52.94
N LYS X 78 5.62 -59.35 53.26
CA LYS X 78 5.06 -58.11 53.76
C LYS X 78 4.24 -57.40 52.69
N PHE X 79 4.70 -57.43 51.43
CA PHE X 79 4.00 -56.73 50.36
C PHE X 79 2.60 -57.29 50.15
N ASN X 80 2.45 -58.62 50.23
CA ASN X 80 1.13 -59.22 50.08
C ASN X 80 0.18 -58.83 51.19
N ALA X 81 0.70 -58.36 52.32
CA ALA X 81 -0.13 -57.91 53.43
C ALA X 81 -0.59 -56.46 53.27
N LEU X 82 -0.14 -55.77 52.23
CA LEU X 82 -0.54 -54.38 52.04
C LEU X 82 -2.01 -54.29 51.64
N LYS X 83 -2.69 -53.25 52.14
CA LYS X 83 -4.07 -52.98 51.83
C LYS X 83 -4.24 -51.52 51.46
N VAL X 84 -5.09 -51.24 50.49
CA VAL X 84 -5.32 -49.90 49.97
C VAL X 84 -6.77 -49.51 50.30
N PRO X 85 -6.99 -48.38 50.94
CA PRO X 85 -8.36 -47.98 51.28
C PRO X 85 -9.14 -47.54 50.05
N VAL X 86 -10.46 -47.61 50.18
CA VAL X 86 -11.39 -47.19 49.14
C VAL X 86 -12.18 -45.99 49.67
N PRO X 87 -12.10 -44.82 49.02
CA PRO X 87 -12.86 -43.67 49.49
C PRO X 87 -14.36 -43.91 49.37
N GLU X 88 -15.12 -43.31 50.28
CA GLU X 88 -16.57 -43.46 50.36
C GLU X 88 -17.24 -42.20 49.85
N ASP X 89 -18.23 -42.36 48.98
CA ASP X 89 -18.95 -41.21 48.44
C ASP X 89 -19.77 -40.53 49.52
N LYS X 90 -19.80 -39.20 49.47
CA LYS X 90 -20.52 -38.41 50.47
C LYS X 90 -21.63 -37.56 49.87
N TYR X 91 -21.51 -37.13 48.61
CA TYR X 91 -22.51 -36.27 47.98
C TYR X 91 -23.63 -37.05 47.32
N THR X 92 -23.60 -38.39 47.38
CA THR X 92 -24.64 -39.18 46.72
C THR X 92 -26.01 -38.92 47.33
N ALA X 93 -26.09 -38.82 48.66
CA ALA X 93 -27.37 -38.55 49.30
C ALA X 93 -27.85 -37.13 49.02
N LEU X 94 -26.92 -36.17 48.94
CA LEU X 94 -27.30 -34.78 48.68
C LEU X 94 -27.98 -34.64 47.32
N VAL X 95 -27.46 -35.32 46.31
CA VAL X 95 -28.09 -35.28 44.99
C VAL X 95 -29.48 -35.87 45.03
N ASP X 96 -29.64 -37.01 45.72
CA ASP X 96 -30.95 -37.64 45.83
C ASP X 96 -31.92 -36.80 46.65
N ALA X 97 -31.42 -35.90 47.49
CA ALA X 97 -32.30 -35.10 48.35
C ALA X 97 -33.18 -34.15 47.54
N GLU X 98 -32.60 -33.46 46.55
CA GLU X 98 -33.33 -32.41 45.83
C GLU X 98 -34.38 -32.97 44.87
N GLU X 99 -34.26 -34.23 44.48
CA GLU X 99 -35.14 -34.79 43.46
C GLU X 99 -36.59 -34.81 43.91
N GLN X 100 -36.83 -35.14 45.19
CA GLN X 100 -38.19 -35.18 45.70
C GLN X 100 -38.84 -33.80 45.65
N GLU X 101 -38.11 -32.78 46.08
CA GLU X 101 -38.64 -31.42 46.02
C GLU X 101 -38.94 -31.00 44.59
N ASP X 102 -38.02 -31.31 43.67
CA ASP X 102 -38.25 -30.96 42.27
C ASP X 102 -39.48 -31.67 41.72
N VAL X 103 -39.67 -32.94 42.09
CA VAL X 103 -40.83 -33.70 41.63
C VAL X 103 -42.11 -33.06 42.16
N LYS X 104 -42.13 -32.66 43.43
CA LYS X 104 -43.30 -32.03 43.99
C LYS X 104 -43.63 -30.72 43.27
N ARG X 105 -42.60 -29.91 43.00
CA ARG X 105 -42.83 -28.67 42.26
C ARG X 105 -43.37 -28.95 40.87
N CYS X 106 -42.84 -29.98 40.20
CA CYS X 106 -43.32 -30.34 38.88
C CYS X 106 -44.79 -30.75 38.92
N ALA X 107 -45.18 -31.54 39.91
CA ALA X 107 -46.57 -31.97 40.03
C ALA X 107 -47.50 -30.78 40.24
N GLU X 108 -47.10 -29.85 41.12
CA GLU X 108 -47.93 -28.67 41.35
C GLU X 108 -48.05 -27.83 40.08
N PHE X 109 -46.95 -27.65 39.36
CA PHE X 109 -46.99 -26.92 38.10
C PHE X 109 -47.93 -27.59 37.11
N LEU X 110 -47.86 -28.92 37.01
CA LEU X 110 -48.72 -29.65 36.09
C LEU X 110 -50.19 -29.43 36.44
N SER X 111 -50.54 -29.54 37.72
CA SER X 111 -51.93 -29.38 38.12
C SER X 111 -52.43 -27.97 37.78
N LEU X 112 -51.67 -26.95 38.16
CA LEU X 112 -52.10 -25.57 37.91
C LEU X 112 -52.22 -25.30 36.41
N SER X 113 -51.23 -25.75 35.64
CA SER X 113 -51.26 -25.52 34.19
C SER X 113 -52.45 -26.21 33.55
N LYS X 114 -52.77 -27.43 33.96
CA LYS X 114 -53.91 -28.13 33.39
C LYS X 114 -55.22 -27.42 33.73
N ALA X 115 -55.35 -26.91 34.96
CA ALA X 115 -56.55 -26.16 35.31
C ALA X 115 -56.68 -24.92 34.44
N ARG X 116 -55.58 -24.18 34.26
CA ARG X 116 -55.62 -22.98 33.42
C ARG X 116 -55.96 -23.34 31.98
N ILE X 117 -55.42 -24.45 31.47
CA ILE X 117 -55.70 -24.88 30.11
C ILE X 117 -57.18 -25.20 29.94
N GLU X 118 -57.77 -25.90 30.92
CA GLU X 118 -59.20 -26.19 30.83
C GLU X 118 -60.03 -24.91 30.83
N ALA X 119 -59.67 -23.96 31.69
CA ALA X 119 -60.39 -22.68 31.69
C ALA X 119 -60.28 -21.98 30.35
N TYR X 120 -59.08 -21.97 29.77
CA TYR X 120 -58.90 -21.33 28.46
C TYR X 120 -59.71 -22.04 27.38
N GLU X 121 -59.78 -23.37 27.45
CA GLU X 121 -60.61 -24.11 26.49
C GLU X 121 -62.07 -23.70 26.61
N LYS X 122 -62.56 -23.57 27.84
CA LYS X 122 -63.95 -23.14 28.04
C LYS X 122 -64.17 -21.75 27.46
N GLU X 123 -63.23 -20.83 27.71
CA GLU X 123 -63.38 -19.47 27.20
C GLU X 123 -63.35 -19.44 25.67
N LEU X 124 -62.47 -20.24 25.05
CA LEU X 124 -62.42 -20.30 23.60
C LEU X 124 -63.71 -20.87 23.03
N GLU X 125 -64.27 -21.88 23.68
CA GLU X 125 -65.56 -22.41 23.25
C GLU X 125 -66.65 -21.36 23.33
N LYS X 126 -66.65 -20.58 24.42
CA LYS X 126 -67.62 -19.49 24.54
C LYS X 126 -67.46 -18.47 23.42
N MET X 127 -66.21 -18.11 23.10
CA MET X 127 -65.96 -17.13 22.06
C MET X 127 -66.40 -17.65 20.70
N LYS X 128 -66.20 -18.94 20.43
CA LYS X 128 -66.54 -19.50 19.14
C LYS X 128 -68.04 -19.41 18.87
N ASN X 129 -68.86 -19.69 19.88
CA ASN X 129 -70.32 -19.61 19.75
C ASN X 129 -70.75 -18.16 19.89
N ILE X 130 -71.19 -17.55 18.79
CA ILE X 130 -71.47 -16.12 18.77
C ILE X 130 -72.59 -15.83 17.77
N ILE X 131 -73.48 -14.93 18.14
CA ILE X 131 -74.60 -14.52 17.28
C ILE X 131 -74.07 -13.65 16.15
N PRO X 132 -74.64 -13.73 14.93
CA PRO X 132 -74.03 -13.06 13.77
C PRO X 132 -74.18 -11.54 13.73
N PHE X 133 -74.50 -10.93 14.87
CA PHE X 133 -74.50 -9.47 15.06
C PHE X 133 -75.67 -8.78 14.38
N ASP X 134 -76.45 -9.51 13.58
CA ASP X 134 -77.63 -8.90 12.99
C ASP X 134 -78.80 -8.91 13.96
N GLN X 135 -78.91 -9.95 14.78
CA GLN X 135 -79.94 -10.03 15.80
C GLN X 135 -79.48 -9.49 17.14
N MET X 136 -78.23 -9.06 17.23
CA MET X 136 -77.68 -8.56 18.48
C MET X 136 -78.32 -7.23 18.87
N THR X 137 -78.48 -7.03 20.17
CA THR X 137 -78.83 -5.73 20.74
C THR X 137 -77.61 -5.16 21.45
N ILE X 138 -77.76 -3.93 21.93
CA ILE X 138 -76.62 -3.22 22.51
C ILE X 138 -76.17 -3.89 23.81
N GLU X 139 -77.12 -4.39 24.61
CA GLU X 139 -76.78 -5.00 25.89
C GLU X 139 -76.00 -6.29 25.71
N ASP X 140 -76.39 -7.10 24.71
CA ASP X 140 -75.70 -8.37 24.51
C ASP X 140 -74.26 -8.19 24.06
N LEU X 141 -73.99 -7.11 23.32
CA LEU X 141 -72.60 -6.80 22.98
C LEU X 141 -71.80 -6.41 24.23
N ASN X 142 -72.44 -5.72 25.18
CA ASN X 142 -71.79 -5.47 26.45
C ASN X 142 -71.58 -6.78 27.22
N GLU X 143 -72.50 -7.72 27.06
CA GLU X 143 -72.32 -9.04 27.67
C GLU X 143 -71.11 -9.75 27.09
N VAL X 144 -70.97 -9.75 25.76
CA VAL X 144 -69.89 -10.48 25.12
C VAL X 144 -68.55 -9.79 25.36
N PHE X 145 -68.50 -8.48 25.15
CA PHE X 145 -67.27 -7.71 25.33
C PHE X 145 -67.55 -6.49 26.20
N PRO X 146 -66.57 -6.06 26.99
CA PRO X 146 -66.72 -4.79 27.71
C PRO X 146 -66.82 -3.62 26.74
N GLU X 147 -67.65 -2.66 27.09
CA GLU X 147 -67.94 -1.52 26.21
C GLU X 147 -68.21 -0.30 27.08
N THR X 148 -68.84 0.72 26.49
CA THR X 148 -69.02 2.00 27.15
C THR X 148 -69.76 1.84 28.48
N LYS X 149 -69.60 2.85 29.34
CA LYS X 149 -70.18 2.85 30.67
C LYS X 149 -70.82 4.21 30.92
N LEU X 150 -71.32 4.40 32.14
CA LEU X 150 -72.03 5.62 32.52
C LEU X 150 -71.29 6.34 33.65
N ASP X 151 -69.95 6.37 33.57
CA ASP X 151 -69.16 7.08 34.57
C ASP X 151 -69.19 8.58 34.37
N LYS X 152 -69.27 9.04 33.12
CA LYS X 152 -69.32 10.47 32.81
C LYS X 152 -70.78 10.91 32.82
N LYS X 153 -71.29 11.13 34.03
CA LYS X 153 -72.70 11.45 34.22
C LYS X 153 -73.04 12.81 33.61
N LYS X 154 -74.34 13.01 33.40
CA LYS X 154 -74.87 14.24 32.79
C LYS X 154 -74.27 14.48 31.41
N TYR X 155 -74.32 13.45 30.57
CA TYR X 155 -73.82 13.53 29.21
C TYR X 155 -74.80 12.85 28.27
N PRO X 156 -74.94 13.36 27.04
CA PRO X 156 -75.74 12.67 26.03
C PRO X 156 -74.93 11.71 25.16
N TYR X 157 -73.65 11.59 25.42
CA TYR X 157 -72.72 10.76 24.64
C TYR X 157 -71.92 9.79 25.49
N TRP X 158 -71.52 10.20 26.70
CA TRP X 158 -70.72 9.39 27.60
C TRP X 158 -69.46 8.80 26.96
N PRO X 159 -68.72 9.55 26.14
CA PRO X 159 -67.54 9.01 25.46
C PRO X 159 -66.21 9.33 26.14
N HIS X 160 -66.22 9.91 27.34
CA HIS X 160 -65.08 10.63 27.89
C HIS X 160 -64.69 11.80 26.98
N ARG X 161 -65.68 12.39 26.33
CA ARG X 161 -65.48 13.52 25.41
C ARG X 161 -64.50 13.16 24.29
N GLN Y 9 -94.37 9.30 35.32
CA GLN Y 9 -94.48 7.87 35.50
C GLN Y 9 -93.11 7.20 35.36
N PHE Y 10 -92.85 6.64 34.18
CA PHE Y 10 -91.59 5.99 33.89
C PHE Y 10 -90.66 6.86 33.04
N GLN Y 11 -90.99 8.14 32.89
CA GLN Y 11 -90.19 9.08 32.13
C GLN Y 11 -89.44 10.08 32.99
N PHE Y 12 -89.90 10.34 34.22
CA PHE Y 12 -89.21 11.26 35.10
C PHE Y 12 -87.80 10.75 35.42
N THR Y 13 -87.68 9.45 35.69
CA THR Y 13 -86.38 8.88 36.03
C THR Y 13 -85.40 8.94 34.87
N GLY Y 14 -85.89 9.10 33.64
CA GLY Y 14 -84.99 9.13 32.50
C GLY Y 14 -84.08 10.35 32.50
N ILE Y 15 -84.63 11.52 32.81
CA ILE Y 15 -83.86 12.76 32.74
C ILE Y 15 -83.90 13.47 34.08
N LYS Y 16 -84.09 12.71 35.16
CA LYS Y 16 -84.10 13.31 36.50
C LYS Y 16 -82.75 13.94 36.81
N LYS Y 17 -81.66 13.30 36.41
CA LYS Y 17 -80.33 13.85 36.66
C LYS Y 17 -80.17 15.22 36.00
N TYR Y 18 -80.61 15.34 34.74
CA TYR Y 18 -80.52 16.61 34.05
C TYR Y 18 -81.31 17.69 34.78
N PHE Y 19 -82.56 17.38 35.16
CA PHE Y 19 -83.43 18.40 35.73
C PHE Y 19 -82.89 18.93 37.06
N ASN Y 20 -82.41 18.04 37.92
CA ASN Y 20 -81.93 18.48 39.22
C ASN Y 20 -80.45 18.86 39.23
N SER Y 21 -79.73 18.66 38.12
CA SER Y 21 -78.29 18.91 38.10
C SER Y 21 -77.94 20.24 37.44
N TYR Y 22 -78.29 20.42 36.16
CA TYR Y 22 -77.75 21.53 35.38
C TYR Y 22 -78.79 22.56 34.96
N THR Y 23 -80.05 22.16 34.78
CA THR Y 23 -81.08 23.12 34.37
C THR Y 23 -81.60 23.95 35.53
N LEU Y 24 -80.89 23.97 36.66
CA LEU Y 24 -81.32 24.80 37.79
C LEU Y 24 -81.36 26.28 37.40
N THR Y 25 -80.33 26.76 36.70
CA THR Y 25 -80.31 28.14 36.28
C THR Y 25 -81.33 28.39 35.17
N GLY Y 26 -81.40 27.48 34.19
CA GLY Y 26 -82.32 27.65 33.08
C GLY Y 26 -83.78 27.60 33.48
N ARG Y 27 -84.07 27.12 34.68
CA ARG Y 27 -85.42 27.01 35.21
C ARG Y 27 -86.01 28.35 35.64
N MET Y 28 -85.34 29.47 35.35
CA MET Y 28 -85.86 30.79 35.72
C MET Y 28 -86.68 31.34 34.56
N ASN Y 29 -87.89 30.81 34.42
CA ASN Y 29 -88.85 31.30 33.45
C ASN Y 29 -89.75 32.39 34.02
N CYS Y 30 -89.48 32.84 35.25
CA CYS Y 30 -90.32 33.84 35.88
C CYS Y 30 -90.30 35.15 35.11
N VAL Y 31 -89.14 35.52 34.56
CA VAL Y 31 -89.03 36.78 33.83
C VAL Y 31 -89.95 36.77 32.62
N LEU Y 32 -89.92 35.66 31.86
CA LEU Y 32 -90.78 35.54 30.69
C LEU Y 32 -92.25 35.59 31.08
N ALA Y 33 -92.63 34.89 32.14
CA ALA Y 33 -94.03 34.89 32.58
C ALA Y 33 -94.49 36.27 33.00
N THR Y 34 -93.65 36.98 33.76
CA THR Y 34 -94.02 38.33 34.19
C THR Y 34 -94.14 39.27 33.00
N TYR Y 35 -93.22 39.19 32.05
CA TYR Y 35 -93.30 40.05 30.87
C TYR Y 35 -94.56 39.75 30.08
N GLY Y 36 -94.88 38.47 29.87
CA GLY Y 36 -96.09 38.13 29.15
C GLY Y 36 -97.35 38.59 29.86
N GLY Y 37 -97.40 38.42 31.18
CA GLY Y 37 -98.54 38.86 31.94
C GLY Y 37 -98.73 40.37 31.87
N ILE Y 38 -97.64 41.13 32.00
CA ILE Y 38 -97.72 42.58 31.92
C ILE Y 38 -98.20 43.02 30.53
N ALA Y 39 -97.65 42.41 29.48
CA ALA Y 39 -98.08 42.75 28.13
C ALA Y 39 -99.55 42.45 27.93
N LEU Y 40 -100.01 41.29 28.41
CA LEU Y 40 -101.43 40.93 28.26
C LEU Y 40 -102.32 41.90 29.04
N LEU Y 41 -101.90 42.30 30.24
CA LEU Y 41 -102.70 43.24 31.02
C LEU Y 41 -102.80 44.58 30.32
N VAL Y 42 -101.69 45.07 29.77
CA VAL Y 42 -101.72 46.35 29.05
C VAL Y 42 -102.62 46.26 27.83
N LEU Y 43 -102.51 45.16 27.08
CA LEU Y 43 -103.37 44.98 25.92
C LEU Y 43 -104.84 44.94 26.31
N TYR Y 44 -105.15 44.25 27.41
CA TYR Y 44 -106.53 44.18 27.88
C TYR Y 44 -107.05 45.56 28.27
N PHE Y 45 -106.21 46.35 28.95
CA PHE Y 45 -106.62 47.70 29.30
C PHE Y 45 -106.89 48.54 28.05
N LYS Y 46 -106.01 48.44 27.05
CA LYS Y 46 -106.21 49.21 25.82
C LYS Y 46 -107.49 48.78 25.11
N LEU Y 47 -107.75 47.47 25.05
CA LEU Y 47 -108.97 46.99 24.41
C LEU Y 47 -110.21 47.44 25.17
N ARG Y 48 -110.16 47.43 26.50
CA ARG Y 48 -111.30 47.86 27.30
C ARG Y 48 -111.55 49.35 27.14
N SER Y 49 -110.50 50.14 26.94
CA SER Y 49 -110.69 51.57 26.75
C SER Y 49 -111.53 51.86 25.51
N LYS Y 50 -111.30 51.12 24.43
CA LYS Y 50 -112.04 51.26 23.18
C LYS Y 50 -111.97 52.69 22.64
N UNK Z 1 -53.28 55.30 39.20
CA UNK Z 1 -52.52 54.69 40.29
C UNK Z 1 -52.66 53.18 40.27
N UNK Z 2 -52.17 52.53 41.32
CA UNK Z 2 -52.27 51.08 41.44
C UNK Z 2 -53.57 50.69 42.12
N UNK Z 3 -54.08 49.52 41.77
CA UNK Z 3 -55.31 48.98 42.35
C UNK Z 3 -56.49 49.92 42.16
N UNK Z 4 -56.51 50.64 41.04
CA UNK Z 4 -57.59 51.56 40.73
C UNK Z 4 -57.59 51.88 39.24
N UNK Z 5 -58.35 51.08 38.48
CA UNK Z 5 -58.45 51.21 37.02
C UNK Z 5 -57.10 51.02 36.34
N UNK Z 6 -56.90 49.84 35.78
CA UNK Z 6 -55.65 49.52 35.09
C UNK Z 6 -55.86 48.46 34.02
N UNK Z 7 -54.99 47.46 34.00
CA UNK Z 7 -55.08 46.36 33.06
C UNK Z 7 -55.23 45.04 33.81
N UNK Z 8 -55.10 45.11 35.14
CA UNK Z 8 -55.24 43.93 35.98
C UNK Z 8 -56.71 43.62 36.23
N UNK Z 9 -57.00 42.37 36.56
CA UNK Z 9 -58.38 41.92 36.78
C UNK Z 9 -58.98 42.58 38.02
N UNK Z 10 -58.18 42.71 39.06
CA UNK Z 10 -58.65 43.29 40.32
C UNK Z 10 -58.67 44.81 40.26
N UNK Z 11 -58.35 45.36 39.09
CA UNK Z 11 -58.32 46.81 38.91
C UNK Z 11 -59.51 47.29 38.12
N UNK Z 12 -59.99 46.46 37.19
CA UNK Z 12 -61.09 46.83 36.31
C UNK Z 12 -62.42 46.86 37.05
N UNK Z 13 -62.58 45.93 37.99
CA UNK Z 13 -63.81 45.82 38.76
C UNK Z 13 -64.06 47.10 39.55
N UNK Z 14 -62.99 47.65 40.11
CA UNK Z 14 -63.08 48.87 40.89
C UNK Z 14 -63.61 50.02 40.03
N UNK Z 15 -63.03 50.18 38.85
CA UNK Z 15 -63.44 51.24 37.92
C UNK Z 15 -64.88 51.06 37.49
N UNK Z 16 -65.27 49.82 37.21
CA UNK Z 16 -66.63 49.52 36.79
C UNK Z 16 -67.63 49.91 37.87
N UNK Z 17 -67.36 49.44 39.10
CA UNK Z 17 -68.22 49.73 40.23
C UNK Z 17 -68.28 51.23 40.49
N UNK Z 18 -67.15 51.92 40.32
CA UNK Z 18 -67.09 53.36 40.53
C UNK Z 18 -67.96 54.09 39.54
N UNK Z 19 -67.87 53.68 38.27
CA UNK Z 19 -68.69 54.29 37.22
C UNK Z 19 -70.18 54.09 37.52
N UNK Z 20 -70.53 52.87 37.90
CA UNK Z 20 -71.92 52.54 38.23
C UNK Z 20 -72.42 53.40 39.39
N UNK Z 21 -71.60 53.49 40.44
CA UNK Z 21 -71.97 54.26 41.63
C UNK Z 21 -72.11 55.74 41.32
N UNK Z 22 -71.23 56.26 40.49
CA UNK Z 22 -71.29 57.67 40.10
C UNK Z 22 -72.57 57.94 39.33
N UNK Z 23 -72.91 57.05 38.41
CA UNK Z 23 -74.14 57.17 37.65
C UNK Z 23 -75.35 57.16 38.57
N UNK Z 24 -75.33 56.25 39.55
CA UNK Z 24 -76.42 56.13 40.51
C UNK Z 24 -76.56 57.41 41.34
N UNK Z 25 -75.44 57.96 41.78
CA UNK Z 25 -75.44 59.17 42.59
C UNK Z 25 -75.96 60.35 41.78
N UNK Z 26 -75.60 60.40 40.51
CA UNK Z 26 -76.09 61.46 39.62
C UNK Z 26 -77.60 61.33 39.43
N UNK Z 27 -78.06 60.09 39.31
CA UNK Z 27 -79.49 59.82 39.14
C UNK Z 27 -80.27 60.22 40.39
N UNK Z 28 -79.66 60.01 41.55
CA UNK Z 28 -80.31 60.37 42.81
C UNK Z 28 -80.38 61.89 42.96
N UNK Z 29 -79.20 62.51 43.07
CA UNK Z 29 -79.10 63.97 43.23
C UNK Z 29 -79.89 64.46 44.44
N LYS AA 42 64.65 -29.03 -9.00
CA LYS AA 42 65.10 -28.12 -10.04
C LYS AA 42 65.63 -28.88 -11.25
N THR AA 43 65.14 -30.11 -11.42
CA THR AA 43 65.58 -30.94 -12.53
C THR AA 43 65.11 -30.36 -13.85
N GLY AA 44 66.03 -30.21 -14.79
CA GLY AA 44 65.70 -29.61 -16.07
C GLY AA 44 64.88 -30.54 -16.95
N THR AA 45 64.29 -29.93 -17.98
CA THR AA 45 63.50 -30.71 -18.94
C THR AA 45 64.38 -31.66 -19.75
N ALA AA 46 65.62 -31.27 -20.01
CA ALA AA 46 66.55 -32.09 -20.78
C ALA AA 46 67.43 -32.98 -19.91
N GLU AA 47 67.28 -32.94 -18.59
CA GLU AA 47 68.02 -33.82 -17.70
C GLU AA 47 67.26 -35.13 -17.57
N VAL AA 48 67.38 -35.95 -18.61
CA VAL AA 48 66.74 -37.26 -18.65
C VAL AA 48 67.79 -38.28 -19.06
N SER AA 49 67.56 -39.54 -18.69
CA SER AA 49 68.58 -40.57 -18.83
C SER AA 49 68.97 -40.78 -20.29
N SER AA 50 67.98 -40.78 -21.19
CA SER AA 50 68.26 -41.06 -22.60
C SER AA 50 69.20 -40.03 -23.20
N ILE AA 51 69.03 -38.76 -22.84
CA ILE AA 51 69.89 -37.71 -23.37
C ILE AA 51 71.30 -37.83 -22.81
N LEU AA 52 71.42 -38.05 -21.50
CA LEU AA 52 72.73 -38.10 -20.86
C LEU AA 52 73.53 -39.29 -21.36
N GLU AA 53 72.87 -40.43 -21.56
CA GLU AA 53 73.60 -41.65 -21.92
C GLU AA 53 74.34 -41.49 -23.24
N GLU AA 54 73.72 -40.80 -24.21
CA GLU AA 54 74.40 -40.57 -25.49
C GLU AA 54 75.65 -39.72 -25.32
N ARG AA 55 75.65 -38.80 -24.35
CA ARG AA 55 76.86 -38.05 -24.07
C ARG AA 55 77.89 -38.91 -23.36
N ILE AA 56 77.45 -39.85 -22.53
CA ILE AA 56 78.38 -40.76 -21.87
C ILE AA 56 79.03 -41.70 -22.88
N LEU AA 57 78.24 -42.21 -23.83
CA LEU AA 57 78.76 -43.18 -24.81
C LEU AA 57 79.48 -42.49 -25.96
N GLY AA 58 80.43 -41.62 -25.65
CA GLY AA 58 81.13 -40.90 -26.71
C GLY AA 58 80.13 -40.15 -27.58
N ALA AA 59 80.24 -40.34 -28.89
CA ALA AA 59 79.31 -39.77 -29.86
C ALA AA 59 79.12 -38.27 -29.69
N SER AA 62 77.09 -37.49 -35.10
CA SER AA 62 76.44 -37.95 -36.32
C SER AA 62 75.04 -37.36 -36.44
N VAL AA 63 74.67 -36.52 -35.47
CA VAL AA 63 73.38 -35.85 -35.45
C VAL AA 63 73.64 -34.34 -35.55
N ASP AA 64 72.75 -33.64 -36.25
CA ASP AA 64 73.01 -32.25 -36.58
C ASP AA 64 72.90 -31.34 -35.36
N LEU AA 65 71.73 -31.30 -34.73
CA LEU AA 65 71.44 -30.43 -33.59
C LEU AA 65 71.63 -28.96 -33.91
N GLU AA 66 71.66 -28.59 -35.19
CA GLU AA 66 71.73 -27.20 -35.62
C GLU AA 66 70.61 -26.81 -36.56
N GLU AA 67 70.06 -27.75 -37.32
CA GLU AA 67 68.90 -27.50 -38.16
C GLU AA 67 67.76 -28.46 -37.90
N THR AA 68 67.96 -29.48 -37.07
CA THR AA 68 66.95 -30.48 -36.77
C THR AA 68 66.80 -30.63 -35.27
N GLY AA 69 65.85 -31.45 -34.86
CA GLY AA 69 65.59 -31.68 -33.44
C GLY AA 69 64.76 -32.92 -33.24
N ARG AA 70 64.50 -33.24 -31.98
CA ARG AA 70 63.72 -34.41 -31.61
C ARG AA 70 62.74 -34.03 -30.51
N VAL AA 71 61.64 -34.76 -30.45
CA VAL AA 71 60.54 -34.44 -29.54
C VAL AA 71 60.76 -35.13 -28.21
N LEU AA 72 60.53 -34.40 -27.13
CA LEU AA 72 60.65 -34.94 -25.77
C LEU AA 72 59.31 -35.30 -25.16
N SER AA 73 58.29 -34.47 -25.35
CA SER AA 73 56.96 -34.75 -24.82
C SER AA 73 55.93 -34.05 -25.71
N ILE AA 74 54.69 -34.51 -25.62
CA ILE AA 74 53.61 -33.97 -26.44
C ILE AA 74 52.30 -34.15 -25.70
N GLY AA 75 51.47 -33.11 -25.69
CA GLY AA 75 50.17 -33.18 -25.05
C GLY AA 75 49.39 -31.88 -25.12
N ASP AA 76 48.11 -31.99 -25.46
CA ASP AA 76 47.20 -30.83 -25.52
C ASP AA 76 47.70 -29.76 -26.48
N GLY AA 77 48.31 -30.18 -27.58
CA GLY AA 77 48.72 -29.24 -28.60
C GLY AA 77 50.02 -28.50 -28.33
N ILE AA 78 50.81 -28.94 -27.37
CA ILE AA 78 52.10 -28.33 -27.06
C ILE AA 78 53.17 -29.41 -27.11
N ALA AA 79 54.28 -29.10 -27.78
CA ALA AA 79 55.38 -30.04 -27.94
C ALA AA 79 56.67 -29.42 -27.44
N ARG AA 80 57.47 -30.22 -26.74
CA ARG AA 80 58.78 -29.82 -26.26
C ARG AA 80 59.84 -30.47 -27.14
N VAL AA 81 60.71 -29.66 -27.73
CA VAL AA 81 61.67 -30.10 -28.73
C VAL AA 81 63.08 -29.83 -28.25
N HIS AA 82 63.98 -30.77 -28.51
CA HIS AA 82 65.38 -30.68 -28.11
C HIS AA 82 66.24 -30.51 -29.36
N GLY AA 83 67.05 -29.45 -29.37
CA GLY AA 83 67.87 -29.11 -30.52
C GLY AA 83 67.46 -27.77 -31.11
N LEU AA 84 67.64 -27.65 -32.42
CA LEU AA 84 67.27 -26.45 -33.17
C LEU AA 84 67.91 -25.20 -32.56
N ARG AA 85 69.25 -25.19 -32.59
CA ARG AA 85 70.00 -24.10 -31.97
C ARG AA 85 69.98 -22.81 -32.77
N ASN AA 86 69.49 -22.83 -34.01
CA ASN AA 86 69.49 -21.66 -34.87
C ASN AA 86 68.09 -21.14 -35.18
N VAL AA 87 67.07 -21.63 -34.51
CA VAL AA 87 65.70 -21.26 -34.82
C VAL AA 87 65.41 -19.88 -34.25
N GLN AA 88 64.82 -19.01 -35.07
CA GLN AA 88 64.43 -17.68 -34.64
C GLN AA 88 63.08 -17.72 -33.94
N ALA AA 89 62.80 -16.65 -33.20
CA ALA AA 89 61.50 -16.52 -32.55
C ALA AA 89 60.41 -16.27 -33.58
N GLU AA 90 59.25 -16.91 -33.38
CA GLU AA 90 58.11 -16.81 -34.29
C GLU AA 90 58.50 -17.27 -35.69
N GLU AA 91 58.85 -18.55 -35.80
CA GLU AA 91 59.25 -19.17 -37.05
C GLU AA 91 58.46 -20.46 -37.23
N MET AA 92 58.19 -20.82 -38.47
CA MET AA 92 57.38 -21.98 -38.80
C MET AA 92 58.27 -23.17 -39.09
N VAL AA 93 57.97 -24.31 -38.46
CA VAL AA 93 58.74 -25.54 -38.65
C VAL AA 93 57.83 -26.61 -39.25
N GLU AA 94 58.39 -27.79 -39.52
CA GLU AA 94 57.65 -28.88 -40.11
C GLU AA 94 57.95 -30.17 -39.37
N PHE AA 95 56.91 -30.93 -39.04
CA PHE AA 95 57.06 -32.20 -38.37
C PHE AA 95 57.26 -33.33 -39.39
N SER AA 96 57.52 -34.53 -38.86
CA SER AA 96 57.72 -35.69 -39.73
C SER AA 96 56.45 -36.06 -40.48
N SER AA 97 55.30 -36.05 -39.79
CA SER AA 97 54.06 -36.48 -40.41
C SER AA 97 53.64 -35.59 -41.57
N GLY AA 98 53.81 -34.27 -41.41
CA GLY AA 98 53.40 -33.34 -42.44
C GLY AA 98 52.77 -32.09 -41.85
N LEU AA 99 52.49 -32.12 -40.55
CA LEU AA 99 51.89 -30.98 -39.88
C LEU AA 99 52.92 -29.85 -39.74
N LYS AA 100 52.42 -28.69 -39.32
CA LYS AA 100 53.24 -27.52 -39.13
C LYS AA 100 53.11 -26.99 -37.71
N GLY AA 101 54.05 -26.16 -37.31
CA GLY AA 101 54.08 -25.59 -35.98
C GLY AA 101 54.69 -24.20 -36.00
N MET AA 102 54.72 -23.58 -34.83
CA MET AA 102 55.25 -22.23 -34.70
C MET AA 102 55.98 -22.12 -33.36
N SER AA 103 57.16 -21.50 -33.40
CA SER AA 103 58.01 -21.40 -32.22
C SER AA 103 57.67 -20.16 -31.43
N LEU AA 104 57.45 -20.32 -30.12
CA LEU AA 104 57.06 -19.20 -29.28
C LEU AA 104 57.96 -19.02 -28.06
N ASN AA 105 58.43 -20.12 -27.46
CA ASN AA 105 59.31 -20.06 -26.30
C ASN AA 105 60.69 -20.57 -26.69
N LEU AA 106 61.72 -19.78 -26.38
CA LEU AA 106 63.10 -20.17 -26.61
C LEU AA 106 63.77 -20.26 -25.24
N GLU AA 107 63.66 -21.42 -24.62
CA GLU AA 107 64.24 -21.68 -23.31
C GLU AA 107 65.67 -22.16 -23.45
N PRO AA 108 66.47 -22.10 -22.37
CA PRO AA 108 67.89 -22.45 -22.50
C PRO AA 108 68.17 -23.87 -22.94
N ASP AA 109 67.22 -24.81 -22.77
CA ASP AA 109 67.46 -26.19 -23.14
C ASP AA 109 66.40 -26.81 -24.04
N ASN AA 110 65.32 -26.10 -24.35
CA ASN AA 110 64.28 -26.65 -25.21
C ASN AA 110 63.45 -25.49 -25.76
N VAL AA 111 62.61 -25.82 -26.76
CA VAL AA 111 61.74 -24.85 -27.41
C VAL AA 111 60.34 -25.44 -27.47
N GLY AA 112 59.35 -24.64 -27.08
CA GLY AA 112 57.96 -25.07 -27.10
C GLY AA 112 57.26 -24.61 -28.36
N VAL AA 113 56.52 -25.53 -28.98
CA VAL AA 113 55.90 -25.31 -30.28
C VAL AA 113 54.41 -25.59 -30.16
N VAL AA 114 53.62 -24.83 -30.93
CA VAL AA 114 52.18 -25.01 -31.01
C VAL AA 114 51.85 -25.71 -32.32
N VAL AA 115 50.98 -26.72 -32.24
CA VAL AA 115 50.70 -27.61 -33.36
C VAL AA 115 49.51 -27.09 -34.15
N PHE AA 116 49.63 -27.08 -35.48
CA PHE AA 116 48.55 -26.67 -36.37
C PHE AA 116 47.66 -27.85 -36.78
N GLY AA 117 47.16 -28.62 -35.81
CA GLY AA 117 46.34 -29.76 -36.16
C GLY AA 117 45.96 -30.66 -35.00
N ASN AA 118 46.04 -31.97 -35.21
CA ASN AA 118 45.61 -32.97 -34.25
C ASN AA 118 46.83 -33.66 -33.66
N ASP AA 119 46.85 -33.81 -32.33
CA ASP AA 119 47.98 -34.39 -31.63
C ASP AA 119 48.17 -35.87 -31.89
N LYS AA 120 47.17 -36.53 -32.49
CA LYS AA 120 47.25 -37.98 -32.69
C LYS AA 120 48.38 -38.39 -33.61
N LEU AA 121 48.84 -37.49 -34.47
CA LEU AA 121 49.86 -37.81 -35.47
C LEU AA 121 51.28 -37.52 -35.00
N ILE AA 122 51.47 -37.12 -33.75
CA ILE AA 122 52.78 -36.81 -33.20
C ILE AA 122 53.04 -37.73 -32.02
N LYS AA 123 54.26 -38.27 -31.95
CA LYS AA 123 54.66 -39.11 -30.83
C LYS AA 123 56.11 -38.81 -30.47
N GLU AA 124 56.50 -39.25 -29.27
CA GLU AA 124 57.84 -38.97 -28.77
C GLU AA 124 58.88 -39.63 -29.66
N GLY AA 125 59.93 -38.87 -30.00
CA GLY AA 125 61.02 -39.36 -30.80
C GLY AA 125 61.00 -38.97 -32.26
N ASP AA 126 60.02 -38.17 -32.68
CA ASP AA 126 59.96 -37.75 -34.07
C ASP AA 126 61.03 -36.70 -34.37
N ILE AA 127 61.10 -36.29 -35.63
CA ILE AA 127 62.14 -35.39 -36.10
C ILE AA 127 61.50 -34.11 -36.62
N VAL AA 128 62.03 -32.97 -36.18
CA VAL AA 128 61.56 -31.65 -36.58
C VAL AA 128 62.69 -30.94 -37.32
N LYS AA 129 62.36 -30.23 -38.39
CA LYS AA 129 63.35 -29.50 -39.17
C LYS AA 129 62.84 -28.10 -39.50
N ARG AA 130 63.78 -27.21 -39.78
CA ARG AA 130 63.49 -25.79 -39.99
C ARG AA 130 62.88 -25.56 -41.37
N THR AA 131 62.44 -24.31 -41.58
CA THR AA 131 62.10 -23.81 -42.90
C THR AA 131 62.69 -22.43 -43.18
N GLY AA 132 63.18 -21.72 -42.16
CA GLY AA 132 63.84 -20.45 -42.35
C GLY AA 132 62.96 -19.32 -42.85
N ALA AA 133 61.73 -19.24 -42.37
CA ALA AA 133 60.82 -18.18 -42.81
C ALA AA 133 59.76 -17.95 -41.75
N ILE AA 134 59.08 -16.82 -41.88
CA ILE AA 134 57.95 -16.48 -41.03
C ILE AA 134 56.68 -16.52 -41.88
N VAL AA 135 55.53 -16.55 -41.22
CA VAL AA 135 54.26 -16.74 -41.90
C VAL AA 135 54.01 -15.61 -42.89
N ASP AA 136 53.48 -15.97 -44.06
CA ASP AA 136 53.08 -15.01 -45.08
C ASP AA 136 51.90 -15.58 -45.85
N VAL AA 137 51.17 -14.70 -46.52
CA VAL AA 137 49.91 -15.08 -47.17
C VAL AA 137 49.91 -14.52 -48.60
N PRO AA 138 49.14 -15.14 -49.48
CA PRO AA 138 48.97 -14.57 -50.83
C PRO AA 138 48.20 -13.27 -50.79
N VAL AA 139 48.47 -12.42 -51.78
CA VAL AA 139 47.92 -11.07 -51.84
C VAL AA 139 47.72 -10.68 -53.29
N GLY AA 140 46.58 -10.07 -53.58
CA GLY AA 140 46.33 -9.57 -54.92
C GLY AA 140 44.84 -9.43 -55.17
N GLU AA 141 44.51 -9.22 -56.44
CA GLU AA 141 43.12 -9.11 -56.87
C GLU AA 141 42.51 -10.43 -57.31
N GLU AA 142 43.30 -11.51 -57.36
CA GLU AA 142 42.75 -12.80 -57.71
C GLU AA 142 41.95 -13.42 -56.58
N LEU AA 143 41.99 -12.84 -55.38
CA LEU AA 143 41.26 -13.36 -54.24
C LEU AA 143 39.80 -12.93 -54.20
N LEU AA 144 39.39 -12.01 -55.07
CA LEU AA 144 38.01 -11.54 -55.04
C LEU AA 144 37.06 -12.64 -55.46
N GLY AA 145 35.99 -12.82 -54.69
CA GLY AA 145 35.03 -13.87 -54.98
C GLY AA 145 35.43 -15.24 -54.52
N ARG AA 146 36.38 -15.35 -53.59
CA ARG AA 146 36.87 -16.64 -53.12
C ARG AA 146 36.66 -16.77 -51.62
N VAL AA 147 36.65 -18.02 -51.16
CA VAL AA 147 36.52 -18.34 -49.74
C VAL AA 147 37.77 -19.10 -49.33
N VAL AA 148 38.58 -18.51 -48.45
CA VAL AA 148 39.86 -19.08 -48.07
C VAL AA 148 39.87 -19.29 -46.56
N ASP AA 149 40.82 -20.11 -46.11
CA ASP AA 149 41.05 -20.34 -44.69
C ASP AA 149 42.11 -19.35 -44.19
N ALA AA 150 42.63 -19.60 -42.99
CA ALA AA 150 43.52 -18.65 -42.33
C ALA AA 150 44.87 -18.51 -43.00
N LEU AA 151 45.22 -19.39 -43.94
CA LEU AA 151 46.53 -19.36 -44.58
C LEU AA 151 46.47 -19.14 -46.09
N GLY AA 152 45.29 -18.93 -46.66
CA GLY AA 152 45.17 -18.66 -48.07
C GLY AA 152 44.95 -19.87 -48.95
N ASN AA 153 44.40 -20.95 -48.41
CA ASN AA 153 44.09 -22.14 -49.18
C ASN AA 153 42.60 -22.18 -49.47
N ALA AA 154 42.25 -22.29 -50.75
CA ALA AA 154 40.85 -22.24 -51.14
C ALA AA 154 40.10 -23.47 -50.64
N ILE AA 155 38.89 -23.23 -50.12
CA ILE AA 155 38.04 -24.32 -49.64
C ILE AA 155 36.69 -24.33 -50.32
N ASP AA 156 36.54 -23.60 -51.43
CA ASP AA 156 35.31 -23.63 -52.21
C ASP AA 156 35.38 -24.58 -53.40
N GLY AA 157 36.55 -25.15 -53.69
CA GLY AA 157 36.68 -26.17 -54.71
C GLY AA 157 36.78 -25.67 -56.13
N LYS AA 158 36.76 -24.35 -56.35
CA LYS AA 158 36.79 -23.84 -57.72
C LYS AA 158 38.16 -24.02 -58.37
N GLY AA 159 39.24 -23.93 -57.58
CA GLY AA 159 40.57 -24.14 -58.11
C GLY AA 159 41.64 -23.44 -57.31
N PRO AA 160 42.89 -23.55 -57.75
CA PRO AA 160 43.98 -22.88 -57.04
C PRO AA 160 43.94 -21.38 -57.24
N ILE AA 161 44.46 -20.66 -56.25
CA ILE AA 161 44.58 -19.21 -56.33
C ILE AA 161 45.82 -18.88 -57.15
N GLY AA 162 45.61 -18.20 -58.27
CA GLY AA 162 46.72 -17.87 -59.15
C GLY AA 162 47.40 -16.57 -58.81
N SER AA 163 47.76 -16.38 -57.55
CA SER AA 163 48.38 -15.14 -57.12
C SER AA 163 49.86 -15.12 -57.49
N LYS AA 164 50.44 -13.92 -57.47
CA LYS AA 164 51.85 -13.74 -57.81
C LYS AA 164 52.54 -12.76 -56.87
N THR AA 165 52.06 -12.64 -55.64
CA THR AA 165 52.64 -11.74 -54.66
C THR AA 165 52.37 -12.29 -53.27
N ARG AA 166 53.29 -12.01 -52.34
CA ARG AA 166 53.15 -12.45 -50.96
C ARG AA 166 53.53 -11.31 -50.03
N ARG AA 167 52.99 -11.37 -48.82
CA ARG AA 167 53.18 -10.31 -47.84
C ARG AA 167 53.17 -10.91 -46.44
N ARG AA 168 53.96 -10.33 -45.55
CA ARG AA 168 54.04 -10.81 -44.18
C ARG AA 168 52.78 -10.44 -43.41
N VAL AA 169 52.64 -11.02 -42.21
CA VAL AA 169 51.47 -10.81 -41.37
C VAL AA 169 51.85 -10.11 -40.06
N GLY AA 170 53.02 -9.47 -40.02
CA GLY AA 170 53.47 -8.84 -38.79
C GLY AA 170 54.14 -7.50 -39.01
N LEU AA 171 53.80 -6.82 -40.09
CA LEU AA 171 54.40 -5.52 -40.38
C LEU AA 171 53.85 -4.46 -39.43
N LYS AA 172 54.52 -3.31 -39.42
CA LYS AA 172 54.15 -2.23 -38.51
C LYS AA 172 53.13 -1.29 -39.16
N ALA AA 173 52.53 -0.46 -38.30
CA ALA AA 173 51.57 0.54 -38.73
C ALA AA 173 52.30 1.81 -39.19
N PRO AA 174 51.71 2.56 -40.12
CA PRO AA 174 52.33 3.83 -40.54
C PRO AA 174 52.38 4.82 -39.39
N GLY AA 175 53.39 5.70 -39.45
CA GLY AA 175 53.64 6.64 -38.39
C GLY AA 175 52.74 7.86 -38.38
N ILE AA 176 53.32 9.03 -38.11
CA ILE AA 176 52.57 10.27 -37.95
C ILE AA 176 52.56 11.09 -39.23
N ILE AA 177 53.74 11.29 -39.84
CA ILE AA 177 53.84 12.17 -41.00
C ILE AA 177 53.00 11.69 -42.18
N PRO AA 178 53.00 10.41 -42.55
CA PRO AA 178 52.24 10.01 -43.76
C PRO AA 178 50.75 10.28 -43.68
N ARG AA 179 50.16 10.32 -42.49
CA ARG AA 179 48.71 10.37 -42.35
C ARG AA 179 48.17 11.76 -42.67
N ILE AA 180 46.86 11.84 -42.84
CA ILE AA 180 46.13 13.09 -43.00
C ILE AA 180 44.73 12.89 -42.41
N SER AA 181 43.99 13.99 -42.27
CA SER AA 181 42.71 13.98 -41.56
C SER AA 181 41.66 13.17 -42.33
N VAL AA 182 40.55 12.90 -41.65
CA VAL AA 182 39.48 12.04 -42.15
C VAL AA 182 38.33 12.94 -42.60
N ARG AA 183 38.08 12.96 -43.91
CA ARG AA 183 37.06 13.85 -44.49
C ARG AA 183 35.97 13.10 -45.25
N GLU AA 184 36.33 12.17 -46.11
CA GLU AA 184 35.36 11.58 -47.03
C GLU AA 184 34.38 10.68 -46.27
N PRO AA 185 33.12 10.66 -46.69
CA PRO AA 185 32.10 9.85 -46.02
C PRO AA 185 32.23 8.37 -46.39
N MET AA 186 31.53 7.54 -45.61
CA MET AA 186 31.45 6.09 -45.83
C MET AA 186 29.99 5.71 -45.68
N GLN AA 187 29.26 5.74 -46.79
CA GLN AA 187 27.81 5.57 -46.75
C GLN AA 187 27.44 4.16 -46.31
N THR AA 188 26.50 4.05 -45.39
CA THR AA 188 26.07 2.78 -44.84
C THR AA 188 24.71 2.34 -45.37
N GLY AA 189 23.79 3.28 -45.58
CA GLY AA 189 22.46 2.95 -46.05
C GLY AA 189 21.41 2.85 -44.97
N ILE AA 190 21.77 3.10 -43.72
CA ILE AA 190 20.84 3.03 -42.59
C ILE AA 190 20.60 4.45 -42.09
N LYS AA 191 19.33 4.84 -42.01
CA LYS AA 191 19.00 6.24 -41.73
C LYS AA 191 19.40 6.65 -40.32
N ALA AA 192 19.40 5.72 -39.36
CA ALA AA 192 19.76 6.06 -38.00
C ALA AA 192 21.26 6.19 -37.79
N VAL AA 193 22.06 5.76 -38.75
CA VAL AA 193 23.52 5.80 -38.64
C VAL AA 193 24.10 6.95 -39.45
N ASP AA 194 23.64 7.12 -40.69
CA ASP AA 194 24.14 8.20 -41.53
C ASP AA 194 23.68 9.58 -41.07
N SER AA 195 22.73 9.65 -40.12
CA SER AA 195 22.18 10.91 -39.68
C SER AA 195 22.58 11.29 -38.26
N LEU AA 196 22.99 10.34 -37.43
CA LEU AA 196 23.33 10.64 -36.04
C LEU AA 196 24.66 10.07 -35.57
N VAL AA 197 25.24 9.10 -36.28
CA VAL AA 197 26.57 8.61 -35.96
C VAL AA 197 27.35 8.43 -37.27
N PRO AA 198 27.75 9.50 -37.94
CA PRO AA 198 28.41 9.36 -39.25
C PRO AA 198 29.79 8.72 -39.13
N ILE AA 199 30.24 8.16 -40.26
CA ILE AA 199 31.51 7.44 -40.34
C ILE AA 199 32.30 7.98 -41.53
N GLY AA 200 33.60 8.14 -41.34
CA GLY AA 200 34.49 8.57 -42.41
C GLY AA 200 35.48 7.50 -42.81
N ARG AA 201 36.12 7.66 -43.96
CA ARG AA 201 37.04 6.64 -44.49
C ARG AA 201 38.36 6.73 -43.75
N GLY AA 202 38.59 5.78 -42.84
CA GLY AA 202 39.82 5.74 -42.07
C GLY AA 202 39.60 5.68 -40.58
N GLN AA 203 38.35 5.49 -40.17
CA GLN AA 203 37.95 5.54 -38.77
C GLN AA 203 37.68 4.14 -38.24
N ARG AA 204 37.95 3.96 -36.96
CA ARG AA 204 37.66 2.70 -36.26
C ARG AA 204 36.37 2.89 -35.47
N GLU AA 205 35.35 2.09 -35.79
CA GLU AA 205 34.06 2.16 -35.14
C GLU AA 205 33.72 0.80 -34.53
N LEU AA 206 33.03 0.83 -33.40
CA LEU AA 206 32.75 -0.36 -32.62
C LEU AA 206 31.26 -0.67 -32.65
N ILE AA 207 30.93 -1.96 -32.76
CA ILE AA 207 29.55 -2.45 -32.71
C ILE AA 207 29.45 -3.38 -31.51
N ILE AA 208 28.70 -2.98 -30.50
CA ILE AA 208 28.68 -3.65 -29.21
C ILE AA 208 27.24 -3.90 -28.77
N GLY AA 209 26.99 -5.07 -28.22
CA GLY AA 209 25.67 -5.42 -27.75
C GLY AA 209 25.64 -6.83 -27.20
N ASP AA 210 24.45 -7.26 -26.80
CA ASP AA 210 24.27 -8.59 -26.24
C ASP AA 210 23.98 -9.58 -27.37
N ARG AA 211 23.60 -10.81 -26.99
CA ARG AA 211 23.33 -11.85 -27.96
C ARG AA 211 21.97 -11.65 -28.60
N GLN AA 212 21.89 -11.91 -29.91
CA GLN AA 212 20.65 -11.82 -30.68
C GLN AA 212 20.04 -10.43 -30.58
N THR AA 213 20.79 -9.44 -31.04
CA THR AA 213 20.34 -8.06 -31.05
C THR AA 213 20.34 -7.43 -32.44
N GLY AA 214 21.18 -7.90 -33.36
CA GLY AA 214 21.21 -7.35 -34.70
C GLY AA 214 22.59 -6.88 -35.11
N LYS AA 215 23.62 -7.36 -34.42
CA LYS AA 215 24.98 -6.91 -34.70
C LYS AA 215 25.45 -7.32 -36.09
N THR AA 216 25.12 -8.54 -36.51
CA THR AA 216 25.62 -9.05 -37.78
C THR AA 216 24.93 -8.39 -38.97
N SER AA 217 23.65 -8.05 -38.81
CA SER AA 217 22.90 -7.49 -39.94
C SER AA 217 23.37 -6.08 -40.29
N ILE AA 218 23.82 -5.30 -39.31
CA ILE AA 218 24.35 -3.97 -39.59
C ILE AA 218 25.55 -4.07 -40.52
N ALA AA 219 26.41 -5.07 -40.31
CA ALA AA 219 27.55 -5.28 -41.18
C ALA AA 219 27.17 -5.92 -42.50
N ILE AA 220 26.19 -6.83 -42.49
CA ILE AA 220 25.84 -7.54 -43.72
C ILE AA 220 25.06 -6.67 -44.70
N ASP AA 221 24.39 -5.62 -44.23
CA ASP AA 221 23.69 -4.72 -45.14
C ASP AA 221 24.55 -3.55 -45.60
N THR AA 222 25.70 -3.32 -44.97
CA THR AA 222 26.62 -2.29 -45.44
C THR AA 222 27.34 -2.75 -46.70
N ILE AA 223 27.65 -4.04 -46.80
CA ILE AA 223 28.37 -4.56 -47.96
C ILE AA 223 27.50 -4.49 -49.21
N ILE AA 224 26.20 -4.79 -49.07
CA ILE AA 224 25.30 -4.79 -50.21
C ILE AA 224 25.16 -3.40 -50.79
N ASN AA 225 25.20 -2.37 -49.95
CA ASN AA 225 24.96 -1.01 -50.40
C ASN AA 225 26.02 -0.50 -51.36
N GLN AA 226 27.23 -1.08 -51.34
CA GLN AA 226 28.31 -0.56 -52.16
C GLN AA 226 28.21 -0.95 -53.63
N LYS AA 227 27.26 -1.82 -53.98
CA LYS AA 227 27.06 -2.17 -55.38
C LYS AA 227 26.65 -0.96 -56.21
N ARG AA 228 26.10 0.07 -55.58
CA ARG AA 228 25.66 1.26 -56.29
C ARG AA 228 26.83 1.98 -56.96
N PHE AA 229 27.98 2.04 -56.29
CA PHE AA 229 29.13 2.74 -56.83
C PHE AA 229 30.04 1.85 -57.66
N ASN AA 230 30.14 0.56 -57.33
CA ASN AA 230 31.07 -0.32 -58.05
C ASN AA 230 30.62 -0.59 -59.48
N ASP AA 231 29.36 -0.32 -59.81
CA ASP AA 231 28.87 -0.46 -61.17
C ASP AA 231 29.04 0.81 -62.00
N GLY AA 232 29.33 1.94 -61.37
CA GLY AA 232 29.43 3.20 -62.05
C GLY AA 232 30.77 3.39 -62.74
N THR AA 233 31.07 4.65 -63.06
CA THR AA 233 32.28 5.00 -63.78
C THR AA 233 33.29 5.78 -62.95
N ASP AA 234 32.86 6.45 -61.89
CA ASP AA 234 33.79 7.21 -61.05
C ASP AA 234 34.69 6.25 -60.28
N GLU AA 235 35.99 6.49 -60.35
CA GLU AA 235 36.96 5.57 -59.76
C GLU AA 235 37.39 5.96 -58.35
N LYS AA 236 36.85 7.04 -57.79
CA LYS AA 236 37.19 7.47 -56.45
C LYS AA 236 36.13 7.11 -55.42
N LYS AA 237 35.09 6.38 -55.82
CA LYS AA 237 34.05 5.96 -54.90
C LYS AA 237 33.94 4.45 -54.77
N LYS AA 238 34.73 3.69 -55.50
CA LYS AA 238 34.65 2.24 -55.40
C LYS AA 238 35.28 1.77 -54.08
N LEU AA 239 34.60 0.87 -53.40
CA LEU AA 239 35.04 0.35 -52.12
C LEU AA 239 35.04 -1.18 -52.15
N TYR AA 240 36.07 -1.78 -51.58
CA TYR AA 240 36.22 -3.23 -51.54
C TYR AA 240 36.05 -3.72 -50.11
N CYS AA 241 35.44 -4.90 -49.97
CA CYS AA 241 34.99 -5.39 -48.68
C CYS AA 241 35.66 -6.72 -48.35
N ILE AA 242 36.01 -6.90 -47.09
CA ILE AA 242 36.61 -8.14 -46.58
C ILE AA 242 35.89 -8.53 -45.31
N TYR AA 243 35.55 -9.81 -45.19
CA TYR AA 243 34.80 -10.33 -44.05
C TYR AA 243 35.57 -11.47 -43.39
N VAL AA 244 35.71 -11.40 -42.07
CA VAL AA 244 36.45 -12.39 -41.29
C VAL AA 244 35.52 -12.99 -40.25
N ALA AA 245 35.50 -14.32 -40.17
CA ALA AA 245 34.63 -15.04 -39.25
C ALA AA 245 35.47 -15.91 -38.33
N ILE AA 246 35.32 -15.73 -37.02
CA ILE AA 246 36.11 -16.42 -36.01
C ILE AA 246 35.16 -17.21 -35.12
N GLY AA 247 35.39 -18.52 -35.04
CA GLY AA 247 34.66 -19.37 -34.10
C GLY AA 247 33.18 -19.54 -34.34
N GLN AA 248 32.77 -19.77 -35.58
CA GLN AA 248 31.38 -20.01 -35.94
C GLN AA 248 31.24 -21.33 -36.66
N LYS AA 249 30.06 -21.94 -36.58
CA LYS AA 249 29.85 -23.19 -37.28
C LYS AA 249 29.67 -22.96 -38.78
N ARG AA 250 29.96 -24.00 -39.57
CA ARG AA 250 30.14 -23.83 -41.00
C ARG AA 250 28.82 -23.56 -41.74
N SER AA 251 27.70 -24.10 -41.26
CA SER AA 251 26.45 -23.88 -41.97
C SER AA 251 25.99 -22.42 -41.91
N THR AA 252 26.34 -21.70 -40.84
CA THR AA 252 26.04 -20.27 -40.80
C THR AA 252 26.82 -19.53 -41.88
N VAL AA 253 28.08 -19.90 -42.09
CA VAL AA 253 28.86 -19.28 -43.15
C VAL AA 253 28.31 -19.66 -44.52
N ALA AA 254 27.81 -20.88 -44.68
CA ALA AA 254 27.18 -21.25 -45.93
C ALA AA 254 25.95 -20.39 -46.20
N GLN AA 255 25.10 -20.20 -45.20
CA GLN AA 255 23.94 -19.32 -45.36
C GLN AA 255 24.37 -17.90 -45.69
N LEU AA 256 25.42 -17.40 -45.03
CA LEU AA 256 25.92 -16.05 -45.28
C LEU AA 256 26.41 -15.91 -46.72
N VAL AA 257 27.15 -16.88 -47.24
CA VAL AA 257 27.63 -16.73 -48.61
C VAL AA 257 26.52 -16.94 -49.62
N LYS AA 258 25.46 -17.69 -49.29
CA LYS AA 258 24.35 -17.78 -50.22
C LYS AA 258 23.57 -16.47 -50.27
N ARG AA 259 23.33 -15.86 -49.11
CA ARG AA 259 22.69 -14.56 -49.08
C ARG AA 259 23.52 -13.51 -49.82
N LEU AA 260 24.84 -13.55 -49.67
CA LEU AA 260 25.69 -12.62 -50.39
C LEU AA 260 25.69 -12.90 -51.89
N THR AA 261 25.65 -14.17 -52.29
CA THR AA 261 25.64 -14.50 -53.70
C THR AA 261 24.36 -14.02 -54.37
N ASP AA 262 23.23 -14.13 -53.67
CA ASP AA 262 21.95 -13.76 -54.27
C ASP AA 262 21.92 -12.29 -54.68
N ALA AA 263 22.40 -11.41 -53.81
CA ALA AA 263 22.37 -9.98 -54.10
C ALA AA 263 23.44 -9.54 -55.09
N ASP AA 264 24.21 -10.47 -55.65
CA ASP AA 264 25.25 -10.16 -56.63
C ASP AA 264 26.30 -9.21 -56.04
N ALA AA 265 26.83 -9.59 -54.88
CA ALA AA 265 27.82 -8.78 -54.18
C ALA AA 265 29.09 -9.56 -53.89
N MET AA 266 29.21 -10.80 -54.38
CA MET AA 266 30.40 -11.60 -54.12
C MET AA 266 31.53 -11.31 -55.09
N LYS AA 267 31.34 -10.44 -56.07
CA LYS AA 267 32.40 -10.15 -57.03
C LYS AA 267 33.38 -9.10 -56.53
N TYR AA 268 33.14 -8.51 -55.37
CA TYR AA 268 34.08 -7.57 -54.76
C TYR AA 268 34.21 -7.82 -53.27
N THR AA 269 34.21 -9.08 -52.85
CA THR AA 269 34.24 -9.43 -51.44
C THR AA 269 35.12 -10.65 -51.24
N ILE AA 270 35.91 -10.63 -50.16
CA ILE AA 270 36.76 -11.74 -49.75
C ILE AA 270 36.29 -12.22 -48.39
N VAL AA 271 36.13 -13.54 -48.24
CA VAL AA 271 35.68 -14.14 -47.00
C VAL AA 271 36.81 -15.01 -46.45
N VAL AA 272 37.21 -14.74 -45.20
CA VAL AA 272 38.23 -15.51 -44.50
C VAL AA 272 37.57 -16.16 -43.30
N SER AA 273 37.73 -17.49 -43.18
CA SER AA 273 37.01 -18.24 -42.16
C SER AA 273 37.97 -19.11 -41.35
N ALA AA 274 37.75 -19.14 -40.04
CA ALA AA 274 38.42 -20.06 -39.13
C ALA AA 274 37.37 -20.49 -38.10
N THR AA 275 36.86 -21.70 -38.24
CA THR AA 275 35.66 -22.11 -37.55
C THR AA 275 35.99 -22.77 -36.21
N ALA AA 276 34.94 -23.24 -35.52
CA ALA AA 276 35.10 -23.75 -34.17
C ALA AA 276 35.78 -25.10 -34.13
N SER AA 277 35.81 -25.84 -35.23
CA SER AA 277 36.50 -27.12 -35.27
C SER AA 277 37.99 -26.99 -35.50
N ASP AA 278 38.48 -25.81 -35.87
CA ASP AA 278 39.89 -25.61 -36.14
C ASP AA 278 40.67 -25.42 -34.85
N ALA AA 279 41.98 -25.56 -34.96
CA ALA AA 279 42.86 -25.40 -33.81
C ALA AA 279 42.91 -23.94 -33.37
N ALA AA 280 43.42 -23.71 -32.16
CA ALA AA 280 43.51 -22.37 -31.62
C ALA AA 280 44.43 -21.44 -32.43
N PRO AA 281 45.64 -21.84 -32.83
CA PRO AA 281 46.51 -20.89 -33.54
C PRO AA 281 45.90 -20.34 -34.83
N LEU AA 282 45.08 -21.12 -35.53
CA LEU AA 282 44.41 -20.58 -36.71
C LEU AA 282 43.41 -19.49 -36.34
N GLN AA 283 42.64 -19.72 -35.27
CA GLN AA 283 41.70 -18.70 -34.78
C GLN AA 283 42.42 -17.51 -34.17
N TYR AA 284 43.70 -17.65 -33.85
CA TYR AA 284 44.51 -16.54 -33.38
C TYR AA 284 45.21 -15.80 -34.51
N LEU AA 285 45.50 -16.48 -35.62
CA LEU AA 285 46.14 -15.87 -36.78
C LEU AA 285 45.15 -15.27 -37.78
N ALA AA 286 43.86 -15.62 -37.69
CA ALA AA 286 42.93 -15.24 -38.74
C ALA AA 286 42.83 -13.74 -38.98
N PRO AA 287 42.66 -12.88 -37.97
CA PRO AA 287 42.49 -11.45 -38.26
C PRO AA 287 43.70 -10.78 -38.90
N TYR AA 288 44.92 -11.13 -38.51
CA TYR AA 288 46.09 -10.50 -39.13
C TYR AA 288 46.21 -10.87 -40.60
N SER AA 289 45.89 -12.10 -40.95
CA SER AA 289 45.93 -12.51 -42.35
C SER AA 289 44.93 -11.72 -43.18
N GLY AA 290 43.75 -11.45 -42.63
CA GLY AA 290 42.78 -10.63 -43.34
C GLY AA 290 43.13 -9.15 -43.38
N CYS AA 291 43.90 -8.66 -42.40
CA CYS AA 291 44.34 -7.27 -42.46
C CYS AA 291 45.46 -7.09 -43.47
N SER AA 292 46.33 -8.09 -43.61
CA SER AA 292 47.43 -7.98 -44.57
C SER AA 292 46.91 -8.01 -46.00
N MET AA 293 45.80 -8.70 -46.25
CA MET AA 293 45.19 -8.65 -47.59
C MET AA 293 44.64 -7.28 -47.91
N GLY AA 294 44.02 -6.61 -46.93
CA GLY AA 294 43.48 -5.29 -47.16
C GLY AA 294 44.51 -4.19 -47.19
N GLU AA 295 45.67 -4.40 -46.59
CA GLU AA 295 46.74 -3.41 -46.68
C GLU AA 295 47.32 -3.31 -48.09
N TYR AA 296 47.06 -4.29 -48.95
CA TYR AA 296 47.51 -4.21 -50.33
C TYR AA 296 46.81 -3.09 -51.09
N PHE AA 297 45.52 -2.90 -50.87
CA PHE AA 297 44.78 -1.85 -51.56
C PHE AA 297 45.17 -0.48 -51.04
N ARG AA 298 45.49 -0.36 -49.75
CA ARG AA 298 45.79 0.93 -49.15
C ARG AA 298 47.06 1.54 -49.74
N ASP AA 299 48.01 0.72 -50.15
CA ASP AA 299 49.29 1.21 -50.66
C ASP AA 299 49.29 1.43 -52.16
N ASN AA 300 48.15 1.26 -52.83
CA ASN AA 300 48.08 1.40 -54.28
C ASN AA 300 46.96 2.34 -54.70
N GLY AA 301 46.61 3.29 -53.84
CA GLY AA 301 45.65 4.31 -54.22
C GLY AA 301 44.21 3.89 -54.27
N LYS AA 302 43.85 2.79 -53.60
CA LYS AA 302 42.48 2.32 -53.55
C LYS AA 302 41.97 2.35 -52.11
N HIS AA 303 40.69 2.00 -51.95
CA HIS AA 303 40.03 2.02 -50.66
C HIS AA 303 39.53 0.63 -50.32
N ALA AA 304 39.46 0.33 -49.02
CA ALA AA 304 39.07 -0.99 -48.55
C ALA AA 304 38.23 -0.87 -47.28
N LEU AA 305 37.66 -2.00 -46.87
CA LEU AA 305 36.83 -2.08 -45.68
C LEU AA 305 36.90 -3.50 -45.12
N ILE AA 306 37.09 -3.62 -43.81
CA ILE AA 306 37.28 -4.91 -43.17
C ILE AA 306 36.41 -5.00 -41.92
N ILE AA 307 35.87 -6.19 -41.67
CA ILE AA 307 34.97 -6.44 -40.55
C ILE AA 307 35.49 -7.62 -39.76
N TYR AA 308 35.72 -7.43 -38.46
CA TYR AA 308 36.12 -8.50 -37.56
C TYR AA 308 34.91 -8.95 -36.76
N ASP AA 309 34.55 -10.23 -36.91
CA ASP AA 309 33.42 -10.79 -36.19
C ASP AA 309 33.93 -11.52 -34.95
N ASP AA 310 33.40 -11.15 -33.79
CA ASP AA 310 33.69 -11.82 -32.52
C ASP AA 310 35.18 -11.74 -32.16
N LEU AA 311 35.62 -10.52 -31.83
CA LEU AA 311 36.97 -10.33 -31.33
C LEU AA 311 37.19 -10.95 -29.96
N SER AA 312 36.13 -11.33 -29.26
CA SER AA 312 36.29 -11.96 -27.94
C SER AA 312 36.82 -13.39 -28.07
N LYS AA 313 36.39 -14.11 -29.10
CA LYS AA 313 36.80 -15.49 -29.25
C LYS AA 313 38.26 -15.63 -29.62
N GLN AA 314 38.82 -14.64 -30.32
CA GLN AA 314 40.26 -14.60 -30.53
C GLN AA 314 41.00 -14.45 -29.20
N ALA AA 315 40.48 -13.62 -28.30
CA ALA AA 315 41.11 -13.48 -26.99
C ALA AA 315 41.02 -14.75 -26.17
N VAL AA 316 39.92 -15.49 -26.29
CA VAL AA 316 39.83 -16.77 -25.59
C VAL AA 316 40.82 -17.79 -26.17
N ALA AA 317 40.90 -17.84 -27.50
CA ALA AA 317 41.86 -18.73 -28.15
C ALA AA 317 43.29 -18.37 -27.75
N TYR AA 318 43.58 -17.08 -27.61
CA TYR AA 318 44.92 -16.68 -27.20
C TYR AA 318 45.19 -17.02 -25.73
N ARG AA 319 44.16 -16.95 -24.88
CA ARG AA 319 44.35 -17.29 -23.47
C ARG AA 319 44.64 -18.77 -23.30
N GLN AA 320 44.03 -19.63 -24.12
CA GLN AA 320 44.25 -21.06 -23.96
C GLN AA 320 45.72 -21.43 -24.14
N MET AA 321 46.37 -20.90 -25.18
CA MET AA 321 47.77 -21.24 -25.42
C MET AA 321 48.67 -20.74 -24.30
N SER AA 322 48.44 -19.52 -23.83
CA SER AA 322 49.28 -18.97 -22.76
C SER AA 322 49.10 -19.75 -21.47
N LEU AA 323 47.88 -20.24 -21.20
CA LEU AA 323 47.71 -21.07 -20.02
C LEU AA 323 48.36 -22.43 -20.19
N LEU AA 324 48.42 -22.96 -21.40
CA LEU AA 324 49.09 -24.24 -21.59
C LEU AA 324 50.61 -24.14 -21.71
N LEU AA 325 51.15 -22.93 -21.90
CA LEU AA 325 52.59 -22.73 -22.00
C LEU AA 325 53.24 -22.31 -20.68
N ARG AA 326 52.47 -22.28 -19.59
CA ARG AA 326 52.98 -21.95 -18.26
C ARG AA 326 53.52 -20.52 -18.20
N ARG AA 327 52.65 -19.58 -18.56
CA ARG AA 327 52.92 -18.16 -18.36
C ARG AA 327 52.05 -17.62 -17.24
N PRO AA 328 52.52 -16.64 -16.49
CA PRO AA 328 51.78 -16.16 -15.32
C PRO AA 328 50.43 -15.58 -15.72
N PRO AA 329 49.38 -15.89 -14.98
CA PRO AA 329 48.05 -15.36 -15.28
C PRO AA 329 47.76 -14.07 -14.54
N GLY AA 330 46.63 -13.46 -14.90
CA GLY AA 330 46.22 -12.20 -14.30
C GLY AA 330 44.74 -12.12 -14.02
N ARG AA 331 44.15 -10.94 -14.25
CA ARG AA 331 42.73 -10.75 -13.98
C ARG AA 331 41.89 -11.58 -14.94
N GLU AA 332 41.01 -12.41 -14.39
CA GLU AA 332 40.19 -13.35 -15.15
C GLU AA 332 41.04 -14.29 -15.98
N ALA AA 333 42.25 -14.60 -15.49
CA ALA AA 333 43.17 -15.56 -16.07
C ALA AA 333 43.69 -15.13 -17.44
N TYR AA 334 43.58 -13.86 -17.80
CA TYR AA 334 44.16 -13.42 -19.05
C TYR AA 334 45.64 -13.07 -18.86
N PRO AA 335 46.45 -13.22 -19.89
CA PRO AA 335 47.87 -12.87 -19.77
C PRO AA 335 48.06 -11.36 -19.68
N GLY AA 336 49.31 -10.97 -19.42
CA GLY AA 336 49.61 -9.57 -19.19
C GLY AA 336 49.70 -8.71 -20.43
N ASP AA 337 49.85 -9.32 -21.59
CA ASP AA 337 50.00 -8.60 -22.85
C ASP AA 337 48.80 -8.78 -23.77
N VAL AA 338 47.60 -8.78 -23.20
CA VAL AA 338 46.40 -8.90 -24.01
C VAL AA 338 46.03 -7.57 -24.64
N PHE AA 339 46.25 -6.46 -23.94
CA PHE AA 339 46.02 -5.13 -24.52
C PHE AA 339 46.93 -4.89 -25.71
N TYR AA 340 48.20 -5.30 -25.61
CA TYR AA 340 49.16 -5.16 -26.68
C TYR AA 340 48.82 -6.04 -27.88
N LEU AA 341 47.99 -7.07 -27.68
CA LEU AA 341 47.56 -7.92 -28.78
C LEU AA 341 46.53 -7.23 -29.66
N HIS AA 342 45.64 -6.44 -29.07
CA HIS AA 342 44.59 -5.77 -29.81
C HIS AA 342 44.97 -4.36 -30.24
N SER AA 343 45.90 -3.71 -29.54
CA SER AA 343 46.32 -2.38 -29.96
C SER AA 343 47.07 -2.40 -31.29
N ARG AA 344 47.88 -3.45 -31.51
CA ARG AA 344 48.60 -3.56 -32.77
C ARG AA 344 47.65 -3.75 -33.95
N LEU AA 345 46.62 -4.57 -33.77
CA LEU AA 345 45.72 -4.90 -34.88
C LEU AA 345 44.95 -3.68 -35.37
N LEU AA 346 44.45 -2.86 -34.47
CA LEU AA 346 43.54 -1.77 -34.82
C LEU AA 346 44.26 -0.47 -35.12
N GLU AA 347 45.58 -0.44 -35.11
CA GLU AA 347 46.34 0.75 -35.44
C GLU AA 347 46.78 0.79 -36.90
N ARG AA 348 46.39 -0.20 -37.70
CA ARG AA 348 46.80 -0.28 -39.10
C ARG AA 348 45.74 0.25 -40.05
N ALA AA 349 44.69 0.88 -39.54
CA ALA AA 349 43.70 1.56 -40.36
C ALA AA 349 44.02 3.05 -40.38
N ALA AA 350 44.12 3.63 -41.56
CA ALA AA 350 44.63 4.99 -41.67
C ALA AA 350 44.15 5.61 -42.97
N LYS AA 351 44.39 6.92 -43.08
CA LYS AA 351 44.16 7.69 -44.30
C LYS AA 351 45.49 8.31 -44.71
N MET AA 352 45.93 8.01 -45.93
CA MET AA 352 47.23 8.45 -46.42
C MET AA 352 47.10 9.73 -47.22
N ASN AA 353 48.18 10.51 -47.25
CA ASN AA 353 48.19 11.78 -47.97
C ASN AA 353 48.55 11.53 -49.43
N ASP AA 354 48.77 12.61 -50.19
CA ASP AA 354 48.94 12.50 -51.63
C ASP AA 354 50.31 11.95 -52.00
N ALA AA 355 51.34 12.20 -51.18
CA ALA AA 355 52.67 11.71 -51.50
C ALA AA 355 52.73 10.19 -51.48
N PHE AA 356 51.86 9.54 -50.71
CA PHE AA 356 51.83 8.08 -50.61
C PHE AA 356 50.68 7.46 -51.39
N GLY AA 357 49.94 8.24 -52.16
CA GLY AA 357 48.93 7.69 -53.04
C GLY AA 357 47.51 8.12 -52.74
N GLY AA 358 47.15 8.14 -51.46
CA GLY AA 358 45.81 8.50 -51.05
C GLY AA 358 44.86 7.35 -50.80
N GLY AA 359 45.35 6.22 -50.30
CA GLY AA 359 44.51 5.09 -50.01
C GLY AA 359 43.79 5.24 -48.68
N SER AA 360 43.13 4.16 -48.27
CA SER AA 360 42.35 4.16 -47.05
C SER AA 360 42.18 2.74 -46.55
N LEU AA 361 41.76 2.62 -45.30
CA LEU AA 361 41.38 1.34 -44.72
C LEU AA 361 40.52 1.60 -43.50
N THR AA 362 39.36 0.97 -43.44
CA THR AA 362 38.37 1.17 -42.38
C THR AA 362 38.05 -0.15 -41.71
N ALA AA 363 37.86 -0.13 -40.39
CA ALA AA 363 37.63 -1.35 -39.63
C ALA AA 363 36.35 -1.22 -38.80
N LEU AA 364 35.68 -2.36 -38.63
CA LEU AA 364 34.45 -2.42 -37.82
C LEU AA 364 34.50 -3.67 -36.94
N PRO AA 365 35.21 -3.61 -35.82
CA PRO AA 365 35.21 -4.75 -34.88
C PRO AA 365 33.87 -4.92 -34.19
N VAL AA 366 33.63 -6.16 -33.74
CA VAL AA 366 32.39 -6.53 -33.06
C VAL AA 366 32.74 -7.17 -31.72
N ILE AA 367 31.98 -6.85 -30.68
CA ILE AA 367 32.22 -7.36 -29.33
C ILE AA 367 30.88 -7.64 -28.66
N GLU AA 368 30.81 -8.75 -27.93
CA GLU AA 368 29.60 -9.18 -27.25
C GLU AA 368 29.77 -9.07 -25.74
N THR AA 369 28.74 -8.56 -25.07
CA THR AA 369 28.76 -8.33 -23.63
C THR AA 369 27.80 -9.26 -22.92
N GLN AA 370 28.04 -9.44 -21.62
CA GLN AA 370 27.21 -10.29 -20.76
C GLN AA 370 26.37 -9.40 -19.86
N ALA AA 371 25.04 -9.51 -19.98
CA ALA AA 371 24.10 -8.73 -19.17
C ALA AA 371 24.33 -7.23 -19.29
N GLY AA 372 24.82 -6.79 -20.44
CA GLY AA 372 25.06 -5.37 -20.66
C GLY AA 372 26.10 -4.78 -19.74
N ASP AA 373 27.12 -5.54 -19.37
CA ASP AA 373 28.18 -5.06 -18.48
C ASP AA 373 29.35 -4.58 -19.34
N VAL AA 374 29.60 -3.28 -19.32
CA VAL AA 374 30.65 -2.68 -20.12
C VAL AA 374 31.91 -2.40 -19.30
N SER AA 375 32.02 -2.98 -18.11
CA SER AA 375 33.18 -2.80 -17.26
C SER AA 375 33.97 -4.09 -17.09
N ALA AA 376 33.76 -5.07 -17.97
CA ALA AA 376 34.58 -6.26 -17.98
C ALA AA 376 35.97 -5.94 -18.56
N TYR AA 377 36.84 -6.94 -18.51
CA TYR AA 377 38.25 -6.71 -18.83
C TYR AA 377 38.45 -6.33 -20.29
N ILE AA 378 37.86 -7.08 -21.22
CA ILE AA 378 38.13 -6.91 -22.65
C ILE AA 378 37.36 -5.73 -23.24
N PRO AA 379 36.06 -5.54 -22.94
CA PRO AA 379 35.38 -4.35 -23.47
C PRO AA 379 36.01 -3.05 -23.03
N THR AA 380 36.52 -2.95 -21.81
CA THR AA 380 37.19 -1.73 -21.39
C THR AA 380 38.48 -1.49 -22.16
N ASN AA 381 39.19 -2.56 -22.51
CA ASN AA 381 40.37 -2.41 -23.36
C ASN AA 381 39.99 -1.91 -24.74
N VAL AA 382 38.97 -2.51 -25.35
CA VAL AA 382 38.66 -2.19 -26.73
C VAL AA 382 37.98 -0.83 -26.86
N ILE AA 383 37.19 -0.42 -25.86
CA ILE AA 383 36.52 0.87 -25.91
C ILE AA 383 37.54 2.01 -25.87
N SER AA 384 38.67 1.78 -25.22
CA SER AA 384 39.68 2.83 -25.04
C SER AA 384 40.55 3.04 -26.26
N ILE AA 385 40.40 2.22 -27.31
CA ILE AA 385 41.25 2.29 -28.48
C ILE AA 385 40.55 2.93 -29.67
N THR AA 386 39.26 2.67 -29.84
CA THR AA 386 38.55 3.06 -31.04
C THR AA 386 38.03 4.49 -30.93
N ASP AA 387 37.21 4.91 -31.89
CA ASP AA 387 36.77 6.30 -32.02
C ASP AA 387 35.26 6.46 -31.85
N GLY AA 388 34.59 5.52 -31.23
CA GLY AA 388 33.16 5.63 -31.03
C GLY AA 388 32.53 4.25 -30.94
N GLN AA 389 31.23 4.25 -30.62
CA GLN AA 389 30.50 3.01 -30.42
C GLN AA 389 29.08 3.16 -30.92
N ILE AA 390 28.47 2.03 -31.28
CA ILE AA 390 27.07 1.94 -31.64
C ILE AA 390 26.44 0.91 -30.71
N PHE AA 391 25.56 1.36 -29.83
CA PHE AA 391 25.02 0.52 -28.77
C PHE AA 391 23.67 -0.05 -29.19
N LEU AA 392 23.50 -1.35 -28.98
CA LEU AA 392 22.28 -2.06 -29.34
C LEU AA 392 21.70 -2.72 -28.10
N GLU AA 393 20.37 -2.66 -27.96
CA GLU AA 393 19.69 -3.17 -26.78
C GLU AA 393 18.55 -4.09 -27.18
N THR AA 394 18.07 -4.86 -26.20
CA THR AA 394 17.01 -5.82 -26.43
C THR AA 394 15.64 -5.33 -25.98
N GLU AA 395 15.58 -4.36 -25.07
CA GLU AA 395 14.30 -3.80 -24.68
C GLU AA 395 13.66 -3.01 -25.82
N LEU AA 396 14.47 -2.27 -26.58
CA LEU AA 396 13.95 -1.54 -27.73
C LEU AA 396 13.57 -2.47 -28.87
N PHE AA 397 14.05 -3.72 -28.86
CA PHE AA 397 13.77 -4.64 -29.94
C PHE AA 397 12.32 -5.13 -29.91
N TYR AA 398 11.78 -5.36 -28.71
CA TYR AA 398 10.47 -5.96 -28.57
C TYR AA 398 9.35 -4.94 -28.44
N LYS AA 399 9.65 -3.64 -28.41
CA LYS AA 399 8.61 -2.62 -28.43
C LYS AA 399 8.48 -1.95 -29.79
N GLY AA 400 9.14 -2.49 -30.82
CA GLY AA 400 8.93 -2.06 -32.19
C GLY AA 400 10.03 -1.23 -32.79
N ILE AA 401 11.02 -0.79 -32.00
CA ILE AA 401 12.10 0.04 -32.53
C ILE AA 401 13.15 -0.89 -33.10
N ARG AA 402 13.12 -1.07 -34.42
CA ARG AA 402 14.09 -1.90 -35.12
C ARG AA 402 14.61 -1.12 -36.33
N PRO AA 403 15.94 -0.99 -36.48
CA PRO AA 403 17.03 -1.54 -35.65
C PRO AA 403 17.11 -0.90 -34.28
N ALA AA 404 17.52 -1.68 -33.28
CA ALA AA 404 17.45 -1.26 -31.87
C ALA AA 404 18.71 -0.51 -31.48
N ILE AA 405 18.82 0.70 -32.00
CA ILE AA 405 19.96 1.58 -31.74
C ILE AA 405 19.57 2.56 -30.65
N ASN AA 406 20.43 2.70 -29.64
CA ASN AA 406 20.21 3.61 -28.53
C ASN AA 406 20.99 4.88 -28.80
N VAL AA 407 20.28 5.94 -29.20
CA VAL AA 407 20.94 7.18 -29.59
C VAL AA 407 21.54 7.90 -28.41
N GLY AA 408 21.06 7.62 -27.19
CA GLY AA 408 21.59 8.32 -26.03
C GLY AA 408 23.04 7.96 -25.74
N LEU AA 409 23.40 6.70 -25.90
CA LEU AA 409 24.72 6.20 -25.54
C LEU AA 409 25.56 5.84 -26.76
N SER AA 410 25.39 6.55 -27.86
CA SER AA 410 26.18 6.35 -29.07
C SER AA 410 26.83 7.66 -29.47
N VAL AA 411 28.03 7.57 -30.02
CA VAL AA 411 28.82 8.77 -30.31
C VAL AA 411 29.88 8.41 -31.35
N SER AA 412 30.28 9.40 -32.14
CA SER AA 412 31.41 9.29 -33.06
C SER AA 412 32.19 10.59 -32.99
N ARG AA 413 33.47 10.50 -32.63
CA ARG AA 413 34.25 11.70 -32.39
C ARG AA 413 34.69 12.41 -33.67
N VAL AA 414 34.59 11.76 -34.83
CA VAL AA 414 34.88 12.45 -36.08
C VAL AA 414 33.79 13.48 -36.38
N GLY AA 415 32.53 13.10 -36.18
CA GLY AA 415 31.43 14.06 -36.22
C GLY AA 415 31.02 14.53 -37.59
N SER AA 416 30.73 15.83 -37.71
CA SER AA 416 30.18 16.41 -38.92
C SER AA 416 31.19 16.52 -40.05
N ALA AA 417 32.47 16.27 -39.80
CA ALA AA 417 33.47 16.34 -40.86
C ALA AA 417 33.30 15.23 -41.89
N ALA AA 418 32.47 14.23 -41.62
CA ALA AA 418 32.25 13.11 -42.53
C ALA AA 418 30.84 13.08 -43.08
N GLN AA 419 30.23 14.25 -43.26
CA GLN AA 419 28.89 14.37 -43.82
C GLN AA 419 28.91 15.31 -45.01
N THR AA 420 27.97 15.09 -45.94
CA THR AA 420 27.79 16.02 -47.04
C THR AA 420 27.08 17.27 -46.55
N ARG AA 421 27.18 18.34 -47.34
CA ARG AA 421 26.57 19.61 -46.96
C ARG AA 421 25.06 19.50 -46.86
N ALA AA 422 24.42 18.66 -47.69
CA ALA AA 422 22.98 18.56 -47.69
C ALA AA 422 22.45 17.88 -46.42
N MET AA 423 23.07 16.76 -46.03
CA MET AA 423 22.61 16.02 -44.85
C MET AA 423 22.81 16.82 -43.57
N LYS AA 424 23.85 17.66 -43.54
CA LYS AA 424 24.21 18.38 -42.32
C LYS AA 424 23.10 19.31 -41.87
N GLN AA 425 22.46 20.00 -42.80
CA GLN AA 425 21.46 21.01 -42.45
C GLN AA 425 20.25 20.37 -41.76
N VAL AA 426 19.77 19.25 -42.28
CA VAL AA 426 18.61 18.59 -41.67
C VAL AA 426 18.99 17.89 -40.38
N ALA AA 427 20.16 17.23 -40.35
CA ALA AA 427 20.54 16.50 -39.16
C ALA AA 427 20.84 17.42 -37.98
N GLY AA 428 21.27 18.65 -38.24
CA GLY AA 428 21.49 19.58 -37.15
C GLY AA 428 20.22 19.87 -36.36
N THR AA 429 19.11 20.11 -37.05
CA THR AA 429 17.85 20.37 -36.34
C THR AA 429 17.27 19.08 -35.78
N MET AA 430 17.39 17.97 -36.51
CA MET AA 430 16.88 16.71 -35.98
C MET AA 430 17.55 16.34 -34.67
N LYS AA 431 18.84 16.66 -34.54
CA LYS AA 431 19.57 16.28 -33.32
C LYS AA 431 19.02 17.00 -32.10
N LEU AA 432 18.79 18.32 -32.21
CA LEU AA 432 18.28 19.07 -31.07
C LEU AA 432 16.82 18.70 -30.78
N GLU AA 433 16.01 18.51 -31.82
CA GLU AA 433 14.62 18.15 -31.59
C GLU AA 433 14.49 16.78 -30.93
N LEU AA 434 15.37 15.84 -31.26
CA LEU AA 434 15.35 14.56 -30.56
C LEU AA 434 16.07 14.60 -29.22
N ALA AA 435 16.93 15.59 -28.97
CA ALA AA 435 17.55 15.70 -27.65
C ALA AA 435 16.59 16.29 -26.64
N GLN AA 436 15.73 17.22 -27.05
CA GLN AA 436 14.77 17.80 -26.11
C GLN AA 436 13.73 16.78 -25.66
N TYR AA 437 13.37 15.83 -26.53
CA TYR AA 437 12.28 14.89 -26.22
C TYR AA 437 12.67 13.88 -25.14
N ARG AA 438 13.96 13.61 -24.98
CA ARG AA 438 14.36 12.56 -24.04
C ARG AA 438 14.15 12.96 -22.59
N GLU AA 439 14.31 14.24 -22.26
CA GLU AA 439 14.22 14.66 -20.86
C GLU AA 439 12.80 14.84 -20.37
N VAL AA 440 11.79 14.73 -21.24
CA VAL AA 440 10.40 14.82 -20.85
C VAL AA 440 9.62 13.56 -21.21
N ALA AA 441 10.31 12.50 -21.64
CA ALA AA 441 9.64 11.29 -22.06
C ALA AA 441 8.99 10.56 -20.89
N ALA AA 442 9.44 10.79 -19.66
CA ALA AA 442 8.82 10.14 -18.50
C ALA AA 442 7.41 10.63 -18.27
N PHE AA 443 7.12 11.88 -18.60
CA PHE AA 443 5.79 12.47 -18.41
C PHE AA 443 4.75 11.91 -19.36
N ALA AA 444 5.12 10.99 -20.24
CA ALA AA 444 4.22 10.59 -21.32
C ALA AA 444 3.00 9.85 -20.81
N GLN AA 445 3.10 9.19 -19.65
CA GLN AA 445 1.99 8.38 -19.16
C GLN AA 445 0.78 9.25 -18.83
N PHE AA 446 0.99 10.30 -18.04
CA PHE AA 446 -0.07 11.26 -17.71
C PHE AA 446 0.38 12.60 -18.27
N GLY AA 447 0.07 12.84 -19.54
CA GLY AA 447 0.47 14.07 -20.20
C GLY AA 447 -0.67 15.02 -20.45
N SER AA 448 -1.90 14.57 -20.17
CA SER AA 448 -3.06 15.42 -20.39
C SER AA 448 -3.03 16.66 -19.50
N ASP AA 449 -2.64 16.50 -18.24
CA ASP AA 449 -2.59 17.62 -17.30
C ASP AA 449 -1.27 18.37 -17.39
N LEU AA 450 -0.91 18.79 -18.60
CA LEU AA 450 0.31 19.55 -18.83
C LEU AA 450 0.00 20.73 -19.74
N ASP AA 451 0.93 21.69 -19.75
CA ASP AA 451 0.80 22.84 -20.62
C ASP AA 451 1.03 22.44 -22.07
N ALA AA 452 0.81 23.39 -22.98
CA ALA AA 452 0.93 23.09 -24.41
C ALA AA 452 2.38 22.91 -24.84
N ALA AA 453 3.32 23.58 -24.18
CA ALA AA 453 4.72 23.53 -24.60
C ALA AA 453 5.29 22.12 -24.47
N THR AA 454 5.00 21.44 -23.37
CA THR AA 454 5.48 20.08 -23.19
C THR AA 454 4.83 19.11 -24.18
N GLN AA 455 3.52 19.25 -24.38
CA GLN AA 455 2.82 18.39 -25.33
C GLN AA 455 3.29 18.59 -26.76
N GLN AA 456 3.79 19.78 -27.10
CA GLN AA 456 4.33 19.99 -28.44
C GLN AA 456 5.65 19.25 -28.62
N LEU AA 457 6.51 19.26 -27.59
CA LEU AA 457 7.73 18.48 -27.65
C LEU AA 457 7.43 16.98 -27.76
N LEU AA 458 6.46 16.49 -26.97
CA LEU AA 458 6.09 15.09 -27.06
C LEU AA 458 5.56 14.75 -28.46
N SER AA 459 4.71 15.62 -29.00
CA SER AA 459 4.12 15.37 -30.32
C SER AA 459 5.19 15.30 -31.40
N ARG AA 460 6.12 16.26 -31.39
CA ARG AA 460 7.15 16.25 -32.43
C ARG AA 460 8.11 15.08 -32.25
N GLY AA 461 8.46 14.74 -31.01
CA GLY AA 461 9.38 13.64 -30.79
C GLY AA 461 8.81 12.31 -31.23
N VAL AA 462 7.54 12.04 -30.90
CA VAL AA 462 6.97 10.76 -31.29
C VAL AA 462 6.80 10.66 -32.80
N ARG AA 463 6.60 11.78 -33.49
CA ARG AA 463 6.61 11.75 -34.96
C ARG AA 463 8.01 11.45 -35.49
N LEU AA 464 9.03 12.09 -34.92
CA LEU AA 464 10.38 11.89 -35.45
C LEU AA 464 10.90 10.48 -35.19
N THR AA 465 10.44 9.82 -34.13
CA THR AA 465 10.90 8.48 -33.85
C THR AA 465 10.48 7.49 -34.94
N GLU AA 466 9.25 7.61 -35.44
CA GLU AA 466 8.73 6.64 -36.39
C GLU AA 466 9.49 6.65 -37.71
N LEU AA 467 10.12 7.77 -38.06
CA LEU AA 467 10.82 7.85 -39.34
C LEU AA 467 12.08 6.98 -39.35
N LEU AA 468 12.70 6.77 -38.20
CA LEU AA 468 13.98 6.07 -38.15
C LEU AA 468 13.85 4.55 -38.26
N LYS AA 469 12.63 4.01 -38.21
CA LYS AA 469 12.45 2.58 -38.42
C LYS AA 469 12.74 2.22 -39.87
N GLN AA 470 13.21 0.99 -40.09
CA GLN AA 470 13.61 0.56 -41.41
C GLN AA 470 13.48 -0.95 -41.50
N GLY AA 471 13.42 -1.45 -42.73
CA GLY AA 471 13.31 -2.87 -42.99
C GLY AA 471 14.66 -3.55 -42.95
N GLN AA 472 14.74 -4.69 -43.63
CA GLN AA 472 15.95 -5.50 -43.64
C GLN AA 472 16.36 -5.83 -45.06
N TYR AA 473 17.67 -5.88 -45.30
CA TYR AA 473 18.24 -6.19 -46.61
C TYR AA 473 17.77 -5.22 -47.68
N ALA AA 474 17.58 -3.95 -47.32
CA ALA AA 474 17.11 -2.93 -48.27
C ALA AA 474 17.66 -1.58 -47.87
N PRO AA 475 18.94 -1.33 -48.15
CA PRO AA 475 19.50 0.00 -47.89
C PRO AA 475 18.98 1.02 -48.87
N MET AA 476 19.00 2.28 -48.43
CA MET AA 476 18.50 3.40 -49.21
C MET AA 476 19.65 4.19 -49.83
N ALA AA 477 19.29 5.23 -50.57
CA ALA AA 477 20.25 6.17 -51.12
C ALA AA 477 20.19 7.49 -50.35
N ILE AA 478 21.23 8.31 -50.51
CA ILE AA 478 21.40 9.46 -49.63
C ILE AA 478 20.35 10.53 -49.90
N GLU AA 479 20.08 10.83 -51.18
CA GLU AA 479 19.14 11.89 -51.49
C GLU AA 479 17.73 11.53 -51.08
N GLU AA 480 17.38 10.24 -51.13
CA GLU AA 480 16.07 9.81 -50.64
C GLU AA 480 15.96 9.97 -49.12
N GLN AA 481 17.03 9.69 -48.38
CA GLN AA 481 17.02 9.95 -46.95
C GLN AA 481 16.84 11.44 -46.67
N VAL AA 482 17.52 12.29 -47.44
CA VAL AA 482 17.40 13.73 -47.23
C VAL AA 482 15.97 14.17 -47.51
N ALA AA 483 15.39 13.68 -48.60
CA ALA AA 483 14.02 14.03 -48.95
C ALA AA 483 13.03 13.56 -47.90
N VAL AA 484 13.25 12.38 -47.32
CA VAL AA 484 12.34 11.87 -46.30
C VAL AA 484 12.43 12.71 -45.04
N ILE AA 485 13.65 13.02 -44.59
CA ILE AA 485 13.81 13.75 -43.33
C ILE AA 485 13.34 15.19 -43.47
N TYR AA 486 13.44 15.77 -44.66
CA TYR AA 486 13.08 17.18 -44.85
C TYR AA 486 11.63 17.42 -44.50
N ALA AA 487 10.73 16.55 -44.96
CA ALA AA 487 9.32 16.69 -44.61
C ALA AA 487 9.11 16.55 -43.11
N GLY AA 488 9.87 15.66 -42.47
CA GLY AA 488 9.70 15.44 -41.05
C GLY AA 488 10.05 16.66 -40.22
N VAL AA 489 11.19 17.30 -40.52
CA VAL AA 489 11.64 18.38 -39.64
C VAL AA 489 10.86 19.68 -39.84
N ARG AA 490 10.12 19.83 -40.94
CA ARG AA 490 9.43 21.07 -41.21
C ARG AA 490 8.04 21.15 -40.57
N GLY AA 491 7.56 20.06 -39.98
CA GLY AA 491 6.24 20.05 -39.37
C GLY AA 491 5.11 19.66 -40.30
N TYR AA 492 5.40 19.13 -41.48
CA TYR AA 492 4.36 18.75 -42.42
C TYR AA 492 3.64 17.47 -42.03
N LEU AA 493 4.11 16.76 -41.01
CA LEU AA 493 3.50 15.51 -40.59
C LEU AA 493 2.88 15.61 -39.20
N ASP AA 494 2.61 16.82 -38.72
CA ASP AA 494 2.12 17.00 -37.37
C ASP AA 494 0.69 16.50 -37.21
N LYS AA 495 -0.17 16.78 -38.20
CA LYS AA 495 -1.58 16.46 -38.08
C LYS AA 495 -1.89 14.98 -38.28
N LEU AA 496 -0.99 14.23 -38.90
CA LEU AA 496 -1.24 12.82 -39.14
C LEU AA 496 -1.19 12.02 -37.84
N GLU AA 497 -1.98 10.96 -37.79
CA GLU AA 497 -1.90 10.04 -36.66
C GLU AA 497 -0.64 9.19 -36.77
N PRO AA 498 -0.04 8.81 -35.64
CA PRO AA 498 1.22 8.05 -35.68
C PRO AA 498 1.11 6.71 -36.37
N SER AA 499 -0.09 6.14 -36.47
CA SER AA 499 -0.24 4.83 -37.09
C SER AA 499 0.00 4.84 -38.59
N LYS AA 500 0.01 6.01 -39.22
CA LYS AA 500 0.05 6.11 -40.69
C LYS AA 500 1.33 6.75 -41.22
N ILE AA 501 2.35 6.94 -40.37
CA ILE AA 501 3.57 7.59 -40.84
C ILE AA 501 4.31 6.72 -41.86
N THR AA 502 4.42 5.42 -41.58
CA THR AA 502 5.20 4.54 -42.45
C THR AA 502 4.59 4.42 -43.83
N LYS AA 503 3.25 4.32 -43.90
CA LYS AA 503 2.59 4.24 -45.20
C LYS AA 503 2.81 5.51 -46.00
N PHE AA 504 2.76 6.67 -45.34
CA PHE AA 504 3.02 7.93 -46.03
C PHE AA 504 4.44 7.98 -46.58
N GLU AA 505 5.42 7.56 -45.77
CA GLU AA 505 6.80 7.53 -46.27
C GLU AA 505 6.93 6.61 -47.47
N ASN AA 506 6.32 5.43 -47.38
CA ASN AA 506 6.39 4.45 -48.46
C ASN AA 506 5.81 4.99 -49.75
N ALA AA 507 4.66 5.67 -49.66
CA ALA AA 507 4.02 6.19 -50.87
C ALA AA 507 4.78 7.39 -51.43
N PHE AA 508 5.25 8.28 -50.55
CA PHE AA 508 5.94 9.48 -50.98
C PHE AA 508 7.23 9.14 -51.71
N LEU AA 509 7.97 8.14 -51.22
CA LEU AA 509 9.20 7.77 -51.92
C LEU AA 509 8.91 7.30 -53.34
N SER AA 510 7.90 6.47 -53.53
CA SER AA 510 7.58 6.00 -54.88
C SER AA 510 7.14 7.15 -55.77
N HIS AA 511 6.29 8.05 -55.26
CA HIS AA 511 5.85 9.16 -56.09
C HIS AA 511 7.02 10.03 -56.52
N VAL AA 512 7.93 10.35 -55.58
CA VAL AA 512 9.04 11.21 -55.96
C VAL AA 512 10.00 10.50 -56.90
N ILE AA 513 10.16 9.18 -56.74
CA ILE AA 513 11.08 8.45 -57.61
C ILE AA 513 10.54 8.39 -59.04
N SER AA 514 9.25 8.12 -59.19
CA SER AA 514 8.71 7.87 -60.54
C SER AA 514 8.76 9.13 -61.40
N GLN AA 515 8.31 10.27 -60.87
CA GLN AA 515 8.21 11.48 -61.68
C GLN AA 515 9.42 12.40 -61.51
N HIS AA 516 9.68 12.83 -60.27
CA HIS AA 516 10.66 13.90 -60.00
C HIS AA 516 12.07 13.30 -59.86
N GLN AA 517 12.67 13.00 -61.01
CA GLN AA 517 14.02 12.45 -61.03
C GLN AA 517 15.11 13.50 -61.19
N ALA AA 518 14.86 14.51 -62.03
CA ALA AA 518 15.87 15.55 -62.26
C ALA AA 518 16.13 16.35 -61.00
N LEU AA 519 15.14 16.47 -60.12
CA LEU AA 519 15.37 17.12 -58.84
C LEU AA 519 16.34 16.32 -57.97
N LEU AA 520 16.16 14.99 -57.92
CA LEU AA 520 17.10 14.16 -57.19
C LEU AA 520 18.49 14.18 -57.81
N GLY AA 521 18.57 14.38 -59.12
CA GLY AA 521 19.87 14.48 -59.77
C GLY AA 521 20.70 15.64 -59.23
N LYS AA 522 20.05 16.77 -58.96
CA LYS AA 522 20.78 17.93 -58.46
C LYS AA 522 21.30 17.71 -57.04
N ILE AA 523 20.47 17.12 -56.18
CA ILE AA 523 20.91 16.82 -54.82
C ILE AA 523 22.05 15.82 -54.83
N ARG AA 524 21.96 14.80 -55.68
CA ARG AA 524 23.05 13.83 -55.77
C ARG AA 524 24.33 14.47 -56.30
N ALA AA 525 24.21 15.37 -57.27
CA ALA AA 525 25.40 15.94 -57.90
C ALA AA 525 26.07 16.96 -57.00
N ASP AA 526 25.37 18.03 -56.64
CA ASP AA 526 26.02 19.15 -55.96
C ASP AA 526 26.33 18.82 -54.50
N GLY AA 527 25.48 18.05 -53.84
CA GLY AA 527 25.69 17.74 -52.44
C GLY AA 527 25.21 18.79 -51.46
N LYS AA 528 24.60 19.87 -51.94
CA LYS AA 528 24.03 20.88 -51.08
C LYS AA 528 22.67 21.29 -51.62
N ILE AA 529 21.81 21.77 -50.72
CA ILE AA 529 20.47 22.23 -51.08
C ILE AA 529 20.55 23.71 -51.40
N SER AA 530 20.41 24.07 -52.67
CA SER AA 530 20.40 25.47 -53.08
C SER AA 530 19.02 26.08 -52.82
N GLU AA 531 18.91 27.38 -53.09
CA GLU AA 531 17.67 28.11 -52.79
C GLU AA 531 16.50 27.59 -53.62
N GLU AA 532 16.69 27.47 -54.93
CA GLU AA 532 15.60 27.08 -55.81
C GLU AA 532 15.16 25.65 -55.54
N THR AA 533 16.09 24.77 -55.20
CA THR AA 533 15.72 23.40 -54.85
C THR AA 533 14.85 23.36 -53.59
N ASP AA 534 15.18 24.19 -52.60
CA ASP AA 534 14.34 24.32 -51.43
C ASP AA 534 12.94 24.80 -51.82
N ALA AA 535 12.88 25.78 -52.72
CA ALA AA 535 11.59 26.31 -53.17
C ALA AA 535 10.75 25.24 -53.86
N LYS AA 536 11.39 24.40 -54.67
CA LYS AA 536 10.68 23.33 -55.36
C LYS AA 536 10.18 22.26 -54.38
N LEU AA 537 11.03 21.83 -53.46
CA LEU AA 537 10.62 20.82 -52.49
C LEU AA 537 9.44 21.29 -51.67
N LYS AA 538 9.40 22.59 -51.34
CA LYS AA 538 8.30 23.11 -50.54
C LYS AA 538 6.96 22.90 -51.25
N GLU AA 539 6.91 23.10 -52.57
CA GLU AA 539 5.67 22.86 -53.30
C GLU AA 539 5.38 21.37 -53.45
N ILE AA 540 6.41 20.57 -53.69
CA ILE AA 540 6.19 19.14 -53.92
C ILE AA 540 5.51 18.52 -52.70
N VAL AA 541 6.03 18.81 -51.52
CA VAL AA 541 5.51 18.13 -50.32
C VAL AA 541 4.08 18.57 -50.03
N THR AA 542 3.78 19.86 -50.19
CA THR AA 542 2.43 20.33 -49.97
C THR AA 542 1.45 19.68 -50.93
N ASN AA 543 1.82 19.59 -52.20
CA ASN AA 543 0.91 18.97 -53.17
C ASN AA 543 0.62 17.52 -52.81
N PHE AA 544 1.67 16.74 -52.52
CA PHE AA 544 1.44 15.33 -52.20
C PHE AA 544 0.63 15.18 -50.92
N LEU AA 545 0.96 15.97 -49.89
CA LEU AA 545 0.23 15.86 -48.63
C LEU AA 545 -1.24 16.18 -48.81
N ALA AA 546 -1.55 17.21 -49.59
CA ALA AA 546 -2.96 17.51 -49.88
C ALA AA 546 -3.62 16.37 -50.62
N GLY AA 547 -2.92 15.75 -51.56
CA GLY AA 547 -3.53 14.67 -52.31
C GLY AA 547 -3.55 13.30 -51.66
N PHE AA 548 -2.93 13.14 -50.48
CA PHE AA 548 -2.81 11.80 -49.90
C PHE AA 548 -4.17 11.20 -49.56
N GLU AA 549 -5.05 11.98 -48.93
CA GLU AA 549 -6.40 11.53 -48.57
C GLU AA 549 -6.36 10.25 -47.73
N ALA AA 550 -5.47 10.23 -46.74
CA ALA AA 550 -5.34 9.11 -45.81
C ALA AA 550 -5.20 7.76 -46.51
N SER BA 49 36.28 -64.50 39.00
CA SER BA 49 37.70 -64.81 39.03
C SER BA 49 38.08 -65.74 37.88
N SER BA 50 37.41 -66.90 37.82
CA SER BA 50 37.71 -67.87 36.79
C SER BA 50 37.36 -67.37 35.39
N ILE BA 51 36.49 -66.37 35.28
CA ILE BA 51 36.12 -65.86 33.97
C ILE BA 51 37.33 -65.24 33.27
N LEU BA 52 38.09 -64.42 33.99
CA LEU BA 52 39.28 -63.83 33.41
C LEU BA 52 40.34 -64.89 33.11
N GLU BA 53 40.43 -65.90 33.97
CA GLU BA 53 41.34 -67.03 33.72
C GLU BA 53 40.97 -67.76 32.44
N GLU BA 54 39.67 -67.88 32.15
CA GLU BA 54 39.24 -68.51 30.91
C GLU BA 54 39.46 -67.59 29.71
N ARG BA 55 39.30 -66.28 29.92
CA ARG BA 55 39.59 -65.33 28.86
C ARG BA 55 41.05 -65.40 28.43
N ILE BA 56 41.96 -65.46 29.40
CA ILE BA 56 43.38 -65.60 29.08
C ILE BA 56 43.73 -67.04 28.72
N LEU BA 57 42.86 -68.01 29.02
CA LEU BA 57 43.14 -69.39 28.68
C LEU BA 57 43.17 -69.61 27.18
N GLY BA 58 42.27 -68.96 26.45
CA GLY BA 58 42.22 -69.09 25.00
C GLY BA 58 43.24 -68.23 24.30
N THR BA 61 48.16 -68.74 20.06
CA THR BA 61 49.16 -67.72 19.77
C THR BA 61 50.06 -68.15 18.63
N SER BA 62 49.76 -67.68 17.42
CA SER BA 62 50.51 -68.03 16.23
C SER BA 62 51.16 -66.79 15.64
N VAL BA 63 52.33 -66.98 15.04
CA VAL BA 63 53.07 -65.91 14.39
C VAL BA 63 53.51 -66.39 13.01
N ASP BA 64 53.40 -65.52 12.01
CA ASP BA 64 53.73 -65.86 10.64
C ASP BA 64 54.35 -64.66 9.94
N LEU BA 65 54.99 -64.93 8.81
CA LEU BA 65 55.65 -63.88 8.05
C LEU BA 65 54.64 -62.91 7.46
N GLU BA 66 55.08 -61.66 7.28
CA GLU BA 66 54.24 -60.62 6.71
C GLU BA 66 55.09 -59.66 5.91
N GLU BA 67 54.46 -58.93 5.00
CA GLU BA 67 55.15 -57.92 4.22
C GLU BA 67 55.17 -56.60 4.99
N THR BA 68 56.20 -55.80 4.74
CA THR BA 68 56.49 -54.68 5.63
C THR BA 68 57.11 -53.52 4.87
N GLY BA 69 56.73 -52.30 5.26
CA GLY BA 69 57.43 -51.10 4.86
C GLY BA 69 57.86 -50.31 6.08
N ARG BA 70 58.67 -49.29 5.84
CA ARG BA 70 59.20 -48.45 6.90
C ARG BA 70 58.79 -47.00 6.68
N VAL BA 71 58.60 -46.27 7.77
CA VAL BA 71 58.11 -44.90 7.72
C VAL BA 71 59.25 -43.95 7.39
N LEU BA 72 58.99 -43.02 6.48
CA LEU BA 72 59.93 -41.96 6.13
C LEU BA 72 59.63 -40.65 6.85
N SER BA 73 58.35 -40.29 6.98
CA SER BA 73 57.97 -39.03 7.57
C SER BA 73 56.59 -39.18 8.20
N ILE BA 74 56.27 -38.24 9.09
CA ILE BA 74 54.97 -38.22 9.74
C ILE BA 74 54.65 -36.79 10.20
N GLY BA 75 53.45 -36.33 9.89
CA GLY BA 75 53.01 -35.02 10.35
C GLY BA 75 51.58 -34.71 9.98
N ASP BA 76 50.81 -34.23 10.95
CA ASP BA 76 49.42 -33.78 10.74
C ASP BA 76 48.52 -34.90 10.21
N GLY BA 77 48.80 -36.14 10.60
CA GLY BA 77 47.94 -37.24 10.27
C GLY BA 77 48.23 -37.95 8.96
N ILE BA 78 49.30 -37.59 8.26
CA ILE BA 78 49.68 -38.21 7.00
C ILE BA 78 51.07 -38.82 7.17
N ALA BA 79 51.22 -40.07 6.74
CA ALA BA 79 52.47 -40.80 6.86
C ALA BA 79 52.95 -41.22 5.48
N ARG BA 80 54.24 -41.03 5.22
CA ARG BA 80 54.88 -41.48 3.99
C ARG BA 80 55.68 -42.74 4.28
N VAL BA 81 55.42 -43.80 3.55
CA VAL BA 81 55.96 -45.12 3.85
C VAL BA 81 56.81 -45.59 2.67
N HIS BA 82 58.08 -45.89 2.95
CA HIS BA 82 58.95 -46.61 2.03
C HIS BA 82 58.82 -48.09 2.30
N GLY BA 83 58.84 -48.89 1.25
CA GLY BA 83 58.59 -50.31 1.44
C GLY BA 83 57.56 -50.94 0.53
N LEU BA 84 56.40 -51.28 1.10
CA LEU BA 84 55.44 -52.23 0.57
C LEU BA 84 55.32 -52.20 -0.95
N ARG BA 85 55.45 -53.37 -1.58
CA ARG BA 85 55.45 -53.50 -3.03
C ARG BA 85 54.10 -53.96 -3.57
N ASN BA 86 53.61 -55.11 -3.11
CA ASN BA 86 52.36 -55.67 -3.59
C ASN BA 86 51.22 -55.24 -2.66
N VAL BA 87 50.90 -53.95 -2.73
CA VAL BA 87 49.84 -53.36 -1.90
C VAL BA 87 48.78 -52.82 -2.84
N GLN BA 88 47.52 -53.18 -2.58
CA GLN BA 88 46.42 -52.73 -3.40
C GLN BA 88 46.01 -51.31 -3.06
N ALA BA 89 45.37 -50.66 -4.02
CA ALA BA 89 44.78 -49.35 -3.76
C ALA BA 89 43.54 -49.51 -2.89
N GLU BA 90 43.42 -48.62 -1.89
CA GLU BA 90 42.31 -48.64 -0.94
C GLU BA 90 42.31 -49.93 -0.12
N GLU BA 91 43.48 -50.27 0.42
CA GLU BA 91 43.66 -51.44 1.26
C GLU BA 91 44.02 -51.01 2.66
N MET BA 92 43.54 -51.77 3.65
CA MET BA 92 43.73 -51.43 5.05
C MET BA 92 45.05 -52.00 5.56
N VAL BA 93 45.86 -51.15 6.17
CA VAL BA 93 47.14 -51.54 6.75
C VAL BA 93 47.10 -51.26 8.25
N GLU BA 94 48.06 -51.84 8.97
CA GLU BA 94 48.08 -51.77 10.42
C GLU BA 94 49.45 -51.31 10.91
N PHE BA 95 49.44 -50.44 11.91
CA PHE BA 95 50.66 -49.91 12.49
C PHE BA 95 51.11 -50.76 13.67
N SER BA 96 52.26 -50.40 14.24
CA SER BA 96 52.85 -51.21 15.31
C SER BA 96 52.04 -51.13 16.59
N SER BA 97 51.68 -49.91 17.00
CA SER BA 97 51.03 -49.74 18.30
C SER BA 97 49.63 -50.35 18.31
N GLY BA 98 48.92 -50.28 17.19
CA GLY BA 98 47.57 -50.79 17.12
C GLY BA 98 46.64 -49.96 16.27
N LEU BA 99 47.12 -48.81 15.80
CA LEU BA 99 46.34 -47.96 14.92
C LEU BA 99 46.09 -48.66 13.59
N LYS BA 100 45.24 -48.05 12.77
CA LYS BA 100 44.94 -48.57 11.44
C LYS BA 100 44.90 -47.42 10.45
N GLY BA 101 45.14 -47.77 9.18
CA GLY BA 101 45.22 -46.77 8.13
C GLY BA 101 44.76 -47.33 6.80
N MET BA 102 44.70 -46.45 5.81
CA MET BA 102 44.29 -46.82 4.45
C MET BA 102 45.18 -46.10 3.45
N SER BA 103 45.56 -46.81 2.39
CA SER BA 103 46.46 -46.28 1.39
C SER BA 103 45.68 -45.73 0.20
N LEU BA 104 45.97 -44.48 -0.17
CA LEU BA 104 45.28 -43.81 -1.27
C LEU BA 104 46.21 -43.46 -2.42
N ASN BA 105 47.36 -42.86 -2.14
CA ASN BA 105 48.31 -42.48 -3.17
C ASN BA 105 49.35 -43.58 -3.34
N LEU BA 106 49.47 -44.11 -4.56
CA LEU BA 106 50.48 -45.08 -4.91
C LEU BA 106 51.44 -44.42 -5.89
N GLU BA 107 52.64 -44.12 -5.44
CA GLU BA 107 53.62 -43.38 -6.23
C GLU BA 107 54.86 -44.23 -6.44
N PRO BA 108 55.75 -43.86 -7.37
CA PRO BA 108 56.92 -44.71 -7.64
C PRO BA 108 57.83 -44.94 -6.46
N ASP BA 109 57.91 -43.99 -5.51
CA ASP BA 109 58.90 -44.08 -4.45
C ASP BA 109 58.31 -44.09 -3.05
N ASN BA 110 57.00 -43.93 -2.88
CA ASN BA 110 56.41 -43.92 -1.55
C ASN BA 110 54.92 -44.17 -1.66
N VAL BA 111 54.31 -44.42 -0.50
CA VAL BA 111 52.87 -44.64 -0.38
C VAL BA 111 52.34 -43.69 0.68
N GLY BA 112 51.26 -42.99 0.35
CA GLY BA 112 50.64 -42.07 1.30
C GLY BA 112 49.51 -42.71 2.07
N VAL BA 113 49.64 -42.77 3.40
CA VAL BA 113 48.70 -43.48 4.26
C VAL BA 113 48.08 -42.50 5.24
N VAL BA 114 46.75 -42.52 5.33
CA VAL BA 114 46.01 -41.70 6.29
C VAL BA 114 45.66 -42.57 7.49
N VAL BA 115 45.67 -41.98 8.68
CA VAL BA 115 45.53 -42.73 9.92
C VAL BA 115 44.10 -42.61 10.43
N PHE BA 116 43.61 -43.69 11.03
CA PHE BA 116 42.29 -43.73 11.66
C PHE BA 116 42.40 -43.51 13.17
N GLY BA 117 42.86 -42.33 13.55
CA GLY BA 117 42.99 -42.00 14.95
C GLY BA 117 44.11 -41.01 15.18
N ASN BA 118 44.59 -40.99 16.43
CA ASN BA 118 45.63 -40.06 16.84
C ASN BA 118 46.96 -40.43 16.18
N ASP BA 119 47.86 -39.45 16.11
CA ASP BA 119 49.14 -39.64 15.45
C ASP BA 119 50.32 -39.26 16.34
N LYS BA 120 50.12 -39.18 17.65
CA LYS BA 120 51.19 -38.82 18.56
C LYS BA 120 52.07 -40.01 18.92
N LEU BA 121 51.74 -41.21 18.45
CA LEU BA 121 52.53 -42.39 18.74
C LEU BA 121 53.39 -42.85 17.58
N ILE BA 122 53.02 -42.50 16.34
CA ILE BA 122 53.82 -42.88 15.19
C ILE BA 122 55.08 -42.02 15.15
N LYS BA 123 56.21 -42.65 14.83
CA LYS BA 123 57.47 -41.92 14.71
C LYS BA 123 58.34 -42.59 13.66
N GLU BA 124 59.28 -41.81 13.13
CA GLU BA 124 60.10 -42.25 12.01
C GLU BA 124 60.87 -43.52 12.35
N GLY BA 125 60.86 -44.46 11.40
CA GLY BA 125 61.57 -45.72 11.56
C GLY BA 125 60.71 -46.89 11.96
N ASP BA 126 59.40 -46.73 12.05
CA ASP BA 126 58.52 -47.78 12.55
C ASP BA 126 58.24 -48.81 11.47
N ILE BA 127 57.28 -49.70 11.74
CA ILE BA 127 56.98 -50.85 10.91
C ILE BA 127 55.49 -50.86 10.58
N VAL BA 128 55.18 -51.12 9.31
CA VAL BA 128 53.80 -51.17 8.84
C VAL BA 128 53.57 -52.53 8.17
N LYS BA 129 52.43 -53.13 8.47
CA LYS BA 129 52.04 -54.42 7.89
C LYS BA 129 50.74 -54.27 7.12
N ARG BA 130 50.50 -55.20 6.20
CA ARG BA 130 49.32 -55.18 5.35
C ARG BA 130 48.41 -56.36 5.68
N THR BA 131 47.13 -56.07 5.87
CA THR BA 131 46.18 -57.13 6.22
C THR BA 131 45.80 -57.99 5.03
N GLY BA 132 45.67 -57.39 3.84
CA GLY BA 132 45.30 -58.11 2.65
C GLY BA 132 43.85 -58.03 2.26
N ALA BA 133 43.06 -57.18 2.91
CA ALA BA 133 41.63 -57.05 2.62
C ALA BA 133 41.26 -55.58 2.51
N ILE BA 134 40.36 -55.28 1.57
CA ILE BA 134 39.83 -53.92 1.44
C ILE BA 134 38.93 -53.62 2.63
N VAL BA 135 38.87 -52.34 3.00
CA VAL BA 135 38.16 -51.93 4.21
C VAL BA 135 36.70 -52.36 4.15
N ASP BA 136 36.21 -52.93 5.26
CA ASP BA 136 34.85 -53.42 5.36
C ASP BA 136 34.39 -53.31 6.81
N VAL BA 137 33.07 -53.42 7.01
CA VAL BA 137 32.48 -53.26 8.33
C VAL BA 137 31.58 -54.45 8.64
N PRO BA 138 31.35 -54.79 9.90
CA PRO BA 138 30.40 -55.86 10.22
C PRO BA 138 28.98 -55.45 9.88
N VAL BA 139 28.19 -56.45 9.50
CA VAL BA 139 26.80 -56.24 9.11
C VAL BA 139 25.95 -57.37 9.69
N GLY BA 140 24.66 -57.09 9.82
CA GLY BA 140 23.74 -58.06 10.37
C GLY BA 140 22.65 -57.35 11.14
N GLU BA 141 21.81 -58.14 11.82
CA GLU BA 141 20.75 -57.61 12.65
C GLU BA 141 21.02 -57.78 14.13
N GLU BA 142 22.25 -58.13 14.50
CA GLU BA 142 22.66 -58.10 15.90
C GLU BA 142 23.05 -56.70 16.35
N LEU BA 143 23.09 -55.73 15.44
CA LEU BA 143 23.46 -54.36 15.75
C LEU BA 143 22.27 -53.51 16.18
N LEU BA 144 21.08 -54.08 16.25
CA LEU BA 144 19.91 -53.32 16.67
C LEU BA 144 19.97 -53.04 18.17
N GLY BA 145 19.78 -51.78 18.54
CA GLY BA 145 19.86 -51.38 19.92
C GLY BA 145 21.23 -51.05 20.43
N ARG BA 146 22.22 -50.88 19.55
CA ARG BA 146 23.59 -50.62 19.95
C ARG BA 146 24.07 -49.29 19.37
N VAL BA 147 25.08 -48.72 20.01
CA VAL BA 147 25.74 -47.49 19.56
C VAL BA 147 27.17 -47.86 19.20
N VAL BA 148 27.53 -47.62 17.94
CA VAL BA 148 28.84 -48.02 17.43
C VAL BA 148 29.50 -46.84 16.74
N ASP BA 149 30.82 -46.93 16.60
CA ASP BA 149 31.60 -45.88 15.97
C ASP BA 149 31.63 -46.12 14.45
N ALA BA 150 32.51 -45.40 13.75
CA ALA BA 150 32.52 -45.44 12.30
C ALA BA 150 33.05 -46.76 11.73
N LEU BA 151 33.73 -47.57 12.54
CA LEU BA 151 34.29 -48.83 12.08
C LEU BA 151 33.63 -50.05 12.71
N GLY BA 152 32.52 -49.87 13.41
CA GLY BA 152 31.81 -50.99 14.00
C GLY BA 152 32.40 -51.49 15.30
N ASN BA 153 32.65 -50.57 16.23
CA ASN BA 153 33.12 -50.90 17.56
C ASN BA 153 32.15 -50.33 18.59
N ALA BA 154 31.77 -51.15 19.56
CA ALA BA 154 30.82 -50.71 20.57
C ALA BA 154 31.44 -49.64 21.47
N ILE BA 155 30.66 -48.60 21.77
CA ILE BA 155 31.11 -47.54 22.65
C ILE BA 155 30.06 -47.28 23.72
N ASP BA 156 29.06 -48.15 23.82
CA ASP BA 156 28.01 -48.00 24.82
C ASP BA 156 28.25 -48.80 26.08
N GLY BA 157 29.30 -49.62 26.12
CA GLY BA 157 29.65 -50.34 27.33
C GLY BA 157 28.91 -51.64 27.55
N LYS BA 158 28.14 -52.13 26.58
CA LYS BA 158 27.44 -53.39 26.75
C LYS BA 158 28.39 -54.57 26.65
N GLY BA 159 29.04 -54.72 25.50
CA GLY BA 159 29.96 -55.81 25.28
C GLY BA 159 30.24 -56.02 23.80
N PRO BA 160 30.89 -57.13 23.48
CA PRO BA 160 31.19 -57.42 22.07
C PRO BA 160 29.94 -57.71 21.28
N ILE BA 161 30.03 -57.47 19.97
CA ILE BA 161 28.95 -57.71 19.03
C ILE BA 161 29.19 -59.04 18.34
N GLY BA 162 28.23 -59.94 18.45
CA GLY BA 162 28.36 -61.23 17.80
C GLY BA 162 27.82 -61.21 16.39
N SER BA 163 28.71 -61.05 15.41
CA SER BA 163 28.32 -60.95 14.02
C SER BA 163 29.02 -62.04 13.21
N LYS BA 164 28.40 -62.41 12.09
CA LYS BA 164 28.91 -63.47 11.23
C LYS BA 164 29.22 -63.03 9.81
N THR BA 165 28.97 -61.77 9.46
CA THR BA 165 29.13 -61.33 8.08
C THR BA 165 29.83 -59.98 8.04
N ARG BA 166 30.53 -59.74 6.93
CA ARG BA 166 31.18 -58.47 6.68
C ARG BA 166 30.87 -58.03 5.25
N ARG BA 167 31.01 -56.72 5.01
CA ARG BA 167 30.61 -56.16 3.73
C ARG BA 167 31.44 -54.91 3.45
N ARG BA 168 31.86 -54.76 2.19
CA ARG BA 168 32.66 -53.61 1.79
C ARG BA 168 31.83 -52.33 1.87
N VAL BA 169 32.53 -51.21 2.01
CA VAL BA 169 31.86 -49.93 2.12
C VAL BA 169 31.66 -49.27 0.76
N GLY BA 170 32.52 -49.56 -0.21
CA GLY BA 170 32.36 -49.00 -1.54
C GLY BA 170 31.87 -50.01 -2.55
N LEU BA 171 30.59 -49.94 -2.91
CA LEU BA 171 29.98 -50.85 -3.86
C LEU BA 171 29.13 -50.05 -4.83
N LYS BA 172 28.70 -50.72 -5.90
CA LYS BA 172 27.94 -50.08 -6.96
C LYS BA 172 26.44 -50.20 -6.71
N ALA BA 173 25.71 -49.17 -7.14
CA ALA BA 173 24.27 -49.16 -7.00
C ALA BA 173 23.63 -50.11 -8.01
N PRO BA 174 22.40 -50.56 -7.76
CA PRO BA 174 21.71 -51.40 -8.75
C PRO BA 174 21.48 -50.66 -10.06
N GLY BA 175 21.45 -51.42 -11.14
CA GLY BA 175 21.32 -50.83 -12.45
C GLY BA 175 19.90 -50.49 -12.85
N ILE BA 176 19.51 -50.88 -14.06
CA ILE BA 176 18.19 -50.53 -14.59
C ILE BA 176 17.23 -51.71 -14.51
N ILE BA 177 17.70 -52.92 -14.80
CA ILE BA 177 16.83 -54.09 -14.79
C ILE BA 177 16.25 -54.39 -13.41
N PRO BA 178 17.05 -54.44 -12.32
CA PRO BA 178 16.49 -54.95 -11.06
C PRO BA 178 15.55 -54.02 -10.32
N ARG BA 179 15.14 -52.91 -10.93
CA ARG BA 179 14.32 -51.93 -10.23
C ARG BA 179 12.86 -52.00 -10.70
N ILE BA 180 12.01 -51.32 -9.94
CA ILE BA 180 10.59 -51.20 -10.23
C ILE BA 180 10.11 -49.86 -9.68
N SER BA 181 8.89 -49.48 -10.04
CA SER BA 181 8.37 -48.17 -9.66
C SER BA 181 8.07 -48.12 -8.16
N VAL BA 182 7.90 -46.90 -7.65
CA VAL BA 182 7.61 -46.66 -6.25
C VAL BA 182 6.10 -46.63 -6.06
N ARG BA 183 5.60 -47.44 -5.11
CA ARG BA 183 4.16 -47.62 -4.98
C ARG BA 183 3.63 -47.60 -3.55
N GLU BA 184 4.47 -47.55 -2.52
CA GLU BA 184 3.96 -47.68 -1.16
C GLU BA 184 4.24 -46.43 -0.34
N PRO BA 185 3.41 -46.13 0.66
CA PRO BA 185 3.59 -44.91 1.44
C PRO BA 185 4.54 -45.07 2.62
N MET BA 186 5.17 -43.95 2.97
CA MET BA 186 6.04 -43.83 4.14
C MET BA 186 5.49 -42.72 5.00
N GLN BA 187 4.91 -43.08 6.14
CA GLN BA 187 4.18 -42.14 6.98
C GLN BA 187 5.10 -41.58 8.07
N THR BA 188 4.93 -40.30 8.37
CA THR BA 188 5.76 -39.58 9.32
C THR BA 188 5.04 -39.15 10.58
N GLY BA 189 3.79 -38.71 10.46
CA GLY BA 189 3.06 -38.16 11.59
C GLY BA 189 2.97 -36.65 11.61
N ILE BA 190 3.61 -35.97 10.68
CA ILE BA 190 3.51 -34.52 10.56
C ILE BA 190 2.34 -34.19 9.65
N LYS BA 191 1.43 -33.35 10.14
CA LYS BA 191 0.24 -33.03 9.35
C LYS BA 191 0.58 -32.30 8.06
N ALA BA 192 1.52 -31.37 8.11
CA ALA BA 192 1.85 -30.57 6.94
C ALA BA 192 2.68 -31.34 5.91
N VAL BA 193 3.18 -32.52 6.24
CA VAL BA 193 3.96 -33.33 5.33
C VAL BA 193 3.13 -34.42 4.69
N ASP BA 194 2.35 -35.16 5.50
CA ASP BA 194 1.57 -36.27 4.98
C ASP BA 194 0.41 -35.82 4.09
N SER BA 195 0.08 -34.53 4.08
CA SER BA 195 -1.05 -34.04 3.31
C SER BA 195 -0.65 -33.20 2.10
N LEU BA 196 0.55 -32.63 2.07
CA LEU BA 196 0.94 -31.76 0.96
C LEU BA 196 2.25 -32.21 0.32
N VAL BA 197 3.12 -32.86 1.08
CA VAL BA 197 4.39 -33.34 0.56
C VAL BA 197 4.55 -34.81 0.90
N PRO BA 198 3.79 -35.71 0.27
CA PRO BA 198 3.89 -37.13 0.61
C PRO BA 198 5.21 -37.74 0.15
N ILE BA 199 5.61 -38.80 0.85
CA ILE BA 199 6.88 -39.47 0.59
C ILE BA 199 6.62 -40.97 0.44
N GLY BA 200 7.20 -41.57 -0.61
CA GLY BA 200 7.08 -42.99 -0.84
C GLY BA 200 8.30 -43.76 -0.34
N ARG BA 201 8.25 -45.08 -0.52
CA ARG BA 201 9.31 -45.96 -0.08
C ARG BA 201 10.25 -46.25 -1.24
N GLY BA 202 11.52 -45.89 -1.08
CA GLY BA 202 12.49 -45.95 -2.15
C GLY BA 202 12.91 -44.61 -2.71
N GLN BA 203 12.54 -43.52 -2.05
CA GLN BA 203 12.73 -42.17 -2.53
C GLN BA 203 13.83 -41.47 -1.74
N ARG BA 204 14.30 -40.34 -2.28
CA ARG BA 204 15.23 -39.46 -1.58
C ARG BA 204 14.59 -38.08 -1.45
N GLU BA 205 14.68 -37.50 -0.27
CA GLU BA 205 14.08 -36.21 0.02
C GLU BA 205 15.06 -35.37 0.84
N LEU BA 206 15.15 -34.10 0.52
CA LEU BA 206 16.14 -33.22 1.13
C LEU BA 206 15.48 -32.30 2.15
N ILE BA 207 16.15 -32.12 3.29
CA ILE BA 207 15.74 -31.16 4.30
C ILE BA 207 16.83 -30.09 4.34
N ILE BA 208 16.44 -28.84 4.08
CA ILE BA 208 17.39 -27.75 3.91
C ILE BA 208 16.88 -26.51 4.61
N GLY BA 209 17.77 -25.81 5.29
CA GLY BA 209 17.40 -24.59 5.98
C GLY BA 209 18.60 -23.99 6.68
N ASP BA 210 18.34 -22.95 7.46
CA ASP BA 210 19.39 -22.28 8.22
C ASP BA 210 19.58 -22.98 9.56
N ARG BA 211 20.34 -22.36 10.46
CA ARG BA 211 20.58 -22.92 11.79
C ARG BA 211 19.46 -22.52 12.74
N GLN BA 212 19.12 -23.44 13.64
CA GLN BA 212 18.04 -23.25 14.60
C GLN BA 212 16.71 -22.99 13.89
N THR BA 213 16.27 -23.99 13.13
CA THR BA 213 15.00 -23.89 12.42
C THR BA 213 14.12 -25.10 12.72
N GLY BA 214 14.72 -26.25 13.01
CA GLY BA 214 13.94 -27.42 13.40
C GLY BA 214 14.16 -28.65 12.54
N LYS BA 215 15.34 -28.79 11.95
CA LYS BA 215 15.60 -29.90 11.03
C LYS BA 215 15.68 -31.23 11.75
N THR BA 216 16.35 -31.27 12.90
CA THR BA 216 16.55 -32.54 13.60
C THR BA 216 15.23 -33.11 14.13
N SER BA 217 14.33 -32.25 14.61
CA SER BA 217 13.13 -32.75 15.24
C SER BA 217 12.20 -33.44 14.26
N ILE BA 218 12.27 -33.09 12.97
CA ILE BA 218 11.48 -33.80 11.98
C ILE BA 218 11.90 -35.26 11.89
N ALA BA 219 13.22 -35.51 11.82
CA ALA BA 219 13.70 -36.88 11.78
C ALA BA 219 13.42 -37.61 13.10
N ILE BA 220 13.55 -36.91 14.23
CA ILE BA 220 13.29 -37.55 15.50
C ILE BA 220 11.81 -37.95 15.62
N ASP BA 221 10.91 -37.09 15.17
CA ASP BA 221 9.48 -37.44 15.16
C ASP BA 221 9.20 -38.57 14.19
N THR BA 222 9.87 -38.58 13.04
CA THR BA 222 9.65 -39.64 12.06
C THR BA 222 10.07 -41.00 12.62
N ILE BA 223 11.18 -41.03 13.36
CA ILE BA 223 11.66 -42.29 13.91
C ILE BA 223 10.67 -42.85 14.93
N ILE BA 224 10.11 -41.98 15.78
CA ILE BA 224 9.24 -42.43 16.87
C ILE BA 224 7.94 -43.00 16.31
N ASN BA 225 7.44 -42.43 15.22
CA ASN BA 225 6.10 -42.78 14.74
C ASN BA 225 6.00 -44.25 14.34
N GLN BA 226 7.12 -44.87 13.96
CA GLN BA 226 7.08 -46.22 13.43
C GLN BA 226 6.76 -47.28 14.47
N LYS BA 227 6.56 -46.91 15.73
CA LYS BA 227 6.34 -47.93 16.76
C LYS BA 227 5.02 -48.67 16.55
N ARG BA 228 3.97 -47.96 16.12
CA ARG BA 228 2.66 -48.58 15.99
C ARG BA 228 2.62 -49.66 14.90
N PHE BA 229 3.60 -49.68 14.01
CA PHE BA 229 3.67 -50.73 13.00
C PHE BA 229 4.57 -51.88 13.43
N ASN BA 230 5.71 -51.57 14.04
CA ASN BA 230 6.63 -52.61 14.48
C ASN BA 230 6.06 -53.44 15.63
N ASP BA 231 5.12 -52.90 16.38
CA ASP BA 231 4.42 -53.66 17.42
C ASP BA 231 3.16 -54.32 16.86
N GLY BA 232 3.32 -55.08 15.79
CA GLY BA 232 2.19 -55.69 15.13
C GLY BA 232 2.41 -57.13 14.75
N THR BA 233 1.75 -57.59 13.68
CA THR BA 233 1.80 -58.99 13.26
C THR BA 233 2.48 -59.16 11.91
N ASP BA 234 1.97 -58.50 10.86
CA ASP BA 234 2.50 -58.69 9.52
C ASP BA 234 3.83 -57.98 9.35
N GLU BA 235 4.72 -58.62 8.60
CA GLU BA 235 6.07 -58.11 8.37
C GLU BA 235 6.19 -57.26 7.12
N LYS BA 236 5.10 -57.05 6.39
CA LYS BA 236 5.12 -56.25 5.18
C LYS BA 236 4.90 -54.77 5.45
N LYS BA 237 4.76 -54.37 6.72
CA LYS BA 237 4.56 -52.97 7.06
C LYS BA 237 5.49 -52.52 8.19
N LYS BA 238 6.60 -53.22 8.39
CA LYS BA 238 7.59 -52.83 9.38
C LYS BA 238 8.72 -52.06 8.71
N LEU BA 239 9.38 -51.20 9.49
CA LEU BA 239 10.47 -50.39 8.98
C LEU BA 239 11.54 -50.24 10.04
N TYR BA 240 12.80 -50.41 9.65
CA TYR BA 240 13.93 -50.23 10.53
C TYR BA 240 14.60 -48.89 10.24
N CYS BA 241 15.30 -48.37 11.26
CA CYS BA 241 15.83 -47.02 11.21
C CYS BA 241 17.33 -47.01 11.50
N ILE BA 242 18.03 -46.08 10.87
CA ILE BA 242 19.45 -45.87 11.07
C ILE BA 242 19.71 -44.37 11.19
N TYR BA 243 20.46 -43.96 12.20
CA TYR BA 243 20.81 -42.56 12.41
C TYR BA 243 22.31 -42.41 12.39
N VAL BA 244 22.80 -41.42 11.64
CA VAL BA 244 24.23 -41.16 11.48
C VAL BA 244 24.50 -39.70 11.88
N ALA BA 245 25.45 -39.51 12.79
CA ALA BA 245 25.80 -38.19 13.29
C ALA BA 245 27.23 -37.87 12.86
N ILE BA 246 27.40 -36.73 12.18
CA ILE BA 246 28.70 -36.32 11.65
C ILE BA 246 28.98 -34.90 12.12
N GLY BA 247 30.05 -34.74 12.91
CA GLY BA 247 30.52 -33.43 13.30
C GLY BA 247 29.90 -32.84 14.56
N GLN BA 248 28.92 -33.51 15.16
CA GLN BA 248 28.27 -32.98 16.36
C GLN BA 248 29.08 -33.33 17.61
N LYS BA 249 28.74 -32.66 18.70
CA LYS BA 249 29.38 -32.94 19.97
C LYS BA 249 28.66 -34.07 20.70
N ARG BA 250 29.34 -34.64 21.69
CA ARG BA 250 28.89 -35.89 22.31
C ARG BA 250 27.64 -35.70 23.16
N SER BA 251 27.53 -34.58 23.85
CA SER BA 251 26.40 -34.39 24.77
C SER BA 251 25.08 -34.34 24.02
N THR BA 252 25.07 -33.76 22.82
CA THR BA 252 23.84 -33.74 22.03
C THR BA 252 23.44 -35.17 21.64
N VAL BA 253 24.40 -36.00 21.26
CA VAL BA 253 24.08 -37.39 20.95
C VAL BA 253 23.59 -38.14 22.18
N ALA BA 254 24.16 -37.85 23.35
CA ALA BA 254 23.68 -38.48 24.57
C ALA BA 254 22.25 -38.09 24.87
N GLN BA 255 21.91 -36.81 24.72
CA GLN BA 255 20.53 -36.38 24.95
C GLN BA 255 19.59 -36.99 23.92
N LEU BA 256 20.02 -37.12 22.67
CA LEU BA 256 19.19 -37.75 21.65
C LEU BA 256 18.94 -39.22 21.99
N VAL BA 257 19.96 -39.93 22.44
CA VAL BA 257 19.79 -41.35 22.78
C VAL BA 257 18.89 -41.49 24.00
N LYS BA 258 19.02 -40.59 24.98
CA LYS BA 258 18.12 -40.64 26.12
C LYS BA 258 16.68 -40.35 25.71
N ARG BA 259 16.49 -39.38 24.81
CA ARG BA 259 15.15 -39.10 24.32
C ARG BA 259 14.56 -40.30 23.61
N LEU BA 260 15.38 -41.01 22.83
CA LEU BA 260 14.89 -42.20 22.13
C LEU BA 260 14.55 -43.32 23.10
N THR BA 261 15.37 -43.52 24.14
CA THR BA 261 15.17 -44.69 24.99
C THR BA 261 14.01 -44.53 25.97
N ASP BA 262 13.51 -43.32 26.18
CA ASP BA 262 12.37 -43.14 27.08
C ASP BA 262 11.04 -43.25 26.35
N ALA BA 263 11.06 -43.45 25.04
CA ALA BA 263 9.85 -43.69 24.26
C ALA BA 263 9.80 -45.10 23.70
N ASP BA 264 10.70 -45.98 24.13
CA ASP BA 264 10.75 -47.38 23.71
C ASP BA 264 10.93 -47.48 22.19
N ALA BA 265 12.01 -46.88 21.71
CA ALA BA 265 12.32 -46.88 20.28
C ALA BA 265 13.69 -47.41 19.94
N MET BA 266 14.55 -47.67 20.93
CA MET BA 266 15.90 -48.15 20.64
C MET BA 266 15.93 -49.61 20.22
N LYS BA 267 14.84 -50.36 20.40
CA LYS BA 267 14.83 -51.77 20.05
C LYS BA 267 14.92 -52.02 18.55
N TYR BA 268 14.76 -50.97 17.71
CA TYR BA 268 14.83 -51.16 16.27
C TYR BA 268 15.61 -50.04 15.58
N THR BA 269 16.62 -49.48 16.26
CA THR BA 269 17.41 -48.40 15.70
C THR BA 269 18.90 -48.71 15.87
N ILE BA 270 19.70 -48.14 14.96
CA ILE BA 270 21.16 -48.23 15.02
C ILE BA 270 21.70 -46.81 14.95
N VAL BA 271 22.63 -46.47 15.84
CA VAL BA 271 23.23 -45.14 15.89
C VAL BA 271 24.70 -45.27 15.56
N VAL BA 272 25.15 -44.54 14.54
CA VAL BA 272 26.54 -44.48 14.13
C VAL BA 272 27.02 -43.06 14.32
N SER BA 273 28.10 -42.88 15.08
CA SER BA 273 28.54 -41.55 15.47
C SER BA 273 30.02 -41.37 15.16
N ALA BA 274 30.35 -40.17 14.67
CA ALA BA 274 31.73 -39.72 14.48
C ALA BA 274 31.74 -38.24 14.88
N THR BA 275 32.06 -37.98 16.14
CA THR BA 275 31.86 -36.66 16.73
C THR BA 275 32.96 -35.70 16.29
N ALA BA 276 32.95 -34.49 16.83
CA ALA BA 276 33.86 -33.44 16.40
C ALA BA 276 35.29 -33.65 16.86
N SER BA 277 35.53 -34.55 17.81
CA SER BA 277 36.87 -34.81 18.31
C SER BA 277 37.58 -35.94 17.57
N ASP BA 278 36.90 -36.60 16.63
CA ASP BA 278 37.50 -37.70 15.90
C ASP BA 278 38.32 -37.17 14.73
N ALA BA 279 39.15 -38.06 14.18
CA ALA BA 279 39.98 -37.70 13.05
C ALA BA 279 39.12 -37.49 11.79
N ALA BA 280 39.66 -36.69 10.87
CA ALA BA 280 38.94 -36.41 9.63
C ALA BA 280 38.58 -37.65 8.82
N PRO BA 281 39.47 -38.65 8.65
CA PRO BA 281 39.07 -39.83 7.86
C PRO BA 281 37.86 -40.56 8.40
N LEU BA 282 37.64 -40.57 9.72
CA LEU BA 282 36.47 -41.25 10.26
C LEU BA 282 35.19 -40.51 9.90
N GLN BA 283 35.20 -39.18 9.97
CA GLN BA 283 34.04 -38.40 9.55
C GLN BA 283 33.82 -38.51 8.05
N TYR BA 284 34.89 -38.69 7.28
CA TYR BA 284 34.75 -38.89 5.85
C TYR BA 284 34.18 -40.27 5.52
N LEU BA 285 34.49 -41.28 6.33
CA LEU BA 285 34.08 -42.64 6.05
C LEU BA 285 32.73 -43.01 6.68
N ALA BA 286 32.22 -42.21 7.61
CA ALA BA 286 31.04 -42.61 8.37
C ALA BA 286 29.80 -42.89 7.52
N PRO BA 287 29.38 -42.02 6.58
CA PRO BA 287 28.11 -42.29 5.88
C PRO BA 287 28.10 -43.57 5.06
N TYR BA 288 29.19 -43.93 4.41
CA TYR BA 288 29.21 -45.16 3.62
C TYR BA 288 29.12 -46.37 4.54
N SER BA 289 29.73 -46.30 5.72
CA SER BA 289 29.67 -47.41 6.66
C SER BA 289 28.24 -47.65 7.15
N GLY BA 290 27.41 -46.61 7.17
CA GLY BA 290 26.02 -46.76 7.53
C GLY BA 290 25.14 -47.20 6.37
N CYS BA 291 25.45 -46.71 5.17
CA CYS BA 291 24.73 -47.17 3.98
C CYS BA 291 24.96 -48.66 3.75
N SER BA 292 26.19 -49.13 3.98
CA SER BA 292 26.48 -50.55 3.84
C SER BA 292 25.73 -51.40 4.86
N MET BA 293 25.45 -50.85 6.05
CA MET BA 293 24.62 -51.55 7.01
C MET BA 293 23.16 -51.54 6.62
N GLY BA 294 22.70 -50.44 6.01
CA GLY BA 294 21.34 -50.38 5.52
C GLY BA 294 21.07 -51.32 4.36
N GLU BA 295 22.07 -51.54 3.51
CA GLU BA 295 21.89 -52.39 2.34
C GLU BA 295 21.63 -53.85 2.69
N TYR BA 296 21.97 -54.28 3.91
CA TYR BA 296 21.73 -55.66 4.29
C TYR BA 296 20.24 -56.00 4.29
N PHE BA 297 19.42 -55.10 4.81
CA PHE BA 297 17.98 -55.35 4.85
C PHE BA 297 17.37 -55.28 3.46
N ARG BA 298 17.91 -54.44 2.59
CA ARG BA 298 17.32 -54.23 1.27
C ARG BA 298 17.36 -55.49 0.42
N ASP BA 299 18.38 -56.32 0.60
CA ASP BA 299 18.57 -57.51 -0.24
C ASP BA 299 17.93 -58.76 0.33
N ASN BA 300 17.22 -58.67 1.45
CA ASN BA 300 16.55 -59.82 2.06
C ASN BA 300 15.05 -59.60 2.22
N GLY BA 301 14.45 -58.74 1.41
CA GLY BA 301 13.01 -58.55 1.44
C GLY BA 301 12.49 -57.70 2.57
N LYS BA 302 13.32 -56.85 3.15
CA LYS BA 302 12.92 -55.97 4.23
C LYS BA 302 13.13 -54.52 3.83
N HIS BA 303 12.53 -53.62 4.62
CA HIS BA 303 12.58 -52.19 4.35
C HIS BA 303 13.32 -51.48 5.47
N ALA BA 304 14.01 -50.39 5.11
CA ALA BA 304 14.85 -49.68 6.05
C ALA BA 304 14.86 -48.19 5.72
N LEU BA 305 15.28 -47.39 6.70
CA LEU BA 305 15.35 -45.94 6.58
C LEU BA 305 16.69 -45.45 7.13
N ILE BA 306 17.29 -44.48 6.45
CA ILE BA 306 18.59 -43.96 6.83
C ILE BA 306 18.56 -42.43 6.79
N ILE BA 307 19.34 -41.81 7.68
CA ILE BA 307 19.38 -40.37 7.82
C ILE BA 307 20.83 -39.93 7.98
N TYR BA 308 21.28 -39.01 7.13
CA TYR BA 308 22.63 -38.44 7.21
C TYR BA 308 22.50 -37.02 7.74
N ASP BA 309 22.95 -36.79 8.96
CA ASP BA 309 22.81 -35.50 9.60
C ASP BA 309 24.00 -34.61 9.23
N ASP BA 310 23.71 -33.46 8.63
CA ASP BA 310 24.72 -32.46 8.28
C ASP BA 310 25.76 -33.04 7.31
N LEU BA 311 25.28 -33.30 6.08
CA LEU BA 311 26.19 -33.64 4.99
C LEU BA 311 27.19 -32.54 4.70
N SER BA 312 26.92 -31.30 5.14
CA SER BA 312 27.84 -30.21 4.91
C SER BA 312 29.15 -30.40 5.67
N LYS BA 313 29.14 -31.18 6.75
CA LYS BA 313 30.33 -31.37 7.57
C LYS BA 313 31.18 -32.55 7.12
N GLN BA 314 30.73 -33.32 6.13
CA GLN BA 314 31.60 -34.32 5.53
C GLN BA 314 32.52 -33.71 4.48
N ALA BA 315 32.04 -32.69 3.77
CA ALA BA 315 32.84 -32.05 2.73
C ALA BA 315 34.02 -31.29 3.32
N VAL BA 316 33.88 -30.71 4.51
CA VAL BA 316 35.01 -30.02 5.11
C VAL BA 316 36.10 -31.02 5.51
N ALA BA 317 35.71 -32.19 6.01
CA ALA BA 317 36.70 -33.20 6.32
C ALA BA 317 37.35 -33.75 5.06
N TYR BA 318 36.59 -33.92 3.99
CA TYR BA 318 37.20 -34.34 2.72
C TYR BA 318 38.18 -33.31 2.21
N ARG BA 319 37.83 -32.03 2.31
CA ARG BA 319 38.75 -30.97 1.87
C ARG BA 319 40.02 -30.94 2.71
N GLN BA 320 39.88 -31.12 4.03
CA GLN BA 320 41.08 -31.16 4.86
C GLN BA 320 41.96 -32.35 4.51
N MET BA 321 41.35 -33.52 4.31
CA MET BA 321 42.12 -34.72 4.02
C MET BA 321 42.83 -34.61 2.66
N SER BA 322 42.18 -34.00 1.68
CA SER BA 322 42.77 -33.93 0.34
C SER BA 322 43.91 -32.93 0.27
N LEU BA 323 43.79 -31.79 0.97
CA LEU BA 323 44.82 -30.76 0.89
C LEU BA 323 46.14 -31.24 1.49
N LEU BA 324 46.08 -31.98 2.59
CA LEU BA 324 47.30 -32.50 3.20
C LEU BA 324 47.98 -33.57 2.35
N LEU BA 325 47.31 -34.09 1.33
CA LEU BA 325 47.93 -35.02 0.39
C LEU BA 325 48.54 -34.32 -0.81
N ARG BA 326 48.63 -32.99 -0.77
CA ARG BA 326 49.25 -32.18 -1.83
C ARG BA 326 48.49 -32.31 -3.15
N ARG BA 327 47.18 -32.25 -3.06
CA ARG BA 327 46.42 -32.18 -4.31
C ARG BA 327 45.96 -30.75 -4.55
N PRO BA 328 45.90 -30.32 -5.82
CA PRO BA 328 45.54 -28.94 -6.10
C PRO BA 328 44.12 -28.63 -5.67
N PRO BA 329 43.84 -27.42 -5.21
CA PRO BA 329 42.50 -27.05 -4.80
C PRO BA 329 41.63 -26.64 -6.00
N GLY BA 330 40.42 -26.22 -5.70
CA GLY BA 330 39.47 -25.79 -6.71
C GLY BA 330 38.70 -24.56 -6.30
N ARG BA 331 37.37 -24.59 -6.43
CA ARG BA 331 36.55 -23.50 -5.94
C ARG BA 331 36.41 -23.57 -4.43
N GLU BA 332 36.73 -22.47 -3.76
CA GLU BA 332 36.76 -22.42 -2.29
C GLU BA 332 37.65 -23.51 -1.71
N ALA BA 333 38.68 -23.88 -2.45
CA ALA BA 333 39.65 -24.91 -2.10
C ALA BA 333 39.02 -26.29 -1.93
N TYR BA 334 37.78 -26.47 -2.35
CA TYR BA 334 37.21 -27.81 -2.37
C TYR BA 334 37.90 -28.64 -3.44
N PRO BA 335 37.94 -29.97 -3.27
CA PRO BA 335 38.51 -30.82 -4.31
C PRO BA 335 37.73 -30.69 -5.61
N GLY BA 336 38.32 -31.22 -6.68
CA GLY BA 336 37.72 -31.07 -7.98
C GLY BA 336 36.49 -31.91 -8.24
N ASP BA 337 36.19 -32.88 -7.36
CA ASP BA 337 35.12 -33.83 -7.58
C ASP BA 337 34.26 -34.01 -6.34
N VAL BA 338 33.83 -32.90 -5.73
CA VAL BA 338 32.93 -33.01 -4.59
C VAL BA 338 31.55 -33.48 -5.01
N PHE BA 339 31.16 -33.27 -6.28
CA PHE BA 339 29.87 -33.77 -6.77
C PHE BA 339 29.84 -35.30 -6.74
N TYR BA 340 30.92 -35.93 -7.20
CA TYR BA 340 31.02 -37.39 -7.23
C TYR BA 340 31.07 -37.98 -5.82
N LEU BA 341 31.40 -37.17 -4.81
CA LEU BA 341 31.40 -37.65 -3.44
C LEU BA 341 30.00 -38.03 -2.98
N HIS BA 342 29.00 -37.21 -3.33
CA HIS BA 342 27.62 -37.45 -2.93
C HIS BA 342 26.80 -38.19 -3.98
N SER BA 343 27.18 -38.10 -5.26
CA SER BA 343 26.36 -38.75 -6.29
C SER BA 343 26.42 -40.26 -6.18
N ARG BA 344 27.59 -40.81 -5.89
CA ARG BA 344 27.70 -42.25 -5.70
C ARG BA 344 27.09 -42.71 -4.38
N LEU BA 345 26.80 -41.80 -3.47
CA LEU BA 345 26.20 -42.14 -2.20
C LEU BA 345 24.67 -42.16 -2.28
N LEU BA 346 24.08 -41.14 -2.89
CA LEU BA 346 22.63 -41.04 -2.92
C LEU BA 346 21.98 -41.89 -3.99
N GLU BA 347 22.76 -42.61 -4.79
CA GLU BA 347 22.22 -43.48 -5.83
C GLU BA 347 21.95 -44.89 -5.33
N ARG BA 348 22.32 -45.21 -4.09
CA ARG BA 348 22.21 -46.58 -3.59
C ARG BA 348 20.84 -46.88 -2.98
N ALA BA 349 19.94 -45.91 -2.94
CA ALA BA 349 18.59 -46.13 -2.43
C ALA BA 349 17.67 -46.48 -3.60
N ALA BA 350 17.01 -47.63 -3.54
CA ALA BA 350 16.22 -48.10 -4.67
C ALA BA 350 15.11 -49.02 -4.17
N LYS BA 351 14.15 -49.27 -5.06
CA LYS BA 351 13.06 -50.21 -4.83
C LYS BA 351 13.25 -51.40 -5.75
N MET BA 352 13.40 -52.58 -5.16
CA MET BA 352 13.68 -53.79 -5.92
C MET BA 352 12.39 -54.50 -6.31
N ASN BA 353 12.43 -55.22 -7.43
CA ASN BA 353 11.26 -55.94 -7.91
C ASN BA 353 11.22 -57.33 -7.27
N ASP BA 354 10.22 -58.12 -7.66
CA ASP BA 354 9.94 -59.38 -6.99
C ASP BA 354 10.99 -60.45 -7.25
N ALA BA 355 11.72 -60.36 -8.37
CA ALA BA 355 12.76 -61.34 -8.63
C ALA BA 355 13.92 -61.24 -7.66
N PHE BA 356 14.10 -60.08 -7.01
CA PHE BA 356 15.20 -59.87 -6.08
C PHE BA 356 14.74 -59.81 -4.62
N GLY BA 357 13.44 -59.88 -4.36
CA GLY BA 357 12.97 -59.94 -2.98
C GLY BA 357 11.89 -58.94 -2.63
N GLY BA 358 11.99 -57.73 -3.18
CA GLY BA 358 11.01 -56.69 -2.90
C GLY BA 358 11.39 -55.71 -1.81
N GLY BA 359 12.65 -55.68 -1.39
CA GLY BA 359 13.07 -54.77 -0.34
C GLY BA 359 13.20 -53.34 -0.84
N SER BA 360 13.55 -52.45 0.08
CA SER BA 360 13.62 -51.03 -0.24
C SER BA 360 14.54 -50.35 0.76
N LEU BA 361 14.95 -49.12 0.42
CA LEU BA 361 15.80 -48.31 1.28
C LEU BA 361 15.53 -46.84 0.95
N THR BA 362 15.32 -46.04 1.99
CA THR BA 362 14.96 -44.63 1.85
C THR BA 362 16.02 -43.76 2.52
N ALA BA 363 16.19 -42.54 1.99
CA ALA BA 363 17.23 -41.64 2.45
C ALA BA 363 16.65 -40.26 2.73
N LEU BA 364 17.24 -39.57 3.71
CA LEU BA 364 16.85 -38.21 4.09
C LEU BA 364 18.07 -37.41 4.48
N PRO BA 365 18.76 -36.81 3.50
CA PRO BA 365 19.93 -35.97 3.82
C PRO BA 365 19.50 -34.64 4.43
N VAL BA 366 20.50 -33.95 5.00
CA VAL BA 366 20.31 -32.66 5.66
C VAL BA 366 21.38 -31.71 5.19
N ILE BA 367 21.01 -30.44 4.95
CA ILE BA 367 21.93 -29.41 4.49
C ILE BA 367 21.65 -28.12 5.26
N GLU BA 368 22.71 -27.35 5.51
CA GLU BA 368 22.61 -26.07 6.20
C GLU BA 368 23.14 -24.96 5.30
N THR BA 369 22.43 -23.84 5.27
CA THR BA 369 22.77 -22.71 4.41
C THR BA 369 23.12 -21.48 5.25
N GLN BA 370 23.93 -20.60 4.68
CA GLN BA 370 24.40 -19.40 5.36
C GLN BA 370 23.50 -18.23 4.99
N ALA BA 371 22.78 -17.69 5.99
CA ALA BA 371 21.92 -16.52 5.81
C ALA BA 371 20.89 -16.73 4.72
N GLY BA 372 20.34 -17.95 4.65
CA GLY BA 372 19.29 -18.25 3.67
C GLY BA 372 19.73 -18.09 2.23
N ASP BA 373 20.94 -18.53 1.90
CA ASP BA 373 21.48 -18.44 0.56
C ASP BA 373 21.45 -19.83 -0.05
N VAL BA 374 20.45 -20.09 -0.90
CA VAL BA 374 20.28 -21.41 -1.51
C VAL BA 374 21.04 -21.55 -2.82
N SER BA 375 21.66 -20.49 -3.31
CA SER BA 375 22.38 -20.50 -4.57
C SER BA 375 23.89 -20.54 -4.36
N ALA BA 376 24.33 -21.24 -3.31
CA ALA BA 376 25.74 -21.38 -3.02
C ALA BA 376 26.31 -22.55 -3.82
N TYR BA 377 27.53 -22.96 -3.48
CA TYR BA 377 28.20 -24.02 -4.25
C TYR BA 377 27.69 -25.40 -3.86
N ILE BA 378 27.84 -25.76 -2.59
CA ILE BA 378 27.45 -27.10 -2.15
C ILE BA 378 25.95 -27.35 -2.27
N PRO BA 379 25.06 -26.46 -1.80
CA PRO BA 379 23.63 -26.77 -1.87
C PRO BA 379 23.11 -27.01 -3.28
N THR BA 380 23.63 -26.30 -4.28
CA THR BA 380 23.14 -26.49 -5.64
C THR BA 380 23.49 -27.87 -6.18
N ASN BA 381 24.63 -28.43 -5.77
CA ASN BA 381 24.97 -29.78 -6.17
C ASN BA 381 23.94 -30.78 -5.68
N VAL BA 382 23.59 -30.70 -4.39
CA VAL BA 382 22.70 -31.71 -3.81
C VAL BA 382 21.24 -31.46 -4.13
N ILE BA 383 20.87 -30.24 -4.53
CA ILE BA 383 19.49 -29.99 -4.95
C ILE BA 383 19.18 -30.75 -6.24
N SER BA 384 20.15 -30.84 -7.14
CA SER BA 384 19.95 -31.44 -8.45
C SER BA 384 20.08 -32.95 -8.45
N ILE BA 385 20.28 -33.57 -7.30
CA ILE BA 385 20.41 -35.03 -7.20
C ILE BA 385 19.15 -35.68 -6.66
N THR BA 386 18.54 -35.08 -5.64
CA THR BA 386 17.42 -35.68 -4.95
C THR BA 386 16.14 -35.55 -5.77
N ASP BA 387 15.04 -36.05 -5.22
CA ASP BA 387 13.74 -36.00 -5.87
C ASP BA 387 12.83 -34.91 -5.34
N GLY BA 388 13.24 -34.21 -4.28
CA GLY BA 388 12.40 -33.17 -3.70
C GLY BA 388 13.10 -32.56 -2.51
N GLN BA 389 12.49 -31.49 -1.99
CA GLN BA 389 13.09 -30.77 -0.89
C GLN BA 389 12.02 -30.10 -0.04
N ILE BA 390 12.34 -29.90 1.23
CA ILE BA 390 11.48 -29.20 2.19
C ILE BA 390 12.25 -27.99 2.70
N PHE BA 391 11.63 -26.82 2.63
CA PHE BA 391 12.28 -25.55 2.97
C PHE BA 391 11.79 -25.05 4.32
N LEU BA 392 12.73 -24.59 5.16
CA LEU BA 392 12.42 -24.03 6.46
C LEU BA 392 12.98 -22.61 6.53
N GLU BA 393 12.22 -21.71 7.18
CA GLU BA 393 12.56 -20.29 7.23
C GLU BA 393 12.43 -19.75 8.64
N THR BA 394 13.21 -18.71 8.93
CA THR BA 394 13.18 -18.10 10.26
C THR BA 394 12.00 -17.15 10.45
N GLU BA 395 11.65 -16.41 9.41
CA GLU BA 395 10.56 -15.44 9.52
C GLU BA 395 9.24 -16.14 9.83
N LEU BA 396 9.01 -17.32 9.23
CA LEU BA 396 7.84 -18.10 9.58
C LEU BA 396 7.98 -18.70 10.97
N PHE BA 397 9.21 -18.98 11.40
CA PHE BA 397 9.43 -19.53 12.73
C PHE BA 397 9.03 -18.53 13.81
N TYR BA 398 9.35 -17.26 13.59
CA TYR BA 398 9.07 -16.23 14.58
C TYR BA 398 7.65 -15.67 14.49
N LYS BA 399 6.89 -16.03 13.47
CA LYS BA 399 5.50 -15.62 13.36
C LYS BA 399 4.53 -16.67 13.89
N GLY BA 400 5.02 -17.63 14.67
CA GLY BA 400 4.17 -18.62 15.28
C GLY BA 400 3.84 -19.82 14.42
N ILE BA 401 4.39 -19.91 13.22
CA ILE BA 401 4.14 -21.04 12.32
C ILE BA 401 5.21 -22.08 12.59
N ARG BA 402 4.87 -23.07 13.42
CA ARG BA 402 5.81 -24.14 13.77
C ARG BA 402 5.10 -25.49 13.59
N PRO BA 403 5.67 -26.41 12.80
CA PRO BA 403 6.95 -26.35 12.09
C PRO BA 403 6.94 -25.37 10.92
N ALA BA 404 8.08 -24.75 10.64
CA ALA BA 404 8.15 -23.65 9.68
C ALA BA 404 8.42 -24.19 8.28
N ILE BA 405 7.41 -24.83 7.71
CA ILE BA 405 7.47 -25.39 6.37
C ILE BA 405 6.86 -24.38 5.39
N ASN BA 406 7.62 -24.05 4.35
CA ASN BA 406 7.15 -23.16 3.30
C ASN BA 406 6.46 -24.00 2.24
N VAL BA 407 5.13 -24.00 2.24
CA VAL BA 407 4.37 -24.85 1.32
C VAL BA 407 4.33 -24.32 -0.09
N GLY BA 408 4.76 -23.08 -0.31
CA GLY BA 408 4.78 -22.54 -1.67
C GLY BA 408 5.96 -22.95 -2.49
N LEU BA 409 7.00 -23.52 -1.85
CA LEU BA 409 8.20 -23.95 -2.55
C LEU BA 409 8.51 -25.43 -2.38
N SER BA 410 8.04 -26.06 -1.32
CA SER BA 410 8.32 -27.48 -1.12
C SER BA 410 7.59 -28.32 -2.16
N VAL BA 411 8.30 -29.30 -2.71
CA VAL BA 411 7.78 -30.13 -3.79
C VAL BA 411 8.13 -31.59 -3.51
N SER BA 412 7.44 -32.48 -4.21
CA SER BA 412 7.69 -33.92 -4.11
C SER BA 412 7.39 -34.54 -5.46
N ARG BA 413 8.43 -34.99 -6.16
CA ARG BA 413 8.27 -35.50 -7.51
C ARG BA 413 7.79 -36.95 -7.51
N VAL BA 414 6.68 -37.21 -6.82
CA VAL BA 414 6.04 -38.52 -6.88
C VAL BA 414 4.62 -38.44 -7.41
N GLY BA 415 3.99 -37.27 -7.40
CA GLY BA 415 2.64 -37.15 -7.94
C GLY BA 415 1.58 -37.84 -7.12
N SER BA 416 1.83 -38.07 -5.84
CA SER BA 416 0.88 -38.74 -4.94
C SER BA 416 0.49 -40.12 -5.44
N ALA BA 417 1.44 -40.81 -6.10
CA ALA BA 417 1.16 -42.18 -6.54
C ALA BA 417 1.03 -43.13 -5.36
N ALA BA 418 1.78 -42.89 -4.29
CA ALA BA 418 1.74 -43.71 -3.08
C ALA BA 418 1.12 -42.88 -1.97
N GLN BA 419 -0.21 -42.93 -1.88
CA GLN BA 419 -0.94 -42.20 -0.86
C GLN BA 419 -2.30 -42.87 -0.69
N THR BA 420 -2.79 -42.88 0.54
CA THR BA 420 -4.07 -43.53 0.82
C THR BA 420 -5.21 -42.80 0.13
N ARG BA 421 -6.24 -43.56 -0.23
CA ARG BA 421 -7.38 -42.98 -0.96
C ARG BA 421 -8.12 -41.95 -0.10
N ALA BA 422 -8.26 -42.23 1.19
CA ALA BA 422 -9.04 -41.34 2.06
C ALA BA 422 -8.42 -39.95 2.16
N MET BA 423 -7.09 -39.89 2.26
CA MET BA 423 -6.42 -38.60 2.44
C MET BA 423 -6.51 -37.71 1.21
N LYS BA 424 -6.51 -38.31 0.02
CA LYS BA 424 -6.54 -37.52 -1.21
C LYS BA 424 -7.80 -36.67 -1.29
N GLN BA 425 -8.94 -37.22 -0.85
CA GLN BA 425 -10.21 -36.52 -1.01
C GLN BA 425 -10.22 -35.19 -0.25
N VAL BA 426 -9.62 -35.17 0.93
CA VAL BA 426 -9.64 -33.97 1.75
C VAL BA 426 -8.39 -33.11 1.59
N ALA BA 427 -7.33 -33.63 0.98
CA ALA BA 427 -6.13 -32.81 0.75
C ALA BA 427 -6.13 -32.11 -0.60
N GLY BA 428 -6.68 -32.75 -1.64
CA GLY BA 428 -6.73 -32.10 -2.94
C GLY BA 428 -7.55 -30.83 -2.92
N THR BA 429 -8.55 -30.76 -2.05
CA THR BA 429 -9.37 -29.57 -1.90
C THR BA 429 -8.73 -28.52 -1.01
N MET BA 430 -7.85 -28.90 -0.09
CA MET BA 430 -7.12 -27.94 0.73
C MET BA 430 -6.01 -27.25 -0.06
N LYS BA 431 -5.45 -27.96 -1.05
CA LYS BA 431 -4.47 -27.35 -1.93
C LYS BA 431 -5.03 -26.09 -2.60
N LEU BA 432 -6.22 -26.19 -3.19
CA LEU BA 432 -6.80 -25.04 -3.87
C LEU BA 432 -7.10 -23.90 -2.91
N GLU BA 433 -7.62 -24.22 -1.72
CA GLU BA 433 -7.93 -23.18 -0.75
C GLU BA 433 -6.68 -22.38 -0.40
N LEU BA 434 -5.57 -23.07 -0.11
CA LEU BA 434 -4.37 -22.34 0.27
C LEU BA 434 -3.73 -21.62 -0.93
N ALA BA 435 -3.79 -22.21 -2.12
CA ALA BA 435 -3.23 -21.56 -3.30
C ALA BA 435 -3.97 -20.26 -3.60
N GLN BA 436 -5.30 -20.26 -3.48
CA GLN BA 436 -6.05 -19.03 -3.71
C GLN BA 436 -5.93 -18.06 -2.55
N TYR BA 437 -5.71 -18.55 -1.33
CA TYR BA 437 -5.50 -17.64 -0.21
C TYR BA 437 -4.20 -16.86 -0.35
N ARG BA 438 -3.14 -17.50 -0.82
CA ARG BA 438 -1.84 -16.84 -0.86
C ARG BA 438 -1.80 -15.69 -1.87
N GLU BA 439 -2.50 -15.82 -2.99
CA GLU BA 439 -2.35 -14.86 -4.08
C GLU BA 439 -3.03 -13.52 -3.82
N VAL BA 440 -3.87 -13.41 -2.79
CA VAL BA 440 -4.66 -12.21 -2.53
C VAL BA 440 -4.39 -11.65 -1.14
N ALA BA 441 -4.36 -12.52 -0.13
CA ALA BA 441 -4.40 -12.08 1.25
C ALA BA 441 -3.05 -11.61 1.77
N ALA BA 442 -2.41 -10.68 1.06
CA ALA BA 442 -1.20 -10.03 1.57
C ALA BA 442 -1.14 -8.64 0.94
N PHE BA 443 -1.65 -7.65 1.66
CA PHE BA 443 -1.67 -6.26 1.19
C PHE BA 443 -0.99 -5.39 2.23
N ALA BA 444 0.33 -5.27 2.12
CA ALA BA 444 1.10 -4.45 3.05
C ALA BA 444 0.79 -2.98 2.85
N LEU BA 450 -16.50 -7.47 -2.58
CA LEU BA 450 -15.54 -7.54 -1.49
C LEU BA 450 -15.91 -8.65 -0.51
N ASP BA 451 -17.01 -8.44 0.23
CA ASP BA 451 -17.46 -9.45 1.18
C ASP BA 451 -17.89 -10.73 0.48
N ALA BA 452 -18.35 -10.61 -0.77
CA ALA BA 452 -18.81 -11.79 -1.50
C ALA BA 452 -17.69 -12.78 -1.73
N ALA BA 453 -16.50 -12.29 -2.08
CA ALA BA 453 -15.36 -13.16 -2.39
C ALA BA 453 -14.21 -12.98 -1.42
N THR BA 454 -13.71 -11.76 -1.24
CA THR BA 454 -12.43 -11.58 -0.56
C THR BA 454 -12.51 -11.92 0.91
N GLN BA 455 -13.52 -11.40 1.62
CA GLN BA 455 -13.61 -11.62 3.06
C GLN BA 455 -13.75 -13.10 3.39
N GLN BA 456 -14.57 -13.82 2.63
CA GLN BA 456 -14.73 -15.25 2.85
C GLN BA 456 -13.42 -16.00 2.60
N LEU BA 457 -12.68 -15.58 1.58
CA LEU BA 457 -11.46 -16.29 1.20
C LEU BA 457 -10.43 -16.27 2.33
N LEU BA 458 -10.13 -15.08 2.84
CA LEU BA 458 -9.17 -15.01 3.94
C LEU BA 458 -9.76 -15.49 5.26
N SER BA 459 -11.08 -15.42 5.43
CA SER BA 459 -11.69 -16.01 6.62
C SER BA 459 -11.49 -17.51 6.65
N ARG BA 460 -11.58 -18.17 5.49
CA ARG BA 460 -11.28 -19.60 5.44
C ARG BA 460 -9.79 -19.87 5.54
N GLY BA 461 -8.96 -19.02 4.90
CA GLY BA 461 -7.52 -19.25 4.90
C GLY BA 461 -6.90 -19.13 6.27
N VAL BA 462 -7.33 -18.16 7.07
CA VAL BA 462 -6.76 -18.00 8.40
C VAL BA 462 -7.12 -19.21 9.27
N ARG BA 463 -8.32 -19.76 9.10
CA ARG BA 463 -8.68 -20.99 9.78
C ARG BA 463 -7.80 -22.15 9.33
N LEU BA 464 -7.58 -22.26 8.01
CA LEU BA 464 -6.83 -23.40 7.50
C LEU BA 464 -5.37 -23.36 7.94
N THR BA 465 -4.78 -22.17 8.04
CA THR BA 465 -3.39 -22.09 8.50
C THR BA 465 -3.25 -22.60 9.92
N GLU BA 466 -4.16 -22.21 10.81
CA GLU BA 466 -4.06 -22.60 12.21
C GLU BA 466 -4.17 -24.10 12.42
N LEU BA 467 -4.78 -24.82 11.48
CA LEU BA 467 -4.97 -26.25 11.66
C LEU BA 467 -3.66 -27.01 11.51
N LEU BA 468 -2.69 -26.47 10.77
CA LEU BA 468 -1.47 -27.20 10.45
C LEU BA 468 -0.40 -27.13 11.54
N LYS BA 469 -0.54 -26.26 12.53
CA LYS BA 469 0.43 -26.19 13.60
C LYS BA 469 0.37 -27.46 14.45
N GLN BA 470 1.51 -27.81 15.05
CA GLN BA 470 1.62 -29.06 15.77
C GLN BA 470 2.70 -28.93 16.84
N GLY BA 471 2.61 -29.80 17.85
CA GLY BA 471 3.55 -29.81 18.95
C GLY BA 471 4.80 -30.60 18.64
N GLN BA 472 5.46 -31.10 19.69
CA GLN BA 472 6.73 -31.78 19.55
C GLN BA 472 6.67 -33.14 20.24
N TYR BA 473 7.35 -34.12 19.63
CA TYR BA 473 7.40 -35.49 20.14
C TYR BA 473 6.01 -36.10 20.30
N ALA BA 474 5.16 -35.89 19.31
CA ALA BA 474 3.81 -36.46 19.35
C ALA BA 474 3.23 -36.60 17.95
N PRO BA 475 3.62 -37.63 17.20
CA PRO BA 475 3.00 -37.87 15.89
C PRO BA 475 1.61 -38.47 16.02
N MET BA 476 0.84 -38.35 14.94
CA MET BA 476 -0.55 -38.77 14.91
C MET BA 476 -0.75 -39.90 13.91
N ALA BA 477 -1.77 -40.71 14.15
CA ALA BA 477 -2.18 -41.71 13.18
C ALA BA 477 -2.92 -41.07 12.02
N ILE BA 478 -3.08 -41.82 10.93
CA ILE BA 478 -3.58 -41.25 9.68
C ILE BA 478 -5.05 -40.87 9.80
N GLU BA 479 -5.87 -41.77 10.39
CA GLU BA 479 -7.30 -41.54 10.40
C GLU BA 479 -7.69 -40.34 11.25
N GLU BA 480 -6.98 -40.11 12.35
CA GLU BA 480 -7.25 -38.93 13.17
C GLU BA 480 -6.94 -37.64 12.42
N GLN BA 481 -5.84 -37.63 11.65
CA GLN BA 481 -5.58 -36.49 10.78
C GLN BA 481 -6.69 -36.33 9.74
N VAL BA 482 -7.19 -37.44 9.21
CA VAL BA 482 -8.26 -37.37 8.23
C VAL BA 482 -9.48 -36.72 8.85
N ALA BA 483 -9.84 -37.12 10.06
CA ALA BA 483 -11.00 -36.55 10.73
C ALA BA 483 -10.81 -35.07 11.05
N VAL BA 484 -9.63 -34.69 11.55
CA VAL BA 484 -9.43 -33.31 11.95
C VAL BA 484 -9.39 -32.39 10.73
N ILE BA 485 -8.85 -32.87 9.60
CA ILE BA 485 -8.88 -32.08 8.39
C ILE BA 485 -10.28 -32.05 7.79
N TYR BA 486 -11.02 -33.16 7.92
CA TYR BA 486 -12.39 -33.21 7.42
C TYR BA 486 -13.27 -32.20 8.14
N ALA BA 487 -13.04 -32.00 9.43
CA ALA BA 487 -13.79 -30.99 10.16
C ALA BA 487 -13.53 -29.60 9.59
N GLY BA 488 -12.26 -29.27 9.34
CA GLY BA 488 -11.93 -27.94 8.87
C GLY BA 488 -12.38 -27.66 7.45
N VAL BA 489 -12.19 -28.62 6.54
CA VAL BA 489 -12.39 -28.34 5.13
C VAL BA 489 -13.86 -28.07 4.81
N ARG BA 490 -14.78 -28.76 5.50
CA ARG BA 490 -16.19 -28.65 5.19
C ARG BA 490 -16.81 -27.34 5.67
N GLY BA 491 -16.12 -26.58 6.52
CA GLY BA 491 -16.62 -25.30 6.98
C GLY BA 491 -17.30 -25.31 8.32
N TYR BA 492 -17.15 -26.38 9.11
CA TYR BA 492 -17.77 -26.44 10.43
C TYR BA 492 -17.17 -25.46 11.43
N LEU BA 493 -16.03 -24.84 11.10
CA LEU BA 493 -15.32 -23.97 12.03
C LEU BA 493 -15.14 -22.57 11.46
N ASP BA 494 -16.08 -22.11 10.64
CA ASP BA 494 -16.01 -20.77 10.05
C ASP BA 494 -16.67 -19.71 10.94
N LYS BA 495 -17.19 -20.09 12.10
CA LYS BA 495 -17.81 -19.15 13.01
C LYS BA 495 -16.96 -18.83 14.23
N LEU BA 496 -16.19 -19.79 14.73
CA LEU BA 496 -15.38 -19.57 15.92
C LEU BA 496 -14.23 -18.62 15.63
N GLU BA 497 -13.87 -17.85 16.65
CA GLU BA 497 -12.71 -16.97 16.54
C GLU BA 497 -11.45 -17.80 16.33
N PRO BA 498 -10.55 -17.39 15.43
CA PRO BA 498 -9.35 -18.21 15.16
C PRO BA 498 -8.45 -18.43 16.36
N SER BA 499 -8.52 -17.57 17.39
CA SER BA 499 -7.60 -17.69 18.50
C SER BA 499 -7.81 -18.95 19.33
N LYS BA 500 -8.99 -19.58 19.25
CA LYS BA 500 -9.34 -20.70 20.10
C LYS BA 500 -9.38 -22.04 19.37
N ILE BA 501 -8.80 -22.13 18.18
CA ILE BA 501 -8.93 -23.33 17.37
C ILE BA 501 -8.18 -24.51 17.99
N THR BA 502 -6.99 -24.25 18.56
CA THR BA 502 -6.14 -25.33 19.04
C THR BA 502 -6.79 -26.09 20.20
N LYS BA 503 -7.44 -25.38 21.12
CA LYS BA 503 -8.13 -26.06 22.22
C LYS BA 503 -9.24 -26.95 21.69
N PHE BA 504 -9.97 -26.47 20.68
CA PHE BA 504 -10.99 -27.29 20.04
C PHE BA 504 -10.38 -28.54 19.42
N GLU BA 505 -9.24 -28.40 18.74
CA GLU BA 505 -8.57 -29.57 18.15
C GLU BA 505 -8.24 -30.59 19.22
N ASN BA 506 -7.62 -30.14 20.32
CA ASN BA 506 -7.18 -31.09 21.35
C ASN BA 506 -8.37 -31.79 22.00
N ALA BA 507 -9.36 -31.02 22.44
CA ALA BA 507 -10.52 -31.61 23.13
C ALA BA 507 -11.29 -32.54 22.20
N PHE BA 508 -11.50 -32.12 20.95
CA PHE BA 508 -12.22 -32.97 20.01
C PHE BA 508 -11.45 -34.24 19.71
N LEU BA 509 -10.12 -34.17 19.60
CA LEU BA 509 -9.35 -35.39 19.36
C LEU BA 509 -9.48 -36.34 20.55
N SER BA 510 -9.36 -35.82 21.78
CA SER BA 510 -9.48 -36.71 22.94
C SER BA 510 -10.86 -37.36 23.00
N HIS BA 511 -11.91 -36.57 22.79
CA HIS BA 511 -13.27 -37.12 22.82
C HIS BA 511 -13.48 -38.16 21.74
N VAL BA 512 -13.01 -37.89 20.52
CA VAL BA 512 -13.21 -38.84 19.44
C VAL BA 512 -12.43 -40.12 19.69
N ILE BA 513 -11.22 -40.01 20.23
CA ILE BA 513 -10.45 -41.21 20.54
C ILE BA 513 -11.15 -42.06 21.58
N SER BA 514 -11.70 -41.41 22.62
CA SER BA 514 -12.29 -42.19 23.71
C SER BA 514 -13.63 -42.79 23.33
N GLN BA 515 -14.57 -41.97 22.84
CA GLN BA 515 -15.95 -42.41 22.72
C GLN BA 515 -16.30 -43.04 21.37
N HIS BA 516 -15.41 -42.99 20.38
CA HIS BA 516 -15.78 -43.45 19.04
C HIS BA 516 -14.68 -44.32 18.44
N GLN BA 517 -14.20 -45.30 19.21
CA GLN BA 517 -13.11 -46.15 18.75
C GLN BA 517 -13.53 -47.04 17.57
N ALA BA 518 -14.82 -47.33 17.43
CA ALA BA 518 -15.27 -48.19 16.33
C ALA BA 518 -15.25 -47.46 14.99
N LEU BA 519 -15.45 -46.14 15.00
CA LEU BA 519 -15.50 -45.39 13.75
C LEU BA 519 -14.14 -45.34 13.06
N LEU BA 520 -13.06 -45.20 13.83
CA LEU BA 520 -11.73 -45.09 13.24
C LEU BA 520 -11.33 -46.38 12.54
N GLY BA 521 -11.69 -47.52 13.12
CA GLY BA 521 -11.35 -48.80 12.50
C GLY BA 521 -11.96 -48.96 11.13
N LYS BA 522 -13.16 -48.41 10.91
CA LYS BA 522 -13.78 -48.48 9.59
C LYS BA 522 -12.94 -47.77 8.54
N ILE BA 523 -12.45 -46.56 8.86
CA ILE BA 523 -11.63 -45.81 7.91
C ILE BA 523 -10.29 -46.50 7.72
N ARG BA 524 -9.70 -47.04 8.79
CA ARG BA 524 -8.42 -47.72 8.67
C ARG BA 524 -8.54 -48.95 7.78
N ALA BA 525 -9.57 -49.77 8.00
CA ALA BA 525 -9.71 -51.02 7.26
C ALA BA 525 -10.10 -50.76 5.81
N ASP BA 526 -11.09 -49.91 5.59
CA ASP BA 526 -11.59 -49.70 4.23
C ASP BA 526 -10.57 -48.97 3.36
N GLY BA 527 -9.85 -48.02 3.95
CA GLY BA 527 -8.93 -47.20 3.19
C GLY BA 527 -9.56 -46.03 2.46
N LYS BA 528 -10.88 -45.89 2.54
CA LYS BA 528 -11.59 -44.81 1.88
C LYS BA 528 -12.85 -44.50 2.67
N ILE BA 529 -13.39 -43.30 2.44
CA ILE BA 529 -14.62 -42.91 3.11
C ILE BA 529 -15.81 -43.52 2.38
N SER BA 530 -16.96 -43.54 3.06
CA SER BA 530 -18.18 -44.09 2.50
C SER BA 530 -19.35 -43.19 2.87
N GLU BA 531 -20.49 -43.45 2.23
CA GLU BA 531 -21.67 -42.63 2.46
C GLU BA 531 -22.13 -42.70 3.91
N GLU BA 532 -22.11 -43.90 4.49
CA GLU BA 532 -22.50 -44.07 5.89
C GLU BA 532 -21.52 -43.36 6.82
N THR BA 533 -20.22 -43.47 6.54
CA THR BA 533 -19.22 -42.78 7.35
C THR BA 533 -19.40 -41.27 7.26
N ASP BA 534 -19.63 -40.77 6.04
CA ASP BA 534 -19.85 -39.33 5.85
C ASP BA 534 -21.10 -38.89 6.59
N ALA BA 535 -22.15 -39.72 6.59
CA ALA BA 535 -23.36 -39.38 7.33
C ALA BA 535 -23.08 -39.31 8.84
N LYS BA 536 -22.31 -40.26 9.36
CA LYS BA 536 -22.01 -40.27 10.79
C LYS BA 536 -21.21 -39.04 11.21
N LEU BA 537 -20.19 -38.69 10.42
CA LEU BA 537 -19.25 -37.66 10.86
C LEU BA 537 -19.92 -36.30 11.02
N LYS BA 538 -20.87 -35.96 10.15
CA LYS BA 538 -21.53 -34.66 10.27
C LYS BA 538 -22.29 -34.54 11.58
N GLU BA 539 -23.02 -35.59 11.96
CA GLU BA 539 -23.75 -35.54 13.22
C GLU BA 539 -22.80 -35.45 14.40
N ILE BA 540 -21.71 -36.22 14.36
CA ILE BA 540 -20.75 -36.17 15.46
C ILE BA 540 -20.19 -34.77 15.58
N VAL BA 541 -19.80 -34.17 14.45
CA VAL BA 541 -19.15 -32.85 14.46
C VAL BA 541 -20.12 -31.79 14.96
N THR BA 542 -21.35 -31.78 14.43
CA THR BA 542 -22.30 -30.76 14.85
C THR BA 542 -22.65 -30.89 16.34
N ASN BA 543 -22.89 -32.11 16.81
CA ASN BA 543 -23.22 -32.29 18.22
C ASN BA 543 -22.07 -31.85 19.12
N PHE BA 544 -20.84 -32.27 18.80
CA PHE BA 544 -19.72 -31.88 19.65
C PHE BA 544 -19.46 -30.39 19.59
N LEU BA 545 -19.64 -29.76 18.42
CA LEU BA 545 -19.47 -28.31 18.34
C LEU BA 545 -20.49 -27.60 19.20
N ALA BA 546 -21.74 -28.07 19.17
CA ALA BA 546 -22.77 -27.47 20.01
C ALA BA 546 -22.44 -27.64 21.49
N GLY BA 547 -21.99 -28.82 21.88
CA GLY BA 547 -21.72 -29.08 23.29
C GLY BA 547 -20.44 -28.47 23.81
N PHE BA 548 -19.49 -28.17 22.91
CA PHE BA 548 -18.13 -27.82 23.31
C PHE BA 548 -17.95 -26.35 23.65
N GLU BA 549 -18.95 -25.50 23.40
CA GLU BA 549 -18.84 -24.10 23.78
C GLU BA 549 -18.63 -23.96 25.28
N ALA BA 550 -17.45 -23.49 25.67
CA ALA BA 550 -17.10 -23.39 27.08
C ALA BA 550 -16.96 -21.93 27.50
N SER CA 62 91.41 -17.22 -0.25
CA SER CA 62 92.03 -16.75 0.99
C SER CA 62 91.09 -15.83 1.76
N VAL CA 63 89.83 -16.24 1.87
CA VAL CA 63 88.81 -15.45 2.57
C VAL CA 63 88.16 -16.34 3.62
N ASP CA 64 87.77 -15.72 4.73
CA ASP CA 64 87.01 -16.42 5.76
C ASP CA 64 85.53 -16.37 5.42
N LEU CA 65 84.79 -17.37 5.88
CA LEU CA 65 83.35 -17.43 5.69
C LEU CA 65 82.59 -17.44 7.01
N GLU CA 66 83.26 -17.08 8.10
CA GLU CA 66 82.60 -16.95 9.39
C GLU CA 66 82.15 -15.52 9.68
N GLU CA 67 82.78 -14.52 9.07
CA GLU CA 67 82.37 -13.13 9.25
C GLU CA 67 82.43 -12.35 7.93
N THR CA 68 82.19 -13.03 6.81
CA THR CA 68 82.20 -12.38 5.51
C THR CA 68 81.32 -13.18 4.56
N GLY CA 69 80.73 -12.48 3.58
CA GLY CA 69 79.85 -13.13 2.63
C GLY CA 69 79.88 -12.45 1.28
N ARG CA 70 79.36 -13.16 0.29
CA ARG CA 70 79.27 -12.68 -1.08
C ARG CA 70 77.82 -12.79 -1.55
N VAL CA 71 77.34 -11.76 -2.24
CA VAL CA 71 75.97 -11.77 -2.75
C VAL CA 71 75.86 -12.76 -3.89
N LEU CA 72 74.84 -13.62 -3.82
CA LEU CA 72 74.56 -14.57 -4.89
C LEU CA 72 73.43 -14.11 -5.81
N SER CA 73 72.49 -13.33 -5.31
CA SER CA 73 71.38 -12.83 -6.11
C SER CA 73 70.83 -11.59 -5.44
N ILE CA 74 70.38 -10.63 -6.25
CA ILE CA 74 69.81 -9.39 -5.74
C ILE CA 74 68.60 -9.05 -6.59
N GLY CA 75 67.45 -8.85 -5.94
CA GLY CA 75 66.22 -8.52 -6.62
C GLY CA 75 65.01 -8.70 -5.72
N ASP CA 76 63.96 -7.95 -5.99
CA ASP CA 76 62.74 -7.98 -5.17
C ASP CA 76 63.03 -7.67 -3.70
N GLY CA 77 63.96 -6.74 -3.47
CA GLY CA 77 64.26 -6.31 -2.11
C GLY CA 77 65.17 -7.25 -1.35
N ILE CA 78 64.93 -8.56 -1.48
CA ILE CA 78 65.70 -9.55 -0.74
C ILE CA 78 67.02 -9.82 -1.46
N ALA CA 79 68.11 -9.87 -0.68
CA ALA CA 79 69.42 -10.22 -1.17
C ALA CA 79 69.89 -11.48 -0.46
N ARG CA 80 70.36 -12.46 -1.23
CA ARG CA 80 70.83 -13.72 -0.67
C ARG CA 80 72.35 -13.76 -0.66
N VAL CA 81 72.93 -14.07 0.50
CA VAL CA 81 74.37 -13.99 0.74
C VAL CA 81 74.91 -15.38 1.07
N HIS CA 82 76.10 -15.69 0.55
CA HIS CA 82 76.76 -16.96 0.81
C HIS CA 82 77.88 -16.74 1.81
N GLY CA 83 77.79 -17.40 2.95
CA GLY CA 83 78.77 -17.24 4.02
C GLY CA 83 78.15 -16.85 5.34
N LEU CA 84 78.82 -15.97 6.09
CA LEU CA 84 78.32 -15.46 7.36
C LEU CA 84 77.84 -16.58 8.27
N ARG CA 85 78.72 -17.48 8.68
CA ARG CA 85 78.32 -18.67 9.41
C ARG CA 85 78.21 -18.43 10.92
N ASN CA 86 78.52 -17.23 11.40
CA ASN CA 86 78.37 -16.90 12.81
C ASN CA 86 77.39 -15.76 13.04
N VAL CA 87 76.60 -15.40 12.03
CA VAL CA 87 75.67 -14.31 12.18
C VAL CA 87 74.54 -14.70 13.12
N GLN CA 88 73.90 -13.69 13.72
CA GLN CA 88 72.78 -13.88 14.63
C GLN CA 88 71.49 -13.41 13.97
N ALA CA 89 70.38 -13.98 14.45
CA ALA CA 89 69.07 -13.58 13.96
C ALA CA 89 68.82 -12.12 14.33
N GLU CA 90 68.34 -11.34 13.35
CA GLU CA 90 68.06 -9.92 13.52
C GLU CA 90 69.31 -9.15 13.93
N GLU CA 91 70.37 -9.28 13.14
CA GLU CA 91 71.62 -8.58 13.38
C GLU CA 91 71.93 -7.66 12.21
N MET CA 92 72.35 -6.44 12.52
CA MET CA 92 72.68 -5.47 11.49
C MET CA 92 73.93 -5.90 10.72
N VAL CA 93 73.87 -5.81 9.39
CA VAL CA 93 75.01 -6.11 8.53
C VAL CA 93 75.21 -4.93 7.59
N GLU CA 94 76.46 -4.74 7.16
CA GLU CA 94 76.83 -3.60 6.33
C GLU CA 94 77.38 -4.09 4.99
N PHE CA 95 76.96 -3.41 3.92
CA PHE CA 95 77.41 -3.75 2.57
C PHE CA 95 78.70 -2.99 2.26
N SER CA 96 79.13 -3.04 1.01
CA SER CA 96 80.37 -2.39 0.58
C SER CA 96 80.13 -1.01 -0.01
N SER CA 97 78.88 -0.59 -0.16
CA SER CA 97 78.55 0.73 -0.69
C SER CA 97 78.08 1.71 0.38
N GLY CA 98 78.06 1.29 1.64
CA GLY CA 98 77.59 2.14 2.73
C GLY CA 98 76.20 1.83 3.22
N LEU CA 99 75.44 1.00 2.52
CA LEU CA 99 74.10 0.65 2.94
C LEU CA 99 74.14 -0.38 4.07
N LYS CA 100 73.02 -0.51 4.77
CA LYS CA 100 72.90 -1.43 5.88
C LYS CA 100 71.64 -2.28 5.73
N GLY CA 101 71.70 -3.51 6.25
CA GLY CA 101 70.61 -4.45 6.12
C GLY CA 101 70.35 -5.18 7.41
N MET CA 102 69.34 -6.05 7.39
CA MET CA 102 68.90 -6.81 8.55
C MET CA 102 68.77 -8.28 8.16
N SER CA 103 69.37 -9.16 8.95
CA SER CA 103 69.25 -10.59 8.69
C SER CA 103 67.87 -11.10 9.11
N LEU CA 104 67.19 -11.79 8.19
CA LEU CA 104 65.84 -12.25 8.48
C LEU CA 104 65.74 -13.78 8.48
N ASN CA 105 66.15 -14.43 7.40
CA ASN CA 105 66.00 -15.87 7.25
C ASN CA 105 67.37 -16.54 7.30
N LEU CA 106 67.61 -17.35 8.34
CA LEU CA 106 68.81 -18.16 8.43
C LEU CA 106 68.49 -19.55 7.89
N GLU CA 107 69.08 -19.90 6.76
CA GLU CA 107 68.83 -21.17 6.08
C GLU CA 107 70.11 -22.00 6.03
N PRO CA 108 70.00 -23.32 5.83
CA PRO CA 108 71.21 -24.16 5.84
C PRO CA 108 72.27 -23.76 4.83
N ASP CA 109 71.87 -23.18 3.71
CA ASP CA 109 72.81 -22.84 2.64
C ASP CA 109 73.14 -21.35 2.57
N ASN CA 110 72.18 -20.46 2.79
CA ASN CA 110 72.40 -19.03 2.64
C ASN CA 110 71.60 -18.26 3.68
N VAL CA 111 71.72 -16.94 3.63
CA VAL CA 111 71.04 -16.03 4.55
C VAL CA 111 70.27 -14.99 3.74
N GLY CA 112 69.04 -14.71 4.16
CA GLY CA 112 68.25 -13.66 3.54
C GLY CA 112 68.39 -12.34 4.29
N VAL CA 113 68.63 -11.27 3.55
CA VAL CA 113 68.89 -9.95 4.11
C VAL CA 113 67.92 -8.95 3.50
N VAL CA 114 67.42 -8.02 4.33
CA VAL CA 114 66.51 -6.97 3.90
C VAL CA 114 67.28 -5.66 3.82
N VAL CA 115 67.32 -5.07 2.62
CA VAL CA 115 68.10 -3.87 2.39
C VAL CA 115 67.29 -2.64 2.80
N PHE CA 116 67.93 -1.73 3.55
CA PHE CA 116 67.30 -0.48 3.93
C PHE CA 116 67.71 0.65 2.99
N GLY CA 117 67.32 0.55 1.73
CA GLY CA 117 67.63 1.60 0.77
C GLY CA 117 67.29 1.16 -0.64
N ASN CA 118 67.78 1.92 -1.60
CA ASN CA 118 67.59 1.58 -3.01
C ASN CA 118 68.48 0.39 -3.38
N ASP CA 119 68.00 -0.40 -4.35
CA ASP CA 119 68.64 -1.66 -4.71
C ASP CA 119 69.51 -1.58 -5.96
N LYS CA 120 69.69 -0.39 -6.52
CA LYS CA 120 70.59 -0.23 -7.66
C LYS CA 120 72.04 -0.05 -7.23
N LEU CA 121 72.32 -0.02 -5.93
CA LEU CA 121 73.66 0.14 -5.41
C LEU CA 121 74.30 -1.16 -4.97
N ILE CA 122 73.58 -2.28 -5.09
CA ILE CA 122 74.07 -3.60 -4.68
C ILE CA 122 74.18 -4.46 -5.93
N LYS CA 123 75.35 -5.07 -6.12
CA LYS CA 123 75.63 -5.90 -7.28
C LYS CA 123 76.12 -7.27 -6.81
N GLU CA 124 75.92 -8.26 -7.67
CA GLU CA 124 76.36 -9.61 -7.35
C GLU CA 124 77.89 -9.64 -7.26
N GLY CA 125 78.39 -10.28 -6.20
CA GLY CA 125 79.80 -10.35 -5.94
C GLY CA 125 80.28 -9.43 -4.84
N ASP CA 126 79.43 -8.53 -4.35
CA ASP CA 126 79.81 -7.59 -3.32
C ASP CA 126 80.08 -8.30 -2.00
N ILE CA 127 80.83 -7.63 -1.13
CA ILE CA 127 81.28 -8.19 0.14
C ILE CA 127 80.43 -7.64 1.27
N VAL CA 128 79.95 -8.52 2.14
CA VAL CA 128 79.12 -8.15 3.28
C VAL CA 128 79.83 -8.54 4.56
N LYS CA 129 79.79 -7.66 5.57
CA LYS CA 129 80.48 -7.89 6.84
C LYS CA 129 79.50 -7.73 7.99
N ARG CA 130 79.85 -8.37 9.10
CA ARG CA 130 79.04 -8.34 10.32
C ARG CA 130 79.36 -7.10 11.14
N THR CA 131 78.40 -6.72 12.00
CA THR CA 131 78.58 -5.63 12.95
C THR CA 131 78.60 -6.10 14.40
N GLY CA 132 77.79 -7.09 14.74
CA GLY CA 132 77.81 -7.67 16.06
C GLY CA 132 76.76 -7.17 17.03
N ALA CA 133 75.63 -6.67 16.55
CA ALA CA 133 74.61 -6.13 17.43
C ALA CA 133 73.25 -6.20 16.77
N ILE CA 134 72.21 -6.35 17.59
CA ILE CA 134 70.84 -6.27 17.09
C ILE CA 134 70.51 -4.81 16.77
N VAL CA 135 69.56 -4.61 15.86
CA VAL CA 135 69.25 -3.27 15.38
C VAL CA 135 68.94 -2.34 16.54
N ASP CA 136 69.63 -1.21 16.59
CA ASP CA 136 69.49 -0.23 17.66
C ASP CA 136 69.65 1.17 17.10
N VAL CA 137 69.20 2.15 17.86
CA VAL CA 137 69.19 3.54 17.41
C VAL CA 137 69.80 4.46 18.47
N PRO CA 138 70.34 5.61 18.10
CA PRO CA 138 70.85 6.55 19.11
C PRO CA 138 69.70 7.14 19.92
N VAL CA 139 69.90 7.22 21.24
CA VAL CA 139 68.90 7.76 22.14
C VAL CA 139 69.58 8.74 23.08
N GLY CA 140 68.82 9.73 23.53
CA GLY CA 140 69.34 10.68 24.49
C GLY CA 140 68.53 11.96 24.49
N GLU CA 141 69.09 12.98 25.14
CA GLU CA 141 68.51 14.31 25.17
C GLU CA 141 69.22 15.30 24.26
N GLU CA 142 70.28 14.89 23.58
CA GLU CA 142 70.94 15.72 22.58
C GLU CA 142 70.19 15.74 21.26
N LEU CA 143 69.18 14.88 21.10
CA LEU CA 143 68.36 14.83 19.90
C LEU CA 143 67.32 15.95 19.85
N LEU CA 144 67.07 16.64 20.95
CA LEU CA 144 66.06 17.69 20.97
C LEU CA 144 66.44 18.82 20.04
N GLY CA 145 65.51 19.21 19.19
CA GLY CA 145 65.74 20.26 18.23
C GLY CA 145 66.40 19.81 16.94
N ARG CA 146 66.34 18.52 16.60
CA ARG CA 146 67.02 17.98 15.43
C ARG CA 146 66.05 17.18 14.59
N VAL CA 147 66.25 17.22 13.27
CA VAL CA 147 65.47 16.43 12.33
C VAL CA 147 66.34 15.27 11.86
N VAL CA 148 65.88 14.05 12.09
CA VAL CA 148 66.65 12.85 11.80
C VAL CA 148 65.85 11.94 10.89
N ASP CA 149 66.54 10.96 10.30
CA ASP CA 149 65.91 9.96 9.45
C ASP CA 149 65.52 8.75 10.30
N ALA CA 150 65.13 7.65 9.66
CA ALA CA 150 64.63 6.48 10.37
C ALA CA 150 65.73 5.70 11.08
N LEU CA 151 67.00 5.98 10.79
CA LEU CA 151 68.10 5.30 11.46
C LEU CA 151 68.88 6.20 12.41
N GLY CA 152 68.57 7.49 12.46
CA GLY CA 152 69.25 8.40 13.35
C GLY CA 152 70.26 9.32 12.72
N ASN CA 153 70.36 9.33 11.39
CA ASN CA 153 71.28 10.23 10.71
C ASN CA 153 70.62 11.60 10.52
N ALA CA 154 71.34 12.66 10.86
CA ALA CA 154 70.78 14.01 10.76
C ALA CA 154 70.68 14.42 9.30
N ILE CA 155 69.59 15.15 8.98
CA ILE CA 155 69.36 15.61 7.62
C ILE CA 155 69.08 17.10 7.60
N ASP CA 156 69.35 17.78 8.71
CA ASP CA 156 69.14 19.22 8.81
C ASP CA 156 70.39 20.03 8.52
N GLY CA 157 71.53 19.39 8.31
CA GLY CA 157 72.77 20.08 8.02
C GLY CA 157 73.24 21.01 9.13
N LYS CA 158 73.18 20.55 10.38
CA LYS CA 158 73.65 21.32 11.52
C LYS CA 158 74.81 20.66 12.26
N GLY CA 159 75.30 19.52 11.77
CA GLY CA 159 76.36 18.82 12.43
C GLY CA 159 75.91 17.46 12.96
N PRO CA 160 76.84 16.68 13.47
CA PRO CA 160 76.49 15.35 13.97
C PRO CA 160 75.82 15.40 15.33
N ILE CA 161 75.12 14.31 15.66
CA ILE CA 161 74.45 14.15 16.95
C ILE CA 161 75.45 13.62 17.95
N GLY CA 162 75.51 14.25 19.12
CA GLY CA 162 76.44 13.83 20.16
C GLY CA 162 75.85 12.85 21.15
N SER CA 163 75.24 11.78 20.65
CA SER CA 163 74.60 10.80 21.52
C SER CA 163 75.64 9.98 22.27
N LYS CA 164 75.22 9.40 23.40
CA LYS CA 164 76.08 8.57 24.21
C LYS CA 164 75.46 7.23 24.60
N THR CA 165 74.20 6.98 24.23
CA THR CA 165 73.52 5.75 24.59
C THR CA 165 72.72 5.25 23.41
N ARG CA 166 72.57 3.93 23.33
CA ARG CA 166 71.82 3.29 22.26
C ARG CA 166 70.82 2.30 22.86
N ARG CA 167 69.71 2.09 22.14
CA ARG CA 167 68.63 1.23 22.61
C ARG CA 167 68.05 0.45 21.44
N ARG CA 168 67.61 -0.77 21.70
CA ARG CA 168 67.08 -1.62 20.64
C ARG CA 168 65.74 -1.10 20.14
N VAL CA 169 65.45 -1.36 18.86
CA VAL CA 169 64.18 -0.94 18.29
C VAL CA 169 63.04 -1.85 18.75
N GLY CA 170 63.29 -3.16 18.83
CA GLY CA 170 62.25 -4.09 19.22
C GLY CA 170 62.40 -4.63 20.63
N LEU CA 171 61.58 -4.14 21.55
CA LEU CA 171 61.59 -4.58 22.94
C LEU CA 171 60.16 -4.77 23.42
N LYS CA 172 59.97 -5.73 24.31
CA LYS CA 172 58.64 -6.00 24.82
C LYS CA 172 58.19 -4.91 25.79
N ALA CA 173 56.88 -4.78 25.94
CA ALA CA 173 56.28 -3.77 26.80
C ALA CA 173 56.27 -4.25 28.24
N PRO CA 174 56.14 -3.34 29.20
CA PRO CA 174 56.03 -3.75 30.61
C PRO CA 174 54.77 -4.56 30.87
N GLY CA 175 54.73 -5.17 32.05
CA GLY CA 175 53.68 -6.10 32.41
C GLY CA 175 52.69 -5.51 33.40
N ILE CA 176 51.99 -6.42 34.10
CA ILE CA 176 50.89 -6.02 34.96
C ILE CA 176 51.39 -5.31 36.22
N ILE CA 177 52.41 -5.86 36.86
CA ILE CA 177 52.86 -5.32 38.14
C ILE CA 177 53.41 -3.90 38.03
N PRO CA 178 54.29 -3.56 37.07
CA PRO CA 178 54.88 -2.21 37.08
C PRO CA 178 53.92 -1.09 36.73
N ARG CA 179 52.65 -1.36 36.44
CA ARG CA 179 51.73 -0.33 35.96
C ARG CA 179 50.84 0.18 37.08
N ILE CA 180 50.22 1.34 36.82
CA ILE CA 180 49.27 1.97 37.73
C ILE CA 180 48.27 2.76 36.87
N SER CA 181 47.22 3.26 37.51
CA SER CA 181 46.15 3.94 36.80
C SER CA 181 46.55 5.37 36.42
N VAL CA 182 45.83 5.91 35.44
CA VAL CA 182 46.07 7.27 34.95
C VAL CA 182 45.42 8.27 35.89
N ARG CA 183 46.17 9.28 36.32
CA ARG CA 183 45.67 10.24 37.28
C ARG CA 183 45.93 11.69 36.86
N GLU CA 184 46.96 11.91 36.05
CA GLU CA 184 47.33 13.30 35.75
C GLU CA 184 46.74 13.75 34.41
N PRO CA 185 46.35 15.03 34.30
CA PRO CA 185 45.70 15.48 33.07
C PRO CA 185 46.69 15.87 31.99
N MET CA 186 46.24 15.78 30.74
CA MET CA 186 47.01 16.17 29.57
C MET CA 186 46.24 17.25 28.83
N GLN CA 187 46.72 18.49 28.94
CA GLN CA 187 46.01 19.64 28.38
C GLN CA 187 46.31 19.82 26.90
N THR CA 188 45.26 20.11 26.13
CA THR CA 188 45.36 20.29 24.70
C THR CA 188 45.25 21.74 24.27
N GLY CA 189 44.22 22.45 24.74
CA GLY CA 189 43.97 23.81 24.32
C GLY CA 189 42.70 23.98 23.51
N ILE CA 190 42.08 22.89 23.07
CA ILE CA 190 40.84 22.94 22.31
C ILE CA 190 39.68 22.74 23.28
N LYS CA 191 38.70 23.64 23.22
CA LYS CA 191 37.62 23.62 24.22
C LYS CA 191 36.82 22.33 24.14
N ALA CA 192 36.49 21.89 22.92
CA ALA CA 192 35.66 20.69 22.77
C ALA CA 192 36.36 19.47 23.34
N VAL CA 193 37.66 19.33 23.10
CA VAL CA 193 38.38 18.17 23.58
C VAL CA 193 38.56 18.21 25.09
N ASP CA 194 39.03 19.34 25.62
CA ASP CA 194 39.25 19.45 27.05
C ASP CA 194 37.97 19.52 27.85
N SER CA 195 36.82 19.66 27.22
CA SER CA 195 35.55 19.71 27.93
C SER CA 195 34.72 18.45 27.78
N LEU CA 196 34.72 17.82 26.61
CA LEU CA 196 33.85 16.67 26.37
C LEU CA 196 34.59 15.35 26.18
N VAL CA 197 35.86 15.39 25.78
CA VAL CA 197 36.64 14.15 25.63
C VAL CA 197 38.00 14.36 26.29
N PRO CA 198 38.08 14.37 27.61
CA PRO CA 198 39.37 14.60 28.27
C PRO CA 198 40.34 13.47 28.05
N ILE CA 199 41.63 13.81 28.16
CA ILE CA 199 42.74 12.86 27.96
C ILE CA 199 43.65 12.90 29.18
N GLY CA 200 44.15 11.73 29.58
CA GLY CA 200 45.09 11.63 30.67
C GLY CA 200 46.47 11.19 30.20
N ARG CA 201 47.42 11.24 31.12
CA ARG CA 201 48.82 10.92 30.83
C ARG CA 201 49.02 9.41 30.96
N GLY CA 202 49.33 8.76 29.85
CA GLY CA 202 49.43 7.33 29.79
C GLY CA 202 48.32 6.64 29.01
N GLN CA 203 47.63 7.35 28.12
CA GLN CA 203 46.45 6.84 27.44
C GLN CA 203 46.68 6.87 25.94
N ARG CA 204 45.96 6.01 25.23
CA ARG CA 204 46.01 5.95 23.77
C ARG CA 204 44.66 6.44 23.24
N GLU CA 205 44.69 7.49 22.42
CA GLU CA 205 43.50 8.06 21.80
C GLU CA 205 43.70 8.11 20.29
N LEU CA 206 42.65 7.79 19.55
CA LEU CA 206 42.72 7.69 18.09
C LEU CA 206 42.03 8.89 17.44
N ILE CA 207 42.59 9.36 16.33
CA ILE CA 207 42.02 10.44 15.53
C ILE CA 207 41.66 9.86 14.17
N ILE CA 208 40.37 9.64 13.93
CA ILE CA 208 39.90 8.99 12.72
C ILE CA 208 39.09 10.00 11.90
N GLY CA 209 39.16 9.85 10.58
CA GLY CA 209 38.43 10.72 9.67
C GLY CA 209 38.89 10.53 8.24
N ASP CA 210 38.21 11.23 7.34
CA ASP CA 210 38.51 11.19 5.92
C ASP CA 210 39.66 12.16 5.61
N ARG CA 211 39.95 12.34 4.33
CA ARG CA 211 41.03 13.24 3.92
C ARG CA 211 40.54 14.68 3.93
N GLN CA 212 41.46 15.59 4.25
CA GLN CA 212 41.20 17.03 4.32
C GLN CA 212 40.04 17.33 5.27
N THR CA 213 40.23 16.94 6.52
CA THR CA 213 39.25 17.19 7.58
C THR CA 213 39.81 17.97 8.76
N GLY CA 214 41.13 17.96 8.96
CA GLY CA 214 41.72 18.71 10.06
C GLY CA 214 42.38 17.85 11.12
N LYS CA 215 42.94 16.72 10.71
CA LYS CA 215 43.54 15.79 11.67
C LYS CA 215 44.88 16.29 12.18
N THR CA 216 45.73 16.80 11.29
CA THR CA 216 47.07 17.21 11.69
C THR CA 216 47.04 18.47 12.55
N SER CA 217 46.07 19.35 12.31
CA SER CA 217 46.01 20.61 13.03
C SER CA 217 45.83 20.39 14.52
N ILE CA 218 45.10 19.35 14.91
CA ILE CA 218 44.92 19.05 16.33
C ILE CA 218 46.26 18.77 17.00
N ALA CA 219 47.07 17.92 16.37
CA ALA CA 219 48.40 17.62 16.90
C ALA CA 219 49.26 18.87 16.94
N ILE CA 220 49.24 19.66 15.87
CA ILE CA 220 50.07 20.86 15.80
C ILE CA 220 49.69 21.85 16.89
N ASP CA 221 48.40 22.04 17.12
CA ASP CA 221 47.94 22.89 18.20
C ASP CA 221 48.33 22.32 19.56
N THR CA 222 48.25 20.99 19.72
CA THR CA 222 48.59 20.36 20.99
C THR CA 222 50.05 20.62 21.35
N ILE CA 223 50.95 20.51 20.36
CA ILE CA 223 52.37 20.68 20.63
C ILE CA 223 52.66 22.10 21.11
N ILE CA 224 52.03 23.09 20.48
CA ILE CA 224 52.34 24.49 20.79
C ILE CA 224 51.94 24.85 22.21
N ASN CA 225 50.85 24.27 22.71
CA ASN CA 225 50.31 24.67 24.00
C ASN CA 225 51.30 24.39 25.14
N GLN CA 226 52.06 23.30 25.03
CA GLN CA 226 52.90 22.86 26.13
C GLN CA 226 53.98 23.85 26.50
N LYS CA 227 54.23 24.86 25.66
CA LYS CA 227 55.26 25.86 25.96
C LYS CA 227 55.02 26.54 27.29
N ARG CA 228 53.75 26.73 27.66
CA ARG CA 228 53.41 27.35 28.93
C ARG CA 228 54.07 26.61 30.10
N PHE CA 229 53.89 25.29 30.16
CA PHE CA 229 54.46 24.53 31.27
C PHE CA 229 55.96 24.34 31.11
N ASN CA 230 56.43 24.08 29.89
CA ASN CA 230 57.85 23.78 29.68
C ASN CA 230 58.75 24.97 29.97
N ASP CA 231 58.21 26.19 29.93
CA ASP CA 231 59.01 27.38 30.21
C ASP CA 231 58.95 27.79 31.67
N GLY CA 232 58.28 27.02 32.52
CA GLY CA 232 58.13 27.34 33.92
C GLY CA 232 59.24 26.78 34.77
N THR CA 233 58.95 26.63 36.06
CA THR CA 233 59.91 26.14 37.05
C THR CA 233 59.63 24.73 37.50
N ASP CA 234 58.37 24.39 37.78
CA ASP CA 234 58.02 23.05 38.22
C ASP CA 234 58.43 22.02 37.17
N GLU CA 235 59.13 20.98 37.61
CA GLU CA 235 59.63 19.95 36.72
C GLU CA 235 58.73 18.73 36.63
N LYS CA 236 57.57 18.76 37.30
CA LYS CA 236 56.62 17.67 37.25
C LYS CA 236 55.42 17.99 36.36
N LYS CA 237 55.48 19.08 35.60
CA LYS CA 237 54.43 19.43 34.67
C LYS CA 237 54.94 19.63 33.25
N LYS CA 238 56.22 19.35 33.00
CA LYS CA 238 56.78 19.54 31.67
C LYS CA 238 56.59 18.29 30.83
N LEU CA 239 56.36 18.49 29.53
CA LEU CA 239 56.11 17.39 28.60
C LEU CA 239 56.98 17.57 27.37
N TYR CA 240 57.63 16.49 26.94
CA TYR CA 240 58.37 16.50 25.68
C TYR CA 240 57.52 15.87 24.58
N CYS CA 241 57.87 16.19 23.33
CA CYS CA 241 57.06 15.82 22.19
C CYS CA 241 57.91 15.21 21.09
N ILE CA 242 57.32 14.25 20.36
CA ILE CA 242 57.96 13.56 19.25
C ILE CA 242 56.94 13.42 18.13
N TYR CA 243 57.36 13.71 16.89
CA TYR CA 243 56.48 13.66 15.73
C TYR CA 243 57.11 12.78 14.66
N VAL CA 244 56.34 11.81 14.16
CA VAL CA 244 56.80 10.85 13.16
C VAL CA 244 55.96 11.03 11.90
N ALA CA 245 56.63 11.17 10.75
CA ALA CA 245 55.98 11.37 9.46
C ALA CA 245 56.26 10.16 8.58
N ILE CA 246 55.19 9.54 8.06
CA ILE CA 246 55.29 8.34 7.24
C ILE CA 246 54.50 8.57 5.96
N GLY CA 247 55.19 8.52 4.82
CA GLY CA 247 54.53 8.57 3.54
C GLY CA 247 53.99 9.93 3.12
N GLN CA 248 54.53 11.01 3.65
CA GLN CA 248 54.07 12.36 3.33
C GLN CA 248 54.87 12.93 2.16
N LYS CA 249 54.75 14.24 1.96
CA LYS CA 249 55.55 14.98 0.99
C LYS CA 249 56.47 15.94 1.73
N ARG CA 250 57.71 16.07 1.24
CA ARG CA 250 58.75 16.78 1.99
C ARG CA 250 58.36 18.22 2.27
N SER CA 251 57.79 18.90 1.27
CA SER CA 251 57.39 20.30 1.43
C SER CA 251 56.50 20.52 2.64
N THR CA 252 55.54 19.60 2.87
CA THR CA 252 54.67 19.73 4.03
C THR CA 252 55.47 19.67 5.32
N VAL CA 253 56.44 18.76 5.41
CA VAL CA 253 57.26 18.66 6.61
C VAL CA 253 58.08 19.93 6.80
N ALA CA 254 58.64 20.47 5.72
CA ALA CA 254 59.42 21.70 5.83
C ALA CA 254 58.57 22.86 6.34
N GLN CA 255 57.37 23.01 5.78
CA GLN CA 255 56.48 24.07 6.24
C GLN CA 255 56.07 23.84 7.69
N LEU CA 256 55.86 22.59 8.08
CA LEU CA 256 55.49 22.27 9.46
C LEU CA 256 56.61 22.66 10.42
N VAL CA 257 57.87 22.35 10.08
CA VAL CA 257 58.96 22.71 10.97
C VAL CA 257 59.17 24.21 11.00
N LYS CA 258 58.91 24.92 9.90
CA LYS CA 258 58.97 26.38 9.96
C LYS CA 258 57.91 26.92 10.90
N ARG CA 259 56.69 26.40 10.78
CA ARG CA 259 55.61 26.80 11.68
C ARG CA 259 55.99 26.56 13.14
N LEU CA 260 56.55 25.38 13.43
CA LEU CA 260 56.96 25.07 14.79
C LEU CA 260 58.08 26.01 15.26
N THR CA 261 59.04 26.31 14.38
CA THR CA 261 60.14 27.20 14.75
C THR CA 261 59.63 28.59 15.11
N ASP CA 262 58.66 29.11 14.36
CA ASP CA 262 58.19 30.47 14.59
C ASP CA 262 57.61 30.66 15.99
N ALA CA 263 56.99 29.61 16.55
CA ALA CA 263 56.35 29.70 17.86
C ALA CA 263 57.25 29.21 18.98
N ASP CA 264 58.54 29.05 18.71
CA ASP CA 264 59.53 28.60 19.71
C ASP CA 264 59.11 27.27 20.34
N ALA CA 265 58.84 26.29 19.48
CA ALA CA 265 58.47 24.97 19.92
C ALA CA 265 59.43 23.88 19.43
N MET CA 266 60.50 24.25 18.74
CA MET CA 266 61.52 23.30 18.32
C MET CA 266 62.62 23.13 19.36
N LYS CA 267 62.42 23.66 20.57
CA LYS CA 267 63.38 23.49 21.65
C LYS CA 267 63.08 22.28 22.52
N TYR CA 268 61.94 21.62 22.30
CA TYR CA 268 61.60 20.41 23.06
C TYR CA 268 60.95 19.36 22.17
N THR CA 269 61.30 19.33 20.88
CA THR CA 269 60.66 18.46 19.92
C THR CA 269 61.70 17.72 19.09
N ILE CA 270 61.36 16.48 18.71
CA ILE CA 270 62.16 15.67 17.81
C ILE CA 270 61.28 15.26 16.63
N VAL CA 271 61.87 15.23 15.44
CA VAL CA 271 61.14 14.90 14.21
C VAL CA 271 61.82 13.73 13.52
N VAL CA 272 61.06 12.71 13.17
CA VAL CA 272 61.51 11.60 12.34
C VAL CA 272 60.70 11.61 11.05
N SER CA 273 61.39 11.45 9.92
CA SER CA 273 60.76 11.60 8.61
C SER CA 273 61.11 10.44 7.70
N ALA CA 274 60.09 9.86 7.07
CA ALA CA 274 60.24 8.86 6.02
C ALA CA 274 59.18 9.16 4.96
N THR CA 275 59.58 9.84 3.89
CA THR CA 275 58.62 10.36 2.93
C THR CA 275 58.30 9.35 1.84
N ALA CA 276 57.53 9.80 0.84
CA ALA CA 276 57.02 8.90 -0.20
C ALA CA 276 58.15 8.33 -1.04
N SER CA 277 59.16 9.14 -1.35
CA SER CA 277 60.26 8.67 -2.19
C SER CA 277 61.12 7.62 -1.51
N ASP CA 278 61.04 7.51 -0.19
CA ASP CA 278 61.86 6.54 0.54
C ASP CA 278 61.35 5.12 0.32
N ALA CA 279 62.25 4.16 0.54
CA ALA CA 279 61.94 2.75 0.32
C ALA CA 279 61.00 2.23 1.41
N ALA CA 280 60.34 1.11 1.09
CA ALA CA 280 59.35 0.54 2.00
C ALA CA 280 59.92 0.16 3.37
N PRO CA 281 61.03 -0.57 3.47
CA PRO CA 281 61.53 -0.92 4.81
C PRO CA 281 61.81 0.29 5.68
N LEU CA 282 62.24 1.41 5.09
CA LEU CA 282 62.45 2.62 5.87
C LEU CA 282 61.13 3.19 6.37
N GLN CA 283 60.05 3.04 5.60
CA GLN CA 283 58.73 3.45 6.03
C GLN CA 283 58.06 2.41 6.93
N TYR CA 284 58.71 1.26 7.13
CA TYR CA 284 58.22 0.24 8.03
C TYR CA 284 58.94 0.24 9.37
N LEU CA 285 60.19 0.69 9.40
CA LEU CA 285 60.97 0.73 10.62
C LEU CA 285 60.73 1.99 11.44
N ALA CA 286 60.19 3.06 10.83
CA ALA CA 286 60.17 4.38 11.46
C ALA CA 286 59.49 4.43 12.82
N PRO CA 287 58.25 3.95 13.00
CA PRO CA 287 57.59 4.15 14.30
C PRO CA 287 58.31 3.55 15.50
N TYR CA 288 58.88 2.35 15.38
CA TYR CA 288 59.55 1.75 16.53
C TYR CA 288 60.78 2.55 16.94
N SER CA 289 61.49 3.12 15.97
CA SER CA 289 62.63 3.97 16.27
C SER CA 289 62.22 5.17 17.11
N GLY CA 290 61.11 5.83 16.76
CA GLY CA 290 60.62 6.91 17.59
C GLY CA 290 60.12 6.44 18.94
N CYS CA 291 59.51 5.26 18.98
CA CYS CA 291 59.00 4.73 20.24
C CYS CA 291 60.12 4.51 21.23
N SER CA 292 61.27 4.00 20.77
CA SER CA 292 62.39 3.80 21.69
C SER CA 292 62.91 5.13 22.25
N MET CA 293 63.06 6.14 21.39
CA MET CA 293 63.47 7.45 21.85
C MET CA 293 62.48 8.03 22.86
N GLY CA 294 61.19 7.76 22.68
CA GLY CA 294 60.22 8.17 23.67
C GLY CA 294 60.33 7.37 24.96
N GLU CA 295 60.61 6.07 24.85
CA GLU CA 295 60.75 5.23 26.03
C GLU CA 295 61.94 5.63 26.88
N TYR CA 296 62.92 6.31 26.29
CA TYR CA 296 64.04 6.81 27.10
C TYR CA 296 63.55 7.60 28.29
N PHE CA 297 62.65 8.56 28.06
CA PHE CA 297 62.19 9.43 29.14
C PHE CA 297 61.34 8.68 30.16
N ARG CA 298 60.53 7.73 29.70
CA ARG CA 298 59.56 7.08 30.57
C ARG CA 298 60.25 6.36 31.73
N ASP CA 299 61.42 5.77 31.48
CA ASP CA 299 62.12 5.01 32.51
C ASP CA 299 63.05 5.86 33.35
N ASN CA 300 63.12 7.16 33.11
CA ASN CA 300 63.97 8.07 33.88
C ASN CA 300 63.14 9.12 34.62
N GLY CA 301 61.88 8.81 34.90
CA GLY CA 301 61.03 9.73 35.63
C GLY CA 301 60.66 11.01 34.91
N LYS CA 302 60.38 10.93 33.61
CA LYS CA 302 59.93 12.08 32.84
C LYS CA 302 58.72 11.71 32.02
N HIS CA 303 58.13 12.71 31.36
CA HIS CA 303 56.91 12.53 30.60
C HIS CA 303 57.13 12.90 29.14
N ALA CA 304 56.44 12.20 28.25
CA ALA CA 304 56.66 12.37 26.81
C ALA CA 304 55.35 12.15 26.07
N LEU CA 305 55.35 12.54 24.79
CA LEU CA 305 54.21 12.38 23.91
C LEU CA 305 54.71 12.05 22.52
N ILE CA 306 54.01 11.13 21.83
CA ILE CA 306 54.39 10.71 20.49
C ILE CA 306 53.16 10.71 19.60
N ILE CA 307 53.35 11.07 18.33
CA ILE CA 307 52.26 11.21 17.36
C ILE CA 307 52.65 10.48 16.08
N TYR CA 308 51.98 9.36 15.81
CA TYR CA 308 52.17 8.63 14.55
C TYR CA 308 51.23 9.22 13.51
N ASP CA 309 51.79 9.75 12.42
CA ASP CA 309 50.98 10.47 11.45
C ASP CA 309 50.00 9.56 10.73
N ASP CA 310 50.47 8.42 10.19
CA ASP CA 310 49.58 7.55 9.43
C ASP CA 310 50.08 6.11 9.55
N LEU CA 311 49.29 5.27 10.21
CA LEU CA 311 49.60 3.84 10.27
C LEU CA 311 49.10 3.08 9.06
N SER CA 312 48.15 3.66 8.30
CA SER CA 312 47.65 3.00 7.10
C SER CA 312 48.73 2.86 6.04
N LYS CA 313 49.55 3.91 5.86
CA LYS CA 313 50.63 3.82 4.90
C LYS CA 313 51.68 2.81 5.32
N GLN CA 314 51.93 2.69 6.63
CA GLN CA 314 52.82 1.63 7.11
C GLN CA 314 52.23 0.26 6.81
N ALA CA 315 50.93 0.09 7.00
CA ALA CA 315 50.29 -1.17 6.65
C ALA CA 315 50.43 -1.46 5.16
N VAL CA 316 50.28 -0.44 4.32
CA VAL CA 316 50.44 -0.63 2.88
C VAL CA 316 51.87 -1.04 2.54
N ALA CA 317 52.86 -0.38 3.17
CA ALA CA 317 54.25 -0.73 2.93
C ALA CA 317 54.56 -2.16 3.37
N TYR CA 318 54.05 -2.55 4.54
CA TYR CA 318 54.27 -3.91 5.02
C TYR CA 318 53.61 -4.92 4.09
N ARG CA 319 52.43 -4.59 3.56
CA ARG CA 319 51.79 -5.48 2.58
C ARG CA 319 52.62 -5.62 1.33
N GLN CA 320 53.19 -4.51 0.84
CA GLN CA 320 54.09 -4.59 -0.30
C GLN CA 320 55.25 -5.52 -0.01
N MET CA 321 55.87 -5.35 1.15
CA MET CA 321 57.01 -6.19 1.51
C MET CA 321 56.61 -7.66 1.56
N SER CA 322 55.45 -7.97 2.15
CA SER CA 322 55.05 -9.36 2.33
C SER CA 322 54.81 -10.06 1.01
N LEU CA 323 54.14 -9.41 0.06
CA LEU CA 323 53.76 -10.07 -1.18
C LEU CA 323 54.97 -10.47 -2.01
N LEU CA 324 56.01 -9.63 -2.02
CA LEU CA 324 57.21 -9.97 -2.77
C LEU CA 324 57.96 -11.16 -2.16
N LEU CA 325 57.66 -11.52 -0.92
CA LEU CA 325 58.20 -12.72 -0.30
C LEU CA 325 57.33 -13.95 -0.54
N ARG CA 326 56.26 -13.80 -1.32
CA ARG CA 326 55.37 -14.90 -1.70
C ARG CA 326 54.78 -15.59 -0.46
N ARG CA 327 54.04 -14.81 0.31
CA ARG CA 327 53.28 -15.32 1.45
C ARG CA 327 51.79 -15.30 1.13
N PRO CA 328 51.02 -16.24 1.70
CA PRO CA 328 49.60 -16.34 1.33
C PRO CA 328 48.82 -15.09 1.70
N PRO CA 329 48.17 -14.46 0.73
CA PRO CA 329 47.33 -13.30 1.03
C PRO CA 329 46.00 -13.71 1.65
N GLY CA 330 45.31 -12.72 2.19
CA GLY CA 330 44.02 -12.93 2.83
C GLY CA 330 42.98 -11.90 2.45
N ARG CA 331 42.35 -11.30 3.45
CA ARG CA 331 41.33 -10.29 3.20
C ARG CA 331 41.97 -9.00 2.71
N GLU CA 332 41.44 -8.48 1.59
CA GLU CA 332 41.97 -7.28 0.93
C GLU CA 332 43.45 -7.44 0.59
N ALA CA 333 43.87 -8.68 0.37
CA ALA CA 333 45.26 -9.04 0.07
C ALA CA 333 46.22 -8.63 1.17
N TYR CA 334 45.73 -8.44 2.41
CA TYR CA 334 46.63 -8.16 3.51
C TYR CA 334 47.14 -9.45 4.14
N PRO CA 335 48.35 -9.46 4.68
CA PRO CA 335 48.83 -10.63 5.41
C PRO CA 335 48.08 -10.80 6.73
N GLY CA 336 48.22 -11.98 7.30
CA GLY CA 336 47.52 -12.31 8.53
C GLY CA 336 48.17 -11.84 9.80
N ASP CA 337 49.32 -11.17 9.71
CA ASP CA 337 50.03 -10.67 10.89
C ASP CA 337 49.97 -9.15 11.00
N VAL CA 338 48.99 -8.51 10.35
CA VAL CA 338 48.85 -7.07 10.44
C VAL CA 338 48.46 -6.65 11.85
N PHE CA 339 47.64 -7.46 12.53
CA PHE CA 339 47.20 -7.13 13.88
C PHE CA 339 48.38 -7.04 14.83
N TYR CA 340 49.29 -8.03 14.78
CA TYR CA 340 50.44 -8.03 15.68
C TYR CA 340 51.34 -6.83 15.45
N LEU CA 341 51.40 -6.36 14.21
CA LEU CA 341 52.29 -5.25 13.84
C LEU CA 341 51.95 -3.98 14.60
N HIS CA 342 50.66 -3.72 14.81
CA HIS CA 342 50.25 -2.57 15.59
C HIS CA 342 50.04 -2.89 17.05
N SER CA 343 49.73 -4.14 17.38
CA SER CA 343 49.54 -4.54 18.77
C SER CA 343 50.82 -4.39 19.56
N ARG CA 344 51.96 -4.74 18.97
CA ARG CA 344 53.24 -4.54 19.65
C ARG CA 344 53.49 -3.06 19.91
N LEU CA 345 53.24 -2.22 18.91
CA LEU CA 345 53.67 -0.82 18.98
C LEU CA 345 52.87 -0.04 20.02
N LEU CA 346 51.56 -0.21 20.06
CA LEU CA 346 50.70 0.61 20.89
C LEU CA 346 50.55 0.07 22.31
N GLU CA 347 51.26 -1.00 22.66
CA GLU CA 347 51.28 -1.52 24.01
C GLU CA 347 52.45 -0.99 24.82
N ARG CA 348 53.32 -0.20 24.21
CA ARG CA 348 54.52 0.31 24.86
C ARG CA 348 54.32 1.68 25.48
N ALA CA 349 53.08 2.17 25.53
CA ALA CA 349 52.73 3.40 26.23
C ALA CA 349 52.00 3.04 27.51
N ALA CA 350 52.52 3.49 28.64
CA ALA CA 350 51.99 3.06 29.94
C ALA CA 350 52.25 4.14 30.97
N LYS CA 351 51.77 3.91 32.19
CA LYS CA 351 51.98 4.79 33.33
C LYS CA 351 52.64 3.98 34.44
N MET CA 352 53.92 4.22 34.67
CA MET CA 352 54.65 3.46 35.67
C MET CA 352 54.25 3.88 37.09
N ASN CA 353 54.46 2.98 38.03
CA ASN CA 353 54.18 3.26 39.43
C ASN CA 353 55.36 3.98 40.08
N ASP CA 354 55.23 4.25 41.38
CA ASP CA 354 56.24 5.03 42.08
C ASP CA 354 57.56 4.26 42.22
N ALA CA 355 57.49 2.96 42.50
CA ALA CA 355 58.73 2.20 42.71
C ALA CA 355 59.58 2.13 41.46
N PHE CA 356 58.97 2.31 40.28
CA PHE CA 356 59.70 2.25 39.02
C PHE CA 356 60.03 3.63 38.45
N GLY CA 357 59.61 4.71 39.12
CA GLY CA 357 60.04 6.03 38.74
C GLY CA 357 58.93 7.05 38.56
N GLY CA 358 57.79 6.63 38.00
CA GLY CA 358 56.67 7.53 37.83
C GLY CA 358 56.54 8.19 36.47
N GLY CA 359 57.26 7.71 35.46
CA GLY CA 359 57.18 8.32 34.15
C GLY CA 359 55.92 7.95 33.38
N SER CA 360 55.80 8.50 32.19
CA SER CA 360 54.62 8.30 31.36
C SER CA 360 55.00 8.39 29.90
N LEU CA 361 54.13 7.85 29.05
CA LEU CA 361 54.25 8.00 27.59
C LEU CA 361 52.86 7.94 26.98
N THR CA 362 52.50 8.98 26.24
CA THR CA 362 51.17 9.09 25.62
C THR CA 362 51.29 9.01 24.10
N ALA CA 363 50.30 8.39 23.47
CA ALA CA 363 50.32 8.15 22.03
C ALA CA 363 49.00 8.58 21.38
N LEU CA 364 49.09 9.15 20.18
CA LEU CA 364 47.93 9.58 19.41
C LEU CA 364 48.06 9.12 17.96
N PRO CA 365 47.63 7.90 17.64
CA PRO CA 365 47.65 7.45 16.25
C PRO CA 365 46.59 8.14 15.41
N VAL CA 366 46.81 8.13 14.10
CA VAL CA 366 45.91 8.76 13.13
C VAL CA 366 45.63 7.78 11.99
N ILE CA 367 44.36 7.66 11.61
CA ILE CA 367 43.93 6.73 10.57
C ILE CA 367 42.93 7.42 9.64
N GLU CA 368 43.06 7.15 8.33
CA GLU CA 368 42.19 7.71 7.31
C GLU CA 368 41.23 6.65 6.78
N THR CA 369 39.98 7.05 6.54
CA THR CA 369 38.93 6.17 6.04
C THR CA 369 38.44 6.64 4.67
N GLN CA 370 37.77 5.74 3.96
CA GLN CA 370 37.22 6.03 2.63
C GLN CA 370 35.71 6.13 2.74
N ALA CA 371 35.18 7.31 2.44
CA ALA CA 371 33.73 7.58 2.45
C ALA CA 371 33.11 7.24 3.80
N GLY CA 372 33.86 7.48 4.87
CA GLY CA 372 33.35 7.23 6.22
C GLY CA 372 32.98 5.80 6.51
N ASP CA 373 33.78 4.85 6.03
CA ASP CA 373 33.53 3.43 6.30
C ASP CA 373 34.38 3.03 7.50
N VAL CA 374 33.74 2.93 8.67
CA VAL CA 374 34.43 2.55 9.89
C VAL CA 374 34.32 1.06 10.17
N SER CA 375 33.73 0.28 9.26
CA SER CA 375 33.60 -1.16 9.42
C SER CA 375 34.55 -1.91 8.49
N ALA CA 376 35.72 -1.34 8.23
CA ALA CA 376 36.71 -1.95 7.35
C ALA CA 376 37.66 -2.82 8.19
N TYR CA 377 38.76 -3.28 7.60
CA TYR CA 377 39.65 -4.20 8.29
C TYR CA 377 40.56 -3.45 9.27
N ILE CA 378 41.40 -2.56 8.75
CA ILE CA 378 42.35 -1.83 9.61
C ILE CA 378 41.67 -0.91 10.61
N PRO CA 379 40.68 -0.08 10.23
CA PRO CA 379 40.02 0.76 11.24
C PRO CA 379 39.41 -0.02 12.39
N THR CA 380 38.77 -1.15 12.12
CA THR CA 380 38.22 -1.97 13.20
C THR CA 380 39.33 -2.63 14.01
N ASN CA 381 40.41 -3.04 13.33
CA ASN CA 381 41.54 -3.62 14.05
C ASN CA 381 42.12 -2.66 15.06
N VAL CA 382 42.28 -1.39 14.67
CA VAL CA 382 42.91 -0.42 15.56
C VAL CA 382 41.99 -0.06 16.71
N ILE CA 383 40.68 0.03 16.46
CA ILE CA 383 39.73 0.40 17.51
C ILE CA 383 39.78 -0.58 18.67
N SER CA 384 40.00 -1.86 18.37
CA SER CA 384 40.10 -2.87 19.41
C SER CA 384 41.42 -2.83 20.18
N ILE CA 385 42.22 -1.79 19.99
CA ILE CA 385 43.49 -1.64 20.69
C ILE CA 385 43.52 -0.39 21.55
N THR CA 386 43.08 0.73 21.02
CA THR CA 386 43.15 2.01 21.73
C THR CA 386 42.08 2.08 22.82
N ASP CA 387 42.13 3.17 23.58
CA ASP CA 387 41.25 3.40 24.72
C ASP CA 387 40.30 4.56 24.49
N GLY CA 388 39.78 4.68 23.27
CA GLY CA 388 38.90 5.79 22.92
C GLY CA 388 39.17 6.31 21.52
N GLN CA 389 38.26 7.10 20.97
CA GLN CA 389 38.41 7.61 19.62
C GLN CA 389 37.70 8.94 19.46
N ILE CA 390 38.19 9.74 18.52
CA ILE CA 390 37.60 11.03 18.16
C ILE CA 390 37.22 10.95 16.69
N PHE CA 391 35.96 11.25 16.38
CA PHE CA 391 35.44 11.20 15.03
C PHE CA 391 35.36 12.59 14.44
N LEU CA 392 35.93 12.77 13.25
CA LEU CA 392 35.82 14.01 12.48
C LEU CA 392 34.99 13.75 11.23
N GLU CA 393 33.94 14.54 11.04
CA GLU CA 393 33.06 14.41 9.89
C GLU CA 393 33.38 15.45 8.84
N THR CA 394 32.94 15.17 7.61
CA THR CA 394 33.17 16.08 6.48
C THR CA 394 32.02 17.03 6.23
N GLU CA 395 30.79 16.63 6.51
CA GLU CA 395 29.65 17.52 6.32
C GLU CA 395 29.73 18.73 7.24
N LEU CA 396 30.09 18.50 8.51
CA LEU CA 396 30.27 19.61 9.43
C LEU CA 396 31.41 20.51 8.96
N PHE CA 397 32.47 19.92 8.43
CA PHE CA 397 33.58 20.71 7.91
C PHE CA 397 33.15 21.58 6.73
N TYR CA 398 32.28 21.04 5.88
CA TYR CA 398 31.80 21.82 4.73
C TYR CA 398 30.86 22.93 5.18
N LYS CA 399 29.95 22.64 6.10
CA LYS CA 399 28.96 23.65 6.50
C LYS CA 399 29.60 24.77 7.32
N GLY CA 400 30.71 24.51 8.00
CA GLY CA 400 31.41 25.58 8.68
C GLY CA 400 31.89 25.26 10.09
N ILE CA 401 31.29 24.27 10.74
CA ILE CA 401 31.68 23.92 12.10
C ILE CA 401 33.10 23.39 12.11
N ARG CA 402 34.02 24.14 12.72
CA ARG CA 402 35.43 23.78 12.76
C ARG CA 402 36.03 24.10 14.12
N PRO CA 403 36.57 23.12 14.84
CA PRO CA 403 36.79 21.72 14.46
C PRO CA 403 35.50 20.90 14.37
N ALA CA 404 35.44 20.00 13.40
CA ALA CA 404 34.23 19.24 13.11
C ALA CA 404 34.28 17.92 13.87
N ILE CA 405 33.79 17.94 15.10
CA ILE CA 405 33.79 16.76 15.96
C ILE CA 405 32.36 16.32 16.18
N ASN CA 406 32.11 15.03 15.99
CA ASN CA 406 30.79 14.46 16.26
C ASN CA 406 30.73 14.07 17.74
N VAL CA 407 29.98 14.83 18.53
CA VAL CA 407 29.92 14.61 19.97
C VAL CA 407 29.24 13.28 20.30
N GLY CA 408 28.36 12.81 19.41
CA GLY CA 408 27.64 11.58 19.70
C GLY CA 408 28.53 10.36 19.75
N LEU CA 409 29.55 10.31 18.88
CA LEU CA 409 30.39 9.12 18.73
C LEU CA 409 31.68 9.18 19.52
N SER CA 410 32.30 10.36 19.64
CA SER CA 410 33.54 10.47 20.37
C SER CA 410 33.37 10.06 21.82
N VAL CA 411 34.37 9.35 22.36
CA VAL CA 411 34.30 8.78 23.69
C VAL CA 411 35.70 8.68 24.26
N SER CA 412 35.80 8.77 25.59
CA SER CA 412 37.05 8.53 26.31
C SER CA 412 36.75 7.68 27.53
N ARG CA 413 37.54 6.65 27.74
CA ARG CA 413 37.27 5.69 28.82
C ARG CA 413 37.98 6.03 30.12
N VAL CA 414 39.15 6.65 30.05
CA VAL CA 414 39.95 6.89 31.24
C VAL CA 414 40.14 8.37 31.56
N GLY CA 415 39.98 9.25 30.57
CA GLY CA 415 40.27 10.67 30.80
C GLY CA 415 39.37 11.30 31.83
N SER CA 416 38.15 10.76 32.01
CA SER CA 416 37.18 11.37 32.92
C SER CA 416 37.73 11.52 34.33
N ALA CA 417 38.49 10.52 34.80
CA ALA CA 417 39.05 10.59 36.14
C ALA CA 417 40.01 11.76 36.28
N ALA CA 418 40.86 11.98 35.28
CA ALA CA 418 41.85 13.06 35.31
C ALA CA 418 41.25 14.30 34.68
N GLN CA 419 40.56 15.10 35.51
CA GLN CA 419 39.95 16.34 35.03
C GLN CA 419 39.83 17.30 36.19
N THR CA 420 40.16 18.57 35.94
CA THR CA 420 40.06 19.60 36.97
C THR CA 420 38.62 19.75 37.44
N ARG CA 421 38.45 20.04 38.73
CA ARG CA 421 37.12 20.09 39.32
C ARG CA 421 36.26 21.16 38.66
N ALA CA 422 36.83 22.35 38.43
CA ALA CA 422 36.05 23.45 37.87
C ALA CA 422 35.51 23.09 36.49
N MET CA 423 36.36 22.53 35.63
CA MET CA 423 35.95 22.15 34.29
C MET CA 423 34.85 21.10 34.34
N LYS CA 424 34.95 20.15 35.27
CA LYS CA 424 33.91 19.15 35.44
C LYS CA 424 32.58 19.80 35.84
N GLN CA 425 32.65 20.73 36.80
CA GLN CA 425 31.45 21.41 37.28
C GLN CA 425 30.75 22.14 36.15
N VAL CA 426 31.51 22.79 35.28
CA VAL CA 426 30.90 23.55 34.20
C VAL CA 426 30.61 22.71 32.96
N ALA CA 427 31.18 21.50 32.86
CA ALA CA 427 31.04 20.69 31.65
C ALA CA 427 29.84 19.75 31.71
N GLY CA 428 29.54 19.20 32.89
CA GLY CA 428 28.46 18.22 32.96
C GLY CA 428 27.13 18.75 32.44
N THR CA 429 26.76 19.96 32.88
CA THR CA 429 25.51 20.57 32.45
C THR CA 429 25.49 20.78 30.95
N MET CA 430 26.61 21.25 30.39
CA MET CA 430 26.70 21.46 28.95
C MET CA 430 26.46 20.16 28.21
N LYS CA 431 27.04 19.07 28.70
CA LYS CA 431 26.85 17.77 28.07
C LYS CA 431 25.39 17.38 28.06
N LEU CA 432 24.72 17.50 29.20
CA LEU CA 432 23.31 17.12 29.28
C LEU CA 432 22.45 17.97 28.34
N GLU CA 433 22.68 19.28 28.35
CA GLU CA 433 21.90 20.19 27.51
C GLU CA 433 22.11 19.89 26.04
N LEU CA 434 23.35 19.59 25.65
CA LEU CA 434 23.63 19.23 24.27
C LEU CA 434 22.90 17.94 23.89
N ALA CA 435 22.85 16.98 24.80
CA ALA CA 435 22.10 15.75 24.53
C ALA CA 435 20.63 16.05 24.28
N GLN CA 436 20.03 16.88 25.14
CA GLN CA 436 18.63 17.25 24.96
C GLN CA 436 18.41 17.96 23.63
N TYR CA 437 19.31 18.89 23.28
CA TYR CA 437 19.17 19.61 22.02
C TYR CA 437 19.26 18.66 20.83
N ARG CA 438 20.16 17.68 20.90
CA ARG CA 438 20.23 16.69 19.83
C ARG CA 438 18.94 15.89 19.74
N GLU CA 439 18.37 15.52 20.88
CA GLU CA 439 17.19 14.65 20.85
C GLU CA 439 15.96 15.39 20.32
N VAL CA 440 15.87 16.71 20.58
CA VAL CA 440 14.69 17.45 20.10
C VAL CA 440 14.88 18.10 18.73
N ALA CA 441 16.07 17.99 18.13
CA ALA CA 441 16.35 18.70 16.88
C ALA CA 441 15.50 18.19 15.72
N ALA CA 442 15.26 16.88 15.67
CA ALA CA 442 14.54 16.27 14.55
C ALA CA 442 13.16 16.88 14.31
N ASP CA 451 5.80 23.70 21.49
CA ASP CA 451 5.60 24.26 22.82
C ASP CA 451 6.79 25.13 23.24
N ALA CA 452 6.66 25.79 24.38
CA ALA CA 452 7.69 26.70 24.84
C ALA CA 452 8.98 25.96 25.20
N ALA CA 453 8.87 24.83 25.89
CA ALA CA 453 10.06 24.13 26.37
C ALA CA 453 10.94 23.67 25.22
N THR CA 454 10.33 23.13 24.15
CA THR CA 454 11.11 22.69 23.00
C THR CA 454 11.84 23.85 22.36
N GLN CA 455 11.17 25.00 22.23
CA GLN CA 455 11.82 26.20 21.70
C GLN CA 455 12.98 26.61 22.59
N GLN CA 456 12.81 26.52 23.91
CA GLN CA 456 13.89 26.84 24.83
C GLN CA 456 15.09 25.92 24.61
N LEU CA 457 14.81 24.62 24.44
CA LEU CA 457 15.88 23.66 24.21
C LEU CA 457 16.66 24.00 22.94
N LEU CA 458 15.94 24.29 21.85
CA LEU CA 458 16.62 24.64 20.60
C LEU CA 458 17.43 25.92 20.75
N SER CA 459 16.86 26.92 21.42
CA SER CA 459 17.53 28.20 21.60
C SER CA 459 18.81 28.05 22.40
N ARG CA 460 18.79 27.23 23.44
CA ARG CA 460 20.02 26.97 24.18
C ARG CA 460 21.03 26.20 23.33
N GLY CA 461 20.55 25.20 22.59
CA GLY CA 461 21.45 24.34 21.84
C GLY CA 461 22.22 25.09 20.77
N VAL CA 462 21.55 25.98 20.04
CA VAL CA 462 22.23 26.68 18.96
C VAL CA 462 23.38 27.52 19.50
N ARG CA 463 23.15 28.26 20.58
CA ARG CA 463 24.21 29.08 21.15
C ARG CA 463 25.34 28.21 21.72
N LEU CA 464 25.00 27.11 22.37
CA LEU CA 464 26.04 26.22 22.88
C LEU CA 464 26.90 25.69 21.74
N THR CA 465 26.28 25.38 20.60
CA THR CA 465 27.06 24.98 19.43
C THR CA 465 27.95 26.11 18.94
N GLU CA 466 27.43 27.34 18.94
CA GLU CA 466 28.23 28.48 18.48
C GLU CA 466 29.45 28.69 19.37
N LEU CA 467 29.33 28.41 20.67
CA LEU CA 467 30.45 28.64 21.56
C LEU CA 467 31.64 27.74 21.24
N LEU CA 468 31.38 26.47 20.89
CA LEU CA 468 32.47 25.51 20.70
C LEU CA 468 33.09 25.60 19.32
N LYS CA 469 33.57 26.78 18.94
CA LYS CA 469 34.27 26.97 17.67
C LYS CA 469 35.54 27.75 17.94
N GLN CA 470 36.63 27.32 17.30
CA GLN CA 470 37.94 27.94 17.51
C GLN CA 470 38.61 28.13 16.16
N GLY CA 471 39.64 28.97 16.15
CA GLY CA 471 40.37 29.26 14.93
C GLY CA 471 41.49 28.27 14.67
N GLN CA 472 42.70 28.77 14.46
CA GLN CA 472 43.82 27.89 14.16
C GLN CA 472 45.10 28.49 14.74
N TYR CA 473 45.98 27.60 15.23
CA TYR CA 473 47.25 27.99 15.84
C TYR CA 473 47.07 28.94 17.01
N ALA CA 474 46.05 28.68 17.85
CA ALA CA 474 45.75 29.53 18.99
C ALA CA 474 45.19 28.70 20.13
N PRO CA 475 46.05 28.06 20.92
CA PRO CA 475 45.57 27.36 22.12
C PRO CA 475 45.16 28.34 23.21
N MET CA 476 44.33 27.84 24.14
CA MET CA 476 43.81 28.61 25.26
C MET CA 476 44.17 27.94 26.57
N ALA CA 477 44.15 28.74 27.64
CA ALA CA 477 44.36 28.25 28.99
C ALA CA 477 43.04 27.76 29.59
N ILE CA 478 43.15 26.99 30.67
CA ILE CA 478 42.00 26.28 31.21
C ILE CA 478 41.00 27.26 31.84
N GLU CA 479 41.50 28.26 32.56
CA GLU CA 479 40.60 29.18 33.26
C GLU CA 479 39.75 29.97 32.29
N GLU CA 480 40.32 30.41 31.17
CA GLU CA 480 39.54 31.15 30.19
C GLU CA 480 38.41 30.30 29.62
N GLN CA 481 38.69 29.03 29.32
CA GLN CA 481 37.65 28.12 28.90
C GLN CA 481 36.57 27.98 29.97
N VAL CA 482 37.00 27.89 31.24
CA VAL CA 482 36.04 27.75 32.32
C VAL CA 482 35.09 28.95 32.37
N ALA CA 483 35.65 30.15 32.30
CA ALA CA 483 34.82 31.36 32.31
C ALA CA 483 33.88 31.41 31.12
N VAL CA 484 34.40 31.12 29.92
CA VAL CA 484 33.58 31.20 28.72
C VAL CA 484 32.42 30.21 28.80
N ILE CA 485 32.69 28.99 29.25
CA ILE CA 485 31.64 27.98 29.36
C ILE CA 485 30.66 28.34 30.47
N TYR CA 486 31.15 28.90 31.57
CA TYR CA 486 30.28 29.36 32.65
C TYR CA 486 29.26 30.37 32.14
N ALA CA 487 29.73 31.33 31.36
CA ALA CA 487 28.84 32.33 30.78
C ALA CA 487 27.69 31.67 30.03
N GLY CA 488 28.00 30.70 29.17
CA GLY CA 488 26.96 30.04 28.41
C GLY CA 488 26.02 29.21 29.26
N VAL CA 489 26.58 28.43 30.19
CA VAL CA 489 25.76 27.49 30.94
C VAL CA 489 24.82 28.21 31.90
N ARG CA 490 25.21 29.39 32.39
CA ARG CA 490 24.29 30.11 33.27
C ARG CA 490 23.11 30.73 32.53
N GLY CA 491 23.10 30.67 31.19
CA GLY CA 491 22.02 31.25 30.42
C GLY CA 491 22.06 32.75 30.26
N TYR CA 492 23.22 33.37 30.49
CA TYR CA 492 23.32 34.81 30.36
C TYR CA 492 23.30 35.28 28.91
N LEU CA 493 23.55 34.39 27.96
CA LEU CA 493 23.67 34.74 26.55
C LEU CA 493 22.49 34.24 25.74
N ASP CA 494 21.29 34.26 26.33
CA ASP CA 494 20.08 33.83 25.64
C ASP CA 494 19.34 34.99 24.99
N LYS CA 495 19.92 36.19 24.97
CA LYS CA 495 19.34 37.36 24.35
C LYS CA 495 20.05 37.79 23.08
N LEU CA 496 21.38 37.68 23.05
CA LEU CA 496 22.14 38.03 21.85
C LEU CA 496 21.74 37.13 20.69
N GLU CA 497 21.68 37.72 19.50
CA GLU CA 497 21.38 36.94 18.31
C GLU CA 497 22.47 35.91 18.08
N PRO CA 498 22.14 34.74 17.51
CA PRO CA 498 23.16 33.69 17.32
C PRO CA 498 24.35 34.13 16.47
N SER CA 499 24.24 35.23 15.74
CA SER CA 499 25.34 35.71 14.92
C SER CA 499 26.32 36.59 15.70
N LYS CA 500 25.99 36.97 16.93
CA LYS CA 500 26.84 37.87 17.71
C LYS CA 500 27.58 37.17 18.84
N ILE CA 501 27.48 35.84 18.96
CA ILE CA 501 28.12 35.13 20.06
C ILE CA 501 29.64 35.31 19.99
N THR CA 502 30.21 35.18 18.80
CA THR CA 502 31.67 35.18 18.65
C THR CA 502 32.28 36.50 19.10
N LYS CA 503 31.70 37.61 18.66
CA LYS CA 503 32.24 38.91 19.03
C LYS CA 503 32.18 39.13 20.53
N PHE CA 504 31.06 38.74 21.15
CA PHE CA 504 30.95 38.86 22.61
C PHE CA 504 32.00 38.00 23.30
N GLU CA 505 32.20 36.77 22.84
CA GLU CA 505 33.21 35.91 23.45
C GLU CA 505 34.58 36.57 23.38
N ASN CA 506 34.94 37.08 22.21
CA ASN CA 506 36.24 37.70 22.01
C ASN CA 506 36.41 38.91 22.92
N ALA CA 507 35.42 39.82 22.91
CA ALA CA 507 35.51 41.04 23.70
C ALA CA 507 35.56 40.72 25.19
N PHE CA 508 34.74 39.78 25.63
CA PHE CA 508 34.71 39.40 27.04
C PHE CA 508 36.05 38.82 27.48
N LEU CA 509 36.61 37.94 26.66
CA LEU CA 509 37.90 37.35 27.00
C LEU CA 509 38.97 38.44 27.10
N SER CA 510 38.99 39.36 26.13
CA SER CA 510 39.97 40.44 26.15
C SER CA 510 39.82 41.29 27.41
N HIS CA 511 38.59 41.70 27.72
CA HIS CA 511 38.34 42.49 28.92
C HIS CA 511 38.83 41.76 30.17
N VAL CA 512 38.46 40.49 30.32
CA VAL CA 512 38.83 39.75 31.52
C VAL CA 512 40.34 39.65 31.65
N ILE CA 513 41.03 39.34 30.53
CA ILE CA 513 42.48 39.19 30.60
C ILE CA 513 43.15 40.52 30.95
N SER CA 514 42.65 41.62 30.39
CA SER CA 514 43.33 42.89 30.56
C SER CA 514 42.93 43.66 31.83
N GLN CA 515 41.95 43.16 32.60
CA GLN CA 515 41.44 43.95 33.71
C GLN CA 515 41.44 43.24 35.06
N HIS CA 516 41.31 41.92 35.13
CA HIS CA 516 41.28 41.35 36.48
C HIS CA 516 42.51 40.51 36.78
N GLN CA 517 42.65 39.38 36.07
CA GLN CA 517 43.81 38.50 36.13
C GLN CA 517 43.97 37.84 37.49
N ALA CA 518 43.35 38.43 38.51
CA ALA CA 518 43.50 37.92 39.87
C ALA CA 518 42.53 36.78 40.12
N LEU CA 519 41.29 36.93 39.67
CA LEU CA 519 40.33 35.83 39.75
C LEU CA 519 40.80 34.64 38.92
N LEU CA 520 41.41 34.91 37.77
CA LEU CA 520 42.02 33.84 36.98
C LEU CA 520 43.11 33.13 37.76
N GLY CA 521 44.01 33.91 38.39
CA GLY CA 521 45.05 33.30 39.21
C GLY CA 521 44.47 32.47 40.35
N LYS CA 522 43.41 32.97 40.99
CA LYS CA 522 42.76 32.25 42.07
C LYS CA 522 42.18 30.92 41.58
N ILE CA 523 41.42 30.96 40.48
CA ILE CA 523 40.84 29.74 39.93
C ILE CA 523 41.94 28.75 39.59
N ARG CA 524 43.04 29.22 39.00
CA ARG CA 524 44.13 28.34 38.63
C ARG CA 524 44.76 27.68 39.85
N ALA CA 525 45.05 28.48 40.89
CA ALA CA 525 45.74 27.95 42.05
C ALA CA 525 44.85 27.02 42.86
N ASP CA 526 43.62 27.46 43.15
CA ASP CA 526 42.73 26.65 43.98
C ASP CA 526 42.30 25.37 43.28
N GLY CA 527 42.01 25.45 41.98
CA GLY CA 527 41.51 24.29 41.26
C GLY CA 527 40.02 24.05 41.40
N LYS CA 528 39.29 24.97 42.04
CA LYS CA 528 37.86 24.83 42.24
C LYS CA 528 37.22 26.21 42.19
N ILE CA 529 35.95 26.24 41.77
CA ILE CA 529 35.19 27.48 41.73
C ILE CA 529 34.50 27.63 43.09
N SER CA 530 35.05 28.51 43.93
CA SER CA 530 34.44 28.78 45.23
C SER CA 530 33.20 29.67 45.08
N GLU CA 531 32.37 29.67 46.12
CA GLU CA 531 31.14 30.44 46.10
C GLU CA 531 31.41 31.92 45.87
N GLU CA 532 32.35 32.48 46.62
CA GLU CA 532 32.75 33.87 46.44
C GLU CA 532 33.18 34.14 45.00
N THR CA 533 33.97 33.22 44.43
CA THR CA 533 34.38 33.34 43.04
C THR CA 533 33.18 33.32 42.11
N ASP CA 534 32.19 32.47 42.41
CA ASP CA 534 30.97 32.42 41.60
C ASP CA 534 30.25 33.75 41.61
N ALA CA 535 30.11 34.35 42.79
CA ALA CA 535 29.46 35.65 42.90
C ALA CA 535 30.22 36.70 42.10
N LYS CA 536 31.54 36.72 42.23
CA LYS CA 536 32.34 37.70 41.50
C LYS CA 536 32.21 37.50 39.99
N LEU CA 537 32.23 36.25 39.54
CA LEU CA 537 32.01 35.96 38.13
C LEU CA 537 30.67 36.50 37.65
N LYS CA 538 29.62 36.27 38.42
CA LYS CA 538 28.31 36.78 38.05
C LYS CA 538 28.33 38.30 37.92
N GLU CA 539 28.94 38.98 38.89
CA GLU CA 539 29.05 40.43 38.84
C GLU CA 539 29.72 40.88 37.55
N ILE CA 540 30.89 40.29 37.25
CA ILE CA 540 31.66 40.72 36.08
C ILE CA 540 30.85 40.50 34.81
N VAL CA 541 30.24 39.32 34.68
CA VAL CA 541 29.54 38.98 33.44
C VAL CA 541 28.34 39.90 33.24
N THR CA 542 27.55 40.11 34.30
CA THR CA 542 26.37 40.97 34.14
C THR CA 542 26.78 42.40 33.81
N ASN CA 543 27.85 42.90 34.44
CA ASN CA 543 28.30 44.26 34.14
C ASN CA 543 28.72 44.38 32.67
N PHE CA 544 29.57 43.45 32.21
CA PHE CA 544 30.05 43.54 30.83
C PHE CA 544 28.90 43.38 29.84
N LEU CA 545 27.97 42.46 30.12
CA LEU CA 545 26.83 42.27 29.22
C LEU CA 545 25.97 43.53 29.16
N ALA CA 546 25.78 44.19 30.30
CA ALA CA 546 25.04 45.45 30.29
C ALA CA 546 25.75 46.50 29.47
N GLY CA 547 27.08 46.55 29.54
CA GLY CA 547 27.82 47.50 28.76
C GLY CA 547 28.18 47.06 27.35
N PHE CA 548 27.73 45.88 26.92
CA PHE CA 548 28.13 45.35 25.62
C PHE CA 548 27.69 46.25 24.48
N GLU CA 549 26.41 46.62 24.45
CA GLU CA 549 25.84 47.47 23.41
C GLU CA 549 26.13 46.93 22.00
PB ADP DA . 13.76 -30.98 -14.64
O1B ADP DA . 14.17 -32.35 -15.12
O2B ADP DA . 14.75 -30.33 -13.71
O3B ADP DA . 13.25 -30.08 -15.73
PA ADP DA . 11.44 -32.43 -14.08
O1A ADP DA . 12.00 -33.73 -13.55
O2A ADP DA . 11.07 -32.32 -15.53
O3A ADP DA . 12.47 -31.25 -13.72
O5' ADP DA . 10.16 -32.06 -13.18
C5' ADP DA . 9.42 -30.87 -13.43
C4' ADP DA . 8.31 -30.75 -12.39
O4' ADP DA . 7.26 -29.93 -12.89
C3' ADP DA . 7.69 -32.09 -12.08
O3' ADP DA . 8.18 -32.57 -10.82
C2' ADP DA . 6.21 -31.83 -11.97
O2' ADP DA . 5.77 -32.03 -10.62
C1' ADP DA . 6.02 -30.37 -12.36
N9 ADP DA . 4.92 -30.25 -13.35
C8 ADP DA . 3.61 -30.26 -13.05
N7 ADP DA . 2.84 -30.13 -14.16
C5 ADP DA . 3.68 -30.03 -15.21
C6 ADP DA . 3.54 -29.86 -16.67
N6 ADP DA . 2.32 -29.78 -17.24
N1 ADP DA . 4.67 -29.80 -17.40
C2 ADP DA . 5.88 -29.87 -16.84
N3 ADP DA . 6.09 -30.03 -15.52
C4 ADP DA . 5.05 -30.11 -14.66
MG MG EA . 15.61 -33.77 -15.50
PB ADP FA . 34.30 -4.73 23.52
O1B ADP FA . 33.87 -5.61 24.67
O2B ADP FA . 35.78 -4.41 23.49
O3B ADP FA . 33.74 -5.14 22.19
PA ADP FA . 33.79 -2.56 25.21
O1A ADP FA . 32.93 -3.21 26.26
O2A ADP FA . 35.26 -2.38 25.47
O3A ADP FA . 33.58 -3.34 23.81
O5' ADP FA . 33.15 -1.13 24.87
C5' ADP FA . 33.13 -0.12 25.88
C4' ADP FA . 32.37 1.09 25.38
O4' ADP FA . 31.05 0.72 24.96
C3' ADP FA . 32.22 2.10 26.51
O3' ADP FA . 33.03 3.24 26.25
C2' ADP FA . 30.76 2.49 26.50
O2' ADP FA . 30.64 3.83 26.02
C1' ADP FA . 30.05 1.55 25.55
N9 ADP FA . 29.13 0.68 26.33
C8 ADP FA . 29.13 -0.66 26.28
N7 ADP FA . 28.19 -1.19 27.09
C5 ADP FA . 27.56 -0.16 27.69
C6 ADP FA . 26.46 -0.03 28.66
N6 ADP FA . 25.83 -1.11 29.17
N1 ADP FA . 26.10 1.22 29.03
C2 ADP FA . 26.72 2.30 28.52
N3 ADP FA . 27.73 2.25 27.64
C4 ADP FA . 28.19 1.06 27.19
MG MG GA . 36.93 -5.99 25.05
PG ATP HA . 24.25 -13.67 -32.62
O1G ATP HA . 23.53 -14.95 -32.82
O2G ATP HA . 25.47 -13.51 -33.52
O3G ATP HA . 24.66 -13.41 -31.17
PB ATP HA . 23.40 -11.05 -33.76
O1B ATP HA . 23.54 -9.93 -32.82
O2B ATP HA . 24.50 -11.19 -34.80
O3B ATP HA . 23.33 -12.44 -33.00
PA ATP HA . 21.51 -11.33 -36.01
O1A ATP HA . 21.74 -12.75 -36.37
O2A ATP HA . 22.17 -10.32 -36.93
O3A ATP HA . 22.01 -11.03 -34.54
O5' ATP HA . 19.98 -11.00 -35.95
C5' ATP HA . 19.12 -11.54 -34.92
C4' ATP HA . 17.71 -11.60 -35.43
O4' ATP HA . 17.21 -10.26 -35.63
C3' ATP HA . 17.51 -12.33 -36.76
O3' ATP HA . 16.41 -13.21 -36.70
C2' ATP HA . 17.27 -11.20 -37.76
O2' ATP HA . 16.41 -11.62 -38.82
C1' ATP HA . 16.57 -10.17 -36.88
N9 ATP HA . 16.68 -8.80 -37.36
C8 ATP HA . 17.82 -8.04 -37.43
N7 ATP HA . 17.63 -6.83 -37.91
C5 ATP HA . 16.27 -6.79 -38.17
C6 ATP HA . 15.42 -5.79 -38.69
N6 ATP HA . 15.85 -4.59 -39.06
N1 ATP HA . 14.11 -6.08 -38.83
C2 ATP HA . 13.69 -7.29 -38.47
N3 ATP HA . 14.38 -8.32 -37.96
C4 ATP HA . 15.67 -8.00 -37.83
MG MG IA . 26.17 -12.65 -35.40
PG ATP JA . 21.13 -26.80 14.62
O1G ATP JA . 21.68 -26.16 13.40
O2G ATP JA . 21.54 -26.11 15.91
O3G ATP JA . 21.44 -28.29 14.72
PB ATP JA . 18.29 -27.56 14.10
O1B ATP JA . 17.82 -27.08 12.78
O2B ATP JA . 18.68 -29.03 14.17
O3B ATP JA . 19.53 -26.73 14.62
PA ATP JA . 16.41 -28.17 16.28
O1A ATP JA . 17.29 -28.71 17.34
O2A ATP JA . 15.66 -29.24 15.48
O3A ATP JA . 17.21 -27.31 15.24
O5' ATP JA . 15.34 -27.17 16.85
C5' ATP JA . 15.72 -25.84 17.26
C4' ATP JA . 14.75 -25.35 18.32
O4' ATP JA . 13.41 -25.31 17.77
C3' ATP JA . 14.68 -26.18 19.60
O3' ATP JA . 14.69 -25.36 20.75
C2' ATP JA . 13.36 -26.94 19.45
O2' ATP JA . 12.77 -27.22 20.72
C1' ATP JA . 12.52 -25.92 18.69
N9 ATP JA . 11.41 -26.49 17.94
C8 ATP JA . 11.48 -27.24 16.79
N7 ATP JA . 10.33 -27.63 16.33
C5 ATP JA . 9.42 -27.11 17.24
C6 ATP JA . 8.01 -27.17 17.32
N6 ATP JA . 7.25 -27.81 16.43
N1 ATP JA . 7.42 -26.54 18.35
C2 ATP JA . 8.18 -25.90 19.25
N3 ATP JA . 9.51 -25.78 19.27
C4 ATP JA . 10.07 -26.41 18.24
MG MG KA . 20.35 -30.36 14.34
PG ATP LA . 45.35 15.70 4.88
O1G ATP LA . 45.60 16.27 3.52
O2G ATP LA . 46.59 15.39 5.67
O3G ATP LA . 44.44 14.51 4.87
PB ATP LA . 43.85 16.88 7.21
O1B ATP LA . 42.51 16.27 7.16
O2B ATP LA . 44.82 16.31 8.29
O3B ATP LA . 44.58 16.78 5.78
PA ATP LA . 44.71 19.62 7.80
O1A ATP LA . 46.01 19.46 7.12
O2A ATP LA . 44.77 19.67 9.31
O3A ATP LA . 43.75 18.46 7.39
O5' ATP LA . 43.99 20.93 7.31
C5' ATP LA . 43.06 20.92 6.20
C4' ATP LA . 42.57 22.33 5.95
O4' ATP LA . 41.59 22.71 6.93
C3' ATP LA . 43.64 23.43 5.93
O3' ATP LA . 43.46 24.30 4.82
C2' ATP LA . 43.42 24.15 7.27
O2' ATP LA . 43.75 25.54 7.19
C1' ATP LA . 41.91 23.99 7.45
N9 ATP LA . 41.49 24.05 8.85
C8 ATP LA . 41.58 23.05 9.78
N7 ATP LA . 41.13 23.38 10.97
C5 ATP LA . 40.69 24.68 10.79
C6 ATP LA . 40.09 25.61 11.67
N6 ATP LA . 39.82 25.36 12.95
N1 ATP LA . 39.78 26.83 11.17
C2 ATP LA . 40.05 27.09 9.90
N3 ATP LA . 40.61 26.30 8.98
C4 ATP LA . 40.90 25.10 9.50
MG MG MA . 46.29 14.67 7.72
#